data_7KZO
#
_entry.id   7KZO
#
_cell.length_a   1.00
_cell.length_b   1.00
_cell.length_c   1.00
_cell.angle_alpha   90.00
_cell.angle_beta   90.00
_cell.angle_gamma   90.00
#
_symmetry.space_group_name_H-M   'P 1'
#
loop_
_entity.id
_entity.type
_entity.pdbx_description
1 polymer 'Tubulin beta'
2 polymer 'Tubulin alpha'
3 polymer 'Dynein gamma chain, flagellar outer arm'
4 polymer 'Outer dynein arm-docking complex subunit 1'
5 polymer 'Outer dynein arm protein 1'
6 polymer 'Outer dynein arm-docking complex protein DC3'
7 non-polymer "GUANOSINE-5'-TRIPHOSPHATE"
8 non-polymer 'MAGNESIUM ION'
9 non-polymer "GUANOSINE-5'-DIPHOSPHATE"
#
loop_
_entity_poly.entity_id
_entity_poly.type
_entity_poly.pdbx_seq_one_letter_code
_entity_poly.pdbx_strand_id
1 'polypeptide(L)'
;MREIVHIQGGQCGNQIGAKFWEVVSDEHGIDPTGTYHGDSDLQLERINVYFNEATGGRYVPRAILMDLEPGTMDSVRSGP
YGQIFRPDNFVFGQTGAGNNWAKGHYTEGAELIDSVLDVVRKEAESCDCLQGFQVCHSLGGGTGSGMGTLLISKIREEYP
DRMMLTFSVVPSPKVSDTVVEPYNATLSVHQLVENADECMVLDNEALYDICFRTLKLTTPTFGDLNHLISAVMSGITCCL
RFPGQLNADLRKLAVNLIPFPRLHFFMVGFTPLTSRGSQQYRALTVPELTQQMWDAKNMMCAADPRHGRYLTASALFRGR
MSTKEVDEQMLNVQNKNSSYFVEWIPNNVKSSVCDIPPKGLKMSATFIGNSTAIQEMFKRVSEQFTAMFRRKAFLHWYTG
EGMDEMEFTEAESNMNDLVSEYQQYQDASAEEEGEFEGEEEEA
;
A1,A3,A5,A7,B1,B3,B5,B7
2 'polypeptide(L)'
;MREVISIHIGQAGIQVGNACWELYCLEHGIQPDGQMPSDKTIGGGDDAFNTFFSETGAGKHVPRCIFLDLEPTVVDEVRT
GTYRQLFHPEQLISGKEDAANNFARGHYTIGKEIVDLALDRIRKLADNCTGLQGFLVFNAVGGGTGSGLGSLLLERLSVD
YGKKSKLGFTVYPSPQVSTAVVEPYNSVLSTHSLLEHTDVAVMLDNEAIYDICRRSLDIERPTYTNLNRLIAQVISSLTA
SLRFDGALNVDITEFQTNLVPYPRIHFMLSSYAPIISAEKAYHEQLSVAEITNAAFEPASMMVKCDPRHGKYMACCLMYR
GDVVPKDVNASVATIKTKRTIQFVDWCPTGFKCGINYQPPTVVPGGDLAKVQRAVCMISNSTAIGEIFSRLDHKFDLMYA
KRAFVHWYVGEGMEEGEFSEAREDLAALEKDFEEVGAESAEGAGEGEGEEY
;
A2,A4,A6,B2,B4,B6
3 'polypeptide(L)'
;MALDNRHRLIVGKLAEAFGLPENVIEKTLTQDKQAVNSFFTPAGPPSLVFVYQVKEDKLKDGSVGPVDNKPTLHRIGPHE
RIHNSVYFTRLNPKGINEKTLEADMGSGELSVLWALENFKAIVSDLYLPIMQEQQQWGKMSTEYLEDFLSSTAKFGSMLT
EAVATVSGGVEPMPDPRYIDQYGDLRPAGITQAAGDDDTLQEMEECLTEWCREAELLLNQTNKIKDGEERGPDTELEYWR
TRMSNFNSITEHLKTKECKLVLGICSHAKTKAYLRWRGLDVQITDAANESKDNVKYLATLEKSMEPMYQGRVTDITESLP
ALMTNVRMMYTIARFYSTAEHMTRLFTKITNQLVRRCKEQIMENGKIWDQDKVTLIGNMKVSVELANVYRQQYRLAKETL
AAQPKSKQFDFDEQAIFLKFDLSSKALHKLIDMFTTIHQFSSLEQHTHIEGLDTMLKSLNNIIDDVKRKPYDLLDYSRNA
FDTDFLEFNVQINDLELQLQGFVNASFEHITSTEHALSLLAQFQAIMQRETLQQDLENKYMVIFQNYAKDLDAVQKLYEK
NKYEPPVPRNAPPVAGNIMWARQLLRRIEAPMQLAQNKNLLAAKESKKNIKTYNKVAKALIEFETLWHQAWIKSIEQCKA
GLAAPLLVQHPDTGKILVNFDKEIMQLVREAKYMQRFNIRCSSPSQMVLLQEEKFKFYHNQLTHLVREYEHVLGRGATIK
PLLRPHLDDMERKIAPGFAVLTWTSLNIDGYLHRFKQGLARLEELVRKVVDLTENRVDSNLGAISSTLLVELPTDRSFTY
EGFVEQNRFQKKQAELLAIRNEEVRRAIEDLYTLVRNYPRENTEDVLDEKEVSLLVRHYSKNMYNAIMQCTLNSLQAMKR
RLGSKTTTGIFFMERPFFDVDVELKVPSVCMNPTLEEIQAAINQCAKKVLTISKQLPAWGMDNVATYHEMMRGDRRWVKA
VLRLTGSVEGIKTQVGEYIRTFDKYDFLWKEDLQAAYDHFMRSNPTLEAFEAELKKYMAIETEVTMINGVNNIGALSLET
HPLKNSLKAEAVSWKTQFAQNLHKQCSDDLKLDNYIRDTNSKFHRKIEDLEDVRNVMAVLKEVREKESEIDNLIGPIEEM
YGLLMRYEVRVPKEETTMVSDLRYGWKKLKKVATEVSDNLTRLQVGFKRELIKEVKTFVVDAQMFRKDWEANAMVPGLDP
QEAVDRLRKFQQMFEVRKRKWENYSSGEELFGLPVTQYPELEQTEKEIQMLDRLYSLYVAVITTIKGYGDYFWVDVVEKI
DEMGEQVQQYQNQSKKLPKLRDWPAYNACRKTIDDFLEMLPLFQALTHKSMRERHWKEVMRVTGHELNLAEDHFKLQHLL
DCNVLRYREDIEDLTGAAVKEEIIEVKLNQLKADWATANLALAEYKNRGPVILKPSDTSELMEKLEESQMTLGSMATNRY
SAPFRDEVQAWSIKLSTVSEIIEQWLMVQSMWQYMEAVFSGGDIVKQLPQEAKRFLNIDKNFMKIVSNALETQNVINTCF
GNELMKNMLPHLHEQLEMCQKSLSAYLEQKRAEFPRFTCVGPHLLEICRWAHDPPSVVPHFQSGLFDSLSNVTFDRIDKT
RMTEMFSQQNEKVEFERPVDAKGNIEVWLQRLVDGMEDTVKQIIKRAVRNVAEMPLEDFVFGHPAQVSLLGIQFQWTAET
QMALSSAKVDKTIMNKNMKKVDALLRDMVNITVRLDLTKNQRTNLETCITVHMHQKESTEDLVKKKIKDPTDFEWLKQVR
FYWRDDKDTVIISICDVDFEYSFEYLGVKERLVITPLTDICYITLSQALGMFLGGAPAGPAGTGKTETTKDLGNTLGKYV
VVFNCSDQFDYTYMGKIYKGLAQSGLWGCFDEFNRINLDVLSVCAQQVYCICRTRERKKSFQFTDGTTVSLDPRVGFFIT
MNPGYAGAQELPENLKALFRGVTMMVPNRQIIMKVKLAAAGYQENDILSKKFFVLYGLCEQQLSKQAHYDFGLRNILSVL
RTAGASKRQSPDKSEVFLMMRTVRDMNMSKFVAEDVPLFLSLIDDLFPGLKADATRPDVNKDAEKVVLERGLQVHPTWMN
KCIQLYETYLVRHGIMLVGPSGSGKSAICECLAAALTELGTKHVIWRMNPKAITAPQMFGRRDDTTGDWTDGIFAVLWRR
AAKNKNQNTWIVLDGPVDAIWIENLNTVLDDNKVLTLANGDRILMSAAMKAMFEPENLNNASPATVSRAGIIYVSDVELG
WEPPVKSWLQKRDPTEACWARLFSKYIDRMLEFVRISLKPVMYNEQVSIVGTVMTLLNGYLKSMKEAGTAMNDAKYERVF
LYCMTWSLGGLLEMKERPLFDQELRTFAHNMPPKEEDSDTIFEFLVNTTDAEWLHWRHCVPVWTYPKNEEKPQYAQLVIP
TLDSVRYGALLNLSYNVDKATLLVGGPGTAKTNTINQFISKFNAETTANKTITFSSLTTPGIFQMSIEGAVEKRQGRTFG
PPGGKQMCIFVDDISMPYINEWGHQVTNEIVRQLLEQGGMYSLEKPIGDMKFITDVRYVAAMNTPGGGKNDIPNRLKRQF
AIFNVPLPSVAAINGIFGKLVEGRFSRDVFCEEVVYVASKLVPLTITLWNRIQTKMLPTPAKFHYLFNMRELSKVFQGVI
LATRDRFNLAAGDSAVFGGNVASPEGYLLGLWIHECRRVFSDKLISYEDKNWVDKAVFDLCRDNFSSDLVKQVEEPIYFV
DFLREPAVMMRPVEIVTPHPSFYYSVPGGLPEVRARVEGLQRKFNEESKVMKLELVLFTDCVTHLMRITRLLAWPGLGLL
VGVGGSGKQSLSRLSAYIAGPTFYITKTYNVSNLFEHIKGLYKIAGFKGQPVYFIFTDAEVKDEGFLEYINQILMTGEVA
GLLTKEDQDMIVNDIRPVMKHQAPGILDTYDNLYNFFLNRVRDNLHVVLCFSPVGAKFARRAQQFPGLINGCTIDWFCPG
PKKRLTSVSGKFIDKFTMACPKEVKNQLELLMGHAHVFVTAACKEYFEKYRRYVYVTPKSYLSFLQGYKELYAKKWSFTK
ELAYQIEVACQKMFEPKADVNKMKAELAVKNQTAVSAKEAEALLKQISESTAIAEKEKQKVAVIVDAVTKKASEIATVKD
DAERDLAAAKPALDAALEALNSIKDGDIKNLKALKKPPQIITRIFDCVLVLRMLPVTKAEYTDEKGRMVQVGNYPEAQKM
MNQMSFLQDLKDFAKEQINDETVELLEPYFMSEDFTFENAQKGSGNVAGLCNWAESMAKYHNVAKVVEPKIAKLREAEAE
LKLATKEKNAAEERMAKVQAKLDEMQAQFDAAMAHKQALEDDAAATQRKMDSANALIGALAGEEARWTAQSKEFDVQIQR
LTGDCALASAFVSYLGPFNKEFRELLLNRDFYGDCMKLNVPVTPHLQITKFLVDDSEVGEWNLQGLPTDELSIQNGIMVT
RASRYPVLVDPQGQGREWIKNREEANQLKTTQLNDKLFRNHLEECLAFGRPLLIENIEEELDPLLDPVLERRLVKKGKTW
VVPLADKEVDFTETFRLFCTTRLPNPHFTPELSAKVTVVDFTVTMAGLEDQLLGKLISKEKKELEDQRQQLLEEVQSYKK
RIKQLEDDLLCRLSNSQGNLLDEHQELIDVLAVTKQTAQDVSEKLANASETNKRINEACEEYRPVAHRATLLYFLIAEFS
VVNCMYQTSLAQFNQLYELAIDRSEKANMPSKRIHNIIEYMTYEIYLYVQRGLFERHKIIFALMLTNKVLTSAGKVKATD
LDVFLKGGAALDINSVRKKPKDWIPDLVWLNIIALSAMDAFRDIPDSVFRNDGLWRQWYDQEAPEMAKVPDYEDRLNKFE
RMCVVKTFREDRTLIAAADYIAEALGQRFVESVPLNMEKRPGRRAMAKCPLICLLSPGPDPTKLIEDLAKKKKIKTLGVS
MGQGQEVIARKHMAAASLEGHWVLLQNTHLGLGYLTEVETFLVKEENVHEDFRLWITAEPHPQFPIGLLQMGIKITNEAP
VGIKAGLRASYQWVNQDMLDMVSRQEWRQLLFVMCFLHSVVQEPQFGPIGWNVPYEFNQSDLSACVQFLQNHLSEMDAKK
APQPTWETVRYMISAIQYGSRITDDFDKLLMDTFAEKYFLQPVLQPSYELFKDTRSSDGFSYRVPDSTDIETFGSYIETL
PGTESPEIFGLHPNADITFRTLQVQESIVTILDTMPKGAGSGSGLSREDVVDKICEDLLSKAPPLFDKEETKEKLKKLPG
GPTLPLTVHLRQEIDRLNIVTRLTTTTLKNLALAIAGTIAAERGLIDALDALFNARIPQQWLSKSWEASTLGNWFTGLLQ
RYDQLNKWLNLGRPKAYWMTGFFNPQGFLTAMKQEVNRKHRDKWALDDVVMSSEVTHRPKDFESLKEGAPEGVYVYGLYL
DLRLDGRENRLMDSDPKKLFNPLPVLHVDGVLAKDKKRSGLYEAPKPYRVKARKGLNFITTFSVRTEDDKSKWILPGVGI
LCSID
;
C
4 'polypeptide(L)'
;MAQKSTLKLPRLRTKEELLKTSPELCKLLGEDSDDGRSMSPFTAPPPAGTVKPPSRGLPAVSTKATKGPGMDTPRGLGEE
ELTEEELLRLELEKIKNERQVLLDSIKLVKAQAGTAGGEAQQNDIKALRRELELKKAKLNELHEDVRRKENVLNKQRDDT
TDASRLTPGELSEEQAYIQQLQDEMKQIDEELVEAEAKNRLYYLLGERTRREHLAMDMKVRASQQLKKDSADDLYTLTAH
FNEMRAAKEQAERELARMKRMLEETRVDWQKKLRERRREVRELKKRQQKQLERERKMREKQLERERQERELQAKLKMEQD
SYEMRVAALAPKVEAMEHSWNRIRTISGADTPEEVLAYWEGLKAKEEQMRSLVSLAEQRESSAKSEIAALLENRSGMYEK
GSAAAADVGEGSEERATLITEVERNMEGAKGKFNKLRSVCIGAEQGLRSLQERLMIALEEIHPDQLRASHMKGGHDAKAR
GKGAASAGARRGSAHAHTPDRNKRGPATGSRSQSPALVPHSPAGDKPSSPLHGTSPEHGHEPIPEGAEELAGEAEMVSPL
GADGNTIDDEHFFPELPELLTSVTDRLNRVLVLAAELDAQEPAGAGEDGLPLSGEPGADGAEGAAPASPSRGAPEGLSES
ERTLVKGMNRRTWTGAPLLETINASPSEAALTLNIKRKKGKKKEQQVQPDLNRILGYTGSDVEEEEPESEEETEEEANKD
DGVVDRDYIKLRALKMSQRLANQQRAIKV
;
X,X1
5 'polypeptide(L)'
;MPSADATRGGGSAGSMGKGTLGAGDTLGHKSVLDKQRAAIEKLRAQNEQLKTELLLENKFSVRPGDPFAQALINRLQDEG
DMLARKIVLEMRKTKMLDQQLSEMGSTLTTTRNNMGGIFSAKEQSTAVQKRIKLLENRLEKAYVKYNQSITHNKQLRESI
NNLRRERIMFESIQSNLERELAKLKRDMADMIQQANGAFEAREKAIGEMNALKAQADKEQQGFEEEWRQLTTIIEEDKKE
RERARAQELAMRERETQELLKMGTLSSAEKKKRITKGSWNVGYNKAMAQNVAAEKVEMYGQAFKRIQDATGIEDIDQLVN
TFLAAEDQNYTLFNYVNEVNQEIEKLEDQINIMRGEINKYRETGRELDMTKSRELTEEEARLAASEAQSQLYEKRTDSAL
SMTTALKAGINDLFERIGCNTPAVRDLLGEEGVTEANLTAYLGIIEQRTNEILQIYAKRKAQQGTDGLAEALLAQPLTQP
GNRIIIEPPSTTQEEEVEGLEPEPVEEDRPLTREHLESKVQRTLPRKLETAIKVRPAGADATGGKRGSPTRR
;
Y,Y1
6 'polypeptide(L)'
;MASAAARERYARKNEQNELERAFNTIDSKGDKKIDAEELTELFLRLGHKPKRGEVEDMIWEVDEDCDGCISLLEFQTLYT
RCRDDKTGYEPRGLFNVVEFVMNDKNNQGFITLEEAMQIMYLRYGRAELDMQLEQVFGTADLNSGKILTLTEFLHCLHTN
QVKQLLNRVTAKTYKAPPPPQKRK
;
Z
#
# COMPACT_ATOMS: atom_id res chain seq x y z
N MET A 1 -137.91 -34.03 15.65
CA MET A 1 -138.01 -35.48 15.54
C MET A 1 -137.01 -36.07 14.57
N ARG A 2 -137.32 -36.05 13.28
CA ARG A 2 -136.36 -36.49 12.28
C ARG A 2 -135.30 -35.42 12.05
N GLU A 3 -134.04 -35.86 12.00
CA GLU A 3 -132.92 -34.94 12.09
C GLU A 3 -131.92 -35.23 10.99
N ILE A 4 -131.33 -34.19 10.42
CA ILE A 4 -130.31 -34.31 9.37
C ILE A 4 -129.12 -33.46 9.79
N VAL A 5 -127.94 -34.08 9.85
CA VAL A 5 -126.69 -33.37 10.08
C VAL A 5 -126.01 -33.14 8.74
N HIS A 6 -125.22 -32.06 8.68
CA HIS A 6 -124.61 -31.61 7.43
C HIS A 6 -123.09 -31.74 7.54
N ILE A 7 -122.48 -32.21 6.45
CA ILE A 7 -121.04 -32.43 6.40
C ILE A 7 -120.53 -31.91 5.05
N GLN A 8 -119.59 -30.97 5.09
CA GLN A 8 -119.00 -30.40 3.88
C GLN A 8 -117.51 -30.71 3.89
N GLY A 9 -117.03 -31.31 2.81
CA GLY A 9 -115.64 -31.72 2.71
C GLY A 9 -114.94 -31.05 1.53
N GLY A 10 -113.70 -30.61 1.78
CA GLY A 10 -112.91 -30.03 0.72
C GLY A 10 -113.34 -28.63 0.34
N GLN A 11 -112.59 -28.05 -0.60
CA GLN A 11 -112.84 -26.68 -1.01
C GLN A 11 -114.20 -26.55 -1.69
N CYS A 12 -114.47 -27.43 -2.66
CA CYS A 12 -115.75 -27.40 -3.37
C CYS A 12 -116.91 -27.62 -2.41
N GLY A 13 -116.77 -28.57 -1.49
CA GLY A 13 -117.81 -28.80 -0.51
C GLY A 13 -118.10 -27.62 0.38
N ASN A 14 -117.07 -26.85 0.72
CA ASN A 14 -117.25 -25.72 1.63
C ASN A 14 -118.08 -24.61 1.00
N GLN A 15 -117.84 -24.30 -0.28
CA GLN A 15 -118.60 -23.24 -0.92
C GLN A 15 -120.03 -23.66 -1.21
N ILE A 16 -120.25 -24.92 -1.60
CA ILE A 16 -121.61 -25.40 -1.85
C ILE A 16 -122.47 -25.23 -0.61
N GLY A 17 -121.99 -25.70 0.53
CA GLY A 17 -122.72 -25.56 1.77
C GLY A 17 -122.90 -24.12 2.23
N ALA A 18 -121.92 -23.25 1.92
CA ALA A 18 -122.04 -21.85 2.31
C ALA A 18 -123.22 -21.19 1.63
N LYS A 19 -123.36 -21.39 0.31
CA LYS A 19 -124.54 -20.84 -0.37
C LYS A 19 -125.80 -21.57 0.08
N PHE A 20 -125.68 -22.83 0.49
CA PHE A 20 -126.82 -23.58 0.97
C PHE A 20 -127.38 -23.01 2.26
N TRP A 21 -126.51 -22.78 3.26
CA TRP A 21 -126.98 -22.24 4.53
C TRP A 21 -127.50 -20.81 4.39
N GLU A 22 -127.00 -20.05 3.43
CA GLU A 22 -127.56 -18.73 3.17
C GLU A 22 -128.99 -18.84 2.66
N VAL A 23 -129.21 -19.74 1.69
CA VAL A 23 -130.55 -19.88 1.11
C VAL A 23 -131.55 -20.42 2.11
N VAL A 24 -131.18 -21.45 2.88
CA VAL A 24 -132.13 -22.03 3.83
C VAL A 24 -132.45 -21.03 4.94
N SER A 25 -131.43 -20.41 5.53
CA SER A 25 -131.67 -19.42 6.57
C SER A 25 -132.54 -18.29 6.04
N ASP A 26 -132.42 -17.98 4.76
CA ASP A 26 -133.29 -16.99 4.14
C ASP A 26 -134.73 -17.50 4.14
N GLU A 27 -134.91 -18.79 3.81
CA GLU A 27 -136.25 -19.36 3.74
C GLU A 27 -136.94 -19.32 5.10
N HIS A 28 -136.17 -19.49 6.17
CA HIS A 28 -136.70 -19.43 7.52
C HIS A 28 -136.73 -18.01 8.09
N GLY A 29 -136.28 -17.02 7.34
CA GLY A 29 -136.38 -15.66 7.81
C GLY A 29 -135.44 -15.32 8.94
N ILE A 30 -134.26 -15.93 8.97
CA ILE A 30 -133.23 -15.63 9.95
C ILE A 30 -132.19 -14.72 9.35
N ASP A 31 -131.86 -13.65 10.07
CA ASP A 31 -130.92 -12.63 9.63
C ASP A 31 -129.48 -13.09 9.90
N PRO A 32 -128.50 -12.55 9.18
CA PRO A 32 -127.13 -13.10 9.27
C PRO A 32 -126.54 -13.05 10.66
N THR A 33 -127.16 -12.33 11.60
CA THR A 33 -126.70 -12.38 12.98
C THR A 33 -127.12 -13.67 13.68
N GLY A 34 -128.15 -14.34 13.19
CA GLY A 34 -128.60 -15.57 13.79
C GLY A 34 -129.84 -15.47 14.64
N THR A 35 -130.66 -14.43 14.46
CA THR A 35 -131.85 -14.24 15.25
C THR A 35 -133.10 -14.46 14.41
N TYR A 36 -134.19 -14.86 15.07
CA TYR A 36 -135.46 -15.07 14.38
C TYR A 36 -136.10 -13.73 14.09
N HIS A 37 -136.58 -13.56 12.85
CA HIS A 37 -137.31 -12.38 12.47
C HIS A 37 -138.46 -12.71 11.52
N GLY A 38 -138.89 -13.97 11.48
CA GLY A 38 -139.96 -14.37 10.60
C GLY A 38 -141.29 -13.77 10.97
N ASP A 39 -142.26 -14.00 10.10
CA ASP A 39 -143.59 -13.41 10.21
C ASP A 39 -144.66 -14.42 10.61
N SER A 40 -144.80 -15.51 9.88
CA SER A 40 -145.76 -16.53 10.25
C SER A 40 -145.09 -17.56 11.16
N ASP A 41 -145.86 -18.56 11.58
CA ASP A 41 -145.33 -19.66 12.37
C ASP A 41 -145.18 -20.95 11.59
N LEU A 42 -145.43 -20.93 10.28
CA LEU A 42 -145.08 -22.07 9.44
C LEU A 42 -143.58 -22.30 9.40
N GLN A 43 -142.80 -21.25 9.60
CA GLN A 43 -141.34 -21.37 9.51
C GLN A 43 -140.72 -21.86 10.81
N LEU A 44 -141.34 -21.54 11.96
CA LEU A 44 -140.71 -21.79 13.24
C LEU A 44 -140.82 -23.24 13.69
N GLU A 45 -141.88 -23.95 13.31
CA GLU A 45 -142.13 -25.26 13.91
C GLU A 45 -141.16 -26.34 13.46
N ARG A 46 -140.39 -26.13 12.40
CA ARG A 46 -139.52 -27.16 11.83
C ARG A 46 -138.12 -26.64 11.58
N ILE A 47 -137.59 -25.85 12.51
CA ILE A 47 -136.19 -25.43 12.43
C ILE A 47 -135.28 -26.32 13.28
N ASN A 48 -135.85 -27.29 13.99
CA ASN A 48 -135.05 -28.30 14.69
C ASN A 48 -134.41 -29.32 13.75
N VAL A 49 -134.87 -29.43 12.50
CA VAL A 49 -134.28 -30.40 11.58
C VAL A 49 -132.86 -30.01 11.18
N TYR A 50 -132.56 -28.72 11.17
CA TYR A 50 -131.28 -28.20 10.69
C TYR A 50 -130.57 -27.31 11.69
N PHE A 51 -131.28 -26.53 12.48
CA PHE A 51 -130.66 -25.57 13.36
C PHE A 51 -130.88 -25.97 14.82
N ASN A 52 -130.14 -25.31 15.71
CA ASN A 52 -130.33 -25.46 17.14
C ASN A 52 -130.42 -24.09 17.79
N GLU A 53 -131.42 -23.89 18.63
CA GLU A 53 -131.52 -22.65 19.37
C GLU A 53 -130.44 -22.61 20.44
N ALA A 54 -129.67 -21.52 20.47
CA ALA A 54 -128.57 -21.40 21.42
C ALA A 54 -128.97 -20.64 22.69
N THR A 55 -129.31 -19.36 22.56
CA THR A 55 -129.69 -18.54 23.71
C THR A 55 -130.38 -17.27 23.25
N GLY A 56 -131.65 -17.11 23.64
CA GLY A 56 -132.37 -15.89 23.35
C GLY A 56 -132.47 -15.60 21.86
N GLY A 57 -133.08 -16.52 21.12
CA GLY A 57 -133.28 -16.30 19.70
C GLY A 57 -132.05 -16.50 18.83
N ARG A 58 -131.04 -17.21 19.32
CA ARG A 58 -129.86 -17.53 18.52
C ARG A 58 -129.98 -18.93 17.96
N TYR A 59 -130.02 -19.03 16.63
CA TYR A 59 -130.13 -20.30 15.93
C TYR A 59 -128.83 -20.54 15.17
N VAL A 60 -128.17 -21.65 15.48
CA VAL A 60 -126.91 -22.01 14.84
C VAL A 60 -127.12 -23.16 13.86
N PRO A 61 -126.56 -23.10 12.66
CA PRO A 61 -126.73 -24.22 11.74
C PRO A 61 -125.96 -25.43 12.23
N ARG A 62 -126.55 -26.61 12.00
CA ARG A 62 -125.93 -27.86 12.44
C ARG A 62 -125.02 -28.41 11.33
N ALA A 63 -123.96 -27.65 11.03
CA ALA A 63 -123.06 -28.02 9.95
C ALA A 63 -121.64 -28.18 10.49
N ILE A 64 -120.85 -28.97 9.78
CA ILE A 64 -119.45 -29.21 10.12
C ILE A 64 -118.62 -29.01 8.86
N LEU A 65 -117.77 -27.98 8.87
CA LEU A 65 -116.86 -27.76 7.74
C LEU A 65 -115.57 -28.51 7.99
N MET A 66 -115.15 -29.32 7.02
CA MET A 66 -113.97 -30.15 7.19
C MET A 66 -113.14 -30.12 5.92
N ASP A 67 -111.85 -29.84 6.08
CA ASP A 67 -110.94 -29.65 4.95
C ASP A 67 -109.51 -29.76 5.46
N LEU A 68 -108.54 -29.33 4.64
CA LEU A 68 -107.14 -29.35 5.01
C LEU A 68 -106.40 -28.05 4.74
N GLU A 69 -107.05 -27.06 4.12
CA GLU A 69 -106.34 -25.83 3.84
C GLU A 69 -106.97 -24.66 4.57
N PRO A 70 -106.18 -23.79 5.19
CA PRO A 70 -106.77 -22.67 5.95
C PRO A 70 -107.58 -21.71 5.11
N GLY A 71 -107.12 -21.41 3.90
CA GLY A 71 -107.78 -20.39 3.10
C GLY A 71 -109.24 -20.72 2.81
N THR A 72 -109.52 -22.00 2.54
CA THR A 72 -110.87 -22.39 2.15
C THR A 72 -111.89 -22.10 3.25
N MET A 73 -111.57 -22.48 4.48
CA MET A 73 -112.47 -22.15 5.60
C MET A 73 -112.52 -20.66 5.84
N ASP A 74 -111.38 -19.97 5.73
CA ASP A 74 -111.38 -18.55 6.04
C ASP A 74 -112.33 -17.79 5.12
N SER A 75 -112.38 -18.19 3.85
CA SER A 75 -113.23 -17.50 2.88
C SER A 75 -114.71 -17.58 3.27
N VAL A 76 -115.17 -18.73 3.76
CA VAL A 76 -116.58 -18.84 4.17
C VAL A 76 -116.87 -17.91 5.34
N ARG A 77 -115.91 -17.75 6.26
CA ARG A 77 -116.16 -16.94 7.44
C ARG A 77 -116.03 -15.45 7.16
N SER A 78 -115.29 -15.07 6.13
CA SER A 78 -115.20 -13.66 5.77
C SER A 78 -116.53 -13.18 5.22
N GLY A 79 -117.12 -13.95 4.31
CA GLY A 79 -118.35 -13.56 3.65
C GLY A 79 -119.50 -13.56 4.63
N PRO A 80 -120.67 -13.08 4.19
CA PRO A 80 -121.85 -13.09 5.08
C PRO A 80 -122.31 -14.50 5.38
N TYR A 81 -123.08 -14.61 6.46
CA TYR A 81 -123.56 -15.90 6.97
C TYR A 81 -122.40 -16.86 7.20
N GLY A 82 -121.27 -16.30 7.63
CA GLY A 82 -120.09 -17.08 7.93
C GLY A 82 -119.95 -17.04 9.43
N GLN A 83 -120.48 -15.95 10.00
CA GLN A 83 -120.45 -15.70 11.43
C GLN A 83 -121.52 -16.47 12.18
N ILE A 84 -122.17 -17.44 11.54
CA ILE A 84 -123.24 -18.19 12.17
C ILE A 84 -122.81 -19.60 12.54
N PHE A 85 -121.80 -20.15 11.90
CA PHE A 85 -121.30 -21.48 12.23
C PHE A 85 -120.57 -21.48 13.57
N ARG A 86 -120.74 -22.55 14.31
CA ARG A 86 -120.04 -22.69 15.58
C ARG A 86 -118.57 -23.00 15.30
N PRO A 87 -117.64 -22.25 15.88
CA PRO A 87 -116.21 -22.47 15.58
C PRO A 87 -115.67 -23.85 15.91
N ASP A 88 -116.30 -24.59 16.83
CA ASP A 88 -115.84 -25.95 17.12
C ASP A 88 -115.94 -26.83 15.88
N ASN A 89 -116.98 -26.65 15.08
CA ASN A 89 -117.21 -27.45 13.89
C ASN A 89 -116.27 -27.14 12.73
N PHE A 90 -115.23 -26.34 12.91
CA PHE A 90 -114.26 -26.06 11.85
C PHE A 90 -113.08 -27.02 11.91
N VAL A 91 -113.39 -28.32 11.88
CA VAL A 91 -112.34 -29.33 11.87
C VAL A 91 -111.46 -29.15 10.65
N PHE A 92 -110.14 -29.15 10.87
CA PHE A 92 -109.22 -28.50 9.93
C PHE A 92 -107.80 -28.97 10.18
N GLY A 93 -107.17 -29.54 9.17
CA GLY A 93 -105.77 -29.95 9.25
C GLY A 93 -104.85 -28.77 9.04
N GLN A 94 -103.58 -29.08 8.81
CA GLN A 94 -102.61 -28.03 8.52
C GLN A 94 -101.66 -28.33 7.37
N THR A 95 -101.39 -29.60 7.05
CA THR A 95 -100.37 -29.90 6.06
C THR A 95 -100.94 -29.84 4.65
N GLY A 96 -101.90 -30.71 4.33
CA GLY A 96 -102.42 -30.78 3.00
C GLY A 96 -102.17 -32.09 2.27
N ALA A 97 -103.13 -32.52 1.48
CA ALA A 97 -103.04 -33.77 0.72
C ALA A 97 -102.70 -33.52 -0.74
N GLY A 98 -103.43 -32.62 -1.38
CA GLY A 98 -103.11 -32.19 -2.72
C GLY A 98 -103.36 -33.20 -3.82
N ASN A 99 -104.63 -33.51 -4.07
CA ASN A 99 -105.06 -34.35 -5.19
C ASN A 99 -104.47 -35.75 -5.14
N ASN A 100 -104.06 -36.21 -3.96
CA ASN A 100 -103.49 -37.53 -3.78
C ASN A 100 -104.49 -38.35 -2.99
N TRP A 101 -105.19 -39.27 -3.67
CA TRP A 101 -106.16 -40.09 -2.98
C TRP A 101 -105.49 -40.94 -1.91
N ALA A 102 -104.24 -41.35 -2.13
CA ALA A 102 -103.54 -42.12 -1.12
C ALA A 102 -103.25 -41.28 0.11
N LYS A 103 -102.76 -40.05 -0.09
CA LYS A 103 -102.55 -39.15 1.03
C LYS A 103 -103.85 -38.79 1.72
N GLY A 104 -104.95 -38.76 0.96
CA GLY A 104 -106.24 -38.43 1.53
C GLY A 104 -106.94 -39.61 2.17
N HIS A 105 -106.45 -40.82 1.92
CA HIS A 105 -107.05 -42.03 2.42
C HIS A 105 -106.14 -42.84 3.34
N TYR A 106 -104.82 -42.58 3.32
CA TYR A 106 -103.92 -43.34 4.17
C TYR A 106 -102.96 -42.46 4.95
N THR A 107 -102.54 -41.33 4.39
CA THR A 107 -101.50 -40.54 5.03
C THR A 107 -102.05 -39.48 5.98
N GLU A 108 -102.83 -38.53 5.46
CA GLU A 108 -103.38 -37.49 6.32
C GLU A 108 -104.75 -37.83 6.86
N GLY A 109 -105.44 -38.81 6.28
CA GLY A 109 -106.70 -39.24 6.84
C GLY A 109 -106.58 -39.83 8.22
N ALA A 110 -105.54 -40.63 8.45
CA ALA A 110 -105.36 -41.39 9.69
C ALA A 110 -105.20 -40.53 10.93
N GLU A 111 -104.97 -39.23 10.80
CA GLU A 111 -104.77 -38.36 11.94
C GLU A 111 -105.78 -37.22 12.06
N LEU A 112 -106.69 -37.08 11.10
CA LEU A 112 -107.75 -36.08 11.18
C LEU A 112 -109.14 -36.67 11.30
N ILE A 113 -109.34 -37.90 10.85
CA ILE A 113 -110.68 -38.49 10.81
C ILE A 113 -111.23 -38.67 12.21
N ASP A 114 -110.37 -39.04 13.17
CA ASP A 114 -110.81 -39.21 14.55
C ASP A 114 -111.38 -37.91 15.11
N SER A 115 -110.74 -36.77 14.83
CA SER A 115 -111.23 -35.51 15.39
C SER A 115 -112.56 -35.11 14.78
N VAL A 116 -112.69 -35.21 13.45
CA VAL A 116 -113.94 -34.83 12.82
C VAL A 116 -115.04 -35.82 13.20
N LEU A 117 -114.68 -37.08 13.44
CA LEU A 117 -115.63 -38.06 13.94
C LEU A 117 -116.14 -37.68 15.31
N ASP A 118 -115.27 -37.13 16.17
CA ASP A 118 -115.72 -36.70 17.49
C ASP A 118 -116.77 -35.59 17.35
N VAL A 119 -116.54 -34.66 16.43
CA VAL A 119 -117.53 -33.61 16.20
C VAL A 119 -118.81 -34.22 15.64
N VAL A 120 -118.67 -35.17 14.72
CA VAL A 120 -119.83 -35.81 14.14
C VAL A 120 -120.60 -36.61 15.19
N ARG A 121 -119.87 -37.27 16.08
CA ARG A 121 -120.53 -38.03 17.15
C ARG A 121 -121.29 -37.11 18.07
N LYS A 122 -120.66 -35.99 18.48
CA LYS A 122 -121.34 -35.02 19.33
C LYS A 122 -122.55 -34.42 18.63
N GLU A 123 -122.40 -34.13 17.33
CA GLU A 123 -123.51 -33.57 16.57
C GLU A 123 -124.61 -34.60 16.31
N ALA A 124 -124.28 -35.89 16.33
CA ALA A 124 -125.29 -36.92 16.14
C ALA A 124 -126.05 -37.21 17.42
N GLU A 125 -125.34 -37.27 18.54
CA GLU A 125 -125.96 -37.53 19.83
C GLU A 125 -126.61 -36.28 20.42
N SER A 126 -126.39 -35.12 19.82
CA SER A 126 -127.08 -33.90 20.24
C SER A 126 -128.56 -33.92 19.89
N CYS A 127 -128.97 -34.71 18.91
CA CYS A 127 -130.37 -34.86 18.53
C CYS A 127 -130.91 -36.20 19.00
N ASP A 128 -132.22 -36.36 18.86
CA ASP A 128 -132.93 -37.51 19.39
C ASP A 128 -133.07 -38.62 18.35
N CYS A 129 -133.73 -38.33 17.23
CA CYS A 129 -134.09 -39.34 16.24
C CYS A 129 -133.41 -38.99 14.93
N LEU A 130 -132.35 -39.71 14.58
CA LEU A 130 -131.64 -39.44 13.34
C LEU A 130 -132.50 -39.84 12.15
N GLN A 131 -132.52 -38.97 11.14
CA GLN A 131 -133.09 -39.30 9.84
C GLN A 131 -132.03 -39.72 8.84
N GLY A 132 -130.87 -39.09 8.87
CA GLY A 132 -129.79 -39.46 7.99
C GLY A 132 -128.69 -38.43 8.04
N PHE A 133 -127.67 -38.65 7.22
CA PHE A 133 -126.52 -37.76 7.10
C PHE A 133 -126.44 -37.21 5.69
N GLN A 134 -125.79 -36.05 5.58
CA GLN A 134 -125.71 -35.32 4.31
C GLN A 134 -124.26 -34.90 4.09
N VAL A 135 -123.64 -35.45 3.06
CA VAL A 135 -122.22 -35.24 2.79
C VAL A 135 -122.08 -34.64 1.40
N CYS A 136 -121.28 -33.59 1.29
CA CYS A 136 -120.97 -32.97 0.01
C CYS A 136 -119.46 -33.00 -0.21
N HIS A 137 -119.05 -33.48 -1.38
CA HIS A 137 -117.63 -33.64 -1.69
C HIS A 137 -117.48 -33.80 -3.20
N SER A 138 -116.23 -33.98 -3.63
CA SER A 138 -115.89 -34.18 -5.03
C SER A 138 -115.26 -35.55 -5.19
N LEU A 139 -115.09 -35.98 -6.45
CA LEU A 139 -114.47 -37.24 -6.77
C LEU A 139 -113.13 -37.10 -7.49
N GLY A 140 -112.68 -35.88 -7.73
CA GLY A 140 -111.41 -35.69 -8.41
C GLY A 140 -110.27 -35.31 -7.48
N GLY A 141 -110.55 -34.46 -6.50
CA GLY A 141 -109.55 -34.04 -5.55
C GLY A 141 -109.13 -35.17 -4.62
N GLY A 142 -108.20 -34.85 -3.74
CA GLY A 142 -107.72 -35.85 -2.80
C GLY A 142 -108.20 -35.62 -1.38
N THR A 143 -108.22 -34.37 -0.92
CA THR A 143 -108.66 -34.09 0.44
C THR A 143 -110.17 -34.15 0.60
N GLY A 144 -110.91 -34.08 -0.50
CA GLY A 144 -112.35 -34.20 -0.43
C GLY A 144 -112.77 -35.62 -0.73
N SER A 145 -112.24 -36.19 -1.81
CA SER A 145 -112.62 -37.53 -2.22
C SER A 145 -112.12 -38.57 -1.23
N GLY A 146 -110.80 -38.69 -1.08
CA GLY A 146 -110.26 -39.77 -0.26
C GLY A 146 -110.61 -39.63 1.20
N MET A 147 -110.46 -38.43 1.74
CA MET A 147 -110.78 -38.22 3.16
C MET A 147 -112.29 -38.35 3.36
N GLY A 148 -113.08 -37.69 2.53
CA GLY A 148 -114.53 -37.79 2.65
C GLY A 148 -115.05 -39.21 2.48
N THR A 149 -114.44 -39.99 1.58
CA THR A 149 -114.91 -41.36 1.39
C THR A 149 -114.58 -42.21 2.61
N LEU A 150 -113.39 -42.04 3.20
CA LEU A 150 -113.08 -42.74 4.44
C LEU A 150 -114.02 -42.31 5.56
N LEU A 151 -114.44 -41.04 5.56
CA LEU A 151 -115.46 -40.61 6.51
C LEU A 151 -116.74 -41.41 6.32
N ILE A 152 -117.13 -41.63 5.06
CA ILE A 152 -118.31 -42.42 4.77
C ILE A 152 -118.14 -43.83 5.35
N SER A 153 -116.97 -44.42 5.15
CA SER A 153 -116.71 -45.78 5.64
C SER A 153 -116.80 -45.84 7.16
N LYS A 154 -116.23 -44.86 7.85
CA LYS A 154 -116.29 -44.83 9.31
C LYS A 154 -117.72 -44.74 9.82
N ILE A 155 -118.56 -43.96 9.13
CA ILE A 155 -119.94 -43.82 9.57
C ILE A 155 -120.69 -45.14 9.43
N ARG A 156 -120.53 -45.82 8.28
CA ARG A 156 -121.18 -47.10 8.10
C ARG A 156 -120.77 -48.12 9.13
N GLU A 157 -119.55 -48.02 9.66
CA GLU A 157 -119.20 -48.92 10.75
C GLU A 157 -119.79 -48.46 12.07
N GLU A 158 -120.07 -47.16 12.21
CA GLU A 158 -120.65 -46.65 13.44
C GLU A 158 -122.18 -46.73 13.41
N TYR A 159 -122.82 -46.04 12.46
CA TYR A 159 -124.27 -45.98 12.37
C TYR A 159 -124.75 -46.66 11.10
N PRO A 160 -124.96 -47.97 11.09
CA PRO A 160 -125.39 -48.66 9.87
C PRO A 160 -126.89 -48.66 9.63
N ASP A 161 -127.67 -48.04 10.51
CA ASP A 161 -129.13 -48.05 10.42
C ASP A 161 -129.70 -46.75 9.85
N ARG A 162 -128.87 -45.72 9.69
CA ARG A 162 -129.33 -44.40 9.30
C ARG A 162 -129.06 -44.13 7.82
N MET A 163 -129.77 -43.15 7.29
CA MET A 163 -129.68 -42.82 5.89
C MET A 163 -128.38 -42.05 5.61
N MET A 164 -128.11 -41.86 4.32
CA MET A 164 -126.87 -41.20 3.92
C MET A 164 -127.02 -40.69 2.49
N LEU A 165 -126.85 -39.39 2.32
CA LEU A 165 -126.78 -38.76 1.01
C LEU A 165 -125.35 -38.30 0.76
N THR A 166 -124.90 -38.40 -0.48
CA THR A 166 -123.63 -37.81 -0.88
C THR A 166 -123.82 -37.09 -2.21
N PHE A 167 -123.59 -35.78 -2.19
CA PHE A 167 -123.63 -34.96 -3.40
C PHE A 167 -122.20 -34.85 -3.91
N SER A 168 -121.90 -35.55 -4.98
CA SER A 168 -120.55 -35.65 -5.51
C SER A 168 -120.50 -35.22 -6.96
N VAL A 169 -119.63 -34.27 -7.27
CA VAL A 169 -119.33 -33.96 -8.66
C VAL A 169 -118.32 -34.97 -9.18
N VAL A 170 -118.43 -35.30 -10.46
CA VAL A 170 -117.51 -36.26 -11.06
C VAL A 170 -116.67 -35.55 -12.13
N PRO A 171 -115.41 -35.95 -12.35
CA PRO A 171 -114.64 -35.35 -13.44
C PRO A 171 -115.03 -35.95 -14.78
N SER A 172 -115.11 -35.08 -15.78
CA SER A 172 -115.43 -35.43 -17.15
C SER A 172 -114.22 -35.22 -18.06
N PRO A 173 -114.16 -35.91 -19.21
CA PRO A 173 -113.06 -35.63 -20.14
C PRO A 173 -113.12 -34.24 -20.70
N LYS A 174 -114.32 -33.74 -21.03
CA LYS A 174 -114.42 -32.39 -21.60
C LYS A 174 -114.16 -31.33 -20.54
N VAL A 175 -114.62 -31.55 -19.31
CA VAL A 175 -114.23 -30.69 -18.20
C VAL A 175 -113.30 -31.48 -17.28
N SER A 176 -111.99 -31.39 -17.54
CA SER A 176 -110.99 -32.17 -16.82
C SER A 176 -109.97 -31.17 -16.28
N ASP A 177 -110.03 -30.91 -14.97
CA ASP A 177 -109.12 -29.92 -14.40
C ASP A 177 -107.75 -30.54 -14.11
N THR A 178 -107.69 -31.52 -13.23
CA THR A 178 -106.40 -32.05 -12.79
C THR A 178 -105.95 -33.20 -13.70
N VAL A 179 -104.76 -33.72 -13.41
CA VAL A 179 -104.18 -34.81 -14.19
C VAL A 179 -104.39 -36.18 -13.56
N VAL A 180 -104.59 -36.26 -12.25
CA VAL A 180 -104.77 -37.55 -11.57
C VAL A 180 -106.26 -37.85 -11.34
N GLU A 181 -107.15 -37.22 -12.12
CA GLU A 181 -108.58 -37.48 -12.02
C GLU A 181 -108.97 -38.94 -12.14
N PRO A 182 -108.47 -39.73 -13.10
CA PRO A 182 -108.88 -41.14 -13.16
C PRO A 182 -108.42 -41.96 -11.96
N TYR A 183 -107.21 -41.75 -11.46
CA TYR A 183 -106.76 -42.53 -10.32
C TYR A 183 -107.52 -42.20 -9.06
N ASN A 184 -108.14 -41.03 -9.01
CA ASN A 184 -108.99 -40.67 -7.88
C ASN A 184 -110.42 -41.15 -8.08
N ALA A 185 -110.97 -40.99 -9.29
CA ALA A 185 -112.36 -41.33 -9.52
C ALA A 185 -112.61 -42.83 -9.34
N THR A 186 -111.69 -43.66 -9.82
CA THR A 186 -111.92 -45.11 -9.78
C THR A 186 -111.92 -45.64 -8.35
N LEU A 187 -110.95 -45.22 -7.53
CA LEU A 187 -110.91 -45.69 -6.15
C LEU A 187 -112.01 -45.08 -5.30
N SER A 188 -112.40 -43.83 -5.57
CA SER A 188 -113.49 -43.22 -4.83
C SER A 188 -114.80 -43.96 -5.07
N VAL A 189 -115.15 -44.15 -6.35
CA VAL A 189 -116.34 -44.90 -6.71
C VAL A 189 -116.29 -46.30 -6.10
N HIS A 190 -115.12 -46.92 -6.12
CA HIS A 190 -114.95 -48.24 -5.53
C HIS A 190 -115.41 -48.26 -4.08
N GLN A 191 -115.06 -47.22 -3.31
CA GLN A 191 -115.45 -47.15 -1.91
C GLN A 191 -116.88 -46.70 -1.74
N LEU A 192 -117.42 -45.99 -2.74
CA LEU A 192 -118.79 -45.49 -2.67
C LEU A 192 -119.81 -46.61 -2.81
N VAL A 193 -119.54 -47.58 -3.68
CA VAL A 193 -120.46 -48.69 -3.89
C VAL A 193 -120.59 -49.61 -2.69
N GLU A 194 -119.63 -49.59 -1.77
CA GLU A 194 -119.69 -50.45 -0.59
C GLU A 194 -120.08 -49.71 0.68
N ASN A 195 -120.14 -48.39 0.67
CA ASN A 195 -120.43 -47.64 1.88
C ASN A 195 -121.62 -46.70 1.77
N ALA A 196 -121.79 -46.00 0.66
CA ALA A 196 -122.83 -44.99 0.59
C ALA A 196 -124.22 -45.62 0.48
N ASP A 197 -125.21 -44.90 0.99
CA ASP A 197 -126.60 -45.34 0.91
C ASP A 197 -127.16 -45.07 -0.47
N GLU A 198 -127.09 -43.81 -0.91
CA GLU A 198 -127.37 -43.45 -2.29
C GLU A 198 -126.50 -42.26 -2.62
N CYS A 199 -126.08 -42.18 -3.88
CA CYS A 199 -125.23 -41.11 -4.34
C CYS A 199 -125.95 -40.38 -5.46
N MET A 200 -125.85 -39.06 -5.43
CA MET A 200 -126.46 -38.21 -6.43
C MET A 200 -125.34 -37.59 -7.26
N VAL A 201 -125.12 -38.14 -8.45
CA VAL A 201 -123.96 -37.75 -9.24
C VAL A 201 -124.20 -36.38 -9.87
N LEU A 202 -123.20 -35.52 -9.78
CA LEU A 202 -123.17 -34.22 -10.43
C LEU A 202 -121.90 -34.15 -11.25
N ASP A 203 -121.80 -33.12 -12.09
CA ASP A 203 -120.57 -32.92 -12.84
C ASP A 203 -120.51 -31.49 -13.36
N ASN A 204 -119.29 -31.00 -13.52
CA ASN A 204 -119.08 -29.61 -13.92
C ASN A 204 -119.40 -29.36 -15.38
N GLU A 205 -119.38 -30.39 -16.22
CA GLU A 205 -119.67 -30.20 -17.65
C GLU A 205 -121.12 -29.77 -17.85
N ALA A 206 -122.06 -30.49 -17.22
CA ALA A 206 -123.47 -30.12 -17.32
C ALA A 206 -123.74 -28.76 -16.69
N LEU A 207 -122.95 -28.39 -15.68
CA LEU A 207 -123.15 -27.10 -15.02
C LEU A 207 -122.82 -25.96 -15.97
N TYR A 208 -121.76 -26.10 -16.76
CA TYR A 208 -121.43 -25.09 -17.75
C TYR A 208 -122.51 -24.98 -18.84
N ASP A 209 -123.04 -26.12 -19.30
CA ASP A 209 -124.08 -26.10 -20.32
C ASP A 209 -125.33 -25.33 -19.87
N ILE A 210 -125.80 -25.58 -18.65
CA ILE A 210 -126.99 -24.91 -18.14
C ILE A 210 -126.78 -23.39 -18.07
N CYS A 211 -125.63 -22.96 -17.54
CA CYS A 211 -125.36 -21.54 -17.37
C CYS A 211 -125.18 -20.77 -18.69
N PHE A 212 -124.92 -21.45 -19.80
CA PHE A 212 -124.90 -20.72 -21.07
C PHE A 212 -126.29 -20.64 -21.71
N ARG A 213 -126.97 -21.78 -21.84
CA ARG A 213 -128.22 -21.80 -22.59
C ARG A 213 -129.38 -21.23 -21.78
N THR A 214 -129.75 -21.89 -20.68
CA THR A 214 -130.98 -21.52 -19.98
C THR A 214 -130.80 -20.26 -19.15
N LEU A 215 -129.82 -20.27 -18.24
CA LEU A 215 -129.61 -19.13 -17.37
C LEU A 215 -129.12 -17.90 -18.13
N LYS A 216 -128.38 -18.12 -19.22
CA LYS A 216 -127.81 -17.03 -20.03
C LYS A 216 -127.00 -16.03 -19.19
N LEU A 217 -126.23 -16.52 -18.24
CA LEU A 217 -125.34 -15.65 -17.48
C LEU A 217 -124.16 -15.17 -18.32
N THR A 218 -123.67 -13.98 -17.98
CA THR A 218 -122.51 -13.40 -18.64
C THR A 218 -121.22 -13.88 -17.98
N THR A 219 -121.12 -13.76 -16.66
CA THR A 219 -119.95 -14.19 -15.90
C THR A 219 -120.39 -15.17 -14.81
N PRO A 220 -120.64 -16.42 -15.16
CA PRO A 220 -121.10 -17.40 -14.15
C PRO A 220 -119.99 -17.90 -13.25
N THR A 221 -119.69 -17.19 -12.17
CA THR A 221 -118.66 -17.64 -11.25
C THR A 221 -119.20 -18.82 -10.43
N PHE A 222 -118.38 -19.31 -9.49
CA PHE A 222 -118.83 -20.44 -8.70
C PHE A 222 -119.96 -20.08 -7.75
N GLY A 223 -120.15 -18.80 -7.44
CA GLY A 223 -121.24 -18.46 -6.54
C GLY A 223 -122.60 -18.83 -7.12
N ASP A 224 -122.77 -18.65 -8.43
CA ASP A 224 -124.05 -18.95 -9.06
C ASP A 224 -124.24 -20.44 -9.32
N LEU A 225 -123.16 -21.18 -9.62
CA LEU A 225 -123.27 -22.62 -9.77
C LEU A 225 -123.73 -23.25 -8.47
N ASN A 226 -123.08 -22.87 -7.37
CA ASN A 226 -123.50 -23.28 -6.04
C ASN A 226 -124.91 -22.81 -5.72
N HIS A 227 -125.34 -21.68 -6.30
CA HIS A 227 -126.72 -21.25 -6.12
C HIS A 227 -127.69 -22.24 -6.73
N LEU A 228 -127.36 -22.78 -7.91
CA LEU A 228 -128.20 -23.81 -8.50
C LEU A 228 -128.20 -25.07 -7.65
N ILE A 229 -127.01 -25.55 -7.26
CA ILE A 229 -126.89 -26.79 -6.50
C ILE A 229 -127.59 -26.69 -5.15
N SER A 230 -127.53 -25.52 -4.52
CA SER A 230 -128.19 -25.38 -3.22
C SER A 230 -129.71 -25.41 -3.37
N ALA A 231 -130.25 -24.78 -4.40
CA ALA A 231 -131.69 -24.81 -4.60
C ALA A 231 -132.18 -26.23 -4.90
N VAL A 232 -131.39 -27.01 -5.64
CA VAL A 232 -131.79 -28.38 -5.93
C VAL A 232 -131.77 -29.23 -4.67
N MET A 233 -130.71 -29.13 -3.88
CA MET A 233 -130.56 -29.94 -2.67
C MET A 233 -131.64 -29.62 -1.65
N SER A 234 -132.01 -28.34 -1.53
CA SER A 234 -133.10 -27.96 -0.66
C SER A 234 -134.41 -28.60 -1.11
N GLY A 235 -134.60 -28.72 -2.43
CA GLY A 235 -135.77 -29.39 -2.95
C GLY A 235 -135.94 -30.85 -2.56
N ILE A 236 -134.83 -31.58 -2.38
CA ILE A 236 -134.97 -32.97 -1.95
C ILE A 236 -135.51 -33.05 -0.52
N THR A 237 -134.93 -32.28 0.40
CA THR A 237 -135.28 -32.42 1.81
C THR A 237 -136.28 -31.35 2.26
N CYS A 238 -137.11 -30.88 1.33
CA CYS A 238 -138.19 -29.98 1.72
C CYS A 238 -139.26 -30.72 2.52
N CYS A 239 -139.45 -32.01 2.22
CA CYS A 239 -140.59 -32.73 2.78
C CYS A 239 -140.43 -32.96 4.28
N LEU A 240 -139.18 -33.05 4.76
CA LEU A 240 -138.98 -33.19 6.19
C LEU A 240 -139.24 -31.88 6.91
N ARG A 241 -139.04 -30.76 6.22
CA ARG A 241 -139.12 -29.44 6.85
C ARG A 241 -140.51 -28.83 6.77
N PHE A 242 -141.33 -29.21 5.80
CA PHE A 242 -142.59 -28.53 5.63
C PHE A 242 -143.70 -29.54 5.37
N PRO A 243 -144.93 -29.23 5.78
CA PRO A 243 -146.05 -30.14 5.53
C PRO A 243 -146.65 -29.92 4.15
N GLY A 244 -147.12 -31.03 3.57
CA GLY A 244 -147.68 -31.01 2.24
C GLY A 244 -148.88 -31.94 2.15
N GLN A 245 -149.54 -31.91 0.98
CA GLN A 245 -150.67 -32.79 0.75
C GLN A 245 -150.24 -34.23 0.59
N LEU A 246 -149.00 -34.48 0.16
CA LEU A 246 -148.52 -35.85 -0.04
C LEU A 246 -147.03 -35.86 0.32
N ASN A 247 -146.72 -36.32 1.52
CA ASN A 247 -145.36 -36.28 2.03
C ASN A 247 -144.55 -37.48 1.58
N ALA A 248 -143.30 -37.22 1.19
CA ALA A 248 -142.37 -38.26 0.73
C ALA A 248 -141.03 -37.98 1.38
N ASP A 249 -140.71 -38.73 2.44
CA ASP A 249 -139.46 -38.50 3.14
C ASP A 249 -138.31 -39.16 2.39
N LEU A 250 -137.10 -39.01 2.93
CA LEU A 250 -135.90 -39.49 2.24
C LEU A 250 -135.88 -41.01 2.13
N ARG A 251 -136.07 -41.72 3.25
CA ARG A 251 -136.07 -43.18 3.17
C ARG A 251 -137.21 -43.69 2.31
N LYS A 252 -138.34 -42.98 2.31
CA LYS A 252 -139.45 -43.39 1.44
C LYS A 252 -139.06 -43.24 -0.02
N LEU A 253 -138.33 -42.18 -0.35
CA LEU A 253 -137.91 -41.94 -1.72
C LEU A 253 -136.80 -42.90 -2.14
N ALA A 254 -135.92 -43.27 -1.22
CA ALA A 254 -134.85 -44.20 -1.54
C ALA A 254 -135.39 -45.58 -1.92
N VAL A 255 -136.28 -46.13 -1.11
CA VAL A 255 -136.81 -47.46 -1.40
C VAL A 255 -137.67 -47.47 -2.65
N ASN A 256 -138.19 -46.31 -3.05
CA ASN A 256 -138.98 -46.24 -4.27
C ASN A 256 -138.12 -46.15 -5.52
N LEU A 257 -136.88 -45.70 -5.41
CA LEU A 257 -136.06 -45.40 -6.58
C LEU A 257 -134.95 -46.40 -6.80
N ILE A 258 -134.63 -47.24 -5.82
CA ILE A 258 -133.49 -48.16 -5.89
C ILE A 258 -134.01 -49.58 -6.07
N PRO A 259 -134.05 -50.11 -7.30
CA PRO A 259 -134.60 -51.46 -7.48
C PRO A 259 -133.62 -52.54 -7.08
N PHE A 260 -132.31 -52.26 -7.10
CA PHE A 260 -131.29 -53.21 -6.72
C PHE A 260 -130.21 -52.52 -5.91
N PRO A 261 -129.64 -53.21 -4.91
CA PRO A 261 -128.84 -52.53 -3.89
C PRO A 261 -127.62 -51.77 -4.40
N ARG A 262 -127.06 -52.16 -5.54
CA ARG A 262 -125.89 -51.49 -6.09
C ARG A 262 -126.24 -50.34 -7.03
N LEU A 263 -127.52 -50.14 -7.34
CA LEU A 263 -127.96 -49.24 -8.40
C LEU A 263 -128.43 -47.90 -7.83
N HIS A 264 -127.48 -47.15 -7.25
CA HIS A 264 -127.84 -45.96 -6.47
C HIS A 264 -127.00 -44.75 -6.85
N PHE A 265 -126.94 -44.47 -8.16
CA PHE A 265 -126.33 -43.24 -8.67
C PHE A 265 -127.41 -42.49 -9.43
N PHE A 266 -127.78 -41.31 -8.95
CA PHE A 266 -128.95 -40.60 -9.46
C PHE A 266 -128.59 -39.37 -10.27
N MET A 267 -129.40 -39.10 -11.31
CA MET A 267 -129.32 -37.87 -12.08
C MET A 267 -130.40 -36.87 -11.66
N VAL A 268 -130.06 -35.58 -11.72
CA VAL A 268 -130.90 -34.53 -11.13
C VAL A 268 -131.19 -33.45 -12.15
N GLY A 269 -132.28 -32.71 -11.88
CA GLY A 269 -132.68 -31.54 -12.61
C GLY A 269 -133.46 -30.62 -11.68
N PHE A 270 -133.83 -29.45 -12.19
CA PHE A 270 -134.60 -28.52 -11.37
C PHE A 270 -135.37 -27.59 -12.29
N THR A 271 -136.53 -27.14 -11.80
CA THR A 271 -137.42 -26.26 -12.54
C THR A 271 -138.11 -25.35 -11.53
N PRO A 272 -138.42 -24.10 -11.90
CA PRO A 272 -138.09 -23.41 -13.15
C PRO A 272 -136.82 -22.57 -13.02
N LEU A 273 -136.09 -22.44 -14.13
CA LEU A 273 -134.83 -21.69 -14.18
C LEU A 273 -134.87 -20.91 -15.48
N THR A 274 -135.17 -19.61 -15.41
CA THR A 274 -135.25 -18.79 -16.60
C THR A 274 -134.36 -17.57 -16.48
N SER A 275 -133.91 -17.08 -17.64
CA SER A 275 -133.27 -15.79 -17.76
C SER A 275 -134.24 -14.69 -17.35
N ARG A 276 -133.68 -13.54 -16.98
CA ARG A 276 -134.52 -12.40 -16.68
C ARG A 276 -135.09 -11.74 -17.92
N GLY A 277 -134.65 -12.17 -19.11
CA GLY A 277 -135.24 -11.70 -20.35
C GLY A 277 -136.55 -12.38 -20.72
N SER A 278 -136.62 -13.71 -20.53
CA SER A 278 -137.81 -14.47 -20.86
C SER A 278 -138.68 -14.80 -19.64
N GLN A 279 -138.34 -14.26 -18.46
CA GLN A 279 -139.14 -14.52 -17.27
C GLN A 279 -140.55 -13.96 -17.44
N GLN A 280 -140.67 -12.81 -18.11
CA GLN A 280 -141.94 -12.11 -18.24
C GLN A 280 -142.85 -12.71 -19.30
N TYR A 281 -142.34 -13.58 -20.17
CA TYR A 281 -143.08 -14.03 -21.34
C TYR A 281 -143.69 -15.41 -21.18
N ARG A 282 -143.57 -16.03 -19.99
CA ARG A 282 -144.18 -17.32 -19.75
C ARG A 282 -144.97 -17.27 -18.45
N ALA A 283 -145.73 -18.34 -18.22
CA ALA A 283 -146.63 -18.48 -17.10
C ALA A 283 -146.10 -19.53 -16.14
N LEU A 284 -146.89 -19.85 -15.11
CA LEU A 284 -146.53 -20.86 -14.11
C LEU A 284 -147.70 -21.84 -14.07
N THR A 285 -147.64 -22.87 -14.91
CA THR A 285 -148.58 -23.98 -14.86
C THR A 285 -147.81 -25.29 -14.89
N VAL A 286 -148.54 -26.36 -14.55
CA VAL A 286 -147.91 -27.68 -14.44
C VAL A 286 -147.25 -28.12 -15.73
N PRO A 287 -147.85 -27.95 -16.92
CA PRO A 287 -147.13 -28.32 -18.15
C PRO A 287 -145.80 -27.61 -18.32
N GLU A 288 -145.71 -26.31 -18.03
CA GLU A 288 -144.43 -25.63 -18.23
C GLU A 288 -143.37 -26.16 -17.26
N LEU A 289 -143.78 -26.59 -16.08
CA LEU A 289 -142.86 -27.18 -15.12
C LEU A 289 -142.40 -28.59 -15.51
N THR A 290 -143.31 -29.42 -16.04
CA THR A 290 -142.95 -30.80 -16.36
C THR A 290 -142.07 -30.93 -17.60
N GLN A 291 -142.39 -30.21 -18.68
CA GLN A 291 -141.53 -30.24 -19.86
C GLN A 291 -140.12 -29.71 -19.58
N GLN A 292 -139.99 -28.67 -18.76
CA GLN A 292 -138.63 -28.22 -18.48
C GLN A 292 -137.93 -29.18 -17.53
N MET A 293 -138.68 -29.97 -16.76
CA MET A 293 -138.07 -30.95 -15.87
C MET A 293 -137.47 -32.10 -16.67
N TRP A 294 -138.30 -32.78 -17.46
CA TRP A 294 -137.92 -33.98 -18.21
C TRP A 294 -137.11 -33.69 -19.45
N ASP A 295 -136.72 -32.44 -19.67
CA ASP A 295 -135.85 -32.15 -20.81
C ASP A 295 -134.47 -32.71 -20.54
N ALA A 296 -133.93 -33.43 -21.52
CA ALA A 296 -132.60 -34.02 -21.37
C ALA A 296 -131.53 -32.94 -21.32
N LYS A 297 -131.77 -31.83 -22.02
CA LYS A 297 -130.84 -30.72 -22.04
C LYS A 297 -130.85 -29.92 -20.75
N ASN A 298 -131.82 -30.19 -19.87
CA ASN A 298 -131.93 -29.52 -18.58
C ASN A 298 -131.47 -30.39 -17.42
N MET A 299 -130.96 -31.58 -17.70
CA MET A 299 -130.44 -32.42 -16.64
C MET A 299 -129.16 -31.83 -16.08
N MET A 300 -128.91 -32.11 -14.80
CA MET A 300 -127.74 -31.61 -14.12
C MET A 300 -126.61 -32.64 -14.08
N CYS A 301 -126.51 -33.45 -15.13
CA CYS A 301 -125.37 -34.34 -15.32
C CYS A 301 -125.09 -34.39 -16.82
N ALA A 302 -123.85 -34.72 -17.18
CA ALA A 302 -123.51 -34.80 -18.60
C ALA A 302 -123.66 -36.21 -19.15
N ALA A 303 -124.81 -36.81 -18.85
CA ALA A 303 -125.13 -38.17 -19.29
C ALA A 303 -126.56 -38.08 -19.83
N ASP A 304 -126.69 -38.05 -21.15
CA ASP A 304 -128.00 -37.95 -21.78
C ASP A 304 -128.83 -39.20 -21.50
N PRO A 305 -129.88 -39.08 -20.69
CA PRO A 305 -130.71 -40.27 -20.40
C PRO A 305 -131.42 -40.81 -21.62
N ARG A 306 -131.57 -40.01 -22.68
CA ARG A 306 -132.18 -40.48 -23.91
C ARG A 306 -131.28 -41.42 -24.69
N HIS A 307 -130.08 -41.69 -24.18
CA HIS A 307 -129.17 -42.68 -24.74
C HIS A 307 -129.33 -44.03 -24.05
N GLY A 308 -130.30 -44.13 -23.15
CA GLY A 308 -130.54 -45.36 -22.41
C GLY A 308 -132.01 -45.43 -22.08
N ARG A 309 -132.33 -46.00 -20.91
CA ARG A 309 -133.71 -46.13 -20.48
C ARG A 309 -133.83 -45.73 -19.02
N TYR A 310 -134.91 -45.02 -18.70
CA TYR A 310 -135.21 -44.70 -17.32
C TYR A 310 -135.71 -45.95 -16.59
N LEU A 311 -135.06 -46.29 -15.48
CA LEU A 311 -135.54 -47.39 -14.66
C LEU A 311 -136.69 -46.91 -13.77
N THR A 312 -136.38 -45.97 -12.88
CA THR A 312 -137.38 -45.31 -12.06
C THR A 312 -137.07 -43.81 -12.08
N ALA A 313 -138.06 -43.02 -11.66
CA ALA A 313 -137.91 -41.58 -11.63
C ALA A 313 -138.79 -41.03 -10.52
N SER A 314 -138.39 -39.87 -9.99
CA SER A 314 -139.19 -39.24 -8.96
C SER A 314 -139.21 -37.73 -9.18
N ALA A 315 -140.31 -37.12 -8.71
CA ALA A 315 -140.51 -35.69 -8.84
C ALA A 315 -141.09 -35.17 -7.54
N LEU A 316 -140.46 -34.15 -6.98
CA LEU A 316 -140.90 -33.51 -5.75
C LEU A 316 -141.35 -32.09 -6.12
N PHE A 317 -142.64 -31.84 -5.98
CA PHE A 317 -143.22 -30.56 -6.39
C PHE A 317 -143.37 -29.67 -5.18
N ARG A 318 -143.32 -28.36 -5.40
CA ARG A 318 -143.43 -27.40 -4.31
C ARG A 318 -144.38 -26.28 -4.72
N GLY A 319 -145.24 -25.89 -3.79
CA GLY A 319 -146.28 -24.91 -4.05
C GLY A 319 -147.66 -25.50 -3.94
N ARG A 320 -148.66 -24.62 -3.95
CA ARG A 320 -150.04 -25.04 -3.79
C ARG A 320 -150.49 -25.67 -5.10
N MET A 321 -150.45 -27.00 -5.16
CA MET A 321 -150.69 -27.73 -6.39
C MET A 321 -151.75 -28.79 -6.15
N SER A 322 -152.39 -29.22 -7.24
CA SER A 322 -153.44 -30.23 -7.20
C SER A 322 -152.87 -31.56 -7.63
N THR A 323 -152.98 -32.58 -6.77
CA THR A 323 -152.38 -33.88 -7.06
C THR A 323 -153.00 -34.55 -8.27
N LYS A 324 -154.26 -34.23 -8.60
CA LYS A 324 -154.85 -34.73 -9.83
C LYS A 324 -154.07 -34.26 -11.04
N GLU A 325 -153.81 -32.95 -11.13
CA GLU A 325 -153.00 -32.43 -12.21
C GLU A 325 -151.58 -32.99 -12.18
N VAL A 326 -151.06 -33.26 -10.98
CA VAL A 326 -149.70 -33.79 -10.85
C VAL A 326 -149.57 -35.13 -11.58
N ASP A 327 -150.36 -36.12 -11.18
CA ASP A 327 -150.19 -37.44 -11.78
C ASP A 327 -150.65 -37.52 -13.23
N GLU A 328 -151.65 -36.73 -13.63
CA GLU A 328 -152.04 -36.75 -15.04
C GLU A 328 -150.94 -36.18 -15.93
N GLN A 329 -150.26 -35.12 -15.48
CA GLN A 329 -149.17 -34.57 -16.27
C GLN A 329 -147.98 -35.52 -16.26
N MET A 330 -147.72 -36.14 -15.11
CA MET A 330 -146.64 -37.11 -15.00
C MET A 330 -146.93 -38.33 -15.88
N LEU A 331 -148.19 -38.76 -15.90
CA LEU A 331 -148.60 -39.91 -16.70
C LEU A 331 -148.49 -39.62 -18.19
N ASN A 332 -148.82 -38.41 -18.61
CA ASN A 332 -148.75 -38.04 -20.02
C ASN A 332 -147.31 -38.12 -20.54
N VAL A 333 -146.36 -37.53 -19.82
CA VAL A 333 -144.98 -37.57 -20.27
C VAL A 333 -144.39 -38.97 -20.16
N GLN A 334 -145.01 -39.87 -19.39
CA GLN A 334 -144.57 -41.25 -19.36
C GLN A 334 -145.20 -42.11 -20.45
N ASN A 335 -146.36 -41.74 -20.97
CA ASN A 335 -146.99 -42.55 -22.01
C ASN A 335 -146.45 -42.24 -23.40
N LYS A 336 -146.27 -40.97 -23.74
CA LYS A 336 -145.73 -40.61 -25.04
C LYS A 336 -144.36 -41.22 -25.26
N ASN A 337 -143.39 -40.85 -24.44
CA ASN A 337 -142.03 -41.36 -24.58
C ASN A 337 -141.87 -42.67 -23.82
N SER A 338 -142.64 -43.66 -24.28
CA SER A 338 -142.70 -44.97 -23.62
C SER A 338 -141.45 -45.80 -23.86
N SER A 339 -140.71 -45.55 -24.94
CA SER A 339 -139.56 -46.37 -25.25
C SER A 339 -138.41 -46.10 -24.28
N TYR A 340 -138.31 -44.87 -23.79
CA TYR A 340 -137.24 -44.50 -22.86
C TYR A 340 -137.47 -45.04 -21.46
N PHE A 341 -138.61 -45.66 -21.20
CA PHE A 341 -138.95 -46.18 -19.89
C PHE A 341 -138.83 -47.70 -19.84
N VAL A 342 -138.49 -48.20 -18.64
CA VAL A 342 -138.33 -49.64 -18.46
C VAL A 342 -139.68 -50.32 -18.59
N GLU A 343 -139.68 -51.58 -19.03
CA GLU A 343 -140.93 -52.22 -19.38
C GLU A 343 -141.61 -52.97 -18.24
N TRP A 344 -140.87 -53.70 -17.39
CA TRP A 344 -141.51 -54.58 -16.43
C TRP A 344 -141.85 -53.88 -15.12
N ILE A 345 -141.95 -52.56 -15.11
CA ILE A 345 -142.45 -51.83 -13.95
C ILE A 345 -143.41 -50.74 -14.44
N PRO A 346 -144.70 -50.86 -14.15
CA PRO A 346 -145.65 -49.83 -14.58
C PRO A 346 -145.64 -48.65 -13.60
N ASN A 347 -145.81 -47.45 -14.14
CA ASN A 347 -145.83 -46.22 -13.37
C ASN A 347 -144.51 -46.07 -12.60
N ASN A 348 -143.44 -45.89 -13.38
CA ASN A 348 -142.08 -45.84 -12.86
C ASN A 348 -141.79 -44.59 -12.04
N VAL A 349 -142.77 -43.72 -11.80
CA VAL A 349 -142.52 -42.42 -11.20
C VAL A 349 -143.27 -42.30 -9.87
N LYS A 350 -142.53 -41.97 -8.83
CA LYS A 350 -143.09 -41.63 -7.53
C LYS A 350 -143.16 -40.11 -7.45
N SER A 351 -144.22 -39.58 -6.86
CA SER A 351 -144.44 -38.14 -6.88
C SER A 351 -144.95 -37.67 -5.53
N SER A 352 -144.61 -36.42 -5.19
CA SER A 352 -145.04 -35.82 -3.94
C SER A 352 -145.14 -34.30 -4.12
N VAL A 353 -145.94 -33.68 -3.26
CA VAL A 353 -146.24 -32.26 -3.33
C VAL A 353 -145.97 -31.64 -1.97
N CYS A 354 -145.41 -30.42 -1.99
CA CYS A 354 -145.27 -29.62 -0.78
C CYS A 354 -145.93 -28.27 -1.02
N ASP A 355 -146.47 -27.69 0.06
CA ASP A 355 -147.31 -26.51 -0.07
C ASP A 355 -146.58 -25.20 0.17
N ILE A 356 -145.25 -25.21 0.24
CA ILE A 356 -144.53 -23.96 0.48
C ILE A 356 -143.48 -23.74 -0.60
N PRO A 357 -143.75 -22.86 -1.56
CA PRO A 357 -142.79 -22.57 -2.62
C PRO A 357 -141.62 -21.77 -2.07
N PRO A 358 -140.49 -21.75 -2.77
CA PRO A 358 -139.36 -20.97 -2.27
C PRO A 358 -139.64 -19.49 -2.45
N LYS A 359 -138.87 -18.67 -1.73
CA LYS A 359 -139.12 -17.24 -1.75
C LYS A 359 -138.90 -16.65 -3.13
N GLY A 360 -139.89 -15.92 -3.63
CA GLY A 360 -139.82 -15.31 -4.94
C GLY A 360 -140.47 -16.09 -6.06
N LEU A 361 -140.98 -17.30 -5.79
CA LEU A 361 -141.58 -18.13 -6.82
C LEU A 361 -142.90 -18.70 -6.33
N LYS A 362 -143.81 -18.94 -7.26
CA LYS A 362 -145.09 -19.59 -6.96
C LYS A 362 -145.07 -21.11 -7.14
N MET A 363 -144.09 -21.66 -7.86
CA MET A 363 -144.09 -23.09 -8.15
C MET A 363 -142.77 -23.58 -8.70
N SER A 364 -142.20 -24.62 -8.08
CA SER A 364 -140.92 -25.19 -8.49
C SER A 364 -141.01 -26.71 -8.49
N ALA A 365 -139.93 -27.35 -8.92
CA ALA A 365 -139.88 -28.80 -9.01
C ALA A 365 -138.44 -29.28 -8.91
N THR A 366 -138.29 -30.57 -8.59
CA THR A 366 -136.98 -31.20 -8.51
C THR A 366 -137.09 -32.64 -9.00
N PHE A 367 -136.20 -33.03 -9.91
CA PHE A 367 -136.22 -34.33 -10.54
C PHE A 367 -135.04 -35.16 -10.08
N ILE A 368 -135.29 -36.40 -9.69
CA ILE A 368 -134.24 -37.35 -9.29
C ILE A 368 -134.49 -38.65 -10.04
N GLY A 369 -133.76 -38.84 -11.14
CA GLY A 369 -133.93 -39.98 -12.03
C GLY A 369 -132.83 -41.03 -12.01
N ASN A 370 -133.12 -42.20 -11.45
CA ASN A 370 -132.18 -43.32 -11.45
C ASN A 370 -132.24 -43.97 -12.84
N SER A 371 -131.37 -43.49 -13.73
CA SER A 371 -131.30 -43.99 -15.10
C SER A 371 -130.27 -45.12 -15.23
N THR A 372 -130.15 -45.66 -16.43
CA THR A 372 -129.11 -46.62 -16.77
C THR A 372 -128.00 -46.04 -17.63
N ALA A 373 -128.13 -44.79 -18.07
CA ALA A 373 -127.09 -44.20 -18.90
C ALA A 373 -125.82 -43.90 -18.13
N ILE A 374 -125.82 -44.07 -16.80
CA ILE A 374 -124.63 -43.78 -16.03
C ILE A 374 -123.48 -44.72 -16.35
N GLN A 375 -123.77 -45.87 -16.98
CA GLN A 375 -122.68 -46.76 -17.37
C GLN A 375 -121.77 -46.11 -18.41
N GLU A 376 -122.27 -45.14 -19.18
CA GLU A 376 -121.39 -44.44 -20.11
C GLU A 376 -120.30 -43.69 -19.35
N MET A 377 -120.67 -43.03 -18.25
CA MET A 377 -119.68 -42.28 -17.47
C MET A 377 -118.60 -43.20 -16.92
N PHE A 378 -118.99 -44.37 -16.42
CA PHE A 378 -117.98 -45.22 -15.80
C PHE A 378 -117.06 -45.80 -16.86
N LYS A 379 -117.59 -46.10 -18.05
CA LYS A 379 -116.75 -46.49 -19.17
C LYS A 379 -115.85 -45.35 -19.60
N ARG A 380 -116.44 -44.16 -19.73
CA ARG A 380 -115.68 -42.99 -20.19
C ARG A 380 -114.57 -42.62 -19.22
N VAL A 381 -114.71 -42.96 -17.94
CA VAL A 381 -113.64 -42.73 -16.98
C VAL A 381 -112.72 -43.94 -16.90
N SER A 382 -113.29 -45.16 -16.91
CA SER A 382 -112.48 -46.35 -16.69
C SER A 382 -111.46 -46.54 -17.79
N GLU A 383 -111.80 -46.15 -19.03
CA GLU A 383 -110.84 -46.31 -20.12
C GLU A 383 -109.63 -45.40 -19.90
N GLN A 384 -109.86 -44.21 -19.35
CA GLN A 384 -108.73 -43.34 -19.04
C GLN A 384 -107.91 -43.92 -17.90
N PHE A 385 -108.57 -44.49 -16.89
CA PHE A 385 -107.87 -45.16 -15.80
C PHE A 385 -107.04 -46.32 -16.31
N THR A 386 -107.62 -47.15 -17.19
CA THR A 386 -106.88 -48.30 -17.72
C THR A 386 -105.73 -47.86 -18.61
N ALA A 387 -105.92 -46.76 -19.35
CA ALA A 387 -104.88 -46.29 -20.25
C ALA A 387 -103.61 -45.90 -19.50
N MET A 388 -103.77 -45.29 -18.34
CA MET A 388 -102.61 -44.92 -17.54
C MET A 388 -101.99 -46.14 -16.85
N PHE A 389 -102.81 -47.01 -16.28
CA PHE A 389 -102.28 -48.08 -15.44
C PHE A 389 -101.55 -49.17 -16.25
N ARG A 390 -101.82 -49.28 -17.55
CA ARG A 390 -101.15 -50.30 -18.35
C ARG A 390 -99.64 -50.11 -18.37
N ARG A 391 -99.15 -48.86 -18.37
CA ARG A 391 -97.71 -48.62 -18.38
C ARG A 391 -97.30 -47.73 -17.21
N LYS A 392 -98.08 -47.77 -16.13
CA LYS A 392 -97.68 -47.28 -14.80
C LYS A 392 -97.38 -45.80 -14.73
N ALA A 393 -98.08 -44.96 -15.49
CA ALA A 393 -97.85 -43.53 -15.33
C ALA A 393 -98.40 -43.08 -13.98
N PHE A 394 -97.70 -42.16 -13.33
CA PHE A 394 -98.08 -41.60 -12.04
C PHE A 394 -98.24 -42.64 -10.95
N LEU A 395 -97.86 -43.89 -11.21
CA LEU A 395 -98.18 -44.97 -10.27
C LEU A 395 -97.41 -44.82 -8.97
N HIS A 396 -96.18 -44.29 -9.03
CA HIS A 396 -95.28 -44.38 -7.89
C HIS A 396 -95.68 -43.41 -6.79
N TRP A 397 -96.39 -42.33 -7.12
CA TRP A 397 -96.85 -41.42 -6.08
C TRP A 397 -97.92 -42.05 -5.20
N TYR A 398 -98.61 -43.08 -5.68
CA TYR A 398 -99.47 -43.91 -4.84
C TYR A 398 -98.76 -45.15 -4.33
N THR A 399 -97.98 -45.83 -5.18
CA THR A 399 -97.37 -47.09 -4.79
C THR A 399 -96.38 -46.89 -3.65
N GLY A 400 -95.59 -45.81 -3.73
CA GLY A 400 -94.64 -45.51 -2.69
C GLY A 400 -95.24 -45.06 -1.39
N GLU A 401 -96.58 -45.01 -1.33
CA GLU A 401 -97.30 -44.53 -0.15
C GLU A 401 -98.00 -45.64 0.61
N GLY A 402 -98.20 -46.80 0.00
CA GLY A 402 -98.84 -47.91 0.70
C GLY A 402 -99.77 -48.77 -0.13
N MET A 403 -100.30 -48.26 -1.23
CA MET A 403 -101.05 -49.13 -2.12
C MET A 403 -100.13 -49.97 -2.98
N ASP A 404 -100.63 -51.12 -3.40
CA ASP A 404 -99.92 -52.05 -4.25
C ASP A 404 -100.63 -52.13 -5.59
N GLU A 405 -100.16 -53.03 -6.46
CA GLU A 405 -100.81 -53.20 -7.74
C GLU A 405 -102.15 -53.92 -7.62
N MET A 406 -102.32 -54.74 -6.58
CA MET A 406 -103.56 -55.49 -6.43
C MET A 406 -104.74 -54.57 -6.10
N GLU A 407 -104.48 -53.44 -5.45
CA GLU A 407 -105.54 -52.48 -5.18
C GLU A 407 -106.11 -51.90 -6.47
N PHE A 408 -105.26 -51.64 -7.46
CA PHE A 408 -105.76 -51.12 -8.73
C PHE A 408 -106.52 -52.18 -9.50
N THR A 409 -106.04 -53.43 -9.48
CA THR A 409 -106.78 -54.50 -10.14
C THR A 409 -108.15 -54.67 -9.49
N GLU A 410 -108.20 -54.52 -8.16
CA GLU A 410 -109.47 -54.60 -7.46
C GLU A 410 -110.40 -53.47 -7.91
N ALA A 411 -109.89 -52.24 -7.94
CA ALA A 411 -110.71 -51.10 -8.33
C ALA A 411 -111.24 -51.24 -9.75
N GLU A 412 -110.41 -51.71 -10.68
CA GLU A 412 -110.86 -51.88 -12.05
C GLU A 412 -111.88 -53.00 -12.14
N SER A 413 -111.68 -54.08 -11.38
CA SER A 413 -112.60 -55.20 -11.39
C SER A 413 -113.99 -54.79 -10.91
N ASN A 414 -114.06 -53.97 -9.85
CA ASN A 414 -115.37 -53.58 -9.34
C ASN A 414 -116.07 -52.65 -10.32
N MET A 415 -115.34 -51.71 -10.91
CA MET A 415 -115.93 -50.90 -11.96
C MET A 415 -116.35 -51.76 -13.15
N ASN A 416 -115.55 -52.76 -13.50
CA ASN A 416 -115.87 -53.58 -14.66
C ASN A 416 -117.12 -54.41 -14.42
N ASP A 417 -117.25 -55.02 -13.24
CA ASP A 417 -118.44 -55.81 -13.00
C ASP A 417 -119.66 -54.93 -12.76
N LEU A 418 -119.45 -53.69 -12.30
CA LEU A 418 -120.56 -52.76 -12.17
C LEU A 418 -121.08 -52.33 -13.54
N VAL A 419 -120.18 -51.95 -14.45
CA VAL A 419 -120.61 -51.60 -15.80
C VAL A 419 -121.23 -52.80 -16.50
N SER A 420 -120.72 -54.00 -16.22
CA SER A 420 -121.30 -55.19 -16.84
C SER A 420 -122.71 -55.43 -16.32
N GLU A 421 -122.94 -55.20 -15.03
CA GLU A 421 -124.25 -55.48 -14.46
C GLU A 421 -125.25 -54.38 -14.75
N TYR A 422 -124.78 -53.13 -14.91
CA TYR A 422 -125.65 -52.08 -15.43
C TYR A 422 -126.06 -52.40 -16.86
N GLN A 423 -125.09 -52.83 -17.68
CA GLN A 423 -125.40 -53.23 -19.05
C GLN A 423 -126.37 -54.41 -19.06
N GLN A 424 -126.25 -55.31 -18.09
CA GLN A 424 -127.18 -56.43 -18.02
C GLN A 424 -128.59 -55.94 -17.74
N TYR A 425 -128.77 -55.10 -16.72
CA TYR A 425 -130.11 -54.61 -16.42
C TYR A 425 -130.62 -53.62 -17.47
N GLN A 426 -129.79 -53.30 -18.47
CA GLN A 426 -130.17 -52.39 -19.54
C GLN A 426 -131.02 -53.10 -20.59
N ARG B 2 -97.87 -21.29 6.25
CA ARG B 2 -97.62 -21.59 4.83
C ARG B 2 -96.36 -20.87 4.37
N GLU B 3 -95.23 -21.19 4.98
CA GLU B 3 -94.00 -20.44 4.78
C GLU B 3 -93.04 -21.22 3.90
N VAL B 4 -92.41 -20.51 2.96
CA VAL B 4 -91.40 -21.07 2.09
C VAL B 4 -90.20 -20.14 2.09
N ILE B 5 -89.01 -20.72 2.15
CA ILE B 5 -87.78 -19.93 2.20
C ILE B 5 -87.10 -20.04 0.85
N SER B 6 -86.39 -18.99 0.47
CA SER B 6 -85.81 -18.86 -0.86
C SER B 6 -84.31 -18.64 -0.70
N ILE B 7 -83.52 -19.50 -1.32
CA ILE B 7 -82.07 -19.41 -1.22
C ILE B 7 -81.48 -19.16 -2.60
N HIS B 8 -80.46 -18.30 -2.64
CA HIS B 8 -79.84 -17.82 -3.87
C HIS B 8 -78.37 -18.19 -3.82
N ILE B 9 -77.91 -18.91 -4.84
CA ILE B 9 -76.55 -19.43 -4.85
C ILE B 9 -75.79 -18.81 -6.02
N GLY B 10 -74.70 -18.13 -5.73
CA GLY B 10 -73.82 -17.62 -6.76
C GLY B 10 -74.14 -16.19 -7.13
N GLN B 11 -73.40 -15.71 -8.13
CA GLN B 11 -73.61 -14.35 -8.60
C GLN B 11 -74.97 -14.24 -9.28
N ALA B 12 -75.22 -15.10 -10.26
CA ALA B 12 -76.49 -15.07 -10.96
C ALA B 12 -77.64 -15.34 -10.00
N GLY B 13 -77.43 -16.23 -9.04
CA GLY B 13 -78.47 -16.51 -8.06
C GLY B 13 -78.94 -15.30 -7.27
N ILE B 14 -78.02 -14.59 -6.61
CA ILE B 14 -78.44 -13.48 -5.75
C ILE B 14 -78.78 -12.23 -6.55
N GLN B 15 -78.34 -12.16 -7.80
CA GLN B 15 -78.78 -11.09 -8.69
C GLN B 15 -80.26 -11.26 -9.01
N VAL B 16 -80.69 -12.48 -9.32
CA VAL B 16 -82.11 -12.76 -9.50
C VAL B 16 -82.89 -12.38 -8.24
N GLY B 17 -82.29 -12.57 -7.07
CA GLY B 17 -82.93 -12.20 -5.82
C GLY B 17 -83.12 -10.70 -5.63
N ASN B 18 -82.14 -9.91 -6.06
CA ASN B 18 -82.30 -8.45 -5.95
C ASN B 18 -83.47 -7.94 -6.78
N ALA B 19 -83.85 -8.67 -7.83
CA ALA B 19 -85.08 -8.31 -8.52
C ALA B 19 -86.31 -8.78 -7.76
N CYS B 20 -86.28 -10.02 -7.28
CA CYS B 20 -87.47 -10.60 -6.66
C CYS B 20 -87.89 -9.86 -5.40
N TRP B 21 -86.93 -9.52 -4.52
CA TRP B 21 -87.31 -8.92 -3.24
C TRP B 21 -87.73 -7.47 -3.39
N GLU B 22 -87.11 -6.73 -4.31
CA GLU B 22 -87.63 -5.42 -4.68
C GLU B 22 -89.10 -5.56 -5.08
N LEU B 23 -89.39 -6.50 -5.98
CA LEU B 23 -90.76 -6.72 -6.43
C LEU B 23 -91.68 -7.11 -5.28
N TYR B 24 -91.20 -7.95 -4.36
CA TYR B 24 -92.04 -8.44 -3.27
C TYR B 24 -92.42 -7.34 -2.30
N CYS B 25 -91.45 -6.57 -1.82
CA CYS B 25 -91.74 -5.46 -0.91
C CYS B 25 -92.67 -4.45 -1.54
N LEU B 26 -92.51 -4.20 -2.84
CA LEU B 26 -93.40 -3.25 -3.50
C LEU B 26 -94.82 -3.76 -3.58
N GLU B 27 -95.02 -5.08 -3.65
CA GLU B 27 -96.38 -5.61 -3.70
C GLU B 27 -97.11 -5.39 -2.40
N HIS B 28 -96.44 -5.59 -1.27
CA HIS B 28 -97.06 -5.45 0.04
C HIS B 28 -96.86 -4.09 0.67
N GLY B 29 -96.42 -3.09 -0.10
CA GLY B 29 -96.34 -1.74 0.43
C GLY B 29 -95.30 -1.54 1.51
N ILE B 30 -94.29 -2.39 1.55
CA ILE B 30 -93.24 -2.31 2.56
C ILE B 30 -92.12 -1.40 2.04
N GLN B 31 -91.78 -0.39 2.82
CA GLN B 31 -90.71 0.52 2.46
C GLN B 31 -89.37 -0.21 2.43
N PRO B 32 -88.38 0.31 1.69
CA PRO B 32 -87.09 -0.37 1.61
C PRO B 32 -86.36 -0.47 2.93
N ASP B 33 -86.75 0.30 3.94
CA ASP B 33 -86.11 0.18 5.24
C ASP B 33 -86.78 -0.85 6.13
N GLY B 34 -87.88 -1.46 5.68
CA GLY B 34 -88.40 -2.65 6.29
C GLY B 34 -89.65 -2.45 7.11
N GLN B 35 -90.21 -1.25 7.17
CA GLN B 35 -91.38 -0.98 7.99
C GLN B 35 -92.54 -0.48 7.14
N MET B 36 -93.74 -0.90 7.53
CA MET B 36 -94.99 -0.53 6.86
C MET B 36 -95.49 0.83 7.32
N PRO B 37 -95.50 1.85 6.46
CA PRO B 37 -95.97 3.19 6.81
C PRO B 37 -97.45 3.22 7.15
N GLY B 45 -105.13 -8.21 10.40
CA GLY B 45 -105.03 -9.18 9.33
C GLY B 45 -103.84 -8.93 8.42
N ASP B 46 -104.13 -8.76 7.12
CA ASP B 46 -103.14 -8.59 6.07
C ASP B 46 -101.90 -9.43 6.33
N ASP B 47 -102.11 -10.74 6.50
CA ASP B 47 -101.06 -11.72 6.73
C ASP B 47 -100.44 -12.25 5.45
N ALA B 48 -100.86 -11.77 4.28
CA ALA B 48 -100.34 -12.30 3.03
C ALA B 48 -98.82 -12.22 2.98
N PHE B 49 -98.23 -11.19 3.58
CA PHE B 49 -96.78 -11.03 3.57
C PHE B 49 -96.08 -12.12 4.36
N ASN B 50 -96.81 -12.82 5.23
CA ASN B 50 -96.18 -13.75 6.19
C ASN B 50 -95.40 -14.86 5.48
N THR B 51 -95.85 -15.31 4.32
CA THR B 51 -95.20 -16.43 3.65
C THR B 51 -93.76 -16.13 3.25
N PHE B 52 -93.32 -14.88 3.33
CA PHE B 52 -91.97 -14.51 2.95
C PHE B 52 -91.28 -13.69 4.04
N PHE B 53 -92.04 -12.93 4.81
CA PHE B 53 -91.51 -12.05 5.84
C PHE B 53 -92.03 -12.47 7.21
N SER B 54 -91.13 -12.50 8.18
CA SER B 54 -91.48 -12.68 9.58
C SER B 54 -91.53 -11.33 10.28
N GLU B 55 -92.61 -11.07 11.00
CA GLU B 55 -92.77 -9.83 11.72
C GLU B 55 -91.93 -9.84 12.99
N THR B 56 -90.84 -9.10 12.99
CA THR B 56 -89.98 -8.99 14.16
C THR B 56 -90.36 -7.76 14.98
N GLY B 57 -90.33 -7.93 16.30
CA GLY B 57 -90.58 -6.84 17.22
C GLY B 57 -91.91 -6.16 16.99
N ALA B 58 -91.86 -4.93 16.47
CA ALA B 58 -93.06 -4.16 16.15
C ALA B 58 -92.81 -3.39 14.87
N GLY B 59 -93.67 -3.60 13.88
CA GLY B 59 -93.60 -2.87 12.64
C GLY B 59 -92.29 -3.03 11.90
N LYS B 60 -91.85 -4.26 11.69
CA LYS B 60 -90.62 -4.55 10.97
C LYS B 60 -90.75 -5.89 10.28
N HIS B 61 -90.23 -5.98 9.06
CA HIS B 61 -90.41 -7.17 8.23
C HIS B 61 -89.05 -7.63 7.72
N VAL B 62 -88.73 -8.90 7.95
CA VAL B 62 -87.47 -9.49 7.53
C VAL B 62 -87.76 -10.58 6.51
N PRO B 63 -87.04 -10.64 5.39
CA PRO B 63 -87.33 -11.67 4.39
C PRO B 63 -86.91 -13.04 4.88
N ARG B 64 -87.50 -14.07 4.29
CA ARG B 64 -87.10 -15.45 4.56
C ARG B 64 -86.15 -15.97 3.49
N CYS B 65 -84.91 -15.49 3.53
CA CYS B 65 -83.98 -15.78 2.45
C CYS B 65 -82.56 -15.65 2.96
N ILE B 66 -81.65 -16.41 2.35
CA ILE B 66 -80.23 -16.23 2.56
C ILE B 66 -79.56 -16.16 1.19
N PHE B 67 -78.69 -15.17 1.01
CA PHE B 67 -77.80 -15.12 -0.13
C PHE B 67 -76.47 -15.76 0.27
N LEU B 68 -75.90 -16.56 -0.62
CA LEU B 68 -74.59 -17.11 -0.31
C LEU B 68 -73.78 -17.24 -1.59
N ASP B 69 -72.47 -17.03 -1.45
CA ASP B 69 -71.55 -16.99 -2.57
C ASP B 69 -70.15 -17.15 -2.02
N LEU B 70 -69.23 -17.62 -2.88
CA LEU B 70 -67.83 -17.84 -2.46
C LEU B 70 -67.02 -16.57 -2.75
N GLU B 71 -67.59 -15.61 -3.49
CA GLU B 71 -66.84 -14.38 -3.86
C GLU B 71 -67.45 -13.18 -3.14
N PRO B 72 -66.63 -12.34 -2.47
CA PRO B 72 -67.12 -11.18 -1.70
C PRO B 72 -67.85 -10.02 -2.39
N THR B 73 -67.44 -9.66 -3.60
CA THR B 73 -68.03 -8.44 -4.23
C THR B 73 -69.53 -8.48 -4.49
N VAL B 74 -70.08 -9.55 -5.07
CA VAL B 74 -71.52 -9.55 -5.50
C VAL B 74 -72.48 -9.46 -4.31
N VAL B 75 -72.10 -10.01 -3.17
CA VAL B 75 -72.90 -9.91 -1.96
C VAL B 75 -72.73 -8.52 -1.32
N ASP B 76 -71.53 -7.95 -1.40
CA ASP B 76 -71.24 -6.67 -0.76
C ASP B 76 -72.07 -5.50 -1.30
N GLU B 77 -72.33 -5.44 -2.61
CA GLU B 77 -73.14 -4.31 -3.08
C GLU B 77 -74.51 -4.30 -2.42
N VAL B 78 -75.07 -5.49 -2.17
CA VAL B 78 -76.37 -5.58 -1.52
C VAL B 78 -76.29 -5.01 -0.11
N ARG B 79 -75.18 -5.25 0.61
CA ARG B 79 -75.08 -4.79 1.98
C ARG B 79 -75.15 -3.27 2.05
N THR B 80 -74.53 -2.59 1.09
CA THR B 80 -74.49 -1.14 1.07
C THR B 80 -75.52 -0.54 0.12
N GLY B 81 -76.45 -1.33 -0.37
CA GLY B 81 -77.42 -0.90 -1.36
C GLY B 81 -78.56 -0.15 -0.72
N THR B 82 -79.64 0.02 -1.48
CA THR B 82 -80.82 0.64 -0.91
C THR B 82 -81.39 -0.20 0.23
N TYR B 83 -81.36 -1.52 0.10
CA TYR B 83 -81.95 -2.42 1.10
C TYR B 83 -80.96 -2.81 2.20
N ARG B 84 -80.18 -1.87 2.70
CA ARG B 84 -79.29 -2.19 3.82
C ARG B 84 -80.08 -2.71 5.01
N GLN B 85 -81.21 -2.08 5.30
CA GLN B 85 -82.00 -2.42 6.47
C GLN B 85 -82.88 -3.65 6.28
N LEU B 86 -83.33 -3.93 5.04
CA LEU B 86 -84.32 -4.99 4.87
C LEU B 86 -83.81 -6.33 5.36
N PHE B 87 -82.58 -6.70 5.01
CA PHE B 87 -82.08 -8.03 5.32
C PHE B 87 -81.23 -8.02 6.58
N HIS B 88 -81.44 -9.00 7.43
CA HIS B 88 -80.57 -9.16 8.57
C HIS B 88 -79.16 -9.44 8.05
N PRO B 89 -78.11 -8.85 8.64
CA PRO B 89 -76.78 -9.03 8.05
C PRO B 89 -76.30 -10.47 7.98
N GLU B 90 -76.62 -11.29 8.97
CA GLU B 90 -76.11 -12.67 8.99
C GLU B 90 -76.54 -13.47 7.77
N GLN B 91 -77.72 -13.17 7.20
CA GLN B 91 -78.23 -13.96 6.09
C GLN B 91 -77.28 -13.90 4.89
N LEU B 92 -76.78 -12.72 4.56
CA LEU B 92 -75.93 -12.56 3.38
C LEU B 92 -74.60 -13.25 3.67
N ILE B 93 -74.45 -14.48 3.18
CA ILE B 93 -73.23 -15.26 3.34
C ILE B 93 -72.25 -14.92 2.23
N SER B 94 -70.97 -14.94 2.56
CA SER B 94 -69.90 -14.68 1.62
C SER B 94 -68.73 -15.59 1.93
N GLY B 95 -67.87 -15.81 0.94
CA GLY B 95 -66.64 -16.54 1.11
C GLY B 95 -65.43 -15.63 1.13
N LYS B 96 -64.26 -16.23 0.96
CA LYS B 96 -63.01 -15.49 0.87
C LYS B 96 -62.35 -15.58 -0.49
N GLU B 97 -62.68 -16.59 -1.29
CA GLU B 97 -62.13 -16.70 -2.62
C GLU B 97 -63.10 -17.52 -3.47
N ASP B 98 -63.13 -17.19 -4.76
CA ASP B 98 -64.14 -17.73 -5.66
C ASP B 98 -63.78 -19.14 -6.11
N ALA B 99 -64.81 -19.91 -6.48
CA ALA B 99 -64.58 -21.24 -7.06
C ALA B 99 -64.01 -21.18 -8.47
N ALA B 100 -64.21 -20.09 -9.18
CA ALA B 100 -63.56 -19.81 -10.46
C ALA B 100 -63.94 -20.87 -11.51
N ASN B 101 -65.24 -20.95 -11.80
CA ASN B 101 -65.77 -21.77 -12.88
C ASN B 101 -65.19 -23.18 -12.83
N ASN B 102 -65.01 -23.68 -11.62
CA ASN B 102 -64.38 -24.97 -11.37
C ASN B 102 -65.32 -25.74 -10.48
N PHE B 103 -65.99 -26.75 -11.06
CA PHE B 103 -66.95 -27.53 -10.29
C PHE B 103 -66.29 -28.24 -9.12
N ALA B 104 -65.09 -28.77 -9.35
CA ALA B 104 -64.39 -29.47 -8.29
C ALA B 104 -64.02 -28.53 -7.16
N ARG B 105 -63.57 -27.32 -7.49
CA ARG B 105 -63.23 -26.35 -6.46
C ARG B 105 -64.46 -25.95 -5.67
N GLY B 106 -65.63 -25.95 -6.31
CA GLY B 106 -66.86 -25.63 -5.60
C GLY B 106 -67.51 -26.81 -4.93
N HIS B 107 -67.09 -28.03 -5.26
CA HIS B 107 -67.69 -29.21 -4.67
C HIS B 107 -66.77 -29.92 -3.69
N TYR B 108 -65.46 -29.64 -3.74
CA TYR B 108 -64.47 -30.32 -2.91
C TYR B 108 -63.48 -29.39 -2.25
N THR B 109 -63.24 -28.20 -2.78
CA THR B 109 -62.17 -27.35 -2.28
C THR B 109 -62.65 -26.23 -1.37
N ILE B 110 -63.68 -25.49 -1.79
CA ILE B 110 -64.16 -24.37 -1.00
C ILE B 110 -65.58 -24.60 -0.49
N GLY B 111 -66.42 -25.34 -1.22
CA GLY B 111 -67.73 -25.67 -0.71
C GLY B 111 -67.68 -26.38 0.63
N LYS B 112 -66.75 -27.32 0.76
CA LYS B 112 -66.67 -28.17 1.95
C LYS B 112 -66.62 -27.39 3.25
N GLU B 113 -66.16 -26.15 3.23
CA GLU B 113 -66.08 -25.35 4.45
C GLU B 113 -67.09 -24.21 4.53
N ILE B 114 -67.77 -23.89 3.43
CA ILE B 114 -68.78 -22.84 3.47
C ILE B 114 -70.17 -23.41 3.71
N VAL B 115 -70.44 -24.63 3.25
CA VAL B 115 -71.80 -25.15 3.27
C VAL B 115 -72.24 -25.55 4.67
N ASP B 116 -71.31 -25.85 5.57
CA ASP B 116 -71.71 -26.16 6.95
C ASP B 116 -72.36 -24.95 7.62
N LEU B 117 -71.75 -23.78 7.47
CA LEU B 117 -72.35 -22.56 7.98
C LEU B 117 -73.70 -22.29 7.32
N ALA B 118 -73.79 -22.53 6.00
CA ALA B 118 -75.04 -22.37 5.28
C ALA B 118 -76.19 -23.16 5.91
N LEU B 119 -75.95 -24.44 6.22
CA LEU B 119 -77.04 -25.27 6.72
C LEU B 119 -77.44 -24.90 8.14
N ASP B 120 -76.51 -24.41 8.96
CA ASP B 120 -76.93 -24.02 10.29
C ASP B 120 -77.51 -22.60 10.32
N ARG B 121 -77.46 -21.88 9.20
CA ARG B 121 -78.36 -20.74 9.04
C ARG B 121 -79.74 -21.18 8.55
N ILE B 122 -79.77 -22.08 7.57
CA ILE B 122 -81.01 -22.69 7.07
C ILE B 122 -81.80 -23.34 8.20
N ARG B 123 -81.10 -23.91 9.18
CA ARG B 123 -81.78 -24.62 10.26
C ARG B 123 -82.74 -23.72 11.03
N LYS B 124 -82.27 -22.57 11.49
CA LYS B 124 -83.15 -21.69 12.25
C LYS B 124 -84.17 -20.93 11.40
N LEU B 125 -83.92 -20.75 10.09
CA LEU B 125 -84.99 -20.26 9.22
C LEU B 125 -86.16 -21.24 9.17
N ALA B 126 -85.85 -22.54 9.00
CA ALA B 126 -86.90 -23.54 9.01
C ALA B 126 -87.57 -23.63 10.37
N ASP B 127 -86.78 -23.48 11.44
CA ASP B 127 -87.31 -23.53 12.80
C ASP B 127 -88.30 -22.38 13.04
N ASN B 128 -87.98 -21.19 12.54
CA ASN B 128 -88.90 -20.06 12.68
C ASN B 128 -90.21 -20.29 11.94
N CYS B 129 -90.17 -21.04 10.83
CA CYS B 129 -91.38 -21.39 10.13
C CYS B 129 -92.17 -22.42 10.92
N THR B 130 -93.45 -22.55 10.57
CA THR B 130 -94.37 -23.45 11.25
C THR B 130 -94.92 -24.53 10.32
N GLY B 131 -95.45 -24.14 9.16
CA GLY B 131 -96.10 -25.05 8.25
C GLY B 131 -95.35 -25.14 6.95
N LEU B 132 -94.02 -25.26 7.03
CA LEU B 132 -93.12 -25.14 5.89
C LEU B 132 -93.62 -25.89 4.66
N GLN B 133 -93.88 -25.14 3.60
CA GLN B 133 -94.27 -25.74 2.33
C GLN B 133 -93.09 -26.41 1.65
N GLY B 134 -92.02 -25.65 1.44
CA GLY B 134 -90.82 -26.21 0.85
C GLY B 134 -89.72 -25.19 0.79
N PHE B 135 -88.74 -25.47 -0.06
CA PHE B 135 -87.63 -24.59 -0.33
C PHE B 135 -87.66 -24.22 -1.80
N LEU B 136 -87.00 -23.13 -2.15
CA LEU B 136 -86.72 -22.89 -3.56
C LEU B 136 -85.32 -22.34 -3.71
N VAL B 137 -84.55 -22.94 -4.62
CA VAL B 137 -83.13 -22.65 -4.78
C VAL B 137 -82.94 -21.98 -6.13
N PHE B 138 -82.01 -21.03 -6.19
CA PHE B 138 -81.71 -20.27 -7.40
C PHE B 138 -80.24 -20.40 -7.73
N ASN B 139 -79.93 -21.01 -8.87
CA ASN B 139 -78.55 -21.19 -9.26
C ASN B 139 -78.48 -21.38 -10.77
N ALA B 140 -77.31 -21.09 -11.32
CA ALA B 140 -76.99 -21.37 -12.71
C ALA B 140 -75.98 -22.51 -12.73
N VAL B 141 -76.25 -23.54 -13.54
CA VAL B 141 -75.38 -24.71 -13.54
C VAL B 141 -74.11 -24.52 -14.36
N GLY B 142 -73.97 -23.40 -15.05
CA GLY B 142 -72.76 -23.20 -15.85
C GLY B 142 -71.54 -22.88 -15.02
N GLY B 143 -71.71 -22.11 -13.94
CA GLY B 143 -70.61 -21.67 -13.12
C GLY B 143 -70.14 -22.74 -12.14
N GLY B 144 -69.30 -22.30 -11.20
CA GLY B 144 -68.79 -23.18 -10.17
C GLY B 144 -69.52 -23.09 -8.84
N THR B 145 -69.77 -21.87 -8.38
CA THR B 145 -70.47 -21.69 -7.10
C THR B 145 -71.89 -22.23 -7.19
N GLY B 146 -72.60 -21.90 -8.27
CA GLY B 146 -73.96 -22.38 -8.43
C GLY B 146 -74.01 -23.88 -8.63
N SER B 147 -73.02 -24.43 -9.32
CA SER B 147 -72.98 -25.86 -9.60
C SER B 147 -72.45 -26.65 -8.41
N GLY B 148 -71.20 -26.39 -8.02
CA GLY B 148 -70.55 -27.22 -7.03
C GLY B 148 -71.24 -27.27 -5.69
N LEU B 149 -71.20 -26.17 -4.93
CA LEU B 149 -71.87 -26.19 -3.64
C LEU B 149 -73.38 -26.19 -3.79
N GLY B 150 -73.89 -25.81 -4.96
CA GLY B 150 -75.28 -26.02 -5.26
C GLY B 150 -75.68 -27.48 -5.14
N SER B 151 -75.02 -28.35 -5.90
CA SER B 151 -75.32 -29.77 -5.81
C SER B 151 -75.03 -30.30 -4.40
N LEU B 152 -73.94 -29.82 -3.79
CA LEU B 152 -73.60 -30.25 -2.43
C LEU B 152 -74.69 -29.87 -1.45
N LEU B 153 -75.17 -28.63 -1.53
CA LEU B 153 -76.22 -28.15 -0.63
C LEU B 153 -77.49 -28.95 -0.83
N LEU B 154 -77.80 -29.32 -2.07
CA LEU B 154 -78.96 -30.16 -2.33
C LEU B 154 -78.83 -31.53 -1.69
N GLU B 155 -77.65 -32.15 -1.78
CA GLU B 155 -77.46 -33.46 -1.15
C GLU B 155 -77.68 -33.38 0.36
N ARG B 156 -77.11 -32.35 1.00
CA ARG B 156 -77.27 -32.24 2.45
C ARG B 156 -78.70 -31.88 2.84
N LEU B 157 -79.41 -31.14 2.00
CA LEU B 157 -80.82 -30.87 2.24
C LEU B 157 -81.65 -32.16 2.16
N SER B 158 -81.29 -33.06 1.24
CA SER B 158 -82.03 -34.30 1.11
C SER B 158 -81.87 -35.21 2.32
N VAL B 159 -80.70 -35.20 2.96
CA VAL B 159 -80.53 -36.00 4.17
C VAL B 159 -81.09 -35.29 5.40
N ASP B 160 -81.26 -33.98 5.35
CA ASP B 160 -81.84 -33.26 6.48
C ASP B 160 -83.36 -33.34 6.49
N TYR B 161 -83.99 -33.08 5.34
CA TYR B 161 -85.44 -33.02 5.26
C TYR B 161 -86.03 -34.12 4.40
N GLY B 162 -85.60 -34.25 3.15
CA GLY B 162 -86.00 -35.34 2.28
C GLY B 162 -87.42 -35.21 1.80
N LYS B 163 -88.37 -35.29 2.74
CA LYS B 163 -89.79 -35.31 2.41
C LYS B 163 -90.31 -33.94 1.96
N LYS B 164 -89.60 -32.86 2.28
CA LYS B 164 -90.06 -31.52 1.98
C LYS B 164 -89.66 -31.13 0.56
N SER B 165 -90.53 -30.36 -0.09
CA SER B 165 -90.31 -29.99 -1.47
C SER B 165 -89.13 -29.03 -1.59
N LYS B 166 -88.39 -29.17 -2.70
CA LYS B 166 -87.21 -28.37 -2.98
C LYS B 166 -87.31 -27.90 -4.42
N LEU B 167 -87.96 -26.76 -4.64
CA LEU B 167 -88.15 -26.20 -5.97
C LEU B 167 -86.83 -25.63 -6.48
N GLY B 168 -86.27 -26.24 -7.52
CA GLY B 168 -85.02 -25.75 -8.03
C GLY B 168 -85.17 -25.10 -9.39
N PHE B 169 -84.98 -23.78 -9.45
CA PHE B 169 -85.11 -23.03 -10.70
C PHE B 169 -83.71 -22.81 -11.21
N THR B 170 -83.27 -23.67 -12.12
CA THR B 170 -81.90 -23.66 -12.58
C THR B 170 -81.79 -23.05 -13.97
N VAL B 171 -80.67 -22.39 -14.22
CA VAL B 171 -80.35 -21.81 -15.52
C VAL B 171 -79.29 -22.70 -16.17
N TYR B 172 -79.62 -23.27 -17.29
CA TYR B 172 -78.63 -24.09 -17.99
C TYR B 172 -77.79 -23.23 -18.90
N PRO B 173 -76.61 -23.69 -19.30
CA PRO B 173 -75.85 -22.96 -20.32
C PRO B 173 -76.56 -23.11 -21.66
N SER B 174 -76.70 -21.98 -22.34
CA SER B 174 -77.35 -21.99 -23.64
C SER B 174 -76.44 -22.64 -24.68
N PRO B 175 -77.01 -23.17 -25.75
CA PRO B 175 -76.20 -23.76 -26.81
C PRO B 175 -75.20 -22.79 -27.40
N GLN B 176 -75.67 -21.66 -27.93
CA GLN B 176 -74.79 -20.72 -28.62
C GLN B 176 -74.35 -19.54 -27.76
N VAL B 177 -75.28 -18.86 -27.10
CA VAL B 177 -74.91 -17.72 -26.27
C VAL B 177 -74.27 -18.26 -25.00
N SER B 178 -72.98 -18.01 -24.81
CA SER B 178 -72.29 -18.53 -23.66
C SER B 178 -71.15 -17.59 -23.27
N THR B 179 -70.84 -17.58 -21.97
CA THR B 179 -69.80 -16.72 -21.43
C THR B 179 -68.57 -17.48 -20.98
N ALA B 180 -68.70 -18.75 -20.64
CA ALA B 180 -67.61 -19.56 -20.15
C ALA B 180 -67.21 -20.59 -21.20
N VAL B 181 -66.24 -21.42 -20.84
CA VAL B 181 -65.69 -22.44 -21.72
C VAL B 181 -65.89 -23.84 -21.16
N VAL B 182 -65.63 -24.02 -19.87
CA VAL B 182 -65.66 -25.34 -19.25
C VAL B 182 -67.04 -25.65 -18.69
N GLU B 183 -68.05 -24.86 -19.06
CA GLU B 183 -69.39 -25.09 -18.54
C GLU B 183 -70.03 -26.42 -18.95
N PRO B 184 -69.62 -27.07 -20.05
CA PRO B 184 -70.07 -28.47 -20.25
C PRO B 184 -69.77 -29.38 -19.07
N TYR B 185 -68.51 -29.40 -18.61
CA TYR B 185 -68.17 -30.18 -17.42
C TYR B 185 -69.04 -29.81 -16.24
N ASN B 186 -69.18 -28.50 -15.99
CA ASN B 186 -69.95 -28.06 -14.84
C ASN B 186 -71.39 -28.57 -14.91
N SER B 187 -71.99 -28.55 -16.10
CA SER B 187 -73.38 -28.95 -16.23
C SER B 187 -73.57 -30.46 -16.01
N VAL B 188 -72.71 -31.29 -16.59
CA VAL B 188 -72.86 -32.74 -16.42
C VAL B 188 -72.65 -33.14 -14.96
N LEU B 189 -71.56 -32.68 -14.34
CA LEU B 189 -71.29 -33.07 -12.96
C LEU B 189 -72.34 -32.54 -12.00
N SER B 190 -72.96 -31.38 -12.33
CA SER B 190 -74.02 -30.85 -11.50
C SER B 190 -75.34 -31.57 -11.73
N THR B 191 -75.66 -31.88 -13.00
CA THR B 191 -76.88 -32.61 -13.30
C THR B 191 -76.93 -33.95 -12.58
N HIS B 192 -75.78 -34.63 -12.51
CA HIS B 192 -75.71 -35.95 -11.88
C HIS B 192 -76.31 -35.97 -10.48
N SER B 193 -76.36 -34.82 -9.80
CA SER B 193 -77.04 -34.70 -8.53
C SER B 193 -78.37 -33.98 -8.65
N LEU B 194 -78.55 -33.15 -9.68
CA LEU B 194 -79.83 -32.51 -9.92
C LEU B 194 -80.92 -33.53 -10.22
N LEU B 195 -80.54 -34.71 -10.72
CA LEU B 195 -81.50 -35.79 -10.93
C LEU B 195 -82.14 -36.23 -9.62
N GLU B 196 -81.33 -36.79 -8.72
CA GLU B 196 -81.83 -37.51 -7.56
C GLU B 196 -81.79 -36.68 -6.28
N HIS B 197 -81.76 -35.37 -6.40
CA HIS B 197 -81.88 -34.60 -5.17
C HIS B 197 -82.98 -33.54 -5.25
N THR B 198 -83.14 -32.88 -6.38
CA THR B 198 -84.23 -31.93 -6.54
C THR B 198 -85.53 -32.67 -6.80
N ASP B 199 -86.61 -32.21 -6.15
CA ASP B 199 -87.92 -32.80 -6.38
C ASP B 199 -88.52 -32.28 -7.68
N VAL B 200 -88.49 -30.97 -7.86
CA VAL B 200 -89.11 -30.28 -8.99
C VAL B 200 -88.12 -29.25 -9.49
N ALA B 201 -87.68 -29.38 -10.75
CA ALA B 201 -86.59 -28.58 -11.27
C ALA B 201 -87.01 -27.99 -12.61
N VAL B 202 -86.91 -26.66 -12.71
CA VAL B 202 -87.37 -25.90 -13.87
C VAL B 202 -86.16 -25.37 -14.59
N MET B 203 -86.09 -25.59 -15.90
CA MET B 203 -84.95 -25.06 -16.64
C MET B 203 -85.29 -23.67 -17.17
N LEU B 204 -84.26 -22.85 -17.28
CA LEU B 204 -84.38 -21.49 -17.76
C LEU B 204 -83.15 -21.25 -18.62
N ASP B 205 -83.34 -21.23 -19.92
CA ASP B 205 -82.23 -20.94 -20.80
C ASP B 205 -81.93 -19.46 -20.76
N ASN B 206 -80.82 -19.08 -21.39
CA ASN B 206 -80.48 -17.68 -21.51
C ASN B 206 -80.85 -17.12 -22.86
N GLU B 207 -80.71 -17.91 -23.94
CA GLU B 207 -81.05 -17.41 -25.26
C GLU B 207 -82.54 -17.11 -25.35
N ALA B 208 -83.36 -17.93 -24.69
CA ALA B 208 -84.80 -17.71 -24.71
C ALA B 208 -85.15 -16.36 -24.11
N ILE B 209 -84.58 -16.03 -22.94
CA ILE B 209 -84.93 -14.76 -22.32
C ILE B 209 -84.40 -13.60 -23.15
N TYR B 210 -83.20 -13.73 -23.70
CA TYR B 210 -82.68 -12.70 -24.59
C TYR B 210 -83.59 -12.49 -25.80
N ASP B 211 -83.98 -13.58 -26.46
CA ASP B 211 -84.80 -13.49 -27.67
C ASP B 211 -86.20 -12.97 -27.38
N ILE B 212 -86.76 -13.30 -26.23
CA ILE B 212 -88.07 -12.77 -25.83
C ILE B 212 -88.01 -11.24 -25.71
N CYS B 213 -87.04 -10.73 -24.95
CA CYS B 213 -86.99 -9.29 -24.73
C CYS B 213 -86.59 -8.52 -25.97
N ARG B 214 -85.97 -9.16 -26.96
CA ARG B 214 -85.71 -8.45 -28.20
C ARG B 214 -86.97 -8.31 -29.03
N ARG B 215 -87.84 -9.32 -29.00
CA ARG B 215 -89.04 -9.34 -29.84
C ARG B 215 -90.21 -8.64 -29.15
N SER B 216 -90.59 -9.11 -27.96
CA SER B 216 -91.80 -8.65 -27.31
C SER B 216 -91.58 -7.39 -26.48
N LEU B 217 -90.60 -7.41 -25.58
CA LEU B 217 -90.30 -6.24 -24.78
C LEU B 217 -89.62 -5.14 -25.57
N ASP B 218 -89.37 -5.37 -26.86
CA ASP B 218 -88.76 -4.47 -27.83
C ASP B 218 -87.61 -3.65 -27.23
N ILE B 219 -86.85 -4.26 -26.34
CA ILE B 219 -85.59 -3.70 -25.87
C ILE B 219 -84.44 -4.35 -26.64
N GLU B 220 -83.82 -3.56 -27.51
CA GLU B 220 -82.81 -4.09 -28.43
C GLU B 220 -81.47 -4.30 -27.75
N ARG B 221 -81.25 -3.67 -26.60
CA ARG B 221 -80.01 -3.80 -25.83
C ARG B 221 -80.38 -4.17 -24.40
N PRO B 222 -80.70 -5.45 -24.14
CA PRO B 222 -81.06 -5.84 -22.77
C PRO B 222 -79.88 -6.33 -21.96
N THR B 223 -79.87 -5.94 -20.69
CA THR B 223 -78.88 -6.37 -19.73
C THR B 223 -79.47 -7.43 -18.82
N TYR B 224 -78.73 -7.79 -17.77
CA TYR B 224 -79.22 -8.77 -16.83
C TYR B 224 -80.38 -8.26 -15.98
N THR B 225 -80.57 -6.95 -15.87
CA THR B 225 -81.60 -6.45 -14.96
C THR B 225 -82.99 -6.89 -15.43
N ASN B 226 -83.26 -6.74 -16.73
CA ASN B 226 -84.57 -7.09 -17.27
C ASN B 226 -84.82 -8.59 -17.20
N LEU B 227 -83.79 -9.39 -17.48
CA LEU B 227 -83.88 -10.84 -17.32
C LEU B 227 -84.37 -11.19 -15.91
N ASN B 228 -83.67 -10.67 -14.90
CA ASN B 228 -84.03 -10.93 -13.51
C ASN B 228 -85.44 -10.45 -13.19
N ARG B 229 -85.86 -9.34 -13.82
CA ARG B 229 -87.20 -8.79 -13.57
C ARG B 229 -88.29 -9.77 -13.98
N LEU B 230 -88.19 -10.35 -15.18
CA LEU B 230 -89.24 -11.24 -15.64
C LEU B 230 -89.21 -12.59 -14.93
N ILE B 231 -88.05 -13.02 -14.45
CA ILE B 231 -87.99 -14.21 -13.63
C ILE B 231 -88.75 -14.02 -12.33
N ALA B 232 -88.61 -12.85 -11.71
CA ALA B 232 -89.39 -12.53 -10.51
C ALA B 232 -90.89 -12.61 -10.77
N GLN B 233 -91.35 -12.15 -11.93
CA GLN B 233 -92.76 -12.27 -12.26
C GLN B 233 -93.22 -13.73 -12.28
N VAL B 234 -92.42 -14.61 -12.88
CA VAL B 234 -92.80 -16.02 -12.93
C VAL B 234 -92.89 -16.59 -11.52
N ILE B 235 -91.88 -16.33 -10.70
CA ILE B 235 -91.85 -16.86 -9.33
C ILE B 235 -93.01 -16.31 -8.54
N SER B 236 -93.27 -15.01 -8.67
CA SER B 236 -94.40 -14.38 -8.00
C SER B 236 -95.72 -14.98 -8.45
N SER B 237 -95.82 -15.37 -9.72
CA SER B 237 -97.07 -15.91 -10.23
C SER B 237 -97.39 -17.28 -9.63
N LEU B 238 -96.39 -18.08 -9.30
CA LEU B 238 -96.70 -19.37 -8.70
C LEU B 238 -96.69 -19.34 -7.18
N THR B 239 -96.32 -18.22 -6.56
CA THR B 239 -96.51 -18.04 -5.14
C THR B 239 -97.72 -17.19 -4.80
N ALA B 240 -98.36 -16.57 -5.80
CA ALA B 240 -99.57 -15.79 -5.55
C ALA B 240 -100.66 -16.65 -4.93
N SER B 241 -100.62 -17.96 -5.19
CA SER B 241 -101.64 -18.86 -4.66
C SER B 241 -101.46 -19.09 -3.16
N LEU B 242 -100.24 -18.97 -2.65
CA LEU B 242 -100.04 -18.98 -1.21
C LEU B 242 -100.38 -17.64 -0.58
N ARG B 243 -100.06 -16.54 -1.26
CA ARG B 243 -100.21 -15.22 -0.66
C ARG B 243 -101.64 -14.71 -0.67
N PHE B 244 -102.36 -14.88 -1.77
CA PHE B 244 -103.69 -14.33 -1.88
C PHE B 244 -104.68 -15.43 -2.25
N ASP B 245 -105.92 -15.26 -1.78
CA ASP B 245 -106.97 -16.22 -2.05
C ASP B 245 -107.46 -16.09 -3.48
N GLY B 246 -107.89 -17.22 -4.05
CA GLY B 246 -108.35 -17.24 -5.42
C GLY B 246 -109.53 -18.18 -5.60
N ALA B 247 -110.10 -18.12 -6.80
CA ALA B 247 -111.26 -18.97 -7.11
C ALA B 247 -110.87 -20.43 -7.26
N LEU B 248 -109.62 -20.71 -7.63
CA LEU B 248 -109.18 -22.10 -7.80
C LEU B 248 -107.67 -22.12 -7.55
N ASN B 249 -107.29 -22.52 -6.34
CA ASN B 249 -105.91 -22.40 -5.89
C ASN B 249 -105.17 -23.72 -6.03
N VAL B 250 -103.86 -23.62 -6.23
CA VAL B 250 -102.96 -24.76 -6.31
C VAL B 250 -101.74 -24.44 -5.46
N ASP B 251 -101.26 -25.42 -4.71
CA ASP B 251 -100.14 -25.20 -3.81
C ASP B 251 -98.86 -25.76 -4.40
N ILE B 252 -97.79 -25.76 -3.60
CA ILE B 252 -96.48 -26.17 -4.06
C ILE B 252 -96.32 -27.68 -4.08
N THR B 253 -97.17 -28.42 -3.37
CA THR B 253 -97.11 -29.88 -3.39
C THR B 253 -98.00 -30.47 -4.47
N GLU B 254 -98.47 -29.66 -5.40
CA GLU B 254 -99.32 -30.12 -6.49
C GLU B 254 -98.51 -30.43 -7.74
N PHE B 255 -97.43 -29.67 -7.95
CA PHE B 255 -96.46 -30.00 -8.99
C PHE B 255 -95.80 -31.34 -8.72
N GLN B 256 -95.48 -31.63 -7.46
CA GLN B 256 -94.96 -32.93 -7.07
C GLN B 256 -95.75 -34.08 -7.69
N THR B 257 -97.08 -33.98 -7.66
CA THR B 257 -97.92 -35.09 -8.03
C THR B 257 -98.40 -35.04 -9.47
N ASN B 258 -98.62 -33.85 -10.01
CA ASN B 258 -99.31 -33.72 -11.29
C ASN B 258 -98.37 -33.50 -12.46
N LEU B 259 -97.11 -33.17 -12.21
CA LEU B 259 -96.18 -32.81 -13.28
C LEU B 259 -95.01 -33.77 -13.40
N VAL B 260 -94.86 -34.71 -12.47
CA VAL B 260 -93.72 -35.64 -12.46
C VAL B 260 -94.23 -37.06 -12.64
N PRO B 261 -94.42 -37.53 -13.88
CA PRO B 261 -94.92 -38.89 -14.09
C PRO B 261 -93.93 -39.99 -13.74
N TYR B 262 -92.65 -39.65 -13.58
CA TYR B 262 -91.63 -40.65 -13.22
C TYR B 262 -90.55 -40.00 -12.36
N PRO B 263 -90.00 -40.74 -11.39
CA PRO B 263 -89.09 -40.12 -10.41
C PRO B 263 -87.83 -39.52 -11.00
N ARG B 264 -87.55 -39.74 -12.29
CA ARG B 264 -86.38 -39.16 -12.93
C ARG B 264 -86.76 -38.19 -14.06
N ILE B 265 -88.04 -37.87 -14.20
CA ILE B 265 -88.49 -36.88 -15.17
C ILE B 265 -89.12 -35.73 -14.40
N HIS B 266 -88.31 -34.74 -14.02
CA HIS B 266 -88.81 -33.49 -13.47
C HIS B 266 -87.96 -32.39 -14.09
N PHE B 267 -88.35 -31.96 -15.29
CA PHE B 267 -87.70 -30.84 -15.97
C PHE B 267 -88.79 -30.13 -16.78
N MET B 268 -89.15 -28.92 -16.35
CA MET B 268 -90.33 -28.25 -16.86
C MET B 268 -89.96 -27.00 -17.66
N LEU B 269 -90.65 -26.83 -18.79
CA LEU B 269 -90.54 -25.63 -19.63
C LEU B 269 -91.46 -24.55 -19.09
N SER B 270 -90.90 -23.43 -18.68
CA SER B 270 -91.69 -22.31 -18.19
C SER B 270 -91.97 -21.33 -19.32
N SER B 271 -93.09 -20.62 -19.19
CA SER B 271 -93.44 -19.58 -20.14
C SER B 271 -94.40 -18.61 -19.46
N TYR B 272 -94.41 -17.37 -19.94
CA TYR B 272 -95.21 -16.31 -19.33
C TYR B 272 -95.96 -15.54 -20.41
N ALA B 273 -97.10 -14.97 -20.01
CA ALA B 273 -97.93 -14.17 -20.90
C ALA B 273 -98.81 -13.28 -20.05
N PRO B 274 -99.08 -12.04 -20.47
CA PRO B 274 -98.57 -11.47 -21.72
C PRO B 274 -97.36 -10.57 -21.53
N ILE B 275 -96.27 -10.87 -22.21
CA ILE B 275 -95.12 -9.97 -22.22
C ILE B 275 -95.40 -8.88 -23.25
N ILE B 276 -95.96 -7.77 -22.80
CA ILE B 276 -96.45 -6.71 -23.67
C ILE B 276 -95.92 -5.38 -23.18
N SER B 277 -95.53 -4.52 -24.12
CA SER B 277 -94.93 -3.26 -23.75
C SER B 277 -95.99 -2.22 -23.39
N ALA B 278 -95.52 -1.10 -22.83
CA ALA B 278 -96.43 -0.10 -22.27
C ALA B 278 -97.35 0.47 -23.33
N GLU B 279 -96.84 0.71 -24.52
CA GLU B 279 -97.64 1.40 -25.54
C GLU B 279 -98.62 0.46 -26.22
N LYS B 280 -98.18 -0.75 -26.58
CA LYS B 280 -99.10 -1.73 -27.15
C LYS B 280 -100.21 -2.12 -26.18
N ALA B 281 -99.99 -1.94 -24.88
CA ALA B 281 -101.03 -2.25 -23.90
C ALA B 281 -102.31 -1.50 -24.25
N TYR B 282 -102.19 -0.18 -24.51
CA TYR B 282 -103.35 0.59 -24.95
C TYR B 282 -104.04 -0.06 -26.14
N HIS B 283 -103.26 -0.59 -27.10
CA HIS B 283 -103.84 -0.95 -28.38
C HIS B 283 -104.50 -2.32 -28.36
N GLU B 284 -104.02 -3.26 -27.56
CA GLU B 284 -104.60 -4.60 -27.54
C GLU B 284 -105.22 -4.86 -26.18
N GLN B 285 -106.49 -5.28 -26.19
CA GLN B 285 -107.13 -5.80 -25.00
C GLN B 285 -106.67 -7.23 -24.76
N LEU B 286 -106.46 -7.58 -23.50
CA LEU B 286 -105.87 -8.87 -23.14
C LEU B 286 -106.90 -9.65 -22.35
N SER B 287 -107.74 -10.40 -23.07
CA SER B 287 -108.72 -11.29 -22.46
C SER B 287 -108.12 -12.68 -22.29
N VAL B 288 -108.91 -13.58 -21.70
CA VAL B 288 -108.40 -14.91 -21.35
C VAL B 288 -108.20 -15.78 -22.59
N ALA B 289 -109.04 -15.62 -23.62
CA ALA B 289 -108.94 -16.48 -24.79
C ALA B 289 -107.58 -16.34 -25.48
N GLU B 290 -107.18 -15.11 -25.79
CA GLU B 290 -105.94 -14.90 -26.54
C GLU B 290 -104.70 -15.20 -25.72
N ILE B 291 -104.77 -15.01 -24.40
CA ILE B 291 -103.61 -15.28 -23.55
C ILE B 291 -103.40 -16.76 -23.33
N THR B 292 -104.47 -17.56 -23.32
CA THR B 292 -104.29 -19.01 -23.24
C THR B 292 -103.63 -19.55 -24.49
N ASN B 293 -103.92 -18.95 -25.64
CA ASN B 293 -103.18 -19.25 -26.86
C ASN B 293 -101.71 -18.90 -26.71
N ALA B 294 -101.42 -17.63 -26.37
CA ALA B 294 -100.06 -17.14 -26.23
C ALA B 294 -99.19 -17.93 -25.25
N ALA B 295 -99.79 -18.66 -24.31
CA ALA B 295 -98.97 -19.42 -23.37
C ALA B 295 -98.34 -20.67 -23.98
N PHE B 296 -98.68 -21.04 -25.22
CA PHE B 296 -98.18 -22.26 -25.82
C PHE B 296 -97.26 -22.07 -27.02
N GLU B 297 -97.26 -20.91 -27.64
CA GLU B 297 -96.37 -20.70 -28.78
C GLU B 297 -94.92 -20.67 -28.32
N PRO B 298 -94.01 -21.37 -29.02
CA PRO B 298 -92.60 -21.39 -28.61
C PRO B 298 -91.92 -20.02 -28.65
N ALA B 299 -92.53 -19.00 -29.24
CA ALA B 299 -91.93 -17.68 -29.26
C ALA B 299 -92.07 -16.94 -27.93
N SER B 300 -92.61 -17.60 -26.91
CA SER B 300 -92.81 -17.03 -25.58
C SER B 300 -92.42 -18.02 -24.48
N MET B 301 -91.43 -18.87 -24.73
CA MET B 301 -91.00 -19.86 -23.77
C MET B 301 -89.69 -19.41 -23.10
N MET B 302 -89.42 -20.00 -21.93
CA MET B 302 -88.26 -19.62 -21.15
C MET B 302 -87.06 -20.51 -21.40
N VAL B 303 -87.15 -21.46 -22.31
CA VAL B 303 -86.03 -22.31 -22.66
C VAL B 303 -86.00 -22.47 -24.18
N LYS B 304 -84.85 -22.19 -24.79
CA LYS B 304 -84.75 -22.23 -26.24
C LYS B 304 -84.71 -23.69 -26.64
N CYS B 305 -85.89 -24.27 -26.86
CA CYS B 305 -86.05 -25.63 -27.34
C CYS B 305 -87.42 -25.71 -28.00
N ASP B 306 -87.57 -26.69 -28.89
CA ASP B 306 -88.80 -26.82 -29.67
C ASP B 306 -89.67 -27.95 -29.16
N PRO B 307 -90.76 -27.67 -28.44
CA PRO B 307 -91.65 -28.74 -27.97
C PRO B 307 -92.44 -29.41 -29.08
N ARG B 308 -92.42 -28.87 -30.29
CA ARG B 308 -93.06 -29.53 -31.42
C ARG B 308 -92.38 -30.86 -31.73
N HIS B 309 -91.11 -31.00 -31.39
CA HIS B 309 -90.46 -32.28 -31.59
C HIS B 309 -90.89 -33.31 -30.57
N GLY B 310 -91.55 -32.89 -29.50
CA GLY B 310 -91.94 -33.76 -28.42
C GLY B 310 -93.45 -33.80 -28.21
N LYS B 311 -93.86 -34.61 -27.23
CA LYS B 311 -95.25 -34.74 -26.84
C LYS B 311 -95.40 -34.40 -25.36
N TYR B 312 -96.42 -33.62 -25.04
CA TYR B 312 -96.63 -33.15 -23.68
C TYR B 312 -97.08 -34.30 -22.79
N MET B 313 -96.63 -34.30 -21.54
CA MET B 313 -97.11 -35.24 -20.53
C MET B 313 -98.22 -34.61 -19.68
N ALA B 314 -97.93 -33.46 -19.08
CA ALA B 314 -98.90 -32.75 -18.26
C ALA B 314 -98.49 -31.30 -18.19
N CYS B 315 -99.49 -30.43 -18.10
CA CYS B 315 -99.28 -28.99 -18.09
C CYS B 315 -100.00 -28.37 -16.90
N CYS B 316 -99.44 -27.27 -16.40
CA CYS B 316 -100.06 -26.50 -15.34
C CYS B 316 -100.22 -25.07 -15.81
N LEU B 317 -101.32 -24.44 -15.42
CA LEU B 317 -101.69 -23.11 -15.93
C LEU B 317 -102.04 -22.18 -14.76
N MET B 318 -101.13 -21.27 -14.42
CA MET B 318 -101.45 -20.19 -13.50
C MET B 318 -102.12 -19.05 -14.24
N TYR B 319 -103.27 -18.61 -13.71
CA TYR B 319 -103.98 -17.47 -14.24
C TYR B 319 -104.04 -16.42 -13.14
N ARG B 320 -103.81 -15.16 -13.48
CA ARG B 320 -103.83 -14.10 -12.50
C ARG B 320 -104.73 -12.97 -12.97
N GLY B 321 -105.55 -12.45 -12.05
CA GLY B 321 -106.35 -11.28 -12.35
C GLY B 321 -107.83 -11.60 -12.34
N ASP B 322 -108.61 -10.88 -13.14
CA ASP B 322 -110.06 -11.12 -13.22
C ASP B 322 -110.33 -12.19 -14.27
N VAL B 323 -110.20 -13.44 -13.84
CA VAL B 323 -110.44 -14.61 -14.68
C VAL B 323 -111.49 -15.46 -13.99
N VAL B 324 -112.58 -15.74 -14.69
CA VAL B 324 -113.59 -16.66 -14.19
C VAL B 324 -113.31 -18.05 -14.74
N PRO B 325 -113.67 -19.12 -14.02
CA PRO B 325 -113.37 -20.47 -14.51
C PRO B 325 -114.09 -20.85 -15.80
N LYS B 326 -115.20 -20.18 -16.11
CA LYS B 326 -115.98 -20.51 -17.30
C LYS B 326 -115.14 -20.46 -18.57
N ASP B 327 -114.61 -19.28 -18.91
CA ASP B 327 -113.97 -19.11 -20.20
C ASP B 327 -112.58 -19.71 -20.27
N VAL B 328 -111.86 -19.78 -19.15
CA VAL B 328 -110.57 -20.45 -19.16
C VAL B 328 -110.73 -21.95 -19.40
N ASN B 329 -111.76 -22.57 -18.82
CA ASN B 329 -112.01 -23.97 -19.09
C ASN B 329 -112.39 -24.18 -20.55
N ALA B 330 -113.19 -23.28 -21.10
CA ALA B 330 -113.54 -23.37 -22.52
C ALA B 330 -112.29 -23.27 -23.39
N SER B 331 -111.37 -22.37 -23.04
CA SER B 331 -110.15 -22.20 -23.82
C SER B 331 -109.25 -23.43 -23.74
N VAL B 332 -109.13 -24.04 -22.56
CA VAL B 332 -108.35 -25.28 -22.43
C VAL B 332 -108.93 -26.38 -23.30
N ALA B 333 -110.26 -26.45 -23.39
CA ALA B 333 -110.90 -27.41 -24.28
C ALA B 333 -110.49 -27.13 -25.73
N THR B 334 -110.51 -25.86 -26.12
CA THR B 334 -110.13 -25.48 -27.48
C THR B 334 -108.70 -25.88 -27.82
N ILE B 335 -107.78 -25.74 -26.85
CA ILE B 335 -106.39 -26.09 -27.09
C ILE B 335 -106.23 -27.59 -27.32
N LYS B 336 -106.87 -28.42 -26.50
CA LYS B 336 -106.73 -29.87 -26.63
C LYS B 336 -107.31 -30.39 -27.94
N THR B 337 -108.34 -29.76 -28.48
CA THR B 337 -108.89 -30.26 -29.74
C THR B 337 -108.10 -29.81 -30.96
N LYS B 338 -107.28 -28.78 -30.85
CA LYS B 338 -106.38 -28.42 -31.94
C LYS B 338 -105.31 -29.50 -32.10
N ARG B 339 -104.60 -29.46 -33.23
CA ARG B 339 -103.65 -30.51 -33.57
C ARG B 339 -102.27 -29.97 -33.94
N THR B 340 -102.03 -28.66 -33.79
CA THR B 340 -100.65 -28.18 -33.95
C THR B 340 -99.78 -28.58 -32.77
N ILE B 341 -100.39 -28.94 -31.64
CA ILE B 341 -99.71 -29.49 -30.48
C ILE B 341 -100.41 -30.79 -30.10
N GLN B 342 -99.66 -31.71 -29.52
CA GLN B 342 -100.20 -33.03 -29.24
C GLN B 342 -99.76 -33.50 -27.86
N PHE B 343 -100.52 -34.44 -27.32
CA PHE B 343 -100.30 -35.00 -25.99
C PHE B 343 -99.89 -36.47 -26.06
N VAL B 344 -99.26 -36.94 -24.98
CA VAL B 344 -98.94 -38.35 -24.85
C VAL B 344 -100.24 -39.15 -24.76
N ASP B 345 -100.23 -40.34 -25.35
CA ASP B 345 -101.46 -41.14 -25.46
C ASP B 345 -101.99 -41.53 -24.08
N TRP B 346 -101.14 -42.09 -23.21
CA TRP B 346 -101.68 -42.67 -22.00
C TRP B 346 -102.23 -41.61 -21.05
N CYS B 347 -101.93 -40.34 -21.27
CA CYS B 347 -102.46 -39.27 -20.43
C CYS B 347 -103.60 -38.58 -21.17
N PRO B 348 -104.84 -38.85 -20.82
CA PRO B 348 -105.96 -38.26 -21.58
C PRO B 348 -106.12 -36.78 -21.31
N THR B 349 -106.08 -36.40 -20.04
CA THR B 349 -106.15 -35.00 -19.65
C THR B 349 -104.74 -34.54 -19.27
N GLY B 350 -104.26 -33.50 -19.96
CA GLY B 350 -102.89 -33.07 -19.84
C GLY B 350 -102.70 -31.78 -19.09
N PHE B 351 -103.73 -31.28 -18.41
CA PHE B 351 -103.73 -29.95 -17.85
C PHE B 351 -104.02 -29.98 -16.35
N LYS B 352 -103.57 -28.92 -15.70
CA LYS B 352 -104.00 -28.57 -14.35
C LYS B 352 -104.09 -27.06 -14.32
N CYS B 353 -105.29 -26.52 -14.20
CA CYS B 353 -105.50 -25.08 -14.25
C CYS B 353 -105.56 -24.48 -12.85
N GLY B 354 -105.31 -23.17 -12.78
CA GLY B 354 -105.45 -22.44 -11.54
C GLY B 354 -105.66 -20.95 -11.72
N ILE B 355 -106.59 -20.38 -10.95
CA ILE B 355 -106.97 -18.97 -11.08
C ILE B 355 -106.79 -18.31 -9.73
N ASN B 356 -106.20 -17.13 -9.72
CA ASN B 356 -106.01 -16.35 -8.50
C ASN B 356 -106.39 -14.90 -8.79
N TYR B 357 -106.82 -14.19 -7.75
CA TYR B 357 -107.50 -12.93 -8.00
C TYR B 357 -106.53 -11.78 -8.22
N GLN B 358 -105.36 -11.78 -7.58
CA GLN B 358 -104.59 -10.55 -7.67
C GLN B 358 -103.92 -10.43 -9.04
N PRO B 359 -103.97 -9.25 -9.65
CA PRO B 359 -103.22 -9.01 -10.89
C PRO B 359 -101.75 -8.79 -10.59
N PRO B 360 -100.87 -9.02 -11.56
CA PRO B 360 -99.46 -8.74 -11.33
C PRO B 360 -99.22 -7.24 -11.36
N THR B 361 -98.43 -6.76 -10.42
CA THR B 361 -98.16 -5.35 -10.28
C THR B 361 -96.96 -4.94 -11.13
N VAL B 362 -96.69 -3.63 -11.15
CA VAL B 362 -95.57 -3.10 -11.90
C VAL B 362 -94.58 -2.52 -10.89
N VAL B 363 -93.30 -2.62 -11.23
CA VAL B 363 -92.24 -1.97 -10.46
C VAL B 363 -91.82 -0.72 -11.21
N PRO B 364 -91.46 0.37 -10.53
CA PRO B 364 -91.04 1.56 -11.25
C PRO B 364 -89.71 1.30 -11.95
N GLY B 365 -89.58 1.79 -13.17
CA GLY B 365 -88.42 1.53 -13.98
C GLY B 365 -88.44 0.23 -14.73
N GLY B 366 -89.31 -0.71 -14.34
CA GLY B 366 -89.42 -1.96 -15.03
C GLY B 366 -90.03 -1.77 -16.41
N ASP B 367 -89.92 -2.82 -17.23
CA ASP B 367 -90.38 -2.72 -18.61
C ASP B 367 -91.69 -3.46 -18.86
N LEU B 368 -92.30 -4.06 -17.85
CA LEU B 368 -93.59 -4.72 -18.01
C LEU B 368 -94.74 -3.75 -17.85
N ALA B 369 -95.67 -3.78 -18.81
CA ALA B 369 -96.83 -2.91 -18.77
C ALA B 369 -97.79 -3.40 -17.69
N LYS B 370 -98.75 -2.53 -17.34
CA LYS B 370 -99.78 -2.90 -16.38
C LYS B 370 -100.90 -3.62 -17.08
N VAL B 371 -101.18 -4.84 -16.67
CA VAL B 371 -102.05 -5.74 -17.42
C VAL B 371 -103.25 -6.10 -16.57
N GLN B 372 -104.38 -6.28 -17.24
CA GLN B 372 -105.58 -6.78 -16.56
C GLN B 372 -105.32 -8.15 -15.95
N ARG B 373 -104.80 -9.07 -16.76
CA ARG B 373 -104.65 -10.46 -16.35
C ARG B 373 -103.45 -11.08 -17.05
N ALA B 374 -102.85 -12.08 -16.39
CA ALA B 374 -101.65 -12.72 -16.92
C ALA B 374 -101.72 -14.23 -16.71
N VAL B 375 -100.93 -14.95 -17.51
CA VAL B 375 -100.84 -16.40 -17.45
C VAL B 375 -99.39 -16.82 -17.30
N CYS B 376 -99.14 -17.78 -16.41
CA CYS B 376 -97.84 -18.43 -16.28
C CYS B 376 -98.03 -19.93 -16.49
N MET B 377 -97.44 -20.44 -17.57
CA MET B 377 -97.57 -21.85 -17.93
C MET B 377 -96.31 -22.63 -17.54
N ILE B 378 -96.49 -23.78 -16.90
CA ILE B 378 -95.39 -24.68 -16.54
C ILE B 378 -95.73 -26.09 -17.04
N SER B 379 -95.10 -26.51 -18.13
CA SER B 379 -95.41 -27.78 -18.78
C SER B 379 -94.28 -28.78 -18.61
N ASN B 380 -94.51 -29.98 -19.12
CA ASN B 380 -93.51 -31.04 -19.11
C ASN B 380 -93.62 -31.78 -20.42
N SER B 381 -92.48 -32.03 -21.06
CA SER B 381 -92.50 -32.57 -22.41
C SER B 381 -91.24 -33.41 -22.62
N THR B 382 -90.96 -33.73 -23.88
CA THR B 382 -89.82 -34.55 -24.22
C THR B 382 -88.76 -33.80 -25.03
N ALA B 383 -89.06 -32.57 -25.45
CA ALA B 383 -88.06 -31.71 -26.06
C ALA B 383 -86.86 -31.51 -25.13
N ILE B 384 -87.07 -31.71 -23.83
CA ILE B 384 -85.97 -31.67 -22.85
C ILE B 384 -84.93 -32.73 -23.19
N GLY B 385 -85.35 -33.86 -23.73
CA GLY B 385 -84.42 -34.88 -24.17
C GLY B 385 -83.50 -34.44 -25.30
N GLU B 386 -83.93 -33.50 -26.14
CA GLU B 386 -83.02 -33.00 -27.17
C GLU B 386 -81.89 -32.17 -26.57
N ILE B 387 -82.18 -31.37 -25.53
CA ILE B 387 -81.14 -30.57 -24.90
C ILE B 387 -80.04 -31.44 -24.33
N PHE B 388 -80.40 -32.54 -23.66
CA PHE B 388 -79.39 -33.41 -23.07
C PHE B 388 -78.48 -34.02 -24.13
N SER B 389 -79.05 -34.46 -25.26
CA SER B 389 -78.22 -35.00 -26.33
C SER B 389 -77.32 -33.90 -26.93
N ARG B 390 -77.88 -32.72 -27.17
CA ARG B 390 -77.08 -31.60 -27.67
C ARG B 390 -75.92 -31.29 -26.74
N LEU B 391 -76.15 -31.41 -25.43
CA LEU B 391 -75.11 -31.15 -24.44
C LEU B 391 -74.07 -32.27 -24.45
N ASP B 392 -74.51 -33.51 -24.62
CA ASP B 392 -73.58 -34.64 -24.64
C ASP B 392 -72.57 -34.55 -25.77
N HIS B 393 -72.97 -34.01 -26.93
CA HIS B 393 -72.05 -33.92 -28.05
C HIS B 393 -70.83 -33.06 -27.72
N LYS B 394 -71.06 -31.82 -27.27
CA LYS B 394 -69.96 -30.92 -26.95
C LYS B 394 -69.28 -31.18 -25.61
N PHE B 395 -69.90 -31.93 -24.69
CA PHE B 395 -69.15 -32.39 -23.54
C PHE B 395 -68.14 -33.46 -23.92
N ASP B 396 -68.60 -34.48 -24.66
CA ASP B 396 -67.72 -35.56 -25.12
C ASP B 396 -66.70 -35.04 -26.11
N LEU B 397 -67.08 -34.08 -26.94
CA LEU B 397 -66.19 -33.51 -27.95
C LEU B 397 -64.89 -33.00 -27.32
N MET B 398 -64.99 -32.35 -26.16
CA MET B 398 -63.79 -31.86 -25.49
C MET B 398 -63.15 -32.92 -24.61
N TYR B 399 -63.95 -33.80 -24.02
CA TYR B 399 -63.43 -34.82 -23.11
C TYR B 399 -62.65 -35.92 -23.82
N ALA B 400 -62.83 -36.09 -25.13
CA ALA B 400 -62.16 -37.19 -25.82
C ALA B 400 -60.64 -37.04 -25.83
N LYS B 401 -60.13 -35.82 -25.62
CA LYS B 401 -58.69 -35.60 -25.51
C LYS B 401 -58.28 -35.16 -24.11
N ARG B 402 -59.17 -35.32 -23.14
CA ARG B 402 -58.94 -34.93 -21.75
C ARG B 402 -58.60 -33.45 -21.61
N ALA B 403 -59.32 -32.60 -22.33
CA ALA B 403 -59.10 -31.17 -22.22
C ALA B 403 -59.67 -30.64 -20.90
N PHE B 404 -58.90 -29.79 -20.23
CA PHE B 404 -59.25 -29.08 -19.00
C PHE B 404 -59.44 -30.00 -17.79
N VAL B 405 -59.32 -31.32 -17.96
CA VAL B 405 -59.55 -32.22 -16.85
C VAL B 405 -58.46 -32.11 -15.80
N HIS B 406 -57.31 -31.54 -16.16
CA HIS B 406 -56.20 -31.47 -15.23
C HIS B 406 -56.52 -30.58 -14.04
N TRP B 407 -57.30 -29.51 -14.25
CA TRP B 407 -57.72 -28.68 -13.11
C TRP B 407 -58.58 -29.46 -12.15
N TYR B 408 -59.60 -30.15 -12.65
CA TYR B 408 -60.51 -30.86 -11.78
C TYR B 408 -59.82 -32.01 -11.05
N VAL B 409 -58.93 -32.73 -11.75
CA VAL B 409 -58.25 -33.86 -11.11
C VAL B 409 -57.27 -33.38 -10.05
N GLY B 410 -56.58 -32.28 -10.31
CA GLY B 410 -55.70 -31.71 -9.31
C GLY B 410 -56.43 -31.13 -8.11
N GLU B 411 -57.67 -30.66 -8.33
CA GLU B 411 -58.51 -30.16 -7.26
C GLU B 411 -59.19 -31.25 -6.44
N GLY B 412 -59.16 -32.50 -6.88
CA GLY B 412 -59.59 -33.57 -6.00
C GLY B 412 -60.43 -34.64 -6.65
N MET B 413 -60.64 -34.56 -7.94
CA MET B 413 -61.45 -35.52 -8.67
C MET B 413 -60.55 -36.54 -9.37
N GLU B 414 -61.18 -37.50 -10.03
CA GLU B 414 -60.46 -38.59 -10.69
C GLU B 414 -61.14 -38.90 -12.01
N GLU B 415 -60.81 -40.04 -12.60
CA GLU B 415 -61.42 -40.43 -13.87
C GLU B 415 -62.75 -41.15 -13.70
N GLY B 416 -63.04 -41.65 -12.49
CA GLY B 416 -64.23 -42.45 -12.31
C GLY B 416 -65.53 -41.68 -12.51
N GLU B 417 -65.61 -40.49 -11.91
CA GLU B 417 -66.83 -39.70 -12.03
C GLU B 417 -67.06 -39.10 -13.41
N PHE B 418 -66.02 -38.76 -14.16
CA PHE B 418 -66.28 -38.38 -15.54
C PHE B 418 -66.96 -39.51 -16.30
N SER B 419 -66.35 -40.70 -16.31
CA SER B 419 -66.94 -41.81 -17.03
C SER B 419 -68.30 -42.19 -16.45
N GLU B 420 -68.40 -42.28 -15.12
CA GLU B 420 -69.64 -42.77 -14.51
C GLU B 420 -70.78 -41.75 -14.59
N ALA B 421 -70.46 -40.45 -14.43
CA ALA B 421 -71.50 -39.43 -14.57
C ALA B 421 -71.93 -39.28 -16.01
N ARG B 422 -70.99 -39.37 -16.96
CA ARG B 422 -71.33 -39.27 -18.36
C ARG B 422 -72.32 -40.38 -18.73
N GLU B 423 -72.01 -41.62 -18.34
CA GLU B 423 -72.90 -42.73 -18.67
C GLU B 423 -74.21 -42.67 -17.90
N ASP B 424 -74.23 -42.05 -16.71
CA ASP B 424 -75.49 -41.87 -16.00
C ASP B 424 -76.41 -40.92 -16.76
N LEU B 425 -75.88 -39.81 -17.26
CA LEU B 425 -76.68 -38.93 -18.12
C LEU B 425 -77.12 -39.65 -19.38
N ALA B 426 -76.29 -40.55 -19.91
CA ALA B 426 -76.69 -41.34 -21.08
C ALA B 426 -77.88 -42.21 -20.73
N ALA B 427 -77.88 -42.82 -19.54
CA ALA B 427 -79.01 -43.61 -19.08
C ALA B 427 -80.27 -42.75 -19.03
N LEU B 428 -80.12 -41.51 -18.57
CA LEU B 428 -81.23 -40.57 -18.50
C LEU B 428 -81.80 -40.29 -19.90
N GLU B 429 -80.93 -40.19 -20.91
CA GLU B 429 -81.42 -40.07 -22.28
C GLU B 429 -82.35 -41.24 -22.62
N LYS B 430 -81.91 -42.46 -22.34
CA LYS B 430 -82.75 -43.64 -22.59
C LYS B 430 -84.09 -43.57 -21.86
N ASP B 431 -84.11 -43.01 -20.65
CA ASP B 431 -85.36 -42.93 -19.91
C ASP B 431 -86.37 -42.05 -20.63
N PHE B 432 -85.96 -40.85 -21.06
CA PHE B 432 -86.88 -40.00 -21.80
C PHE B 432 -87.35 -40.67 -23.08
N GLU B 433 -86.43 -41.30 -23.82
CA GLU B 433 -86.78 -41.97 -25.08
C GLU B 433 -87.78 -43.10 -24.88
N GLU B 434 -87.55 -43.96 -23.87
CA GLU B 434 -88.45 -45.09 -23.66
C GLU B 434 -89.86 -44.65 -23.30
N VAL B 435 -90.00 -43.64 -22.45
CA VAL B 435 -91.32 -43.15 -22.08
C VAL B 435 -92.07 -42.63 -23.31
N GLY B 436 -91.39 -41.90 -24.19
CA GLY B 436 -92.05 -41.43 -25.39
C GLY B 436 -92.65 -42.54 -26.23
N ALA B 437 -91.95 -43.66 -26.35
CA ALA B 437 -92.40 -44.75 -27.20
C ALA B 437 -93.72 -45.33 -26.69
N GLU B 438 -94.63 -45.62 -27.61
CA GLU B 438 -95.88 -46.28 -27.25
C GLU B 438 -95.67 -47.79 -27.13
N MET C 1 -59.47 -7.13 0.44
CA MET C 1 -59.94 -8.50 0.27
C MET C 1 -58.79 -9.34 -0.29
N ARG C 2 -58.88 -9.75 -1.55
CA ARG C 2 -57.81 -10.47 -2.22
C ARG C 2 -56.70 -9.50 -2.65
N GLU C 3 -55.45 -9.86 -2.37
CA GLU C 3 -54.32 -8.94 -2.48
C GLU C 3 -53.27 -9.48 -3.44
N ILE C 4 -52.66 -8.57 -4.21
CA ILE C 4 -51.62 -8.88 -5.18
C ILE C 4 -50.43 -7.98 -4.88
N VAL C 5 -49.30 -8.59 -4.57
CA VAL C 5 -48.07 -7.81 -4.41
C VAL C 5 -47.42 -7.67 -5.77
N HIS C 6 -46.63 -6.61 -5.92
CA HIS C 6 -46.02 -6.26 -7.20
C HIS C 6 -44.52 -6.34 -7.10
N ILE C 7 -43.89 -6.98 -8.08
CA ILE C 7 -42.45 -7.19 -8.09
C ILE C 7 -41.92 -6.75 -9.45
N GLN C 8 -41.02 -5.78 -9.45
CA GLN C 8 -40.45 -5.22 -10.67
C GLN C 8 -38.96 -5.52 -10.67
N GLY C 9 -38.47 -6.12 -11.75
CA GLY C 9 -37.08 -6.50 -11.86
C GLY C 9 -36.38 -5.83 -13.01
N GLY C 10 -35.14 -5.41 -12.78
CA GLY C 10 -34.33 -4.83 -13.83
C GLY C 10 -34.82 -3.46 -14.27
N GLN C 11 -34.11 -2.90 -15.24
CA GLN C 11 -34.44 -1.56 -15.73
C GLN C 11 -35.79 -1.55 -16.40
N CYS C 12 -36.04 -2.51 -17.29
CA CYS C 12 -37.33 -2.57 -17.97
C CYS C 12 -38.47 -2.76 -16.98
N GLY C 13 -38.28 -3.65 -16.01
CA GLY C 13 -39.31 -3.87 -15.01
C GLY C 13 -39.58 -2.64 -14.15
N ASN C 14 -38.52 -1.92 -13.78
CA ASN C 14 -38.69 -0.78 -12.89
C ASN C 14 -39.44 0.36 -13.56
N GLN C 15 -39.11 0.67 -14.81
CA GLN C 15 -39.75 1.78 -15.51
C GLN C 15 -41.18 1.43 -15.90
N ILE C 16 -41.43 0.17 -16.26
CA ILE C 16 -42.81 -0.26 -16.54
C ILE C 16 -43.70 -0.05 -15.32
N GLY C 17 -43.22 -0.47 -14.16
CA GLY C 17 -43.97 -0.34 -12.93
C GLY C 17 -44.17 1.09 -12.42
N ALA C 18 -43.21 1.97 -12.69
CA ALA C 18 -43.38 3.37 -12.30
C ALA C 18 -44.59 3.99 -12.96
N LYS C 19 -44.74 3.81 -14.28
CA LYS C 19 -45.93 4.32 -14.94
C LYS C 19 -47.17 3.57 -14.48
N PHE C 20 -47.03 2.30 -14.10
CA PHE C 20 -48.16 1.53 -13.60
C PHE C 20 -48.73 2.11 -12.31
N TRP C 21 -47.87 2.45 -11.35
CA TRP C 21 -48.39 2.98 -10.10
C TRP C 21 -48.97 4.39 -10.27
N GLU C 22 -48.42 5.18 -11.19
CA GLU C 22 -49.02 6.47 -11.50
C GLU C 22 -50.43 6.32 -12.05
N VAL C 23 -50.61 5.45 -13.06
CA VAL C 23 -51.93 5.29 -13.66
C VAL C 23 -52.92 4.74 -12.64
N VAL C 24 -52.50 3.77 -11.83
CA VAL C 24 -53.41 3.16 -10.86
C VAL C 24 -53.83 4.18 -9.81
N SER C 25 -52.86 4.94 -9.28
CA SER C 25 -53.16 5.94 -8.26
C SER C 25 -54.14 6.99 -8.79
N ASP C 26 -54.01 7.36 -10.06
CA ASP C 26 -54.97 8.26 -10.67
C ASP C 26 -56.37 7.64 -10.71
N GLU C 27 -56.45 6.33 -10.90
CA GLU C 27 -57.76 5.69 -10.92
C GLU C 27 -58.43 5.72 -9.56
N HIS C 28 -57.65 5.62 -8.48
CA HIS C 28 -58.20 5.61 -7.14
C HIS C 28 -58.16 6.97 -6.45
N GLY C 29 -57.61 8.00 -7.09
CA GLY C 29 -57.67 9.32 -6.51
C GLY C 29 -56.67 9.61 -5.41
N ILE C 30 -55.46 9.07 -5.51
CA ILE C 30 -54.38 9.38 -4.57
C ILE C 30 -53.39 10.32 -5.25
N ASP C 31 -53.14 11.46 -4.62
CA ASP C 31 -52.22 12.45 -5.15
C ASP C 31 -50.77 11.99 -4.96
N PRO C 32 -49.82 12.62 -5.65
CA PRO C 32 -48.42 12.14 -5.58
C PRO C 32 -47.84 12.16 -4.19
N THR C 33 -48.42 12.92 -3.26
CA THR C 33 -47.93 12.91 -1.90
C THR C 33 -48.46 11.73 -1.09
N GLY C 34 -49.43 10.99 -1.61
CA GLY C 34 -49.88 9.78 -0.99
C GLY C 34 -51.10 9.92 -0.11
N THR C 35 -51.94 10.92 -0.34
CA THR C 35 -53.15 11.11 0.44
C THR C 35 -54.39 10.93 -0.44
N TYR C 36 -55.51 10.63 0.21
CA TYR C 36 -56.77 10.40 -0.47
C TYR C 36 -57.48 11.72 -0.76
N HIS C 37 -57.97 11.85 -1.99
CA HIS C 37 -58.73 13.03 -2.39
C HIS C 37 -59.90 12.69 -3.28
N GLY C 38 -60.31 11.43 -3.34
CA GLY C 38 -61.42 11.04 -4.18
C GLY C 38 -62.77 11.48 -3.63
N ASP C 39 -63.80 11.22 -4.42
CA ASP C 39 -65.17 11.61 -4.10
C ASP C 39 -66.09 10.41 -3.91
N SER C 40 -66.06 9.45 -4.82
CA SER C 40 -66.96 8.31 -4.77
C SER C 40 -66.49 7.30 -3.73
N ASP C 41 -67.45 6.61 -3.12
CA ASP C 41 -67.10 5.57 -2.17
C ASP C 41 -66.53 4.35 -2.85
N LEU C 42 -66.75 4.22 -4.16
CA LEU C 42 -66.28 3.04 -4.88
C LEU C 42 -64.77 3.04 -5.01
N GLN C 43 -64.12 4.19 -4.79
CA GLN C 43 -62.66 4.25 -4.87
C GLN C 43 -62.01 3.87 -3.57
N LEU C 44 -62.63 4.20 -2.44
CA LEU C 44 -62.05 3.89 -1.14
C LEU C 44 -62.27 2.46 -0.71
N GLU C 45 -63.24 1.75 -1.29
CA GLU C 45 -63.60 0.45 -0.77
C GLU C 45 -62.70 -0.68 -1.24
N ARG C 46 -61.90 -0.46 -2.30
CA ARG C 46 -61.09 -1.53 -2.87
C ARG C 46 -59.68 -1.04 -3.14
N ILE C 47 -59.07 -0.34 -2.18
CA ILE C 47 -57.67 0.03 -2.29
C ILE C 47 -56.78 -0.90 -1.46
N ASN C 48 -57.37 -1.80 -0.68
CA ASN C 48 -56.64 -2.83 0.02
C ASN C 48 -56.05 -3.89 -0.89
N VAL C 49 -56.45 -3.95 -2.15
CA VAL C 49 -55.85 -4.91 -3.08
C VAL C 49 -54.43 -4.49 -3.45
N TYR C 50 -54.14 -3.19 -3.46
CA TYR C 50 -52.87 -2.65 -3.93
C TYR C 50 -52.15 -1.70 -2.97
N PHE C 51 -52.75 -1.33 -1.84
CA PHE C 51 -52.15 -0.33 -0.97
C PHE C 51 -52.38 -0.71 0.48
N ASN C 52 -51.69 0.01 1.37
CA ASN C 52 -51.89 -0.09 2.79
C ASN C 52 -51.95 1.30 3.39
N GLU C 53 -53.02 1.59 4.13
CA GLU C 53 -53.09 2.84 4.86
C GLU C 53 -52.01 2.84 5.94
N ALA C 54 -51.15 3.85 5.94
CA ALA C 54 -50.03 3.88 6.90
C ALA C 54 -50.38 4.64 8.17
N THR C 55 -50.60 5.96 8.06
CA THR C 55 -50.98 6.79 9.20
C THR C 55 -51.52 8.10 8.66
N GLY C 56 -52.80 8.37 8.91
CA GLY C 56 -53.37 9.63 8.52
C GLY C 56 -53.50 9.77 7.01
N GLY C 57 -54.28 8.89 6.39
CA GLY C 57 -54.51 9.01 4.97
C GLY C 57 -53.29 8.77 4.09
N ARG C 58 -52.27 8.09 4.61
CA ARG C 58 -51.09 7.76 3.83
C ARG C 58 -51.29 6.36 3.23
N TYR C 59 -51.47 6.30 1.92
CA TYR C 59 -51.61 5.04 1.20
C TYR C 59 -50.33 4.79 0.42
N VAL C 60 -49.63 3.71 0.77
CA VAL C 60 -48.38 3.35 0.10
C VAL C 60 -48.61 2.15 -0.83
N PRO C 61 -48.01 2.15 -2.01
CA PRO C 61 -48.20 1.01 -2.91
C PRO C 61 -47.55 -0.25 -2.38
N ARG C 62 -48.19 -1.38 -2.67
CA ARG C 62 -47.67 -2.69 -2.28
C ARG C 62 -46.78 -3.25 -3.40
N ALA C 63 -45.59 -2.66 -3.52
CA ALA C 63 -44.68 -2.96 -4.60
C ALA C 63 -43.26 -3.17 -4.07
N ILE C 64 -42.46 -3.90 -4.85
CA ILE C 64 -41.08 -4.22 -4.51
C ILE C 64 -40.22 -3.97 -5.75
N LEU C 65 -39.32 -3.00 -5.68
CA LEU C 65 -38.38 -2.75 -6.77
C LEU C 65 -37.08 -3.52 -6.53
N MET C 66 -36.57 -4.18 -7.57
CA MET C 66 -35.41 -5.05 -7.43
C MET C 66 -34.58 -5.05 -8.71
N ASP C 67 -33.30 -4.75 -8.59
CA ASP C 67 -32.41 -4.72 -9.75
C ASP C 67 -30.96 -4.75 -9.25
N LEU C 68 -30.02 -4.44 -10.14
CA LEU C 68 -28.60 -4.48 -9.83
C LEU C 68 -27.86 -3.17 -10.07
N GLU C 69 -28.53 -2.12 -10.52
CA GLU C 69 -27.84 -0.86 -10.78
C GLU C 69 -28.54 0.27 -10.05
N PRO C 70 -27.79 1.23 -9.51
CA PRO C 70 -28.43 2.35 -8.80
C PRO C 70 -29.13 3.35 -9.70
N GLY C 71 -28.79 3.41 -10.98
CA GLY C 71 -29.39 4.42 -11.83
C GLY C 71 -30.89 4.29 -11.96
N THR C 72 -31.39 3.05 -12.08
CA THR C 72 -32.82 2.83 -12.18
C THR C 72 -33.56 3.26 -10.91
N MET C 73 -33.06 2.85 -9.74
CA MET C 73 -33.74 3.20 -8.49
C MET C 73 -33.80 4.70 -8.28
N ASP C 74 -32.70 5.41 -8.57
CA ASP C 74 -32.70 6.86 -8.45
C ASP C 74 -33.67 7.50 -9.44
N SER C 75 -33.75 6.95 -10.64
CA SER C 75 -34.71 7.45 -11.63
C SER C 75 -36.15 7.22 -11.21
N VAL C 76 -36.42 6.29 -10.30
CA VAL C 76 -37.76 6.12 -9.78
C VAL C 76 -38.10 7.21 -8.76
N ARG C 77 -37.25 7.43 -7.76
CA ARG C 77 -37.61 8.41 -6.74
C ARG C 77 -37.51 9.84 -7.25
N SER C 78 -36.87 10.07 -8.40
CA SER C 78 -36.77 11.43 -8.92
C SER C 78 -38.10 11.89 -9.49
N GLY C 79 -38.71 11.08 -10.35
CA GLY C 79 -39.94 11.45 -11.02
C GLY C 79 -41.12 11.51 -10.07
N PRO C 80 -42.23 12.09 -10.52
CA PRO C 80 -43.42 12.16 -9.66
C PRO C 80 -43.92 10.77 -9.33
N TYR C 81 -44.77 10.70 -8.31
CA TYR C 81 -45.20 9.41 -7.75
C TYR C 81 -44.00 8.51 -7.48
N GLY C 82 -42.91 9.13 -7.04
CA GLY C 82 -41.68 8.43 -6.76
C GLY C 82 -41.49 8.45 -5.27
N GLN C 83 -42.21 9.36 -4.62
CA GLN C 83 -42.16 9.53 -3.18
C GLN C 83 -43.22 8.71 -2.48
N ILE C 84 -43.95 7.85 -3.20
CA ILE C 84 -45.02 7.10 -2.58
C ILE C 84 -44.57 5.72 -2.13
N PHE C 85 -43.49 5.19 -2.71
CA PHE C 85 -43.00 3.87 -2.35
C PHE C 85 -42.26 3.92 -1.02
N ARG C 86 -42.41 2.87 -0.25
CA ARG C 86 -41.70 2.78 1.00
C ARG C 86 -40.24 2.52 0.69
N PRO C 87 -39.30 3.28 1.28
CA PRO C 87 -37.88 3.07 0.97
C PRO C 87 -37.33 1.71 1.35
N ASP C 88 -37.94 1.00 2.30
CA ASP C 88 -37.47 -0.33 2.64
C ASP C 88 -37.69 -1.35 1.52
N ASN C 89 -38.58 -1.06 0.58
CA ASN C 89 -38.92 -1.98 -0.49
C ASN C 89 -37.95 -1.90 -1.66
N PHE C 90 -36.88 -1.12 -1.54
CA PHE C 90 -35.90 -0.97 -2.61
C PHE C 90 -34.76 -1.97 -2.45
N VAL C 91 -35.10 -3.26 -2.49
CA VAL C 91 -34.06 -4.28 -2.44
C VAL C 91 -33.17 -4.13 -3.65
N PHE C 92 -31.86 -4.21 -3.42
CA PHE C 92 -30.92 -3.51 -4.30
C PHE C 92 -29.48 -3.99 -4.15
N GLY C 93 -28.91 -4.49 -5.25
CA GLY C 93 -27.50 -4.83 -5.29
C GLY C 93 -26.69 -3.64 -5.75
N GLN C 94 -25.42 -3.90 -6.06
CA GLN C 94 -24.56 -2.83 -6.57
C GLN C 94 -23.70 -3.21 -7.77
N THR C 95 -23.33 -4.46 -7.95
CA THR C 95 -22.27 -4.78 -8.92
C THR C 95 -22.81 -4.87 -10.34
N GLY C 96 -23.88 -5.62 -10.53
CA GLY C 96 -24.39 -5.70 -11.88
C GLY C 96 -24.10 -7.04 -12.53
N ALA C 97 -24.99 -7.43 -13.46
CA ALA C 97 -24.91 -8.69 -14.16
C ALA C 97 -24.21 -8.55 -15.50
N GLY C 98 -24.40 -7.43 -16.17
CA GLY C 98 -23.79 -7.22 -17.48
C GLY C 98 -24.38 -8.08 -18.57
N ASN C 99 -25.70 -8.23 -18.59
CA ASN C 99 -26.41 -9.00 -19.62
C ASN C 99 -25.89 -10.42 -19.69
N ASN C 100 -25.41 -10.92 -18.57
CA ASN C 100 -24.90 -12.27 -18.42
C ASN C 100 -25.92 -13.02 -17.57
N TRP C 101 -26.68 -13.91 -18.21
CA TRP C 101 -27.75 -14.62 -17.51
C TRP C 101 -27.20 -15.46 -16.36
N ALA C 102 -26.00 -16.01 -16.49
CA ALA C 102 -25.40 -16.76 -15.40
C ALA C 102 -25.11 -15.87 -14.21
N LYS C 103 -24.63 -14.65 -14.48
CA LYS C 103 -24.38 -13.72 -13.38
C LYS C 103 -25.68 -13.32 -12.69
N GLY C 104 -26.77 -13.27 -13.44
CA GLY C 104 -28.07 -12.99 -12.87
C GLY C 104 -28.73 -14.17 -12.22
N HIS C 105 -28.23 -15.38 -12.48
CA HIS C 105 -28.86 -16.60 -12.00
C HIS C 105 -27.97 -17.43 -11.10
N TYR C 106 -26.66 -17.23 -11.12
CA TYR C 106 -25.77 -18.02 -10.28
C TYR C 106 -24.78 -17.18 -9.48
N THR C 107 -24.27 -16.10 -10.07
CA THR C 107 -23.23 -15.34 -9.40
C THR C 107 -23.82 -14.27 -8.48
N GLU C 108 -24.57 -13.32 -9.04
CA GLU C 108 -25.12 -12.24 -8.24
C GLU C 108 -26.46 -12.59 -7.61
N GLY C 109 -27.19 -13.55 -8.17
CA GLY C 109 -28.47 -13.95 -7.59
C GLY C 109 -28.34 -14.50 -6.20
N ALA C 110 -27.27 -15.22 -5.93
CA ALA C 110 -27.09 -15.91 -4.65
C ALA C 110 -27.02 -14.94 -3.48
N GLU C 111 -26.68 -13.67 -3.72
CA GLU C 111 -26.54 -12.71 -2.63
C GLU C 111 -27.65 -11.69 -2.56
N LEU C 112 -28.54 -11.64 -3.54
CA LEU C 112 -29.64 -10.67 -3.50
C LEU C 112 -31.01 -11.29 -3.26
N ILE C 113 -31.31 -12.44 -3.87
CA ILE C 113 -32.69 -12.93 -3.86
C ILE C 113 -33.13 -13.30 -2.45
N ASP C 114 -32.19 -13.69 -1.58
CA ASP C 114 -32.56 -13.89 -0.19
C ASP C 114 -33.10 -12.61 0.41
N SER C 115 -32.44 -11.48 0.14
CA SER C 115 -32.92 -10.19 0.64
C SER C 115 -34.23 -9.80 -0.03
N VAL C 116 -34.36 -10.03 -1.33
CA VAL C 116 -35.61 -9.79 -2.04
C VAL C 116 -36.74 -10.60 -1.42
N LEU C 117 -36.47 -11.86 -1.09
CA LEU C 117 -37.49 -12.74 -0.52
C LEU C 117 -37.95 -12.27 0.86
N ASP C 118 -37.07 -11.65 1.64
CA ASP C 118 -37.51 -11.12 2.93
C ASP C 118 -38.58 -10.04 2.74
N VAL C 119 -38.34 -9.12 1.80
CA VAL C 119 -39.33 -8.08 1.55
C VAL C 119 -40.61 -8.67 0.97
N VAL C 120 -40.46 -9.65 0.06
CA VAL C 120 -41.62 -10.28 -0.56
C VAL C 120 -42.42 -11.07 0.48
N ARG C 121 -41.72 -11.76 1.37
CA ARG C 121 -42.38 -12.51 2.43
C ARG C 121 -43.15 -11.56 3.34
N LYS C 122 -42.55 -10.42 3.67
CA LYS C 122 -43.22 -9.43 4.52
C LYS C 122 -44.47 -8.88 3.85
N GLU C 123 -44.44 -8.68 2.54
CA GLU C 123 -45.61 -8.17 1.83
C GLU C 123 -46.70 -9.22 1.65
N ALA C 124 -46.34 -10.51 1.66
CA ALA C 124 -47.36 -11.55 1.60
C ALA C 124 -48.07 -11.72 2.94
N GLU C 125 -47.32 -11.76 4.04
CA GLU C 125 -47.95 -11.88 5.35
C GLU C 125 -48.59 -10.58 5.82
N SER C 126 -48.33 -9.46 5.15
CA SER C 126 -48.97 -8.20 5.52
C SER C 126 -50.43 -8.17 5.11
N CYS C 127 -50.81 -9.01 4.16
CA CYS C 127 -52.17 -9.13 3.67
C CYS C 127 -52.76 -10.46 4.14
N ASP C 128 -54.07 -10.62 3.96
CA ASP C 128 -54.74 -11.76 4.56
C ASP C 128 -54.84 -12.93 3.59
N CYS C 129 -55.50 -12.73 2.45
CA CYS C 129 -55.81 -13.81 1.52
C CYS C 129 -55.22 -13.44 0.17
N LEU C 130 -54.04 -13.96 -0.14
CA LEU C 130 -53.38 -13.62 -1.40
C LEU C 130 -54.16 -14.15 -2.58
N GLN C 131 -54.33 -13.29 -3.59
CA GLN C 131 -54.82 -13.73 -4.88
C GLN C 131 -53.67 -14.21 -5.77
N GLY C 132 -52.51 -13.56 -5.68
CA GLY C 132 -51.38 -13.97 -6.47
C GLY C 132 -50.26 -12.94 -6.41
N PHE C 133 -49.28 -13.14 -7.28
CA PHE C 133 -48.12 -12.27 -7.39
C PHE C 133 -48.03 -11.74 -8.80
N GLN C 134 -47.40 -10.57 -8.95
CA GLN C 134 -47.37 -9.86 -10.23
C GLN C 134 -45.94 -9.41 -10.50
N VAL C 135 -45.31 -9.99 -11.51
CA VAL C 135 -43.90 -9.77 -11.81
C VAL C 135 -43.78 -9.19 -13.21
N CYS C 136 -43.09 -8.05 -13.32
CA CYS C 136 -42.82 -7.40 -14.60
C CYS C 136 -41.32 -7.47 -14.87
N HIS C 137 -40.95 -8.03 -16.01
CA HIS C 137 -39.54 -8.19 -16.34
C HIS C 137 -39.39 -8.38 -17.84
N SER C 138 -38.16 -8.55 -18.28
CA SER C 138 -37.80 -8.79 -19.67
C SER C 138 -37.27 -10.21 -19.83
N LEU C 139 -36.96 -10.57 -21.07
CA LEU C 139 -36.33 -11.85 -21.36
C LEU C 139 -34.98 -11.74 -22.05
N GLY C 140 -34.53 -10.55 -22.42
CA GLY C 140 -33.25 -10.43 -23.10
C GLY C 140 -32.14 -9.92 -22.21
N GLY C 141 -32.50 -9.15 -21.19
CA GLY C 141 -31.55 -8.63 -20.24
C GLY C 141 -31.02 -9.70 -19.32
N GLY C 142 -30.09 -9.31 -18.45
CA GLY C 142 -29.56 -10.24 -17.48
C GLY C 142 -30.22 -10.10 -16.12
N THR C 143 -30.27 -8.88 -15.60
CA THR C 143 -30.81 -8.67 -14.26
C THR C 143 -32.32 -8.77 -14.22
N GLY C 144 -32.99 -8.68 -15.37
CA GLY C 144 -34.42 -8.88 -15.38
C GLY C 144 -34.72 -10.35 -15.61
N SER C 145 -33.95 -10.97 -16.50
CA SER C 145 -34.19 -12.36 -16.87
C SER C 145 -33.77 -13.29 -15.74
N GLY C 146 -32.47 -13.31 -15.45
CA GLY C 146 -31.93 -14.25 -14.48
C GLY C 146 -32.42 -13.98 -13.07
N MET C 147 -32.39 -12.71 -12.66
CA MET C 147 -32.77 -12.36 -11.29
C MET C 147 -34.25 -12.68 -11.06
N GLY C 148 -35.11 -12.18 -11.95
CA GLY C 148 -36.53 -12.50 -11.87
C GLY C 148 -36.85 -13.97 -12.04
N THR C 149 -36.06 -14.69 -12.84
CA THR C 149 -36.29 -16.11 -13.06
C THR C 149 -36.08 -16.92 -11.78
N LEU C 150 -34.93 -16.75 -11.13
CA LEU C 150 -34.69 -17.48 -9.90
C LEU C 150 -35.69 -17.10 -8.82
N LEU C 151 -36.08 -15.82 -8.78
CA LEU C 151 -37.11 -15.38 -7.85
C LEU C 151 -38.42 -16.13 -8.08
N ILE C 152 -38.83 -16.28 -9.34
CA ILE C 152 -40.06 -16.99 -9.65
C ILE C 152 -39.99 -18.44 -9.19
N SER C 153 -38.86 -19.10 -9.43
CA SER C 153 -38.72 -20.50 -9.02
C SER C 153 -38.84 -20.67 -7.51
N LYS C 154 -38.11 -19.85 -6.75
CA LYS C 154 -38.17 -19.92 -5.29
C LYS C 154 -39.57 -19.60 -4.77
N ILE C 155 -40.25 -18.62 -5.37
CA ILE C 155 -41.58 -18.24 -4.88
C ILE C 155 -42.58 -19.38 -5.07
N ARG C 156 -42.56 -20.04 -6.23
CA ARG C 156 -43.46 -21.14 -6.46
C ARG C 156 -43.20 -22.30 -5.51
N GLU C 157 -41.98 -22.42 -5.00
CA GLU C 157 -41.70 -23.44 -3.99
C GLU C 157 -42.25 -23.06 -2.63
N GLU C 158 -42.40 -21.76 -2.37
CA GLU C 158 -42.88 -21.32 -1.07
C GLU C 158 -44.40 -21.26 -1.05
N TYR C 159 -45.00 -20.50 -1.97
CA TYR C 159 -46.45 -20.37 -2.06
C TYR C 159 -46.89 -21.02 -3.35
N PRO C 160 -47.20 -22.32 -3.34
CA PRO C 160 -47.49 -23.03 -4.61
C PRO C 160 -48.95 -22.94 -5.04
N ASP C 161 -49.85 -22.76 -4.08
CA ASP C 161 -51.29 -22.78 -4.34
C ASP C 161 -51.84 -21.40 -4.65
N ARG C 162 -51.00 -20.49 -5.14
CA ARG C 162 -51.36 -19.11 -5.38
C ARG C 162 -51.09 -18.76 -6.83
N MET C 163 -51.89 -17.85 -7.39
CA MET C 163 -51.68 -17.46 -8.76
C MET C 163 -50.38 -16.68 -8.92
N MET C 164 -50.01 -16.45 -10.17
CA MET C 164 -48.75 -15.80 -10.52
C MET C 164 -48.83 -15.31 -11.95
N LEU C 165 -48.56 -14.02 -12.15
CA LEU C 165 -48.46 -13.44 -13.48
C LEU C 165 -47.04 -12.97 -13.72
N THR C 166 -46.59 -13.12 -14.97
CA THR C 166 -45.31 -12.58 -15.40
C THR C 166 -45.57 -11.81 -16.69
N PHE C 167 -45.44 -10.49 -16.63
CA PHE C 167 -45.54 -9.66 -17.82
C PHE C 167 -44.13 -9.51 -18.37
N SER C 168 -43.87 -10.13 -19.51
CA SER C 168 -42.50 -10.22 -20.02
C SER C 168 -42.44 -9.78 -21.47
N VAL C 169 -41.57 -8.83 -21.75
CA VAL C 169 -41.23 -8.49 -23.14
C VAL C 169 -40.18 -9.49 -23.61
N VAL C 170 -40.27 -9.90 -24.87
CA VAL C 170 -39.32 -10.87 -25.40
C VAL C 170 -38.55 -10.20 -26.51
N PRO C 171 -37.35 -10.68 -26.82
CA PRO C 171 -36.56 -10.09 -27.91
C PRO C 171 -36.99 -10.65 -29.25
N SER C 172 -36.73 -9.87 -30.29
CA SER C 172 -36.99 -10.30 -31.66
C SER C 172 -35.84 -9.85 -32.55
N PRO C 173 -35.60 -10.57 -33.65
CA PRO C 173 -34.45 -10.22 -34.51
C PRO C 173 -34.45 -8.79 -35.04
N LYS C 174 -35.61 -8.19 -35.31
CA LYS C 174 -35.58 -6.84 -35.86
C LYS C 174 -35.23 -5.80 -34.80
N VAL C 175 -35.78 -5.91 -33.60
CA VAL C 175 -35.38 -5.06 -32.47
C VAL C 175 -34.39 -5.86 -31.64
N SER C 176 -33.11 -5.71 -31.95
CA SER C 176 -32.04 -6.48 -31.32
C SER C 176 -31.07 -5.54 -30.63
N ASP C 177 -31.23 -5.38 -29.32
CA ASP C 177 -30.36 -4.52 -28.53
C ASP C 177 -29.13 -5.27 -28.02
N THR C 178 -29.34 -6.40 -27.35
CA THR C 178 -28.20 -7.16 -26.86
C THR C 178 -27.81 -8.21 -27.90
N VAL C 179 -26.63 -8.81 -27.73
CA VAL C 179 -26.08 -9.71 -28.73
C VAL C 179 -26.37 -11.13 -28.29
N VAL C 180 -26.48 -11.34 -26.98
CA VAL C 180 -26.70 -12.67 -26.43
C VAL C 180 -28.17 -12.90 -26.12
N GLU C 181 -29.07 -12.14 -26.75
CA GLU C 181 -30.51 -12.32 -26.58
C GLU C 181 -30.97 -13.77 -26.69
N PRO C 182 -30.55 -14.56 -27.69
CA PRO C 182 -31.05 -15.95 -27.73
C PRO C 182 -30.62 -16.78 -26.54
N TYR C 183 -29.38 -16.63 -26.05
CA TYR C 183 -28.97 -17.40 -24.87
C TYR C 183 -29.85 -17.08 -23.69
N ASN C 184 -30.21 -15.80 -23.54
CA ASN C 184 -31.05 -15.41 -22.41
C ASN C 184 -32.49 -15.87 -22.61
N ALA C 185 -33.02 -15.74 -23.82
CA ALA C 185 -34.42 -16.06 -24.06
C ALA C 185 -34.70 -17.54 -23.83
N THR C 186 -33.92 -18.42 -24.45
CA THR C 186 -34.26 -19.84 -24.41
C THR C 186 -34.10 -20.41 -23.00
N LEU C 187 -33.08 -19.97 -22.25
CA LEU C 187 -32.93 -20.45 -20.89
C LEU C 187 -34.00 -19.87 -19.97
N SER C 188 -34.36 -18.60 -20.18
CA SER C 188 -35.38 -17.99 -19.35
C SER C 188 -36.73 -18.66 -19.55
N VAL C 189 -37.11 -18.90 -20.80
CA VAL C 189 -38.35 -19.60 -21.10
C VAL C 189 -38.31 -21.03 -20.59
N HIS C 190 -37.14 -21.67 -20.63
CA HIS C 190 -37.01 -23.01 -20.07
C HIS C 190 -37.39 -23.04 -18.59
N GLN C 191 -37.20 -21.95 -17.88
CA GLN C 191 -37.62 -21.89 -16.49
C GLN C 191 -39.09 -21.51 -16.36
N LEU C 192 -39.60 -20.70 -17.29
CA LEU C 192 -40.98 -20.24 -17.21
C LEU C 192 -41.97 -21.37 -17.48
N VAL C 193 -41.58 -22.36 -18.28
CA VAL C 193 -42.47 -23.46 -18.62
C VAL C 193 -42.77 -24.33 -17.41
N GLU C 194 -41.89 -24.37 -16.42
CA GLU C 194 -42.10 -25.23 -15.26
C GLU C 194 -42.32 -24.47 -13.96
N ASN C 195 -42.25 -23.14 -13.96
CA ASN C 195 -42.47 -22.36 -12.76
C ASN C 195 -43.68 -21.45 -12.82
N ALA C 196 -43.79 -20.60 -13.83
CA ALA C 196 -44.86 -19.61 -13.84
C ALA C 196 -46.21 -20.28 -14.04
N ASP C 197 -47.24 -19.67 -13.45
CA ASP C 197 -48.60 -20.16 -13.58
C ASP C 197 -49.15 -19.84 -14.96
N GLU C 198 -49.03 -18.57 -15.35
CA GLU C 198 -49.31 -18.17 -16.72
C GLU C 198 -48.46 -16.95 -17.02
N CYS C 199 -47.98 -16.87 -18.26
CA CYS C 199 -47.11 -15.79 -18.68
C CYS C 199 -47.78 -15.03 -19.82
N MET C 200 -47.47 -13.75 -19.91
CA MET C 200 -48.01 -12.87 -20.94
C MET C 200 -46.86 -12.43 -21.84
N VAL C 201 -46.85 -12.92 -23.07
CA VAL C 201 -45.76 -12.66 -24.00
C VAL C 201 -45.92 -11.26 -24.56
N LEU C 202 -44.90 -10.43 -24.36
CA LEU C 202 -44.81 -9.10 -24.93
C LEU C 202 -43.55 -9.00 -25.78
N ASP C 203 -43.50 -8.00 -26.64
CA ASP C 203 -42.29 -7.75 -27.40
C ASP C 203 -42.32 -6.30 -27.89
N ASN C 204 -41.14 -5.80 -28.22
CA ASN C 204 -41.02 -4.38 -28.55
C ASN C 204 -41.44 -4.06 -29.98
N GLU C 205 -41.40 -5.02 -30.90
CA GLU C 205 -41.85 -4.74 -32.26
C GLU C 205 -43.30 -4.27 -32.29
N ALA C 206 -44.19 -5.06 -31.69
CA ALA C 206 -45.61 -4.70 -31.65
C ALA C 206 -45.82 -3.34 -31.01
N LEU C 207 -45.06 -3.03 -29.97
CA LEU C 207 -45.21 -1.73 -29.32
C LEU C 207 -44.84 -0.61 -30.28
N TYR C 208 -43.83 -0.83 -31.11
CA TYR C 208 -43.39 0.20 -32.04
C TYR C 208 -44.43 0.43 -33.14
N ASP C 209 -45.03 -0.65 -33.65
CA ASP C 209 -46.04 -0.53 -34.70
C ASP C 209 -47.38 -0.03 -34.18
N ILE C 210 -47.70 -0.27 -32.91
CA ILE C 210 -48.89 0.34 -32.34
C ILE C 210 -48.74 1.86 -32.27
N CYS C 211 -47.58 2.34 -31.84
CA CYS C 211 -47.34 3.77 -31.80
C CYS C 211 -47.10 4.39 -33.17
N PHE C 212 -46.73 3.58 -34.17
CA PHE C 212 -46.62 4.12 -35.53
C PHE C 212 -47.98 4.32 -36.16
N ARG C 213 -48.76 3.25 -36.32
CA ARG C 213 -49.95 3.34 -37.15
C ARG C 213 -51.20 3.71 -36.35
N THR C 214 -51.44 3.05 -35.22
CA THR C 214 -52.67 3.31 -34.49
C THR C 214 -52.60 4.64 -33.77
N LEU C 215 -51.62 4.78 -32.88
CA LEU C 215 -51.48 6.00 -32.10
C LEU C 215 -51.04 7.19 -32.96
N LYS C 216 -50.31 6.92 -34.03
CA LYS C 216 -49.77 7.96 -34.92
C LYS C 216 -48.93 8.98 -34.16
N LEU C 217 -48.01 8.49 -33.33
CA LEU C 217 -47.11 9.36 -32.60
C LEU C 217 -45.88 9.69 -33.44
N THR C 218 -45.29 10.85 -33.16
CA THR C 218 -44.09 11.31 -33.85
C THR C 218 -42.81 10.96 -33.12
N THR C 219 -42.79 11.10 -31.79
CA THR C 219 -41.61 10.80 -30.98
C THR C 219 -42.04 9.90 -29.83
N PRO C 220 -42.25 8.61 -30.10
CA PRO C 220 -42.64 7.65 -29.04
C PRO C 220 -41.50 7.19 -28.14
N THR C 221 -41.21 8.01 -27.13
CA THR C 221 -40.25 7.60 -26.11
C THR C 221 -40.80 6.42 -25.30
N PHE C 222 -39.94 5.85 -24.45
CA PHE C 222 -40.34 4.70 -23.66
C PHE C 222 -41.48 5.01 -22.71
N GLY C 223 -41.73 6.28 -22.40
CA GLY C 223 -42.85 6.61 -21.54
C GLY C 223 -44.19 6.21 -22.12
N ASP C 224 -44.32 6.27 -23.44
CA ASP C 224 -45.59 5.92 -24.08
C ASP C 224 -45.78 4.41 -24.15
N LEU C 225 -44.72 3.67 -24.47
CA LEU C 225 -44.81 2.20 -24.44
C LEU C 225 -45.20 1.70 -23.05
N ASN C 226 -44.53 2.21 -22.02
CA ASN C 226 -44.90 1.87 -20.65
C ASN C 226 -46.33 2.33 -20.33
N HIS C 227 -46.77 3.43 -20.95
CA HIS C 227 -48.14 3.88 -20.76
C HIS C 227 -49.12 2.89 -21.36
N LEU C 228 -48.78 2.32 -22.52
CA LEU C 228 -49.62 1.32 -23.15
C LEU C 228 -49.68 0.04 -22.33
N ILE C 229 -48.53 -0.46 -21.89
CA ILE C 229 -48.46 -1.69 -21.11
C ILE C 229 -49.22 -1.57 -19.79
N SER C 230 -49.16 -0.40 -19.15
CA SER C 230 -49.87 -0.19 -17.90
C SER C 230 -51.38 -0.28 -18.05
N ALA C 231 -51.92 0.23 -19.16
CA ALA C 231 -53.36 0.10 -19.39
C ALA C 231 -53.80 -1.35 -19.48
N VAL C 232 -52.98 -2.21 -20.10
CA VAL C 232 -53.32 -3.62 -20.18
C VAL C 232 -53.28 -4.28 -18.81
N MET C 233 -52.28 -3.95 -18.00
CA MET C 233 -52.14 -4.60 -16.70
C MET C 233 -53.24 -4.16 -15.74
N SER C 234 -53.63 -2.88 -15.80
CA SER C 234 -54.78 -2.43 -15.02
C SER C 234 -56.06 -3.11 -15.46
N GLY C 235 -56.17 -3.46 -16.74
CA GLY C 235 -57.37 -4.11 -17.23
C GLY C 235 -57.53 -5.53 -16.73
N ILE C 236 -56.43 -6.25 -16.54
CA ILE C 236 -56.54 -7.64 -16.11
C ILE C 236 -57.01 -7.75 -14.67
N THR C 237 -56.90 -6.68 -13.88
CA THR C 237 -57.25 -6.74 -12.48
C THR C 237 -58.39 -5.81 -12.10
N CYS C 238 -59.08 -5.22 -13.07
CA CYS C 238 -60.19 -4.34 -12.73
C CYS C 238 -61.32 -5.10 -12.06
N CYS C 239 -61.41 -6.41 -12.30
CA CYS C 239 -62.51 -7.19 -11.76
C CYS C 239 -62.42 -7.28 -10.24
N LEU C 240 -61.20 -7.29 -9.71
CA LEU C 240 -61.00 -7.36 -8.27
C LEU C 240 -61.31 -6.04 -7.57
N ARG C 241 -61.22 -4.91 -8.28
CA ARG C 241 -61.33 -3.61 -7.64
C ARG C 241 -62.68 -2.95 -7.84
N PHE C 242 -63.48 -3.38 -8.80
CA PHE C 242 -64.75 -2.75 -9.06
C PHE C 242 -65.81 -3.79 -9.34
N PRO C 243 -67.02 -3.60 -8.83
CA PRO C 243 -68.10 -4.56 -9.09
C PRO C 243 -68.59 -4.44 -10.52
N GLY C 244 -69.25 -5.51 -10.97
CA GLY C 244 -69.79 -5.47 -12.32
C GLY C 244 -70.84 -6.54 -12.53
N GLN C 245 -71.35 -6.59 -13.76
CA GLN C 245 -72.37 -7.57 -14.10
C GLN C 245 -71.78 -8.97 -14.23
N LEU C 246 -70.52 -9.08 -14.62
CA LEU C 246 -69.90 -10.38 -14.84
C LEU C 246 -68.43 -10.24 -14.44
N ASN C 247 -68.14 -10.64 -13.21
CA ASN C 247 -66.80 -10.56 -12.66
C ASN C 247 -65.96 -11.77 -13.07
N ALA C 248 -64.65 -11.55 -13.17
CA ALA C 248 -63.73 -12.60 -13.61
C ALA C 248 -62.38 -12.34 -12.94
N ASP C 249 -62.06 -13.13 -11.92
CA ASP C 249 -60.83 -12.92 -11.18
C ASP C 249 -59.67 -13.53 -11.98
N LEU C 250 -58.47 -13.53 -11.39
CA LEU C 250 -57.33 -14.09 -12.10
C LEU C 250 -57.46 -15.60 -12.22
N ARG C 251 -57.83 -16.27 -11.13
CA ARG C 251 -58.03 -17.71 -11.14
C ARG C 251 -59.10 -18.12 -12.13
N LYS C 252 -60.19 -17.35 -12.21
CA LYS C 252 -61.26 -17.69 -13.14
C LYS C 252 -60.76 -17.68 -14.58
N LEU C 253 -59.91 -16.71 -14.95
CA LEU C 253 -59.42 -16.63 -16.32
C LEU C 253 -58.40 -17.73 -16.62
N ALA C 254 -57.49 -18.00 -15.69
CA ALA C 254 -56.46 -19.00 -15.92
C ALA C 254 -57.05 -20.41 -16.06
N VAL C 255 -57.94 -20.78 -15.13
CA VAL C 255 -58.54 -22.10 -15.22
C VAL C 255 -59.40 -22.25 -16.46
N ASN C 256 -59.96 -21.14 -16.96
CA ASN C 256 -60.80 -21.18 -18.14
C ASN C 256 -60.03 -21.09 -19.46
N LEU C 257 -58.84 -20.51 -19.45
CA LEU C 257 -58.12 -20.20 -20.69
C LEU C 257 -57.02 -21.19 -21.00
N ILE C 258 -56.57 -21.95 -20.02
CA ILE C 258 -55.38 -22.80 -20.17
C ILE C 258 -55.88 -24.23 -20.26
N PRO C 259 -55.98 -24.80 -21.47
CA PRO C 259 -56.48 -26.17 -21.58
C PRO C 259 -55.46 -27.22 -21.22
N PHE C 260 -54.16 -26.91 -21.30
CA PHE C 260 -53.16 -27.89 -20.96
C PHE C 260 -52.07 -27.20 -20.14
N PRO C 261 -51.55 -27.86 -19.11
CA PRO C 261 -50.78 -27.14 -18.08
C PRO C 261 -49.50 -26.45 -18.55
N ARG C 262 -48.84 -26.93 -19.60
CA ARG C 262 -47.63 -26.27 -20.06
C ARG C 262 -47.86 -25.18 -21.09
N LEU C 263 -49.08 -25.03 -21.60
CA LEU C 263 -49.35 -24.13 -22.72
C LEU C 263 -50.00 -22.85 -22.18
N HIS C 264 -49.18 -22.00 -21.56
CA HIS C 264 -49.68 -20.84 -20.82
C HIS C 264 -48.89 -19.58 -21.17
N PHE C 265 -48.74 -19.33 -22.47
CA PHE C 265 -48.15 -18.12 -22.99
C PHE C 265 -49.20 -17.41 -23.84
N PHE C 266 -49.49 -16.15 -23.51
CA PHE C 266 -50.63 -15.45 -24.08
C PHE C 266 -50.21 -14.29 -24.96
N MET C 267 -51.11 -13.93 -25.87
CA MET C 267 -51.02 -12.74 -26.71
C MET C 267 -52.06 -11.71 -26.27
N VAL C 268 -51.67 -10.45 -26.21
CA VAL C 268 -52.52 -9.43 -25.61
C VAL C 268 -52.79 -8.29 -26.59
N GLY C 269 -53.95 -7.66 -26.37
CA GLY C 269 -54.35 -6.49 -27.13
C GLY C 269 -55.10 -5.56 -26.19
N PHE C 270 -55.38 -4.35 -26.68
CA PHE C 270 -56.10 -3.40 -25.84
C PHE C 270 -56.94 -2.49 -26.73
N THR C 271 -58.13 -2.15 -26.24
CA THR C 271 -59.06 -1.31 -26.96
C THR C 271 -59.80 -0.40 -25.98
N PRO C 272 -60.07 0.86 -26.37
CA PRO C 272 -59.73 1.45 -27.67
C PRO C 272 -58.36 2.11 -27.64
N LEU C 273 -57.72 2.16 -28.81
CA LEU C 273 -56.45 2.85 -29.00
C LEU C 273 -56.59 3.72 -30.25
N THR C 274 -56.71 5.03 -30.06
CA THR C 274 -57.05 5.91 -31.17
C THR C 274 -56.18 7.16 -31.13
N SER C 275 -55.91 7.68 -32.31
CA SER C 275 -55.07 8.86 -32.45
C SER C 275 -55.91 10.12 -32.21
N ARG C 276 -55.22 11.23 -31.96
CA ARG C 276 -55.92 12.46 -31.62
C ARG C 276 -56.67 13.04 -32.81
N GLY C 277 -56.30 12.65 -34.03
CA GLY C 277 -57.08 13.08 -35.19
C GLY C 277 -58.38 12.33 -35.38
N SER C 278 -58.51 11.17 -34.75
CA SER C 278 -59.67 10.30 -34.95
C SER C 278 -60.40 10.02 -33.65
N GLN C 279 -59.96 10.59 -32.52
CA GLN C 279 -60.65 10.41 -31.25
C GLN C 279 -62.02 11.09 -31.24
N GLN C 280 -62.23 12.04 -32.15
CA GLN C 280 -63.50 12.73 -32.30
C GLN C 280 -64.43 12.06 -33.30
N TYR C 281 -63.87 11.44 -34.34
CA TYR C 281 -64.64 10.87 -35.45
C TYR C 281 -65.19 9.48 -35.16
N ARG C 282 -64.97 8.92 -33.99
CA ARG C 282 -65.35 7.54 -33.74
C ARG C 282 -66.62 7.47 -32.89
N ALA C 283 -67.21 6.29 -32.85
CA ALA C 283 -68.27 5.97 -31.90
C ALA C 283 -67.71 5.05 -30.81
N LEU C 284 -68.54 4.77 -29.80
CA LEU C 284 -68.18 3.86 -28.72
C LEU C 284 -69.26 2.79 -28.58
N THR C 285 -69.12 1.69 -29.31
CA THR C 285 -70.08 0.60 -29.24
C THR C 285 -69.32 -0.68 -29.02
N VAL C 286 -70.04 -1.71 -28.58
CA VAL C 286 -69.40 -3.01 -28.37
C VAL C 286 -68.87 -3.61 -29.67
N PRO C 287 -69.62 -3.64 -30.78
CA PRO C 287 -69.01 -4.17 -32.01
C PRO C 287 -67.83 -3.34 -32.50
N GLU C 288 -67.90 -2.01 -32.40
CA GLU C 288 -66.75 -1.18 -32.79
C GLU C 288 -65.54 -1.51 -31.93
N LEU C 289 -65.79 -1.79 -30.67
CA LEU C 289 -64.73 -2.22 -29.77
C LEU C 289 -64.19 -3.60 -30.15
N THR C 290 -65.08 -4.51 -30.56
CA THR C 290 -64.67 -5.89 -30.83
C THR C 290 -63.76 -6.01 -32.05
N GLN C 291 -64.11 -5.39 -33.18
CA GLN C 291 -63.25 -5.53 -34.35
C GLN C 291 -61.88 -4.89 -34.13
N GLN C 292 -61.84 -3.70 -33.52
CA GLN C 292 -60.53 -3.12 -33.22
C GLN C 292 -59.79 -3.96 -32.18
N MET C 293 -60.51 -4.81 -31.45
CA MET C 293 -59.94 -5.64 -30.40
C MET C 293 -59.23 -6.85 -31.01
N TRP C 294 -59.94 -7.61 -31.84
CA TRP C 294 -59.46 -8.81 -32.52
C TRP C 294 -58.60 -8.52 -33.73
N ASP C 295 -58.18 -7.27 -33.93
CA ASP C 295 -57.43 -6.97 -35.13
C ASP C 295 -56.04 -7.58 -35.04
N ALA C 296 -55.50 -7.98 -36.19
CA ALA C 296 -54.21 -8.64 -36.20
C ALA C 296 -53.09 -7.66 -35.87
N LYS C 297 -53.19 -6.44 -36.39
CA LYS C 297 -52.13 -5.47 -36.18
C LYS C 297 -52.16 -4.92 -34.77
N ASN C 298 -53.31 -5.04 -34.10
CA ASN C 298 -53.52 -4.48 -32.77
C ASN C 298 -53.07 -5.42 -31.67
N MET C 299 -52.53 -6.58 -32.03
CA MET C 299 -52.00 -7.47 -31.01
C MET C 299 -50.76 -6.82 -30.43
N MET C 300 -50.59 -6.96 -29.12
CA MET C 300 -49.43 -6.37 -28.47
C MET C 300 -48.26 -7.35 -28.42
N CYS C 301 -48.21 -8.25 -29.40
CA CYS C 301 -47.11 -9.16 -29.61
C CYS C 301 -46.93 -9.26 -31.12
N ALA C 302 -45.69 -9.46 -31.56
CA ALA C 302 -45.47 -9.53 -33.00
C ALA C 302 -45.59 -10.96 -33.52
N ALA C 303 -46.66 -11.62 -33.16
CA ALA C 303 -46.95 -12.97 -33.63
C ALA C 303 -48.40 -12.97 -34.11
N ASP C 304 -48.56 -12.97 -35.42
CA ASP C 304 -49.84 -12.89 -36.09
C ASP C 304 -50.69 -14.13 -35.84
N PRO C 305 -51.80 -14.03 -35.10
CA PRO C 305 -52.60 -15.23 -34.84
C PRO C 305 -53.23 -15.81 -36.09
N ARG C 306 -53.39 -15.00 -37.15
CA ARG C 306 -53.97 -15.48 -38.40
C ARG C 306 -53.03 -16.37 -39.17
N HIS C 307 -51.82 -16.61 -38.67
CA HIS C 307 -50.99 -17.67 -39.20
C HIS C 307 -51.33 -19.01 -38.58
N GLY C 308 -52.12 -19.02 -37.52
CA GLY C 308 -52.52 -20.24 -36.86
C GLY C 308 -53.97 -20.19 -36.41
N ARG C 309 -54.30 -21.01 -35.43
CA ARG C 309 -55.65 -21.09 -34.89
C ARG C 309 -55.67 -20.68 -33.43
N TYR C 310 -56.79 -20.13 -32.99
CA TYR C 310 -57.00 -19.81 -31.59
C TYR C 310 -57.41 -21.05 -30.79
N LEU C 311 -56.75 -21.26 -29.65
CA LEU C 311 -57.15 -22.31 -28.74
C LEU C 311 -58.27 -21.82 -27.83
N THR C 312 -57.99 -20.75 -27.08
CA THR C 312 -58.97 -20.08 -26.24
C THR C 312 -58.72 -18.58 -26.37
N ALA C 313 -59.74 -17.80 -26.01
CA ALA C 313 -59.60 -16.35 -26.03
C ALA C 313 -60.44 -15.75 -24.93
N SER C 314 -60.01 -14.60 -24.42
CA SER C 314 -60.72 -13.94 -23.33
C SER C 314 -60.84 -12.45 -23.58
N ALA C 315 -61.92 -11.88 -23.08
CA ALA C 315 -62.23 -10.47 -23.22
C ALA C 315 -62.60 -9.92 -21.85
N LEU C 316 -61.98 -8.80 -21.47
CA LEU C 316 -62.32 -8.09 -20.24
C LEU C 316 -62.79 -6.70 -20.64
N PHE C 317 -64.08 -6.44 -20.48
CA PHE C 317 -64.71 -5.21 -20.90
C PHE C 317 -64.92 -4.32 -19.68
N ARG C 318 -64.80 -3.00 -19.86
CA ARG C 318 -64.99 -2.06 -18.77
C ARG C 318 -65.89 -0.90 -19.21
N GLY C 319 -66.91 -0.61 -18.42
CA GLY C 319 -67.86 0.45 -18.72
C GLY C 319 -69.30 -0.02 -18.74
N ARG C 320 -70.25 0.91 -18.67
CA ARG C 320 -71.66 0.55 -18.66
C ARG C 320 -72.06 0.02 -20.03
N MET C 321 -72.19 -1.29 -20.16
CA MET C 321 -72.54 -1.93 -21.42
C MET C 321 -73.59 -3.00 -21.18
N SER C 322 -74.23 -3.43 -22.27
CA SER C 322 -75.28 -4.44 -22.25
C SER C 322 -74.70 -5.82 -22.55
N THR C 323 -74.90 -6.76 -21.63
CA THR C 323 -74.28 -8.08 -21.74
C THR C 323 -74.72 -8.85 -22.99
N LYS C 324 -75.91 -8.56 -23.52
CA LYS C 324 -76.30 -9.21 -24.76
C LYS C 324 -75.35 -8.85 -25.89
N GLU C 325 -75.00 -7.58 -26.02
CA GLU C 325 -74.01 -7.19 -27.01
C GLU C 325 -72.68 -7.91 -26.79
N VAL C 326 -72.30 -8.11 -25.53
CA VAL C 326 -71.05 -8.81 -25.25
C VAL C 326 -71.10 -10.22 -25.82
N ASP C 327 -72.16 -10.97 -25.51
CA ASP C 327 -72.23 -12.37 -25.89
C ASP C 327 -72.44 -12.55 -27.39
N GLU C 328 -73.33 -11.75 -27.99
CA GLU C 328 -73.57 -11.86 -29.42
C GLU C 328 -72.37 -11.44 -30.26
N GLN C 329 -71.56 -10.50 -29.79
CA GLN C 329 -70.35 -10.13 -30.54
C GLN C 329 -69.33 -11.25 -30.54
N MET C 330 -69.15 -11.93 -29.41
CA MET C 330 -68.21 -13.04 -29.39
C MET C 330 -68.70 -14.17 -30.29
N LEU C 331 -70.01 -14.40 -30.34
CA LEU C 331 -70.55 -15.44 -31.19
C LEU C 331 -70.38 -15.11 -32.67
N ASN C 332 -70.59 -13.86 -33.06
CA ASN C 332 -70.46 -13.50 -34.48
C ASN C 332 -69.02 -13.55 -34.97
N VAL C 333 -68.07 -13.04 -34.17
CA VAL C 333 -66.68 -13.03 -34.60
C VAL C 333 -66.11 -14.46 -34.66
N GLN C 334 -66.74 -15.40 -33.99
CA GLN C 334 -66.36 -16.81 -34.09
C GLN C 334 -67.05 -17.53 -35.25
N ASN C 335 -68.23 -17.07 -35.67
CA ASN C 335 -68.93 -17.80 -36.73
C ASN C 335 -68.43 -17.43 -38.12
N LYS C 336 -68.17 -16.15 -38.41
CA LYS C 336 -67.69 -15.81 -39.74
C LYS C 336 -66.29 -16.36 -39.96
N ASN C 337 -65.36 -16.06 -39.07
CA ASN C 337 -64.00 -16.57 -39.15
C ASN C 337 -63.92 -17.88 -38.37
N SER C 338 -64.54 -18.91 -38.94
CA SER C 338 -64.69 -20.17 -38.22
C SER C 338 -63.43 -21.01 -38.28
N SER C 339 -62.62 -20.87 -39.33
CA SER C 339 -61.44 -21.70 -39.48
C SER C 339 -60.32 -21.28 -38.53
N TYR C 340 -60.31 -20.03 -38.08
CA TYR C 340 -59.25 -19.53 -37.21
C TYR C 340 -59.37 -20.00 -35.78
N PHE C 341 -60.48 -20.66 -35.42
CA PHE C 341 -60.68 -21.15 -34.07
C PHE C 341 -60.55 -22.68 -34.03
N VAL C 342 -60.03 -23.17 -32.91
CA VAL C 342 -59.86 -24.61 -32.75
C VAL C 342 -61.24 -25.28 -32.75
N GLU C 343 -61.26 -26.54 -33.17
CA GLU C 343 -62.53 -27.22 -33.40
C GLU C 343 -63.01 -28.06 -32.23
N TRP C 344 -62.12 -28.76 -31.53
CA TRP C 344 -62.59 -29.68 -30.50
C TRP C 344 -62.89 -28.98 -29.18
N ILE C 345 -63.06 -27.66 -29.21
CA ILE C 345 -63.57 -26.89 -28.07
C ILE C 345 -64.61 -25.92 -28.63
N PRO C 346 -65.89 -26.10 -28.33
CA PRO C 346 -66.87 -25.09 -28.75
C PRO C 346 -66.88 -23.92 -27.79
N ASN C 347 -67.23 -22.75 -28.31
CA ASN C 347 -67.25 -21.50 -27.55
C ASN C 347 -65.87 -21.23 -26.92
N ASN C 348 -64.90 -20.99 -27.80
CA ASN C 348 -63.53 -20.78 -27.39
C ASN C 348 -63.27 -19.41 -26.80
N VAL C 349 -64.29 -18.60 -26.51
CA VAL C 349 -64.07 -17.24 -26.05
C VAL C 349 -64.85 -17.06 -24.76
N LYS C 350 -64.15 -16.72 -23.69
CA LYS C 350 -64.76 -16.35 -22.42
C LYS C 350 -64.76 -14.82 -22.28
N SER C 351 -65.89 -14.27 -21.84
CA SER C 351 -66.07 -12.84 -21.75
C SER C 351 -66.59 -12.42 -20.38
N SER C 352 -66.20 -11.21 -19.95
CA SER C 352 -66.61 -10.66 -18.68
C SER C 352 -66.72 -9.15 -18.78
N VAL C 353 -67.56 -8.56 -17.93
CA VAL C 353 -67.86 -7.13 -17.95
C VAL C 353 -67.65 -6.52 -16.57
N CYS C 354 -67.04 -5.34 -16.52
CA CYS C 354 -66.91 -4.57 -15.30
C CYS C 354 -67.46 -3.17 -15.53
N ASP C 355 -68.09 -2.60 -14.49
CA ASP C 355 -68.87 -1.39 -14.61
C ASP C 355 -68.08 -0.10 -14.37
N ILE C 356 -66.76 -0.15 -14.39
CA ILE C 356 -65.97 1.07 -14.17
C ILE C 356 -64.95 1.24 -15.29
N PRO C 357 -65.09 2.27 -16.12
CA PRO C 357 -64.14 2.48 -17.20
C PRO C 357 -62.88 3.14 -16.69
N PRO C 358 -61.82 3.16 -17.49
CA PRO C 358 -60.64 3.97 -17.13
C PRO C 358 -60.98 5.45 -17.21
N LYS C 359 -60.27 6.23 -16.39
CA LYS C 359 -60.56 7.65 -16.28
C LYS C 359 -60.28 8.35 -17.60
N GLY C 360 -61.27 9.07 -18.12
CA GLY C 360 -61.13 9.80 -19.36
C GLY C 360 -61.74 9.13 -20.57
N LEU C 361 -62.25 7.91 -20.43
CA LEU C 361 -62.85 7.21 -21.55
C LEU C 361 -64.20 6.66 -21.13
N LYS C 362 -65.11 6.55 -22.10
CA LYS C 362 -66.46 6.08 -21.80
C LYS C 362 -66.52 4.56 -21.73
N MET C 363 -65.70 3.86 -22.50
CA MET C 363 -65.79 2.41 -22.62
C MET C 363 -64.52 1.83 -23.26
N SER C 364 -63.93 0.81 -22.61
CA SER C 364 -62.68 0.19 -23.04
C SER C 364 -62.79 -1.33 -23.04
N ALA C 365 -61.72 -2.00 -23.47
CA ALA C 365 -61.67 -3.46 -23.51
C ALA C 365 -60.24 -3.94 -23.39
N THR C 366 -60.08 -5.23 -23.13
CA THR C 366 -58.78 -5.87 -23.03
C THR C 366 -58.91 -7.31 -23.49
N PHE C 367 -58.06 -7.72 -24.41
CA PHE C 367 -58.12 -9.04 -25.04
C PHE C 367 -56.96 -9.90 -24.58
N ILE C 368 -57.25 -11.16 -24.23
CA ILE C 368 -56.23 -12.13 -23.83
C ILE C 368 -56.51 -13.40 -24.62
N GLY C 369 -55.73 -13.65 -25.67
CA GLY C 369 -55.94 -14.77 -26.56
C GLY C 369 -54.81 -15.77 -26.46
N ASN C 370 -55.15 -17.02 -26.19
CA ASN C 370 -54.17 -18.11 -26.17
C ASN C 370 -54.25 -18.82 -27.52
N SER C 371 -53.44 -18.35 -28.47
CA SER C 371 -53.40 -18.93 -29.81
C SER C 371 -52.27 -19.94 -29.92
N THR C 372 -52.24 -20.64 -31.06
CA THR C 372 -51.18 -21.57 -31.37
C THR C 372 -50.09 -20.99 -32.25
N ALA C 373 -50.24 -19.75 -32.70
CA ALA C 373 -49.22 -19.13 -33.53
C ALA C 373 -47.96 -18.80 -32.77
N ILE C 374 -47.96 -18.91 -31.43
CA ILE C 374 -46.82 -18.47 -30.65
C ILE C 374 -45.58 -19.33 -30.89
N GLN C 375 -45.74 -20.53 -31.44
CA GLN C 375 -44.58 -21.36 -31.73
C GLN C 375 -43.61 -20.69 -32.70
N GLU C 376 -44.07 -19.74 -33.51
CA GLU C 376 -43.14 -19.03 -34.39
C GLU C 376 -42.03 -18.38 -33.57
N MET C 377 -42.40 -17.71 -32.48
CA MET C 377 -41.38 -17.05 -31.66
C MET C 377 -40.41 -18.04 -31.07
N PHE C 378 -40.90 -19.21 -30.68
CA PHE C 378 -39.99 -20.15 -30.04
C PHE C 378 -38.98 -20.70 -31.05
N LYS C 379 -39.43 -20.99 -32.27
CA LYS C 379 -38.51 -21.36 -33.34
C LYS C 379 -37.62 -20.21 -33.75
N ARG C 380 -38.17 -18.99 -33.82
CA ARG C 380 -37.37 -17.84 -34.26
C ARG C 380 -36.19 -17.60 -33.33
N VAL C 381 -36.33 -17.91 -32.05
CA VAL C 381 -35.19 -17.77 -31.16
C VAL C 381 -34.42 -19.09 -31.06
N SER C 382 -35.09 -20.23 -31.25
CA SER C 382 -34.43 -21.50 -31.07
C SER C 382 -33.33 -21.70 -32.12
N GLU C 383 -33.63 -21.39 -33.38
CA GLU C 383 -32.62 -21.56 -34.42
C GLU C 383 -31.45 -20.61 -34.20
N GLN C 384 -31.71 -19.40 -33.71
CA GLN C 384 -30.60 -18.49 -33.44
C GLN C 384 -29.75 -19.03 -32.30
N PHE C 385 -30.39 -19.62 -31.29
CA PHE C 385 -29.65 -20.23 -30.20
C PHE C 385 -28.83 -21.42 -30.68
N THR C 386 -29.42 -22.30 -31.49
CA THR C 386 -28.67 -23.44 -31.98
C THR C 386 -27.55 -22.98 -32.91
N ALA C 387 -27.78 -21.92 -33.67
CA ALA C 387 -26.76 -21.41 -34.58
C ALA C 387 -25.53 -20.96 -33.80
N MET C 388 -25.76 -20.29 -32.67
CA MET C 388 -24.65 -19.83 -31.84
C MET C 388 -24.02 -20.99 -31.08
N PHE C 389 -24.83 -21.89 -30.54
CA PHE C 389 -24.29 -22.93 -29.66
C PHE C 389 -23.46 -23.97 -30.39
N ARG C 390 -23.59 -24.11 -31.70
CA ARG C 390 -22.89 -25.19 -32.39
C ARG C 390 -21.45 -24.80 -32.71
N ARG C 391 -20.96 -23.71 -32.12
CA ARG C 391 -19.58 -23.29 -32.30
C ARG C 391 -19.08 -22.73 -30.98
N LYS C 392 -19.90 -22.79 -29.94
CA LYS C 392 -19.59 -22.31 -28.59
C LYS C 392 -19.19 -20.84 -28.52
N ALA C 393 -19.80 -20.00 -29.36
CA ALA C 393 -19.53 -18.58 -29.25
C ALA C 393 -20.17 -18.00 -27.99
N PHE C 394 -19.50 -17.02 -27.38
CA PHE C 394 -19.97 -16.38 -26.14
C PHE C 394 -20.20 -17.39 -25.01
N LEU C 395 -19.51 -18.52 -25.02
CA LEU C 395 -19.79 -19.54 -24.02
C LEU C 395 -18.93 -19.47 -22.77
N HIS C 396 -17.77 -18.84 -22.80
CA HIS C 396 -16.89 -18.95 -21.65
C HIS C 396 -17.40 -18.16 -20.44
N TRP C 397 -18.15 -17.08 -20.64
CA TRP C 397 -18.83 -16.46 -19.51
C TRP C 397 -19.99 -17.29 -19.03
N TYR C 398 -20.47 -18.22 -19.84
CA TYR C 398 -21.51 -19.11 -19.34
C TYR C 398 -20.89 -20.33 -18.66
N THR C 399 -20.00 -21.04 -19.36
CA THR C 399 -19.39 -22.24 -18.78
C THR C 399 -18.38 -21.91 -17.68
N GLY C 400 -17.73 -20.74 -17.74
CA GLY C 400 -16.80 -20.34 -16.69
C GLY C 400 -17.43 -19.86 -15.40
N GLU C 401 -18.74 -19.65 -15.40
CA GLU C 401 -19.49 -19.16 -14.24
C GLU C 401 -20.28 -20.24 -13.53
N GLY C 402 -20.51 -21.39 -14.16
CA GLY C 402 -21.23 -22.45 -13.52
C GLY C 402 -22.11 -23.30 -14.43
N MET C 403 -22.47 -22.82 -15.61
CA MET C 403 -23.23 -23.71 -16.47
C MET C 403 -22.29 -24.73 -17.12
N ASP C 404 -22.88 -25.83 -17.54
CA ASP C 404 -22.19 -26.92 -18.19
C ASP C 404 -22.78 -27.04 -19.59
N GLU C 405 -22.39 -28.08 -20.32
CA GLU C 405 -22.91 -28.20 -21.67
C GLU C 405 -24.33 -28.76 -21.66
N MET C 406 -24.64 -29.64 -20.71
CA MET C 406 -25.96 -30.28 -20.67
C MET C 406 -27.09 -29.29 -20.41
N GLU C 407 -26.83 -28.17 -19.72
CA GLU C 407 -27.88 -27.17 -19.53
C GLU C 407 -28.36 -26.58 -20.84
N PHE C 408 -27.46 -26.26 -21.75
CA PHE C 408 -27.92 -25.74 -23.04
C PHE C 408 -28.62 -26.83 -23.84
N THR C 409 -28.12 -28.07 -23.75
CA THR C 409 -28.81 -29.18 -24.41
C THR C 409 -30.18 -29.42 -23.79
N GLU C 410 -30.28 -29.26 -22.47
CA GLU C 410 -31.59 -29.35 -21.84
C GLU C 410 -32.51 -28.24 -22.35
N ALA C 411 -31.99 -27.04 -22.48
CA ALA C 411 -32.78 -25.92 -22.99
C ALA C 411 -33.30 -26.20 -24.40
N GLU C 412 -32.44 -26.66 -25.30
CA GLU C 412 -32.91 -27.01 -26.65
C GLU C 412 -33.99 -28.08 -26.60
N SER C 413 -33.77 -29.13 -25.79
CA SER C 413 -34.72 -30.24 -25.75
C SER C 413 -36.08 -29.75 -25.27
N ASN C 414 -36.09 -28.94 -24.21
CA ASN C 414 -37.37 -28.44 -23.70
C ASN C 414 -37.97 -27.48 -24.70
N MET C 415 -37.14 -26.67 -25.35
CA MET C 415 -37.59 -25.82 -26.43
C MET C 415 -38.26 -26.65 -27.51
N ASN C 416 -37.61 -27.74 -27.93
CA ASN C 416 -38.09 -28.51 -29.07
C ASN C 416 -39.36 -29.28 -28.74
N ASP C 417 -39.47 -29.83 -27.52
CA ASP C 417 -40.70 -30.53 -27.18
C ASP C 417 -41.88 -29.58 -27.00
N LEU C 418 -41.66 -28.34 -26.54
CA LEU C 418 -42.77 -27.40 -26.44
C LEU C 418 -43.27 -27.00 -27.81
N VAL C 419 -42.38 -26.71 -28.76
CA VAL C 419 -42.88 -26.37 -30.08
C VAL C 419 -43.51 -27.59 -30.75
N SER C 420 -43.08 -28.80 -30.37
CA SER C 420 -43.70 -29.99 -30.91
C SER C 420 -45.07 -30.25 -30.30
N GLU C 421 -45.26 -29.93 -29.02
CA GLU C 421 -46.56 -30.15 -28.40
C GLU C 421 -47.55 -29.03 -28.71
N TYR C 422 -47.05 -27.83 -28.99
CA TYR C 422 -47.90 -26.83 -29.61
C TYR C 422 -48.39 -27.32 -30.96
N GLN C 423 -47.48 -27.84 -31.78
CA GLN C 423 -47.86 -28.39 -33.08
C GLN C 423 -48.87 -29.53 -32.97
N GLN C 424 -48.78 -30.38 -31.95
CA GLN C 424 -49.79 -31.42 -31.81
C GLN C 424 -51.15 -30.85 -31.45
N TYR C 425 -51.20 -30.02 -30.40
CA TYR C 425 -52.48 -29.53 -29.91
C TYR C 425 -53.16 -28.55 -30.84
N GLN C 426 -52.46 -28.03 -31.86
CA GLN C 426 -53.12 -27.16 -32.82
C GLN C 426 -53.91 -28.00 -33.81
N ARG D 2 -19.98 3.60 -7.85
CA ARG D 2 -19.23 3.12 -9.01
C ARG D 2 -18.11 4.08 -9.36
N GLU D 3 -16.93 3.52 -9.61
CA GLU D 3 -15.76 4.34 -9.91
C GLU D 3 -14.88 3.61 -10.92
N VAL D 4 -14.15 4.40 -11.71
CA VAL D 4 -13.17 3.87 -12.64
C VAL D 4 -11.96 4.79 -12.60
N ILE D 5 -10.77 4.21 -12.51
CA ILE D 5 -9.54 4.98 -12.46
C ILE D 5 -8.79 4.79 -13.77
N SER D 6 -8.05 5.81 -14.17
CA SER D 6 -7.42 5.85 -15.48
C SER D 6 -5.93 6.10 -15.30
N ILE D 7 -5.12 5.17 -15.80
CA ILE D 7 -3.67 5.27 -15.69
C ILE D 7 -3.08 5.55 -17.07
N HIS D 8 -2.00 6.33 -17.07
CA HIS D 8 -1.36 6.81 -18.29
C HIS D 8 0.13 6.49 -18.23
N ILE D 9 0.63 5.80 -19.25
CA ILE D 9 2.03 5.39 -19.26
C ILE D 9 2.68 5.90 -20.55
N GLY D 10 3.75 6.66 -20.40
CA GLY D 10 4.53 7.11 -21.53
C GLY D 10 4.21 8.54 -21.94
N GLN D 11 4.97 8.98 -22.95
CA GLN D 11 4.83 10.33 -23.47
C GLN D 11 3.47 10.52 -24.10
N ALA D 12 3.05 9.56 -24.92
CA ALA D 12 1.74 9.64 -25.56
C ALA D 12 0.62 9.43 -24.56
N GLY D 13 0.85 8.57 -23.56
CA GLY D 13 -0.18 8.30 -22.57
C GLY D 13 -0.60 9.53 -21.77
N ILE D 14 0.36 10.21 -21.15
CA ILE D 14 0.01 11.33 -20.28
C ILE D 14 -0.37 12.57 -21.07
N GLN D 15 0.03 12.66 -22.33
CA GLN D 15 -0.46 13.74 -23.17
C GLN D 15 -1.93 13.56 -23.46
N VAL D 16 -2.34 12.32 -23.72
CA VAL D 16 -3.75 11.99 -23.90
C VAL D 16 -4.54 12.33 -22.64
N GLY D 17 -3.98 12.03 -21.46
CA GLY D 17 -4.63 12.41 -20.22
C GLY D 17 -4.79 13.91 -20.06
N ASN D 18 -3.81 14.70 -20.51
CA ASN D 18 -3.93 16.15 -20.43
C ASN D 18 -5.14 16.65 -21.20
N ALA D 19 -5.51 15.99 -22.29
CA ALA D 19 -6.74 16.38 -22.98
C ALA D 19 -7.98 15.82 -22.30
N CYS D 20 -7.88 14.64 -21.69
CA CYS D 20 -9.07 14.03 -21.10
C CYS D 20 -9.53 14.82 -19.87
N TRP D 21 -8.62 15.08 -18.92
CA TRP D 21 -9.01 15.79 -17.72
C TRP D 21 -9.36 17.25 -18.00
N GLU D 22 -8.76 17.84 -19.03
CA GLU D 22 -9.23 19.13 -19.51
C GLU D 22 -10.70 19.05 -19.88
N LEU D 23 -11.06 18.07 -20.70
CA LEU D 23 -12.45 17.91 -21.13
C LEU D 23 -13.37 17.63 -19.95
N TYR D 24 -12.88 16.90 -18.96
CA TYR D 24 -13.73 16.49 -17.85
C TYR D 24 -14.14 17.67 -16.97
N CYS D 25 -13.16 18.49 -16.54
CA CYS D 25 -13.49 19.65 -15.73
C CYS D 25 -14.34 20.66 -16.49
N LEU D 26 -14.08 20.84 -17.79
CA LEU D 26 -14.92 21.75 -18.56
C LEU D 26 -16.31 21.20 -18.76
N GLU D 27 -16.50 19.90 -18.57
CA GLU D 27 -17.83 19.30 -18.68
C GLU D 27 -18.61 19.39 -17.37
N HIS D 28 -17.95 19.15 -16.24
CA HIS D 28 -18.60 19.17 -14.95
C HIS D 28 -18.50 20.52 -14.24
N GLY D 29 -18.04 21.55 -14.95
CA GLY D 29 -18.05 22.91 -14.43
C GLY D 29 -17.08 23.19 -13.30
N ILE D 30 -15.92 22.53 -13.31
CA ILE D 30 -14.88 22.73 -12.30
C ILE D 30 -13.76 23.56 -12.91
N GLN D 31 -13.33 24.61 -12.21
CA GLN D 31 -12.16 25.36 -12.65
C GLN D 31 -10.90 24.52 -12.53
N PRO D 32 -9.84 24.88 -13.26
CA PRO D 32 -8.59 24.11 -13.16
C PRO D 32 -7.97 24.08 -11.78
N ASP D 33 -8.38 24.97 -10.88
CA ASP D 33 -7.79 24.92 -9.55
C ASP D 33 -8.42 23.86 -8.67
N GLY D 34 -9.65 23.46 -8.94
CA GLY D 34 -10.18 22.30 -8.25
C GLY D 34 -11.42 22.54 -7.42
N GLN D 35 -12.11 23.66 -7.62
CA GLN D 35 -13.30 23.93 -6.83
C GLN D 35 -14.47 24.33 -7.71
N MET D 36 -15.66 23.94 -7.28
CA MET D 36 -16.87 24.32 -7.98
C MET D 36 -17.18 25.80 -7.70
N PRO D 37 -17.64 26.56 -8.71
CA PRO D 37 -18.03 27.96 -8.50
C PRO D 37 -19.13 28.10 -7.45
N ASP D 47 -23.45 15.40 -8.31
CA ASP D 47 -22.87 14.26 -7.64
C ASP D 47 -22.30 13.26 -8.65
N ALA D 48 -22.65 13.47 -9.92
CA ALA D 48 -22.21 12.57 -10.98
C ALA D 48 -20.71 12.60 -11.23
N PHE D 49 -20.00 13.55 -10.62
CA PHE D 49 -18.52 13.63 -10.78
C PHE D 49 -17.85 12.56 -9.93
N ASN D 50 -18.63 11.79 -9.15
CA ASN D 50 -18.06 10.79 -8.20
C ASN D 50 -17.32 9.63 -8.87
N THR D 51 -17.66 9.28 -10.11
CA THR D 51 -16.94 8.19 -10.83
C THR D 51 -15.47 8.58 -11.04
N PHE D 52 -15.17 9.84 -11.35
CA PHE D 52 -13.77 10.24 -11.64
C PHE D 52 -13.10 11.07 -10.54
N PHE D 53 -13.79 12.02 -9.89
CA PHE D 53 -13.19 12.88 -8.87
C PHE D 53 -13.62 12.43 -7.48
N SER D 54 -12.64 12.38 -6.59
CA SER D 54 -12.94 12.11 -5.17
C SER D 54 -13.03 13.49 -4.53
N GLU D 55 -13.85 13.65 -3.49
CA GLU D 55 -14.04 14.98 -2.88
C GLU D 55 -13.25 15.07 -1.56
N THR D 56 -12.41 16.10 -1.42
CA THR D 56 -11.59 16.28 -0.19
C THR D 56 -12.51 16.53 1.00
N GLY D 57 -13.68 17.14 0.77
CA GLY D 57 -14.58 17.52 1.88
C GLY D 57 -14.40 18.97 2.22
N ALA D 58 -13.38 19.62 1.64
CA ALA D 58 -13.17 21.06 1.83
C ALA D 58 -13.59 21.79 0.56
N GLY D 59 -14.30 21.09 -0.33
CA GLY D 59 -14.78 21.72 -1.58
C GLY D 59 -13.80 21.57 -2.73
N LYS D 60 -12.79 20.72 -2.56
CA LYS D 60 -11.76 20.52 -3.62
C LYS D 60 -11.97 19.14 -4.24
N HIS D 61 -11.90 19.04 -5.57
CA HIS D 61 -12.14 17.76 -6.28
C HIS D 61 -10.83 17.29 -6.91
N VAL D 62 -10.39 16.04 -6.68
CA VAL D 62 -9.06 15.54 -7.18
C VAL D 62 -9.28 14.37 -8.15
N PRO D 63 -8.69 14.33 -9.38
CA PRO D 63 -9.00 13.25 -10.32
C PRO D 63 -8.42 11.91 -9.89
N ARG D 64 -9.10 10.83 -10.27
CA ARG D 64 -8.60 9.47 -10.02
C ARG D 64 -7.72 9.05 -11.19
N CYS D 65 -6.44 9.40 -11.12
CA CYS D 65 -5.53 9.13 -12.22
C CYS D 65 -4.10 9.18 -11.70
N ILE D 66 -3.21 8.47 -12.37
CA ILE D 66 -1.78 8.54 -12.11
C ILE D 66 -1.04 8.61 -13.44
N PHE D 67 -0.37 9.74 -13.68
CA PHE D 67 0.55 9.86 -14.80
C PHE D 67 1.90 9.29 -14.41
N LEU D 68 2.43 8.37 -15.22
CA LEU D 68 3.77 7.84 -14.96
C LEU D 68 4.50 7.58 -16.26
N ASP D 69 5.80 7.83 -16.24
CA ASP D 69 6.68 7.59 -17.37
C ASP D 69 8.10 7.53 -16.86
N LEU D 70 9.05 7.37 -17.78
CA LEU D 70 10.45 7.23 -17.39
C LEU D 70 11.26 8.50 -17.59
N GLU D 71 10.77 9.45 -18.38
CA GLU D 71 11.46 10.69 -18.70
C GLU D 71 10.74 11.88 -18.07
N PRO D 72 11.43 12.71 -17.29
CA PRO D 72 10.76 13.78 -16.55
C PRO D 72 10.34 15.00 -17.35
N THR D 73 10.53 15.02 -18.67
CA THR D 73 10.25 16.26 -19.40
C THR D 73 8.74 16.49 -19.55
N VAL D 74 8.02 15.50 -20.07
CA VAL D 74 6.60 15.66 -20.36
C VAL D 74 5.77 15.76 -19.08
N VAL D 75 6.25 15.19 -17.97
CA VAL D 75 5.51 15.27 -16.71
C VAL D 75 5.58 16.67 -16.10
N ASP D 76 6.76 17.29 -16.09
CA ASP D 76 6.94 18.60 -15.46
C ASP D 76 6.40 19.82 -16.20
N GLU D 77 6.12 19.78 -17.51
CA GLU D 77 5.26 20.86 -18.00
C GLU D 77 3.85 20.74 -17.42
N VAL D 78 3.37 19.52 -17.16
CA VAL D 78 2.07 19.37 -16.55
C VAL D 78 2.06 19.96 -15.14
N ARG D 79 3.12 19.72 -14.36
CA ARG D 79 3.24 20.28 -13.03
C ARG D 79 3.17 21.80 -12.99
N THR D 80 3.28 22.48 -14.14
CA THR D 80 3.34 23.93 -14.15
C THR D 80 2.38 24.55 -15.16
N GLY D 81 1.49 23.78 -15.75
CA GLY D 81 0.46 24.31 -16.63
C GLY D 81 -0.63 24.98 -15.84
N THR D 82 -1.82 25.04 -16.43
CA THR D 82 -2.94 25.61 -15.70
C THR D 82 -3.39 24.68 -14.57
N TYR D 83 -3.30 23.37 -14.79
CA TYR D 83 -3.83 22.37 -13.81
C TYR D 83 -2.77 21.95 -12.80
N ARG D 84 -1.92 22.89 -12.39
CA ARG D 84 -0.92 22.57 -11.35
C ARG D 84 -1.67 22.13 -10.10
N GLN D 85 -2.78 22.81 -9.81
CA GLN D 85 -3.51 22.55 -8.54
C GLN D 85 -4.59 21.48 -8.68
N LEU D 86 -4.81 20.90 -9.86
CA LEU D 86 -5.92 19.92 -9.93
C LEU D 86 -5.38 18.56 -9.51
N PHE D 87 -4.19 18.20 -9.97
CA PHE D 87 -3.64 16.89 -9.71
C PHE D 87 -2.93 16.82 -8.37
N HIS D 88 -3.17 15.74 -7.64
CA HIS D 88 -2.42 15.51 -6.42
C HIS D 88 -0.97 15.24 -6.79
N PRO D 89 0.00 15.75 -6.02
CA PRO D 89 1.41 15.59 -6.44
C PRO D 89 1.89 14.16 -6.58
N GLU D 90 1.50 13.28 -5.65
CA GLU D 90 2.00 11.90 -5.69
C GLU D 90 1.54 11.16 -6.93
N GLN D 91 0.39 11.53 -7.48
CA GLN D 91 -0.13 10.84 -8.66
C GLN D 91 0.81 10.96 -9.85
N LEU D 92 1.43 12.13 -10.04
CA LEU D 92 2.26 12.38 -11.22
C LEU D 92 3.66 11.78 -11.06
N ILE D 93 3.72 10.45 -11.16
CA ILE D 93 4.99 9.76 -11.02
C ILE D 93 5.91 10.11 -12.18
N SER D 94 7.21 10.10 -11.94
CA SER D 94 8.20 10.39 -12.97
C SER D 94 9.51 9.69 -12.63
N GLY D 95 10.13 9.09 -13.64
CA GLY D 95 11.42 8.48 -13.47
C GLY D 95 12.58 9.46 -13.59
N LYS D 96 13.75 8.92 -13.87
CA LYS D 96 14.97 9.71 -14.08
C LYS D 96 15.58 9.56 -15.46
N GLU D 97 15.41 8.42 -16.13
CA GLU D 97 15.99 8.28 -17.47
C GLU D 97 15.08 7.37 -18.28
N ASP D 98 15.12 7.57 -19.59
CA ASP D 98 14.15 7.00 -20.51
C ASP D 98 14.55 5.59 -20.93
N ALA D 99 13.54 4.81 -21.34
CA ALA D 99 13.78 3.48 -21.90
C ALA D 99 14.32 3.57 -23.32
N ALA D 100 14.06 4.67 -24.02
CA ALA D 100 14.67 4.98 -25.31
C ALA D 100 14.30 3.93 -26.37
N ASN D 101 12.98 3.81 -26.61
CA ASN D 101 12.46 3.00 -27.71
C ASN D 101 13.07 1.62 -27.67
N ASN D 102 13.09 1.02 -26.49
CA ASN D 102 13.74 -0.25 -26.29
C ASN D 102 12.85 -1.03 -25.34
N PHE D 103 12.10 -2.00 -25.88
CA PHE D 103 11.14 -2.76 -25.11
C PHE D 103 11.80 -3.46 -23.93
N ALA D 104 12.94 -4.11 -24.17
CA ALA D 104 13.61 -4.82 -23.09
C ALA D 104 14.05 -3.87 -21.99
N ARG D 105 14.55 -2.70 -22.36
CA ARG D 105 15.01 -1.73 -21.37
C ARG D 105 13.87 -1.25 -20.48
N GLY D 106 12.66 -1.19 -21.03
CA GLY D 106 11.51 -0.79 -20.24
C GLY D 106 10.89 -1.96 -19.50
N HIS D 107 11.22 -3.18 -19.89
CA HIS D 107 10.59 -4.34 -19.29
C HIS D 107 11.46 -5.04 -18.26
N TYR D 108 12.77 -4.88 -18.32
CA TYR D 108 13.63 -5.58 -17.37
C TYR D 108 14.65 -4.69 -16.68
N THR D 109 15.26 -3.75 -17.40
CA THR D 109 16.30 -2.94 -16.77
C THR D 109 15.70 -1.83 -15.91
N ILE D 110 14.95 -0.91 -16.52
CA ILE D 110 14.46 0.27 -15.82
C ILE D 110 13.04 0.06 -15.32
N GLY D 111 12.26 -0.80 -15.98
CA GLY D 111 10.91 -1.06 -15.53
C GLY D 111 10.84 -1.63 -14.14
N LYS D 112 11.77 -2.52 -13.79
CA LYS D 112 11.73 -3.24 -12.52
C LYS D 112 11.87 -2.34 -11.31
N GLU D 113 12.27 -1.08 -11.48
CA GLU D 113 12.41 -0.16 -10.36
C GLU D 113 11.21 0.77 -10.19
N ILE D 114 10.44 0.99 -11.25
CA ILE D 114 9.42 2.04 -11.24
C ILE D 114 8.01 1.48 -11.12
N VAL D 115 7.77 0.24 -11.55
CA VAL D 115 6.40 -0.28 -11.58
C VAL D 115 5.92 -0.63 -10.17
N ASP D 116 6.85 -0.95 -9.26
CA ASP D 116 6.46 -1.23 -7.89
C ASP D 116 6.01 0.02 -7.16
N LEU D 117 6.59 1.19 -7.48
CA LEU D 117 6.07 2.44 -6.94
C LEU D 117 4.69 2.75 -7.49
N ALA D 118 4.45 2.48 -8.76
CA ALA D 118 3.13 2.70 -9.35
C ALA D 118 2.07 1.80 -8.72
N LEU D 119 2.46 0.58 -8.35
CA LEU D 119 1.51 -0.38 -7.79
C LEU D 119 1.05 0.03 -6.39
N ASP D 120 2.00 0.34 -5.51
CA ASP D 120 1.62 0.74 -4.17
C ASP D 120 0.98 2.13 -4.16
N ARG D 121 1.00 2.85 -5.27
CA ARG D 121 0.15 4.02 -5.42
C ARG D 121 -1.27 3.64 -5.83
N ILE D 122 -1.39 2.89 -6.93
CA ILE D 122 -2.70 2.52 -7.47
C ILE D 122 -3.53 1.74 -6.47
N ARG D 123 -2.89 1.15 -5.45
CA ARG D 123 -3.63 0.39 -4.45
C ARG D 123 -4.54 1.30 -3.62
N LYS D 124 -4.00 2.43 -3.15
CA LYS D 124 -4.83 3.34 -2.37
C LYS D 124 -5.81 4.16 -3.21
N LEU D 125 -5.62 4.25 -4.52
CA LEU D 125 -6.71 4.77 -5.35
C LEU D 125 -7.89 3.80 -5.36
N ALA D 126 -7.61 2.50 -5.48
CA ALA D 126 -8.67 1.51 -5.43
C ALA D 126 -9.30 1.42 -4.04
N ASP D 127 -8.51 1.60 -2.98
CA ASP D 127 -9.05 1.54 -1.63
C ASP D 127 -9.98 2.71 -1.34
N ASN D 128 -9.67 3.90 -1.87
CA ASN D 128 -10.58 5.02 -1.74
C ASN D 128 -11.90 4.77 -2.47
N CYS D 129 -11.87 3.94 -3.50
CA CYS D 129 -13.08 3.60 -4.24
C CYS D 129 -13.89 2.54 -3.51
N THR D 130 -15.17 2.44 -3.87
CA THR D 130 -16.11 1.53 -3.23
C THR D 130 -16.64 0.49 -4.21
N GLY D 131 -17.15 0.92 -5.35
CA GLY D 131 -17.78 0.04 -6.31
C GLY D 131 -17.00 -0.04 -7.61
N LEU D 132 -15.67 -0.17 -7.48
CA LEU D 132 -14.75 -0.08 -8.62
C LEU D 132 -15.23 -0.91 -9.80
N GLN D 133 -15.52 -0.23 -10.91
CA GLN D 133 -15.92 -0.92 -12.14
C GLN D 133 -14.72 -1.53 -12.85
N GLY D 134 -13.59 -0.85 -12.84
CA GLY D 134 -12.40 -1.38 -13.47
C GLY D 134 -11.35 -0.30 -13.61
N PHE D 135 -10.29 -0.66 -14.34
CA PHE D 135 -9.23 0.26 -14.72
C PHE D 135 -9.35 0.52 -16.22
N LEU D 136 -8.73 1.60 -16.67
CA LEU D 136 -8.56 1.80 -18.10
C LEU D 136 -7.21 2.46 -18.38
N VAL D 137 -6.42 1.82 -19.24
CA VAL D 137 -5.02 2.16 -19.45
C VAL D 137 -4.82 2.82 -20.82
N PHE D 138 -3.88 3.74 -20.88
CA PHE D 138 -3.53 4.47 -22.10
C PHE D 138 -2.06 4.28 -22.40
N ASN D 139 -1.75 3.78 -23.59
CA ASN D 139 -0.36 3.56 -23.96
C ASN D 139 -0.22 3.48 -25.46
N ALA D 140 0.97 3.83 -25.94
CA ALA D 140 1.35 3.68 -27.35
C ALA D 140 2.41 2.60 -27.41
N VAL D 141 2.17 1.55 -28.20
CA VAL D 141 3.09 0.42 -28.22
C VAL D 141 4.39 0.71 -28.96
N GLY D 142 4.49 1.80 -29.71
CA GLY D 142 5.70 2.07 -30.45
C GLY D 142 6.90 2.42 -29.58
N GLY D 143 6.65 2.99 -28.40
CA GLY D 143 7.70 3.42 -27.51
C GLY D 143 8.20 2.27 -26.64
N GLY D 144 9.08 2.63 -25.71
CA GLY D 144 9.61 1.65 -24.78
C GLY D 144 8.92 1.66 -23.44
N THR D 145 8.56 2.85 -22.95
CA THR D 145 7.85 2.95 -21.68
C THR D 145 6.46 2.37 -21.79
N GLY D 146 5.67 2.86 -22.74
CA GLY D 146 4.30 2.38 -22.88
C GLY D 146 4.23 0.91 -23.25
N SER D 147 5.23 0.43 -23.98
CA SER D 147 5.30 -0.98 -24.34
C SER D 147 5.86 -1.83 -23.20
N GLY D 148 7.08 -1.53 -22.77
CA GLY D 148 7.76 -2.38 -21.82
C GLY D 148 7.10 -2.45 -20.46
N LEU D 149 7.16 -1.37 -19.67
CA LEU D 149 6.58 -1.44 -18.34
C LEU D 149 5.07 -1.45 -18.40
N GLY D 150 4.48 -1.05 -19.53
CA GLY D 150 3.06 -1.23 -19.72
C GLY D 150 2.65 -2.68 -19.67
N SER D 151 3.34 -3.54 -20.42
CA SER D 151 3.06 -4.96 -20.34
C SER D 151 3.41 -5.51 -18.96
N LEU D 152 4.49 -5.02 -18.36
CA LEU D 152 4.85 -5.44 -17.01
C LEU D 152 3.79 -5.03 -16.01
N LEU D 153 3.25 -3.81 -16.16
CA LEU D 153 2.20 -3.35 -15.26
C LEU D 153 0.93 -4.16 -15.43
N LEU D 154 0.58 -4.51 -16.67
CA LEU D 154 -0.58 -5.34 -16.92
C LEU D 154 -0.40 -6.74 -16.35
N GLU D 155 0.82 -7.28 -16.39
CA GLU D 155 1.07 -8.58 -15.76
C GLU D 155 0.72 -8.52 -14.28
N ARG D 156 1.25 -7.54 -13.57
CA ARG D 156 1.05 -7.44 -12.13
C ARG D 156 -0.38 -7.02 -11.78
N LEU D 157 -1.04 -6.29 -12.68
CA LEU D 157 -2.46 -5.98 -12.46
C LEU D 157 -3.35 -7.22 -12.58
N SER D 158 -3.04 -8.11 -13.52
CA SER D 158 -3.84 -9.33 -13.66
C SER D 158 -3.72 -10.22 -12.44
N VAL D 159 -2.52 -10.35 -11.87
CA VAL D 159 -2.34 -11.17 -10.68
C VAL D 159 -2.93 -10.51 -9.44
N ASP D 160 -3.08 -9.19 -9.43
CA ASP D 160 -3.65 -8.52 -8.27
C ASP D 160 -5.17 -8.59 -8.24
N TYR D 161 -5.83 -8.23 -9.35
CA TYR D 161 -7.28 -8.11 -9.36
C TYR D 161 -7.94 -9.20 -10.19
N GLY D 162 -7.59 -9.33 -11.46
CA GLY D 162 -8.10 -10.40 -12.29
C GLY D 162 -9.51 -10.16 -12.79
N LYS D 163 -10.48 -10.11 -11.88
CA LYS D 163 -11.88 -10.00 -12.27
C LYS D 163 -12.28 -8.61 -12.73
N LYS D 164 -11.43 -7.60 -12.52
CA LYS D 164 -11.76 -6.23 -12.85
C LYS D 164 -11.35 -5.90 -14.28
N SER D 165 -12.19 -5.12 -14.96
CA SER D 165 -11.94 -4.80 -16.35
C SER D 165 -10.71 -3.91 -16.48
N LYS D 166 -10.01 -4.06 -17.59
CA LYS D 166 -8.81 -3.26 -17.89
C LYS D 166 -8.97 -2.82 -19.34
N LEU D 167 -9.51 -1.62 -19.53
CA LEU D 167 -9.80 -1.10 -20.86
C LEU D 167 -8.52 -0.57 -21.47
N GLY D 168 -7.96 -1.28 -22.44
CA GLY D 168 -6.72 -0.83 -23.02
C GLY D 168 -6.95 -0.04 -24.29
N PHE D 169 -6.71 1.26 -24.23
CA PHE D 169 -6.84 2.14 -25.39
C PHE D 169 -5.42 2.36 -25.87
N THR D 170 -4.99 1.51 -26.80
CA THR D 170 -3.59 1.52 -27.22
C THR D 170 -3.46 2.17 -28.58
N VAL D 171 -2.28 2.72 -28.83
CA VAL D 171 -1.94 3.33 -30.10
C VAL D 171 -1.00 2.37 -30.82
N TYR D 172 -1.48 1.76 -31.88
CA TYR D 172 -0.59 0.89 -32.63
C TYR D 172 0.19 1.71 -33.65
N PRO D 173 1.36 1.23 -34.07
CA PRO D 173 2.11 1.97 -35.07
C PRO D 173 1.38 1.93 -36.39
N SER D 174 1.46 3.03 -37.12
CA SER D 174 0.78 3.09 -38.40
C SER D 174 1.51 2.21 -39.40
N PRO D 175 0.81 1.72 -40.41
CA PRO D 175 1.49 0.95 -41.45
C PRO D 175 2.64 1.70 -42.11
N GLN D 176 2.37 2.88 -42.67
CA GLN D 176 3.40 3.60 -43.42
C GLN D 176 4.00 4.79 -42.66
N VAL D 177 3.19 5.54 -41.92
CA VAL D 177 3.66 6.71 -41.18
C VAL D 177 4.21 6.28 -39.82
N SER D 178 5.51 6.42 -39.63
CA SER D 178 6.15 5.98 -38.41
C SER D 178 7.27 6.95 -38.07
N THR D 179 7.59 7.04 -36.79
CA THR D 179 8.65 7.93 -36.32
C THR D 179 9.87 7.20 -35.83
N ALA D 180 9.72 5.98 -35.35
CA ALA D 180 10.82 5.15 -34.87
C ALA D 180 11.12 4.06 -35.90
N VAL D 181 12.22 3.37 -35.67
CA VAL D 181 12.67 2.34 -36.61
C VAL D 181 12.69 0.95 -35.97
N VAL D 182 12.78 0.84 -34.64
CA VAL D 182 12.74 -0.45 -33.97
C VAL D 182 11.33 -0.77 -33.47
N GLU D 183 10.33 0.01 -33.88
CA GLU D 183 8.96 -0.19 -33.42
C GLU D 183 8.32 -1.50 -33.87
N PRO D 184 8.72 -2.14 -34.99
CA PRO D 184 8.16 -3.46 -35.26
C PRO D 184 8.52 -4.47 -34.19
N TYR D 185 9.76 -4.45 -33.70
CA TYR D 185 10.14 -5.31 -32.58
C TYR D 185 9.27 -5.04 -31.36
N ASN D 186 9.08 -3.75 -31.05
CA ASN D 186 8.35 -3.39 -29.84
C ASN D 186 6.89 -3.81 -29.90
N SER D 187 6.25 -3.67 -31.06
CA SER D 187 4.85 -4.04 -31.20
C SER D 187 4.61 -5.54 -31.06
N VAL D 188 5.48 -6.37 -31.66
CA VAL D 188 5.27 -7.81 -31.59
C VAL D 188 5.45 -8.32 -30.16
N LEU D 189 6.55 -7.94 -29.50
CA LEU D 189 6.80 -8.40 -28.15
C LEU D 189 5.77 -7.90 -27.16
N SER D 190 5.24 -6.69 -27.38
CA SER D 190 4.24 -6.16 -26.47
C SER D 190 2.89 -6.85 -26.63
N THR D 191 2.46 -7.07 -27.86
CA THR D 191 1.20 -7.79 -28.08
C THR D 191 1.24 -9.18 -27.48
N HIS D 192 2.43 -9.79 -27.43
CA HIS D 192 2.55 -11.14 -26.87
C HIS D 192 2.04 -11.21 -25.44
N SER D 193 2.13 -10.12 -24.69
CA SER D 193 1.59 -10.09 -23.33
C SER D 193 0.28 -9.32 -23.24
N LEU D 194 0.10 -8.31 -24.09
CA LEU D 194 -1.18 -7.60 -24.15
C LEU D 194 -2.30 -8.53 -24.59
N LEU D 195 -1.95 -9.67 -25.21
CA LEU D 195 -2.93 -10.66 -25.64
C LEU D 195 -3.66 -11.27 -24.45
N GLU D 196 -2.92 -11.81 -23.49
CA GLU D 196 -3.50 -12.58 -22.40
C GLU D 196 -3.72 -11.80 -21.11
N HIS D 197 -3.51 -10.49 -21.11
CA HIS D 197 -3.79 -9.66 -19.94
C HIS D 197 -4.95 -8.70 -20.12
N THR D 198 -4.95 -7.88 -21.17
CA THR D 198 -6.02 -6.92 -21.32
C THR D 198 -7.32 -7.63 -21.63
N ASP D 199 -8.39 -7.25 -20.94
CA ASP D 199 -9.69 -7.87 -21.18
C ASP D 199 -10.32 -7.32 -22.45
N VAL D 200 -10.23 -6.01 -22.65
CA VAL D 200 -10.84 -5.34 -23.79
C VAL D 200 -9.85 -4.28 -24.26
N ALA D 201 -9.29 -4.47 -25.46
CA ALA D 201 -8.21 -3.64 -25.95
C ALA D 201 -8.67 -2.98 -27.24
N VAL D 202 -8.65 -1.64 -27.25
CA VAL D 202 -9.15 -0.86 -28.36
C VAL D 202 -7.94 -0.31 -29.10
N MET D 203 -7.95 -0.41 -30.42
CA MET D 203 -6.84 0.09 -31.22
C MET D 203 -7.13 1.49 -31.72
N LEU D 204 -6.08 2.31 -31.76
CA LEU D 204 -6.15 3.70 -32.19
C LEU D 204 -4.89 3.92 -33.00
N ASP D 205 -5.02 3.93 -34.32
CA ASP D 205 -3.84 4.12 -35.14
C ASP D 205 -3.52 5.62 -35.17
N ASN D 206 -2.50 6.02 -35.90
CA ASN D 206 -2.22 7.44 -36.02
C ASN D 206 -2.53 8.01 -37.38
N GLU D 207 -2.33 7.23 -38.44
CA GLU D 207 -2.64 7.73 -39.77
C GLU D 207 -4.13 7.93 -39.96
N ALA D 208 -4.95 7.08 -39.33
CA ALA D 208 -6.39 7.23 -39.45
C ALA D 208 -6.86 8.53 -38.81
N ILE D 209 -6.34 8.85 -37.63
CA ILE D 209 -6.72 10.11 -36.99
C ILE D 209 -6.19 11.28 -37.81
N TYR D 210 -5.01 11.12 -38.40
CA TYR D 210 -4.48 12.13 -39.30
C TYR D 210 -5.42 12.40 -40.46
N ASP D 211 -5.96 11.34 -41.08
CA ASP D 211 -6.88 11.52 -42.20
C ASP D 211 -8.21 12.14 -41.78
N ILE D 212 -8.67 11.83 -40.57
CA ILE D 212 -9.92 12.43 -40.09
C ILE D 212 -9.77 13.94 -39.93
N CYS D 213 -8.70 14.37 -39.27
CA CYS D 213 -8.47 15.81 -39.11
C CYS D 213 -8.21 16.49 -40.45
N ARG D 214 -7.67 15.77 -41.43
CA ARG D 214 -7.40 16.42 -42.71
C ARG D 214 -8.69 16.60 -43.51
N ARG D 215 -9.54 15.57 -43.57
CA ARG D 215 -10.73 15.60 -44.41
C ARG D 215 -11.95 16.11 -43.66
N SER D 216 -12.27 15.52 -42.51
CA SER D 216 -13.50 15.88 -41.80
C SER D 216 -13.36 17.24 -41.13
N LEU D 217 -12.40 17.37 -40.22
CA LEU D 217 -12.16 18.65 -39.55
C LEU D 217 -11.54 19.68 -40.49
N ASP D 218 -11.20 19.29 -41.72
CA ASP D 218 -10.58 20.16 -42.71
C ASP D 218 -9.43 20.96 -42.11
N ILE D 219 -8.71 20.34 -41.18
CA ILE D 219 -7.46 20.90 -40.67
C ILE D 219 -6.30 20.30 -41.46
N GLU D 220 -5.58 21.15 -42.19
CA GLU D 220 -4.50 20.70 -43.05
C GLU D 220 -3.16 20.69 -42.34
N ARG D 221 -3.07 21.30 -41.15
CA ARG D 221 -1.85 21.33 -40.37
C ARG D 221 -2.17 20.92 -38.94
N PRO D 222 -2.39 19.63 -38.70
CA PRO D 222 -2.69 19.18 -37.34
C PRO D 222 -1.45 18.77 -36.56
N THR D 223 -1.46 19.11 -35.28
CA THR D 223 -0.41 18.67 -34.36
C THR D 223 -1.00 17.57 -33.48
N TYR D 224 -0.24 17.15 -32.47
CA TYR D 224 -0.76 16.14 -31.58
C TYR D 224 -1.93 16.63 -30.74
N THR D 225 -2.11 17.94 -30.58
CA THR D 225 -3.18 18.43 -29.71
C THR D 225 -4.54 17.95 -30.20
N ASN D 226 -4.82 18.13 -31.49
CA ASN D 226 -6.13 17.76 -32.02
C ASN D 226 -6.37 16.26 -31.94
N LEU D 227 -5.33 15.45 -32.13
CA LEU D 227 -5.46 14.00 -32.01
C LEU D 227 -5.95 13.62 -30.61
N ASN D 228 -5.24 14.09 -29.58
CA ASN D 228 -5.61 13.80 -28.21
C ASN D 228 -6.98 14.35 -27.86
N ARG D 229 -7.38 15.46 -28.50
CA ARG D 229 -8.68 16.07 -28.23
C ARG D 229 -9.82 15.12 -28.58
N LEU D 230 -9.79 14.56 -29.79
CA LEU D 230 -10.87 13.70 -30.25
C LEU D 230 -10.85 12.34 -29.56
N ILE D 231 -9.68 11.87 -29.10
CA ILE D 231 -9.64 10.65 -28.31
C ILE D 231 -10.39 10.84 -27.00
N ALA D 232 -10.16 11.98 -26.34
CA ALA D 232 -10.92 12.31 -25.14
C ALA D 232 -12.41 12.36 -25.43
N GLN D 233 -12.79 12.82 -26.62
CA GLN D 233 -14.20 12.86 -26.97
C GLN D 233 -14.80 11.47 -27.02
N VAL D 234 -14.05 10.49 -27.53
CA VAL D 234 -14.58 9.12 -27.58
C VAL D 234 -14.72 8.56 -26.18
N ILE D 235 -13.73 8.80 -25.32
CA ILE D 235 -13.79 8.31 -23.95
C ILE D 235 -14.95 8.97 -23.22
N SER D 236 -15.15 10.27 -23.44
CA SER D 236 -16.27 10.96 -22.82
C SER D 236 -17.59 10.36 -23.28
N SER D 237 -17.68 10.05 -24.58
CA SER D 237 -18.89 9.42 -25.10
C SER D 237 -19.09 8.03 -24.54
N LEU D 238 -18.00 7.36 -24.15
CA LEU D 238 -18.09 6.01 -23.62
C LEU D 238 -18.37 5.97 -22.12
N THR D 239 -18.00 7.01 -21.39
CA THR D 239 -18.27 7.04 -19.96
C THR D 239 -19.52 7.85 -19.60
N ALA D 240 -20.16 8.51 -20.57
CA ALA D 240 -21.39 9.22 -20.28
C ALA D 240 -22.45 8.26 -19.77
N SER D 241 -22.43 7.01 -20.23
CA SER D 241 -23.40 6.02 -19.78
C SER D 241 -23.17 5.69 -18.32
N LEU D 242 -21.93 5.79 -17.87
CA LEU D 242 -21.58 5.55 -16.47
C LEU D 242 -21.79 6.78 -15.62
N ARG D 243 -21.55 7.97 -16.20
CA ARG D 243 -21.65 9.21 -15.45
C ARG D 243 -23.09 9.72 -15.34
N PHE D 244 -23.87 9.56 -16.41
CA PHE D 244 -25.19 10.19 -16.51
C PHE D 244 -26.23 9.14 -16.85
N ASP D 245 -27.49 9.50 -16.62
CA ASP D 245 -28.61 8.60 -16.91
C ASP D 245 -29.17 8.84 -18.31
N GLY D 246 -29.52 7.74 -18.99
CA GLY D 246 -30.10 7.82 -20.31
C GLY D 246 -31.30 6.91 -20.45
N ALA D 247 -31.84 6.89 -21.68
CA ALA D 247 -33.00 6.03 -21.96
C ALA D 247 -32.60 4.57 -22.03
N LEU D 248 -31.34 4.28 -22.37
CA LEU D 248 -30.88 2.89 -22.45
C LEU D 248 -29.36 2.92 -22.26
N ASN D 249 -28.92 2.54 -21.07
CA ASN D 249 -27.53 2.66 -20.68
C ASN D 249 -26.85 1.31 -20.61
N VAL D 250 -25.51 1.33 -20.72
CA VAL D 250 -24.68 0.15 -20.54
C VAL D 250 -23.54 0.55 -19.60
N ASP D 251 -22.92 -0.46 -19.00
CA ASP D 251 -21.76 -0.24 -18.16
C ASP D 251 -20.50 -0.75 -18.84
N ILE D 252 -19.39 -0.71 -18.12
CA ILE D 252 -18.11 -1.15 -18.66
C ILE D 252 -17.97 -2.67 -18.61
N THR D 253 -18.76 -3.33 -17.76
CA THR D 253 -18.76 -4.79 -17.73
C THR D 253 -19.62 -5.36 -18.85
N GLU D 254 -20.37 -4.52 -19.54
CA GLU D 254 -21.21 -4.99 -20.64
C GLU D 254 -20.36 -5.36 -21.86
N PHE D 255 -19.38 -4.51 -22.19
CA PHE D 255 -18.46 -4.78 -23.29
C PHE D 255 -17.65 -6.05 -23.10
N GLN D 256 -17.42 -6.49 -21.86
CA GLN D 256 -16.65 -7.71 -21.68
C GLN D 256 -17.38 -8.89 -22.27
N THR D 257 -18.69 -8.94 -22.11
CA THR D 257 -19.45 -10.10 -22.58
C THR D 257 -19.96 -9.89 -24.00
N ASN D 258 -20.53 -8.74 -24.29
CA ASN D 258 -21.29 -8.58 -25.53
C ASN D 258 -20.44 -8.43 -26.78
N LEU D 259 -19.11 -8.32 -26.70
CA LEU D 259 -18.35 -8.03 -27.91
C LEU D 259 -17.21 -8.97 -28.23
N VAL D 260 -16.75 -9.79 -27.30
CA VAL D 260 -15.58 -10.62 -27.57
C VAL D 260 -16.00 -12.09 -27.51
N PRO D 261 -16.11 -12.77 -28.65
CA PRO D 261 -16.62 -14.14 -28.61
C PRO D 261 -15.65 -15.14 -28.01
N TYR D 262 -14.34 -14.92 -28.15
CA TYR D 262 -13.38 -15.88 -27.63
C TYR D 262 -12.31 -15.18 -26.80
N PRO D 263 -11.85 -15.81 -25.72
CA PRO D 263 -11.00 -15.12 -24.74
C PRO D 263 -9.68 -14.59 -25.28
N ARG D 264 -9.40 -14.82 -26.57
CA ARG D 264 -8.20 -14.27 -27.19
C ARG D 264 -8.50 -13.31 -28.33
N ILE D 265 -9.74 -13.21 -28.77
CA ILE D 265 -10.13 -12.23 -29.78
C ILE D 265 -10.74 -11.04 -29.07
N HIS D 266 -9.90 -10.10 -28.65
CA HIS D 266 -10.37 -8.85 -28.05
C HIS D 266 -9.55 -7.72 -28.66
N PHE D 267 -10.00 -7.25 -29.82
CA PHE D 267 -9.35 -6.12 -30.49
C PHE D 267 -10.44 -5.39 -31.29
N MET D 268 -10.76 -4.17 -30.87
CA MET D 268 -11.91 -3.46 -31.39
C MET D 268 -11.51 -2.27 -32.24
N LEU D 269 -12.29 -2.04 -33.30
CA LEU D 269 -12.15 -0.89 -34.17
C LEU D 269 -13.08 0.22 -33.68
N SER D 270 -12.51 1.38 -33.38
CA SER D 270 -13.32 2.48 -32.87
C SER D 270 -13.56 3.51 -33.95
N SER D 271 -14.66 4.25 -33.80
CA SER D 271 -15.00 5.34 -34.69
C SER D 271 -15.96 6.26 -33.95
N TYR D 272 -16.13 7.47 -34.49
CA TYR D 272 -16.96 8.46 -33.83
C TYR D 272 -17.56 9.37 -34.88
N ALA D 273 -18.78 9.83 -34.62
CA ALA D 273 -19.47 10.70 -35.54
C ALA D 273 -20.47 11.57 -34.80
N PRO D 274 -20.66 12.82 -35.23
CA PRO D 274 -19.97 13.39 -36.38
C PRO D 274 -18.76 14.28 -36.04
N ILE D 275 -17.59 13.97 -36.58
CA ILE D 275 -16.45 14.89 -36.50
C ILE D 275 -16.65 15.94 -37.58
N ILE D 276 -17.18 17.09 -37.21
CA ILE D 276 -17.61 18.10 -38.17
C ILE D 276 -17.11 19.46 -37.71
N SER D 277 -16.57 20.24 -38.65
CA SER D 277 -16.04 21.54 -38.33
C SER D 277 -17.18 22.52 -38.01
N ALA D 278 -16.79 23.76 -37.69
CA ALA D 278 -17.74 24.77 -37.26
C ALA D 278 -18.66 25.22 -38.38
N GLU D 279 -18.30 24.97 -39.64
CA GLU D 279 -19.08 25.52 -40.73
C GLU D 279 -20.02 24.50 -41.35
N LYS D 280 -19.62 23.24 -41.45
CA LYS D 280 -20.52 22.23 -42.00
C LYS D 280 -21.77 22.08 -41.14
N ALA D 281 -21.61 22.19 -39.82
CA ALA D 281 -22.76 22.00 -38.93
C ALA D 281 -23.84 23.03 -39.20
N TYR D 282 -23.45 24.27 -39.44
CA TYR D 282 -24.42 25.32 -39.73
C TYR D 282 -25.23 25.01 -40.99
N HIS D 283 -24.57 24.51 -42.04
CA HIS D 283 -25.24 24.13 -43.28
C HIS D 283 -25.72 22.68 -43.35
N GLU D 284 -25.55 21.86 -42.31
CA GLU D 284 -25.89 20.45 -42.44
C GLU D 284 -26.86 20.04 -41.33
N GLN D 285 -27.52 18.91 -41.56
CA GLN D 285 -28.55 18.39 -40.69
C GLN D 285 -28.05 17.22 -39.86
N LEU D 286 -28.46 17.18 -38.60
CA LEU D 286 -28.11 16.10 -37.69
C LEU D 286 -29.37 15.34 -37.33
N SER D 287 -29.34 14.02 -37.52
CA SER D 287 -30.38 13.13 -37.04
C SER D 287 -29.73 11.79 -36.74
N VAL D 288 -30.54 10.84 -36.28
CA VAL D 288 -29.96 9.59 -35.81
C VAL D 288 -29.59 8.68 -36.98
N ALA D 289 -30.37 8.71 -38.06
CA ALA D 289 -30.14 7.78 -39.16
C ALA D 289 -28.81 8.04 -39.86
N GLU D 290 -28.49 9.32 -40.12
CA GLU D 290 -27.28 9.60 -40.88
C GLU D 290 -26.02 9.40 -40.04
N ILE D 291 -26.11 9.64 -38.73
CA ILE D 291 -24.93 9.40 -37.91
C ILE D 291 -24.78 7.91 -37.66
N THR D 292 -25.89 7.15 -37.67
CA THR D 292 -25.79 5.70 -37.66
C THR D 292 -25.10 5.19 -38.92
N ASN D 293 -25.34 5.84 -40.05
CA ASN D 293 -24.62 5.52 -41.27
C ASN D 293 -23.16 5.91 -41.16
N ALA D 294 -22.88 7.17 -40.81
CA ALA D 294 -21.53 7.69 -40.81
C ALA D 294 -20.60 6.99 -39.83
N ALA D 295 -21.14 6.27 -38.86
CA ALA D 295 -20.27 5.55 -37.92
C ALA D 295 -19.66 4.29 -38.55
N PHE D 296 -20.20 3.82 -39.67
CA PHE D 296 -19.74 2.56 -40.27
C PHE D 296 -18.82 2.74 -41.47
N GLU D 297 -18.88 3.87 -42.16
CA GLU D 297 -18.06 4.01 -43.35
C GLU D 297 -16.58 4.10 -42.96
N PRO D 298 -15.69 3.44 -43.70
CA PRO D 298 -14.26 3.43 -43.35
C PRO D 298 -13.58 4.79 -43.43
N ALA D 299 -14.24 5.82 -43.96
CA ALA D 299 -13.66 7.15 -43.94
C ALA D 299 -13.67 7.79 -42.56
N SER D 300 -14.23 7.11 -41.55
CA SER D 300 -14.31 7.64 -40.19
C SER D 300 -13.77 6.66 -39.15
N MET D 301 -12.90 5.73 -39.54
CA MET D 301 -12.38 4.76 -38.59
C MET D 301 -11.07 5.26 -38.00
N MET D 302 -10.72 4.73 -36.83
CA MET D 302 -9.53 5.16 -36.10
C MET D 302 -8.37 4.19 -36.24
N VAL D 303 -8.47 3.21 -37.12
CA VAL D 303 -7.40 2.23 -37.32
C VAL D 303 -7.29 1.96 -38.81
N LYS D 304 -6.09 2.03 -39.36
CA LYS D 304 -6.01 1.82 -40.80
C LYS D 304 -6.20 0.35 -41.13
N CYS D 305 -7.45 0.01 -41.35
CA CYS D 305 -7.87 -1.30 -41.83
C CYS D 305 -9.23 -1.07 -42.47
N ASP D 306 -9.71 -2.07 -43.19
CA ASP D 306 -10.98 -1.95 -43.88
C ASP D 306 -11.89 -3.08 -43.42
N PRO D 307 -12.95 -2.81 -42.67
CA PRO D 307 -13.86 -3.89 -42.29
C PRO D 307 -14.61 -4.46 -43.47
N ARG D 308 -14.58 -3.78 -44.62
CA ARG D 308 -15.17 -4.33 -45.83
C ARG D 308 -14.46 -5.62 -46.22
N HIS D 309 -13.19 -5.75 -45.84
CA HIS D 309 -12.45 -6.97 -46.13
C HIS D 309 -12.75 -8.05 -45.10
N GLY D 310 -13.24 -7.66 -43.93
CA GLY D 310 -13.52 -8.58 -42.85
C GLY D 310 -15.00 -8.85 -42.65
N LYS D 311 -15.28 -9.63 -41.61
CA LYS D 311 -16.63 -9.97 -41.23
C LYS D 311 -16.84 -9.63 -39.76
N TYR D 312 -17.99 -9.05 -39.45
CA TYR D 312 -18.28 -8.59 -38.10
C TYR D 312 -18.71 -9.74 -37.19
N MET D 313 -18.25 -9.69 -35.95
CA MET D 313 -18.74 -10.61 -34.92
C MET D 313 -19.87 -9.93 -34.16
N ALA D 314 -19.59 -8.77 -33.57
CA ALA D 314 -20.57 -7.99 -32.85
C ALA D 314 -20.13 -6.54 -32.84
N CYS D 315 -21.10 -5.63 -32.86
CA CYS D 315 -20.84 -4.21 -32.91
C CYS D 315 -21.51 -3.54 -31.70
N CYS D 316 -21.00 -2.36 -31.34
CA CYS D 316 -21.54 -1.58 -30.23
C CYS D 316 -21.71 -0.14 -30.66
N LEU D 317 -22.76 0.50 -30.13
CA LEU D 317 -23.18 1.82 -30.60
C LEU D 317 -23.53 2.74 -29.43
N MET D 318 -22.66 3.69 -29.12
CA MET D 318 -22.97 4.75 -28.17
C MET D 318 -23.66 5.91 -28.86
N TYR D 319 -24.78 6.37 -28.29
CA TYR D 319 -25.53 7.49 -28.84
C TYR D 319 -25.61 8.56 -27.76
N ARG D 320 -25.33 9.81 -28.13
CA ARG D 320 -25.37 10.90 -27.15
C ARG D 320 -26.28 12.03 -27.63
N GLY D 321 -26.98 12.65 -26.69
CA GLY D 321 -27.77 13.83 -27.00
C GLY D 321 -29.25 13.55 -27.12
N ASP D 322 -29.95 14.35 -27.92
CA ASP D 322 -31.40 14.24 -28.08
C ASP D 322 -31.64 13.11 -29.07
N VAL D 323 -31.73 11.88 -28.54
CA VAL D 323 -31.90 10.67 -29.35
C VAL D 323 -33.00 9.84 -28.69
N VAL D 324 -34.03 9.50 -29.45
CA VAL D 324 -35.09 8.60 -29.00
C VAL D 324 -34.73 7.17 -29.38
N PRO D 325 -35.29 6.15 -28.73
CA PRO D 325 -34.91 4.77 -29.06
C PRO D 325 -35.56 4.18 -30.30
N LYS D 326 -36.65 4.76 -30.82
CA LYS D 326 -37.32 4.13 -31.96
C LYS D 326 -36.44 4.13 -33.21
N ASP D 327 -35.72 5.23 -33.45
CA ASP D 327 -34.95 5.39 -34.68
C ASP D 327 -33.57 4.74 -34.62
N VAL D 328 -32.98 4.58 -33.43
CA VAL D 328 -31.75 3.79 -33.36
C VAL D 328 -32.04 2.36 -33.77
N ASN D 329 -33.21 1.83 -33.43
CA ASN D 329 -33.59 0.50 -33.87
C ASN D 329 -33.83 0.47 -35.37
N ALA D 330 -34.56 1.45 -35.89
CA ALA D 330 -34.84 1.49 -37.33
C ALA D 330 -33.56 1.66 -38.14
N SER D 331 -32.61 2.45 -37.62
CA SER D 331 -31.37 2.70 -38.33
C SER D 331 -30.49 1.46 -38.37
N VAL D 332 -30.33 0.78 -37.24
CA VAL D 332 -29.52 -0.45 -37.22
C VAL D 332 -30.18 -1.52 -38.07
N ALA D 333 -31.51 -1.50 -38.18
CA ALA D 333 -32.20 -2.41 -39.09
C ALA D 333 -31.80 -2.16 -40.53
N THR D 334 -31.77 -0.90 -40.95
CA THR D 334 -31.36 -0.58 -42.31
C THR D 334 -29.93 -1.03 -42.61
N ILE D 335 -29.04 -0.99 -41.61
CA ILE D 335 -27.68 -1.44 -41.81
C ILE D 335 -27.64 -2.94 -42.08
N LYS D 336 -28.41 -3.71 -41.32
CA LYS D 336 -28.41 -5.17 -41.50
C LYS D 336 -28.98 -5.57 -42.86
N THR D 337 -29.95 -4.82 -43.38
CA THR D 337 -30.53 -5.18 -44.66
C THR D 337 -29.63 -4.82 -45.83
N LYS D 338 -28.67 -3.93 -45.62
CA LYS D 338 -27.67 -3.65 -46.64
C LYS D 338 -26.69 -4.81 -46.71
N ARG D 339 -25.95 -4.87 -47.82
CA ARG D 339 -25.10 -6.03 -48.11
C ARG D 339 -23.64 -5.66 -48.30
N THR D 340 -23.28 -4.39 -48.12
CA THR D 340 -21.87 -4.03 -48.18
C THR D 340 -21.07 -4.65 -47.03
N ILE D 341 -21.68 -4.77 -45.85
CA ILE D 341 -21.06 -5.40 -44.69
C ILE D 341 -21.91 -6.58 -44.25
N GLN D 342 -21.25 -7.66 -43.85
CA GLN D 342 -21.90 -8.91 -43.49
C GLN D 342 -21.41 -9.37 -42.13
N PHE D 343 -22.25 -10.09 -41.40
CA PHE D 343 -21.87 -10.59 -40.09
C PHE D 343 -21.55 -12.08 -40.16
N VAL D 344 -20.89 -12.57 -39.12
CA VAL D 344 -20.45 -14.00 -39.08
C VAL D 344 -21.67 -14.93 -39.06
N ASP D 345 -21.54 -16.12 -39.64
CA ASP D 345 -22.69 -17.05 -39.75
C ASP D 345 -23.16 -17.43 -38.34
N TRP D 346 -22.23 -17.65 -37.43
CA TRP D 346 -22.64 -18.11 -36.08
C TRP D 346 -23.45 -17.02 -35.38
N CYS D 347 -23.29 -15.75 -35.73
CA CYS D 347 -24.03 -14.70 -34.96
C CYS D 347 -25.21 -14.12 -35.78
N PRO D 348 -26.47 -14.51 -35.49
CA PRO D 348 -27.63 -13.94 -36.17
C PRO D 348 -27.83 -12.47 -35.80
N THR D 349 -27.67 -12.15 -34.50
CA THR D 349 -27.78 -10.73 -34.07
C THR D 349 -26.38 -10.23 -33.72
N GLY D 350 -25.98 -9.09 -34.25
CA GLY D 350 -24.59 -8.64 -34.04
C GLY D 350 -24.49 -7.23 -33.50
N PHE D 351 -25.46 -6.77 -32.71
CA PHE D 351 -25.38 -5.35 -32.29
C PHE D 351 -25.65 -5.15 -30.81
N LYS D 352 -25.02 -4.14 -30.21
CA LYS D 352 -25.24 -3.78 -28.81
C LYS D 352 -25.41 -2.26 -28.80
N CYS D 353 -26.65 -1.79 -28.67
CA CYS D 353 -26.97 -0.38 -28.78
C CYS D 353 -27.10 0.29 -27.42
N GLY D 354 -26.90 1.61 -27.40
CA GLY D 354 -27.05 2.40 -26.19
C GLY D 354 -27.24 3.90 -26.37
N ILE D 355 -28.20 4.48 -25.67
CA ILE D 355 -28.58 5.88 -25.81
C ILE D 355 -28.48 6.55 -24.45
N ASN D 356 -27.86 7.73 -24.41
CA ASN D 356 -27.74 8.52 -23.20
C ASN D 356 -28.14 9.97 -23.45
N TYR D 357 -28.66 10.61 -22.40
CA TYR D 357 -29.33 11.90 -22.56
C TYR D 357 -28.37 13.06 -22.74
N GLN D 358 -27.15 12.98 -22.18
CA GLN D 358 -26.40 14.24 -22.16
C GLN D 358 -25.63 14.41 -23.46
N PRO D 359 -25.70 15.59 -24.08
CA PRO D 359 -24.93 15.84 -25.29
C PRO D 359 -23.46 15.99 -24.97
N PRO D 360 -22.58 15.91 -25.97
CA PRO D 360 -21.16 16.15 -25.73
C PRO D 360 -20.92 17.64 -25.57
N THR D 361 -20.29 18.01 -24.45
CA THR D 361 -19.92 19.40 -24.25
C THR D 361 -18.71 19.76 -25.09
N VAL D 362 -18.47 21.05 -25.23
CA VAL D 362 -17.35 21.55 -26.03
C VAL D 362 -16.39 22.27 -25.10
N VAL D 363 -15.11 22.20 -25.45
CA VAL D 363 -14.10 22.98 -24.74
C VAL D 363 -13.64 24.15 -25.59
N PRO D 364 -13.51 25.35 -25.03
CA PRO D 364 -12.98 26.46 -25.81
C PRO D 364 -11.55 26.17 -26.23
N GLY D 365 -11.21 26.54 -27.46
CA GLY D 365 -9.90 26.28 -28.01
C GLY D 365 -9.82 25.02 -28.84
N GLY D 366 -10.77 24.10 -28.67
CA GLY D 366 -10.82 22.92 -29.50
C GLY D 366 -11.45 23.22 -30.83
N ASP D 367 -11.30 22.27 -31.76
CA ASP D 367 -11.81 22.45 -33.12
C ASP D 367 -13.03 21.57 -33.39
N LEU D 368 -13.65 21.06 -32.33
CA LEU D 368 -14.90 20.33 -32.44
C LEU D 368 -16.08 21.28 -32.28
N ALA D 369 -17.04 21.20 -33.20
CA ALA D 369 -18.20 22.06 -33.14
C ALA D 369 -19.16 21.58 -32.04
N LYS D 370 -20.13 22.43 -31.72
CA LYS D 370 -21.20 22.06 -30.79
C LYS D 370 -22.27 21.36 -31.60
N VAL D 371 -22.29 20.04 -31.53
CA VAL D 371 -23.20 19.23 -32.33
C VAL D 371 -24.36 18.83 -31.43
N GLN D 372 -25.55 18.70 -32.04
CA GLN D 372 -26.73 18.34 -31.26
C GLN D 372 -26.73 16.87 -30.85
N ARG D 373 -26.09 15.99 -31.62
CA ARG D 373 -26.13 14.55 -31.37
C ARG D 373 -24.86 13.91 -31.89
N ALA D 374 -24.49 12.78 -31.31
CA ALA D 374 -23.26 12.10 -31.72
C ALA D 374 -23.37 10.61 -31.49
N VAL D 375 -22.57 9.86 -32.25
CA VAL D 375 -22.53 8.41 -32.17
C VAL D 375 -21.07 7.97 -31.98
N CYS D 376 -20.84 7.09 -31.02
CA CYS D 376 -19.54 6.46 -30.82
C CYS D 376 -19.70 4.96 -31.04
N MET D 377 -19.13 4.44 -32.12
CA MET D 377 -19.24 3.03 -32.46
C MET D 377 -17.97 2.29 -32.08
N ILE D 378 -18.13 1.13 -31.45
CA ILE D 378 -17.02 0.25 -31.10
C ILE D 378 -17.37 -1.16 -31.58
N SER D 379 -16.68 -1.64 -32.61
CA SER D 379 -17.05 -2.90 -33.24
C SER D 379 -15.88 -3.88 -33.16
N ASN D 380 -16.18 -5.12 -33.49
CA ASN D 380 -15.17 -6.17 -33.56
C ASN D 380 -15.31 -6.85 -34.91
N SER D 381 -14.19 -7.17 -35.54
CA SER D 381 -14.25 -7.67 -36.90
C SER D 381 -13.06 -8.59 -37.13
N THR D 382 -12.81 -8.92 -38.40
CA THR D 382 -11.66 -9.71 -38.76
C THR D 382 -10.67 -8.93 -39.61
N ALA D 383 -11.01 -7.71 -40.02
CA ALA D 383 -10.03 -6.85 -40.68
C ALA D 383 -8.83 -6.58 -39.80
N ILE D 384 -9.02 -6.68 -38.48
CA ILE D 384 -7.94 -6.54 -37.51
C ILE D 384 -6.87 -7.61 -37.72
N GLY D 385 -7.27 -8.78 -38.21
CA GLY D 385 -6.29 -9.78 -38.59
C GLY D 385 -5.35 -9.35 -39.70
N GLU D 386 -5.79 -8.50 -40.61
CA GLU D 386 -4.87 -8.03 -41.65
C GLU D 386 -3.77 -7.14 -41.09
N ILE D 387 -4.10 -6.26 -40.14
CA ILE D 387 -3.07 -5.39 -39.57
C ILE D 387 -1.99 -6.20 -38.86
N PHE D 388 -2.38 -7.17 -38.04
CA PHE D 388 -1.40 -7.98 -37.31
C PHE D 388 -0.48 -8.73 -38.29
N SER D 389 -1.05 -9.26 -39.38
CA SER D 389 -0.25 -9.93 -40.40
C SER D 389 0.69 -8.94 -41.07
N ARG D 390 0.21 -7.72 -41.33
CA ARG D 390 1.02 -6.69 -41.96
C ARG D 390 2.22 -6.31 -41.08
N LEU D 391 2.06 -6.39 -39.77
CA LEU D 391 3.16 -6.14 -38.86
C LEU D 391 4.18 -7.26 -38.93
N ASP D 392 3.72 -8.51 -39.06
CA ASP D 392 4.63 -9.65 -39.09
C ASP D 392 5.56 -9.66 -40.29
N HIS D 393 5.11 -9.15 -41.43
CA HIS D 393 5.98 -9.17 -42.60
C HIS D 393 7.24 -8.34 -42.38
N LYS D 394 7.08 -7.07 -41.98
CA LYS D 394 8.25 -6.24 -41.74
C LYS D 394 8.99 -6.50 -40.43
N PHE D 395 8.36 -7.13 -39.43
CA PHE D 395 9.15 -7.56 -38.27
C PHE D 395 10.05 -8.73 -38.63
N ASP D 396 9.50 -9.73 -39.32
CA ASP D 396 10.29 -10.89 -39.71
C ASP D 396 11.32 -10.49 -40.75
N LEU D 397 11.00 -9.48 -41.54
CA LEU D 397 11.91 -8.95 -42.54
C LEU D 397 13.30 -8.70 -41.96
N MET D 398 13.37 -8.03 -40.81
CA MET D 398 14.66 -7.65 -40.26
C MET D 398 15.21 -8.66 -39.26
N TYR D 399 14.34 -9.41 -38.60
CA TYR D 399 14.78 -10.31 -37.54
C TYR D 399 15.74 -11.40 -38.03
N ALA D 400 15.54 -11.90 -39.25
CA ALA D 400 16.38 -13.01 -39.71
C ALA D 400 17.85 -12.61 -39.77
N LYS D 401 18.14 -11.38 -40.19
CA LYS D 401 19.52 -10.92 -40.28
C LYS D 401 20.05 -10.41 -38.94
N ARG D 402 19.23 -10.49 -37.89
CA ARG D 402 19.58 -10.05 -36.54
C ARG D 402 19.97 -8.59 -36.44
N ALA D 403 19.24 -7.72 -37.14
CA ALA D 403 19.48 -6.30 -36.96
C ALA D 403 18.86 -5.85 -35.65
N PHE D 404 19.50 -4.87 -35.00
CA PHE D 404 19.01 -4.25 -33.78
C PHE D 404 18.73 -5.23 -32.64
N VAL D 405 19.01 -6.51 -32.84
CA VAL D 405 18.81 -7.48 -31.77
C VAL D 405 19.83 -7.28 -30.65
N HIS D 406 21.01 -6.77 -30.98
CA HIS D 406 22.08 -6.69 -29.99
C HIS D 406 21.75 -5.75 -28.84
N TRP D 407 20.89 -4.75 -29.06
CA TRP D 407 20.53 -3.86 -27.97
C TRP D 407 19.66 -4.56 -26.94
N TYR D 408 18.65 -5.29 -27.41
CA TYR D 408 17.74 -5.98 -26.49
C TYR D 408 18.45 -7.12 -25.76
N VAL D 409 19.23 -7.91 -26.48
CA VAL D 409 19.97 -9.02 -25.88
C VAL D 409 21.09 -8.54 -24.95
N GLY D 410 21.67 -7.38 -25.23
CA GLY D 410 22.63 -6.80 -24.31
C GLY D 410 22.02 -6.35 -22.99
N GLU D 411 20.74 -6.02 -23.00
CA GLU D 411 20.04 -5.64 -21.78
C GLU D 411 19.80 -6.84 -20.86
N GLY D 412 19.71 -8.04 -21.41
CA GLY D 412 19.57 -9.22 -20.57
C GLY D 412 18.62 -10.26 -21.12
N MET D 413 18.11 -10.01 -22.32
CA MET D 413 17.25 -10.95 -23.01
C MET D 413 18.10 -11.86 -23.89
N GLU D 414 17.45 -12.74 -24.63
CA GLU D 414 18.16 -13.73 -25.42
C GLU D 414 17.46 -13.85 -26.77
N GLU D 415 17.84 -14.85 -27.55
CA GLU D 415 17.19 -15.05 -28.84
C GLU D 415 15.91 -15.86 -28.68
N GLY D 416 15.75 -16.52 -27.54
CA GLY D 416 14.60 -17.38 -27.33
C GLY D 416 13.27 -16.65 -27.35
N GLU D 417 13.20 -15.49 -26.68
CA GLU D 417 11.92 -14.81 -26.57
C GLU D 417 11.45 -14.21 -27.89
N PHE D 418 12.36 -13.87 -28.80
CA PHE D 418 11.91 -13.43 -30.12
C PHE D 418 11.19 -14.55 -30.86
N SER D 419 11.81 -15.73 -30.94
CA SER D 419 11.18 -16.83 -31.66
C SER D 419 9.90 -17.29 -30.99
N GLU D 420 9.85 -17.32 -29.65
CA GLU D 420 8.65 -17.81 -29.00
C GLU D 420 7.53 -16.78 -29.02
N ALA D 421 7.86 -15.49 -28.94
CA ALA D 421 6.83 -14.47 -29.11
C ALA D 421 6.37 -14.41 -30.55
N ARG D 422 7.29 -14.63 -31.49
CA ARG D 422 6.95 -14.61 -32.89
C ARG D 422 5.95 -15.70 -33.26
N GLU D 423 6.20 -16.92 -32.80
CA GLU D 423 5.26 -18.00 -33.10
C GLU D 423 3.94 -17.87 -32.35
N ASP D 424 3.92 -17.19 -31.20
CA ASP D 424 2.65 -16.99 -30.52
C ASP D 424 1.74 -16.06 -31.32
N LEU D 425 2.27 -14.92 -31.78
CA LEU D 425 1.43 -14.04 -32.59
C LEU D 425 1.15 -14.66 -33.95
N ALA D 426 2.07 -15.47 -34.47
CA ALA D 426 1.81 -16.24 -35.68
C ALA D 426 0.66 -17.21 -35.47
N ALA D 427 0.61 -17.84 -34.31
CA ALA D 427 -0.50 -18.73 -33.97
C ALA D 427 -1.81 -17.96 -33.90
N LEU D 428 -1.76 -16.73 -33.42
CA LEU D 428 -2.94 -15.86 -33.39
C LEU D 428 -3.46 -15.59 -34.80
N GLU D 429 -2.55 -15.47 -35.77
CA GLU D 429 -2.99 -15.29 -37.16
C GLU D 429 -3.87 -16.44 -37.60
N LYS D 430 -3.45 -17.67 -37.32
CA LYS D 430 -4.24 -18.85 -37.70
C LYS D 430 -5.56 -18.88 -36.94
N ASP D 431 -5.55 -18.44 -35.68
CA ASP D 431 -6.77 -18.38 -34.88
C ASP D 431 -7.80 -17.44 -35.49
N PHE D 432 -7.38 -16.26 -35.94
CA PHE D 432 -8.31 -15.33 -36.56
C PHE D 432 -8.90 -15.89 -37.85
N GLU D 433 -8.10 -16.60 -38.62
CA GLU D 433 -8.57 -17.13 -39.90
C GLU D 433 -9.59 -18.25 -39.71
N GLU D 434 -9.45 -19.05 -38.66
CA GLU D 434 -10.37 -20.17 -38.44
C GLU D 434 -11.70 -19.75 -37.83
N VAL D 435 -11.74 -18.67 -37.05
CA VAL D 435 -13.03 -18.19 -36.57
C VAL D 435 -13.81 -17.50 -37.69
N GLY D 436 -13.11 -16.87 -38.64
CA GLY D 436 -13.80 -16.21 -39.72
C GLY D 436 -14.53 -17.17 -40.65
N ALA D 437 -14.04 -18.40 -40.76
CA ALA D 437 -14.67 -19.39 -41.63
C ALA D 437 -15.98 -19.92 -41.04
N MET E 1 19.10 16.49 -13.93
CA MET E 1 18.99 15.04 -13.90
C MET E 1 19.76 14.38 -15.04
N ARG E 2 19.32 14.47 -16.30
CA ARG E 2 20.16 13.90 -17.33
C ARG E 2 21.26 14.92 -17.63
N GLU E 3 22.50 14.45 -17.60
CA GLU E 3 23.67 15.30 -17.52
C GLU E 3 24.75 14.95 -18.53
N ILE E 4 25.41 15.96 -19.07
CA ILE E 4 26.48 15.81 -20.04
C ILE E 4 27.71 16.57 -19.58
N VAL E 5 28.80 15.84 -19.35
CA VAL E 5 30.09 16.46 -19.04
C VAL E 5 30.87 16.60 -20.35
N HIS E 6 31.47 17.77 -20.54
CA HIS E 6 32.07 18.14 -21.81
C HIS E 6 33.58 18.17 -21.69
N ILE E 7 34.26 17.63 -22.70
CA ILE E 7 35.71 17.50 -22.71
C ILE E 7 36.24 17.99 -24.05
N GLN E 8 37.19 18.93 -24.01
CA GLN E 8 37.78 19.49 -25.22
C GLN E 8 39.27 19.21 -25.19
N GLY E 9 39.81 18.65 -26.25
CA GLY E 9 41.22 18.29 -26.33
C GLY E 9 41.91 18.91 -27.52
N GLY E 10 43.15 19.35 -27.32
CA GLY E 10 43.94 19.90 -28.39
C GLY E 10 43.47 21.27 -28.83
N GLN E 11 44.19 21.82 -29.81
CA GLN E 11 43.84 23.14 -30.32
C GLN E 11 42.51 23.11 -31.02
N CYS E 12 42.27 22.09 -31.84
CA CYS E 12 40.99 21.97 -32.54
C CYS E 12 39.84 21.91 -31.54
N GLY E 13 40.00 21.14 -30.49
CA GLY E 13 38.95 21.02 -29.50
C GLY E 13 38.67 22.33 -28.77
N ASN E 14 39.72 23.12 -28.51
CA ASN E 14 39.54 24.34 -27.72
C ASN E 14 38.77 25.42 -28.48
N GLN E 15 39.07 25.65 -29.77
CA GLN E 15 38.28 26.66 -30.48
C GLN E 15 36.84 26.19 -30.71
N ILE E 16 36.65 24.91 -31.03
CA ILE E 16 35.30 24.41 -31.23
C ILE E 16 34.48 24.58 -29.96
N GLY E 17 35.04 24.16 -28.83
CA GLY E 17 34.35 24.31 -27.55
C GLY E 17 34.14 25.74 -27.11
N ALA E 18 35.07 26.63 -27.45
CA ALA E 18 34.92 28.04 -27.08
C ALA E 18 33.68 28.66 -27.72
N LYS E 19 33.54 28.54 -29.04
CA LYS E 19 32.36 29.07 -29.69
C LYS E 19 31.10 28.32 -29.27
N PHE E 20 31.26 27.07 -28.84
CA PHE E 20 30.11 26.28 -28.37
C PHE E 20 29.54 26.82 -27.06
N TRP E 21 30.40 27.15 -26.10
CA TRP E 21 29.90 27.64 -24.82
C TRP E 21 29.29 29.03 -24.91
N GLU E 22 29.73 29.83 -25.89
CA GLU E 22 29.06 31.10 -26.12
C GLU E 22 27.64 30.89 -26.63
N VAL E 23 27.47 29.94 -27.55
CA VAL E 23 26.15 29.72 -28.14
C VAL E 23 25.15 29.18 -27.11
N VAL E 24 25.57 28.23 -26.26
CA VAL E 24 24.64 27.68 -25.29
C VAL E 24 24.31 28.70 -24.21
N SER E 25 25.34 29.38 -23.68
CA SER E 25 25.09 30.37 -22.63
C SER E 25 24.19 31.48 -23.12
N ASP E 26 24.30 31.86 -24.39
CA ASP E 26 23.42 32.87 -24.94
C ASP E 26 22.00 32.34 -25.07
N GLU E 27 21.85 31.03 -25.27
CA GLU E 27 20.52 30.45 -25.35
C GLU E 27 19.83 30.44 -24.00
N HIS E 28 20.60 30.21 -22.94
CA HIS E 28 20.06 30.19 -21.59
C HIS E 28 20.06 31.56 -20.93
N GLY E 29 20.40 32.61 -21.68
CA GLY E 29 20.31 33.97 -21.15
C GLY E 29 21.34 34.31 -20.09
N ILE E 30 22.54 33.75 -20.17
CA ILE E 30 23.62 34.06 -19.23
C ILE E 30 24.65 34.93 -19.92
N ASP E 31 24.95 36.08 -19.30
CA ASP E 31 25.85 37.08 -19.87
C ASP E 31 27.30 36.67 -19.68
N PRO E 32 28.25 37.40 -20.30
CA PRO E 32 29.66 37.00 -20.17
C PRO E 32 30.15 36.95 -18.74
N THR E 33 29.59 37.78 -17.86
CA THR E 33 29.98 37.71 -16.45
C THR E 33 29.65 36.37 -15.86
N GLY E 34 28.60 35.71 -16.35
CA GLY E 34 28.18 34.44 -15.86
C GLY E 34 26.97 34.47 -14.97
N THR E 35 26.29 35.61 -14.88
CA THR E 35 25.12 35.78 -14.05
C THR E 35 23.86 35.67 -14.91
N TYR E 36 22.78 35.20 -14.29
CA TYR E 36 21.53 35.08 -15.02
C TYR E 36 20.97 36.46 -15.29
N HIS E 37 20.56 36.70 -16.53
CA HIS E 37 19.90 37.94 -16.88
C HIS E 37 18.75 37.73 -17.86
N GLY E 38 18.32 36.48 -18.06
CA GLY E 38 17.25 36.20 -18.97
C GLY E 38 15.91 36.61 -18.40
N ASP E 39 14.86 36.30 -19.16
CA ASP E 39 13.51 36.67 -18.79
C ASP E 39 12.61 35.45 -18.58
N SER E 40 12.66 34.48 -19.48
CA SER E 40 11.70 33.39 -19.43
C SER E 40 12.08 32.43 -18.32
N ASP E 41 11.07 31.93 -17.60
CA ASP E 41 11.34 30.94 -16.57
C ASP E 41 11.75 29.61 -17.19
N LEU E 42 11.35 29.36 -18.44
CA LEU E 42 11.69 28.10 -19.11
C LEU E 42 13.20 27.93 -19.27
N GLN E 43 13.95 29.04 -19.31
CA GLN E 43 15.39 28.92 -19.54
C GLN E 43 16.12 28.41 -18.30
N LEU E 44 15.51 28.50 -17.13
CA LEU E 44 16.14 28.08 -15.89
C LEU E 44 15.89 26.62 -15.57
N GLU E 45 14.84 26.03 -16.12
CA GLU E 45 14.42 24.69 -15.71
C GLU E 45 15.46 23.63 -16.03
N ARG E 46 16.27 23.84 -17.08
CA ARG E 46 17.14 22.81 -17.63
C ARG E 46 18.54 23.35 -17.83
N ILE E 47 19.09 23.97 -16.79
CA ILE E 47 20.50 24.37 -16.79
C ILE E 47 21.37 23.39 -16.01
N ASN E 48 20.78 22.44 -15.28
CA ASN E 48 21.58 21.40 -14.63
C ASN E 48 22.30 20.48 -15.61
N VAL E 49 21.89 20.44 -16.88
CA VAL E 49 22.54 19.52 -17.82
C VAL E 49 23.93 20.01 -18.21
N TYR E 50 24.14 21.32 -18.29
CA TYR E 50 25.41 21.87 -18.74
C TYR E 50 26.12 22.79 -17.74
N PHE E 51 25.46 23.22 -16.66
CA PHE E 51 26.04 24.22 -15.78
C PHE E 51 25.82 23.85 -14.34
N ASN E 52 26.57 24.52 -13.47
CA ASN E 52 26.43 24.44 -12.03
C ASN E 52 26.28 25.85 -11.50
N GLU E 53 25.27 26.09 -10.67
CA GLU E 53 25.15 27.36 -9.98
C GLU E 53 26.23 27.48 -8.91
N ALA E 54 27.01 28.56 -8.95
CA ALA E 54 28.06 28.76 -7.95
C ALA E 54 27.58 29.62 -6.78
N THR E 55 27.29 30.90 -7.04
CA THR E 55 26.72 31.77 -6.02
C THR E 55 26.29 33.11 -6.61
N GLY E 56 25.05 33.52 -6.34
CA GLY E 56 24.61 34.82 -6.79
C GLY E 56 24.47 34.85 -8.30
N GLY E 57 23.74 33.88 -8.86
CA GLY E 57 23.48 33.87 -10.28
C GLY E 57 24.65 33.40 -11.12
N ARG E 58 25.80 33.13 -10.50
CA ARG E 58 26.98 32.69 -11.26
C ARG E 58 26.79 31.24 -11.71
N TYR E 59 26.75 31.03 -13.02
CA TYR E 59 26.66 29.71 -13.61
C TYR E 59 27.99 29.35 -14.28
N VAL E 60 28.58 28.23 -13.88
CA VAL E 60 29.84 27.79 -14.47
C VAL E 60 29.60 26.63 -15.42
N PRO E 61 30.24 26.61 -16.59
CA PRO E 61 30.04 25.48 -17.52
C PRO E 61 30.68 24.20 -17.01
N ARG E 62 30.03 23.09 -17.32
CA ARG E 62 30.53 21.76 -16.96
C ARG E 62 31.45 21.22 -18.06
N ALA E 63 32.60 21.88 -18.22
CA ALA E 63 33.53 21.53 -19.28
C ALA E 63 34.94 21.38 -18.72
N ILE E 64 35.77 20.65 -19.47
CA ILE E 64 37.16 20.41 -19.12
C ILE E 64 38.02 20.67 -20.35
N LEU E 65 38.92 21.64 -20.26
CA LEU E 65 39.84 21.93 -21.35
C LEU E 65 41.15 21.19 -21.09
N MET E 66 41.66 20.52 -22.12
CA MET E 66 42.83 19.66 -22.00
C MET E 66 43.70 19.82 -23.24
N ASP E 67 44.95 20.22 -23.04
CA ASP E 67 45.85 20.45 -24.17
C ASP E 67 47.28 20.30 -23.66
N LEU E 68 48.25 20.72 -24.47
CA LEU E 68 49.66 20.62 -24.13
C LEU E 68 50.44 21.92 -24.29
N GLU E 69 49.94 22.90 -25.03
CA GLU E 69 50.62 24.16 -25.19
C GLU E 69 49.76 25.31 -24.65
N PRO E 70 50.35 26.24 -23.89
CA PRO E 70 49.54 27.29 -23.24
C PRO E 70 48.98 28.34 -24.17
N GLY E 71 49.36 28.34 -25.44
CA GLY E 71 48.79 29.33 -26.35
C GLY E 71 47.29 29.21 -26.46
N THR E 72 46.79 27.98 -26.54
CA THR E 72 45.34 27.75 -26.60
C THR E 72 44.65 28.12 -25.29
N MET E 73 45.25 27.82 -24.14
CA MET E 73 44.62 28.17 -22.87
C MET E 73 44.49 29.67 -22.67
N ASP E 74 45.52 30.43 -23.06
CA ASP E 74 45.46 31.89 -22.92
C ASP E 74 44.52 32.52 -23.95
N SER E 75 44.48 31.96 -25.16
CA SER E 75 43.52 32.43 -26.16
C SER E 75 42.07 32.21 -25.72
N VAL E 76 41.84 31.22 -24.87
CA VAL E 76 40.48 30.96 -24.38
C VAL E 76 40.09 31.99 -23.31
N ARG E 77 40.98 32.25 -22.35
CA ARG E 77 40.64 33.20 -21.29
C ARG E 77 40.59 34.64 -21.80
N SER E 78 41.17 34.92 -22.96
CA SER E 78 41.19 36.28 -23.46
C SER E 78 39.84 36.67 -24.05
N GLY E 79 39.28 35.80 -24.89
CA GLY E 79 38.07 36.10 -25.62
C GLY E 79 36.87 36.24 -24.70
N PRO E 80 35.75 36.70 -25.23
CA PRO E 80 34.54 36.81 -24.42
C PRO E 80 34.05 35.44 -24.00
N TYR E 81 33.24 35.43 -22.94
CA TYR E 81 32.80 34.19 -22.32
C TYR E 81 33.99 33.30 -21.95
N GLY E 82 35.11 33.94 -21.63
CA GLY E 82 36.32 33.23 -21.32
C GLY E 82 36.46 33.24 -19.82
N GLN E 83 35.80 34.20 -19.18
CA GLN E 83 35.84 34.36 -17.75
C GLN E 83 34.81 33.51 -17.04
N ILE E 84 34.12 32.61 -17.75
CA ILE E 84 33.09 31.79 -17.13
C ILE E 84 33.61 30.42 -16.73
N PHE E 85 34.66 29.93 -17.37
CA PHE E 85 35.18 28.61 -17.05
C PHE E 85 35.90 28.64 -15.71
N ARG E 86 35.77 27.55 -14.96
CA ARG E 86 36.48 27.44 -13.71
C ARG E 86 37.96 27.26 -14.03
N PRO E 87 38.85 28.05 -13.45
CA PRO E 87 40.28 27.93 -13.80
C PRO E 87 40.89 26.58 -13.43
N ASP E 88 40.32 25.87 -12.47
CA ASP E 88 40.82 24.54 -12.13
C ASP E 88 40.53 23.50 -13.22
N ASN E 89 39.51 23.72 -14.05
CA ASN E 89 39.21 22.81 -15.15
C ASN E 89 40.14 22.95 -16.34
N PHE E 90 41.18 23.78 -16.25
CA PHE E 90 42.16 23.90 -17.32
C PHE E 90 43.31 22.93 -17.12
N VAL E 91 42.99 21.64 -16.98
CA VAL E 91 44.03 20.64 -16.81
C VAL E 91 44.89 20.60 -18.07
N PHE E 92 46.20 20.55 -17.87
CA PHE E 92 47.13 21.06 -18.87
C PHE E 92 48.59 20.67 -18.72
N GLY E 93 49.16 20.08 -19.76
CA GLY E 93 50.58 19.73 -19.78
C GLY E 93 51.44 20.92 -20.16
N GLN E 94 52.71 20.64 -20.44
CA GLN E 94 53.62 21.74 -20.76
C GLN E 94 54.52 21.50 -21.97
N THR E 95 54.86 20.25 -22.30
CA THR E 95 55.93 20.04 -23.27
C THR E 95 55.42 20.14 -24.71
N GLY E 96 54.44 19.34 -25.05
CA GLY E 96 53.92 19.35 -26.41
C GLY E 96 54.28 18.11 -27.21
N ALA E 97 53.26 17.49 -27.83
CA ALA E 97 53.45 16.30 -28.64
C ALA E 97 53.84 16.67 -30.06
N GLY E 98 53.07 17.55 -30.67
CA GLY E 98 53.39 18.06 -31.99
C GLY E 98 53.20 17.07 -33.12
N ASN E 99 51.95 16.73 -33.39
CA ASN E 99 51.57 15.95 -34.56
C ASN E 99 52.27 14.60 -34.58
N ASN E 100 52.50 14.03 -33.40
CA ASN E 100 53.11 12.71 -33.25
C ASN E 100 52.15 11.91 -32.39
N TRP E 101 51.40 11.01 -33.03
CA TRP E 101 50.40 10.22 -32.31
C TRP E 101 51.03 9.35 -31.23
N ALA E 102 52.27 8.89 -31.44
CA ALA E 102 52.95 8.13 -30.40
C ALA E 102 53.30 9.01 -29.21
N LYS E 103 53.72 10.25 -29.47
CA LYS E 103 53.97 11.18 -28.37
C LYS E 103 52.68 11.55 -27.66
N GLY E 104 51.56 11.56 -28.38
CA GLY E 104 50.29 11.87 -27.80
C GLY E 104 49.62 10.72 -27.08
N HIS E 105 50.12 9.50 -27.28
CA HIS E 105 49.46 8.31 -26.77
C HIS E 105 50.34 7.47 -25.87
N TYR E 106 51.64 7.71 -25.83
CA TYR E 106 52.53 6.88 -25.03
C TYR E 106 53.46 7.66 -24.12
N THR E 107 53.98 8.81 -24.56
CA THR E 107 54.95 9.52 -23.73
C THR E 107 54.31 10.60 -22.86
N GLU E 108 53.70 11.61 -23.48
CA GLU E 108 53.12 12.69 -22.70
C GLU E 108 51.76 12.34 -22.12
N GLY E 109 51.03 11.43 -22.76
CA GLY E 109 49.75 11.00 -22.21
C GLY E 109 49.89 10.29 -20.88
N ALA E 110 50.99 9.56 -20.69
CA ALA E 110 51.14 8.73 -19.50
C ALA E 110 51.29 9.54 -18.21
N GLU E 111 51.52 10.85 -18.29
CA GLU E 111 51.62 11.68 -17.09
C GLU E 111 50.57 12.78 -17.02
N LEU E 112 49.89 13.07 -18.12
CA LEU E 112 48.82 14.06 -18.12
C LEU E 112 47.45 13.43 -17.93
N ILE E 113 47.29 12.16 -18.31
CA ILE E 113 45.95 11.59 -18.40
C ILE E 113 45.41 11.23 -17.02
N ASP E 114 46.29 10.95 -16.05
CA ASP E 114 45.83 10.79 -14.68
C ASP E 114 45.23 12.09 -14.15
N SER E 115 45.82 13.23 -14.52
CA SER E 115 45.28 14.52 -14.08
C SER E 115 43.92 14.79 -14.71
N VAL E 116 43.80 14.62 -16.02
CA VAL E 116 42.53 14.90 -16.69
C VAL E 116 41.47 13.92 -16.23
N LEU E 117 41.86 12.69 -15.90
CA LEU E 117 40.91 11.72 -15.33
C LEU E 117 40.39 12.19 -13.99
N ASP E 118 41.26 12.74 -13.13
CA ASP E 118 40.83 13.17 -11.81
C ASP E 118 39.83 14.32 -11.91
N VAL E 119 40.04 15.25 -12.83
CA VAL E 119 39.09 16.34 -13.03
C VAL E 119 37.76 15.78 -13.51
N VAL E 120 37.79 14.86 -14.47
CA VAL E 120 36.57 14.26 -14.99
C VAL E 120 35.80 13.53 -13.90
N ARG E 121 36.51 12.81 -13.02
CA ARG E 121 35.86 12.14 -11.91
C ARG E 121 35.11 13.13 -11.03
N LYS E 122 35.75 14.24 -10.64
CA LYS E 122 35.07 15.24 -9.83
C LYS E 122 33.85 15.79 -10.57
N GLU E 123 33.99 16.03 -11.87
CA GLU E 123 32.89 16.59 -12.65
C GLU E 123 31.76 15.57 -12.82
N ALA E 124 32.08 14.28 -12.84
CA ALA E 124 31.05 13.27 -12.99
C ALA E 124 30.33 13.00 -11.68
N GLU E 125 31.06 12.89 -10.57
CA GLU E 125 30.44 12.69 -9.27
C GLU E 125 29.79 13.96 -8.72
N SER E 126 30.11 15.14 -9.27
CA SER E 126 29.47 16.36 -8.79
C SER E 126 28.00 16.41 -9.14
N CYS E 127 27.62 15.68 -10.18
CA CYS E 127 26.27 15.60 -10.68
C CYS E 127 25.68 14.23 -10.31
N ASP E 128 24.40 14.02 -10.62
CA ASP E 128 23.70 12.85 -10.10
C ASP E 128 23.52 11.73 -11.12
N CYS E 129 22.91 12.03 -12.27
CA CYS E 129 22.57 11.01 -13.26
C CYS E 129 23.25 11.34 -14.59
N LEU E 130 24.33 10.63 -14.89
CA LEU E 130 25.04 10.87 -16.14
C LEU E 130 24.23 10.38 -17.32
N GLN E 131 24.11 11.23 -18.34
CA GLN E 131 23.58 10.80 -19.62
C GLN E 131 24.70 10.36 -20.53
N GLY E 132 25.82 11.08 -20.50
CA GLY E 132 26.98 10.70 -21.28
C GLY E 132 28.05 11.75 -21.18
N PHE E 133 29.14 11.51 -21.89
CA PHE E 133 30.25 12.44 -22.01
C PHE E 133 30.27 12.97 -23.44
N GLN E 134 30.86 14.15 -23.60
CA GLN E 134 30.89 14.81 -24.91
C GLN E 134 32.30 15.31 -25.17
N VAL E 135 32.96 14.71 -26.16
CA VAL E 135 34.37 14.96 -26.43
C VAL E 135 34.48 15.51 -27.84
N CYS E 136 35.16 16.64 -27.99
CA CYS E 136 35.40 17.24 -29.29
C CYS E 136 36.90 17.30 -29.53
N HIS E 137 37.34 16.77 -30.67
CA HIS E 137 38.76 16.69 -30.97
C HIS E 137 38.93 16.47 -32.47
N SER E 138 40.17 16.43 -32.91
CA SER E 138 40.55 16.18 -34.30
C SER E 138 41.26 14.84 -34.42
N LEU E 139 41.46 14.40 -35.65
CA LEU E 139 42.15 13.14 -35.91
C LEU E 139 43.50 13.31 -36.58
N GLY E 140 43.87 14.52 -36.99
CA GLY E 140 45.14 14.74 -37.62
C GLY E 140 46.25 15.08 -36.64
N GLY E 141 45.94 15.92 -35.66
CA GLY E 141 46.91 16.37 -34.69
C GLY E 141 47.34 15.26 -33.75
N GLY E 142 48.27 15.61 -32.86
CA GLY E 142 48.76 14.64 -31.90
C GLY E 142 48.16 14.76 -30.51
N THR E 143 48.11 15.97 -29.96
CA THR E 143 47.60 16.15 -28.61
C THR E 143 46.09 15.98 -28.52
N GLY E 144 45.39 15.97 -29.65
CA GLY E 144 43.96 15.73 -29.65
C GLY E 144 43.70 14.26 -29.92
N SER E 145 44.38 13.72 -30.93
CA SER E 145 44.10 12.36 -31.37
C SER E 145 44.58 11.34 -30.34
N GLY E 146 45.89 11.28 -30.11
CA GLY E 146 46.42 10.23 -29.26
C GLY E 146 46.01 10.36 -27.80
N MET E 147 46.12 11.57 -27.24
CA MET E 147 45.73 11.76 -25.85
C MET E 147 44.23 11.63 -25.69
N GLY E 148 43.46 12.30 -26.56
CA GLY E 148 42.02 12.23 -26.46
C GLY E 148 41.49 10.81 -26.61
N THR E 149 42.11 10.03 -27.50
CA THR E 149 41.67 8.66 -27.70
C THR E 149 42.00 7.80 -26.49
N LEU E 150 43.16 8.05 -25.87
CA LEU E 150 43.49 7.36 -24.63
C LEU E 150 42.50 7.73 -23.54
N LEU E 151 42.11 9.00 -23.48
CA LEU E 151 41.09 9.42 -22.52
C LEU E 151 39.78 8.70 -22.77
N ILE E 152 39.41 8.52 -24.04
CA ILE E 152 38.18 7.79 -24.37
C ILE E 152 38.27 6.36 -23.87
N SER E 153 39.40 5.69 -24.13
CA SER E 153 39.54 4.30 -23.70
C SER E 153 39.50 4.18 -22.19
N LYS E 154 40.19 5.08 -21.48
CA LYS E 154 40.20 5.03 -20.03
C LYS E 154 38.82 5.27 -19.45
N ILE E 155 38.07 6.23 -20.01
CA ILE E 155 36.74 6.53 -19.51
C ILE E 155 35.76 5.39 -19.78
N ARG E 156 35.86 4.77 -20.95
CA ARG E 156 34.93 3.69 -21.29
C ARG E 156 35.11 2.48 -20.39
N GLU E 157 36.32 2.22 -19.92
CA GLU E 157 36.50 1.14 -18.96
C GLU E 157 36.17 1.55 -17.54
N GLU E 158 35.91 2.83 -17.30
CA GLU E 158 35.48 3.31 -15.99
C GLU E 158 33.96 3.30 -15.88
N TYR E 159 33.29 4.05 -16.76
CA TYR E 159 31.83 4.07 -16.82
C TYR E 159 31.36 3.40 -18.11
N PRO E 160 31.18 2.07 -18.11
CA PRO E 160 30.85 1.38 -19.37
C PRO E 160 29.39 1.48 -19.78
N ASP E 161 28.48 1.91 -18.90
CA ASP E 161 27.06 1.85 -19.17
C ASP E 161 26.46 3.21 -19.54
N ARG E 162 27.30 4.21 -19.84
CA ARG E 162 26.84 5.54 -20.20
C ARG E 162 27.23 5.83 -21.63
N MET E 163 26.42 6.67 -22.28
CA MET E 163 26.70 7.05 -23.66
C MET E 163 27.94 7.92 -23.71
N MET E 164 28.39 8.18 -24.94
CA MET E 164 29.58 8.99 -25.16
C MET E 164 29.56 9.50 -26.58
N LEU E 165 29.54 10.81 -26.75
CA LEU E 165 29.65 11.41 -28.07
C LEU E 165 31.07 11.91 -28.27
N THR E 166 31.56 11.74 -29.49
CA THR E 166 32.82 12.32 -29.91
C THR E 166 32.62 12.93 -31.28
N PHE E 167 32.94 14.21 -31.41
CA PHE E 167 32.86 14.93 -32.67
C PHE E 167 34.28 15.09 -33.16
N SER E 168 34.60 14.46 -34.28
CA SER E 168 35.97 14.46 -34.76
C SER E 168 36.01 14.88 -36.21
N VAL E 169 36.81 15.90 -36.50
CA VAL E 169 37.15 16.23 -37.87
C VAL E 169 38.23 15.27 -38.32
N VAL E 170 38.19 14.85 -39.58
CA VAL E 170 39.17 13.88 -40.04
C VAL E 170 39.96 14.51 -41.18
N PRO E 171 41.19 14.08 -41.41
CA PRO E 171 41.97 14.67 -42.51
C PRO E 171 41.53 14.14 -43.87
N SER E 172 41.84 14.93 -44.89
CA SER E 172 41.59 14.57 -46.27
C SER E 172 42.74 15.13 -47.12
N PRO E 173 43.00 14.53 -48.29
CA PRO E 173 44.11 15.02 -49.11
C PRO E 173 43.97 16.46 -49.55
N LYS E 174 42.75 16.93 -49.82
CA LYS E 174 42.61 18.31 -50.28
C LYS E 174 42.88 19.32 -49.17
N VAL E 175 42.58 18.98 -47.92
CA VAL E 175 42.99 19.83 -46.80
C VAL E 175 44.04 19.06 -45.99
N SER E 176 45.31 19.28 -46.33
CA SER E 176 46.41 18.50 -45.77
C SER E 176 47.33 19.43 -44.99
N ASP E 177 47.03 19.60 -43.70
CA ASP E 177 47.76 20.57 -42.89
C ASP E 177 49.07 19.98 -42.40
N THR E 178 49.06 18.72 -41.97
CA THR E 178 50.26 18.01 -41.58
C THR E 178 50.55 16.89 -42.57
N VAL E 179 51.71 16.25 -42.38
CA VAL E 179 52.28 15.36 -43.39
C VAL E 179 51.99 13.92 -42.99
N VAL E 180 51.85 13.67 -41.69
CA VAL E 180 51.64 12.35 -41.17
C VAL E 180 50.16 12.10 -40.84
N GLU E 181 49.26 12.84 -41.48
CA GLU E 181 47.83 12.66 -41.27
C GLU E 181 47.37 11.20 -41.31
N PRO E 182 47.71 10.40 -42.32
CA PRO E 182 47.22 9.01 -42.31
C PRO E 182 47.76 8.19 -41.16
N TYR E 183 49.04 8.37 -40.78
CA TYR E 183 49.57 7.59 -39.66
C TYR E 183 48.85 7.92 -38.37
N ASN E 184 48.27 9.10 -38.27
CA ASN E 184 47.51 9.46 -37.09
C ASN E 184 46.06 9.00 -37.21
N ALA E 185 45.45 9.18 -38.39
CA ALA E 185 44.04 8.86 -38.55
C ALA E 185 43.79 7.36 -38.42
N THR E 186 44.65 6.53 -39.01
CA THR E 186 44.41 5.09 -39.02
C THR E 186 44.51 4.50 -37.63
N LEU E 187 45.48 4.93 -36.83
CA LEU E 187 45.58 4.41 -35.48
C LEU E 187 44.48 4.94 -34.58
N SER E 188 44.04 6.18 -34.82
CA SER E 188 42.98 6.76 -34.00
C SER E 188 41.64 6.08 -34.26
N VAL E 189 41.32 5.82 -35.53
CA VAL E 189 40.07 5.15 -35.89
C VAL E 189 40.05 3.72 -35.37
N HIS E 190 41.21 3.05 -35.35
CA HIS E 190 41.26 1.71 -34.78
C HIS E 190 40.78 1.69 -33.35
N GLN E 191 41.12 2.71 -32.57
CA GLN E 191 40.69 2.74 -31.18
C GLN E 191 39.24 3.21 -31.06
N LEU E 192 38.78 4.05 -31.99
CA LEU E 192 37.42 4.58 -31.91
C LEU E 192 36.38 3.50 -32.19
N VAL E 193 36.67 2.60 -33.12
CA VAL E 193 35.71 1.56 -33.47
C VAL E 193 35.52 0.57 -32.34
N GLU E 194 36.48 0.46 -31.43
CA GLU E 194 36.37 -0.48 -30.32
C GLU E 194 35.99 0.17 -29.00
N ASN E 195 36.02 1.50 -28.90
CA ASN E 195 35.74 2.17 -27.64
C ASN E 195 34.51 3.07 -27.68
N ALA E 196 34.42 4.00 -28.63
CA ALA E 196 33.34 4.97 -28.61
C ALA E 196 31.99 4.33 -28.92
N ASP E 197 30.94 4.87 -28.30
CA ASP E 197 29.58 4.40 -28.56
C ASP E 197 29.11 4.86 -29.92
N GLU E 198 29.25 6.16 -30.20
CA GLU E 198 28.97 6.68 -31.53
C GLU E 198 29.86 7.88 -31.79
N CYS E 199 30.22 8.03 -33.06
CA CYS E 199 31.08 9.10 -33.53
C CYS E 199 30.31 9.90 -34.56
N MET E 200 30.66 11.17 -34.71
CA MET E 200 30.05 12.03 -35.72
C MET E 200 31.17 12.55 -36.60
N VAL E 201 31.26 12.05 -37.82
CA VAL E 201 32.36 12.42 -38.69
C VAL E 201 32.18 13.86 -39.16
N LEU E 202 33.28 14.59 -39.18
CA LEU E 202 33.36 15.94 -39.71
C LEU E 202 34.59 16.03 -40.58
N ASP E 203 34.68 17.11 -41.35
CA ASP E 203 35.91 17.39 -42.05
C ASP E 203 35.97 18.88 -42.33
N ASN E 204 37.18 19.35 -42.61
CA ASN E 204 37.37 20.75 -42.90
C ASN E 204 37.09 21.08 -44.36
N GLU E 205 37.20 20.08 -45.24
CA GLU E 205 36.94 20.30 -46.65
C GLU E 205 35.48 20.67 -46.89
N ALA E 206 34.57 19.88 -46.35
CA ALA E 206 33.14 20.16 -46.50
C ALA E 206 32.76 21.48 -45.86
N LEU E 207 33.37 21.80 -44.71
CA LEU E 207 33.07 23.07 -44.05
C LEU E 207 33.49 24.24 -44.92
N TYR E 208 34.62 24.12 -45.60
CA TYR E 208 35.03 25.17 -46.53
C TYR E 208 34.04 25.28 -47.68
N ASP E 209 33.56 24.13 -48.17
CA ASP E 209 32.56 24.13 -49.23
C ASP E 209 31.24 24.75 -48.79
N ILE E 210 30.83 24.52 -47.54
CA ILE E 210 29.61 25.12 -47.03
C ILE E 210 29.74 26.63 -46.96
N CYS E 211 30.87 27.12 -46.46
CA CYS E 211 31.12 28.55 -46.35
C CYS E 211 31.24 29.24 -47.70
N PHE E 212 31.59 28.51 -48.76
CA PHE E 212 31.65 29.13 -50.07
C PHE E 212 30.27 29.27 -50.71
N ARG E 213 29.54 28.16 -50.85
CA ARG E 213 28.28 28.21 -51.60
C ARG E 213 27.12 28.66 -50.73
N THR E 214 26.85 27.96 -49.62
CA THR E 214 25.63 28.24 -48.88
C THR E 214 25.74 29.54 -48.10
N LEU E 215 26.79 29.69 -47.30
CA LEU E 215 26.96 30.92 -46.53
C LEU E 215 27.36 32.09 -47.42
N LYS E 216 28.09 31.82 -48.50
CA LYS E 216 28.60 32.87 -49.39
C LYS E 216 29.41 33.89 -48.59
N LEU E 217 30.22 33.40 -47.67
CA LEU E 217 31.06 34.30 -46.89
C LEU E 217 32.23 34.79 -47.72
N THR E 218 32.68 36.01 -47.41
CA THR E 218 33.87 36.56 -48.05
C THR E 218 35.13 35.98 -47.43
N THR E 219 35.28 36.10 -46.10
CA THR E 219 36.47 35.66 -45.37
C THR E 219 36.06 34.65 -44.30
N PRO E 220 35.90 33.38 -44.68
CA PRO E 220 35.58 32.36 -43.68
C PRO E 220 36.76 31.99 -42.80
N THR E 221 36.97 32.73 -41.71
CA THR E 221 37.98 32.33 -40.73
C THR E 221 37.50 31.09 -39.97
N PHE E 222 38.33 30.64 -39.02
CA PHE E 222 37.92 29.48 -38.23
C PHE E 222 36.74 29.78 -37.33
N GLY E 223 36.44 31.05 -37.05
CA GLY E 223 35.31 31.35 -36.19
C GLY E 223 33.99 30.87 -36.77
N ASP E 224 33.83 30.98 -38.09
CA ASP E 224 32.57 30.57 -38.72
C ASP E 224 32.44 29.05 -38.79
N LEU E 225 33.55 28.35 -39.05
CA LEU E 225 33.51 26.89 -39.03
C LEU E 225 33.11 26.38 -37.66
N ASN E 226 33.74 26.89 -36.61
CA ASN E 226 33.37 26.54 -35.25
C ASN E 226 31.92 26.93 -34.96
N HIS E 227 31.43 27.98 -35.61
CA HIS E 227 30.04 28.37 -35.45
C HIS E 227 29.10 27.30 -36.01
N LEU E 228 29.41 26.76 -37.18
CA LEU E 228 28.57 25.70 -37.73
C LEU E 228 28.59 24.45 -36.85
N ILE E 229 29.78 24.04 -36.43
CA ILE E 229 29.90 22.85 -35.59
C ILE E 229 29.17 23.03 -34.27
N SER E 230 29.26 24.22 -33.69
CA SER E 230 28.55 24.49 -32.43
C SER E 230 27.05 24.40 -32.60
N ALA E 231 26.52 24.93 -33.70
CA ALA E 231 25.08 24.87 -33.94
C ALA E 231 24.61 23.42 -34.03
N VAL E 232 25.42 22.54 -34.59
CA VAL E 232 25.06 21.14 -34.68
C VAL E 232 25.00 20.50 -33.29
N MET E 233 26.02 20.75 -32.47
CA MET E 233 26.08 20.16 -31.14
C MET E 233 24.93 20.65 -30.27
N SER E 234 24.60 21.94 -30.37
CA SER E 234 23.44 22.45 -29.64
C SER E 234 22.14 21.83 -30.14
N GLY E 235 22.05 21.62 -31.45
CA GLY E 235 20.84 21.07 -32.03
C GLY E 235 20.53 19.64 -31.63
N ILE E 236 21.56 18.82 -31.42
CA ILE E 236 21.32 17.41 -31.14
C ILE E 236 20.90 17.21 -29.69
N THR E 237 21.46 17.99 -28.77
CA THR E 237 21.12 17.86 -27.35
C THR E 237 20.07 18.88 -26.92
N CYS E 238 19.36 19.49 -27.87
CA CYS E 238 18.28 20.40 -27.50
C CYS E 238 17.14 19.65 -26.83
N CYS E 239 16.98 18.36 -27.11
CA CYS E 239 15.81 17.64 -26.60
C CYS E 239 15.87 17.49 -25.08
N LEU E 240 17.06 17.32 -24.52
CA LEU E 240 17.18 17.20 -23.07
C LEU E 240 16.92 18.51 -22.35
N ARG E 241 17.13 19.64 -23.03
CA ARG E 241 17.04 20.94 -22.37
C ARG E 241 15.70 21.62 -22.51
N PHE E 242 14.87 21.22 -23.46
CA PHE E 242 13.59 21.87 -23.70
C PHE E 242 12.55 20.81 -23.98
N PRO E 243 11.30 21.05 -23.58
CA PRO E 243 10.24 20.08 -23.85
C PRO E 243 9.72 20.24 -25.28
N GLY E 244 9.10 19.16 -25.75
CA GLY E 244 8.56 19.20 -27.10
C GLY E 244 7.48 18.15 -27.28
N GLN E 245 6.87 18.19 -28.45
CA GLN E 245 5.78 17.25 -28.75
C GLN E 245 6.31 15.84 -28.91
N LEU E 246 7.55 15.67 -29.35
CA LEU E 246 8.13 14.34 -29.50
C LEU E 246 9.61 14.45 -29.17
N ASN E 247 9.96 14.13 -27.93
CA ASN E 247 11.34 14.23 -27.46
C ASN E 247 12.14 12.98 -27.80
N ALA E 248 13.40 13.18 -28.21
CA ALA E 248 14.29 12.09 -28.58
C ALA E 248 15.67 12.34 -27.97
N ASP E 249 16.01 11.58 -26.92
CA ASP E 249 17.26 11.74 -26.20
C ASP E 249 18.41 11.06 -26.93
N LEU E 250 19.62 11.26 -26.40
CA LEU E 250 20.82 10.72 -27.03
C LEU E 250 20.78 9.19 -27.12
N ARG E 251 20.41 8.53 -26.02
CA ARG E 251 20.33 7.07 -26.07
C ARG E 251 19.24 6.61 -27.02
N LYS E 252 18.15 7.36 -27.09
CA LYS E 252 17.08 7.02 -28.00
C LYS E 252 17.55 7.12 -29.45
N LEU E 253 18.40 8.10 -29.74
CA LEU E 253 19.00 8.23 -31.08
C LEU E 253 20.02 7.12 -31.37
N ALA E 254 20.82 6.74 -30.37
CA ALA E 254 21.85 5.73 -30.60
C ALA E 254 21.26 4.38 -30.94
N VAL E 255 20.28 3.92 -30.17
CA VAL E 255 19.68 2.62 -30.44
C VAL E 255 18.85 2.65 -31.71
N ASN E 256 18.34 3.81 -32.10
CA ASN E 256 17.56 3.91 -33.33
C ASN E 256 18.41 4.04 -34.59
N LEU E 257 19.70 4.33 -34.50
CA LEU E 257 20.50 4.58 -35.69
C LEU E 257 21.63 3.58 -35.88
N ILE E 258 21.96 2.79 -34.87
CA ILE E 258 23.08 1.88 -34.93
C ILE E 258 22.52 0.47 -35.00
N PRO E 259 22.56 -0.18 -36.16
CA PRO E 259 22.01 -1.53 -36.26
C PRO E 259 22.99 -2.59 -35.79
N PHE E 260 24.28 -2.28 -35.87
CA PHE E 260 25.31 -3.23 -35.48
C PHE E 260 26.42 -2.49 -34.74
N PRO E 261 27.00 -3.12 -33.71
CA PRO E 261 27.87 -2.38 -32.79
C PRO E 261 29.08 -1.72 -33.41
N ARG E 262 29.50 -2.13 -34.61
CA ARG E 262 30.66 -1.53 -35.27
C ARG E 262 30.30 -0.45 -36.26
N LEU E 263 29.02 -0.29 -36.58
CA LEU E 263 28.57 0.67 -37.59
C LEU E 263 28.11 1.95 -36.91
N HIS E 264 29.05 2.72 -36.36
CA HIS E 264 28.69 3.92 -35.59
C HIS E 264 29.49 5.13 -36.05
N PHE E 265 29.52 5.37 -37.36
CA PHE E 265 30.14 6.57 -37.92
C PHE E 265 29.08 7.32 -38.74
N PHE E 266 28.71 8.51 -38.28
CA PHE E 266 27.63 9.28 -38.89
C PHE E 266 28.15 10.51 -39.59
N MET E 267 27.43 10.95 -40.63
CA MET E 267 27.66 12.24 -41.25
C MET E 267 26.52 13.18 -40.90
N VAL E 268 26.84 14.44 -40.63
CA VAL E 268 25.89 15.37 -40.03
C VAL E 268 25.72 16.60 -40.90
N GLY E 269 24.50 17.15 -40.89
CA GLY E 269 24.22 18.41 -41.54
C GLY E 269 23.26 19.22 -40.71
N PHE E 270 23.18 20.51 -41.00
CA PHE E 270 22.33 21.42 -40.25
C PHE E 270 21.64 22.39 -41.19
N THR E 271 20.38 22.69 -40.89
CA THR E 271 19.59 23.65 -41.64
C THR E 271 18.74 24.45 -40.67
N PRO E 272 18.38 25.71 -41.02
CA PRO E 272 18.75 26.43 -42.23
C PRO E 272 20.09 27.15 -42.11
N LEU E 273 20.85 27.16 -43.20
CA LEU E 273 22.16 27.79 -43.28
C LEU E 273 22.15 28.53 -44.62
N THR E 274 21.77 29.80 -44.60
CA THR E 274 21.72 30.58 -45.82
C THR E 274 22.46 31.90 -45.67
N SER E 275 22.95 32.39 -46.80
CA SER E 275 23.63 33.67 -46.87
C SER E 275 22.68 34.82 -46.56
N ARG E 276 23.24 35.94 -46.10
CA ARG E 276 22.43 37.10 -45.85
C ARG E 276 21.81 37.67 -47.11
N GLY E 277 22.40 37.43 -48.27
CA GLY E 277 21.79 37.93 -49.48
C GLY E 277 20.51 37.21 -49.87
N SER E 278 20.40 35.93 -49.53
CA SER E 278 19.21 35.16 -49.89
C SER E 278 18.33 34.81 -48.69
N GLN E 279 18.75 35.12 -47.47
CA GLN E 279 17.92 34.84 -46.31
C GLN E 279 16.62 35.64 -46.33
N GLN E 280 16.56 36.72 -47.11
CA GLN E 280 15.39 37.58 -47.18
C GLN E 280 14.34 37.04 -48.14
N TYR E 281 14.75 36.20 -49.10
CA TYR E 281 13.90 35.69 -50.15
C TYR E 281 13.32 34.32 -49.81
N ARG E 282 13.51 33.87 -48.58
CA ARG E 282 13.23 32.50 -48.19
C ARG E 282 11.92 32.41 -47.41
N ALA E 283 11.40 31.18 -47.32
CA ALA E 283 10.21 30.82 -46.59
C ALA E 283 10.58 29.77 -45.55
N LEU E 284 9.78 29.65 -44.51
CA LEU E 284 10.07 28.74 -43.41
C LEU E 284 8.91 27.76 -43.27
N THR E 285 9.00 26.66 -44.01
CA THR E 285 8.07 25.55 -43.87
C THR E 285 8.86 24.25 -43.78
N VAL E 286 8.14 23.17 -43.48
CA VAL E 286 8.80 21.86 -43.34
C VAL E 286 9.42 21.36 -44.65
N PRO E 287 8.73 21.41 -45.80
CA PRO E 287 9.39 20.93 -47.03
C PRO E 287 10.66 21.68 -47.40
N GLU E 288 10.73 22.99 -47.15
CA GLU E 288 11.94 23.72 -47.46
C GLU E 288 13.09 23.37 -46.51
N LEU E 289 12.78 22.94 -45.29
CA LEU E 289 13.83 22.46 -44.41
C LEU E 289 14.33 21.10 -44.85
N THR E 290 13.44 20.23 -45.32
CA THR E 290 13.84 18.88 -45.69
C THR E 290 14.69 18.89 -46.95
N GLN E 291 14.21 19.52 -48.03
CA GLN E 291 14.95 19.51 -49.27
C GLN E 291 16.23 20.33 -49.22
N GLN E 292 16.47 21.08 -48.14
CA GLN E 292 17.80 21.63 -47.91
C GLN E 292 18.58 20.75 -46.95
N MET E 293 17.88 19.96 -46.13
CA MET E 293 18.52 19.00 -45.25
C MET E 293 19.17 17.88 -46.04
N TRP E 294 18.37 17.16 -46.82
CA TRP E 294 18.77 15.96 -47.53
C TRP E 294 19.59 16.24 -48.78
N ASP E 295 19.94 17.50 -49.03
CA ASP E 295 20.83 17.80 -50.14
C ASP E 295 22.23 17.29 -49.85
N ALA E 296 22.87 16.72 -50.87
CA ALA E 296 24.20 16.16 -50.68
C ALA E 296 25.25 17.25 -50.49
N LYS E 297 25.02 18.43 -51.03
CA LYS E 297 25.98 19.52 -50.91
C LYS E 297 25.85 20.26 -49.59
N ASN E 298 25.10 19.71 -48.64
CA ASN E 298 24.97 20.27 -47.30
C ASN E 298 25.55 19.37 -46.22
N MET E 299 26.01 18.17 -46.56
CA MET E 299 26.63 17.30 -45.58
C MET E 299 27.95 17.89 -45.12
N MET E 300 28.28 17.65 -43.85
CA MET E 300 29.52 18.15 -43.28
C MET E 300 30.64 17.12 -43.32
N CYS E 301 30.60 16.24 -44.31
CA CYS E 301 31.70 15.34 -44.60
C CYS E 301 31.89 15.28 -46.10
N ALA E 302 33.08 14.87 -46.54
CA ALA E 302 33.30 14.69 -47.97
C ALA E 302 33.04 13.25 -48.39
N ALA E 303 31.87 12.73 -47.99
CA ALA E 303 31.46 11.37 -48.31
C ALA E 303 30.04 11.47 -48.83
N ASP E 304 29.91 11.55 -50.15
CA ASP E 304 28.64 11.69 -50.82
C ASP E 304 27.80 10.43 -50.64
N PRO E 305 26.68 10.48 -49.90
CA PRO E 305 25.94 9.25 -49.59
C PRO E 305 25.35 8.54 -50.80
N ARG E 306 25.07 9.25 -51.90
CA ARG E 306 24.51 8.55 -53.05
C ARG E 306 25.52 7.63 -53.72
N HIS E 307 26.77 7.64 -53.28
CA HIS E 307 27.75 6.65 -53.69
C HIS E 307 27.69 5.41 -52.81
N GLY E 308 26.66 5.30 -52.01
CA GLY E 308 26.48 4.18 -51.10
C GLY E 308 25.00 3.98 -50.87
N ARG E 309 24.66 3.51 -49.68
CA ARG E 309 23.27 3.24 -49.33
C ARG E 309 23.03 3.72 -47.91
N TYR E 310 21.84 4.26 -47.65
CA TYR E 310 21.49 4.67 -46.30
C TYR E 310 21.02 3.47 -45.49
N LEU E 311 21.63 3.29 -44.32
CA LEU E 311 21.11 2.33 -43.36
C LEU E 311 19.94 2.91 -42.59
N THR E 312 20.19 4.00 -41.86
CA THR E 312 19.18 4.73 -41.11
C THR E 312 19.51 6.21 -41.21
N ALA E 313 18.55 7.05 -40.84
CA ALA E 313 18.77 8.49 -40.85
C ALA E 313 17.90 9.11 -39.77
N SER E 314 18.29 10.31 -39.34
CA SER E 314 17.53 10.98 -38.30
C SER E 314 17.51 12.47 -38.51
N ALA E 315 16.41 13.09 -38.09
CA ALA E 315 16.20 14.53 -38.18
C ALA E 315 15.70 15.01 -36.83
N LEU E 316 16.35 16.04 -36.29
CA LEU E 316 15.92 16.67 -35.04
C LEU E 316 15.44 18.07 -35.38
N PHE E 317 14.14 18.28 -35.25
CA PHE E 317 13.48 19.53 -35.61
C PHE E 317 13.29 20.40 -34.38
N ARG E 318 13.42 21.71 -34.56
CA ARG E 318 13.24 22.67 -33.46
C ARG E 318 12.31 23.79 -33.90
N GLY E 319 11.34 24.11 -33.06
CA GLY E 319 10.36 25.13 -33.39
C GLY E 319 8.94 24.62 -33.42
N ARG E 320 7.96 25.52 -33.35
CA ARG E 320 6.56 25.12 -33.30
C ARG E 320 6.14 24.60 -34.67
N MET E 321 6.04 23.28 -34.79
CA MET E 321 5.77 22.61 -36.05
C MET E 321 4.64 21.61 -35.87
N SER E 322 4.09 21.18 -36.99
CA SER E 322 3.00 20.21 -37.02
C SER E 322 3.57 18.83 -37.32
N THR E 323 3.37 17.89 -36.40
CA THR E 323 4.03 16.59 -36.51
C THR E 323 3.57 15.81 -37.73
N LYS E 324 2.34 16.01 -38.18
CA LYS E 324 1.90 15.39 -39.43
C LYS E 324 2.82 15.79 -40.58
N GLU E 325 3.10 17.09 -40.71
CA GLU E 325 3.99 17.56 -41.76
C GLU E 325 5.38 16.93 -41.65
N VAL E 326 5.89 16.78 -40.43
CA VAL E 326 7.21 16.19 -40.23
C VAL E 326 7.25 14.78 -40.80
N ASP E 327 6.25 13.98 -40.47
CA ASP E 327 6.27 12.57 -40.84
C ASP E 327 6.04 12.37 -42.34
N GLU E 328 5.11 13.12 -42.93
CA GLU E 328 4.88 12.99 -44.36
C GLU E 328 6.08 13.44 -45.19
N GLN E 329 6.89 14.39 -44.72
CA GLN E 329 8.07 14.76 -45.48
C GLN E 329 9.12 13.66 -45.44
N MET E 330 9.28 12.99 -44.30
CA MET E 330 10.22 11.88 -44.23
C MET E 330 9.73 10.74 -45.10
N LEU E 331 8.40 10.54 -45.14
CA LEU E 331 7.82 9.52 -45.99
C LEU E 331 8.06 9.81 -47.47
N ASN E 332 7.90 11.07 -47.89
CA ASN E 332 8.10 11.42 -49.29
C ASN E 332 9.54 11.21 -49.74
N VAL E 333 10.51 11.64 -48.94
CA VAL E 333 11.91 11.52 -49.34
C VAL E 333 12.38 10.07 -49.29
N GLN E 334 11.69 9.21 -48.56
CA GLN E 334 12.02 7.79 -48.55
C GLN E 334 11.32 7.00 -49.65
N ASN E 335 10.14 7.42 -50.09
CA ASN E 335 9.46 6.68 -51.14
C ASN E 335 10.01 6.99 -52.52
N LYS E 336 10.24 8.27 -52.84
CA LYS E 336 10.75 8.62 -54.15
C LYS E 336 12.11 7.98 -54.41
N ASN E 337 13.10 8.35 -53.61
CA ASN E 337 14.47 7.85 -53.76
C ASN E 337 14.67 6.56 -52.98
N SER E 338 13.89 5.54 -53.35
CA SER E 338 13.91 4.30 -52.60
C SER E 338 15.21 3.53 -52.76
N SER E 339 15.92 3.74 -53.88
CA SER E 339 17.16 3.00 -54.12
C SER E 339 18.27 3.42 -53.16
N TYR E 340 18.25 4.67 -52.70
CA TYR E 340 19.31 5.16 -51.84
C TYR E 340 19.20 4.64 -50.41
N PHE E 341 18.10 3.98 -50.09
CA PHE E 341 17.85 3.45 -48.76
C PHE E 341 18.09 1.95 -48.71
N VAL E 342 18.42 1.46 -47.52
CA VAL E 342 18.56 0.03 -47.32
C VAL E 342 17.19 -0.62 -47.51
N GLU E 343 17.20 -1.87 -47.95
CA GLU E 343 15.95 -2.52 -48.35
C GLU E 343 15.34 -3.35 -47.24
N TRP E 344 16.15 -4.02 -46.41
CA TRP E 344 15.62 -4.88 -45.37
C TRP E 344 15.32 -4.12 -44.09
N ILE E 345 15.21 -2.79 -44.15
CA ILE E 345 14.70 -1.99 -43.03
C ILE E 345 13.71 -0.96 -43.56
N PRO E 346 12.41 -1.12 -43.32
CA PRO E 346 11.46 -0.08 -43.73
C PRO E 346 11.46 1.07 -42.74
N ASN E 347 11.10 2.26 -43.25
CA ASN E 347 11.00 3.48 -42.43
C ASN E 347 12.34 3.76 -41.73
N ASN E 348 13.32 4.06 -42.58
CA ASN E 348 14.71 4.19 -42.17
C ASN E 348 14.99 5.46 -41.38
N VAL E 349 14.00 6.32 -41.18
CA VAL E 349 14.23 7.65 -40.64
C VAL E 349 13.55 7.77 -39.28
N LYS E 350 14.33 8.13 -38.26
CA LYS E 350 13.80 8.49 -36.96
C LYS E 350 13.64 10.01 -36.91
N SER E 351 12.51 10.47 -36.37
CA SER E 351 12.20 11.90 -36.38
C SER E 351 11.74 12.37 -35.01
N SER E 352 12.04 13.63 -34.70
CA SER E 352 11.64 14.25 -33.45
C SER E 352 11.52 15.76 -33.59
N VAL E 353 10.67 16.35 -32.74
CA VAL E 353 10.37 17.78 -32.78
C VAL E 353 10.56 18.34 -31.38
N CYS E 354 11.18 19.52 -31.29
CA CYS E 354 11.28 20.25 -30.03
C CYS E 354 10.76 21.67 -30.21
N ASP E 355 10.17 22.20 -29.13
CA ASP E 355 9.40 23.44 -29.21
C ASP E 355 10.19 24.66 -28.77
N ILE E 356 11.50 24.71 -29.01
CA ILE E 356 12.28 25.91 -28.71
C ILE E 356 13.26 26.14 -29.86
N PRO E 357 13.05 27.18 -30.66
CA PRO E 357 13.98 27.45 -31.76
C PRO E 357 15.24 28.11 -31.24
N PRO E 358 16.33 28.06 -32.00
CA PRO E 358 17.50 28.87 -31.64
C PRO E 358 17.22 30.34 -31.92
N LYS E 359 17.94 31.19 -31.20
CA LYS E 359 17.73 32.63 -31.32
C LYS E 359 18.23 33.14 -32.67
N GLY E 360 17.38 33.92 -33.33
CA GLY E 360 17.66 34.46 -34.63
C GLY E 360 16.91 33.79 -35.76
N LEU E 361 16.26 32.67 -35.50
CA LEU E 361 15.51 31.96 -36.52
C LEU E 361 14.16 31.55 -35.93
N LYS E 362 13.21 31.26 -36.81
CA LYS E 362 11.87 30.86 -36.41
C LYS E 362 11.71 29.35 -36.40
N MET E 363 12.53 28.62 -37.15
CA MET E 363 12.36 27.19 -37.32
C MET E 363 13.67 26.63 -37.87
N SER E 364 14.14 25.52 -37.31
CA SER E 364 15.41 24.93 -37.72
C SER E 364 15.32 23.41 -37.65
N ALA E 365 16.39 22.75 -38.08
CA ALA E 365 16.43 21.30 -38.14
C ALA E 365 17.86 20.81 -38.05
N THR E 366 18.02 19.52 -37.76
CA THR E 366 19.35 18.91 -37.65
C THR E 366 19.29 17.47 -38.11
N PHE E 367 20.12 17.13 -39.09
CA PHE E 367 20.12 15.83 -39.75
C PHE E 367 21.30 14.97 -39.33
N ILE E 368 21.04 13.72 -38.98
CA ILE E 368 22.07 12.75 -38.64
C ILE E 368 21.78 11.48 -39.44
N GLY E 369 22.63 11.18 -40.41
CA GLY E 369 22.41 10.04 -41.27
C GLY E 369 23.52 9.01 -41.14
N ASN E 370 23.17 7.75 -40.91
CA ASN E 370 24.15 6.68 -40.86
C ASN E 370 24.14 5.93 -42.19
N SER E 371 24.90 6.45 -43.14
CA SER E 371 25.01 5.82 -44.44
C SER E 371 26.18 4.84 -44.46
N THR E 372 26.28 4.08 -45.55
CA THR E 372 27.41 3.21 -45.77
C THR E 372 28.50 3.85 -46.61
N ALA E 373 28.21 5.00 -47.22
CA ALA E 373 29.18 5.71 -48.03
C ALA E 373 30.36 6.24 -47.22
N ILE E 374 30.32 6.14 -45.89
CA ILE E 374 31.42 6.66 -45.08
C ILE E 374 32.70 5.88 -45.35
N GLN E 375 32.59 4.70 -45.97
CA GLN E 375 33.75 3.91 -46.31
C GLN E 375 34.63 4.60 -47.35
N GLU E 376 34.12 5.60 -48.07
CA GLU E 376 35.00 6.33 -48.97
C GLU E 376 36.16 6.94 -48.22
N MET E 377 35.91 7.43 -47.00
CA MET E 377 36.98 8.00 -46.21
C MET E 377 37.96 6.92 -45.78
N PHE E 378 37.47 5.73 -45.44
CA PHE E 378 38.38 4.72 -44.92
C PHE E 378 39.35 4.25 -46.01
N LYS E 379 38.83 3.96 -47.21
CA LYS E 379 39.72 3.63 -48.31
C LYS E 379 40.61 4.81 -48.69
N ARG E 380 40.04 6.02 -48.67
CA ARG E 380 40.77 7.22 -49.05
C ARG E 380 41.93 7.50 -48.11
N VAL E 381 41.79 7.14 -46.84
CA VAL E 381 42.86 7.34 -45.86
C VAL E 381 43.83 6.17 -45.86
N SER E 382 43.33 4.94 -46.01
CA SER E 382 44.19 3.78 -45.86
C SER E 382 45.21 3.67 -46.98
N GLU E 383 44.89 4.14 -48.18
CA GLU E 383 45.87 4.06 -49.26
C GLU E 383 47.05 4.99 -49.03
N GLN E 384 46.81 6.17 -48.46
CA GLN E 384 47.93 7.03 -48.11
C GLN E 384 48.74 6.41 -46.98
N PHE E 385 48.06 5.77 -46.03
CA PHE E 385 48.78 5.06 -44.97
C PHE E 385 49.64 3.95 -45.56
N THR E 386 49.07 3.18 -46.48
CA THR E 386 49.83 2.11 -47.14
C THR E 386 50.99 2.67 -47.94
N ALA E 387 50.76 3.78 -48.66
CA ALA E 387 51.80 4.32 -49.54
C ALA E 387 53.07 4.69 -48.78
N MET E 388 52.94 5.13 -47.53
CA MET E 388 54.14 5.42 -46.77
C MET E 388 54.67 4.17 -46.06
N PHE E 389 53.77 3.32 -45.57
CA PHE E 389 54.19 2.23 -44.70
C PHE E 389 54.78 1.05 -45.46
N ARG E 390 54.47 0.92 -46.76
CA ARG E 390 55.15 -0.07 -47.57
C ARG E 390 56.64 0.22 -47.67
N ARG E 391 57.02 1.47 -47.45
CA ARG E 391 58.38 1.96 -47.67
C ARG E 391 59.00 2.51 -46.39
N LYS E 392 58.27 2.43 -45.27
CA LYS E 392 58.79 2.80 -43.94
C LYS E 392 59.14 4.29 -43.85
N ALA E 393 58.24 5.13 -44.35
CA ALA E 393 58.42 6.58 -44.25
C ALA E 393 57.98 7.07 -42.88
N PHE E 394 58.70 8.06 -42.34
CA PHE E 394 58.36 8.72 -41.07
C PHE E 394 58.20 7.73 -39.92
N LEU E 395 58.66 6.50 -40.09
CA LEU E 395 58.31 5.45 -39.14
C LEU E 395 59.08 5.58 -37.84
N HIS E 396 60.31 6.07 -37.89
CA HIS E 396 61.18 5.99 -36.72
C HIS E 396 60.70 6.92 -35.62
N TRP E 397 60.02 8.02 -35.97
CA TRP E 397 59.42 8.86 -34.95
C TRP E 397 58.32 8.13 -34.20
N TYR E 398 57.68 7.15 -34.84
CA TYR E 398 56.71 6.31 -34.13
C TYR E 398 57.39 5.12 -33.45
N THR E 399 58.35 4.49 -34.13
CA THR E 399 58.98 3.28 -33.61
C THR E 399 59.83 3.54 -32.36
N GLY E 400 60.63 4.61 -32.37
CA GLY E 400 61.55 4.87 -31.28
C GLY E 400 60.94 5.32 -29.97
N GLU E 401 59.61 5.38 -29.89
CA GLU E 401 58.90 5.81 -28.69
C GLU E 401 58.26 4.66 -27.93
N GLY E 402 58.20 3.47 -28.50
CA GLY E 402 57.59 2.35 -27.81
C GLY E 402 56.73 1.50 -28.70
N MET E 403 56.29 2.05 -29.82
CA MET E 403 55.50 1.29 -30.77
C MET E 403 56.40 0.44 -31.65
N ASP E 404 55.90 -0.74 -32.01
CA ASP E 404 56.59 -1.67 -32.88
C ASP E 404 55.78 -1.80 -34.17
N GLU E 405 56.18 -2.72 -35.04
CA GLU E 405 55.58 -2.79 -36.37
C GLU E 405 54.21 -3.46 -36.36
N MET E 406 53.99 -4.44 -35.48
CA MET E 406 52.69 -5.13 -35.51
C MET E 406 51.54 -4.22 -35.10
N GLU E 407 51.81 -3.12 -34.41
CA GLU E 407 50.75 -2.13 -34.16
C GLU E 407 50.22 -1.55 -35.46
N PHE E 408 51.10 -1.23 -36.41
CA PHE E 408 50.60 -0.70 -37.67
C PHE E 408 49.87 -1.77 -38.47
N THR E 409 50.39 -3.00 -38.50
CA THR E 409 49.70 -4.07 -39.22
C THR E 409 48.35 -4.40 -38.60
N GLU E 410 48.26 -4.43 -37.27
CA GLU E 410 46.97 -4.67 -36.65
C GLU E 410 46.01 -3.52 -36.96
N ALA E 411 46.49 -2.28 -36.89
CA ALA E 411 45.65 -1.13 -37.21
C ALA E 411 45.20 -1.18 -38.66
N GLU E 412 46.11 -1.57 -39.56
CA GLU E 412 45.74 -1.72 -40.96
C GLU E 412 44.65 -2.77 -41.13
N SER E 413 44.83 -3.93 -40.49
CA SER E 413 43.85 -5.01 -40.61
C SER E 413 42.47 -4.58 -40.11
N ASN E 414 42.41 -3.86 -38.98
CA ASN E 414 41.11 -3.51 -38.42
C ASN E 414 40.40 -2.46 -39.25
N MET E 415 41.14 -1.45 -39.72
CA MET E 415 40.55 -0.48 -40.63
C MET E 415 40.12 -1.16 -41.93
N ASN E 416 40.93 -2.11 -42.41
CA ASN E 416 40.64 -2.74 -43.69
C ASN E 416 39.44 -3.68 -43.59
N ASP E 417 39.32 -4.43 -42.49
CA ASP E 417 38.14 -5.26 -42.33
C ASP E 417 36.89 -4.43 -42.03
N LEU E 418 37.08 -3.24 -41.45
CA LEU E 418 35.94 -2.36 -41.21
C LEU E 418 35.35 -1.85 -42.51
N VAL E 419 36.19 -1.36 -43.42
CA VAL E 419 35.65 -0.93 -44.71
C VAL E 419 35.11 -2.13 -45.48
N SER E 420 35.68 -3.31 -45.25
CA SER E 420 35.16 -4.52 -45.87
C SER E 420 33.79 -4.86 -45.31
N GLU E 421 33.59 -4.65 -44.01
CA GLU E 421 32.35 -5.03 -43.35
C GLU E 421 31.25 -4.00 -43.61
N TYR E 422 31.61 -2.74 -43.81
CA TYR E 422 30.66 -1.78 -44.33
C TYR E 422 30.19 -2.17 -45.72
N GLN E 423 31.13 -2.60 -46.56
CA GLN E 423 30.82 -3.02 -47.93
C GLN E 423 29.90 -4.23 -47.97
N GLN E 424 30.08 -5.20 -47.06
CA GLN E 424 29.19 -6.35 -47.07
C GLN E 424 27.75 -5.95 -46.73
N TYR E 425 27.54 -5.14 -45.67
CA TYR E 425 26.15 -4.76 -45.40
C TYR E 425 25.62 -3.80 -46.45
N GLN E 426 26.47 -3.29 -47.33
CA GLN E 426 26.04 -2.40 -48.40
C GLN E 426 25.39 -3.18 -49.53
N ARG F 2 58.25 29.11 -23.12
CA ARG F 2 58.91 28.72 -24.35
C ARG F 2 60.21 29.51 -24.51
N GLU F 3 61.35 28.83 -24.60
CA GLU F 3 62.60 29.55 -24.72
C GLU F 3 63.56 28.82 -25.64
N VAL F 4 64.40 29.58 -26.32
CA VAL F 4 65.46 29.06 -27.17
C VAL F 4 66.69 29.92 -26.99
N ILE F 5 67.86 29.31 -26.91
CA ILE F 5 69.10 30.06 -26.83
C ILE F 5 69.81 29.92 -28.18
N SER F 6 70.56 30.94 -28.56
CA SER F 6 71.13 31.02 -29.90
C SER F 6 72.61 31.33 -29.80
N ILE F 7 73.43 30.43 -30.31
CA ILE F 7 74.88 30.60 -30.25
C ILE F 7 75.40 30.90 -31.64
N HIS F 8 76.45 31.70 -31.70
CA HIS F 8 77.02 32.20 -32.95
C HIS F 8 78.51 31.95 -32.90
N ILE F 9 79.02 31.17 -33.84
CA ILE F 9 80.43 30.79 -33.85
C ILE F 9 81.07 31.34 -35.11
N GLY F 10 82.24 31.97 -34.95
CA GLY F 10 83.02 32.43 -36.06
C GLY F 10 82.68 33.82 -36.54
N GLN F 11 83.47 34.27 -37.52
CA GLN F 11 83.33 35.62 -38.06
C GLN F 11 81.97 35.80 -38.73
N ALA F 12 81.56 34.81 -39.53
CA ALA F 12 80.29 34.90 -40.23
C ALA F 12 79.14 34.65 -39.30
N GLY F 13 79.34 33.80 -38.29
CA GLY F 13 78.26 33.51 -37.36
C GLY F 13 77.79 34.72 -36.58
N ILE F 14 78.74 35.46 -35.98
CA ILE F 14 78.36 36.59 -35.14
C ILE F 14 77.93 37.80 -35.96
N GLN F 15 78.36 37.91 -37.22
CA GLN F 15 77.85 38.99 -38.05
C GLN F 15 76.39 38.76 -38.40
N VAL F 16 76.01 37.52 -38.70
CA VAL F 16 74.60 37.20 -38.90
C VAL F 16 73.81 37.55 -37.65
N GLY F 17 74.28 37.07 -36.49
CA GLY F 17 73.63 37.40 -35.23
C GLY F 17 73.59 38.88 -34.94
N ASN F 18 74.64 39.60 -35.32
CA ASN F 18 74.67 41.04 -35.19
C ASN F 18 73.54 41.71 -35.98
N ALA F 19 73.09 41.07 -37.06
CA ALA F 19 71.93 41.59 -37.76
C ALA F 19 70.63 41.15 -37.10
N CYS F 20 70.59 39.91 -36.59
CA CYS F 20 69.38 39.41 -35.95
C CYS F 20 69.00 40.26 -34.73
N TRP F 21 69.93 40.42 -33.78
CA TRP F 21 69.56 41.07 -32.51
C TRP F 21 69.16 42.52 -32.70
N GLU F 22 69.73 43.20 -33.69
CA GLU F 22 69.22 44.52 -34.04
C GLU F 22 67.75 44.42 -34.47
N LEU F 23 67.41 43.39 -35.24
CA LEU F 23 66.03 43.22 -35.69
C LEU F 23 65.07 42.89 -34.55
N TYR F 24 65.47 42.04 -33.60
CA TYR F 24 64.51 41.66 -32.56
C TYR F 24 64.24 42.79 -31.57
N CYS F 25 65.28 43.42 -31.03
CA CYS F 25 65.03 44.44 -30.02
C CYS F 25 64.27 45.62 -30.58
N LEU F 26 64.47 45.92 -31.86
CA LEU F 26 63.70 46.95 -32.53
C LEU F 26 62.35 46.44 -33.02
N GLU F 27 62.08 45.15 -32.86
CA GLU F 27 60.77 44.58 -33.17
C GLU F 27 59.86 44.58 -31.97
N HIS F 28 60.41 44.30 -30.79
CA HIS F 28 59.69 44.43 -29.53
C HIS F 28 59.79 45.83 -28.95
N GLY F 29 60.34 46.78 -29.70
CA GLY F 29 60.39 48.17 -29.28
C GLY F 29 61.29 48.42 -28.09
N ILE F 30 62.32 47.60 -27.91
CA ILE F 30 63.29 47.77 -26.84
C ILE F 30 64.37 48.73 -27.31
N GLN F 31 64.66 49.75 -26.52
CA GLN F 31 65.72 50.68 -26.85
C GLN F 31 67.07 49.96 -26.80
N PRO F 32 68.04 50.38 -27.62
CA PRO F 32 69.28 49.58 -27.74
C PRO F 32 70.12 49.56 -26.48
N ASP F 33 69.74 50.28 -25.43
CA ASP F 33 70.45 50.21 -24.16
C ASP F 33 69.91 49.10 -23.28
N GLY F 34 68.76 48.53 -23.61
CA GLY F 34 68.24 47.36 -22.94
C GLY F 34 66.93 47.55 -22.21
N GLN F 35 66.29 48.72 -22.25
CA GLN F 35 65.04 48.90 -21.53
C GLN F 35 63.96 49.46 -22.43
N MET F 36 62.72 49.12 -22.10
CA MET F 36 61.56 49.61 -22.82
C MET F 36 61.18 51.01 -22.36
N PRO F 37 60.41 51.75 -23.16
CA PRO F 37 59.82 53.00 -22.68
C PRO F 37 58.85 52.77 -21.52
N ASP F 46 53.26 42.22 -21.68
CA ASP F 46 53.73 41.49 -22.89
C ASP F 46 54.83 40.51 -22.48
N ASP F 47 54.62 39.21 -22.70
CA ASP F 47 55.64 38.18 -22.38
C ASP F 47 56.30 37.75 -23.69
N ALA F 48 56.10 38.53 -24.76
CA ALA F 48 56.63 38.16 -26.09
C ALA F 48 58.14 38.04 -26.04
N PHE F 49 58.80 38.92 -25.30
CA PHE F 49 60.28 38.92 -25.25
C PHE F 49 60.78 37.62 -24.63
N ASN F 50 59.95 36.88 -23.90
CA ASN F 50 60.42 35.69 -23.14
C ASN F 50 61.06 34.61 -24.03
N THR F 51 60.72 34.51 -25.32
CA THR F 51 61.42 33.50 -26.15
C THR F 51 62.90 33.82 -26.29
N PHE F 52 63.27 35.08 -26.51
CA PHE F 52 64.70 35.41 -26.77
C PHE F 52 65.29 36.36 -25.72
N PHE F 53 64.50 36.76 -24.73
CA PHE F 53 64.99 37.77 -23.74
C PHE F 53 64.56 37.38 -22.33
N SER F 54 65.40 37.67 -21.34
CA SER F 54 65.08 37.43 -19.93
C SER F 54 65.02 38.76 -19.21
N GLU F 55 64.04 38.89 -18.31
CA GLU F 55 63.81 40.14 -17.60
C GLU F 55 64.80 40.23 -16.45
N THR F 56 65.96 40.79 -16.74
CA THR F 56 67.00 40.94 -15.73
C THR F 56 66.64 42.07 -14.78
N GLY F 57 66.67 41.77 -13.48
CA GLY F 57 66.35 42.74 -12.45
C GLY F 57 64.97 43.33 -12.62
N ALA F 58 64.92 44.59 -13.03
CA ALA F 58 63.66 45.28 -13.27
C ALA F 58 63.90 46.35 -14.33
N GLY F 59 63.09 46.33 -15.39
CA GLY F 59 63.21 47.33 -16.42
C GLY F 59 64.40 47.14 -17.33
N LYS F 60 64.83 45.89 -17.55
CA LYS F 60 65.92 45.62 -18.47
C LYS F 60 65.70 44.28 -19.16
N HIS F 61 66.28 44.14 -20.34
CA HIS F 61 66.15 42.93 -21.14
C HIS F 61 67.51 42.52 -21.66
N VAL F 62 67.94 41.31 -21.33
CA VAL F 62 69.22 40.80 -21.83
C VAL F 62 68.97 39.63 -22.77
N PRO F 63 69.67 39.54 -23.90
CA PRO F 63 69.41 38.45 -24.85
C PRO F 63 69.91 37.10 -24.35
N ARG F 64 69.19 36.05 -24.74
CA ARG F 64 69.64 34.67 -24.54
C ARG F 64 70.51 34.25 -25.73
N CYS F 65 71.78 34.61 -25.66
CA CYS F 65 72.69 34.32 -26.77
C CYS F 65 74.12 34.45 -26.29
N ILE F 66 75.02 33.79 -27.01
CA ILE F 66 76.46 33.97 -26.80
C ILE F 66 77.13 34.07 -28.15
N PHE F 67 77.90 35.13 -28.34
CA PHE F 67 78.81 35.22 -29.47
C PHE F 67 80.14 34.64 -29.01
N LEU F 68 80.71 33.74 -29.79
CA LEU F 68 82.01 33.20 -29.46
C LEU F 68 82.80 32.99 -30.74
N ASP F 69 84.11 33.23 -30.64
CA ASP F 69 84.98 33.23 -31.80
C ASP F 69 86.41 33.23 -31.30
N LEU F 70 87.31 32.76 -32.16
CA LEU F 70 88.72 32.67 -31.84
C LEU F 70 89.45 33.97 -32.17
N GLU F 71 89.03 34.67 -33.20
CA GLU F 71 89.73 35.95 -33.34
C GLU F 71 89.04 37.03 -32.52
N PRO F 72 89.79 37.87 -31.79
CA PRO F 72 89.14 38.83 -30.90
C PRO F 72 88.64 40.09 -31.56
N THR F 73 89.09 40.41 -32.79
CA THR F 73 88.85 41.75 -33.31
C THR F 73 87.38 41.96 -33.62
N VAL F 74 86.71 40.92 -34.12
CA VAL F 74 85.34 41.03 -34.61
C VAL F 74 84.34 41.00 -33.46
N VAL F 75 84.74 40.49 -32.30
CA VAL F 75 83.91 40.57 -31.10
C VAL F 75 83.93 41.97 -30.51
N ASP F 76 85.11 42.61 -30.47
CA ASP F 76 85.26 43.92 -29.83
C ASP F 76 84.71 45.11 -30.59
N GLU F 77 84.35 45.03 -31.88
CA GLU F 77 83.57 46.15 -32.40
C GLU F 77 82.16 46.15 -31.82
N VAL F 78 81.62 44.97 -31.52
CA VAL F 78 80.36 44.90 -30.78
C VAL F 78 80.51 45.49 -29.39
N ARG F 79 81.62 45.20 -28.71
CA ARG F 79 81.81 45.71 -27.35
C ARG F 79 81.91 47.22 -27.32
N THR F 80 82.36 47.85 -28.41
CA THR F 80 82.48 49.30 -28.46
C THR F 80 81.47 49.96 -29.38
N GLY F 81 80.58 49.20 -30.01
CA GLY F 81 79.63 49.79 -30.94
C GLY F 81 78.43 50.42 -30.29
N THR F 82 77.27 50.29 -30.93
CA THR F 82 76.06 50.88 -30.39
C THR F 82 75.45 50.03 -29.27
N TYR F 83 75.49 48.71 -29.40
CA TYR F 83 74.87 47.83 -28.40
C TYR F 83 75.89 47.40 -27.34
N ARG F 84 76.46 48.40 -26.68
CA ARG F 84 77.38 48.13 -25.59
C ARG F 84 76.64 47.59 -24.38
N GLN F 85 75.46 48.13 -24.11
CA GLN F 85 74.68 47.81 -22.93
C GLN F 85 73.74 46.63 -23.11
N LEU F 86 73.47 46.19 -24.33
CA LEU F 86 72.46 45.14 -24.50
C LEU F 86 72.96 43.79 -24.02
N PHE F 87 74.17 43.42 -24.41
CA PHE F 87 74.69 42.09 -24.12
C PHE F 87 75.48 42.05 -22.83
N HIS F 88 75.30 40.98 -22.07
CA HIS F 88 76.10 40.78 -20.88
C HIS F 88 77.56 40.64 -21.30
N PRO F 89 78.49 41.29 -20.60
CA PRO F 89 79.90 41.24 -21.07
C PRO F 89 80.44 39.82 -21.13
N GLU F 90 80.05 38.98 -20.18
CA GLU F 90 80.56 37.61 -20.14
C GLU F 90 80.14 36.82 -21.37
N GLN F 91 78.97 37.13 -21.93
CA GLN F 91 78.43 36.39 -23.06
C GLN F 91 79.38 36.42 -24.25
N LEU F 92 80.04 37.55 -24.49
CA LEU F 92 80.92 37.70 -25.64
C LEU F 92 82.26 37.03 -25.32
N ILE F 93 82.61 36.01 -26.12
CA ILE F 93 83.81 35.21 -25.88
C ILE F 93 84.75 35.32 -27.08
N SER F 94 86.02 35.62 -26.80
CA SER F 94 87.02 35.80 -27.85
C SER F 94 88.27 35.00 -27.49
N GLY F 95 89.12 34.77 -28.48
CA GLY F 95 90.30 33.95 -28.27
C GLY F 95 91.56 34.68 -28.70
N LYS F 96 92.69 34.17 -28.23
CA LYS F 96 93.98 34.75 -28.60
C LYS F 96 94.35 34.54 -30.07
N GLU F 97 94.13 33.35 -30.60
CA GLU F 97 94.59 33.03 -31.97
C GLU F 97 93.51 32.34 -32.78
N ASP F 98 93.61 32.48 -34.11
CA ASP F 98 92.62 31.94 -35.02
C ASP F 98 92.88 30.47 -35.35
N ALA F 99 91.89 29.86 -36.00
CA ALA F 99 92.04 28.49 -36.47
C ALA F 99 92.82 28.44 -37.78
N ALA F 100 93.07 29.60 -38.40
CA ALA F 100 93.84 29.72 -39.64
C ALA F 100 93.23 28.91 -40.77
N ASN F 101 91.90 28.93 -40.89
CA ASN F 101 91.20 28.25 -41.98
C ASN F 101 91.57 26.77 -42.07
N ASN F 102 91.72 26.13 -40.91
CA ASN F 102 91.95 24.69 -40.86
C ASN F 102 90.94 24.04 -39.93
N PHE F 103 90.25 23.03 -40.44
CA PHE F 103 89.31 22.29 -39.62
C PHE F 103 90.06 21.62 -38.47
N ALA F 104 91.24 21.06 -38.76
CA ALA F 104 91.99 20.34 -37.74
C ALA F 104 92.40 21.28 -36.62
N ARG F 105 92.89 22.47 -36.98
CA ARG F 105 93.35 23.41 -35.96
C ARG F 105 92.21 23.83 -35.05
N GLY F 106 91.06 24.12 -35.64
CA GLY F 106 89.89 24.50 -34.86
C GLY F 106 89.39 23.35 -34.02
N HIS F 107 89.32 22.15 -34.60
CA HIS F 107 88.79 20.99 -33.91
C HIS F 107 89.69 20.51 -32.78
N TYR F 108 91.02 20.56 -32.96
CA TYR F 108 91.92 19.92 -31.99
C TYR F 108 92.88 20.87 -31.30
N THR F 109 93.73 21.58 -32.04
CA THR F 109 94.79 22.37 -31.40
C THR F 109 94.23 23.47 -30.51
N ILE F 110 93.26 24.22 -31.00
CA ILE F 110 92.76 25.38 -30.26
C ILE F 110 91.33 25.19 -29.74
N GLY F 111 90.60 24.21 -30.27
CA GLY F 111 89.20 24.06 -29.86
C GLY F 111 89.03 23.72 -28.40
N LYS F 112 89.95 22.93 -27.85
CA LYS F 112 89.77 22.41 -26.49
C LYS F 112 89.66 23.49 -25.42
N GLU F 113 90.50 24.53 -25.47
CA GLU F 113 90.47 25.50 -24.39
C GLU F 113 89.16 26.29 -24.36
N ILE F 114 88.71 26.77 -25.52
CA ILE F 114 87.50 27.60 -25.54
C ILE F 114 86.23 26.75 -25.45
N VAL F 115 86.25 25.50 -25.93
CA VAL F 115 85.02 24.71 -25.98
C VAL F 115 84.45 24.54 -24.57
N ASP F 116 85.32 24.28 -23.59
CA ASP F 116 84.85 24.07 -22.23
C ASP F 116 84.22 25.36 -21.70
N LEU F 117 84.84 26.49 -22.01
CA LEU F 117 84.39 27.78 -21.50
C LEU F 117 82.98 28.08 -21.99
N ALA F 118 82.73 27.83 -23.26
CA ALA F 118 81.40 28.10 -23.82
C ALA F 118 80.35 27.22 -23.16
N LEU F 119 80.67 25.94 -22.93
CA LEU F 119 79.70 25.00 -22.37
C LEU F 119 79.26 25.40 -20.97
N ASP F 120 80.18 25.89 -20.13
CA ASP F 120 79.78 26.34 -18.80
C ASP F 120 78.78 27.48 -18.89
N ARG F 121 78.97 28.36 -19.87
CA ARG F 121 78.02 29.44 -20.13
C ARG F 121 76.65 28.87 -20.50
N ILE F 122 76.63 27.91 -21.42
CA ILE F 122 75.36 27.36 -21.88
C ILE F 122 74.58 26.74 -20.72
N ARG F 123 75.29 26.22 -19.72
CA ARG F 123 74.64 25.66 -18.53
C ARG F 123 73.69 26.65 -17.87
N LYS F 124 74.22 27.78 -17.41
CA LYS F 124 73.38 28.75 -16.70
C LYS F 124 72.49 29.57 -17.62
N LEU F 125 72.78 29.66 -18.92
CA LEU F 125 71.81 30.23 -19.83
C LEU F 125 70.57 29.32 -19.93
N ALA F 126 70.81 28.02 -20.06
CA ALA F 126 69.71 27.06 -20.08
C ALA F 126 69.00 27.01 -18.73
N ASP F 127 69.76 27.14 -17.64
CA ASP F 127 69.17 27.11 -16.30
C ASP F 127 68.25 28.30 -16.05
N ASN F 128 68.54 29.44 -16.70
CA ASN F 128 67.64 30.58 -16.59
C ASN F 128 66.33 30.29 -17.31
N CYS F 129 66.38 29.51 -18.38
CA CYS F 129 65.18 29.10 -19.08
C CYS F 129 64.44 28.03 -18.30
N THR F 130 63.18 27.84 -18.65
CA THR F 130 62.32 26.86 -17.98
C THR F 130 61.64 25.93 -18.97
N GLY F 131 61.27 26.42 -20.14
CA GLY F 131 60.58 25.63 -21.14
C GLY F 131 61.38 25.50 -22.41
N LEU F 132 62.69 25.26 -22.27
CA LEU F 132 63.62 25.25 -23.39
C LEU F 132 63.12 24.38 -24.53
N GLN F 133 62.94 25.00 -25.69
CA GLN F 133 62.54 24.28 -26.89
C GLN F 133 63.73 23.63 -27.60
N GLY F 134 64.81 24.38 -27.78
CA GLY F 134 65.98 23.82 -28.39
C GLY F 134 67.09 24.85 -28.49
N PHE F 135 68.12 24.49 -29.24
CA PHE F 135 69.23 25.37 -29.54
C PHE F 135 69.19 25.73 -31.01
N LEU F 136 69.96 26.73 -31.40
CA LEU F 136 70.18 26.97 -32.82
C LEU F 136 71.52 27.64 -33.04
N VAL F 137 72.32 27.07 -33.95
CA VAL F 137 73.69 27.49 -34.14
C VAL F 137 73.81 28.17 -35.50
N PHE F 138 74.82 29.02 -35.63
CA PHE F 138 75.03 29.81 -36.83
C PHE F 138 76.51 29.76 -37.20
N ASN F 139 76.82 29.23 -38.37
CA ASN F 139 78.21 29.12 -38.79
C ASN F 139 78.30 28.92 -40.29
N ALA F 140 79.51 29.16 -40.80
CA ALA F 140 79.85 28.91 -42.20
C ALA F 140 80.90 27.82 -42.22
N VAL F 141 80.66 26.75 -42.98
CA VAL F 141 81.57 25.61 -42.93
C VAL F 141 82.87 25.86 -43.68
N GLY F 142 82.94 26.92 -44.49
CA GLY F 142 84.15 27.18 -45.25
C GLY F 142 85.33 27.60 -44.41
N GLY F 143 85.08 28.16 -43.23
CA GLY F 143 86.11 28.65 -42.35
C GLY F 143 86.61 27.57 -41.40
N GLY F 144 87.40 28.01 -40.42
CA GLY F 144 87.94 27.11 -39.42
C GLY F 144 87.17 27.09 -38.13
N THR F 145 86.82 28.28 -37.63
CA THR F 145 86.13 28.38 -36.34
C THR F 145 84.74 27.76 -36.43
N GLY F 146 83.95 28.15 -37.43
CA GLY F 146 82.61 27.61 -37.57
C GLY F 146 82.61 26.13 -37.90
N SER F 147 83.64 25.67 -38.61
CA SER F 147 83.73 24.26 -38.96
C SER F 147 84.31 23.44 -37.82
N GLY F 148 85.54 23.76 -37.40
CA GLY F 148 86.25 22.90 -36.45
C GLY F 148 85.61 22.81 -35.09
N LEU F 149 85.67 23.88 -34.30
CA LEU F 149 85.07 23.81 -32.97
C LEU F 149 83.56 23.87 -33.04
N GLY F 150 82.98 24.26 -34.18
CA GLY F 150 81.57 24.09 -34.38
C GLY F 150 81.17 22.63 -34.34
N SER F 151 81.88 21.78 -35.07
CA SER F 151 81.63 20.35 -35.00
C SER F 151 81.92 19.81 -33.61
N LEU F 152 83.00 20.28 -32.98
CA LEU F 152 83.34 19.83 -31.63
C LEU F 152 82.26 20.19 -30.63
N LEU F 153 81.73 21.41 -30.73
CA LEU F 153 80.70 21.86 -29.81
C LEU F 153 79.40 21.06 -29.99
N LEU F 154 79.05 20.75 -31.24
CA LEU F 154 77.85 19.96 -31.50
C LEU F 154 77.96 18.55 -30.92
N GLU F 155 79.14 17.92 -31.00
CA GLU F 155 79.28 16.59 -30.43
C GLU F 155 79.05 16.61 -28.92
N ARG F 156 79.65 17.57 -28.22
CA ARG F 156 79.48 17.63 -26.78
C ARG F 156 78.06 18.07 -26.41
N LEU F 157 77.41 18.83 -27.29
CA LEU F 157 76.01 19.16 -27.07
C LEU F 157 75.09 17.96 -27.27
N SER F 158 75.46 17.04 -28.15
CA SER F 158 74.66 15.83 -28.35
C SER F 158 74.74 14.90 -27.15
N VAL F 159 75.92 14.76 -26.55
CA VAL F 159 76.05 13.89 -25.38
C VAL F 159 75.49 14.53 -24.12
N ASP F 160 75.37 15.86 -24.09
CA ASP F 160 74.86 16.52 -22.89
C ASP F 160 73.33 16.50 -22.85
N TYR F 161 72.70 16.81 -23.98
CA TYR F 161 71.24 16.90 -24.03
C TYR F 161 70.60 15.76 -24.82
N GLY F 162 71.01 15.56 -26.06
CA GLY F 162 70.51 14.48 -26.87
C GLY F 162 69.11 14.73 -27.38
N LYS F 163 68.14 14.74 -26.46
CA LYS F 163 66.74 14.86 -26.84
C LYS F 163 66.33 16.25 -27.30
N LYS F 164 67.20 17.26 -27.15
CA LYS F 164 66.84 18.63 -27.42
C LYS F 164 67.28 19.07 -28.81
N SER F 165 66.47 19.93 -29.41
CA SER F 165 66.63 20.29 -30.81
C SER F 165 67.82 21.22 -31.02
N LYS F 166 68.61 20.93 -32.05
CA LYS F 166 69.80 21.72 -32.38
C LYS F 166 69.68 22.17 -33.84
N LEU F 167 69.06 23.33 -34.04
CA LEU F 167 68.85 23.89 -35.38
C LEU F 167 70.18 24.41 -35.93
N GLY F 168 70.76 23.68 -36.87
CA GLY F 168 72.02 24.13 -37.42
C GLY F 168 71.83 24.84 -38.74
N PHE F 169 72.01 26.17 -38.74
CA PHE F 169 71.92 26.99 -39.94
C PHE F 169 73.34 27.23 -40.42
N THR F 170 73.81 26.40 -41.34
CA THR F 170 75.19 26.48 -41.79
C THR F 170 75.28 27.06 -43.19
N VAL F 171 76.40 27.71 -43.47
CA VAL F 171 76.67 28.30 -44.78
C VAL F 171 77.74 27.46 -45.46
N TYR F 172 77.38 26.81 -46.57
CA TYR F 172 78.34 26.01 -47.31
C TYR F 172 79.01 26.85 -48.39
N PRO F 173 80.21 26.45 -48.83
CA PRO F 173 80.88 27.19 -49.89
C PRO F 173 80.19 27.02 -51.22
N SER F 174 80.03 28.13 -51.93
CA SER F 174 79.46 28.08 -53.26
C SER F 174 80.48 27.46 -54.22
N PRO F 175 80.02 26.83 -55.30
CA PRO F 175 80.95 26.22 -56.25
C PRO F 175 81.89 27.22 -56.90
N GLN F 176 81.37 28.28 -57.53
CA GLN F 176 82.26 29.21 -58.21
C GLN F 176 82.64 30.40 -57.34
N VAL F 177 81.72 30.93 -56.52
CA VAL F 177 82.05 32.02 -55.62
C VAL F 177 82.80 31.43 -54.44
N SER F 178 83.97 31.99 -54.14
CA SER F 178 84.83 31.40 -53.14
C SER F 178 85.77 32.46 -52.58
N THR F 179 86.06 32.37 -51.29
CA THR F 179 87.00 33.27 -50.65
C THR F 179 88.23 32.55 -50.13
N ALA F 180 88.15 31.26 -49.86
CA ALA F 180 89.26 30.45 -49.38
C ALA F 180 89.74 29.53 -50.50
N VAL F 181 90.77 28.75 -50.19
CA VAL F 181 91.33 27.77 -51.11
C VAL F 181 91.20 26.35 -50.57
N VAL F 182 91.39 26.16 -49.28
CA VAL F 182 91.35 24.84 -48.67
C VAL F 182 89.96 24.54 -48.10
N GLU F 183 88.96 25.30 -48.51
CA GLU F 183 87.57 25.12 -48.09
C GLU F 183 86.92 23.82 -48.53
N PRO F 184 87.39 23.13 -49.59
CA PRO F 184 86.87 21.76 -49.82
C PRO F 184 87.14 20.83 -48.66
N TYR F 185 88.38 20.79 -48.16
CA TYR F 185 88.72 19.95 -47.02
C TYR F 185 87.83 20.25 -45.82
N ASN F 186 87.64 21.53 -45.51
CA ASN F 186 86.87 21.92 -44.34
C ASN F 186 85.41 21.48 -44.47
N SER F 187 84.83 21.61 -45.66
CA SER F 187 83.44 21.23 -45.87
C SER F 187 83.22 19.73 -45.70
N VAL F 188 84.09 18.90 -46.29
CA VAL F 188 83.93 17.46 -46.18
C VAL F 188 84.02 17.00 -44.72
N LEU F 189 85.08 17.41 -44.03
CA LEU F 189 85.27 16.99 -42.64
C LEU F 189 84.15 17.50 -41.74
N SER F 190 83.57 18.66 -42.06
CA SER F 190 82.49 19.21 -41.26
C SER F 190 81.19 18.45 -41.47
N THR F 191 80.87 18.14 -42.73
CA THR F 191 79.65 17.38 -43.01
C THR F 191 79.64 16.04 -42.32
N HIS F 192 80.82 15.45 -42.10
CA HIS F 192 80.91 14.18 -41.39
C HIS F 192 80.32 14.27 -39.99
N SER F 193 80.44 15.42 -39.35
CA SER F 193 79.85 15.59 -38.02
C SER F 193 78.43 16.11 -38.08
N LEU F 194 78.10 16.97 -39.05
CA LEU F 194 76.72 17.44 -39.17
C LEU F 194 75.77 16.32 -39.55
N LEU F 195 76.31 15.20 -40.01
CA LEU F 195 75.47 14.06 -40.37
C LEU F 195 74.87 13.40 -39.12
N GLU F 196 75.70 13.16 -38.11
CA GLU F 196 75.27 12.41 -36.93
C GLU F 196 75.20 13.27 -35.67
N HIS F 197 75.20 14.58 -35.79
CA HIS F 197 75.03 15.36 -34.57
C HIS F 197 73.91 16.38 -34.65
N THR F 198 73.76 17.06 -35.77
CA THR F 198 72.65 18.00 -35.93
C THR F 198 71.34 17.25 -36.09
N ASP F 199 70.29 17.81 -35.52
CA ASP F 199 68.95 17.24 -35.64
C ASP F 199 68.24 17.75 -36.88
N VAL F 200 68.25 19.07 -37.09
CA VAL F 200 67.66 19.71 -38.26
C VAL F 200 68.61 20.79 -38.75
N ALA F 201 69.09 20.65 -39.98
CA ALA F 201 70.14 21.51 -40.50
C ALA F 201 69.67 22.15 -41.80
N VAL F 202 69.77 23.47 -41.85
CA VAL F 202 69.27 24.27 -42.97
C VAL F 202 70.48 24.78 -43.74
N MET F 203 70.48 24.57 -45.07
CA MET F 203 71.59 25.01 -45.88
C MET F 203 71.34 26.45 -46.33
N LEU F 204 72.41 27.23 -46.38
CA LEU F 204 72.37 28.62 -46.82
C LEU F 204 73.62 28.88 -47.65
N ASP F 205 73.49 28.92 -48.97
CA ASP F 205 74.65 29.21 -49.78
C ASP F 205 74.89 30.72 -49.77
N ASN F 206 76.05 31.13 -50.28
CA ASN F 206 76.35 32.55 -50.32
C ASN F 206 76.00 33.17 -51.67
N GLU F 207 76.34 32.50 -52.78
CA GLU F 207 76.08 33.07 -54.09
C GLU F 207 74.59 33.22 -54.37
N ALA F 208 73.78 32.29 -53.86
CA ALA F 208 72.33 32.39 -54.04
C ALA F 208 71.80 33.69 -53.45
N ILE F 209 72.24 34.02 -52.23
CA ILE F 209 71.78 35.25 -51.59
C ILE F 209 72.29 36.45 -52.37
N TYR F 210 73.48 36.35 -52.94
CA TYR F 210 74.00 37.39 -53.81
C TYR F 210 73.06 37.64 -54.99
N ASP F 211 72.64 36.56 -55.66
CA ASP F 211 71.77 36.71 -56.82
C ASP F 211 70.37 37.21 -56.46
N ILE F 212 69.90 36.93 -55.26
CA ILE F 212 68.58 37.44 -54.85
C ILE F 212 68.62 38.95 -54.67
N CYS F 213 69.58 39.45 -53.91
CA CYS F 213 69.67 40.89 -53.69
C CYS F 213 70.08 41.66 -54.93
N ARG F 214 70.75 41.03 -55.89
CA ARG F 214 71.06 41.71 -57.14
C ARG F 214 69.82 41.88 -58.00
N ARG F 215 68.97 40.85 -58.07
CA ARG F 215 67.84 40.86 -58.99
C ARG F 215 66.67 41.63 -58.38
N SER F 216 66.15 41.15 -57.25
CA SER F 216 64.91 41.67 -56.70
C SER F 216 65.13 42.92 -55.84
N LEU F 217 66.04 42.83 -54.87
CA LEU F 217 66.41 44.00 -54.07
C LEU F 217 67.22 45.01 -54.86
N ASP F 218 67.62 44.66 -56.08
CA ASP F 218 68.35 45.50 -57.03
C ASP F 218 69.41 46.39 -56.36
N ILE F 219 70.23 45.77 -55.52
CA ILE F 219 71.51 46.35 -55.12
C ILE F 219 72.58 45.74 -56.00
N GLU F 220 73.34 46.58 -56.69
CA GLU F 220 74.35 46.07 -57.61
C GLU F 220 75.66 45.76 -56.91
N ARG F 221 75.92 46.39 -55.76
CA ARG F 221 77.13 46.16 -54.98
C ARG F 221 76.73 45.89 -53.54
N PRO F 222 76.29 44.68 -53.24
CA PRO F 222 75.88 44.35 -51.88
C PRO F 222 77.03 43.79 -51.06
N THR F 223 77.01 44.11 -49.78
CA THR F 223 77.99 43.66 -48.83
C THR F 223 77.38 42.61 -47.91
N TYR F 224 78.14 42.21 -46.89
CA TYR F 224 77.63 41.21 -45.97
C TYR F 224 76.43 41.72 -45.20
N THR F 225 76.25 43.05 -45.11
CA THR F 225 75.16 43.60 -44.32
C THR F 225 73.81 43.17 -44.88
N ASN F 226 73.64 43.28 -46.19
CA ASN F 226 72.38 42.93 -46.82
C ASN F 226 72.09 41.43 -46.73
N LEU F 227 73.12 40.60 -46.89
CA LEU F 227 72.95 39.16 -46.76
C LEU F 227 72.40 38.79 -45.40
N ASN F 228 73.07 39.24 -44.34
CA ASN F 228 72.68 38.95 -42.97
C ASN F 228 71.30 39.51 -42.66
N ARG F 229 70.92 40.62 -43.28
CA ARG F 229 69.61 41.22 -43.02
C ARG F 229 68.48 40.29 -43.44
N LEU F 230 68.55 39.73 -44.64
CA LEU F 230 67.47 38.85 -45.09
C LEU F 230 67.53 37.49 -44.40
N ILE F 231 68.71 37.06 -43.96
CA ILE F 231 68.82 35.88 -43.11
C ILE F 231 68.07 36.09 -41.80
N ALA F 232 68.27 37.25 -41.18
CA ALA F 232 67.53 37.58 -39.96
C ALA F 232 66.04 37.53 -40.18
N GLN F 233 65.56 37.96 -41.35
CA GLN F 233 64.14 37.88 -41.64
C GLN F 233 63.64 36.44 -41.63
N VAL F 234 64.45 35.51 -42.15
CA VAL F 234 64.02 34.11 -42.18
C VAL F 234 63.96 33.53 -40.77
N ILE F 235 64.97 33.81 -39.94
CA ILE F 235 64.99 33.29 -38.59
C ILE F 235 63.83 33.89 -37.78
N SER F 236 63.59 35.18 -37.96
CA SER F 236 62.48 35.83 -37.28
C SER F 236 61.15 35.25 -37.71
N SER F 237 61.03 34.90 -38.99
CA SER F 237 59.79 34.35 -39.51
C SER F 237 59.52 32.94 -38.99
N LEU F 238 60.56 32.20 -38.65
CA LEU F 238 60.36 30.84 -38.13
C LEU F 238 60.21 30.79 -36.63
N THR F 239 60.46 31.89 -35.92
CA THR F 239 60.22 31.93 -34.49
C THR F 239 59.00 32.77 -34.12
N ALA F 240 58.47 33.57 -35.05
CA ALA F 240 57.29 34.38 -34.76
C ALA F 240 56.13 33.52 -34.29
N SER F 241 56.11 32.25 -34.67
CA SER F 241 55.08 31.35 -34.18
C SER F 241 55.20 31.15 -32.67
N LEU F 242 56.43 31.24 -32.15
CA LEU F 242 56.63 31.16 -30.71
C LEU F 242 56.38 32.49 -30.02
N ARG F 243 56.79 33.61 -30.64
CA ARG F 243 56.70 34.89 -29.94
C ARG F 243 55.28 35.42 -29.86
N PHE F 244 54.42 35.06 -30.80
CA PHE F 244 53.07 35.62 -30.86
C PHE F 244 52.08 34.51 -31.18
N ASP F 245 50.80 34.80 -30.99
CA ASP F 245 49.76 33.83 -31.27
C ASP F 245 49.28 33.97 -32.71
N GLY F 246 48.91 32.83 -33.31
CA GLY F 246 48.42 32.80 -34.67
C GLY F 246 47.18 31.94 -34.81
N ALA F 247 46.61 31.97 -36.02
CA ALA F 247 45.43 31.15 -36.31
C ALA F 247 45.78 29.68 -36.43
N LEU F 248 47.01 29.36 -36.81
CA LEU F 248 47.44 27.97 -36.94
C LEU F 248 48.97 27.98 -36.79
N ASN F 249 49.45 27.58 -35.63
CA ASN F 249 50.85 27.77 -35.28
C ASN F 249 51.59 26.43 -35.26
N VAL F 250 52.91 26.52 -35.33
CA VAL F 250 53.78 25.37 -35.23
C VAL F 250 54.86 25.65 -34.19
N ASP F 251 55.46 24.59 -33.69
CA ASP F 251 56.57 24.68 -32.76
C ASP F 251 57.87 24.36 -33.50
N ILE F 252 58.98 24.50 -32.79
CA ILE F 252 60.26 24.12 -33.36
C ILE F 252 60.37 22.60 -33.49
N THR F 253 59.55 21.86 -32.74
CA THR F 253 59.54 20.41 -32.78
C THR F 253 58.52 19.86 -33.78
N GLU F 254 58.02 20.70 -34.70
CA GLU F 254 57.18 20.18 -35.76
C GLU F 254 57.99 19.85 -37.00
N PHE F 255 59.02 20.66 -37.29
CA PHE F 255 59.96 20.35 -38.34
C PHE F 255 60.80 19.11 -38.02
N GLN F 256 60.84 18.69 -36.76
CA GLN F 256 61.55 17.45 -36.43
C GLN F 256 60.75 16.22 -36.80
N THR F 257 59.50 16.39 -37.18
CA THR F 257 58.62 15.27 -37.52
C THR F 257 58.15 15.36 -38.94
N ASN F 258 57.73 16.54 -39.38
CA ASN F 258 57.14 16.74 -40.69
C ASN F 258 58.18 16.87 -41.79
N LEU F 259 59.48 16.88 -41.47
CA LEU F 259 60.51 17.16 -42.46
C LEU F 259 61.60 16.10 -42.55
N VAL F 260 61.72 15.21 -41.58
CA VAL F 260 62.82 14.25 -41.56
C VAL F 260 62.26 12.84 -41.72
N PRO F 261 62.16 12.33 -42.95
CA PRO F 261 61.58 10.99 -43.13
C PRO F 261 62.51 9.88 -42.68
N TYR F 262 63.82 10.13 -42.64
CA TYR F 262 64.79 9.14 -42.22
C TYR F 262 65.84 9.83 -41.37
N PRO F 263 66.29 9.19 -40.28
CA PRO F 263 67.11 9.89 -39.28
C PRO F 263 68.44 10.39 -39.83
N ARG F 264 68.78 10.06 -41.07
CA ARG F 264 70.03 10.47 -41.70
C ARG F 264 69.80 11.49 -42.81
N ILE F 265 68.55 11.82 -43.11
CA ILE F 265 68.20 12.84 -44.09
C ILE F 265 67.61 14.05 -43.38
N HIS F 266 68.46 15.02 -43.01
CA HIS F 266 68.00 16.29 -42.46
C HIS F 266 68.81 17.38 -43.16
N PHE F 267 68.31 17.82 -44.31
CA PHE F 267 68.90 18.90 -45.08
C PHE F 267 67.78 19.60 -45.83
N MET F 268 67.56 20.86 -45.53
CA MET F 268 66.38 21.59 -46.01
C MET F 268 66.78 22.75 -46.90
N LEU F 269 65.92 22.99 -47.90
CA LEU F 269 66.04 24.14 -48.79
C LEU F 269 65.18 25.28 -48.24
N SER F 270 65.78 26.45 -48.07
CA SER F 270 65.05 27.59 -47.54
C SER F 270 64.69 28.57 -48.66
N SER F 271 63.63 29.35 -48.39
CA SER F 271 63.19 30.39 -49.31
C SER F 271 62.37 31.41 -48.54
N TYR F 272 62.31 32.62 -49.08
CA TYR F 272 61.57 33.69 -48.43
C TYR F 272 60.94 34.55 -49.51
N ALA F 273 59.76 35.09 -49.21
CA ALA F 273 59.07 35.97 -50.14
C ALA F 273 58.06 36.81 -49.36
N PRO F 274 57.80 38.05 -49.80
CA PRO F 274 58.39 38.69 -50.97
C PRO F 274 59.64 39.52 -50.67
N ILE F 275 60.78 39.18 -51.24
CA ILE F 275 61.95 40.06 -51.19
C ILE F 275 61.72 41.15 -52.23
N ILE F 276 61.19 42.29 -51.80
CA ILE F 276 60.76 43.35 -52.70
C ILE F 276 61.27 44.69 -52.19
N SER F 277 61.72 45.54 -53.11
CA SER F 277 62.16 46.88 -52.76
C SER F 277 60.95 47.80 -52.51
N ALA F 278 61.24 48.97 -51.96
CA ALA F 278 60.18 49.91 -51.61
C ALA F 278 59.41 50.36 -52.84
N GLU F 279 60.12 50.81 -53.86
CA GLU F 279 59.47 51.36 -55.05
C GLU F 279 58.64 50.28 -55.75
N LYS F 280 59.22 49.10 -55.93
CA LYS F 280 58.49 48.02 -56.60
C LYS F 280 57.26 47.62 -55.80
N ALA F 281 57.37 47.61 -54.46
CA ALA F 281 56.22 47.26 -53.63
C ALA F 281 55.09 48.25 -53.84
N TYR F 282 55.42 49.54 -53.92
CA TYR F 282 54.42 50.56 -54.23
C TYR F 282 53.71 50.25 -55.55
N HIS F 283 54.42 49.66 -56.51
CA HIS F 283 53.93 49.48 -57.87
C HIS F 283 53.30 48.10 -58.06
N GLU F 284 52.97 47.43 -56.95
CA GLU F 284 52.42 46.08 -57.00
C GLU F 284 51.47 45.90 -55.81
N GLN F 285 50.27 45.42 -56.08
CA GLN F 285 49.36 45.01 -55.01
C GLN F 285 49.67 43.57 -54.63
N LEU F 286 50.31 43.41 -53.48
CA LEU F 286 50.65 42.10 -52.94
C LEU F 286 49.41 41.36 -52.42
N SER F 287 49.45 40.04 -52.49
CA SER F 287 48.44 39.19 -51.85
C SER F 287 49.12 37.89 -51.40
N VAL F 288 48.32 37.01 -50.79
CA VAL F 288 48.85 35.78 -50.23
C VAL F 288 49.08 34.69 -51.29
N ALA F 289 48.20 34.62 -52.31
CA ALA F 289 48.30 33.51 -53.25
C ALA F 289 49.60 33.54 -54.03
N GLU F 290 50.00 34.71 -54.52
CA GLU F 290 51.16 34.80 -55.41
C GLU F 290 52.48 34.61 -54.66
N ILE F 291 52.51 34.90 -53.35
CA ILE F 291 53.74 34.64 -52.62
C ILE F 291 53.92 33.16 -52.34
N THR F 292 52.83 32.41 -52.15
CA THR F 292 52.99 30.95 -52.10
C THR F 292 53.55 30.42 -53.40
N ASN F 293 53.22 31.06 -54.52
CA ASN F 293 53.90 30.77 -55.78
C ASN F 293 55.35 31.23 -55.74
N ALA F 294 55.58 32.49 -55.34
CA ALA F 294 56.93 33.06 -55.37
C ALA F 294 57.92 32.31 -54.49
N ALA F 295 57.44 31.51 -53.54
CA ALA F 295 58.33 30.75 -52.68
C ALA F 295 58.92 29.52 -53.35
N PHE F 296 58.48 29.16 -54.56
CA PHE F 296 58.88 27.91 -55.20
C PHE F 296 59.84 28.04 -56.38
N GLU F 297 60.01 29.22 -56.95
CA GLU F 297 60.93 29.35 -58.06
C GLU F 297 62.36 29.12 -57.59
N PRO F 298 63.19 28.43 -58.39
CA PRO F 298 64.61 28.27 -58.01
C PRO F 298 65.36 29.58 -57.95
N ALA F 299 64.81 30.66 -58.48
CA ALA F 299 65.42 31.99 -58.39
C ALA F 299 65.26 32.61 -57.01
N SER F 300 64.53 31.97 -56.10
CA SER F 300 64.30 32.48 -54.76
C SER F 300 64.75 31.50 -53.67
N MET F 301 65.62 30.56 -54.03
CA MET F 301 66.15 29.61 -53.06
C MET F 301 67.46 30.15 -52.51
N MET F 302 67.77 29.77 -51.27
CA MET F 302 68.93 30.33 -50.60
C MET F 302 70.20 29.52 -50.83
N VAL F 303 70.11 28.38 -51.50
CA VAL F 303 71.27 27.58 -51.86
C VAL F 303 71.26 27.41 -53.37
N LYS F 304 72.40 27.65 -54.00
CA LYS F 304 72.42 27.58 -55.44
C LYS F 304 72.36 26.12 -55.89
N CYS F 305 71.14 25.65 -56.14
CA CYS F 305 70.90 24.31 -56.66
C CYS F 305 69.59 24.37 -57.43
N ASP F 306 69.26 23.27 -58.08
CA ASP F 306 68.05 23.19 -58.90
C ASP F 306 67.14 22.07 -58.42
N PRO F 307 66.06 22.39 -57.69
CA PRO F 307 65.15 21.32 -57.22
C PRO F 307 64.35 20.68 -58.33
N ARG F 308 64.39 21.25 -59.54
CA ARG F 308 63.69 20.64 -60.68
C ARG F 308 64.29 19.28 -61.02
N HIS F 309 65.59 19.09 -60.80
CA HIS F 309 66.18 17.79 -61.08
C HIS F 309 65.78 16.77 -60.04
N GLY F 310 65.47 17.24 -58.83
CA GLY F 310 65.05 16.37 -57.76
C GLY F 310 63.53 16.32 -57.61
N LYS F 311 63.10 15.64 -56.55
CA LYS F 311 61.69 15.51 -56.22
C LYS F 311 61.50 15.83 -54.75
N TYR F 312 60.41 16.51 -54.42
CA TYR F 312 60.17 16.96 -53.07
C TYR F 312 59.72 15.81 -52.18
N MET F 313 60.16 15.88 -50.92
CA MET F 313 59.75 14.92 -49.91
C MET F 313 58.68 15.50 -48.99
N ALA F 314 58.98 16.64 -48.38
CA ALA F 314 58.03 17.33 -47.52
C ALA F 314 58.36 18.81 -47.50
N CYS F 315 57.34 19.65 -47.57
CA CYS F 315 57.50 21.09 -47.64
C CYS F 315 56.79 21.71 -46.45
N CYS F 316 57.38 22.77 -45.90
CA CYS F 316 56.81 23.48 -44.78
C CYS F 316 56.73 24.96 -45.11
N LEU F 317 55.64 25.60 -44.67
CA LEU F 317 55.33 26.96 -45.07
C LEU F 317 55.01 27.80 -43.85
N MET F 318 55.84 28.81 -43.57
CA MET F 318 55.57 29.78 -42.53
C MET F 318 54.95 31.03 -43.15
N TYR F 319 53.84 31.50 -42.57
CA TYR F 319 53.12 32.65 -43.08
C TYR F 319 53.07 33.72 -41.99
N ARG F 320 53.33 34.97 -42.36
CA ARG F 320 53.25 36.07 -41.40
C ARG F 320 52.31 37.16 -41.91
N GLY F 321 51.61 37.80 -40.99
CA GLY F 321 50.74 38.91 -41.32
C GLY F 321 49.28 38.51 -41.37
N ASP F 322 48.50 39.32 -42.08
CA ASP F 322 47.07 39.07 -42.22
C ASP F 322 46.85 38.03 -43.33
N VAL F 323 46.77 36.78 -42.90
CA VAL F 323 46.58 35.63 -43.79
C VAL F 323 45.47 34.77 -43.23
N VAL F 324 44.42 34.55 -44.02
CA VAL F 324 43.31 33.68 -43.65
C VAL F 324 43.63 32.26 -44.10
N PRO F 325 43.17 31.23 -43.39
CA PRO F 325 43.48 29.85 -43.83
C PRO F 325 42.79 29.41 -45.10
N LYS F 326 41.74 30.09 -45.55
CA LYS F 326 41.01 29.61 -46.73
C LYS F 326 41.89 29.60 -47.97
N ASP F 327 42.49 30.74 -48.31
CA ASP F 327 43.18 30.90 -49.57
C ASP F 327 44.55 30.23 -49.60
N VAL F 328 45.19 30.07 -48.44
CA VAL F 328 46.42 29.27 -48.42
C VAL F 328 46.13 27.81 -48.70
N ASN F 329 44.98 27.30 -48.26
CA ASN F 329 44.62 25.94 -48.58
C ASN F 329 44.32 25.81 -50.06
N ALA F 330 43.61 26.78 -50.63
CA ALA F 330 43.34 26.78 -52.06
C ALA F 330 44.63 26.88 -52.87
N SER F 331 45.59 27.66 -52.38
CA SER F 331 46.85 27.85 -53.09
C SER F 331 47.69 26.59 -53.09
N VAL F 332 47.77 25.91 -51.94
CA VAL F 332 48.53 24.66 -51.84
C VAL F 332 47.93 23.60 -52.73
N ALA F 333 46.60 23.60 -52.88
CA ALA F 333 45.96 22.69 -53.83
C ALA F 333 46.40 22.97 -55.26
N THR F 334 46.47 24.25 -55.64
CA THR F 334 46.92 24.59 -56.99
C THR F 334 48.37 24.21 -57.23
N ILE F 335 49.19 24.20 -56.18
CA ILE F 335 50.58 23.77 -56.34
C ILE F 335 50.66 22.28 -56.61
N LYS F 336 49.89 21.48 -55.86
CA LYS F 336 49.94 20.03 -56.01
C LYS F 336 49.40 19.58 -57.37
N THR F 337 48.47 20.33 -57.97
CA THR F 337 47.96 19.93 -59.27
C THR F 337 48.86 20.34 -60.43
N LYS F 338 49.78 21.27 -60.22
CA LYS F 338 50.80 21.55 -61.20
C LYS F 338 51.83 20.43 -61.24
N ARG F 339 52.50 20.28 -62.38
CA ARG F 339 53.43 19.18 -62.58
C ARG F 339 54.83 19.65 -62.96
N THR F 340 55.08 20.96 -63.01
CA THR F 340 56.45 21.44 -63.17
C THR F 340 57.31 20.99 -61.99
N ILE F 341 56.73 20.90 -60.81
CA ILE F 341 57.36 20.28 -59.66
C ILE F 341 56.61 19.00 -59.34
N GLN F 342 57.31 18.05 -58.73
CA GLN F 342 56.74 16.74 -58.45
C GLN F 342 57.19 16.23 -57.10
N PHE F 343 56.28 15.58 -56.38
CA PHE F 343 56.61 15.01 -55.09
C PHE F 343 57.13 13.60 -55.27
N VAL F 344 57.58 13.00 -54.19
CA VAL F 344 57.96 11.59 -54.22
C VAL F 344 56.69 10.75 -54.11
N ASP F 345 56.67 9.59 -54.77
CA ASP F 345 55.42 8.85 -54.89
C ASP F 345 54.99 8.23 -53.57
N TRP F 346 55.95 7.73 -52.77
CA TRP F 346 55.56 7.08 -51.54
C TRP F 346 55.08 8.07 -50.48
N CYS F 347 55.42 9.36 -50.62
CA CYS F 347 54.86 10.37 -49.71
C CYS F 347 53.77 11.13 -50.45
N PRO F 348 52.48 10.86 -50.18
CA PRO F 348 51.43 11.52 -50.96
C PRO F 348 51.21 12.98 -50.59
N THR F 349 51.28 13.31 -49.30
CA THR F 349 50.97 14.65 -48.81
C THR F 349 52.20 15.25 -48.14
N GLY F 350 52.79 16.26 -48.77
CA GLY F 350 54.07 16.77 -48.34
C GLY F 350 54.07 18.23 -47.93
N PHE F 351 53.00 18.68 -47.27
CA PHE F 351 52.91 20.07 -46.85
C PHE F 351 52.61 20.19 -45.36
N LYS F 352 53.29 21.12 -44.71
CA LYS F 352 53.05 21.50 -43.32
C LYS F 352 52.98 23.02 -43.29
N CYS F 353 51.77 23.57 -43.22
CA CYS F 353 51.57 25.01 -43.28
C CYS F 353 51.27 25.60 -41.91
N GLY F 354 51.62 26.89 -41.75
CA GLY F 354 51.36 27.63 -40.53
C GLY F 354 51.15 29.11 -40.73
N ILE F 355 50.22 29.70 -39.97
CA ILE F 355 49.85 31.11 -40.09
C ILE F 355 50.03 31.79 -38.75
N ASN F 356 50.61 33.00 -38.77
CA ASN F 356 50.78 33.82 -37.58
C ASN F 356 50.38 35.25 -37.90
N TYR F 357 49.79 35.93 -36.92
CA TYR F 357 49.15 37.22 -37.19
C TYR F 357 50.12 38.37 -37.37
N GLN F 358 51.31 38.33 -36.76
CA GLN F 358 51.99 39.63 -36.81
C GLN F 358 52.75 39.77 -38.12
N PRO F 359 52.76 40.97 -38.70
CA PRO F 359 53.50 41.20 -39.93
C PRO F 359 55.00 41.27 -39.67
N PRO F 360 55.82 41.11 -40.71
CA PRO F 360 57.27 41.27 -40.54
C PRO F 360 57.61 42.75 -40.44
N THR F 361 58.41 43.10 -39.44
CA THR F 361 58.77 44.49 -39.23
C THR F 361 59.94 44.92 -40.10
N VAL F 362 60.07 46.23 -40.27
CA VAL F 362 61.16 46.83 -41.03
C VAL F 362 62.15 47.43 -40.07
N VAL F 363 63.43 47.33 -40.40
CA VAL F 363 64.49 47.99 -39.66
C VAL F 363 64.84 49.33 -40.31
N PRO F 364 65.12 50.37 -39.53
CA PRO F 364 65.52 51.64 -40.14
C PRO F 364 66.85 51.48 -40.83
N GLY F 365 66.94 52.02 -42.04
CA GLY F 365 68.10 51.82 -42.88
C GLY F 365 68.09 50.52 -43.63
N GLY F 366 67.05 49.70 -43.44
CA GLY F 366 66.93 48.46 -44.17
C GLY F 366 66.48 48.68 -45.58
N ASP F 367 66.48 47.62 -46.37
CA ASP F 367 66.16 47.73 -47.79
C ASP F 367 64.91 46.95 -48.18
N LEU F 368 64.14 46.45 -47.22
CA LEU F 368 62.84 45.86 -47.51
C LEU F 368 61.75 46.81 -47.04
N ALA F 369 60.68 46.89 -47.83
CA ALA F 369 59.57 47.77 -47.51
C ALA F 369 58.60 47.09 -46.54
N LYS F 370 57.68 47.87 -45.99
CA LYS F 370 56.66 47.31 -45.12
C LYS F 370 55.65 46.52 -45.95
N VAL F 371 55.57 45.22 -45.70
CA VAL F 371 54.64 44.33 -46.40
C VAL F 371 53.60 43.87 -45.39
N GLN F 372 52.35 43.76 -45.86
CA GLN F 372 51.31 43.29 -44.96
C GLN F 372 51.40 41.80 -44.72
N ARG F 373 52.11 41.06 -45.57
CA ARG F 373 52.20 39.61 -45.42
C ARG F 373 53.44 39.11 -46.13
N ALA F 374 53.99 38.00 -45.63
CA ALA F 374 55.18 37.38 -46.21
C ALA F 374 55.17 35.89 -45.94
N VAL F 375 55.97 35.15 -46.70
CA VAL F 375 56.07 33.70 -46.57
C VAL F 375 57.53 33.30 -46.48
N CYS F 376 57.84 32.40 -45.54
CA CYS F 376 59.14 31.76 -45.43
C CYS F 376 58.95 30.27 -45.62
N MET F 377 59.53 29.72 -46.68
CA MET F 377 59.39 28.31 -47.01
C MET F 377 60.64 27.53 -46.60
N ILE F 378 60.44 26.43 -45.87
CA ILE F 378 61.52 25.51 -45.53
C ILE F 378 61.10 24.11 -45.97
N SER F 379 61.84 23.54 -46.93
CA SER F 379 61.43 22.30 -47.57
C SER F 379 62.59 21.32 -47.63
N ASN F 380 62.23 20.06 -47.83
CA ASN F 380 63.20 18.99 -48.05
C ASN F 380 63.02 18.45 -49.46
N SER F 381 64.11 17.99 -50.06
CA SER F 381 64.07 17.53 -51.44
C SER F 381 65.20 16.53 -51.65
N THR F 382 65.50 16.25 -52.92
CA THR F 382 66.60 15.36 -53.27
C THR F 382 67.71 16.05 -54.04
N ALA F 383 67.50 17.30 -54.46
CA ALA F 383 68.57 18.09 -55.06
C ALA F 383 69.74 18.23 -54.10
N ILE F 384 69.49 18.11 -52.80
CA ILE F 384 70.53 18.15 -51.79
C ILE F 384 71.57 17.07 -52.04
N GLY F 385 71.15 15.90 -52.54
CA GLY F 385 72.11 14.89 -52.94
C GLY F 385 73.02 15.34 -54.06
N GLU F 386 72.53 16.23 -54.93
CA GLU F 386 73.35 16.80 -55.98
C GLU F 386 74.43 17.74 -55.46
N ILE F 387 74.15 18.53 -54.42
CA ILE F 387 75.17 19.44 -53.88
C ILE F 387 76.39 18.68 -53.37
N PHE F 388 76.19 17.63 -52.57
CA PHE F 388 77.36 16.97 -51.98
C PHE F 388 78.31 16.44 -53.05
N SER F 389 77.79 16.02 -54.21
CA SER F 389 78.67 15.47 -55.23
C SER F 389 79.64 16.54 -55.72
N ARG F 390 79.15 17.78 -55.90
CA ARG F 390 80.03 18.84 -56.39
C ARG F 390 81.17 19.07 -55.41
N LEU F 391 80.86 19.05 -54.11
CA LEU F 391 81.89 19.25 -53.10
C LEU F 391 82.88 18.11 -53.16
N ASP F 392 82.38 16.88 -53.32
CA ASP F 392 83.25 15.71 -53.29
C ASP F 392 84.25 15.74 -54.42
N HIS F 393 83.79 16.06 -55.63
CA HIS F 393 84.70 16.03 -56.81
C HIS F 393 85.90 16.93 -56.56
N LYS F 394 85.67 18.16 -56.09
CA LYS F 394 86.77 19.12 -55.83
C LYS F 394 87.70 18.61 -54.73
N PHE F 395 87.14 17.98 -53.69
CA PHE F 395 88.03 17.41 -52.64
C PHE F 395 88.93 16.36 -53.28
N ASP F 396 88.38 15.47 -54.10
CA ASP F 396 89.17 14.40 -54.77
C ASP F 396 90.19 15.04 -55.70
N LEU F 397 89.82 16.14 -56.35
CA LEU F 397 90.73 16.74 -57.36
C LEU F 397 92.04 17.13 -56.67
N MET F 398 91.97 17.75 -55.50
CA MET F 398 93.23 18.22 -54.85
C MET F 398 93.74 17.17 -53.86
N TYR F 399 92.85 16.40 -53.25
CA TYR F 399 93.27 15.44 -52.19
C TYR F 399 94.20 14.35 -52.76
N ALA F 400 93.94 13.88 -53.98
CA ALA F 400 94.73 12.76 -54.53
C ALA F 400 96.21 13.15 -54.65
N LYS F 401 96.52 14.36 -55.11
CA LYS F 401 97.94 14.80 -55.22
C LYS F 401 98.43 15.25 -53.85
N ARG F 402 97.67 14.95 -52.80
CA ARG F 402 98.11 15.26 -51.43
C ARG F 402 98.59 16.71 -51.28
N ALA F 403 97.67 17.62 -51.61
CA ALA F 403 97.90 19.05 -51.46
C ALA F 403 97.36 19.54 -50.12
N PHE F 404 98.11 20.42 -49.47
CA PHE F 404 97.71 21.07 -48.22
C PHE F 404 97.52 20.10 -47.06
N VAL F 405 97.78 18.81 -47.29
CA VAL F 405 97.61 17.84 -46.21
C VAL F 405 98.66 18.03 -45.14
N HIS F 406 99.82 18.59 -45.51
CA HIS F 406 100.92 18.73 -44.58
C HIS F 406 100.60 19.68 -43.44
N TRP F 407 99.71 20.64 -43.67
CA TRP F 407 99.27 21.52 -42.58
C TRP F 407 98.45 20.75 -41.55
N TYR F 408 97.52 19.93 -42.01
CA TYR F 408 96.65 19.21 -41.09
C TYR F 408 97.42 18.17 -40.29
N VAL F 409 98.29 17.39 -40.94
CA VAL F 409 99.06 16.41 -40.18
C VAL F 409 100.10 17.11 -39.29
N GLY F 410 100.54 18.31 -39.67
CA GLY F 410 101.34 19.11 -38.77
C GLY F 410 100.55 19.62 -37.58
N GLU F 411 99.24 19.79 -37.76
CA GLU F 411 98.35 20.16 -36.67
C GLU F 411 98.07 18.97 -35.75
N GLY F 412 98.05 17.76 -36.28
CA GLY F 412 97.88 16.58 -35.44
C GLY F 412 96.97 15.50 -35.99
N MET F 413 96.48 15.67 -37.21
CA MET F 413 95.64 14.65 -37.82
C MET F 413 96.48 13.70 -38.68
N GLU F 414 95.79 12.74 -39.30
CA GLU F 414 96.45 11.70 -40.08
C GLU F 414 95.64 11.47 -41.35
N GLU F 415 95.97 10.39 -42.07
CA GLU F 415 95.25 10.07 -43.29
C GLU F 415 93.97 9.31 -43.03
N GLY F 416 93.81 8.75 -41.82
CA GLY F 416 92.66 7.90 -41.55
C GLY F 416 91.32 8.61 -41.68
N GLU F 417 91.20 9.78 -41.07
CA GLU F 417 89.94 10.51 -41.09
C GLU F 417 89.60 11.05 -42.48
N PHE F 418 90.61 11.31 -43.32
CA PHE F 418 90.32 11.68 -44.70
C PHE F 418 89.59 10.55 -45.44
N SER F 419 90.18 9.36 -45.47
CA SER F 419 89.55 8.26 -46.20
C SER F 419 88.16 7.94 -45.64
N GLU F 420 88.02 7.93 -44.31
CA GLU F 420 86.74 7.53 -43.72
C GLU F 420 85.67 8.61 -43.89
N ALA F 421 86.07 9.88 -43.91
CA ALA F 421 85.11 10.94 -44.18
C ALA F 421 84.66 10.93 -45.63
N ARG F 422 85.58 10.63 -46.54
CA ARG F 422 85.25 10.53 -47.96
C ARG F 422 84.22 9.43 -48.23
N GLU F 423 84.44 8.25 -47.64
CA GLU F 423 83.50 7.16 -47.83
C GLU F 423 82.16 7.42 -47.17
N ASP F 424 82.14 8.25 -46.12
CA ASP F 424 80.85 8.59 -45.53
C ASP F 424 80.01 9.45 -46.48
N LEU F 425 80.62 10.41 -47.15
CA LEU F 425 79.90 11.16 -48.17
C LEU F 425 79.48 10.26 -49.32
N ALA F 426 80.33 9.29 -49.69
CA ALA F 426 79.93 8.33 -50.71
C ALA F 426 78.73 7.53 -50.27
N ALA F 427 78.73 7.05 -49.03
CA ALA F 427 77.56 6.35 -48.49
C ALA F 427 76.35 7.28 -48.46
N LEU F 428 76.57 8.54 -48.08
CA LEU F 428 75.49 9.52 -48.06
C LEU F 428 74.92 9.74 -49.45
N GLU F 429 75.79 9.85 -50.46
CA GLU F 429 75.32 10.00 -51.83
C GLU F 429 74.43 8.83 -52.25
N LYS F 430 74.88 7.61 -51.95
CA LYS F 430 74.08 6.43 -52.28
C LYS F 430 72.74 6.46 -51.57
N ASP F 431 72.69 7.04 -50.38
CA ASP F 431 71.45 7.06 -49.60
C ASP F 431 70.39 7.96 -50.24
N PHE F 432 70.78 9.15 -50.67
CA PHE F 432 69.81 10.05 -51.28
C PHE F 432 69.20 9.44 -52.55
N GLU F 433 70.04 8.93 -53.44
CA GLU F 433 69.53 8.36 -54.68
C GLU F 433 68.65 7.13 -54.48
N GLU F 434 68.98 6.26 -53.53
CA GLU F 434 68.09 5.11 -53.27
C GLU F 434 66.71 5.56 -52.82
N VAL F 435 66.62 6.52 -51.88
CA VAL F 435 65.31 6.97 -51.43
C VAL F 435 64.53 7.60 -52.57
N GLY F 436 65.21 8.36 -53.43
CA GLY F 436 64.54 8.95 -54.58
C GLY F 436 63.99 7.90 -55.54
N ALA F 437 64.69 6.79 -55.69
CA ALA F 437 64.25 5.72 -56.57
C ALA F 437 62.93 5.12 -56.08
N GLU F 438 62.09 4.73 -57.02
CA GLU F 438 60.75 4.25 -56.70
C GLU F 438 60.53 2.86 -57.28
N MET G 1 97.14 42.09 -28.65
CA MET G 1 96.78 40.69 -28.86
C MET G 1 97.75 40.00 -29.80
N ARG G 2 97.47 40.05 -31.10
CA ARG G 2 98.43 39.50 -32.06
C ARG G 2 99.58 40.48 -32.20
N GLU G 3 100.79 39.97 -32.13
CA GLU G 3 101.98 40.78 -31.94
C GLU G 3 103.05 40.50 -32.99
N ILE G 4 103.63 41.56 -33.54
CA ILE G 4 104.71 41.46 -34.52
C ILE G 4 105.89 42.29 -34.07
N VAL G 5 107.03 41.64 -33.85
CA VAL G 5 108.28 42.34 -33.56
C VAL G 5 109.02 42.50 -34.87
N HIS G 6 109.88 43.52 -34.96
CA HIS G 6 110.53 43.89 -36.22
C HIS G 6 112.04 43.87 -36.08
N ILE G 7 112.70 43.31 -37.10
CA ILE G 7 114.16 43.21 -37.15
C ILE G 7 114.63 43.76 -38.50
N GLN G 8 115.63 44.64 -38.46
CA GLN G 8 116.19 45.27 -39.66
C GLN G 8 117.68 44.97 -39.70
N GLY G 9 118.10 44.19 -40.68
CA GLY G 9 119.50 43.78 -40.81
C GLY G 9 120.17 44.39 -42.04
N GLY G 10 121.42 44.82 -41.86
CA GLY G 10 122.18 45.38 -42.94
C GLY G 10 121.76 46.76 -43.40
N GLN G 11 122.56 47.36 -44.30
CA GLN G 11 122.28 48.71 -44.76
C GLN G 11 120.94 48.78 -45.47
N CYS G 12 120.65 47.79 -46.33
CA CYS G 12 119.38 47.76 -47.05
C CYS G 12 118.21 47.71 -46.08
N GLY G 13 118.29 46.84 -45.07
CA GLY G 13 117.22 46.74 -44.11
C GLY G 13 116.99 48.02 -43.32
N ASN G 14 118.06 48.75 -43.03
CA ASN G 14 117.94 49.96 -42.21
C ASN G 14 117.18 51.06 -42.93
N GLN G 15 117.51 51.34 -44.19
CA GLN G 15 116.78 52.41 -44.88
C GLN G 15 115.35 51.99 -45.18
N ILE G 16 115.14 50.73 -45.56
CA ILE G 16 113.78 50.24 -45.82
C ILE G 16 112.95 50.36 -44.55
N GLY G 17 113.48 49.86 -43.44
CA GLY G 17 112.79 49.96 -42.16
C GLY G 17 112.59 51.38 -41.66
N ALA G 18 113.53 52.27 -41.95
CA ALA G 18 113.37 53.67 -41.55
C ALA G 18 112.15 54.31 -42.17
N LYS G 19 111.98 54.20 -43.49
CA LYS G 19 110.77 54.71 -44.10
C LYS G 19 109.53 53.95 -43.66
N PHE G 20 109.69 52.67 -43.31
CA PHE G 20 108.55 51.87 -42.87
C PHE G 20 107.98 52.40 -41.56
N TRP G 21 108.84 52.63 -40.56
CA TRP G 21 108.36 53.14 -39.29
C TRP G 21 107.81 54.56 -39.41
N GLU G 22 108.35 55.36 -40.32
CA GLU G 22 107.82 56.69 -40.55
C GLU G 22 106.38 56.62 -41.06
N VAL G 23 106.14 55.81 -42.09
CA VAL G 23 104.80 55.71 -42.66
C VAL G 23 103.81 55.11 -41.66
N VAL G 24 104.26 54.14 -40.86
CA VAL G 24 103.36 53.53 -39.88
C VAL G 24 102.93 54.53 -38.84
N SER G 25 103.89 55.26 -38.23
CA SER G 25 103.55 56.23 -37.20
C SER G 25 102.59 57.30 -37.73
N ASP G 26 102.75 57.69 -38.99
CA ASP G 26 101.83 58.66 -39.57
C ASP G 26 100.44 58.08 -39.71
N GLU G 27 100.35 56.80 -40.07
CA GLU G 27 99.04 56.17 -40.21
C GLU G 27 98.33 56.03 -38.87
N HIS G 28 99.08 55.89 -37.79
CA HIS G 28 98.52 55.84 -36.45
C HIS G 28 98.51 57.19 -35.76
N GLY G 29 98.87 58.26 -36.47
CA GLY G 29 98.75 59.60 -35.94
C GLY G 29 99.75 59.95 -34.85
N ILE G 30 100.87 59.26 -34.78
CA ILE G 30 101.92 59.56 -33.81
C ILE G 30 102.89 60.56 -34.46
N ASP G 31 103.15 61.66 -33.74
CA ASP G 31 104.06 62.68 -34.25
C ASP G 31 105.50 62.21 -34.14
N PRO G 32 106.43 62.86 -34.85
CA PRO G 32 107.84 62.43 -34.77
C PRO G 32 108.43 62.51 -33.37
N THR G 33 107.84 63.29 -32.46
CA THR G 33 108.34 63.29 -31.10
C THR G 33 107.88 62.06 -30.33
N GLY G 34 106.84 61.39 -30.81
CA GLY G 34 106.42 60.13 -30.24
C GLY G 34 105.14 60.16 -29.41
N THR G 35 104.35 61.22 -29.49
CA THR G 35 103.12 61.31 -28.71
C THR G 35 101.91 61.24 -29.63
N TYR G 36 100.82 60.69 -29.10
CA TYR G 36 99.60 60.55 -29.88
C TYR G 36 98.95 61.89 -30.15
N HIS G 37 98.55 62.10 -31.41
CA HIS G 37 97.84 63.31 -31.81
C HIS G 37 96.75 63.05 -32.83
N GLY G 38 96.36 61.80 -33.05
CA GLY G 38 95.32 61.47 -34.00
C GLY G 38 93.95 61.87 -33.50
N ASP G 39 92.93 61.51 -34.29
CA ASP G 39 91.55 61.86 -34.01
C ASP G 39 90.68 60.65 -33.71
N SER G 40 90.66 59.66 -34.60
CA SER G 40 89.83 58.49 -34.41
C SER G 40 90.39 57.60 -33.31
N ASP G 41 89.50 56.91 -32.59
CA ASP G 41 89.94 55.99 -31.57
C ASP G 41 90.20 54.60 -32.14
N LEU G 42 89.96 54.41 -33.43
CA LEU G 42 90.32 53.16 -34.08
C LEU G 42 91.83 52.95 -34.10
N GLN G 43 92.60 54.03 -33.99
CA GLN G 43 94.05 53.93 -34.00
C GLN G 43 94.63 53.51 -32.66
N LEU G 44 93.91 53.76 -31.56
CA LEU G 44 94.48 53.49 -30.25
C LEU G 44 94.46 52.01 -29.91
N GLU G 45 93.40 51.31 -30.33
CA GLU G 45 93.19 49.94 -29.88
C GLU G 45 94.12 48.93 -30.53
N ARG G 46 94.86 49.30 -31.56
CA ARG G 46 95.66 48.31 -32.29
C ARG G 46 97.06 48.85 -32.54
N ILE G 47 97.68 49.42 -31.52
CA ILE G 47 99.09 49.81 -31.58
C ILE G 47 99.96 48.99 -30.66
N ASN G 48 99.37 48.13 -29.82
CA ASN G 48 100.17 47.18 -29.06
C ASN G 48 100.85 46.17 -29.95
N VAL G 49 100.43 46.05 -31.21
CA VAL G 49 101.06 45.11 -32.14
C VAL G 49 102.42 45.63 -32.57
N TYR G 50 102.57 46.95 -32.70
CA TYR G 50 103.81 47.55 -33.20
C TYR G 50 104.48 48.51 -32.24
N PHE G 51 103.83 48.92 -31.15
CA PHE G 51 104.40 49.92 -30.26
C PHE G 51 104.19 49.53 -28.81
N ASN G 52 105.04 50.09 -27.95
CA ASN G 52 105.00 49.83 -26.51
C ASN G 52 105.00 51.18 -25.81
N GLU G 53 103.91 51.52 -25.15
CA GLU G 53 103.78 52.84 -24.55
C GLU G 53 104.79 53.04 -23.42
N ALA G 54 105.36 54.24 -23.33
CA ALA G 54 106.28 54.61 -22.27
C ALA G 54 105.53 55.31 -21.14
N THR G 55 106.25 55.57 -20.04
CA THR G 55 105.62 56.20 -18.88
C THR G 55 105.11 57.60 -19.22
N GLY G 56 105.88 58.36 -19.98
CA GLY G 56 105.48 59.71 -20.35
C GLY G 56 104.26 59.74 -21.23
N GLY G 57 103.91 58.61 -21.83
CA GLY G 57 102.83 58.50 -22.78
C GLY G 57 103.32 58.41 -24.21
N ARG G 58 104.62 58.50 -24.42
CA ARG G 58 105.22 58.32 -25.73
C ARG G 58 105.14 56.86 -26.14
N TYR G 59 105.01 56.62 -27.44
CA TYR G 59 104.98 55.26 -27.97
C TYR G 59 106.28 55.00 -28.73
N VAL G 60 106.96 53.93 -28.37
CA VAL G 60 108.26 53.57 -28.94
C VAL G 60 108.08 52.36 -29.85
N PRO G 61 108.62 52.37 -31.07
CA PRO G 61 108.40 51.26 -31.99
C PRO G 61 109.03 49.98 -31.49
N ARG G 62 108.44 48.85 -31.89
CA ARG G 62 108.97 47.54 -31.50
C ARG G 62 109.89 47.00 -32.61
N ALA G 63 111.04 47.64 -32.74
CA ALA G 63 111.99 47.31 -33.80
C ALA G 63 113.39 47.15 -33.23
N ILE G 64 114.21 46.42 -33.98
CA ILE G 64 115.61 46.18 -33.64
C ILE G 64 116.45 46.45 -34.87
N LEU G 65 117.40 47.38 -34.76
CA LEU G 65 118.33 47.67 -35.84
C LEU G 65 119.63 46.89 -35.63
N MET G 66 120.18 46.37 -36.72
CA MET G 66 121.42 45.61 -36.66
C MET G 66 122.22 45.81 -37.94
N ASP G 67 123.50 46.12 -37.80
CA ASP G 67 124.38 46.43 -38.92
C ASP G 67 125.83 46.32 -38.43
N LEU G 68 126.76 46.83 -39.23
CA LEU G 68 128.18 46.79 -38.88
C LEU G 68 128.93 48.08 -39.19
N GLU G 69 128.26 49.13 -39.65
CA GLU G 69 128.94 50.37 -40.01
C GLU G 69 128.11 51.54 -39.48
N PRO G 70 128.69 52.39 -38.62
CA PRO G 70 127.87 53.37 -37.89
C PRO G 70 127.27 54.45 -38.76
N GLY G 71 127.74 54.62 -40.00
CA GLY G 71 127.17 55.63 -40.86
C GLY G 71 125.70 55.41 -41.18
N THR G 72 125.31 54.15 -41.38
CA THR G 72 123.91 53.85 -41.65
C THR G 72 123.02 54.19 -40.46
N MET G 73 123.42 53.74 -39.27
CA MET G 73 122.65 54.03 -38.06
C MET G 73 122.60 55.53 -37.77
N ASP G 74 123.69 56.25 -38.00
CA ASP G 74 123.68 57.69 -37.79
C ASP G 74 122.68 58.34 -38.74
N SER G 75 122.65 57.90 -40.00
CA SER G 75 121.68 58.41 -40.95
C SER G 75 120.26 58.06 -40.53
N VAL G 76 120.08 57.03 -39.71
CA VAL G 76 118.76 56.70 -39.19
C VAL G 76 118.33 57.71 -38.13
N ARG G 77 119.25 58.05 -37.22
CA ARG G 77 118.88 58.96 -36.14
C ARG G 77 118.87 60.42 -36.60
N SER G 78 119.49 60.72 -37.74
CA SER G 78 119.52 62.08 -38.23
C SER G 78 118.20 62.47 -38.88
N GLY G 79 117.61 61.56 -39.65
CA GLY G 79 116.39 61.84 -40.37
C GLY G 79 115.19 62.04 -39.48
N PRO G 80 114.08 62.48 -40.06
CA PRO G 80 112.85 62.62 -39.27
C PRO G 80 112.36 61.27 -38.78
N TYR G 81 111.62 61.30 -37.67
CA TYR G 81 111.14 60.08 -37.02
C TYR G 81 112.31 59.15 -36.70
N GLY G 82 113.45 59.73 -36.37
CA GLY G 82 114.62 58.96 -36.00
C GLY G 82 114.71 58.93 -34.49
N GLN G 83 114.15 59.96 -33.86
CA GLN G 83 114.23 60.14 -32.42
C GLN G 83 113.19 59.34 -31.68
N ILE G 84 112.61 58.32 -32.31
CA ILE G 84 111.57 57.52 -31.66
C ILE G 84 112.07 56.13 -31.27
N PHE G 85 113.12 55.63 -31.90
CA PHE G 85 113.60 54.29 -31.58
C PHE G 85 114.31 54.28 -30.24
N ARG G 86 114.19 53.17 -29.54
CA ARG G 86 114.86 53.04 -28.26
C ARG G 86 116.35 52.79 -28.49
N PRO G 87 117.23 53.57 -27.87
CA PRO G 87 118.67 53.38 -28.12
C PRO G 87 119.19 52.00 -27.75
N ASP G 88 118.47 51.25 -26.91
CA ASP G 88 118.86 49.87 -26.63
C ASP G 88 118.79 49.00 -27.88
N ASN G 89 117.81 49.27 -28.75
CA ASN G 89 117.60 48.47 -29.96
C ASN G 89 118.63 48.72 -31.04
N PHE G 90 119.66 49.52 -30.75
CA PHE G 90 120.75 49.79 -31.68
C PHE G 90 121.93 48.83 -31.49
N VAL G 91 121.63 47.53 -31.51
CA VAL G 91 122.68 46.52 -31.44
C VAL G 91 123.56 46.60 -32.68
N PHE G 92 124.88 46.60 -32.49
CA PHE G 92 125.80 47.13 -33.48
C PHE G 92 127.25 46.71 -33.25
N GLY G 93 127.84 46.11 -34.28
CA GLY G 93 129.22 45.67 -34.28
C GLY G 93 130.15 46.83 -34.60
N GLN G 94 131.39 46.49 -34.95
CA GLN G 94 132.35 47.55 -35.27
C GLN G 94 133.19 47.29 -36.52
N THR G 95 133.40 46.04 -36.93
CA THR G 95 134.39 45.75 -37.97
C THR G 95 133.82 45.93 -39.37
N GLY G 96 132.81 45.14 -39.73
CA GLY G 96 132.28 45.17 -41.08
C GLY G 96 132.63 43.93 -41.87
N ALA G 97 131.63 43.27 -42.44
CA ALA G 97 131.88 42.07 -43.23
C ALA G 97 132.31 42.42 -44.65
N GLY G 98 131.56 43.30 -45.31
CA GLY G 98 131.97 43.81 -46.60
C GLY G 98 131.80 42.81 -47.73
N ASN G 99 130.55 42.46 -48.03
CA ASN G 99 130.22 41.61 -49.17
C ASN G 99 130.91 40.26 -49.07
N ASN G 100 131.02 39.75 -47.84
CA ASN G 100 131.63 38.45 -47.57
C ASN G 100 130.63 37.65 -46.76
N TRP G 101 129.94 36.73 -47.42
CA TRP G 101 128.91 35.93 -46.77
C TRP G 101 129.51 35.08 -45.66
N ALA G 102 130.77 34.67 -45.80
CA ALA G 102 131.44 33.90 -44.75
C ALA G 102 131.65 34.75 -43.50
N LYS G 103 132.01 36.02 -43.67
CA LYS G 103 132.08 36.90 -42.51
C LYS G 103 130.70 37.13 -41.93
N GLY G 104 129.66 37.09 -42.75
CA GLY G 104 128.32 37.28 -42.26
C GLY G 104 127.75 36.05 -41.59
N HIS G 105 128.41 34.90 -41.73
CA HIS G 105 127.92 33.66 -41.17
C HIS G 105 128.93 32.96 -40.26
N TYR G 106 130.20 33.36 -40.26
CA TYR G 106 131.19 32.71 -39.42
C TYR G 106 132.13 33.66 -38.69
N THR G 107 132.39 34.86 -39.21
CA THR G 107 133.42 35.73 -38.64
C THR G 107 132.85 36.70 -37.62
N GLU G 108 131.92 37.56 -38.04
CA GLU G 108 131.32 38.53 -37.14
C GLU G 108 130.03 38.02 -36.52
N GLY G 109 129.45 36.95 -37.03
CA GLY G 109 128.24 36.41 -36.43
C GLY G 109 128.48 35.89 -35.03
N ALA G 110 129.60 35.21 -34.82
CA ALA G 110 129.86 34.58 -33.52
C ALA G 110 129.94 35.58 -32.38
N GLU G 111 130.28 36.84 -32.67
CA GLU G 111 130.42 37.87 -31.64
C GLU G 111 129.35 38.96 -31.71
N LEU G 112 128.39 38.85 -32.61
CA LEU G 112 127.28 39.79 -32.67
C LEU G 112 125.92 39.17 -32.39
N ILE G 113 125.73 37.88 -32.66
CA ILE G 113 124.38 37.33 -32.67
C ILE G 113 123.85 37.05 -31.27
N ASP G 114 124.74 36.72 -30.31
CA ASP G 114 124.29 36.60 -28.92
C ASP G 114 123.65 37.89 -28.43
N SER G 115 124.31 39.03 -28.66
CA SER G 115 123.77 40.30 -28.19
C SER G 115 122.43 40.63 -28.84
N VAL G 116 122.36 40.60 -30.17
CA VAL G 116 121.11 40.92 -30.86
C VAL G 116 120.02 39.89 -30.54
N LEU G 117 120.39 38.63 -30.32
CA LEU G 117 119.40 37.63 -29.93
C LEU G 117 118.78 37.94 -28.57
N ASP G 118 119.56 38.50 -27.66
CA ASP G 118 119.02 38.84 -26.34
C ASP G 118 118.05 40.01 -26.45
N VAL G 119 118.39 41.03 -27.23
CA VAL G 119 117.46 42.13 -27.48
C VAL G 119 116.15 41.61 -28.05
N VAL G 120 116.23 40.73 -29.05
CA VAL G 120 115.03 40.14 -29.63
C VAL G 120 114.22 39.40 -28.57
N ARG G 121 114.89 38.63 -27.71
CA ARG G 121 114.17 37.91 -26.67
C ARG G 121 113.46 38.88 -25.72
N LYS G 122 114.12 39.97 -25.36
CA LYS G 122 113.51 40.95 -24.48
C LYS G 122 112.28 41.60 -25.11
N GLU G 123 112.35 41.89 -26.42
CA GLU G 123 111.19 42.48 -27.07
C GLU G 123 110.11 41.43 -27.32
N ALA G 124 110.49 40.16 -27.48
CA ALA G 124 109.51 39.10 -27.55
C ALA G 124 108.81 38.90 -26.21
N GLU G 125 109.56 39.00 -25.10
CA GLU G 125 108.95 38.76 -23.80
C GLU G 125 108.23 39.98 -23.23
N SER G 126 108.55 41.18 -23.73
CA SER G 126 107.87 42.36 -23.22
C SER G 126 106.39 42.34 -23.60
N CYS G 127 106.07 41.61 -24.65
CA CYS G 127 104.71 41.44 -25.14
C CYS G 127 104.20 40.06 -24.74
N ASP G 128 102.91 39.82 -24.95
CA ASP G 128 102.28 38.61 -24.37
C ASP G 128 102.16 37.47 -25.37
N CYS G 129 101.47 37.69 -26.49
CA CYS G 129 101.12 36.60 -27.42
C CYS G 129 101.73 36.92 -28.78
N LEU G 130 102.86 36.28 -29.07
CA LEU G 130 103.55 36.47 -30.34
C LEU G 130 102.73 35.94 -31.51
N GLN G 131 102.59 36.77 -32.54
CA GLN G 131 102.02 36.36 -33.81
C GLN G 131 103.10 35.97 -34.82
N GLY G 132 104.18 36.72 -34.87
CA GLY G 132 105.27 36.39 -35.77
C GLY G 132 106.40 37.39 -35.65
N PHE G 133 107.42 37.15 -36.46
CA PHE G 133 108.60 38.01 -36.54
C PHE G 133 108.74 38.51 -37.96
N GLN G 134 109.32 39.70 -38.11
CA GLN G 134 109.38 40.38 -39.41
C GLN G 134 110.80 40.85 -39.65
N VAL G 135 111.48 40.20 -40.59
CA VAL G 135 112.87 40.50 -40.91
C VAL G 135 112.91 41.08 -42.31
N CYS G 136 113.74 42.10 -42.51
CA CYS G 136 113.95 42.69 -43.83
C CYS G 136 115.44 42.79 -44.07
N HIS G 137 115.88 42.32 -45.25
CA HIS G 137 117.29 42.25 -45.56
C HIS G 137 117.44 42.02 -47.06
N SER G 138 118.66 42.20 -47.53
CA SER G 138 119.03 41.96 -48.91
C SER G 138 119.62 40.57 -49.07
N LEU G 139 119.94 40.20 -50.32
CA LEU G 139 120.60 38.94 -50.60
C LEU G 139 121.94 39.10 -51.29
N GLY G 140 122.30 40.30 -51.74
CA GLY G 140 123.58 40.52 -52.40
C GLY G 140 124.69 40.91 -51.45
N GLY G 141 124.36 41.65 -50.40
CA GLY G 141 125.35 42.07 -49.42
C GLY G 141 125.81 40.94 -48.54
N GLY G 142 126.81 41.24 -47.70
CA GLY G 142 127.30 40.27 -46.75
C GLY G 142 126.77 40.39 -45.34
N THR G 143 126.83 41.59 -44.77
CA THR G 143 126.38 41.80 -43.40
C THR G 143 124.86 41.73 -43.25
N GLY G 144 124.14 41.69 -44.36
CA GLY G 144 122.70 41.52 -44.31
C GLY G 144 122.29 40.10 -44.66
N SER G 145 123.00 39.50 -45.63
CA SER G 145 122.62 38.17 -46.10
C SER G 145 122.93 37.10 -45.07
N GLY G 146 124.23 36.90 -44.78
CA GLY G 146 124.61 35.82 -43.88
C GLY G 146 124.14 36.05 -42.45
N MET G 147 124.27 37.27 -41.96
CA MET G 147 123.83 37.59 -40.60
C MET G 147 122.33 37.33 -40.46
N GLY G 148 121.52 37.99 -41.28
CA GLY G 148 120.08 37.77 -41.22
C GLY G 148 119.70 36.32 -41.43
N THR G 149 120.43 35.63 -42.31
CA THR G 149 120.16 34.21 -42.53
C THR G 149 120.36 33.44 -41.23
N LEU G 150 121.51 33.61 -40.59
CA LEU G 150 121.79 32.91 -39.34
C LEU G 150 120.83 33.34 -38.24
N LEU G 151 120.42 34.60 -38.25
CA LEU G 151 119.45 35.06 -37.25
C LEU G 151 118.13 34.33 -37.41
N ILE G 152 117.69 34.12 -38.65
CA ILE G 152 116.45 33.39 -38.88
C ILE G 152 116.57 31.95 -38.37
N SER G 153 117.71 31.31 -38.65
CA SER G 153 117.91 29.94 -38.20
C SER G 153 117.91 29.82 -36.69
N LYS G 154 118.66 30.70 -36.00
CA LYS G 154 118.74 30.64 -34.55
C LYS G 154 117.38 30.84 -33.89
N ILE G 155 116.63 31.85 -34.33
CA ILE G 155 115.33 32.15 -33.73
C ILE G 155 114.36 30.99 -33.93
N ARG G 156 114.38 30.38 -35.12
CA ARG G 156 113.51 29.23 -35.35
C ARG G 156 113.80 28.08 -34.39
N GLU G 157 115.05 27.95 -33.94
CA GLU G 157 115.33 26.96 -32.91
C GLU G 157 114.68 27.36 -31.60
N GLU G 158 114.61 28.67 -31.32
CA GLU G 158 114.07 29.14 -30.05
C GLU G 158 112.55 29.16 -30.09
N TYR G 159 111.97 29.88 -31.04
CA TYR G 159 110.52 29.97 -31.21
C TYR G 159 110.10 29.26 -32.49
N PRO G 160 109.87 27.94 -32.44
CA PRO G 160 109.51 27.22 -33.67
C PRO G 160 108.02 27.20 -33.98
N ASP G 161 107.17 27.64 -33.05
CA ASP G 161 105.72 27.56 -33.21
C ASP G 161 105.14 28.93 -33.53
N ARG G 162 105.93 29.83 -34.09
CA ARG G 162 105.48 31.17 -34.47
C ARG G 162 105.75 31.44 -35.94
N MET G 163 104.92 32.29 -36.52
CA MET G 163 105.07 32.65 -37.92
C MET G 163 106.37 33.42 -38.14
N MET G 164 106.73 33.60 -39.40
CA MET G 164 107.98 34.25 -39.74
C MET G 164 107.89 34.79 -41.16
N LEU G 165 108.09 36.09 -41.32
CA LEU G 165 108.16 36.70 -42.64
C LEU G 165 109.56 37.24 -42.87
N THR G 166 109.95 37.28 -44.14
CA THR G 166 111.16 37.98 -44.54
C THR G 166 110.90 38.67 -45.87
N PHE G 167 111.09 39.97 -45.89
CA PHE G 167 110.99 40.75 -47.13
C PHE G 167 112.41 40.87 -47.63
N SER G 168 112.73 40.14 -48.71
CA SER G 168 114.11 40.03 -49.16
C SER G 168 114.22 40.42 -50.61
N VAL G 169 115.05 41.42 -50.88
CA VAL G 169 115.38 41.80 -52.24
C VAL G 169 116.49 40.88 -52.75
N VAL G 170 116.33 40.37 -53.97
CA VAL G 170 117.32 39.46 -54.54
C VAL G 170 118.13 40.19 -55.60
N PRO G 171 119.37 39.78 -55.85
CA PRO G 171 120.20 40.49 -56.82
C PRO G 171 119.79 40.16 -58.25
N SER G 172 120.13 41.08 -59.15
CA SER G 172 119.91 40.84 -60.57
C SER G 172 121.20 41.00 -61.34
N PRO G 173 121.34 40.29 -62.46
CA PRO G 173 122.59 40.38 -63.24
C PRO G 173 122.80 41.71 -63.93
N LYS G 174 121.73 42.33 -64.43
CA LYS G 174 121.90 43.60 -65.15
C LYS G 174 122.19 44.74 -64.19
N VAL G 175 121.53 44.78 -63.03
CA VAL G 175 121.81 45.77 -62.01
C VAL G 175 122.59 45.05 -60.91
N SER G 176 123.91 45.18 -60.95
CA SER G 176 124.80 44.41 -60.08
C SER G 176 125.85 45.36 -59.50
N ASP G 177 125.81 45.54 -58.18
CA ASP G 177 126.76 46.44 -57.54
C ASP G 177 128.11 45.76 -57.33
N THR G 178 128.12 44.66 -56.58
CA THR G 178 129.33 43.93 -56.28
C THR G 178 129.41 42.70 -57.19
N VAL G 179 130.49 41.92 -57.03
CA VAL G 179 130.77 40.82 -57.96
C VAL G 179 130.45 39.44 -57.40
N VAL G 180 130.33 39.27 -56.09
CA VAL G 180 130.09 37.96 -55.51
C VAL G 180 128.60 37.73 -55.23
N GLU G 181 127.73 38.48 -55.90
CA GLU G 181 126.28 38.33 -55.72
C GLU G 181 125.78 36.90 -55.85
N PRO G 182 126.18 36.10 -56.86
CA PRO G 182 125.71 34.70 -56.88
C PRO G 182 126.16 33.89 -55.69
N TYR G 183 127.41 34.07 -55.24
CA TYR G 183 127.89 33.32 -54.08
C TYR G 183 127.03 33.57 -52.85
N ASN G 184 126.57 34.81 -52.67
CA ASN G 184 125.71 35.11 -51.53
C ASN G 184 124.29 34.61 -51.75
N ALA G 185 123.75 34.79 -52.95
CA ALA G 185 122.34 34.48 -53.18
C ALA G 185 122.04 33.00 -52.98
N THR G 186 122.85 32.12 -53.58
CA THR G 186 122.50 30.70 -53.58
C THR G 186 122.68 30.06 -52.21
N LEU G 187 123.65 30.52 -51.42
CA LEU G 187 123.79 29.99 -50.07
C LEU G 187 122.69 30.50 -49.15
N SER G 188 122.31 31.77 -49.31
CA SER G 188 121.27 32.34 -48.46
C SER G 188 119.92 31.68 -48.73
N VAL G 189 119.59 31.45 -50.00
CA VAL G 189 118.34 30.78 -50.36
C VAL G 189 118.35 29.34 -49.88
N HIS G 190 119.51 28.67 -49.94
CA HIS G 190 119.58 27.28 -49.50
C HIS G 190 119.26 27.13 -48.01
N GLN G 191 119.61 28.12 -47.19
CA GLN G 191 119.27 27.99 -45.77
C GLN G 191 117.85 28.47 -45.47
N LEU G 192 117.40 29.56 -46.10
CA LEU G 192 116.08 30.09 -45.80
C LEU G 192 114.96 29.18 -46.27
N VAL G 193 115.21 28.32 -47.28
CA VAL G 193 114.17 27.41 -47.72
C VAL G 193 113.88 26.37 -46.63
N GLU G 194 114.87 26.07 -45.80
CA GLU G 194 114.72 25.07 -44.75
C GLU G 194 114.35 25.68 -43.41
N ASN G 195 114.47 26.99 -43.25
CA ASN G 195 114.20 27.65 -41.98
C ASN G 195 113.06 28.66 -42.06
N ALA G 196 113.07 29.56 -43.04
CA ALA G 196 112.05 30.60 -43.06
C ALA G 196 110.69 30.00 -43.39
N ASP G 197 109.66 30.57 -42.77
CA ASP G 197 108.29 30.13 -43.07
C ASP G 197 107.91 30.52 -44.50
N GLU G 198 108.03 31.80 -44.83
CA GLU G 198 107.85 32.26 -46.19
C GLU G 198 108.65 33.54 -46.38
N CYS G 199 109.16 33.73 -47.59
CA CYS G 199 109.88 34.94 -47.93
C CYS G 199 109.10 35.66 -49.02
N MET G 200 109.38 36.95 -49.17
CA MET G 200 108.77 37.74 -50.22
C MET G 200 109.91 38.25 -51.10
N VAL G 201 110.05 37.69 -52.31
CA VAL G 201 111.17 38.07 -53.16
C VAL G 201 110.92 39.45 -53.75
N LEU G 202 111.95 40.30 -53.70
CA LEU G 202 111.94 41.65 -54.25
C LEU G 202 113.17 41.82 -55.13
N ASP G 203 113.18 42.90 -55.91
CA ASP G 203 114.36 43.24 -56.69
C ASP G 203 114.34 44.71 -57.06
N ASN G 204 115.52 45.32 -57.08
CA ASN G 204 115.62 46.74 -57.41
C ASN G 204 115.31 46.99 -58.88
N GLU G 205 115.50 45.97 -59.73
CA GLU G 205 115.27 46.15 -61.16
C GLU G 205 113.80 46.46 -61.42
N ALA G 206 112.91 45.68 -60.82
CA ALA G 206 111.48 45.93 -60.97
C ALA G 206 111.09 47.25 -60.34
N LEU G 207 111.73 47.62 -59.23
CA LEU G 207 111.42 48.90 -58.59
C LEU G 207 111.79 50.07 -59.48
N TYR G 208 112.96 50.01 -60.12
CA TYR G 208 113.33 51.05 -61.07
C TYR G 208 112.38 51.09 -62.25
N ASP G 209 111.96 49.91 -62.72
CA ASP G 209 110.96 49.86 -63.80
C ASP G 209 109.66 50.53 -63.37
N ILE G 210 109.21 50.27 -62.13
CA ILE G 210 107.97 50.88 -61.65
C ILE G 210 108.10 52.39 -61.58
N CYS G 211 109.24 52.89 -61.08
CA CYS G 211 109.46 54.32 -60.97
C CYS G 211 109.65 55.00 -62.32
N PHE G 212 110.00 54.26 -63.36
CA PHE G 212 110.12 54.87 -64.68
C PHE G 212 108.78 54.94 -65.40
N ARG G 213 108.05 53.83 -65.42
CA ARG G 213 106.79 53.77 -66.16
C ARG G 213 105.63 54.36 -65.37
N THR G 214 105.30 53.76 -64.22
CA THR G 214 104.08 54.13 -63.53
C THR G 214 104.24 55.44 -62.76
N LEU G 215 105.32 55.58 -62.00
CA LEU G 215 105.50 56.81 -61.22
C LEU G 215 105.96 57.96 -62.10
N LYS G 216 106.69 57.68 -63.18
CA LYS G 216 107.24 58.70 -64.06
C LYS G 216 108.07 59.71 -63.27
N LEU G 217 108.91 59.20 -62.37
CA LEU G 217 109.78 60.05 -61.58
C LEU G 217 111.00 60.46 -62.38
N THR G 218 111.50 61.67 -62.10
CA THR G 218 112.71 62.16 -62.74
C THR G 218 113.95 61.61 -62.04
N THR G 219 114.02 61.77 -60.72
CA THR G 219 115.14 61.29 -59.91
C THR G 219 114.60 60.42 -58.78
N PRO G 220 114.32 59.15 -59.07
CA PRO G 220 113.85 58.23 -58.02
C PRO G 220 114.98 57.82 -57.09
N THR G 221 115.24 58.60 -56.05
CA THR G 221 116.27 58.23 -55.09
C THR G 221 115.82 57.01 -54.29
N PHE G 222 116.70 56.53 -53.43
CA PHE G 222 116.42 55.32 -52.68
C PHE G 222 115.22 55.47 -51.77
N GLY G 223 114.91 56.70 -51.36
CA GLY G 223 113.79 56.92 -50.46
C GLY G 223 112.46 56.48 -51.04
N ASP G 224 112.25 56.75 -52.34
CA ASP G 224 110.98 56.40 -52.96
C ASP G 224 110.83 54.90 -53.16
N LEU G 225 111.92 54.20 -53.47
CA LEU G 225 111.85 52.74 -53.58
C LEU G 225 111.45 52.13 -52.24
N ASN G 226 112.09 52.58 -51.15
CA ASN G 226 111.70 52.14 -49.83
C ASN G 226 110.26 52.53 -49.50
N HIS G 227 109.78 53.64 -50.06
CA HIS G 227 108.38 54.01 -49.83
C HIS G 227 107.43 52.97 -50.41
N LEU G 228 107.74 52.46 -51.61
CA LEU G 228 106.91 51.40 -52.18
C LEU G 228 106.99 50.14 -51.34
N ILE G 229 108.20 49.74 -50.95
CA ILE G 229 108.40 48.52 -50.18
C ILE G 229 107.65 48.59 -48.86
N SER G 230 107.72 49.74 -48.18
CA SER G 230 106.99 49.94 -46.92
C SER G 230 105.48 49.84 -47.12
N ALA G 231 104.97 50.41 -48.22
CA ALA G 231 103.55 50.31 -48.51
C ALA G 231 103.10 48.85 -48.63
N VAL G 232 103.96 47.99 -49.17
CA VAL G 232 103.64 46.57 -49.24
C VAL G 232 103.49 45.99 -47.84
N MET G 233 104.43 46.30 -46.94
CA MET G 233 104.38 45.74 -45.60
C MET G 233 103.13 46.18 -44.86
N SER G 234 102.78 47.47 -44.99
CA SER G 234 101.56 47.97 -44.36
C SER G 234 100.32 47.27 -44.90
N GLY G 235 100.27 47.02 -46.20
CA GLY G 235 99.16 46.28 -46.78
C GLY G 235 99.04 44.86 -46.27
N ILE G 236 100.17 44.23 -45.94
CA ILE G 236 100.14 42.87 -45.40
C ILE G 236 99.49 42.85 -44.02
N THR G 237 99.86 43.80 -43.16
CA THR G 237 99.54 43.71 -41.73
C THR G 237 98.32 44.54 -41.35
N CYS G 238 97.59 45.09 -42.32
CA CYS G 238 96.42 45.90 -41.97
C CYS G 238 95.32 45.07 -41.35
N CYS G 239 95.31 43.75 -41.56
CA CYS G 239 94.23 42.93 -41.03
C CYS G 239 94.34 42.82 -39.51
N LEU G 240 95.57 42.83 -38.97
CA LEU G 240 95.73 42.73 -37.53
C LEU G 240 95.39 44.03 -36.84
N ARG G 241 95.58 45.17 -37.50
CA ARG G 241 95.46 46.46 -36.86
C ARG G 241 94.10 47.12 -37.08
N PHE G 242 93.28 46.60 -37.98
CA PHE G 242 92.01 47.26 -38.26
C PHE G 242 90.92 46.23 -38.47
N PRO G 243 89.67 46.58 -38.16
CA PRO G 243 88.55 45.68 -38.46
C PRO G 243 88.24 45.69 -39.96
N GLY G 244 87.39 44.75 -40.36
CA GLY G 244 86.99 44.67 -41.75
C GLY G 244 85.86 43.68 -41.93
N GLN G 245 85.30 43.69 -43.14
CA GLN G 245 84.22 42.78 -43.46
C GLN G 245 84.69 41.35 -43.70
N LEU G 246 85.97 41.16 -44.01
CA LEU G 246 86.50 39.80 -44.18
C LEU G 246 87.99 39.88 -43.83
N ASN G 247 88.31 39.56 -42.59
CA ASN G 247 89.67 39.63 -42.09
C ASN G 247 90.47 38.38 -42.42
N ALA G 248 91.79 38.55 -42.54
CA ALA G 248 92.70 37.45 -42.83
C ALA G 248 94.08 37.78 -42.29
N ASP G 249 94.47 37.13 -41.20
CA ASP G 249 95.75 37.44 -40.57
C ASP G 249 96.88 36.70 -41.30
N LEU G 250 98.10 36.83 -40.77
CA LEU G 250 99.26 36.29 -41.46
C LEU G 250 99.22 34.76 -41.58
N ARG G 251 98.87 34.07 -40.50
CA ARG G 251 98.79 32.61 -40.56
C ARG G 251 97.69 32.14 -41.49
N LYS G 252 96.56 32.86 -41.52
CA LYS G 252 95.48 32.52 -42.44
C LYS G 252 95.94 32.65 -43.89
N LEU G 253 96.76 33.65 -44.17
CA LEU G 253 97.29 33.83 -45.53
C LEU G 253 98.25 32.73 -45.93
N ALA G 254 99.17 32.37 -45.03
CA ALA G 254 100.21 31.39 -45.36
C ALA G 254 99.63 30.00 -45.60
N VAL G 255 98.64 29.60 -44.80
CA VAL G 255 98.05 28.28 -44.98
C VAL G 255 97.28 28.20 -46.28
N ASN G 256 96.58 29.27 -46.64
CA ASN G 256 95.84 29.28 -47.89
C ASN G 256 96.74 29.43 -49.12
N LEU G 257 98.01 29.80 -48.93
CA LEU G 257 98.87 30.16 -50.05
C LEU G 257 100.01 29.18 -50.29
N ILE G 258 100.31 28.31 -49.32
CA ILE G 258 101.46 27.42 -49.41
C ILE G 258 100.95 25.98 -49.52
N PRO G 259 100.99 25.38 -50.70
CA PRO G 259 100.49 24.00 -50.83
C PRO G 259 101.50 22.96 -50.38
N PHE G 260 102.78 23.25 -50.52
CA PHE G 260 103.86 22.33 -50.17
C PHE G 260 104.98 23.04 -49.41
N PRO G 261 105.55 22.39 -48.41
CA PRO G 261 106.39 23.10 -47.43
C PRO G 261 107.61 23.77 -48.02
N ARG G 262 107.94 23.51 -49.28
CA ARG G 262 109.08 24.13 -49.94
C ARG G 262 108.63 25.24 -50.90
N LEU G 263 107.32 25.44 -51.04
CA LEU G 263 106.75 26.41 -51.96
C LEU G 263 106.32 27.67 -51.20
N HIS G 264 107.29 28.50 -50.82
CA HIS G 264 106.97 29.66 -50.00
C HIS G 264 107.75 30.89 -50.43
N PHE G 265 107.83 31.12 -51.75
CA PHE G 265 108.44 32.33 -52.31
C PHE G 265 107.37 33.08 -53.12
N PHE G 266 107.02 34.28 -52.67
CA PHE G 266 105.93 35.04 -53.25
C PHE G 266 106.42 36.25 -54.03
N MET G 267 105.71 36.58 -55.09
CA MET G 267 105.91 37.80 -55.86
C MET G 267 104.83 38.83 -55.52
N VAL G 268 105.21 40.11 -55.48
CA VAL G 268 104.36 41.13 -54.88
C VAL G 268 104.02 42.23 -55.88
N GLY G 269 102.83 42.80 -55.69
CA GLY G 269 102.39 43.98 -56.44
C GLY G 269 101.54 44.83 -55.52
N PHE G 270 101.46 46.12 -55.84
CA PHE G 270 100.67 47.04 -55.02
C PHE G 270 99.85 47.96 -55.91
N THR G 271 98.69 48.39 -55.40
CA THR G 271 97.74 49.17 -56.17
C THR G 271 96.89 50.00 -55.22
N PRO G 272 96.63 51.28 -55.53
CA PRO G 272 97.07 52.01 -56.72
C PRO G 272 98.39 52.76 -56.52
N LEU G 273 99.20 52.79 -57.57
CA LEU G 273 100.44 53.56 -57.63
C LEU G 273 100.38 54.30 -58.95
N THR G 274 99.91 55.55 -58.92
CA THR G 274 99.72 56.30 -60.15
C THR G 274 100.52 57.59 -60.15
N SER G 275 100.83 58.04 -61.36
CA SER G 275 101.57 59.28 -61.56
C SER G 275 100.76 60.45 -61.05
N ARG G 276 101.48 61.52 -60.70
CA ARG G 276 100.80 62.72 -60.23
C ARG G 276 99.99 63.39 -61.33
N GLY G 277 100.35 63.15 -62.59
CA GLY G 277 99.56 63.69 -63.69
C GLY G 277 98.22 62.99 -63.87
N SER G 278 98.22 61.66 -63.75
CA SER G 278 97.04 60.85 -64.03
C SER G 278 96.20 60.52 -62.80
N GLN G 279 96.50 61.12 -61.64
CA GLN G 279 95.65 60.88 -60.48
C GLN G 279 94.22 61.37 -60.69
N GLN G 280 94.03 62.34 -61.58
CA GLN G 280 92.72 62.94 -61.82
C GLN G 280 91.94 62.20 -62.88
N TYR G 281 92.64 61.56 -63.82
CA TYR G 281 92.10 60.90 -64.99
C TYR G 281 91.56 59.51 -64.70
N ARG G 282 91.62 59.03 -63.46
CA ARG G 282 91.33 57.65 -63.18
C ARG G 282 89.88 57.50 -62.69
N ALA G 283 89.47 56.25 -62.49
CA ALA G 283 88.20 55.87 -61.88
C ALA G 283 88.45 55.03 -60.65
N LEU G 284 87.40 54.82 -59.86
CA LEU G 284 87.51 54.04 -58.63
C LEU G 284 86.50 52.89 -58.62
N THR G 285 86.88 51.77 -59.25
CA THR G 285 86.11 50.55 -59.18
C THR G 285 87.08 49.43 -58.83
N VAL G 286 86.53 48.29 -58.43
CA VAL G 286 87.35 47.12 -58.08
C VAL G 286 87.99 46.50 -59.32
N PRO G 287 87.30 46.41 -60.47
CA PRO G 287 88.00 45.96 -61.69
C PRO G 287 89.19 46.84 -62.04
N GLU G 288 89.09 48.14 -61.80
CA GLU G 288 90.22 49.04 -62.01
C GLU G 288 91.44 48.63 -61.20
N LEU G 289 91.24 48.29 -59.92
CA LEU G 289 92.39 47.84 -59.12
C LEU G 289 92.97 46.54 -59.67
N THR G 290 92.12 45.60 -60.06
CA THR G 290 92.61 44.28 -60.46
C THR G 290 93.42 44.34 -61.75
N GLN G 291 92.90 45.02 -62.77
CA GLN G 291 93.67 45.09 -64.01
C GLN G 291 94.99 45.82 -63.81
N GLN G 292 95.05 46.77 -62.88
CA GLN G 292 96.34 47.39 -62.59
C GLN G 292 97.14 46.53 -61.63
N MET G 293 96.45 45.73 -60.80
CA MET G 293 97.12 44.81 -59.90
C MET G 293 97.68 43.60 -60.65
N TRP G 294 96.81 42.84 -61.31
CA TRP G 294 97.17 41.55 -61.90
C TRP G 294 97.97 41.65 -63.19
N ASP G 295 98.45 42.82 -63.58
CA ASP G 295 99.30 42.92 -64.76
C ASP G 295 100.75 42.60 -64.38
N ALA G 296 101.46 41.94 -65.29
CA ALA G 296 102.81 41.48 -65.00
C ALA G 296 103.75 42.64 -64.72
N LYS G 297 103.58 43.77 -65.42
CA LYS G 297 104.52 44.88 -65.25
C LYS G 297 104.53 45.40 -63.82
N ASN G 298 103.35 45.47 -63.18
CA ASN G 298 103.27 45.99 -61.82
C ASN G 298 104.04 45.12 -60.84
N MET G 299 104.17 43.82 -61.14
CA MET G 299 104.78 42.88 -60.22
C MET G 299 106.19 43.36 -59.85
N MET G 300 106.55 43.16 -58.60
CA MET G 300 107.79 43.70 -58.06
C MET G 300 108.96 42.73 -58.15
N CYS G 301 108.86 41.68 -58.95
CA CYS G 301 109.89 40.66 -59.01
C CYS G 301 110.34 40.46 -60.46
N ALA G 302 111.57 39.98 -60.62
CA ALA G 302 112.09 39.79 -61.97
C ALA G 302 111.27 38.74 -62.72
N ALA G 303 110.83 37.70 -62.02
CA ALA G 303 110.11 36.61 -62.66
C ALA G 303 108.85 37.12 -63.31
N ASP G 304 108.61 36.72 -64.54
CA ASP G 304 107.38 37.09 -65.25
C ASP G 304 106.35 35.99 -65.06
N PRO G 305 105.17 36.27 -64.50
CA PRO G 305 104.24 35.17 -64.19
C PRO G 305 103.54 34.57 -65.40
N ARG G 306 103.34 35.32 -66.48
CA ARG G 306 102.76 34.70 -67.66
C ARG G 306 103.72 33.77 -68.39
N HIS G 307 104.98 33.69 -67.94
CA HIS G 307 105.89 32.67 -68.41
C HIS G 307 105.71 31.35 -67.66
N GLY G 308 104.78 31.30 -66.71
CA GLY G 308 104.52 30.11 -65.93
C GLY G 308 103.07 29.98 -65.55
N ARG G 309 102.79 29.26 -64.47
CA ARG G 309 101.44 29.04 -63.98
C ARG G 309 101.31 29.64 -62.60
N TYR G 310 100.11 30.13 -62.28
CA TYR G 310 99.80 30.53 -60.92
C TYR G 310 99.38 29.33 -60.10
N LEU G 311 100.04 29.13 -58.96
CA LEU G 311 99.59 28.11 -58.03
C LEU G 311 98.42 28.64 -57.21
N THR G 312 98.67 29.69 -56.44
CA THR G 312 97.67 30.35 -55.61
C THR G 312 97.95 31.84 -55.62
N ALA G 313 96.95 32.62 -55.25
CA ALA G 313 97.10 34.07 -55.20
C ALA G 313 96.22 34.62 -54.09
N SER G 314 96.61 35.79 -53.59
CA SER G 314 95.84 36.43 -52.53
C SER G 314 95.83 37.94 -52.74
N ALA G 315 94.76 38.57 -52.28
CA ALA G 315 94.55 40.00 -52.44
C ALA G 315 94.06 40.58 -51.12
N LEU G 316 94.85 41.47 -50.52
CA LEU G 316 94.47 42.17 -49.30
C LEU G 316 94.03 43.57 -49.69
N PHE G 317 92.75 43.87 -49.49
CA PHE G 317 92.14 45.12 -49.88
C PHE G 317 91.93 46.00 -48.65
N ARG G 318 92.01 47.32 -48.85
CA ARG G 318 91.75 48.26 -47.77
C ARG G 318 90.79 49.34 -48.24
N GLY G 319 89.76 49.60 -47.43
CA GLY G 319 88.77 50.62 -47.72
C GLY G 319 87.36 50.04 -47.80
N ARG G 320 86.40 50.95 -47.80
CA ARG G 320 84.99 50.57 -47.90
C ARG G 320 84.64 50.10 -49.30
N MET G 321 84.17 48.87 -49.42
CA MET G 321 83.85 48.31 -50.72
C MET G 321 82.89 47.14 -50.52
N SER G 322 82.43 46.56 -51.62
CA SER G 322 81.45 45.46 -51.58
C SER G 322 82.13 44.11 -51.81
N THR G 323 81.99 43.22 -50.82
CA THR G 323 82.63 41.90 -50.91
C THR G 323 82.10 41.08 -52.09
N LYS G 324 80.80 41.16 -52.38
CA LYS G 324 80.29 40.46 -53.55
C LYS G 324 81.03 40.91 -54.81
N GLU G 325 81.22 42.22 -54.96
CA GLU G 325 81.92 42.75 -56.12
C GLU G 325 83.36 42.28 -56.14
N VAL G 326 83.97 42.11 -54.96
CA VAL G 326 85.32 41.56 -54.87
C VAL G 326 85.34 40.14 -55.44
N ASP G 327 84.38 39.32 -55.02
CA ASP G 327 84.36 37.90 -55.39
C ASP G 327 84.22 37.70 -56.89
N GLU G 328 83.28 38.41 -57.52
CA GLU G 328 83.12 38.29 -58.96
C GLU G 328 84.39 38.71 -59.71
N GLN G 329 85.16 39.65 -59.17
CA GLN G 329 86.41 40.03 -59.83
C GLN G 329 87.43 38.91 -59.78
N MET G 330 87.51 38.18 -58.66
CA MET G 330 88.47 37.09 -58.59
C MET G 330 88.02 35.93 -59.46
N LEU G 331 86.71 35.72 -59.55
CA LEU G 331 86.14 34.72 -60.44
C LEU G 331 86.40 35.08 -61.90
N ASN G 332 86.24 36.36 -62.24
CA ASN G 332 86.44 36.82 -63.61
C ASN G 332 87.88 36.61 -64.09
N VAL G 333 88.86 36.95 -63.26
CA VAL G 333 90.26 36.82 -63.65
C VAL G 333 90.69 35.36 -63.78
N GLN G 334 90.00 34.44 -63.11
CA GLN G 334 90.33 33.03 -63.27
C GLN G 334 89.66 32.38 -64.48
N ASN G 335 88.60 32.97 -65.02
CA ASN G 335 87.96 32.35 -66.17
C ASN G 335 88.51 32.82 -67.51
N LYS G 336 88.89 34.09 -67.65
CA LYS G 336 89.45 34.54 -68.92
C LYS G 336 90.83 33.93 -69.16
N ASN G 337 91.77 34.22 -68.27
CA ASN G 337 93.14 33.71 -68.40
C ASN G 337 93.24 32.37 -67.68
N SER G 338 92.54 31.37 -68.22
CA SER G 338 92.43 30.09 -67.54
C SER G 338 93.69 29.25 -67.67
N SER G 339 94.50 29.46 -68.70
CA SER G 339 95.70 28.65 -68.87
C SER G 339 96.78 28.99 -67.84
N TYR G 340 96.81 30.23 -67.35
CA TYR G 340 97.82 30.65 -66.39
C TYR G 340 97.57 30.14 -64.98
N PHE G 341 96.39 29.61 -64.71
CA PHE G 341 96.09 29.04 -63.41
C PHE G 341 96.29 27.54 -63.40
N VAL G 342 96.63 27.00 -62.23
CA VAL G 342 96.85 25.57 -62.08
C VAL G 342 95.53 24.82 -62.24
N GLU G 343 95.63 23.57 -62.69
CA GLU G 343 94.45 22.80 -63.07
C GLU G 343 93.81 22.05 -61.90
N TRP G 344 94.62 21.37 -61.11
CA TRP G 344 94.09 20.50 -60.06
C TRP G 344 93.78 21.26 -58.78
N ILE G 345 93.72 22.58 -58.84
CA ILE G 345 93.25 23.40 -57.71
C ILE G 345 92.29 24.44 -58.25
N PRO G 346 90.98 24.29 -58.03
CA PRO G 346 90.05 25.36 -58.38
C PRO G 346 90.10 26.48 -57.36
N ASN G 347 89.70 27.67 -57.81
CA ASN G 347 89.59 28.85 -56.94
C ASN G 347 90.94 29.14 -56.27
N ASN G 348 91.89 29.52 -57.11
CA ASN G 348 93.27 29.78 -56.70
C ASN G 348 93.47 31.15 -56.05
N VAL G 349 92.41 31.87 -55.72
CA VAL G 349 92.55 33.24 -55.21
C VAL G 349 91.87 33.33 -53.85
N LYS G 350 92.61 33.83 -52.87
CA LYS G 350 92.11 34.17 -51.54
C LYS G 350 91.94 35.68 -51.44
N SER G 351 90.88 36.13 -50.78
CA SER G 351 90.57 37.55 -50.75
C SER G 351 90.20 38.00 -49.34
N SER G 352 90.61 39.22 -49.00
CA SER G 352 90.33 39.84 -47.71
C SER G 352 90.12 41.34 -47.89
N VAL G 353 89.38 41.94 -46.97
CA VAL G 353 88.98 43.35 -47.05
C VAL G 353 89.13 43.99 -45.68
N CYS G 354 89.85 45.13 -45.63
CA CYS G 354 89.89 46.00 -44.47
C CYS G 354 89.22 47.34 -44.80
N ASP G 355 88.54 47.92 -43.81
CA ASP G 355 87.77 49.14 -44.05
C ASP G 355 88.53 50.42 -43.70
N ILE G 356 89.85 50.37 -43.57
CA ILE G 356 90.64 51.54 -43.20
C ILE G 356 91.64 51.81 -44.31
N PRO G 357 91.36 52.78 -45.17
CA PRO G 357 92.20 53.01 -46.33
C PRO G 357 93.52 53.65 -45.95
N PRO G 358 94.56 53.48 -46.77
CA PRO G 358 95.81 54.20 -46.53
C PRO G 358 95.54 55.69 -46.58
N LYS G 359 96.14 56.44 -45.67
CA LYS G 359 95.81 57.85 -45.56
C LYS G 359 96.12 58.56 -46.88
N GLY G 360 95.16 59.38 -47.31
CA GLY G 360 95.28 60.16 -48.53
C GLY G 360 94.79 59.45 -49.77
N LEU G 361 94.41 58.18 -49.65
CA LEU G 361 93.85 57.40 -50.75
C LEU G 361 92.49 56.87 -50.31
N LYS G 362 91.48 57.07 -51.15
CA LYS G 362 90.14 56.59 -50.82
C LYS G 362 90.10 55.06 -50.72
N MET G 363 90.78 54.36 -51.62
CA MET G 363 90.84 52.90 -51.51
C MET G 363 92.18 52.41 -52.06
N SER G 364 92.53 51.16 -51.71
CA SER G 364 93.79 50.54 -52.15
C SER G 364 93.64 49.03 -52.25
N ALA G 365 94.74 48.36 -52.59
CA ALA G 365 94.79 46.91 -52.78
C ALA G 365 96.23 46.43 -52.72
N THR G 366 96.41 45.19 -52.29
CA THR G 366 97.75 44.56 -52.17
C THR G 366 97.68 43.13 -52.66
N PHE G 367 98.54 42.78 -53.62
CA PHE G 367 98.54 41.47 -54.26
C PHE G 367 99.73 40.64 -53.82
N ILE G 368 99.47 39.40 -53.44
CA ILE G 368 100.50 38.45 -53.02
C ILE G 368 100.30 37.19 -53.86
N GLY G 369 101.20 36.94 -54.81
CA GLY G 369 101.05 35.82 -55.72
C GLY G 369 102.12 34.75 -55.55
N ASN G 370 101.69 33.52 -55.29
CA ASN G 370 102.59 32.37 -55.25
C ASN G 370 102.52 31.65 -56.58
N SER G 371 103.36 32.07 -57.52
CA SER G 371 103.41 31.47 -58.85
C SER G 371 104.62 30.56 -58.98
N THR G 372 104.66 29.81 -60.08
CA THR G 372 105.74 28.89 -60.35
C THR G 372 106.87 29.53 -61.13
N ALA G 373 106.67 30.76 -61.62
CA ALA G 373 107.68 31.44 -62.42
C ALA G 373 108.94 31.77 -61.62
N ILE G 374 108.88 31.68 -60.30
CA ILE G 374 110.02 32.05 -59.46
C ILE G 374 111.20 31.11 -59.68
N GLN G 375 110.96 29.92 -60.21
CA GLN G 375 112.06 29.01 -60.53
C GLN G 375 113.00 29.60 -61.56
N GLU G 376 112.50 30.52 -62.39
CA GLU G 376 113.36 31.13 -63.41
C GLU G 376 114.50 31.90 -62.77
N MET G 377 114.25 32.56 -61.66
CA MET G 377 115.31 33.31 -61.00
C MET G 377 116.38 32.41 -60.43
N PHE G 378 115.99 31.25 -59.88
CA PHE G 378 116.99 30.39 -59.26
C PHE G 378 117.95 29.81 -60.29
N LYS G 379 117.45 29.36 -61.43
CA LYS G 379 118.33 28.99 -62.52
C LYS G 379 119.19 30.17 -62.96
N ARG G 380 118.57 31.35 -63.12
CA ARG G 380 119.28 32.52 -63.60
C ARG G 380 120.48 32.88 -62.74
N VAL G 381 120.42 32.57 -61.45
CA VAL G 381 121.56 32.85 -60.58
C VAL G 381 122.48 31.64 -60.47
N SER G 382 121.91 30.43 -60.46
CA SER G 382 122.74 29.25 -60.26
C SER G 382 123.70 29.04 -61.43
N GLU G 383 123.28 29.40 -62.65
CA GLU G 383 124.20 29.29 -63.78
C GLU G 383 125.33 30.31 -63.65
N GLN G 384 125.02 31.51 -63.16
CA GLN G 384 126.08 32.47 -62.86
C GLN G 384 126.96 31.95 -61.74
N PHE G 385 126.35 31.26 -60.76
CA PHE G 385 127.13 30.68 -59.67
C PHE G 385 128.07 29.61 -60.17
N THR G 386 127.56 28.70 -61.00
CA THR G 386 128.43 27.68 -61.58
C THR G 386 129.43 28.28 -62.55
N ALA G 387 129.08 29.39 -63.22
CA ALA G 387 129.99 30.02 -64.17
C ALA G 387 131.26 30.50 -63.49
N MET G 388 131.19 30.83 -62.21
CA MET G 388 132.37 31.20 -61.44
C MET G 388 133.02 29.95 -60.87
N PHE G 389 132.18 28.99 -60.47
CA PHE G 389 132.62 27.75 -59.82
C PHE G 389 133.25 26.79 -60.82
N ARG G 390 133.11 27.02 -62.13
CA ARG G 390 133.71 26.15 -63.12
C ARG G 390 135.23 26.13 -63.00
N ARG G 391 135.83 27.24 -62.54
CA ARG G 391 137.27 27.34 -62.35
C ARG G 391 137.61 27.93 -60.99
N LYS G 392 136.67 27.89 -60.05
CA LYS G 392 136.96 28.18 -58.64
C LYS G 392 137.47 29.60 -58.49
N ALA G 393 136.80 30.54 -59.16
CA ALA G 393 137.10 31.95 -59.02
C ALA G 393 136.46 32.52 -57.77
N PHE G 394 137.16 33.47 -57.15
CA PHE G 394 136.70 34.20 -55.96
C PHE G 394 136.44 33.27 -54.79
N LEU G 395 136.93 32.03 -54.85
CA LEU G 395 136.65 31.05 -53.81
C LEU G 395 137.51 31.30 -52.58
N HIS G 396 138.68 31.92 -52.77
CA HIS G 396 139.68 31.95 -51.72
C HIS G 396 139.26 32.87 -50.58
N TRP G 397 138.44 33.89 -50.87
CA TRP G 397 137.91 34.71 -49.79
C TRP G 397 136.95 33.93 -48.90
N TYR G 398 136.33 32.86 -49.41
CA TYR G 398 135.50 32.01 -48.58
C TYR G 398 136.22 30.82 -47.97
N THR G 399 137.20 30.21 -48.65
CA THR G 399 137.90 29.10 -48.01
C THR G 399 138.71 29.57 -46.82
N GLY G 400 139.44 30.68 -46.96
CA GLY G 400 140.27 31.14 -45.85
C GLY G 400 139.49 31.58 -44.62
N GLU G 401 138.17 31.71 -44.74
CA GLU G 401 137.34 32.13 -43.62
C GLU G 401 136.62 30.97 -42.94
N GLY G 402 136.64 29.77 -43.54
CA GLY G 402 136.06 28.61 -42.90
C GLY G 402 135.18 27.70 -43.73
N MET G 403 134.45 28.21 -44.72
CA MET G 403 133.63 27.31 -45.52
C MET G 403 134.48 26.53 -46.52
N ASP G 404 134.05 25.29 -46.77
CA ASP G 404 134.78 24.36 -47.61
C ASP G 404 133.96 24.08 -48.87
N GLU G 405 134.44 23.17 -49.71
CA GLU G 405 133.79 22.98 -51.00
C GLU G 405 132.47 22.22 -50.91
N MET G 406 132.34 21.29 -49.96
CA MET G 406 131.13 20.48 -49.90
C MET G 406 129.88 21.34 -49.66
N GLU G 407 130.05 22.46 -48.95
CA GLU G 407 128.96 23.40 -48.75
C GLU G 407 128.43 23.94 -50.07
N PHE G 408 129.32 24.30 -51.00
CA PHE G 408 128.87 24.77 -52.30
C PHE G 408 128.11 23.68 -53.05
N THR G 409 128.62 22.46 -53.04
CA THR G 409 127.94 21.37 -53.74
C THR G 409 126.57 21.10 -53.12
N GLU G 410 126.48 21.18 -51.79
CA GLU G 410 125.19 21.05 -51.13
C GLU G 410 124.23 22.16 -51.55
N ALA G 411 124.72 23.40 -51.58
CA ALA G 411 123.87 24.52 -52.01
C ALA G 411 123.33 24.30 -53.42
N GLU G 412 124.20 23.88 -54.34
CA GLU G 412 123.75 23.62 -55.71
C GLU G 412 122.73 22.49 -55.75
N SER G 413 123.03 21.38 -55.09
CA SER G 413 122.13 20.22 -55.12
C SER G 413 120.77 20.56 -54.55
N ASN G 414 120.74 21.23 -53.40
CA ASN G 414 119.46 21.66 -52.84
C ASN G 414 118.75 22.60 -53.82
N MET G 415 119.49 23.55 -54.38
CA MET G 415 118.91 24.48 -55.35
C MET G 415 118.43 23.72 -56.57
N ASN G 416 119.21 22.75 -57.02
CA ASN G 416 118.82 21.92 -58.16
C ASN G 416 117.54 21.16 -57.84
N ASP G 417 117.42 20.65 -56.62
CA ASP G 417 116.26 19.85 -56.25
C ASP G 417 114.98 20.67 -56.33
N LEU G 418 115.00 21.89 -55.80
CA LEU G 418 113.78 22.69 -55.76
C LEU G 418 113.33 23.08 -57.16
N VAL G 419 114.26 23.42 -58.07
CA VAL G 419 113.85 23.83 -59.41
C VAL G 419 113.14 22.68 -60.12
N SER G 420 113.62 21.45 -59.89
CA SER G 420 112.95 20.29 -60.48
C SER G 420 111.54 20.15 -59.92
N GLU G 421 111.38 20.34 -58.61
CA GLU G 421 110.03 20.28 -58.02
C GLU G 421 109.14 21.33 -58.67
N TYR G 422 109.64 22.55 -58.78
CA TYR G 422 108.92 23.61 -59.47
C TYR G 422 108.55 23.16 -60.88
N GLN G 423 109.51 22.64 -61.62
CA GLN G 423 109.23 22.15 -62.97
C GLN G 423 108.21 21.02 -62.94
N GLN G 424 108.27 20.18 -61.91
CA GLN G 424 107.33 19.07 -61.83
C GLN G 424 105.91 19.58 -61.62
N TYR G 425 105.72 20.47 -60.65
CA TYR G 425 104.39 21.03 -60.41
C TYR G 425 103.97 22.04 -61.47
N GLN G 426 104.88 22.49 -62.32
CA GLN G 426 104.53 23.48 -63.34
C GLN G 426 103.69 22.83 -64.42
N MET H 1 -123.53 -17.83 61.65
CA MET H 1 -124.03 -19.11 62.12
C MET H 1 -123.00 -20.19 61.76
N ARG H 2 -123.05 -20.74 60.56
CA ARG H 2 -121.97 -21.57 60.07
C ARG H 2 -120.86 -20.71 59.46
N GLU H 3 -119.62 -20.93 59.93
CA GLU H 3 -118.50 -20.03 59.69
C GLU H 3 -117.36 -20.75 58.97
N ILE H 4 -116.68 -20.02 58.10
CA ILE H 4 -115.52 -20.53 57.35
C ILE H 4 -114.39 -19.53 57.51
N VAL H 5 -113.27 -19.97 58.05
CA VAL H 5 -112.08 -19.14 58.20
C VAL H 5 -111.07 -19.45 57.11
N HIS H 6 -110.50 -18.41 56.52
CA HIS H 6 -109.57 -18.53 55.40
C HIS H 6 -108.13 -18.37 55.87
N ILE H 7 -107.25 -19.19 55.28
CA ILE H 7 -105.83 -19.17 55.58
C ILE H 7 -105.07 -19.34 54.27
N GLN H 8 -104.17 -18.42 53.96
CA GLN H 8 -103.42 -18.43 52.72
C GLN H 8 -101.95 -18.50 53.06
N GLY H 9 -101.25 -19.49 52.50
CA GLY H 9 -99.84 -19.70 52.78
C GLY H 9 -99.01 -19.69 51.51
N GLY H 10 -97.84 -19.08 51.59
CA GLY H 10 -96.89 -19.10 50.50
C GLY H 10 -97.25 -18.15 49.38
N GLN H 11 -96.33 -18.06 48.42
CA GLN H 11 -96.55 -17.19 47.25
C GLN H 11 -97.70 -17.69 46.41
N CYS H 12 -97.73 -18.98 46.11
CA CYS H 12 -98.83 -19.55 45.35
C CYS H 12 -100.16 -19.37 46.07
N GLY H 13 -100.19 -19.70 47.37
CA GLY H 13 -101.40 -19.54 48.15
C GLY H 13 -101.91 -18.11 48.22
N ASN H 14 -100.99 -17.14 48.34
CA ASN H 14 -101.40 -15.76 48.49
C ASN H 14 -102.05 -15.21 47.23
N GLN H 15 -101.49 -15.53 46.07
CA GLN H 15 -102.06 -14.98 44.84
C GLN H 15 -103.37 -15.67 44.48
N ILE H 16 -103.50 -16.97 44.77
CA ILE H 16 -104.79 -17.64 44.63
C ILE H 16 -105.82 -17.02 45.56
N GLY H 17 -105.43 -16.83 46.83
CA GLY H 17 -106.35 -16.25 47.79
C GLY H 17 -106.71 -14.81 47.50
N ALA H 18 -105.78 -14.05 46.91
CA ALA H 18 -106.09 -12.68 46.53
C ALA H 18 -107.21 -12.65 45.50
N LYS H 19 -107.10 -13.50 44.47
CA LYS H 19 -108.16 -13.59 43.47
C LYS H 19 -109.44 -14.15 44.06
N PHE H 20 -109.34 -15.02 45.06
CA PHE H 20 -110.54 -15.60 45.68
C PHE H 20 -111.39 -14.51 46.35
N TRP H 21 -110.75 -13.67 47.15
CA TRP H 21 -111.48 -12.61 47.85
C TRP H 21 -112.00 -11.55 46.90
N GLU H 22 -111.33 -11.36 45.77
CA GLU H 22 -111.89 -10.49 44.73
C GLU H 22 -113.25 -11.01 44.27
N VAL H 23 -113.33 -12.31 43.95
CA VAL H 23 -114.55 -12.86 43.40
C VAL H 23 -115.67 -12.89 44.44
N VAL H 24 -115.35 -13.34 45.66
CA VAL H 24 -116.38 -13.42 46.70
C VAL H 24 -116.89 -12.04 47.08
N SER H 25 -115.99 -11.08 47.29
CA SER H 25 -116.41 -9.72 47.59
C SER H 25 -117.26 -9.13 46.49
N ASP H 26 -116.94 -9.47 45.25
CA ASP H 26 -117.78 -9.01 44.12
C ASP H 26 -119.17 -9.64 44.26
N GLU H 27 -119.23 -10.95 44.56
CA GLU H 27 -120.54 -11.65 44.64
C GLU H 27 -121.38 -11.03 45.76
N HIS H 28 -120.75 -10.71 46.89
CA HIS H 28 -121.48 -10.11 48.03
C HIS H 28 -121.64 -8.62 47.81
N GLY H 29 -121.20 -8.09 46.66
CA GLY H 29 -121.44 -6.69 46.37
C GLY H 29 -120.70 -5.70 47.23
N ILE H 30 -119.59 -6.09 47.84
CA ILE H 30 -118.82 -5.19 48.69
C ILE H 30 -117.72 -4.56 47.85
N ASP H 31 -117.60 -3.23 47.95
CA ASP H 31 -116.67 -2.50 47.10
C ASP H 31 -115.25 -2.75 47.59
N PRO H 32 -114.24 -2.41 46.78
CA PRO H 32 -112.85 -2.52 47.26
C PRO H 32 -112.54 -1.59 48.41
N THR H 33 -113.41 -0.61 48.68
CA THR H 33 -113.26 0.22 49.88
C THR H 33 -113.74 -0.51 51.12
N GLY H 34 -114.66 -1.44 50.97
CA GLY H 34 -115.19 -2.19 52.09
C GLY H 34 -116.62 -1.89 52.50
N THR H 35 -117.42 -1.29 51.62
CA THR H 35 -118.80 -0.94 51.94
C THR H 35 -119.74 -1.64 50.96
N TYR H 36 -120.94 -1.94 51.45
CA TYR H 36 -121.92 -2.65 50.65
C TYR H 36 -122.51 -1.76 49.56
N HIS H 37 -122.62 -2.32 48.35
CA HIS H 37 -123.30 -1.62 47.27
C HIS H 37 -124.13 -2.56 46.41
N GLY H 38 -124.53 -3.71 46.94
CA GLY H 38 -125.23 -4.72 46.17
C GLY H 38 -126.69 -4.37 45.92
N ASP H 39 -127.38 -5.33 45.31
CA ASP H 39 -128.79 -5.14 44.92
C ASP H 39 -129.74 -6.04 45.70
N SER H 40 -129.54 -7.35 45.67
CA SER H 40 -130.44 -8.28 46.33
C SER H 40 -130.16 -8.36 47.83
N ASP H 41 -131.21 -8.64 48.60
CA ASP H 41 -131.10 -8.81 50.04
C ASP H 41 -130.82 -10.26 50.44
N LEU H 42 -130.79 -11.21 49.50
CA LEU H 42 -130.35 -12.55 49.86
C LEU H 42 -128.88 -12.60 50.22
N GLN H 43 -128.09 -11.66 49.73
CA GLN H 43 -126.65 -11.70 49.96
C GLN H 43 -126.30 -11.22 51.37
N LEU H 44 -127.11 -10.34 51.95
CA LEU H 44 -126.78 -9.83 53.28
C LEU H 44 -127.00 -10.88 54.35
N GLU H 45 -127.83 -11.89 54.06
CA GLU H 45 -128.28 -12.81 55.09
C GLU H 45 -127.19 -13.78 55.49
N ARG H 46 -126.33 -14.13 54.54
CA ARG H 46 -125.30 -15.15 54.71
C ARG H 46 -123.95 -14.59 54.31
N ILE H 47 -123.67 -13.37 54.76
CA ILE H 47 -122.37 -12.75 54.55
C ILE H 47 -121.47 -12.86 55.78
N ASN H 48 -122.00 -13.35 56.89
CA ASN H 48 -121.18 -13.64 58.05
C ASN H 48 -120.28 -14.86 57.85
N VAL H 49 -120.57 -15.71 56.86
CA VAL H 49 -119.74 -16.89 56.62
C VAL H 49 -118.32 -16.49 56.21
N TYR H 50 -118.16 -15.31 55.61
CA TYR H 50 -116.86 -14.86 55.11
C TYR H 50 -116.49 -13.47 55.59
N PHE H 51 -117.38 -12.78 56.30
CA PHE H 51 -117.13 -11.40 56.68
C PHE H 51 -117.71 -11.12 58.07
N TYR H 59 -117.25 -4.30 55.79
CA TYR H 59 -117.11 -5.75 55.88
C TYR H 59 -115.67 -6.16 55.58
N VAL H 60 -114.98 -6.66 56.59
CA VAL H 60 -113.59 -7.11 56.42
C VAL H 60 -113.57 -8.62 56.28
N PRO H 61 -112.79 -9.17 55.36
CA PRO H 61 -112.74 -10.62 55.19
C PRO H 61 -112.13 -11.30 56.42
N ARG H 62 -112.50 -12.56 56.60
CA ARG H 62 -111.99 -13.37 57.70
C ARG H 62 -110.86 -14.26 57.19
N ALA H 63 -109.74 -13.63 56.83
CA ALA H 63 -108.64 -14.33 56.21
C ALA H 63 -107.34 -14.05 56.95
N ILE H 64 -106.39 -14.97 56.80
CA ILE H 64 -105.05 -14.83 57.37
C ILE H 64 -104.03 -15.16 56.29
N LEU H 65 -103.34 -14.13 55.80
CA LEU H 65 -102.24 -14.34 54.87
C LEU H 65 -100.95 -14.61 55.64
N MET H 66 -100.15 -15.55 55.14
CA MET H 66 -98.93 -15.95 55.83
C MET H 66 -97.89 -16.41 54.82
N ASP H 67 -96.66 -15.90 54.95
CA ASP H 67 -95.58 -16.25 54.05
C ASP H 67 -94.27 -15.82 54.70
N LEU H 68 -93.19 -15.78 53.90
CA LEU H 68 -91.87 -15.46 54.40
C LEU H 68 -91.11 -14.44 53.57
N GLU H 69 -91.77 -13.74 52.64
CA GLU H 69 -91.13 -12.71 51.82
C GLU H 69 -92.04 -11.50 51.59
N PRO H 70 -91.53 -10.29 51.79
CA PRO H 70 -92.42 -9.11 51.72
C PRO H 70 -93.01 -8.86 50.35
N GLY H 71 -92.38 -9.36 49.28
CA GLY H 71 -92.89 -9.09 47.95
C GLY H 71 -94.34 -9.49 47.77
N THR H 72 -94.73 -10.64 48.32
CA THR H 72 -96.11 -11.08 48.17
C THR H 72 -97.08 -10.18 48.93
N MET H 73 -96.70 -9.75 50.14
CA MET H 73 -97.56 -8.84 50.89
C MET H 73 -97.65 -7.47 50.24
N ASP H 74 -96.52 -6.94 49.76
CA ASP H 74 -96.55 -5.66 49.06
C ASP H 74 -97.41 -5.75 47.80
N SER H 75 -97.26 -6.83 47.04
CA SER H 75 -98.09 -7.04 45.86
C SER H 75 -99.55 -7.25 46.22
N VAL H 76 -99.86 -7.67 47.45
CA VAL H 76 -101.26 -7.81 47.85
C VAL H 76 -101.89 -6.45 48.12
N ARG H 77 -101.24 -5.61 48.92
CA ARG H 77 -101.80 -4.29 49.21
C ARG H 77 -101.74 -3.35 48.01
N SER H 78 -100.92 -3.65 47.01
CA SER H 78 -100.82 -2.75 45.86
C SER H 78 -102.07 -2.82 44.99
N GLY H 79 -102.47 -4.04 44.63
CA GLY H 79 -103.59 -4.25 43.75
C GLY H 79 -104.89 -3.86 44.41
N PRO H 80 -105.98 -3.84 43.64
CA PRO H 80 -107.28 -3.56 44.23
C PRO H 80 -107.70 -4.69 45.14
N TYR H 81 -108.68 -4.40 46.00
CA TYR H 81 -109.09 -5.32 47.06
C TYR H 81 -107.87 -5.73 47.89
N GLY H 82 -106.98 -4.77 48.13
CA GLY H 82 -105.83 -5.00 48.98
C GLY H 82 -105.92 -4.09 50.19
N GLN H 83 -106.81 -3.11 50.10
CA GLN H 83 -107.12 -2.23 51.22
C GLN H 83 -108.24 -2.77 52.09
N ILE H 84 -108.73 -3.97 51.80
CA ILE H 84 -109.86 -4.54 52.52
C ILE H 84 -109.43 -5.54 53.58
N PHE H 85 -108.19 -6.00 53.56
CA PHE H 85 -107.72 -6.90 54.60
C PHE H 85 -107.35 -6.11 55.85
N ARG H 86 -107.58 -6.73 57.00
CA ARG H 86 -107.17 -6.12 58.25
C ARG H 86 -105.66 -6.22 58.39
N PRO H 87 -104.94 -5.11 58.56
CA PRO H 87 -103.47 -5.19 58.61
C PRO H 87 -102.94 -6.06 59.73
N ASP H 88 -103.74 -6.33 60.77
CA ASP H 88 -103.31 -7.25 61.81
C ASP H 88 -103.32 -8.70 61.34
N ASN H 89 -104.08 -9.02 60.30
CA ASN H 89 -104.08 -10.38 59.76
C ASN H 89 -102.93 -10.64 58.79
N PHE H 90 -102.08 -9.65 58.51
CA PHE H 90 -100.93 -9.88 57.66
C PHE H 90 -99.76 -10.45 58.46
N VAL H 91 -100.01 -11.54 59.17
CA VAL H 91 -98.94 -12.20 59.91
C VAL H 91 -97.90 -12.68 58.92
N PHE H 92 -96.64 -12.39 59.21
CA PHE H 92 -95.65 -12.31 58.15
C PHE H 92 -94.24 -12.37 58.72
N GLY H 93 -93.45 -13.35 58.27
CA GLY H 93 -92.07 -13.49 58.68
C GLY H 93 -91.20 -12.50 57.94
N GLN H 94 -89.88 -12.71 58.04
CA GLN H 94 -88.99 -11.78 57.33
C GLN H 94 -87.85 -12.43 56.57
N THR H 95 -87.40 -13.63 56.91
CA THR H 95 -86.19 -14.17 56.29
C THR H 95 -86.46 -14.95 54.99
N GLY H 96 -87.37 -15.91 55.01
CA GLY H 96 -87.63 -16.68 53.80
C GLY H 96 -87.05 -18.08 53.75
N ALA H 97 -87.92 -19.08 53.61
CA ALA H 97 -87.46 -20.46 53.54
C ALA H 97 -86.78 -20.76 52.22
N GLY H 98 -87.49 -20.52 51.12
CA GLY H 98 -86.92 -20.65 49.79
C GLY H 98 -86.71 -22.05 49.28
N ASN H 99 -87.82 -22.77 49.04
CA ASN H 99 -87.79 -24.08 48.38
C ASN H 99 -86.94 -25.07 49.17
N ASN H 100 -87.06 -25.00 50.48
CA ASN H 100 -86.42 -25.95 51.40
C ASN H 100 -87.48 -26.40 52.39
N TRP H 101 -87.97 -27.62 52.23
CA TRP H 101 -89.03 -28.11 53.10
C TRP H 101 -88.57 -28.18 54.54
N ALA H 102 -87.32 -28.55 54.77
CA ALA H 102 -86.81 -28.60 56.14
C ALA H 102 -86.78 -27.21 56.76
N LYS H 103 -86.33 -26.21 56.01
CA LYS H 103 -86.35 -24.84 56.51
C LYS H 103 -87.78 -24.36 56.77
N GLY H 104 -88.69 -24.63 55.83
CA GLY H 104 -90.06 -24.19 55.96
C GLY H 104 -90.91 -24.99 56.91
N HIS H 105 -90.37 -26.08 57.45
CA HIS H 105 -91.12 -26.95 58.35
C HIS H 105 -90.48 -27.10 59.72
N TYR H 106 -89.19 -26.84 59.85
CA TYR H 106 -88.52 -26.95 61.13
C TYR H 106 -87.78 -25.68 61.54
N THR H 107 -87.11 -25.01 60.61
CA THR H 107 -86.26 -23.88 60.97
C THR H 107 -87.02 -22.56 61.03
N GLU H 108 -87.62 -22.13 59.92
CA GLU H 108 -88.34 -20.86 59.91
C GLU H 108 -89.75 -20.98 60.45
N GLY H 109 -90.40 -22.13 60.28
CA GLY H 109 -91.72 -22.31 60.84
C GLY H 109 -91.74 -22.19 62.35
N ALA H 110 -90.71 -22.73 63.01
CA ALA H 110 -90.63 -22.80 64.47
C ALA H 110 -90.76 -21.45 65.17
N GLU H 111 -90.71 -20.33 64.46
CA GLU H 111 -90.87 -19.04 65.09
C GLU H 111 -91.96 -18.18 64.50
N LEU H 112 -92.46 -18.52 63.30
CA LEU H 112 -93.63 -17.85 62.74
C LEU H 112 -94.92 -18.56 63.13
N ILE H 113 -94.85 -19.85 63.43
CA ILE H 113 -96.06 -20.66 63.63
C ILE H 113 -96.79 -20.21 64.89
N ASP H 114 -96.07 -19.82 65.93
CA ASP H 114 -96.73 -19.35 67.15
C ASP H 114 -97.57 -18.11 66.88
N SER H 115 -97.12 -17.23 66.00
CA SER H 115 -97.85 -16.00 65.73
C SER H 115 -99.03 -16.22 64.79
N VAL H 116 -98.89 -17.10 63.79
CA VAL H 116 -100.02 -17.37 62.91
C VAL H 116 -101.10 -18.11 63.68
N LEU H 117 -100.71 -18.95 64.64
CA LEU H 117 -101.68 -19.66 65.46
C LEU H 117 -102.45 -18.73 66.37
N ASP H 118 -101.79 -17.70 66.90
CA ASP H 118 -102.49 -16.74 67.75
C ASP H 118 -103.55 -15.96 66.97
N VAL H 119 -103.24 -15.52 65.76
CA VAL H 119 -104.21 -14.73 65.01
C VAL H 119 -105.37 -15.60 64.53
N VAL H 120 -105.10 -16.84 64.14
CA VAL H 120 -106.18 -17.71 63.69
C VAL H 120 -107.04 -18.15 64.86
N ARG H 121 -106.46 -18.28 66.05
CA ARG H 121 -107.26 -18.66 67.21
C ARG H 121 -108.20 -17.52 67.60
N LYS H 122 -107.72 -16.28 67.52
CA LYS H 122 -108.57 -15.13 67.78
C LYS H 122 -109.66 -15.03 66.71
N GLU H 123 -109.30 -15.30 65.45
CA GLU H 123 -110.28 -15.27 64.37
C GLU H 123 -111.22 -16.47 64.41
N ALA H 124 -110.87 -17.54 65.10
CA ALA H 124 -111.75 -18.69 65.20
C ALA H 124 -112.78 -18.52 66.31
N GLU H 125 -112.33 -18.16 67.50
CA GLU H 125 -113.23 -17.95 68.63
C GLU H 125 -114.04 -16.67 68.49
N SER H 126 -113.75 -15.82 67.49
CA SER H 126 -114.53 -14.61 67.30
C SER H 126 -115.96 -14.92 66.90
N CYS H 127 -116.18 -16.03 66.21
CA CYS H 127 -117.51 -16.46 65.81
C CYS H 127 -118.05 -17.52 66.76
N ASP H 128 -119.23 -18.04 66.46
CA ASP H 128 -119.96 -18.92 67.36
C ASP H 128 -119.75 -20.40 67.04
N CYS H 129 -120.02 -20.82 65.80
CA CYS H 129 -119.98 -22.23 65.42
C CYS H 129 -119.24 -22.36 64.10
N LEU H 130 -118.01 -22.89 64.17
CA LEU H 130 -117.21 -23.04 62.97
C LEU H 130 -117.77 -24.16 62.09
N GLN H 131 -117.75 -23.93 60.78
CA GLN H 131 -117.96 -25.03 59.85
C GLN H 131 -116.63 -25.70 59.52
N GLY H 132 -115.60 -24.91 59.23
CA GLY H 132 -114.29 -25.45 58.97
C GLY H 132 -113.33 -24.37 58.52
N PHE H 133 -112.12 -24.80 58.19
CA PHE H 133 -111.07 -23.95 57.67
C PHE H 133 -110.82 -24.26 56.20
N GLN H 134 -110.14 -23.32 55.52
CA GLN H 134 -109.98 -23.37 54.07
C GLN H 134 -108.58 -22.85 53.76
N VAL H 135 -107.69 -23.76 53.34
CA VAL H 135 -106.26 -23.46 53.18
C VAL H 135 -105.89 -23.59 51.71
N CYS H 136 -105.29 -22.55 51.16
CA CYS H 136 -104.79 -22.54 49.79
C CYS H 136 -103.27 -22.49 49.82
N HIS H 137 -102.63 -23.50 49.25
CA HIS H 137 -101.17 -23.58 49.29
C HIS H 137 -100.69 -24.45 48.14
N SER H 138 -99.39 -24.71 48.11
CA SER H 138 -98.75 -25.54 47.10
C SER H 138 -98.11 -26.76 47.75
N LEU H 139 -97.52 -27.61 46.91
CA LEU H 139 -96.76 -28.76 47.39
C LEU H 139 -95.36 -28.81 46.82
N GLY H 140 -94.93 -27.79 46.08
CA GLY H 140 -93.58 -27.75 45.56
C GLY H 140 -92.67 -26.81 46.33
N GLY H 141 -93.16 -25.63 46.66
CA GLY H 141 -92.36 -24.66 47.38
C GLY H 141 -92.11 -25.07 48.82
N GLY H 142 -91.24 -24.33 49.48
CA GLY H 142 -90.93 -24.63 50.87
C GLY H 142 -91.78 -23.87 51.87
N THR H 143 -91.78 -22.54 51.80
CA THR H 143 -92.52 -21.75 52.78
C THR H 143 -94.03 -21.89 52.63
N GLY H 144 -94.50 -22.33 51.46
CA GLY H 144 -95.91 -22.59 51.28
C GLY H 144 -96.28 -23.95 51.79
N SER H 145 -95.64 -24.98 51.22
CA SER H 145 -95.99 -26.36 51.56
C SER H 145 -95.65 -26.66 53.02
N GLY H 146 -94.37 -26.56 53.38
CA GLY H 146 -93.95 -26.96 54.71
C GLY H 146 -94.64 -26.20 55.82
N MET H 147 -94.64 -24.88 55.74
CA MET H 147 -95.27 -24.08 56.79
C MET H 147 -96.77 -24.32 56.81
N GLY H 148 -97.42 -24.29 55.64
CA GLY H 148 -98.83 -24.57 55.58
C GLY H 148 -99.16 -25.96 56.11
N THR H 149 -98.26 -26.92 55.84
CA THR H 149 -98.47 -28.29 56.30
C THR H 149 -98.43 -28.36 57.83
N LEU H 150 -97.45 -27.70 58.44
CA LEU H 150 -97.37 -27.67 59.89
C LEU H 150 -98.58 -26.98 60.50
N LEU H 151 -99.08 -25.93 59.85
CA LEU H 151 -100.29 -25.27 60.32
C LEU H 151 -101.48 -26.21 60.35
N ILE H 152 -101.61 -27.05 59.32
CA ILE H 152 -102.68 -28.05 59.32
C ILE H 152 -102.56 -28.95 60.53
N SER H 153 -101.35 -29.43 60.84
CA SER H 153 -101.17 -30.33 61.97
C SER H 153 -101.49 -29.66 63.29
N LYS H 154 -101.06 -28.41 63.47
CA LYS H 154 -101.33 -27.68 64.72
C LYS H 154 -102.82 -27.43 64.91
N ILE H 155 -103.53 -27.16 63.83
CA ILE H 155 -104.95 -26.83 63.94
C ILE H 155 -105.75 -28.05 64.38
N ARG H 156 -105.50 -29.20 63.77
CA ARG H 156 -106.15 -30.43 64.19
C ARG H 156 -105.92 -30.79 65.64
N GLU H 157 -104.84 -30.34 66.25
CA GLU H 157 -104.65 -30.66 67.66
C GLU H 157 -105.55 -29.80 68.53
N GLU H 158 -105.78 -28.57 68.11
CA GLU H 158 -106.63 -27.65 68.87
C GLU H 158 -108.10 -27.80 68.49
N TYR H 159 -108.40 -28.05 67.22
CA TYR H 159 -109.78 -28.08 66.73
C TYR H 159 -110.01 -29.40 65.99
N PRO H 160 -110.28 -30.48 66.71
CA PRO H 160 -110.34 -31.80 66.05
C PRO H 160 -111.68 -32.13 65.40
N ASP H 161 -112.77 -31.47 65.80
CA ASP H 161 -114.10 -31.78 65.29
C ASP H 161 -114.55 -30.87 64.16
N ARG H 162 -113.68 -30.00 63.66
CA ARG H 162 -114.02 -29.06 62.63
C ARG H 162 -113.48 -29.51 61.27
N MET H 163 -114.22 -29.16 60.22
CA MET H 163 -113.83 -29.55 58.88
C MET H 163 -112.59 -28.77 58.44
N MET H 164 -112.05 -29.15 57.29
CA MET H 164 -110.77 -28.59 56.84
C MET H 164 -110.62 -28.84 55.35
N LEU H 165 -110.49 -27.78 54.57
CA LEU H 165 -110.28 -27.89 53.13
C LEU H 165 -108.85 -27.48 52.79
N THR H 166 -108.25 -28.16 51.83
CA THR H 166 -106.93 -27.83 51.34
C THR H 166 -106.95 -27.86 49.82
N PHE H 167 -106.88 -26.69 49.20
CA PHE H 167 -106.73 -26.56 47.76
C PHE H 167 -105.24 -26.58 47.47
N SER H 168 -104.72 -27.74 47.07
CA SER H 168 -103.29 -27.95 46.91
C SER H 168 -102.96 -28.25 45.47
N VAL H 169 -101.97 -27.57 44.93
CA VAL H 169 -101.46 -27.88 43.60
C VAL H 169 -100.28 -28.82 43.76
N VAL H 170 -100.10 -29.72 42.79
CA VAL H 170 -99.00 -30.69 42.87
C VAL H 170 -98.04 -30.46 41.71
N PRO H 171 -96.77 -30.83 41.84
CA PRO H 171 -95.85 -30.72 40.72
C PRO H 171 -96.04 -31.85 39.73
N SER H 172 -95.82 -31.53 38.46
CA SER H 172 -95.87 -32.48 37.35
C SER H 172 -94.58 -32.39 36.55
N PRO H 173 -94.10 -33.51 36.00
CA PRO H 173 -92.83 -33.44 35.25
C PRO H 173 -92.93 -32.60 33.99
N LYS H 174 -94.12 -32.46 33.42
CA LYS H 174 -94.29 -31.60 32.26
C LYS H 174 -94.22 -30.13 32.65
N VAL H 175 -94.82 -29.77 33.79
CA VAL H 175 -94.70 -28.42 34.34
C VAL H 175 -93.91 -28.49 35.64
N SER H 176 -92.58 -28.36 35.54
CA SER H 176 -91.68 -28.53 36.68
C SER H 176 -90.95 -27.22 36.94
N ASP H 177 -91.24 -26.61 38.08
CA ASP H 177 -90.64 -25.31 38.40
C ASP H 177 -89.22 -25.46 38.90
N THR H 178 -89.05 -26.13 40.04
CA THR H 178 -87.77 -26.27 40.72
C THR H 178 -87.24 -27.69 40.53
N VAL H 179 -86.11 -27.97 41.18
CA VAL H 179 -85.40 -29.22 40.99
C VAL H 179 -85.75 -30.16 42.13
N VAL H 180 -86.12 -29.59 43.27
CA VAL H 180 -86.42 -30.38 44.46
C VAL H 180 -87.93 -30.62 44.60
N GLU H 181 -88.68 -30.51 43.51
CA GLU H 181 -90.12 -30.75 43.55
C GLU H 181 -90.51 -32.08 44.18
N PRO H 182 -89.97 -33.23 43.76
CA PRO H 182 -90.43 -34.48 44.37
C PRO H 182 -90.07 -34.60 45.84
N TYR H 183 -88.98 -33.98 46.28
CA TYR H 183 -88.61 -34.03 47.69
C TYR H 183 -89.64 -33.32 48.54
N ASN H 184 -90.31 -32.30 47.99
CA ASN H 184 -91.36 -31.59 48.71
C ASN H 184 -92.70 -32.26 48.58
N ALA H 185 -93.05 -32.73 47.38
CA ALA H 185 -94.37 -33.33 47.16
C ALA H 185 -94.55 -34.59 48.00
N THR H 186 -93.52 -35.44 48.05
CA THR H 186 -93.64 -36.70 48.79
C THR H 186 -93.85 -36.45 50.28
N LEU H 187 -93.07 -35.54 50.85
CA LEU H 187 -93.18 -35.25 52.28
C LEU H 187 -94.51 -34.57 52.59
N SER H 188 -94.96 -33.67 51.72
CA SER H 188 -96.23 -32.98 51.95
C SER H 188 -97.40 -33.95 51.95
N VAL H 189 -97.38 -34.93 51.04
CA VAL H 189 -98.43 -35.94 51.02
C VAL H 189 -98.39 -36.79 52.29
N HIS H 190 -97.18 -37.10 52.76
CA HIS H 190 -97.04 -37.89 54.00
C HIS H 190 -97.78 -37.26 55.17
N GLN H 191 -97.84 -35.93 55.23
CA GLN H 191 -98.60 -35.27 56.28
C GLN H 191 -100.07 -35.09 55.92
N LEU H 192 -100.37 -34.89 54.62
CA LEU H 192 -101.75 -34.67 54.20
C LEU H 192 -102.62 -35.90 54.41
N VAL H 193 -102.07 -37.09 54.18
CA VAL H 193 -102.89 -38.29 54.21
C VAL H 193 -103.44 -38.58 55.59
N GLU H 194 -102.79 -38.07 56.64
CA GLU H 194 -103.25 -38.25 58.01
C GLU H 194 -103.85 -36.99 58.64
N ASN H 195 -103.71 -35.83 58.01
CA ASN H 195 -104.18 -34.58 58.61
C ASN H 195 -105.37 -33.95 57.90
N ALA H 196 -105.31 -33.79 56.59
CA ALA H 196 -106.40 -33.03 55.98
C ALA H 196 -107.66 -33.88 55.92
N ASP H 197 -108.82 -33.21 55.99
CA ASP H 197 -110.08 -33.92 55.88
C ASP H 197 -110.30 -34.38 54.44
N GLU H 198 -110.16 -33.48 53.49
CA GLU H 198 -110.13 -33.83 52.08
C GLU H 198 -109.32 -32.77 51.35
N CYS H 199 -108.76 -33.17 50.21
CA CYS H 199 -107.93 -32.28 49.41
C CYS H 199 -108.43 -32.29 47.98
N MET H 200 -108.44 -31.12 47.37
CA MET H 200 -108.80 -30.97 45.96
C MET H 200 -107.51 -30.74 45.19
N VAL H 201 -107.05 -31.80 44.52
CA VAL H 201 -105.76 -31.79 43.85
C VAL H 201 -105.81 -30.94 42.59
N LEU H 202 -104.84 -30.05 42.44
CA LEU H 202 -104.69 -29.23 41.25
C LEU H 202 -103.26 -29.40 40.74
N ASP H 203 -103.02 -28.90 39.54
CA ASP H 203 -101.68 -28.88 38.96
C ASP H 203 -101.70 -27.94 37.76
N ASN H 204 -100.53 -27.40 37.43
CA ASN H 204 -100.47 -26.43 36.35
C ASN H 204 -100.54 -27.06 34.98
N GLU H 205 -100.17 -28.34 34.83
CA GLU H 205 -100.23 -28.97 33.52
C GLU H 205 -101.66 -29.06 33.01
N ALA H 206 -102.56 -29.59 33.84
CA ALA H 206 -103.96 -29.66 33.42
C ALA H 206 -104.57 -28.28 33.27
N LEU H 207 -104.13 -27.32 34.09
CA LEU H 207 -104.66 -25.96 33.98
C LEU H 207 -104.20 -25.30 32.69
N TYR H 208 -102.93 -25.45 32.33
CA TYR H 208 -102.47 -24.94 31.05
C TYR H 208 -103.17 -25.64 29.89
N ASP H 209 -103.45 -26.94 30.06
CA ASP H 209 -104.15 -27.69 29.02
C ASP H 209 -105.59 -27.21 28.86
N ILE H 210 -106.25 -26.88 29.97
CA ILE H 210 -107.62 -26.38 29.88
C ILE H 210 -107.66 -25.06 29.14
N CYS H 211 -106.76 -24.15 29.49
CA CYS H 211 -106.71 -22.84 28.86
C CYS H 211 -106.29 -22.93 27.40
N PHE H 212 -105.60 -24.00 27.00
CA PHE H 212 -105.29 -24.19 25.59
C PHE H 212 -106.53 -24.64 24.81
N ARG H 213 -107.12 -25.77 25.19
CA ARG H 213 -108.17 -26.34 24.36
C ARG H 213 -109.50 -25.63 24.57
N THR H 214 -110.01 -25.64 25.80
CA THR H 214 -111.37 -25.14 26.02
C THR H 214 -111.41 -23.62 25.99
N LEU H 215 -110.54 -22.98 26.76
CA LEU H 215 -110.57 -21.52 26.81
C LEU H 215 -109.96 -20.91 25.56
N LYS H 216 -109.07 -21.64 24.89
CA LYS H 216 -108.41 -21.19 23.67
C LYS H 216 -107.76 -19.82 23.87
N LEU H 217 -107.16 -19.63 25.03
CA LEU H 217 -106.46 -18.40 25.33
C LEU H 217 -105.07 -18.43 24.72
N THR H 218 -104.57 -17.25 24.33
CA THR H 218 -103.24 -17.19 23.74
C THR H 218 -102.17 -17.15 24.82
N THR H 219 -102.29 -16.21 25.77
CA THR H 219 -101.29 -16.04 26.82
C THR H 219 -101.96 -16.18 28.19
N PRO H 220 -102.13 -17.41 28.67
CA PRO H 220 -102.69 -17.61 30.01
C PRO H 220 -101.72 -17.33 31.14
N THR H 221 -101.63 -16.07 31.57
CA THR H 221 -100.80 -15.73 32.72
C THR H 221 -101.40 -16.31 34.00
N PHE H 222 -100.71 -16.10 35.12
CA PHE H 222 -101.17 -16.64 36.39
C PHE H 222 -102.48 -16.05 36.85
N GLY H 223 -102.88 -14.90 36.32
CA GLY H 223 -104.15 -14.31 36.74
C GLY H 223 -105.34 -15.18 36.42
N ASP H 224 -105.38 -15.76 35.22
CA ASP H 224 -106.50 -16.58 34.79
C ASP H 224 -106.51 -17.95 35.46
N LEU H 225 -105.34 -18.57 35.64
CA LEU H 225 -105.29 -19.83 36.37
C LEU H 225 -105.84 -19.64 37.78
N ASN H 226 -105.36 -18.62 38.48
CA ASN H 226 -105.90 -18.30 39.79
C ASN H 226 -107.38 -17.94 39.71
N HIS H 227 -107.81 -17.42 38.55
CA HIS H 227 -109.23 -17.13 38.35
C HIS H 227 -110.05 -18.41 38.24
N LEU H 228 -109.49 -19.45 37.61
CA LEU H 228 -110.20 -20.72 37.48
C LEU H 228 -110.32 -21.42 38.83
N ILE H 229 -109.23 -21.46 39.58
CA ILE H 229 -109.25 -22.09 40.89
C ILE H 229 -110.20 -21.34 41.83
N SER H 230 -110.26 -20.02 41.69
CA SER H 230 -111.18 -19.22 42.50
C SER H 230 -112.64 -19.54 42.21
N ALA H 231 -112.99 -19.70 40.94
CA ALA H 231 -114.36 -20.08 40.59
C ALA H 231 -114.74 -21.42 41.19
N VAL H 232 -113.79 -22.34 41.32
CA VAL H 232 -114.07 -23.62 41.95
C VAL H 232 -114.38 -23.44 43.43
N MET H 233 -113.57 -22.63 44.11
CA MET H 233 -113.76 -22.45 45.55
C MET H 233 -115.02 -21.67 45.87
N SER H 234 -115.41 -20.73 45.02
CA SER H 234 -116.69 -20.06 45.21
C SER H 234 -117.86 -21.00 45.00
N GLY H 235 -117.76 -21.90 44.02
CA GLY H 235 -118.84 -22.83 43.76
C GLY H 235 -119.06 -23.88 44.83
N ILE H 236 -118.00 -24.25 45.56
CA ILE H 236 -118.14 -25.36 46.50
C ILE H 236 -118.85 -24.94 47.79
N THR H 237 -118.82 -23.67 48.14
CA THR H 237 -119.45 -23.21 49.37
C THR H 237 -120.69 -22.37 49.11
N CYS H 238 -121.22 -22.40 47.89
CA CYS H 238 -122.43 -21.66 47.58
C CYS H 238 -123.61 -22.16 48.39
N CYS H 239 -123.58 -23.44 48.79
CA CYS H 239 -124.72 -24.01 49.50
C CYS H 239 -124.93 -23.34 50.86
N LEU H 240 -123.84 -22.92 51.50
CA LEU H 240 -123.98 -22.23 52.77
C LEU H 240 -124.54 -20.82 52.58
N ARG H 241 -124.02 -20.12 51.56
CA ARG H 241 -124.28 -18.70 51.41
C ARG H 241 -125.61 -18.39 50.73
N PHE H 242 -126.31 -19.39 50.21
CA PHE H 242 -127.53 -19.12 49.47
C PHE H 242 -128.52 -20.26 49.59
N PRO H 243 -129.81 -19.98 49.70
CA PRO H 243 -130.81 -21.05 49.78
C PRO H 243 -130.88 -21.84 48.49
N GLY H 244 -131.39 -23.07 48.62
CA GLY H 244 -131.50 -23.96 47.47
C GLY H 244 -132.69 -24.88 47.62
N GLN H 245 -132.99 -25.59 46.53
CA GLN H 245 -134.05 -26.60 46.58
C GLN H 245 -133.57 -27.92 47.16
N LEU H 246 -132.26 -28.10 47.29
CA LEU H 246 -131.69 -29.25 47.96
C LEU H 246 -130.31 -28.82 48.44
N ASN H 247 -130.16 -28.63 49.74
CA ASN H 247 -128.94 -28.07 50.29
C ASN H 247 -127.95 -29.18 50.64
N ALA H 248 -126.67 -28.87 50.49
CA ALA H 248 -125.60 -29.83 50.76
C ALA H 248 -124.37 -29.01 51.18
N ASP H 249 -124.12 -28.95 52.47
CA ASP H 249 -123.01 -28.18 52.99
C ASP H 249 -121.71 -28.97 52.82
N LEU H 250 -120.64 -28.48 53.45
CA LEU H 250 -119.34 -29.13 53.30
C LEU H 250 -119.33 -30.53 53.90
N ARG H 251 -119.86 -30.66 55.12
CA ARG H 251 -119.85 -31.95 55.81
C ARG H 251 -120.59 -33.02 55.02
N LYS H 252 -121.71 -32.68 54.39
CA LYS H 252 -122.46 -33.67 53.63
C LYS H 252 -121.74 -34.14 52.37
N LEU H 253 -120.92 -33.29 51.76
CA LEU H 253 -120.13 -33.74 50.63
C LEU H 253 -119.04 -34.70 51.06
N ALA H 254 -118.38 -34.43 52.18
CA ALA H 254 -117.32 -35.32 52.66
C ALA H 254 -117.84 -36.72 52.96
N VAL H 255 -118.95 -36.82 53.69
CA VAL H 255 -119.46 -38.13 54.07
C VAL H 255 -120.02 -38.89 52.87
N ASN H 256 -120.44 -38.19 51.82
CA ASN H 256 -120.93 -38.86 50.62
C ASN H 256 -119.82 -39.30 49.67
N LEU H 257 -118.62 -38.75 49.79
CA LEU H 257 -117.57 -38.95 48.81
C LEU H 257 -116.46 -39.86 49.28
N ILE H 258 -116.23 -39.96 50.58
CA ILE H 258 -115.08 -40.67 51.13
C ILE H 258 -115.54 -42.01 51.69
N PRO H 259 -115.33 -43.12 50.99
CA PRO H 259 -115.76 -44.41 51.53
C PRO H 259 -114.80 -44.96 52.55
N PHE H 260 -113.52 -44.63 52.43
CA PHE H 260 -112.51 -45.14 53.35
C PHE H 260 -111.62 -44.00 53.84
N PRO H 261 -111.22 -44.04 55.12
CA PRO H 261 -110.65 -42.84 55.75
C PRO H 261 -109.34 -42.33 55.16
N ARG H 262 -108.69 -43.06 54.26
CA ARG H 262 -107.47 -42.59 53.62
C ARG H 262 -107.71 -42.12 52.19
N LEU H 263 -108.95 -42.19 51.70
CA LEU H 263 -109.26 -41.86 50.32
C LEU H 263 -109.86 -40.45 50.24
N HIS H 264 -109.02 -39.44 50.44
CA HIS H 264 -109.51 -38.06 50.47
C HIS H 264 -108.64 -37.15 49.62
N PHE H 265 -108.36 -37.56 48.39
CA PHE H 265 -107.71 -36.73 47.38
C PHE H 265 -108.63 -36.66 46.18
N PHE H 266 -109.27 -35.50 45.98
CA PHE H 266 -110.27 -35.36 44.94
C PHE H 266 -109.71 -34.65 43.72
N MET H 267 -110.30 -34.96 42.57
CA MET H 267 -110.07 -34.22 41.34
C MET H 267 -111.27 -33.33 41.07
N VAL H 268 -111.02 -32.15 40.49
CA VAL H 268 -112.06 -31.15 40.35
C VAL H 268 -112.19 -30.71 38.91
N GLY H 269 -113.40 -30.29 38.54
CA GLY H 269 -113.65 -29.65 37.27
C GLY H 269 -114.66 -28.54 37.44
N PHE H 270 -114.86 -27.78 36.37
CA PHE H 270 -115.82 -26.69 36.41
C PHE H 270 -116.46 -26.51 35.05
N THR H 271 -117.74 -26.09 35.06
CA THR H 271 -118.57 -25.93 33.89
C THR H 271 -119.52 -24.78 34.20
N PRO H 272 -119.80 -23.90 33.23
CA PRO H 272 -119.30 -23.94 31.86
C PRO H 272 -118.04 -23.11 31.64
N LEU H 273 -117.20 -23.58 30.72
CA LEU H 273 -115.97 -22.89 30.34
C LEU H 273 -115.97 -22.81 28.83
N THR H 274 -116.07 -21.59 28.28
CA THR H 274 -116.11 -21.41 26.85
C THR H 274 -115.27 -20.21 26.43
N SER H 275 -114.75 -20.27 25.22
CA SER H 275 -113.93 -19.21 24.68
C SER H 275 -114.79 -17.96 24.43
N ARG H 276 -114.12 -16.83 24.28
CA ARG H 276 -114.85 -15.59 24.00
C ARG H 276 -115.56 -15.66 22.65
N GLY H 277 -114.94 -16.35 21.68
CA GLY H 277 -115.53 -16.43 20.35
C GLY H 277 -116.82 -17.23 20.33
N SER H 278 -116.82 -18.38 20.99
CA SER H 278 -117.97 -19.26 21.04
C SER H 278 -118.90 -18.96 22.20
N GLN H 279 -118.87 -17.73 22.73
CA GLN H 279 -119.62 -17.45 23.94
C GLN H 279 -121.10 -17.28 23.67
N GLN H 280 -121.47 -16.73 22.51
CA GLN H 280 -122.86 -16.53 22.16
C GLN H 280 -123.38 -17.62 21.21
N TYR H 281 -122.49 -18.50 20.74
CA TYR H 281 -122.86 -19.59 19.87
C TYR H 281 -123.25 -20.85 20.63
N ARG H 282 -123.49 -20.76 21.92
CA ARG H 282 -123.69 -21.94 22.74
C ARG H 282 -125.00 -21.86 23.50
N ALA H 283 -125.46 -23.03 23.96
CA ALA H 283 -126.63 -23.13 24.83
C ALA H 283 -126.21 -23.44 26.26
N LEU H 284 -127.13 -23.21 27.19
CA LEU H 284 -126.94 -23.47 28.61
C LEU H 284 -128.03 -24.43 29.07
N THR H 285 -127.80 -25.73 28.92
CA THR H 285 -128.76 -26.72 29.39
C THR H 285 -128.05 -27.74 30.27
N VAL H 286 -128.83 -28.39 31.12
CA VAL H 286 -128.26 -29.39 32.03
C VAL H 286 -127.59 -30.56 31.32
N PRO H 287 -128.15 -31.14 30.25
CA PRO H 287 -127.39 -32.17 29.54
C PRO H 287 -126.08 -31.68 28.95
N GLU H 288 -126.06 -30.46 28.40
CA GLU H 288 -124.84 -29.93 27.84
C GLU H 288 -123.77 -29.71 28.90
N LEU H 289 -124.17 -29.24 30.08
CA LEU H 289 -123.20 -29.06 31.17
C LEU H 289 -122.69 -30.40 31.66
N THR H 290 -123.52 -31.45 31.58
CA THR H 290 -123.09 -32.75 32.06
C THR H 290 -122.05 -33.36 31.13
N GLN H 291 -122.18 -33.10 29.81
CA GLN H 291 -121.17 -33.61 28.88
C GLN H 291 -119.84 -32.88 29.06
N GLN H 292 -119.89 -31.64 29.54
CA GLN H 292 -118.66 -30.93 29.88
C GLN H 292 -118.16 -31.31 31.26
N MET H 293 -119.05 -31.75 32.14
CA MET H 293 -118.66 -32.18 33.47
C MET H 293 -117.86 -33.48 33.40
N TRP H 294 -118.46 -34.52 32.84
CA TRP H 294 -117.86 -35.84 32.78
C TRP H 294 -116.80 -36.00 31.70
N ASP H 295 -116.48 -34.93 30.97
CA ASP H 295 -115.37 -35.01 30.03
C ASP H 295 -114.07 -35.24 30.80
N ALA H 296 -113.21 -36.09 30.25
CA ALA H 296 -111.96 -36.38 30.93
C ALA H 296 -110.91 -35.31 30.71
N LYS H 297 -111.04 -34.52 29.64
CA LYS H 297 -110.13 -33.42 29.38
C LYS H 297 -110.55 -32.14 30.10
N ASN H 298 -111.43 -32.25 31.09
CA ASN H 298 -111.88 -31.10 31.86
C ASN H 298 -111.52 -31.23 33.34
N MET H 299 -110.92 -32.34 33.74
CA MET H 299 -110.41 -32.45 35.09
C MET H 299 -109.19 -31.55 35.24
N MET H 300 -108.99 -31.04 36.45
CA MET H 300 -107.88 -30.15 36.73
C MET H 300 -106.74 -30.87 37.44
N CYS H 301 -106.54 -32.14 37.12
CA CYS H 301 -105.35 -32.89 37.50
C CYS H 301 -104.77 -33.57 36.28
N ALA H 302 -103.49 -33.93 36.37
CA ALA H 302 -102.87 -34.72 35.31
C ALA H 302 -103.04 -36.22 35.53
N ALA H 303 -104.28 -36.63 35.79
CA ALA H 303 -104.60 -38.04 36.01
C ALA H 303 -105.92 -38.30 35.27
N ASP H 304 -105.82 -38.93 34.10
CA ASP H 304 -106.97 -39.24 33.27
C ASP H 304 -107.87 -40.24 33.98
N PRO H 305 -109.07 -39.84 34.38
CA PRO H 305 -109.94 -40.76 35.14
C PRO H 305 -110.42 -41.96 34.34
N ARG H 306 -110.41 -41.91 33.01
CA ARG H 306 -110.81 -43.06 32.22
C ARG H 306 -109.72 -44.14 32.14
N HIS H 307 -108.59 -43.97 32.80
CA HIS H 307 -107.64 -45.06 32.98
C HIS H 307 -107.94 -45.89 34.22
N GLY H 308 -109.03 -45.61 34.91
CA GLY H 308 -109.41 -46.37 36.07
C GLY H 308 -110.89 -46.29 36.29
N ARG H 309 -111.29 -46.50 37.53
CA ARG H 309 -112.69 -46.46 37.92
C ARG H 309 -112.97 -45.25 38.80
N TYR H 310 -114.24 -44.85 38.82
CA TYR H 310 -114.72 -43.90 39.82
C TYR H 310 -115.16 -44.63 41.07
N LEU H 311 -114.90 -44.03 42.22
CA LEU H 311 -115.51 -44.49 43.47
C LEU H 311 -116.83 -43.77 43.73
N THR H 312 -116.79 -42.44 43.84
CA THR H 312 -117.97 -41.63 44.00
C THR H 312 -117.77 -40.35 43.18
N ALA H 313 -118.84 -39.56 43.03
CA ALA H 313 -118.75 -38.30 42.31
C ALA H 313 -119.89 -37.40 42.76
N SER H 314 -119.69 -36.10 42.64
CA SER H 314 -120.68 -35.11 43.04
C SER H 314 -120.73 -33.97 42.05
N ALA H 315 -121.88 -33.31 41.97
CA ALA H 315 -122.10 -32.19 41.08
C ALA H 315 -122.94 -31.16 41.82
N LEU H 316 -122.39 -29.98 42.04
CA LEU H 316 -123.09 -28.89 42.70
C LEU H 316 -123.57 -27.91 41.64
N PHE H 317 -124.88 -27.76 41.53
CA PHE H 317 -125.47 -26.91 40.50
C PHE H 317 -125.93 -25.59 41.12
N ARG H 318 -125.87 -24.54 40.32
CA ARG H 318 -126.33 -23.21 40.72
C ARG H 318 -127.22 -22.65 39.63
N GLY H 319 -128.39 -22.15 40.02
CA GLY H 319 -129.31 -21.60 39.06
C GLY H 319 -130.70 -22.21 39.18
N ARG H 320 -131.69 -21.55 38.59
CA ARG H 320 -133.07 -22.04 38.63
C ARG H 320 -133.22 -23.28 37.74
N MET H 321 -133.19 -24.46 38.34
CA MET H 321 -133.21 -25.71 37.59
C MET H 321 -134.35 -26.59 38.06
N SER H 322 -134.66 -27.58 37.23
CA SER H 322 -135.68 -28.57 37.50
C SER H 322 -134.97 -29.83 37.98
N THR H 323 -135.24 -30.23 39.23
CA THR H 323 -134.52 -31.35 39.83
C THR H 323 -134.74 -32.64 39.05
N LYS H 324 -135.84 -32.74 38.29
CA LYS H 324 -136.08 -33.94 37.51
C LYS H 324 -134.99 -34.16 36.47
N GLU H 325 -134.60 -33.08 35.78
CA GLU H 325 -133.53 -33.17 34.78
C GLU H 325 -132.22 -33.65 35.40
N VAL H 326 -131.94 -33.22 36.61
CA VAL H 326 -130.74 -33.66 37.31
C VAL H 326 -130.71 -35.18 37.41
N ASP H 327 -131.83 -35.79 37.81
CA ASP H 327 -131.84 -37.22 38.07
C ASP H 327 -131.67 -38.07 36.79
N GLU H 328 -132.33 -37.73 35.69
CA GLU H 328 -132.12 -38.59 34.52
C GLU H 328 -130.73 -38.44 33.94
N GLN H 329 -130.13 -37.25 34.01
CA GLN H 329 -128.76 -37.10 33.55
C GLN H 329 -127.77 -37.91 34.39
N MET H 330 -127.91 -37.88 35.72
CA MET H 330 -127.00 -38.65 36.56
C MET H 330 -127.18 -40.15 36.38
N LEU H 331 -128.42 -40.62 36.20
CA LEU H 331 -128.64 -42.05 36.02
C LEU H 331 -128.18 -42.51 34.64
N ASN H 332 -128.32 -41.66 33.63
CA ASN H 332 -127.86 -42.00 32.29
C ASN H 332 -126.36 -42.17 32.25
N VAL H 333 -125.62 -41.25 32.87
CA VAL H 333 -124.16 -41.36 32.87
C VAL H 333 -123.72 -42.59 33.65
N GLN H 334 -124.53 -43.06 34.60
CA GLN H 334 -124.14 -44.25 35.34
C GLN H 334 -124.50 -45.53 34.60
N ASN H 335 -125.61 -45.54 33.87
CA ASN H 335 -126.01 -46.76 33.18
C ASN H 335 -125.29 -46.93 31.85
N LYS H 336 -124.87 -45.83 31.23
CA LYS H 336 -124.16 -45.92 29.96
C LYS H 336 -122.76 -46.48 30.16
N ASN H 337 -121.92 -45.76 30.90
CA ASN H 337 -120.54 -46.17 31.12
C ASN H 337 -120.43 -46.89 32.47
N SER H 338 -120.95 -48.12 32.48
CA SER H 338 -121.01 -48.86 33.75
C SER H 338 -119.66 -49.45 34.14
N SER H 339 -118.73 -49.59 33.20
CA SER H 339 -117.43 -50.15 33.54
C SER H 339 -116.52 -49.14 34.23
N TYR H 340 -116.68 -47.85 33.89
CA TYR H 340 -115.86 -46.81 34.50
C TYR H 340 -116.25 -46.51 35.94
N PHE H 341 -117.32 -47.11 36.44
CA PHE H 341 -117.78 -46.88 37.80
C PHE H 341 -117.64 -48.17 38.59
N VAL H 342 -117.51 -48.04 39.90
CA VAL H 342 -117.30 -49.20 40.75
C VAL H 342 -118.63 -49.94 40.89
N GLU H 343 -118.54 -51.26 41.05
CA GLU H 343 -119.73 -52.09 41.00
C GLU H 343 -120.39 -52.32 42.35
N TRP H 344 -119.63 -52.40 43.43
CA TRP H 344 -120.19 -52.75 44.73
C TRP H 344 -120.74 -51.53 45.48
N ILE H 345 -120.97 -50.41 44.77
CA ILE H 345 -121.75 -49.30 45.29
C ILE H 345 -122.71 -48.87 44.19
N PRO H 346 -124.03 -49.00 44.38
CA PRO H 346 -124.98 -48.52 43.39
C PRO H 346 -125.31 -47.05 43.56
N ASN H 347 -125.52 -46.39 42.42
CA ASN H 347 -125.86 -44.96 42.38
C ASN H 347 -124.76 -44.14 43.05
N ASN H 348 -123.60 -44.14 42.39
CA ASN H 348 -122.37 -43.51 42.85
C ASN H 348 -122.36 -41.98 42.72
N VAL H 349 -123.49 -41.31 42.54
CA VAL H 349 -123.50 -39.89 42.23
C VAL H 349 -124.35 -39.15 43.26
N LYS H 350 -123.74 -38.13 43.89
CA LYS H 350 -124.42 -37.22 44.80
C LYS H 350 -124.64 -35.88 44.08
N SER H 351 -125.80 -35.27 44.29
CA SER H 351 -126.17 -34.05 43.60
C SER H 351 -126.68 -33.00 44.58
N SER H 352 -126.63 -31.74 44.14
CA SER H 352 -127.10 -30.63 44.97
C SER H 352 -127.46 -29.45 44.07
N VAL H 353 -128.42 -28.65 44.53
CA VAL H 353 -128.93 -27.51 43.77
C VAL H 353 -128.93 -26.27 44.66
N CYS H 354 -128.48 -25.15 44.10
CA CYS H 354 -128.58 -23.84 44.72
C CYS H 354 -129.13 -22.85 43.72
N ASP H 355 -129.95 -21.90 44.19
CA ASP H 355 -130.70 -21.05 43.27
C ASP H 355 -129.95 -19.81 42.82
N ILE H 356 -128.76 -19.54 43.34
CA ILE H 356 -128.04 -18.31 43.01
C ILE H 356 -126.88 -18.67 42.09
N PRO H 357 -126.88 -18.24 40.84
CA PRO H 357 -125.75 -18.49 39.96
C PRO H 357 -124.62 -17.52 40.22
N PRO H 358 -123.42 -17.81 39.74
CA PRO H 358 -122.34 -16.82 39.81
C PRO H 358 -122.63 -15.62 38.94
N LYS H 359 -122.06 -14.48 39.33
CA LYS H 359 -122.33 -13.24 38.61
C LYS H 359 -121.79 -13.34 37.18
N GLY H 360 -122.71 -13.30 36.23
CA GLY H 360 -122.38 -13.33 34.81
C GLY H 360 -122.93 -14.54 34.08
N LEU H 361 -123.26 -15.60 34.80
CA LEU H 361 -123.78 -16.82 34.20
C LEU H 361 -125.20 -17.07 34.67
N LYS H 362 -125.94 -17.83 33.88
CA LYS H 362 -127.29 -18.24 34.24
C LYS H 362 -127.35 -19.58 34.95
N MET H 363 -126.37 -20.45 34.72
CA MET H 363 -126.42 -21.81 35.23
C MET H 363 -125.02 -22.40 35.24
N SER H 364 -124.51 -22.74 36.42
CA SER H 364 -123.15 -23.24 36.55
C SER H 364 -123.15 -24.55 37.32
N ALA H 365 -122.00 -25.21 37.32
CA ALA H 365 -121.85 -26.52 37.93
C ALA H 365 -120.41 -26.71 38.38
N THR H 366 -120.23 -27.54 39.40
CA THR H 366 -118.92 -27.85 39.95
C THR H 366 -118.84 -29.35 40.19
N PHE H 367 -117.81 -30.00 39.66
CA PHE H 367 -117.66 -31.44 39.74
C PHE H 367 -116.53 -31.81 40.69
N ILE H 368 -116.78 -32.83 41.51
CA ILE H 368 -115.80 -33.35 42.46
C ILE H 368 -115.81 -34.86 42.31
N GLY H 369 -114.78 -35.40 41.67
CA GLY H 369 -114.74 -36.84 41.44
C GLY H 369 -113.66 -37.56 42.23
N ASN H 370 -114.07 -38.53 43.04
CA ASN H 370 -113.15 -39.40 43.76
C ASN H 370 -112.93 -40.65 42.93
N SER H 371 -111.92 -40.63 42.07
CA SER H 371 -111.61 -41.74 41.19
C SER H 371 -110.43 -42.55 41.74
N THR H 372 -110.13 -43.65 41.07
CA THR H 372 -108.97 -44.45 41.40
C THR H 372 -107.82 -44.24 40.41
N ALA H 373 -107.97 -43.29 39.49
CA ALA H 373 -106.89 -42.92 38.58
C ALA H 373 -105.85 -42.07 39.27
N ILE H 374 -106.08 -41.71 40.53
CA ILE H 374 -105.15 -40.86 41.27
C ILE H 374 -103.85 -41.58 41.56
N GLN H 375 -103.89 -42.90 41.71
CA GLN H 375 -102.66 -43.66 41.96
C GLN H 375 -101.66 -43.55 40.83
N GLU H 376 -102.09 -43.18 39.62
CA GLU H 376 -101.12 -42.96 38.55
C GLU H 376 -100.23 -41.76 38.85
N MET H 377 -100.81 -40.63 39.26
CA MET H 377 -99.97 -39.45 39.47
C MET H 377 -99.04 -39.66 40.65
N PHE H 378 -99.52 -40.36 41.70
CA PHE H 378 -98.68 -40.57 42.86
C PHE H 378 -97.52 -41.51 42.54
N LYS H 379 -97.77 -42.50 41.69
CA LYS H 379 -96.66 -43.31 41.19
C LYS H 379 -95.78 -42.47 40.26
N ARG H 380 -96.41 -41.60 39.47
CA ARG H 380 -95.69 -40.67 38.59
C ARG H 380 -94.73 -39.80 39.38
N VAL H 381 -95.03 -39.54 40.65
CA VAL H 381 -94.16 -38.75 41.51
C VAL H 381 -93.11 -39.62 42.17
N SER H 382 -93.51 -40.79 42.69
CA SER H 382 -92.59 -41.62 43.44
C SER H 382 -91.43 -42.09 42.58
N GLU H 383 -91.63 -42.16 41.25
CA GLU H 383 -90.53 -42.55 40.38
C GLU H 383 -89.39 -41.53 40.46
N GLN H 384 -89.70 -40.26 40.24
CA GLN H 384 -88.65 -39.24 40.27
C GLN H 384 -88.01 -39.17 41.64
N PHE H 385 -88.83 -39.24 42.69
CA PHE H 385 -88.30 -39.22 44.05
C PHE H 385 -87.38 -40.40 44.30
N THR H 386 -87.76 -41.58 43.79
CA THR H 386 -86.99 -42.79 44.07
C THR H 386 -85.57 -42.68 43.52
N ALA H 387 -85.43 -42.21 42.28
CA ALA H 387 -84.10 -42.15 41.67
C ALA H 387 -83.21 -41.15 42.38
N MET H 388 -83.75 -39.96 42.69
CA MET H 388 -82.93 -38.93 43.31
C MET H 388 -82.49 -39.35 44.71
N PHE H 389 -83.41 -39.93 45.48
CA PHE H 389 -83.09 -40.34 46.84
C PHE H 389 -82.05 -41.45 46.89
N ARG H 390 -82.03 -42.34 45.89
CA ARG H 390 -81.14 -43.50 45.93
C ARG H 390 -79.67 -43.09 46.02
N ARG H 391 -79.27 -42.04 45.30
CA ARG H 391 -77.89 -41.58 45.41
C ARG H 391 -77.76 -40.33 46.29
N LYS H 392 -78.81 -40.01 47.06
CA LYS H 392 -78.77 -38.92 48.04
C LYS H 392 -78.52 -37.56 47.39
N ALA H 393 -79.03 -37.35 46.19
CA ALA H 393 -78.91 -36.04 45.57
C ALA H 393 -79.67 -35.00 46.39
N PHE H 394 -79.07 -33.81 46.51
CA PHE H 394 -79.65 -32.65 47.19
C PHE H 394 -80.02 -32.92 48.65
N LEU H 395 -79.56 -34.03 49.22
CA LEU H 395 -80.05 -34.42 50.53
C LEU H 395 -79.44 -33.62 51.66
N HIS H 396 -78.26 -33.05 51.47
CA HIS H 396 -77.59 -32.45 52.61
C HIS H 396 -78.21 -31.13 52.98
N TRP H 397 -78.82 -30.44 52.02
CA TRP H 397 -79.56 -29.22 52.32
C TRP H 397 -80.77 -29.47 53.20
N TYR H 398 -81.31 -30.69 53.18
CA TYR H 398 -82.33 -31.06 54.17
C TYR H 398 -81.75 -31.71 55.42
N THR H 399 -80.76 -32.59 55.28
CA THR H 399 -80.26 -33.35 56.43
C THR H 399 -79.59 -32.44 57.47
N GLY H 400 -78.84 -31.44 57.01
CA GLY H 400 -78.12 -30.59 57.94
C GLY H 400 -79.03 -29.65 58.72
N GLU H 401 -80.34 -29.89 58.63
CA GLU H 401 -81.34 -29.08 59.29
C GLU H 401 -82.11 -29.84 60.36
N GLY H 402 -82.01 -31.18 60.41
CA GLY H 402 -82.70 -31.95 61.41
C GLY H 402 -83.32 -33.21 60.83
N MET H 403 -83.62 -33.16 59.54
CA MET H 403 -84.18 -34.31 58.84
C MET H 403 -83.12 -35.40 58.66
N ASP H 404 -83.56 -36.66 58.76
CA ASP H 404 -82.69 -37.80 58.60
C ASP H 404 -83.22 -38.66 57.45
N GLU H 405 -82.60 -39.82 57.24
CA GLU H 405 -82.93 -40.60 56.06
C GLU H 405 -84.23 -41.38 56.24
N MET H 406 -84.51 -41.83 57.45
CA MET H 406 -85.73 -42.63 57.69
C MET H 406 -86.99 -41.81 57.43
N GLU H 407 -86.92 -40.49 57.55
CA GLU H 407 -88.07 -39.66 57.22
C GLU H 407 -88.44 -39.77 55.75
N PHE H 408 -87.46 -39.79 54.86
CA PHE H 408 -87.77 -39.94 53.44
C PHE H 408 -88.26 -41.35 53.14
N THR H 409 -87.69 -42.34 53.82
CA THR H 409 -88.17 -43.71 53.67
C THR H 409 -89.61 -43.83 54.18
N GLU H 410 -89.92 -43.13 55.28
CA GLU H 410 -91.28 -43.19 55.81
C GLU H 410 -92.27 -42.56 54.84
N ALA H 411 -91.89 -41.43 54.24
CA ALA H 411 -92.75 -40.81 53.23
C ALA H 411 -92.89 -41.71 52.02
N GLU H 412 -91.82 -42.42 51.67
CA GLU H 412 -91.88 -43.40 50.59
C GLU H 412 -92.90 -44.49 50.90
N SER H 413 -92.85 -45.04 52.11
CA SER H 413 -93.76 -46.12 52.46
C SER H 413 -95.20 -45.65 52.41
N ASN H 414 -95.45 -44.43 52.87
CA ASN H 414 -96.81 -43.88 52.84
C ASN H 414 -97.24 -43.66 51.40
N MET H 415 -96.31 -43.22 50.55
CA MET H 415 -96.62 -43.08 49.14
C MET H 415 -96.89 -44.44 48.52
N ASN H 416 -96.13 -45.46 48.94
CA ASN H 416 -96.23 -46.78 48.33
C ASN H 416 -97.52 -47.50 48.73
N ASP H 417 -97.88 -47.46 50.02
CA ASP H 417 -99.08 -48.16 50.47
C ASP H 417 -100.37 -47.43 50.13
N LEU H 418 -100.33 -46.13 49.88
CA LEU H 418 -101.52 -45.44 49.40
C LEU H 418 -101.90 -45.91 48.01
N VAL H 419 -100.94 -45.93 47.07
CA VAL H 419 -101.26 -46.40 45.74
C VAL H 419 -101.57 -47.89 45.73
N SER H 420 -101.09 -48.64 46.72
CA SER H 420 -101.46 -50.05 46.83
C SER H 420 -102.94 -50.20 47.18
N GLU H 421 -103.44 -49.38 48.11
CA GLU H 421 -104.85 -49.53 48.49
C GLU H 421 -105.77 -48.91 47.45
N TYR H 422 -105.29 -47.93 46.69
CA TYR H 422 -106.07 -47.50 45.53
C TYR H 422 -106.20 -48.63 44.54
N GLN H 423 -105.09 -49.33 44.26
CA GLN H 423 -105.15 -50.51 43.40
C GLN H 423 -106.01 -51.59 44.03
N GLN H 424 -105.92 -51.74 45.35
CA GLN H 424 -106.69 -52.78 46.04
C GLN H 424 -108.18 -52.55 45.89
N TYR H 425 -108.63 -51.32 46.12
CA TYR H 425 -110.04 -50.98 45.97
C TYR H 425 -110.46 -50.86 44.52
N GLN H 426 -109.51 -50.88 43.58
CA GLN H 426 -109.82 -50.81 42.15
C GLN H 426 -110.35 -52.15 41.64
N ARG I 2 -84.10 -6.63 52.68
CA ARG I 2 -83.60 -7.42 51.51
C ARG I 2 -82.36 -6.72 50.96
N GLU I 3 -81.21 -6.85 51.60
CA GLU I 3 -80.01 -6.09 51.17
C GLU I 3 -78.82 -7.01 50.94
N VAL I 4 -77.99 -6.71 49.92
CA VAL I 4 -76.78 -7.52 49.63
C VAL I 4 -75.60 -6.58 49.41
N ILE I 5 -74.48 -6.83 50.11
CA ILE I 5 -73.31 -5.97 49.97
C ILE I 5 -72.29 -6.69 49.09
N SER I 6 -71.47 -5.91 48.41
CA SER I 6 -70.57 -6.42 47.38
C SER I 6 -69.17 -5.89 47.62
N ILE I 7 -68.20 -6.79 47.72
CA ILE I 7 -66.81 -6.40 47.88
C ILE I 7 -66.07 -6.72 46.60
N HIS I 8 -65.06 -5.90 46.28
CA HIS I 8 -64.33 -6.02 45.04
C HIS I 8 -62.85 -6.08 45.36
N ILE I 9 -62.18 -7.14 44.91
CA ILE I 9 -60.78 -7.38 45.27
C ILE I 9 -59.91 -7.31 44.03
N GLY I 10 -58.80 -6.59 44.13
CA GLY I 10 -57.78 -6.62 43.11
C GLY I 10 -58.07 -5.69 41.94
N GLN I 11 -57.12 -5.67 41.00
CA GLN I 11 -57.24 -4.79 39.85
C GLN I 11 -58.41 -5.22 38.98
N ALA I 12 -58.64 -6.52 38.87
CA ALA I 12 -59.74 -7.01 38.06
C ALA I 12 -61.07 -6.84 38.78
N GLY I 13 -61.09 -7.08 40.10
CA GLY I 13 -62.34 -6.97 40.82
C GLY I 13 -62.92 -5.58 40.83
N ILE I 14 -62.08 -4.57 41.10
CA ILE I 14 -62.61 -3.21 41.19
C ILE I 14 -62.86 -2.59 39.82
N GLN I 15 -62.18 -3.06 38.77
CA GLN I 15 -62.53 -2.60 37.43
C GLN I 15 -63.89 -3.17 37.02
N VAL I 16 -64.15 -4.43 37.36
CA VAL I 16 -65.49 -5.00 37.17
C VAL I 16 -66.50 -4.19 37.96
N GLY I 17 -66.15 -3.83 39.20
CA GLY I 17 -67.01 -2.98 40.01
C GLY I 17 -67.27 -1.61 39.42
N ASN I 18 -66.28 -1.05 38.73
CA ASN I 18 -66.48 0.24 38.06
C ASN I 18 -67.59 0.16 37.03
N ALA I 19 -67.82 -1.03 36.46
CA ALA I 19 -68.95 -1.23 35.57
C ALA I 19 -70.22 -1.58 36.32
N CYS I 20 -70.11 -2.35 37.41
CA CYS I 20 -71.30 -2.78 38.13
C CYS I 20 -72.04 -1.60 38.74
N TRP I 21 -71.33 -0.73 39.45
CA TRP I 21 -71.97 0.40 40.12
C TRP I 21 -72.43 1.48 39.16
N GLU I 22 -71.73 1.67 38.04
CA GLU I 22 -72.26 2.54 37.00
C GLU I 22 -73.63 2.07 36.54
N LEU I 23 -73.81 0.76 36.38
CA LEU I 23 -75.09 0.21 35.95
C LEU I 23 -76.15 0.33 37.03
N TYR I 24 -75.78 0.09 38.29
CA TYR I 24 -76.76 0.12 39.37
C TYR I 24 -77.35 1.51 39.56
N CYS I 25 -76.49 2.52 39.70
CA CYS I 25 -76.98 3.88 39.89
C CYS I 25 -77.78 4.37 38.69
N LEU I 26 -77.36 3.97 37.48
CA LEU I 26 -78.14 4.33 36.30
C LEU I 26 -79.49 3.64 36.29
N GLU I 27 -79.58 2.44 36.87
CA GLU I 27 -80.82 1.68 36.81
C GLU I 27 -81.84 2.22 37.80
N HIS I 28 -81.40 2.62 38.98
CA HIS I 28 -82.26 3.23 39.99
C HIS I 28 -82.33 4.75 39.87
N GLY I 29 -81.80 5.31 38.79
CA GLY I 29 -81.86 6.74 38.57
C GLY I 29 -81.06 7.55 39.56
N ASP I 47 -87.59 2.75 47.34
CA ASP I 47 -87.54 1.58 48.22
C ASP I 47 -86.84 0.41 47.56
N ALA I 48 -87.00 0.30 46.23
CA ALA I 48 -86.33 -0.76 45.49
C ALA I 48 -84.82 -0.60 45.52
N PHE I 49 -84.32 0.64 45.58
CA PHE I 49 -82.89 0.91 45.68
C PHE I 49 -82.30 0.53 47.03
N ASN I 50 -83.13 0.25 48.03
CA ASN I 50 -82.61 0.02 49.38
C ASN I 50 -81.64 -1.15 49.44
N THR I 51 -81.78 -2.12 48.53
CA THR I 51 -80.92 -3.31 48.59
C THR I 51 -79.48 -3.00 48.22
N PHE I 52 -79.23 -1.87 47.57
CA PHE I 52 -77.89 -1.46 47.17
C PHE I 52 -77.46 -0.10 47.70
N PHE I 53 -78.41 0.79 47.98
CA PHE I 53 -78.08 2.14 48.41
C PHE I 53 -78.66 2.45 49.79
N VAL I 62 -75.09 6.38 49.60
CA VAL I 62 -73.81 5.70 49.56
C VAL I 62 -74.00 4.23 49.20
N PRO I 63 -73.11 3.69 48.37
CA PRO I 63 -73.22 2.28 48.00
C PRO I 63 -72.77 1.37 49.14
N ARG I 64 -73.20 0.12 49.05
CA ARG I 64 -72.80 -0.90 50.01
C ARG I 64 -71.64 -1.71 49.44
N CYS I 65 -70.50 -1.05 49.29
CA CYS I 65 -69.34 -1.66 48.64
C CYS I 65 -68.08 -1.27 49.37
N ILE I 66 -67.04 -2.08 49.19
CA ILE I 66 -65.67 -1.73 49.58
C ILE I 66 -64.75 -2.19 48.46
N PHE I 67 -64.19 -1.24 47.73
CA PHE I 67 -63.04 -1.55 46.88
C PHE I 67 -61.83 -1.76 47.76
N LEU I 68 -61.06 -2.81 47.51
CA LEU I 68 -59.81 -2.98 48.24
C LEU I 68 -58.75 -3.59 47.34
N ASP I 69 -57.54 -3.06 47.44
CA ASP I 69 -56.43 -3.43 46.58
C ASP I 69 -55.14 -3.08 47.30
N LEU I 70 -54.05 -3.68 46.84
CA LEU I 70 -52.75 -3.47 47.46
C LEU I 70 -51.94 -2.40 46.72
N GLU I 71 -52.28 -2.10 45.47
CA GLU I 71 -51.67 -1.05 44.69
C GLU I 71 -52.62 0.14 44.63
N PRO I 72 -52.15 1.36 44.91
CA PRO I 72 -53.04 2.52 44.97
C PRO I 72 -53.35 3.16 43.63
N THR I 73 -52.86 2.64 42.50
CA THR I 73 -53.04 3.34 41.25
C THR I 73 -54.47 3.21 40.72
N VAL I 74 -55.06 2.02 40.82
CA VAL I 74 -56.40 1.81 40.31
C VAL I 74 -57.46 2.37 41.26
N VAL I 75 -57.18 2.38 42.57
CA VAL I 75 -58.13 2.91 43.55
C VAL I 75 -58.25 4.42 43.41
N ASP I 76 -57.12 5.10 43.26
CA ASP I 76 -57.12 6.55 43.05
C ASP I 76 -57.69 6.95 41.70
N GLU I 77 -57.80 6.02 40.75
CA GLU I 77 -58.61 6.28 39.57
C GLU I 77 -60.06 6.47 39.95
N VAL I 78 -60.55 5.69 40.90
CA VAL I 78 -61.90 5.89 41.42
C VAL I 78 -62.01 7.20 42.21
N ARG I 79 -60.98 7.53 42.99
CA ARG I 79 -61.03 8.72 43.82
C ARG I 79 -61.02 10.01 43.01
N THR I 80 -60.39 10.00 41.83
CA THR I 80 -60.36 11.20 41.00
C THR I 80 -61.34 11.10 39.82
N GLY I 81 -62.12 10.04 39.75
CA GLY I 81 -63.03 9.87 38.63
C GLY I 81 -64.25 10.75 38.67
N THR I 82 -65.33 10.28 38.05
CA THR I 82 -66.59 11.02 38.08
C THR I 82 -67.38 10.69 39.34
N TYR I 83 -67.23 9.48 39.85
CA TYR I 83 -67.92 9.06 41.07
C TYR I 83 -67.07 9.35 42.29
N ARG I 84 -66.58 10.59 42.38
CA ARG I 84 -65.82 11.00 43.56
C ARG I 84 -66.74 11.18 44.76
N GLN I 85 -67.96 11.66 44.54
CA GLN I 85 -68.86 11.95 45.65
C GLN I 85 -69.72 10.75 46.02
N LEU I 86 -69.94 9.82 45.10
CA LEU I 86 -70.85 8.71 45.38
C LEU I 86 -70.31 7.80 46.47
N PHE I 87 -69.02 7.48 46.43
CA PHE I 87 -68.46 6.51 47.35
C PHE I 87 -67.99 7.23 48.61
N HIS I 88 -68.31 6.69 49.77
CA HIS I 88 -67.78 7.25 51.00
C HIS I 88 -66.26 7.09 50.99
N PRO I 89 -65.51 8.08 51.46
CA PRO I 89 -64.05 8.01 51.32
C PRO I 89 -63.40 6.78 51.96
N GLU I 90 -63.85 6.37 53.14
CA GLU I 90 -63.19 5.23 53.80
C GLU I 90 -63.42 3.91 53.05
N GLN I 91 -64.57 3.76 52.38
CA GLN I 91 -64.88 2.48 51.73
C GLN I 91 -63.80 2.10 50.73
N LEU I 92 -63.22 3.07 50.06
CA LEU I 92 -62.14 2.82 49.11
C LEU I 92 -60.88 2.47 49.90
N ILE I 93 -60.57 1.18 49.98
CA ILE I 93 -59.37 0.70 50.67
C ILE I 93 -58.25 0.54 49.65
N SER I 94 -57.06 1.00 50.02
CA SER I 94 -55.90 0.92 49.14
C SER I 94 -54.66 0.66 49.99
N GLY I 95 -53.85 -0.31 49.58
CA GLY I 95 -52.62 -0.63 50.27
C GLY I 95 -51.49 0.28 49.86
N LYS I 96 -50.28 -0.12 50.24
CA LYS I 96 -49.09 0.68 49.98
C LYS I 96 -48.15 0.08 48.96
N GLU I 97 -48.19 -1.24 48.76
CA GLU I 97 -47.31 -1.90 47.81
C GLU I 97 -48.00 -3.13 47.27
N ASP I 98 -47.59 -3.53 46.08
CA ASP I 98 -48.28 -4.56 45.30
C ASP I 98 -47.99 -5.95 45.87
N ALA I 99 -48.76 -6.93 45.41
CA ALA I 99 -48.53 -8.32 45.79
C ALA I 99 -47.56 -9.03 44.88
N ALA I 100 -47.08 -8.38 43.82
CA ALA I 100 -46.09 -8.95 42.90
C ALA I 100 -46.54 -10.27 42.30
N ASN I 101 -47.84 -10.40 42.02
CA ASN I 101 -48.35 -11.60 41.34
C ASN I 101 -47.90 -12.86 42.06
N ASN I 102 -47.85 -12.80 43.38
CA ASN I 102 -47.47 -13.93 44.22
C ASN I 102 -48.61 -14.20 45.19
N PHE I 103 -49.18 -15.41 45.11
CA PHE I 103 -50.19 -15.81 46.08
C PHE I 103 -49.62 -15.70 47.48
N ALA I 104 -48.35 -16.10 47.65
CA ALA I 104 -47.75 -16.12 48.98
C ALA I 104 -47.63 -14.71 49.52
N ARG I 105 -47.16 -13.79 48.69
CA ARG I 105 -47.01 -12.39 49.10
C ARG I 105 -48.35 -11.77 49.43
N GLY I 106 -49.38 -12.06 48.64
CA GLY I 106 -50.69 -11.50 48.86
C GLY I 106 -51.53 -12.23 49.88
N HIS I 107 -50.98 -13.28 50.48
CA HIS I 107 -51.68 -14.07 51.49
C HIS I 107 -51.03 -13.96 52.85
N TYR I 108 -49.70 -13.92 52.93
CA TYR I 108 -49.00 -13.95 54.21
C TYR I 108 -48.21 -12.68 54.52
N THR I 109 -47.67 -11.99 53.53
CA THR I 109 -46.85 -10.81 53.81
C THR I 109 -47.66 -9.52 53.86
N ILE I 110 -48.30 -9.17 52.74
CA ILE I 110 -48.98 -7.89 52.66
C ILE I 110 -50.47 -8.00 53.00
N GLY I 111 -51.11 -9.13 52.74
CA GLY I 111 -52.51 -9.29 53.11
C GLY I 111 -52.76 -9.08 54.59
N LYS I 112 -51.81 -9.53 55.43
CA LYS I 112 -51.97 -9.47 56.88
C LYS I 112 -52.18 -8.06 57.41
N GLU I 113 -51.80 -7.03 56.65
CA GLU I 113 -51.97 -5.66 57.10
C GLU I 113 -53.27 -5.03 56.60
N ILE I 114 -53.76 -5.43 55.43
CA ILE I 114 -54.92 -4.79 54.83
C ILE I 114 -56.20 -5.54 55.16
N VAL I 115 -56.11 -6.86 55.38
CA VAL I 115 -57.32 -7.65 55.53
C VAL I 115 -58.07 -7.29 56.81
N ASP I 116 -57.36 -6.93 57.87
CA ASP I 116 -58.03 -6.60 59.13
C ASP I 116 -58.84 -5.32 58.99
N LEU I 117 -58.28 -4.31 58.32
CA LEU I 117 -59.01 -3.08 58.06
C LEU I 117 -60.21 -3.32 57.14
N ALA I 118 -60.10 -4.25 56.20
CA ALA I 118 -61.21 -4.52 55.28
C ALA I 118 -62.41 -5.08 56.03
N LEU I 119 -62.20 -6.15 56.81
CA LEU I 119 -63.29 -6.81 57.52
C LEU I 119 -63.82 -5.99 58.68
N ASP I 120 -63.02 -5.08 59.25
CA ASP I 120 -63.56 -4.17 60.26
C ASP I 120 -64.55 -3.19 59.66
N ARG I 121 -64.51 -2.96 58.35
CA ARG I 121 -65.49 -2.15 57.64
C ARG I 121 -66.71 -2.96 57.23
N ILE I 122 -66.49 -4.17 56.72
CA ILE I 122 -67.61 -5.02 56.33
C ILE I 122 -68.54 -5.27 57.52
N ARG I 123 -67.99 -5.35 58.73
CA ARG I 123 -68.81 -5.59 59.90
C ARG I 123 -69.84 -4.48 60.11
N LYS I 124 -69.41 -3.22 60.15
CA LYS I 124 -70.41 -2.20 60.43
C LYS I 124 -71.25 -1.84 59.20
N LEU I 125 -70.84 -2.23 58.00
CA LEU I 125 -71.76 -2.12 56.86
C LEU I 125 -72.88 -3.15 57.00
N ALA I 126 -72.53 -4.38 57.39
CA ALA I 126 -73.54 -5.39 57.69
C ALA I 126 -74.35 -4.99 58.91
N ASP I 127 -73.74 -4.26 59.85
CA ASP I 127 -74.48 -3.79 61.01
C ASP I 127 -75.56 -2.79 60.62
N ASN I 128 -75.27 -1.92 59.66
CA ASN I 128 -76.29 -0.98 59.18
C ASN I 128 -77.44 -1.73 58.51
N CYS I 129 -77.14 -2.83 57.83
CA CYS I 129 -78.17 -3.65 57.22
C CYS I 129 -78.98 -4.39 58.29
N THR I 130 -80.15 -4.87 57.88
CA THR I 130 -81.06 -5.62 58.74
C THR I 130 -81.37 -7.00 58.18
N GLY I 131 -81.68 -7.11 56.90
CA GLY I 131 -82.11 -8.37 56.33
C GLY I 131 -81.11 -8.91 55.33
N LEU I 132 -79.83 -8.86 55.69
CA LEU I 132 -78.74 -9.18 54.77
C LEU I 132 -78.92 -10.57 54.16
N GLN I 133 -79.02 -10.62 52.83
CA GLN I 133 -79.09 -11.90 52.15
C GLN I 133 -77.73 -12.58 52.13
N GLY I 134 -76.70 -11.87 51.70
CA GLY I 134 -75.37 -12.43 51.67
C GLY I 134 -74.38 -11.43 51.14
N PHE I 135 -73.13 -11.88 51.06
CA PHE I 135 -72.05 -11.13 50.44
C PHE I 135 -71.84 -11.69 49.04
N LEU I 136 -71.35 -10.85 48.13
CA LEU I 136 -70.90 -11.32 46.83
C LEU I 136 -69.55 -10.72 46.51
N VAL I 137 -68.61 -11.57 46.09
CA VAL I 137 -67.21 -11.19 45.94
C VAL I 137 -66.83 -11.29 44.47
N PHE I 138 -65.94 -10.39 44.04
CA PHE I 138 -65.43 -10.35 42.68
C PHE I 138 -63.91 -10.44 42.74
N ASN I 139 -63.34 -11.44 42.07
CA ASN I 139 -61.90 -11.61 42.09
C ASN I 139 -61.45 -12.35 40.85
N ALA I 140 -60.15 -12.24 40.56
CA ALA I 140 -59.48 -13.02 39.53
C ALA I 140 -58.40 -13.86 40.20
N VAL I 141 -58.40 -15.17 39.92
CA VAL I 141 -57.50 -16.07 40.64
C VAL I 141 -56.09 -16.13 40.07
N GLY I 142 -55.84 -15.46 38.94
CA GLY I 142 -54.50 -15.48 38.39
C GLY I 142 -53.53 -14.53 39.06
N GLY I 143 -54.02 -13.49 39.71
CA GLY I 143 -53.18 -12.47 40.30
C GLY I 143 -52.71 -12.85 41.69
N GLY I 144 -52.13 -11.85 42.37
CA GLY I 144 -51.67 -12.04 43.71
C GLY I 144 -52.73 -11.63 44.73
N THR I 145 -53.25 -10.41 44.58
CA THR I 145 -54.26 -9.92 45.51
C THR I 145 -55.55 -10.71 45.39
N GLY I 146 -56.06 -10.86 44.16
CA GLY I 146 -57.32 -11.56 43.97
C GLY I 146 -57.28 -12.98 44.48
N SER I 147 -56.13 -13.65 44.30
CA SER I 147 -55.97 -14.99 44.82
C SER I 147 -55.67 -14.97 46.31
N GLY I 148 -54.58 -14.29 46.69
CA GLY I 148 -54.09 -14.38 48.06
C GLY I 148 -55.01 -13.81 49.10
N LEU I 149 -55.16 -12.49 49.15
CA LEU I 149 -56.02 -11.91 50.18
C LEU I 149 -57.49 -12.09 49.86
N GLY I 150 -57.83 -12.43 48.62
CA GLY I 150 -59.19 -12.84 48.34
C GLY I 150 -59.57 -14.11 49.07
N SER I 151 -58.69 -15.12 49.03
CA SER I 151 -58.92 -16.32 49.81
C SER I 151 -58.88 -16.03 51.31
N LEU I 152 -57.93 -15.19 51.73
CA LEU I 152 -57.81 -14.85 53.15
C LEU I 152 -59.07 -14.16 53.66
N LEU I 153 -59.61 -13.23 52.87
CA LEU I 153 -60.81 -12.52 53.29
C LEU I 153 -62.00 -13.46 53.40
N LEU I 154 -62.15 -14.36 52.43
CA LEU I 154 -63.22 -15.36 52.47
C LEU I 154 -63.11 -16.28 53.68
N GLU I 155 -61.88 -16.62 54.11
CA GLU I 155 -61.72 -17.47 55.28
C GLU I 155 -62.28 -16.80 56.53
N ARG I 156 -61.89 -15.55 56.79
CA ARG I 156 -62.33 -14.87 58.00
C ARG I 156 -63.81 -14.51 57.96
N LEU I 157 -64.38 -14.32 56.77
CA LEU I 157 -65.81 -14.09 56.69
C LEU I 157 -66.59 -15.36 57.02
N SER I 158 -66.10 -16.51 56.56
CA SER I 158 -66.74 -17.78 56.94
C SER I 158 -66.73 -17.99 58.44
N VAL I 159 -65.68 -17.55 59.14
CA VAL I 159 -65.64 -17.69 60.59
C VAL I 159 -66.65 -16.74 61.23
N ASP I 160 -66.74 -15.52 60.73
CA ASP I 160 -67.53 -14.50 61.39
C ASP I 160 -69.03 -14.70 61.17
N TYR I 161 -69.44 -15.07 59.96
CA TYR I 161 -70.84 -15.24 59.64
C TYR I 161 -71.22 -16.69 59.38
N GLY I 162 -70.55 -17.35 58.44
CA GLY I 162 -70.77 -18.76 58.18
C GLY I 162 -72.07 -19.04 57.44
N LYS I 163 -73.20 -18.73 58.07
CA LYS I 163 -74.50 -19.11 57.51
C LYS I 163 -74.91 -18.23 56.34
N LYS I 164 -74.30 -17.07 56.17
CA LYS I 164 -74.69 -16.15 55.10
C LYS I 164 -74.01 -16.50 53.79
N SER I 165 -74.77 -16.45 52.71
CA SER I 165 -74.29 -16.87 51.40
C SER I 165 -73.21 -15.92 50.89
N LYS I 166 -72.19 -16.50 50.26
CA LYS I 166 -71.09 -15.75 49.67
C LYS I 166 -70.99 -16.13 48.19
N LEU I 167 -71.32 -15.19 47.32
CA LEU I 167 -71.38 -15.44 45.88
C LEU I 167 -70.03 -15.10 45.25
N GLY I 168 -69.29 -16.12 44.84
CA GLY I 168 -67.96 -15.91 44.29
C GLY I 168 -67.90 -15.96 42.78
N PHE I 169 -67.69 -14.80 42.16
CA PHE I 169 -67.57 -14.70 40.70
C PHE I 169 -66.08 -14.58 40.35
N THR I 170 -65.46 -15.71 40.05
CA THR I 170 -64.02 -15.75 39.82
C THR I 170 -63.69 -15.76 38.34
N VAL I 171 -62.46 -15.40 38.03
CA VAL I 171 -61.93 -15.41 36.67
C VAL I 171 -60.81 -16.43 36.62
N TYR I 172 -61.09 -17.63 36.10
CA TYR I 172 -59.98 -18.56 36.01
C TYR I 172 -59.15 -18.26 34.75
N PRO I 173 -57.87 -18.64 34.75
CA PRO I 173 -57.05 -18.40 33.57
C PRO I 173 -57.43 -19.35 32.44
N SER I 174 -57.43 -18.81 31.22
CA SER I 174 -57.76 -19.57 30.04
C SER I 174 -56.60 -20.48 29.62
N PRO I 175 -56.90 -21.54 28.87
CA PRO I 175 -55.81 -22.44 28.41
C PRO I 175 -54.80 -21.77 27.50
N GLN I 176 -55.24 -21.15 26.41
CA GLN I 176 -54.32 -20.62 25.41
C GLN I 176 -54.07 -19.12 25.51
N VAL I 177 -55.01 -18.35 26.02
CA VAL I 177 -54.82 -16.92 26.21
C VAL I 177 -54.35 -16.69 27.63
N SER I 178 -53.20 -16.03 27.78
CA SER I 178 -52.61 -15.85 29.09
C SER I 178 -51.82 -14.56 29.09
N THR I 179 -51.83 -13.87 30.23
CA THR I 179 -51.02 -12.68 30.39
C THR I 179 -49.86 -12.87 31.36
N ALA I 180 -49.93 -13.87 32.22
CA ALA I 180 -48.91 -14.17 33.20
C ALA I 180 -48.21 -15.48 32.83
N VAL I 181 -47.32 -15.92 33.72
CA VAL I 181 -46.59 -17.17 33.56
C VAL I 181 -46.88 -18.14 34.69
N VAL I 182 -46.90 -17.64 35.93
CA VAL I 182 -47.05 -18.48 37.11
C VAL I 182 -48.52 -18.59 37.51
N GLU I 183 -49.43 -18.17 36.64
CA GLU I 183 -50.84 -18.20 37.02
C GLU I 183 -51.36 -19.62 37.31
N PRO I 184 -50.78 -20.70 36.77
CA PRO I 184 -51.20 -22.03 37.26
C PRO I 184 -51.00 -22.18 38.76
N TYR I 185 -49.85 -21.75 39.27
CA TYR I 185 -49.59 -21.84 40.71
C TYR I 185 -50.68 -21.13 41.50
N ASN I 186 -51.04 -19.91 41.09
CA ASN I 186 -52.03 -19.16 41.85
C ASN I 186 -53.41 -19.77 41.71
N SER I 187 -53.77 -20.27 40.53
CA SER I 187 -55.12 -20.81 40.33
C SER I 187 -55.34 -22.05 41.17
N VAL I 188 -54.40 -23.00 41.16
CA VAL I 188 -54.52 -24.18 42.00
C VAL I 188 -54.54 -23.77 43.48
N LEU I 189 -53.59 -22.93 43.89
CA LEU I 189 -53.50 -22.53 45.29
C LEU I 189 -54.69 -21.70 45.74
N SER I 190 -55.42 -21.07 44.82
CA SER I 190 -56.61 -20.33 45.21
C SER I 190 -57.84 -21.23 45.26
N THR I 191 -57.95 -22.15 44.30
CA THR I 191 -59.14 -23.00 44.26
C THR I 191 -59.18 -23.92 45.47
N HIS I 192 -58.03 -24.31 45.99
CA HIS I 192 -57.98 -25.20 47.15
C HIS I 192 -58.78 -24.64 48.32
N SER I 193 -58.71 -23.33 48.53
CA SER I 193 -59.54 -22.71 49.55
C SER I 193 -60.92 -22.34 49.04
N LEU I 194 -61.04 -22.07 47.73
CA LEU I 194 -62.32 -21.74 47.14
C LEU I 194 -63.34 -22.88 47.23
N LEU I 195 -62.91 -24.11 47.46
CA LEU I 195 -63.87 -25.20 47.65
C LEU I 195 -64.71 -24.99 48.90
N GLU I 196 -64.07 -24.86 50.06
CA GLU I 196 -64.78 -24.90 51.33
C GLU I 196 -65.11 -23.54 51.90
N HIS I 197 -64.95 -22.46 51.13
CA HIS I 197 -65.25 -21.13 51.64
C HIS I 197 -66.44 -20.50 50.92
N THR I 198 -66.40 -20.38 49.60
CA THR I 198 -67.56 -19.84 48.92
C THR I 198 -68.62 -20.92 48.81
N ASP I 199 -69.88 -20.49 48.81
CA ASP I 199 -71.01 -21.41 48.67
C ASP I 199 -71.48 -21.52 47.24
N VAL I 200 -71.36 -20.44 46.47
CA VAL I 200 -71.75 -20.38 45.07
C VAL I 200 -70.58 -19.78 44.31
N ALA I 201 -70.10 -20.48 43.28
CA ALA I 201 -68.91 -20.06 42.57
C ALA I 201 -69.17 -20.13 41.07
N VAL I 202 -68.95 -19.03 40.39
CA VAL I 202 -69.28 -18.87 38.98
C VAL I 202 -67.97 -18.66 38.24
N MET I 203 -67.71 -19.50 37.24
CA MET I 203 -66.49 -19.43 36.47
C MET I 203 -66.66 -18.48 35.28
N LEU I 204 -65.66 -17.65 35.05
CA LEU I 204 -65.65 -16.73 33.91
C LEU I 204 -64.23 -16.64 33.38
N ASP I 205 -63.99 -17.19 32.19
CA ASP I 205 -62.67 -17.03 31.61
C ASP I 205 -62.65 -15.73 30.79
N ASN I 206 -61.46 -15.37 30.31
CA ASN I 206 -61.34 -14.18 29.49
C ASN I 206 -61.34 -14.51 28.01
N GLU I 207 -60.72 -15.65 27.65
CA GLU I 207 -60.66 -16.05 26.25
C GLU I 207 -62.05 -16.35 25.71
N ALA I 208 -62.91 -16.97 26.51
CA ALA I 208 -64.28 -17.25 26.08
C ALA I 208 -65.06 -15.98 25.82
N ILE I 209 -64.92 -14.97 26.69
CA ILE I 209 -65.65 -13.73 26.51
C ILE I 209 -65.09 -12.94 25.32
N TYR I 210 -63.77 -13.00 25.12
CA TYR I 210 -63.20 -12.44 23.91
C TYR I 210 -63.88 -13.04 22.68
N ASP I 211 -64.04 -14.36 22.65
CA ASP I 211 -64.68 -15.02 21.53
C ASP I 211 -66.15 -14.61 21.41
N ILE I 212 -66.81 -14.35 22.55
CA ILE I 212 -68.22 -13.95 22.50
C ILE I 212 -68.34 -12.56 21.89
N CYS I 213 -67.50 -11.62 22.34
CA CYS I 213 -67.56 -10.26 21.82
C CYS I 213 -67.16 -10.21 20.36
N ARG I 214 -66.32 -11.14 19.90
CA ARG I 214 -65.97 -11.19 18.49
C ARG I 214 -67.07 -11.79 17.63
N ARG I 215 -67.75 -12.83 18.14
CA ARG I 215 -68.71 -13.55 17.33
C ARG I 215 -70.07 -12.85 17.29
N SER I 216 -70.66 -12.60 18.45
CA SER I 216 -72.02 -12.07 18.51
C SER I 216 -72.06 -10.55 18.51
N LEU I 217 -71.22 -9.90 19.32
CA LEU I 217 -71.19 -8.44 19.38
C LEU I 217 -70.36 -7.82 18.27
N ASP I 218 -69.66 -8.61 17.47
CA ASP I 218 -68.80 -8.13 16.37
C ASP I 218 -68.00 -6.88 16.74
N ILE I 219 -67.32 -6.94 17.89
CA ILE I 219 -66.21 -6.04 18.17
C ILE I 219 -64.92 -6.80 17.91
N GLU I 220 -64.22 -6.41 16.85
CA GLU I 220 -62.99 -7.11 16.47
C GLU I 220 -61.84 -6.78 17.41
N ARG I 221 -61.87 -5.61 18.05
CA ARG I 221 -60.82 -5.17 18.97
C ARG I 221 -61.42 -4.84 20.33
N PRO I 222 -61.68 -5.84 21.17
CA PRO I 222 -62.23 -5.56 22.50
C PRO I 222 -61.15 -5.36 23.55
N THR I 223 -61.50 -4.55 24.55
CA THR I 223 -60.67 -4.27 25.71
C THR I 223 -61.34 -4.86 26.96
N TYR I 224 -60.73 -4.59 28.12
CA TYR I 224 -61.34 -5.06 29.36
C TYR I 224 -62.66 -4.36 29.65
N THR I 225 -62.86 -3.15 29.12
CA THR I 225 -64.06 -2.40 29.46
C THR I 225 -65.31 -3.11 28.96
N ASN I 226 -65.28 -3.60 27.72
CA ASN I 226 -66.42 -4.32 27.18
C ASN I 226 -66.73 -5.59 27.96
N LEU I 227 -65.69 -6.34 28.32
CA LEU I 227 -65.85 -7.53 29.15
C LEU I 227 -66.55 -7.20 30.45
N ASN I 228 -66.02 -6.23 31.20
CA ASN I 228 -66.59 -5.85 32.49
C ASN I 228 -68.01 -5.32 32.36
N ARG I 229 -68.35 -4.75 31.20
CA ARG I 229 -69.72 -4.24 31.02
C ARG I 229 -70.74 -5.37 30.98
N LEU I 230 -70.47 -6.42 30.22
CA LEU I 230 -71.43 -7.52 30.12
C LEU I 230 -71.36 -8.48 31.29
N ILE I 231 -70.28 -8.48 32.07
CA ILE I 231 -70.29 -9.18 33.35
C ILE I 231 -71.27 -8.51 34.30
N ALA I 232 -71.28 -7.17 34.35
CA ALA I 232 -72.25 -6.47 35.17
C ALA I 232 -73.68 -6.76 34.75
N GLN I 233 -73.91 -6.95 33.45
CA GLN I 233 -75.26 -7.31 32.99
C GLN I 233 -75.70 -8.64 33.57
N VAL I 234 -74.77 -9.60 33.67
CA VAL I 234 -75.11 -10.91 34.23
C VAL I 234 -75.44 -10.78 35.71
N ILE I 235 -74.60 -10.07 36.45
CA ILE I 235 -74.81 -9.90 37.89
C ILE I 235 -76.14 -9.24 38.17
N SER I 236 -76.43 -8.14 37.46
CA SER I 236 -77.69 -7.44 37.65
C SER I 236 -78.90 -8.31 37.33
N SER I 237 -78.77 -9.24 36.37
CA SER I 237 -79.90 -10.08 36.01
C SER I 237 -80.25 -11.09 37.09
N LEU I 238 -79.27 -11.58 37.86
CA LEU I 238 -79.57 -12.56 38.89
C LEU I 238 -79.92 -11.93 40.24
N THR I 239 -79.72 -10.63 40.40
CA THR I 239 -80.16 -9.93 41.60
C THR I 239 -81.41 -9.10 41.37
N ALA I 240 -81.90 -9.01 40.14
CA ALA I 240 -83.10 -8.24 39.84
C ALA I 240 -84.35 -8.81 40.50
N SER I 241 -84.32 -10.08 40.89
CA SER I 241 -85.46 -10.67 41.62
C SER I 241 -85.64 -10.03 42.98
N LEU I 242 -84.55 -9.57 43.60
CA LEU I 242 -84.68 -8.85 44.87
C LEU I 242 -85.13 -7.42 44.66
N ARG I 243 -84.56 -6.73 43.66
CA ARG I 243 -84.82 -5.30 43.51
C ARG I 243 -86.23 -5.02 43.01
N PHE I 244 -86.82 -5.93 42.24
CA PHE I 244 -88.10 -5.67 41.60
C PHE I 244 -88.97 -6.91 41.66
N ASP I 245 -90.28 -6.71 41.84
CA ASP I 245 -91.20 -7.83 41.94
C ASP I 245 -91.45 -8.47 40.58
N GLY I 246 -91.45 -9.81 40.55
CA GLY I 246 -91.69 -10.54 39.33
C GLY I 246 -92.85 -11.52 39.49
N ALA I 247 -93.24 -12.12 38.36
CA ALA I 247 -94.28 -13.13 38.37
C ALA I 247 -93.87 -14.36 39.16
N LEU I 248 -92.57 -14.67 39.18
CA LEU I 248 -92.05 -15.82 39.92
C LEU I 248 -90.66 -15.43 40.43
N ASN I 249 -90.60 -14.95 41.67
CA ASN I 249 -89.36 -14.44 42.20
C ASN I 249 -88.49 -15.56 42.76
N VAL I 250 -87.18 -15.33 42.72
CA VAL I 250 -86.18 -16.31 43.09
C VAL I 250 -85.02 -15.59 43.77
N ASP I 251 -84.84 -15.83 45.06
CA ASP I 251 -83.93 -15.05 45.87
C ASP I 251 -82.54 -15.67 45.84
N ILE I 252 -81.65 -15.21 46.71
CA ILE I 252 -80.26 -15.67 46.68
C ILE I 252 -80.11 -17.04 47.32
N THR I 253 -81.07 -17.47 48.15
CA THR I 253 -80.99 -18.77 48.79
C THR I 253 -81.42 -19.90 47.85
N GLU I 254 -82.04 -19.57 46.72
CA GLU I 254 -82.56 -20.59 45.82
C GLU I 254 -81.47 -21.24 45.01
N PHE I 255 -80.53 -20.44 44.49
CA PHE I 255 -79.33 -20.97 43.86
C PHE I 255 -78.57 -21.87 44.82
N GLN I 256 -78.51 -21.49 46.10
CA GLN I 256 -77.86 -22.33 47.10
C GLN I 256 -78.43 -23.74 47.10
N THR I 257 -79.74 -23.88 46.95
CA THR I 257 -80.41 -25.16 47.11
C THR I 257 -80.60 -25.89 45.78
N ASN I 258 -81.12 -25.21 44.76
CA ASN I 258 -81.58 -25.88 43.55
C ASN I 258 -80.47 -26.26 42.59
N LEU I 259 -79.24 -25.76 42.80
CA LEU I 259 -78.16 -25.95 41.84
C LEU I 259 -76.96 -26.68 42.39
N VAL I 260 -76.91 -26.95 43.69
CA VAL I 260 -75.73 -27.57 44.29
C VAL I 260 -76.15 -28.93 44.83
N PRO I 261 -76.01 -30.00 44.04
CA PRO I 261 -76.45 -31.31 44.54
C PRO I 261 -75.57 -31.88 45.62
N TYR I 262 -74.29 -31.49 45.68
CA TYR I 262 -73.37 -32.04 46.66
C TYR I 262 -72.47 -30.93 47.18
N PRO I 263 -72.01 -31.04 48.42
CA PRO I 263 -71.29 -29.91 49.05
C PRO I 263 -69.98 -29.53 48.37
N ARG I 264 -69.40 -30.41 47.55
CA ARG I 264 -68.12 -30.10 46.91
C ARG I 264 -68.25 -29.80 45.43
N ILE I 265 -69.46 -29.88 44.87
CA ILE I 265 -69.65 -29.48 43.47
C ILE I 265 -70.39 -28.15 43.44
N HIS I 266 -69.65 -27.04 43.43
CA HIS I 266 -70.26 -25.73 43.21
C HIS I 266 -69.32 -24.94 42.31
N PHE I 267 -69.47 -25.12 41.00
CA PHE I 267 -68.80 -24.31 40.01
C PHE I 267 -69.75 -24.30 38.83
N MET I 268 -70.21 -23.12 38.45
CA MET I 268 -71.33 -23.01 37.54
C MET I 268 -70.95 -22.29 36.26
N LEU I 269 -71.30 -22.89 35.14
CA LEU I 269 -71.24 -22.21 33.86
C LEU I 269 -72.25 -21.07 33.84
N SER I 270 -71.89 -19.98 33.18
CA SER I 270 -72.81 -18.87 33.01
C SER I 270 -72.96 -18.54 31.55
N SER I 271 -74.14 -18.01 31.20
CA SER I 271 -74.39 -17.56 29.85
C SER I 271 -75.51 -16.53 29.90
N TYR I 272 -75.61 -15.73 28.86
CA TYR I 272 -76.58 -14.65 28.83
C TYR I 272 -77.06 -14.50 27.39
N ALA I 273 -78.33 -14.12 27.23
CA ALA I 273 -78.84 -13.94 25.91
C ALA I 273 -80.00 -12.96 25.96
N PRO I 274 -80.15 -12.10 24.94
CA PRO I 274 -79.29 -12.08 23.77
C PRO I 274 -78.14 -11.08 23.79
N ILE I 275 -76.90 -11.55 23.67
CA ILE I 275 -75.77 -10.65 23.53
C ILE I 275 -75.73 -10.27 22.06
N ILE I 276 -76.49 -9.25 21.69
CA ILE I 276 -76.66 -8.89 20.29
C ILE I 276 -76.36 -7.41 20.08
N SER I 277 -75.72 -7.11 18.96
CA SER I 277 -75.42 -5.74 18.58
C SER I 277 -76.69 -5.04 18.11
N ALA I 278 -76.62 -3.71 18.05
CA ALA I 278 -77.81 -2.93 17.70
C ALA I 278 -78.33 -3.30 16.32
N GLU I 279 -77.44 -3.49 15.35
CA GLU I 279 -77.87 -3.74 13.98
C GLU I 279 -78.66 -5.05 13.88
N LYS I 280 -78.12 -6.12 14.45
CA LYS I 280 -78.74 -7.44 14.36
C LYS I 280 -80.02 -7.55 15.19
N ALA I 281 -80.05 -6.93 16.38
CA ALA I 281 -81.17 -7.16 17.29
C ALA I 281 -82.50 -6.74 16.72
N TYR I 282 -82.56 -5.59 16.07
CA TYR I 282 -83.84 -5.12 15.55
C TYR I 282 -84.37 -6.05 14.47
N HIS I 283 -83.50 -6.57 13.61
CA HIS I 283 -83.93 -7.52 12.60
C HIS I 283 -84.42 -8.82 13.21
N GLU I 284 -83.77 -9.30 14.27
CA GLU I 284 -84.13 -10.57 14.86
C GLU I 284 -85.40 -10.45 15.67
N GLN I 285 -86.19 -11.51 15.66
CA GLN I 285 -87.39 -11.58 16.47
C GLN I 285 -87.02 -12.32 17.74
N LEU I 286 -86.90 -11.58 18.83
CA LEU I 286 -86.48 -12.16 20.09
C LEU I 286 -87.71 -12.73 20.79
N SER I 287 -87.68 -14.03 21.07
CA SER I 287 -88.72 -14.65 21.87
C SER I 287 -88.06 -15.67 22.80
N VAL I 288 -88.88 -16.28 23.64
CA VAL I 288 -88.36 -17.08 24.74
C VAL I 288 -87.74 -18.38 24.23
N ALA I 289 -88.37 -19.00 23.23
CA ALA I 289 -87.89 -20.30 22.79
C ALA I 289 -86.50 -20.22 22.18
N GLU I 290 -86.26 -19.23 21.33
CA GLU I 290 -84.96 -19.14 20.65
C GLU I 290 -83.86 -18.67 21.58
N ILE I 291 -84.16 -17.76 22.51
CA ILE I 291 -83.13 -17.35 23.45
C ILE I 291 -82.87 -18.43 24.49
N THR I 292 -83.88 -19.24 24.83
CA THR I 292 -83.62 -20.38 25.69
C THR I 292 -82.72 -21.39 25.00
N ASN I 293 -82.87 -21.54 23.69
CA ASN I 293 -81.94 -22.35 22.92
C ASN I 293 -80.55 -21.72 22.90
N ALA I 294 -80.48 -20.41 22.60
CA ALA I 294 -79.20 -19.74 22.49
C ALA I 294 -78.41 -19.79 23.78
N ALA I 295 -79.09 -19.87 24.92
CA ALA I 295 -78.39 -19.94 26.20
C ALA I 295 -77.79 -21.30 26.48
N PHE I 296 -78.04 -22.30 25.63
CA PHE I 296 -77.53 -23.65 25.84
C PHE I 296 -76.48 -24.07 24.84
N GLU I 297 -76.24 -23.31 23.79
CA GLU I 297 -75.16 -23.70 22.89
C GLU I 297 -73.81 -23.32 23.52
N PRO I 298 -72.78 -24.13 23.30
CA PRO I 298 -71.44 -23.79 23.80
C PRO I 298 -70.84 -22.55 23.17
N ALA I 299 -71.39 -22.04 22.07
CA ALA I 299 -70.86 -20.84 21.44
C ALA I 299 -71.30 -19.56 22.13
N SER I 300 -72.00 -19.64 23.27
CA SER I 300 -72.46 -18.44 23.94
C SER I 300 -72.30 -18.55 25.46
N MET I 301 -71.27 -19.24 25.93
CA MET I 301 -71.01 -19.38 27.35
C MET I 301 -69.80 -18.55 27.76
N MET I 302 -69.75 -18.23 29.05
CA MET I 302 -68.72 -17.36 29.60
C MET I 302 -67.49 -18.14 30.03
N VAL I 303 -67.42 -19.42 29.72
CA VAL I 303 -66.29 -20.27 30.06
C VAL I 303 -65.92 -21.10 28.85
N LYS I 304 -64.66 -21.05 28.46
CA LYS I 304 -64.24 -21.91 27.35
C LYS I 304 -64.22 -23.35 27.82
N CYS I 305 -65.33 -24.05 27.61
CA CYS I 305 -65.47 -25.46 27.92
C CYS I 305 -66.56 -26.01 27.01
N ASP I 306 -66.59 -27.34 26.89
CA ASP I 306 -67.53 -28.01 26.00
C ASP I 306 -68.58 -28.75 26.83
N PRO I 307 -69.74 -28.13 27.11
CA PRO I 307 -70.74 -28.83 27.91
C PRO I 307 -71.30 -30.06 27.23
N ARG I 308 -71.09 -30.23 25.92
CA ARG I 308 -71.40 -31.50 25.30
C ARG I 308 -70.51 -32.61 25.83
N HIS I 309 -69.28 -32.26 26.24
CA HIS I 309 -68.39 -33.27 26.80
C HIS I 309 -68.90 -33.77 28.14
N GLY I 310 -69.76 -33.00 28.80
CA GLY I 310 -70.31 -33.35 30.09
C GLY I 310 -71.79 -33.64 30.06
N LYS I 311 -72.30 -33.99 31.23
CA LYS I 311 -73.72 -34.26 31.42
C LYS I 311 -74.26 -33.26 32.43
N TYR I 312 -75.34 -32.57 32.08
CA TYR I 312 -75.90 -31.56 32.98
C TYR I 312 -76.44 -32.19 34.26
N MET I 313 -76.26 -31.47 35.36
CA MET I 313 -76.84 -31.84 36.65
C MET I 313 -78.11 -31.06 36.95
N ALA I 314 -78.05 -29.74 36.90
CA ALA I 314 -79.21 -28.89 37.12
C ALA I 314 -78.97 -27.52 36.49
N CYS I 315 -80.01 -26.95 35.92
CA CYS I 315 -79.97 -25.65 35.27
C CYS I 315 -80.88 -24.67 35.99
N CYS I 316 -80.53 -23.39 35.89
CA CYS I 316 -81.33 -22.30 36.45
C CYS I 316 -81.47 -21.20 35.41
N LEU I 317 -82.70 -20.78 35.17
CA LEU I 317 -83.02 -19.85 34.10
C LEU I 317 -83.63 -18.59 34.70
N MET I 318 -82.94 -17.47 34.53
CA MET I 318 -83.42 -16.16 34.94
C MET I 318 -84.04 -15.46 33.73
N TYR I 319 -85.29 -15.04 33.86
CA TYR I 319 -85.99 -14.34 32.79
C TYR I 319 -86.30 -12.92 33.24
N ARG I 320 -86.07 -11.96 32.36
CA ARG I 320 -86.35 -10.55 32.64
C ARG I 320 -87.18 -9.98 31.50
N GLY I 321 -88.22 -9.23 31.84
CA GLY I 321 -88.96 -8.52 30.82
C GLY I 321 -90.33 -9.10 30.55
N ASP I 322 -90.72 -9.11 29.27
CA ASP I 322 -92.06 -9.57 28.87
C ASP I 322 -92.00 -11.06 28.61
N VAL I 323 -92.21 -11.85 29.67
CA VAL I 323 -92.20 -13.30 29.56
C VAL I 323 -93.30 -13.89 30.44
N VAL I 324 -94.18 -14.69 29.85
CA VAL I 324 -95.23 -15.40 30.57
C VAL I 324 -94.73 -16.80 30.91
N PRO I 325 -95.24 -17.42 31.98
CA PRO I 325 -94.75 -18.77 32.34
C PRO I 325 -95.01 -19.87 31.31
N LYS I 326 -95.91 -19.69 30.34
CA LYS I 326 -96.18 -20.76 29.38
C LYS I 326 -94.95 -21.13 28.58
N ASP I 327 -94.44 -20.16 27.81
CA ASP I 327 -93.39 -20.42 26.84
C ASP I 327 -92.06 -20.73 27.50
N VAL I 328 -91.81 -20.21 28.71
CA VAL I 328 -90.60 -20.66 29.38
C VAL I 328 -90.71 -22.14 29.69
N ASN I 329 -91.92 -22.62 30.00
CA ASN I 329 -92.11 -24.05 30.22
C ASN I 329 -92.07 -24.82 28.90
N ALA I 330 -92.60 -24.21 27.83
CA ALA I 330 -92.56 -24.85 26.52
C ALA I 330 -91.13 -25.00 26.01
N SER I 331 -90.33 -23.94 26.18
CA SER I 331 -88.94 -23.97 25.74
C SER I 331 -88.14 -25.04 26.49
N VAL I 332 -88.32 -25.10 27.81
CA VAL I 332 -87.61 -26.09 28.61
C VAL I 332 -88.01 -27.52 28.23
N ALA I 333 -89.24 -27.71 27.77
CA ALA I 333 -89.64 -29.02 27.27
C ALA I 333 -88.90 -29.41 26.00
N THR I 334 -88.74 -28.46 25.07
CA THR I 334 -88.01 -28.76 23.84
C THR I 334 -86.55 -29.10 24.11
N ILE I 335 -85.94 -28.42 25.08
CA ILE I 335 -84.55 -28.69 25.42
C ILE I 335 -84.38 -30.12 25.94
N LYS I 336 -85.23 -30.52 26.89
CA LYS I 336 -85.12 -31.85 27.47
C LYS I 336 -85.35 -32.97 26.47
N THR I 337 -86.05 -32.73 25.36
CA THR I 337 -86.31 -33.77 24.39
C THR I 337 -85.27 -33.83 23.28
N LYS I 338 -84.50 -32.76 23.08
CA LYS I 338 -83.39 -32.78 22.14
C LYS I 338 -82.29 -33.71 22.64
N ARG I 339 -81.46 -34.20 21.71
CA ARG I 339 -80.46 -35.20 22.06
C ARG I 339 -79.02 -34.78 21.80
N THR I 340 -78.77 -33.56 21.34
CA THR I 340 -77.38 -33.13 21.27
C THR I 340 -76.84 -32.76 22.64
N ILE I 341 -77.72 -32.59 23.63
CA ILE I 341 -77.35 -32.32 25.00
C ILE I 341 -78.10 -33.29 25.91
N GLN I 342 -77.36 -33.99 26.75
CA GLN I 342 -77.89 -35.08 27.56
C GLN I 342 -77.92 -34.66 29.03
N PHE I 343 -78.82 -35.25 29.81
CA PHE I 343 -78.94 -34.93 31.22
C PHE I 343 -78.49 -36.10 32.10
N VAL I 344 -78.22 -35.80 33.36
CA VAL I 344 -77.82 -36.85 34.30
C VAL I 344 -79.02 -37.71 34.69
N ASP I 345 -78.73 -38.98 35.03
CA ASP I 345 -79.78 -39.92 35.41
C ASP I 345 -80.35 -39.67 36.80
N TRP I 346 -79.57 -39.06 37.70
CA TRP I 346 -80.05 -38.85 39.06
C TRP I 346 -80.96 -37.64 39.19
N CYS I 347 -81.24 -36.93 38.10
CA CYS I 347 -82.05 -35.71 38.17
C CYS I 347 -82.94 -35.60 36.94
N PRO I 348 -84.19 -36.05 37.03
CA PRO I 348 -85.08 -35.93 35.88
C PRO I 348 -85.62 -34.52 35.71
N THR I 349 -85.90 -33.83 36.81
CA THR I 349 -86.42 -32.47 36.74
C THR I 349 -85.28 -31.51 37.06
N GLY I 350 -84.48 -31.22 36.04
CA GLY I 350 -83.25 -30.48 36.24
C GLY I 350 -83.31 -29.00 35.92
N PHE I 351 -84.38 -28.31 36.31
CA PHE I 351 -84.49 -26.90 35.99
C PHE I 351 -85.04 -26.12 37.17
N LYS I 352 -84.68 -24.84 37.23
CA LYS I 352 -85.21 -23.90 38.22
C LYS I 352 -85.38 -22.56 37.51
N CYS I 353 -86.60 -22.25 37.09
CA CYS I 353 -86.87 -21.04 36.32
C CYS I 353 -87.23 -19.87 37.23
N GLY I 354 -87.15 -18.68 36.65
CA GLY I 354 -87.48 -17.46 37.38
C GLY I 354 -87.81 -16.32 36.44
N ILE I 355 -88.92 -15.63 36.71
CA ILE I 355 -89.44 -14.60 35.83
C ILE I 355 -89.56 -13.30 36.59
N ASN I 356 -89.05 -12.22 36.00
CA ASN I 356 -89.13 -10.89 36.57
C ASN I 356 -89.59 -9.88 35.53
N TYR I 357 -90.31 -8.86 35.98
CA TYR I 357 -90.98 -7.96 35.06
C TYR I 357 -90.05 -6.91 34.46
N GLN I 358 -89.00 -6.52 35.16
CA GLN I 358 -88.29 -5.32 34.77
C GLN I 358 -87.38 -5.63 33.58
N PRO I 359 -87.45 -4.86 32.49
CA PRO I 359 -86.58 -5.12 31.36
C PRO I 359 -85.16 -4.73 31.65
N PRO I 360 -84.19 -5.33 30.97
CA PRO I 360 -82.79 -4.98 31.23
C PRO I 360 -82.48 -3.57 30.78
N THR I 361 -81.74 -2.85 31.61
CA THR I 361 -81.40 -1.48 31.29
C THR I 361 -80.15 -1.43 30.43
N VAL I 362 -79.92 -0.27 29.82
CA VAL I 362 -78.77 -0.08 28.95
C VAL I 362 -77.91 1.05 29.52
N VAL I 363 -76.65 1.06 29.09
CA VAL I 363 -75.70 2.09 29.49
C VAL I 363 -75.35 2.90 28.24
N PRO I 364 -75.51 4.23 28.25
CA PRO I 364 -75.05 5.02 27.11
C PRO I 364 -73.56 4.84 26.88
N GLY I 365 -73.20 4.49 25.65
CA GLY I 365 -71.87 4.04 25.35
C GLY I 365 -71.69 2.54 25.38
N GLY I 366 -72.54 1.82 26.09
CA GLY I 366 -72.52 0.38 26.04
C GLY I 366 -72.84 -0.15 24.66
N ASP I 367 -72.30 -1.33 24.36
CA ASP I 367 -72.37 -1.92 23.03
C ASP I 367 -73.54 -2.89 22.88
N LEU I 368 -74.44 -2.95 23.85
CA LEU I 368 -75.64 -3.77 23.77
C LEU I 368 -76.85 -2.89 23.49
N ALA I 369 -77.78 -3.40 22.70
CA ALA I 369 -79.01 -2.69 22.40
C ALA I 369 -80.11 -3.06 23.39
N LYS I 370 -81.14 -2.22 23.45
CA LYS I 370 -82.27 -2.51 24.32
C LYS I 370 -83.01 -3.74 23.84
N VAL I 371 -83.46 -4.56 24.80
CA VAL I 371 -84.15 -5.81 24.50
C VAL I 371 -85.43 -5.87 25.32
N GLN I 372 -86.44 -6.52 24.76
CA GLN I 372 -87.68 -6.74 25.50
C GLN I 372 -87.48 -7.77 26.60
N ARG I 373 -86.63 -8.77 26.38
CA ARG I 373 -86.49 -9.86 27.32
C ARG I 373 -85.12 -10.49 27.18
N ALA I 374 -84.53 -10.84 28.32
CA ALA I 374 -83.20 -11.44 28.34
C ALA I 374 -83.22 -12.63 29.28
N VAL I 375 -82.26 -13.53 29.07
CA VAL I 375 -82.18 -14.78 29.82
C VAL I 375 -80.75 -14.96 30.30
N CYS I 376 -80.59 -15.26 31.57
CA CYS I 376 -79.29 -15.62 32.12
C CYS I 376 -79.39 -17.04 32.64
N MET I 377 -78.54 -17.92 32.12
CA MET I 377 -78.51 -19.31 32.54
C MET I 377 -77.32 -19.55 33.46
N ILE I 378 -77.56 -20.24 34.56
CA ILE I 378 -76.51 -20.68 35.48
C ILE I 378 -76.71 -22.16 35.75
N SER I 379 -75.88 -23.01 35.13
CA SER I 379 -76.05 -24.45 35.18
C SER I 379 -74.83 -25.08 35.84
N ASN I 380 -74.85 -26.40 35.92
CA ASN I 380 -73.77 -27.15 36.53
C ASN I 380 -73.62 -28.45 35.76
N SER I 381 -72.39 -28.78 35.39
CA SER I 381 -72.16 -29.95 34.55
C SER I 381 -70.82 -30.56 34.95
N THR I 382 -70.30 -31.45 34.10
CA THR I 382 -69.01 -32.06 34.34
C THR I 382 -67.95 -31.57 33.36
N ALA I 383 -68.31 -30.65 32.45
CA ALA I 383 -67.31 -30.04 31.60
C ALA I 383 -66.27 -29.29 32.42
N ILE I 384 -66.68 -28.73 33.56
CA ILE I 384 -65.75 -28.08 34.48
C ILE I 384 -64.72 -29.07 34.99
N GLY I 385 -65.12 -30.31 35.20
CA GLY I 385 -64.16 -31.34 35.55
C GLY I 385 -63.05 -31.51 34.52
N GLU I 386 -63.34 -31.18 33.27
CA GLU I 386 -62.30 -31.18 32.24
C GLU I 386 -61.35 -29.99 32.38
N ILE I 387 -61.85 -28.84 32.83
CA ILE I 387 -60.99 -27.66 32.96
C ILE I 387 -59.91 -27.89 34.00
N PHE I 388 -60.27 -28.48 35.13
CA PHE I 388 -59.30 -28.68 36.21
C PHE I 388 -58.20 -29.65 35.85
N SER I 389 -58.49 -30.69 35.05
CA SER I 389 -57.41 -31.54 34.57
C SER I 389 -56.49 -30.79 33.63
N ARG I 390 -57.07 -29.97 32.73
CA ARG I 390 -56.26 -29.20 31.79
C ARG I 390 -55.33 -28.23 32.51
N LEU I 391 -55.81 -27.64 33.60
CA LEU I 391 -54.96 -26.75 34.40
C LEU I 391 -53.92 -27.54 35.18
N ASP I 392 -54.30 -28.69 35.71
CA ASP I 392 -53.37 -29.48 36.51
C ASP I 392 -52.14 -29.89 35.73
N HIS I 393 -52.29 -30.21 34.44
CA HIS I 393 -51.14 -30.64 33.65
C HIS I 393 -50.09 -29.54 33.56
N LYS I 394 -50.52 -28.32 33.22
CA LYS I 394 -49.57 -27.20 33.12
C LYS I 394 -48.92 -26.91 34.46
N PHE I 395 -49.72 -26.88 35.53
CA PHE I 395 -49.16 -26.72 36.87
C PHE I 395 -48.18 -27.84 37.19
N ASP I 396 -48.54 -29.07 36.84
CA ASP I 396 -47.71 -30.23 37.18
C ASP I 396 -46.35 -30.15 36.49
N LEU I 397 -46.34 -29.72 35.23
CA LEU I 397 -45.10 -29.71 34.46
C LEU I 397 -44.05 -28.81 35.09
N MET I 398 -44.44 -27.59 35.46
CA MET I 398 -43.49 -26.64 36.01
C MET I 398 -43.06 -27.03 37.41
N TYR I 399 -44.00 -27.52 38.22
CA TYR I 399 -43.70 -27.81 39.62
C TYR I 399 -42.68 -28.92 39.81
N ALA I 400 -42.65 -29.93 38.93
CA ALA I 400 -41.77 -31.07 39.19
C ALA I 400 -40.31 -30.66 39.28
N LYS I 401 -39.85 -29.80 38.38
CA LYS I 401 -38.49 -29.29 38.45
C LYS I 401 -38.38 -28.02 39.27
N ARG I 402 -39.30 -27.82 40.21
CA ARG I 402 -39.32 -26.69 41.15
C ARG I 402 -39.11 -25.33 40.50
N ALA I 403 -39.61 -25.12 39.29
CA ALA I 403 -39.46 -23.81 38.69
C ALA I 403 -40.39 -22.85 39.42
N PHE I 404 -39.92 -21.62 39.64
CA PHE I 404 -40.70 -20.54 40.25
C PHE I 404 -41.15 -20.82 41.67
N VAL I 405 -40.75 -21.93 42.26
CA VAL I 405 -41.21 -22.25 43.61
C VAL I 405 -40.51 -21.36 44.64
N HIS I 406 -39.25 -21.00 44.39
CA HIS I 406 -38.45 -20.33 45.41
C HIS I 406 -38.99 -18.93 45.74
N TRP I 407 -39.70 -18.29 44.81
CA TRP I 407 -40.30 -17.00 45.11
C TRP I 407 -41.35 -17.11 46.20
N TYR I 408 -42.28 -18.05 46.05
CA TYR I 408 -43.33 -18.23 47.06
C TYR I 408 -42.75 -18.68 48.40
N VAL I 409 -41.76 -19.59 48.37
CA VAL I 409 -41.16 -20.10 49.60
C VAL I 409 -40.49 -18.98 50.39
N GLY I 410 -39.80 -18.07 49.70
CA GLY I 410 -39.22 -16.92 50.37
C GLY I 410 -40.27 -16.03 51.00
N GLU I 411 -41.43 -15.91 50.37
CA GLU I 411 -42.53 -15.11 50.90
C GLU I 411 -43.18 -15.70 52.14
N GLY I 412 -42.94 -16.98 52.44
CA GLY I 412 -43.42 -17.52 53.69
C GLY I 412 -44.00 -18.91 53.61
N MET I 413 -44.15 -19.42 52.39
CA MET I 413 -44.71 -20.74 52.19
C MET I 413 -43.56 -21.75 52.14
N GLU I 414 -43.89 -23.01 51.84
CA GLU I 414 -42.92 -24.10 51.95
C GLU I 414 -43.12 -25.01 50.75
N GLU I 415 -42.47 -26.16 50.77
CA GLU I 415 -42.60 -27.09 49.67
C GLU I 415 -43.81 -28.00 49.82
N GLY I 416 -44.30 -28.14 51.06
CA GLY I 416 -45.38 -29.07 51.34
C GLY I 416 -46.70 -28.71 50.68
N GLU I 417 -47.13 -27.45 50.81
CA GLU I 417 -48.45 -27.04 50.37
C GLU I 417 -48.67 -27.06 48.87
N PHE I 418 -47.62 -27.03 48.05
CA PHE I 418 -47.85 -27.22 46.61
C PHE I 418 -48.34 -28.63 46.31
N SER I 419 -47.66 -29.65 46.83
CA SER I 419 -48.09 -31.02 46.56
C SER I 419 -49.44 -31.32 47.19
N GLU I 420 -49.72 -30.77 48.39
CA GLU I 420 -50.99 -31.07 49.02
C GLU I 420 -52.16 -30.38 48.31
N ALA I 421 -51.92 -29.20 47.72
CA ALA I 421 -52.95 -28.59 46.90
C ALA I 421 -53.15 -29.35 45.61
N ARG I 422 -52.07 -29.91 45.06
CA ARG I 422 -52.16 -30.75 43.87
C ARG I 422 -53.06 -31.95 44.11
N GLU I 423 -52.87 -32.64 45.24
CA GLU I 423 -53.68 -33.81 45.55
C GLU I 423 -55.12 -33.46 45.84
N ASP I 424 -55.40 -32.22 46.26
CA ASP I 424 -56.77 -31.80 46.49
C ASP I 424 -57.52 -31.67 45.17
N LEU I 425 -56.87 -31.10 44.15
CA LEU I 425 -57.46 -31.08 42.80
C LEU I 425 -57.64 -32.47 42.23
N ALA I 426 -56.71 -33.38 42.53
CA ALA I 426 -56.85 -34.76 42.08
C ALA I 426 -58.12 -35.38 42.65
N ALA I 427 -58.40 -35.14 43.93
CA ALA I 427 -59.64 -35.64 44.51
C ALA I 427 -60.85 -35.08 43.80
N LEU I 428 -60.82 -33.80 43.43
CA LEU I 428 -61.94 -33.19 42.72
C LEU I 428 -62.15 -33.83 41.35
N GLU I 429 -61.07 -34.16 40.64
CA GLU I 429 -61.23 -34.84 39.36
C GLU I 429 -61.95 -36.17 39.52
N LYS I 430 -61.57 -36.94 40.54
CA LYS I 430 -62.22 -38.21 40.79
C LYS I 430 -63.69 -38.03 41.15
N ASP I 431 -64.01 -36.95 41.88
CA ASP I 431 -65.40 -36.71 42.27
C ASP I 431 -66.29 -36.45 41.06
N PHE I 432 -65.79 -35.72 40.07
CA PHE I 432 -66.61 -35.46 38.88
C PHE I 432 -66.80 -36.72 38.05
N GLU I 433 -65.74 -37.51 37.87
CA GLU I 433 -65.88 -38.75 37.11
C GLU I 433 -66.83 -39.74 37.80
N GLU I 434 -66.85 -39.77 39.13
CA GLU I 434 -67.72 -40.71 39.82
C GLU I 434 -69.19 -40.27 39.81
N VAL I 435 -69.47 -38.98 40.04
CA VAL I 435 -70.86 -38.52 40.08
C VAL I 435 -71.50 -38.64 38.71
N GLY I 436 -70.77 -38.29 37.65
CA GLY I 436 -71.31 -38.39 36.31
C GLY I 436 -71.67 -39.81 35.90
N ALA I 437 -71.15 -40.82 36.58
CA ALA I 437 -71.42 -42.21 36.24
C ALA I 437 -72.87 -42.59 36.55
N MET J 1 -45.14 8.06 46.33
CA MET J 1 -45.49 6.92 47.17
C MET J 1 -44.46 5.82 46.97
N ARG J 2 -44.61 5.01 45.93
CA ARG J 2 -43.54 4.06 45.59
C ARG J 2 -42.41 4.84 44.94
N GLU J 3 -41.18 4.56 45.37
CA GLU J 3 -40.07 5.45 45.11
C GLU J 3 -38.90 4.75 44.43
N ILE J 4 -38.26 5.45 43.50
CA ILE J 4 -37.05 4.97 42.84
C ILE J 4 -36.01 6.07 42.92
N VAL J 5 -34.90 5.79 43.59
CA VAL J 5 -33.78 6.72 43.65
C VAL J 5 -32.77 6.30 42.60
N HIS J 6 -32.02 7.27 42.09
CA HIS J 6 -31.13 7.07 40.95
C HIS J 6 -29.67 7.25 41.36
N ILE J 7 -28.82 6.38 40.86
CA ILE J 7 -27.38 6.45 41.08
C ILE J 7 -26.69 6.33 39.73
N GLN J 8 -25.75 7.23 39.47
CA GLN J 8 -25.01 7.24 38.21
C GLN J 8 -23.52 7.19 38.54
N GLY J 9 -22.84 6.18 38.03
CA GLY J 9 -21.42 6.00 38.32
C GLY J 9 -20.59 6.01 37.05
N GLY J 10 -19.45 6.71 37.11
CA GLY J 10 -18.52 6.72 36.01
C GLY J 10 -18.95 7.63 34.86
N GLN J 11 -18.04 7.78 33.90
CA GLN J 11 -18.33 8.61 32.74
C GLN J 11 -19.51 8.05 31.95
N CYS J 12 -19.50 6.73 31.72
CA CYS J 12 -20.60 6.10 31.00
C CYS J 12 -21.92 6.31 31.74
N GLY J 13 -21.92 6.06 33.05
CA GLY J 13 -23.15 6.22 33.82
C GLY J 13 -23.65 7.66 33.87
N ASN J 14 -22.73 8.61 33.99
CA ASN J 14 -23.14 10.01 34.11
C ASN J 14 -23.79 10.52 32.84
N GLN J 15 -23.20 10.24 31.67
CA GLN J 15 -23.77 10.77 30.44
C GLN J 15 -25.08 10.07 30.08
N ILE J 16 -25.18 8.77 30.34
CA ILE J 16 -26.46 8.09 30.12
C ILE J 16 -27.54 8.68 31.01
N GLY J 17 -27.23 8.89 32.29
CA GLY J 17 -28.21 9.43 33.22
C GLY J 17 -28.62 10.85 32.92
N ALA J 18 -27.70 11.66 32.38
CA ALA J 18 -28.06 13.02 31.99
C ALA J 18 -29.16 12.99 30.94
N LYS J 19 -28.99 12.15 29.91
CA LYS J 19 -30.05 11.99 28.93
C LYS J 19 -31.30 11.39 29.56
N PHE J 20 -31.13 10.53 30.57
CA PHE J 20 -32.28 9.90 31.21
C PHE J 20 -33.13 10.93 31.95
N TRP J 21 -32.51 11.86 32.65
CA TRP J 21 -33.27 12.88 33.36
C TRP J 21 -33.84 13.94 32.44
N GLU J 22 -33.27 14.10 31.25
CA GLU J 22 -33.92 14.94 30.24
C GLU J 22 -35.27 14.36 29.83
N VAL J 23 -35.31 13.07 29.52
CA VAL J 23 -36.54 12.50 28.99
C VAL J 23 -37.59 12.32 30.08
N VAL J 24 -37.20 12.03 31.32
CA VAL J 24 -38.18 11.90 32.40
C VAL J 24 -38.75 13.26 32.79
N SER J 25 -37.90 14.28 32.90
CA SER J 25 -38.39 15.63 33.20
C SER J 25 -39.34 16.12 32.13
N ASP J 26 -39.02 15.86 30.85
CA ASP J 26 -39.92 16.24 29.76
C ASP J 26 -41.21 15.44 29.81
N GLU J 27 -41.15 14.21 30.31
CA GLU J 27 -42.33 13.36 30.37
C GLU J 27 -43.31 13.87 31.43
N HIS J 28 -42.81 14.36 32.56
CA HIS J 28 -43.64 14.91 33.62
C HIS J 28 -43.88 16.41 33.45
N GLY J 29 -43.42 16.99 32.36
CA GLY J 29 -43.77 18.36 32.01
C GLY J 29 -43.14 19.38 32.93
N ASP J 39 -49.84 20.00 30.72
CA ASP J 39 -51.25 20.29 30.57
C ASP J 39 -52.09 19.33 31.42
N SER J 40 -51.79 18.04 31.32
CA SER J 40 -52.58 17.02 31.98
C SER J 40 -52.29 17.01 33.47
N ASP J 41 -53.32 16.74 34.27
CA ASP J 41 -53.11 16.61 35.71
C ASP J 41 -52.59 15.23 36.07
N LEU J 42 -52.64 14.26 35.15
CA LEU J 42 -52.07 12.95 35.39
C LEU J 42 -50.56 13.02 35.58
N GLN J 43 -49.93 14.06 35.05
CA GLN J 43 -48.48 14.18 35.18
C GLN J 43 -48.08 14.63 36.58
N LEU J 44 -48.94 15.39 37.26
CA LEU J 44 -48.57 15.94 38.56
C LEU J 44 -48.73 14.93 39.70
N GLU J 45 -49.59 13.92 39.53
CA GLU J 45 -49.91 13.03 40.64
C GLU J 45 -48.83 12.01 40.91
N ARG J 46 -47.92 11.77 39.98
CA ARG J 46 -46.95 10.69 40.11
C ARG J 46 -45.55 11.19 39.79
N ILE J 47 -45.18 12.33 40.37
CA ILE J 47 -43.82 12.84 40.28
C ILE J 47 -43.03 12.62 41.55
N ASN J 48 -43.66 12.13 42.62
CA ASN J 48 -42.90 11.79 43.81
C ASN J 48 -41.93 10.65 43.57
N VAL J 49 -42.18 9.81 42.55
CA VAL J 49 -41.32 8.66 42.31
C VAL J 49 -39.92 9.09 41.88
N TYR J 50 -39.81 10.22 41.18
CA TYR J 50 -38.51 10.69 40.68
C TYR J 50 -38.16 12.09 41.13
N PHE J 51 -38.96 12.72 41.99
CA PHE J 51 -38.71 14.11 42.35
C PHE J 51 -39.13 14.34 43.80
N ASN J 52 -38.61 15.42 44.38
CA ASN J 52 -38.99 15.86 45.71
C ASN J 52 -39.39 17.33 45.71
N VAL J 60 -36.40 18.94 42.24
CA VAL J 60 -35.09 18.37 42.00
C VAL J 60 -35.18 16.85 41.90
N PRO J 61 -34.42 16.27 40.99
CA PRO J 61 -34.47 14.81 40.80
C PRO J 61 -33.90 14.09 42.01
N ARG J 62 -34.38 12.87 42.21
CA ARG J 62 -33.89 12.04 43.31
C ARG J 62 -32.72 11.20 42.82
N ALA J 63 -31.66 11.90 42.42
CA ALA J 63 -30.51 11.31 41.76
C ALA J 63 -29.23 11.62 42.52
N ILE J 64 -28.23 10.78 42.31
CA ILE J 64 -26.91 10.97 42.92
C ILE J 64 -25.87 10.71 41.84
N LEU J 65 -25.15 11.75 41.44
CA LEU J 65 -24.03 11.56 40.53
C LEU J 65 -22.78 11.15 41.31
N MET J 66 -21.94 10.36 40.68
CA MET J 66 -20.78 9.78 41.38
C MET J 66 -19.71 9.42 40.37
N ASP J 67 -18.52 9.97 40.53
CA ASP J 67 -17.43 9.74 39.59
C ASP J 67 -16.11 10.00 40.31
N LEU J 68 -15.02 10.10 39.53
CA LEU J 68 -13.71 10.43 40.06
C LEU J 68 -12.96 11.45 39.22
N GLU J 69 -13.50 11.86 38.08
CA GLU J 69 -12.85 12.80 37.17
C GLU J 69 -13.75 14.02 37.01
N PRO J 70 -13.33 15.21 37.43
CA PRO J 70 -14.25 16.36 37.43
C PRO J 70 -14.76 16.77 36.07
N GLY J 71 -14.13 16.32 34.99
CA GLY J 71 -14.62 16.68 33.67
C GLY J 71 -16.04 16.21 33.41
N THR J 72 -16.39 15.01 33.88
CA THR J 72 -17.75 14.52 33.71
C THR J 72 -18.76 15.32 34.50
N MET J 73 -18.43 15.74 35.73
CA MET J 73 -19.38 16.53 36.50
C MET J 73 -19.53 17.92 35.92
N ASP J 74 -18.43 18.55 35.50
CA ASP J 74 -18.52 19.84 34.83
C ASP J 74 -19.30 19.71 33.53
N SER J 75 -19.06 18.63 32.78
CA SER J 75 -19.82 18.39 31.56
C SER J 75 -21.31 18.23 31.85
N VAL J 76 -21.66 17.74 33.03
CA VAL J 76 -23.07 17.60 33.38
C VAL J 76 -23.70 18.96 33.67
N ARG J 77 -23.00 19.82 34.43
CA ARG J 77 -23.59 21.12 34.73
C ARG J 77 -23.59 22.04 33.52
N SER J 78 -22.72 21.78 32.53
CA SER J 78 -22.63 22.65 31.37
C SER J 78 -23.86 22.50 30.48
N GLY J 79 -24.21 21.28 30.12
CA GLY J 79 -25.27 21.03 29.19
C GLY J 79 -26.60 21.44 29.77
N PRO J 80 -27.64 21.52 28.94
CA PRO J 80 -28.97 21.85 29.48
C PRO J 80 -29.46 20.75 30.39
N TYR J 81 -30.47 21.08 31.19
CA TYR J 81 -30.95 20.19 32.24
C TYR J 81 -29.81 19.76 33.15
N GLY J 82 -28.82 20.64 33.32
CA GLY J 82 -27.69 20.36 34.17
C GLY J 82 -27.74 21.18 35.44
N GLN J 83 -28.62 22.17 35.48
CA GLN J 83 -28.78 23.03 36.63
C GLN J 83 -29.92 22.58 37.53
N ILE J 84 -30.48 21.40 37.30
CA ILE J 84 -31.60 20.91 38.09
C ILE J 84 -31.19 19.91 39.16
N PHE J 85 -29.94 19.46 39.15
CA PHE J 85 -29.47 18.55 40.18
C PHE J 85 -29.03 19.35 41.40
N ARG J 86 -29.22 18.75 42.57
CA ARG J 86 -28.77 19.41 43.80
C ARG J 86 -27.26 19.25 43.93
N PRO J 87 -26.51 20.33 44.06
CA PRO J 87 -25.04 20.20 44.12
C PRO J 87 -24.54 19.34 45.27
N ASP J 88 -25.32 19.16 46.33
CA ASP J 88 -24.92 18.24 47.38
C ASP J 88 -24.91 16.80 46.90
N ASN J 89 -25.71 16.47 45.89
CA ASN J 89 -25.75 15.11 45.35
C ASN J 89 -24.62 14.83 44.37
N PHE J 90 -23.71 15.77 44.16
CA PHE J 90 -22.55 15.54 43.30
C PHE J 90 -21.41 14.91 44.09
N VAL J 91 -21.69 13.82 44.80
CA VAL J 91 -20.65 13.19 45.61
C VAL J 91 -19.56 12.68 44.69
N PHE J 92 -18.30 13.01 45.02
CA PHE J 92 -17.28 12.96 43.99
C PHE J 92 -15.83 13.04 44.43
N GLY J 93 -15.01 12.10 43.98
CA GLY J 93 -13.60 12.04 44.31
C GLY J 93 -12.77 13.03 43.52
N GLN J 94 -11.45 12.86 43.59
CA GLN J 94 -10.56 13.74 42.84
C GLN J 94 -9.40 13.06 42.13
N THR J 95 -8.95 11.87 42.54
CA THR J 95 -7.71 11.32 41.99
C THR J 95 -7.90 10.51 40.72
N GLY J 96 -8.96 9.72 40.62
CA GLY J 96 -9.17 9.00 39.38
C GLY J 96 -8.78 7.53 39.49
N ALA J 97 -9.49 6.68 38.75
CA ALA J 97 -9.26 5.24 38.75
C ALA J 97 -8.23 4.81 37.72
N GLY J 98 -8.47 5.12 36.45
CA GLY J 98 -7.57 4.70 35.40
C GLY J 98 -7.86 3.32 34.87
N ASN J 99 -9.14 2.97 34.76
CA ASN J 99 -9.59 1.69 34.23
C ASN J 99 -8.97 0.53 35.00
N ASN J 100 -8.81 0.73 36.30
CA ASN J 100 -8.24 -0.28 37.19
C ASN J 100 -9.34 -0.69 38.16
N TRP J 101 -9.87 -1.88 37.97
CA TRP J 101 -10.94 -2.36 38.85
C TRP J 101 -10.47 -2.44 40.28
N ALA J 102 -9.21 -2.81 40.50
CA ALA J 102 -8.70 -2.85 41.86
C ALA J 102 -8.67 -1.46 42.47
N LYS J 103 -8.33 -0.45 41.66
CA LYS J 103 -8.39 0.92 42.16
C LYS J 103 -9.83 1.35 42.40
N GLY J 104 -10.74 0.93 41.54
CA GLY J 104 -12.14 1.28 41.69
C GLY J 104 -12.87 0.51 42.76
N HIS J 105 -12.24 -0.53 43.31
CA HIS J 105 -12.90 -1.43 44.25
C HIS J 105 -12.17 -1.58 45.57
N TYR J 106 -10.92 -1.15 45.66
CA TYR J 106 -10.21 -1.32 46.92
C TYR J 106 -9.57 -0.04 47.44
N THR J 107 -9.00 0.78 46.56
CA THR J 107 -8.27 1.96 47.01
C THR J 107 -9.14 3.21 46.99
N GLU J 108 -9.59 3.63 45.79
CA GLU J 108 -10.35 4.88 45.69
C GLU J 108 -11.76 4.75 46.23
N GLY J 109 -12.37 3.56 46.13
CA GLY J 109 -13.69 3.36 46.69
C GLY J 109 -13.71 3.53 48.20
N ALA J 110 -12.64 3.11 48.87
CA ALA J 110 -12.59 3.08 50.33
C ALA J 110 -12.77 4.43 50.98
N GLU J 111 -12.63 5.54 50.23
CA GLU J 111 -12.82 6.85 50.82
C GLU J 111 -13.94 7.66 50.19
N LEU J 112 -14.48 7.21 49.05
CA LEU J 112 -15.60 7.90 48.45
C LEU J 112 -16.93 7.20 48.69
N ILE J 113 -16.92 5.88 48.95
CA ILE J 113 -18.17 5.16 49.06
C ILE J 113 -18.86 5.49 50.38
N ASP J 114 -18.08 5.77 51.43
CA ASP J 114 -18.68 6.22 52.69
C ASP J 114 -19.50 7.48 52.45
N SER J 115 -19.00 8.38 51.60
CA SER J 115 -19.70 9.63 51.35
C SER J 115 -20.95 9.39 50.52
N VAL J 116 -20.86 8.52 49.52
CA VAL J 116 -22.02 8.19 48.69
C VAL J 116 -23.09 7.53 49.55
N LEU J 117 -22.69 6.70 50.51
CA LEU J 117 -23.66 6.07 51.40
C LEU J 117 -24.36 7.08 52.29
N ASP J 118 -23.67 8.14 52.71
CA ASP J 118 -24.35 9.22 53.42
C ASP J 118 -25.46 9.80 52.56
N VAL J 119 -25.13 10.21 51.34
CA VAL J 119 -26.09 10.92 50.50
C VAL J 119 -27.19 9.98 50.03
N VAL J 120 -26.86 8.71 49.79
CA VAL J 120 -27.88 7.75 49.36
C VAL J 120 -28.86 7.46 50.49
N ARG J 121 -28.36 7.42 51.73
CA ARG J 121 -29.26 7.20 52.86
C ARG J 121 -30.17 8.40 53.05
N LYS J 122 -29.65 9.61 52.84
CA LYS J 122 -30.48 10.81 52.95
C LYS J 122 -31.55 10.84 51.87
N GLU J 123 -31.21 10.42 50.65
CA GLU J 123 -32.18 10.40 49.57
C GLU J 123 -33.16 9.25 49.68
N ALA J 124 -32.81 8.20 50.42
CA ALA J 124 -33.72 7.07 50.59
C ALA J 124 -34.74 7.34 51.69
N GLU J 125 -34.30 7.86 52.83
CA GLU J 125 -35.20 8.17 53.93
C GLU J 125 -36.04 9.43 53.70
N SER J 126 -35.71 10.23 52.68
CA SER J 126 -36.51 11.42 52.39
C SER J 126 -37.93 11.06 51.97
N CYS J 127 -38.08 9.91 51.33
CA CYS J 127 -39.38 9.42 50.90
C CYS J 127 -39.93 8.39 51.88
N ASP J 128 -41.20 8.03 51.69
CA ASP J 128 -41.92 7.21 52.65
C ASP J 128 -41.73 5.72 52.38
N CYS J 129 -42.08 5.27 51.17
CA CYS J 129 -42.10 3.85 50.84
C CYS J 129 -41.26 3.63 49.60
N LEU J 130 -40.02 3.18 49.80
CA LEU J 130 -39.14 2.87 48.68
C LEU J 130 -39.66 1.68 47.88
N GLN J 131 -39.60 1.80 46.56
CA GLN J 131 -39.76 0.63 45.71
C GLN J 131 -38.42 -0.02 45.41
N GLY J 132 -37.41 0.77 45.09
CA GLY J 132 -36.09 0.21 44.84
C GLY J 132 -35.13 1.30 44.44
N PHE J 133 -33.91 0.86 44.13
CA PHE J 133 -32.84 1.72 43.66
C PHE J 133 -32.52 1.39 42.22
N GLN J 134 -31.98 2.37 41.50
CA GLN J 134 -31.75 2.24 40.06
C GLN J 134 -30.35 2.74 39.75
N VAL J 135 -29.49 1.82 39.32
CA VAL J 135 -28.07 2.10 39.09
C VAL J 135 -27.79 1.96 37.60
N CYS J 136 -27.06 2.92 37.05
CA CYS J 136 -26.62 2.91 35.66
C CYS J 136 -25.11 3.01 35.62
N HIS J 137 -24.45 2.00 35.05
CA HIS J 137 -23.00 1.95 35.05
C HIS J 137 -22.52 1.06 33.90
N SER J 138 -21.21 0.80 33.87
CA SER J 138 -20.55 0.00 32.86
C SER J 138 -19.87 -1.20 33.52
N LEU J 139 -19.29 -2.08 32.68
CA LEU J 139 -18.55 -3.23 33.17
C LEU J 139 -17.13 -3.30 32.62
N GLY J 140 -16.67 -2.28 31.90
CA GLY J 140 -15.31 -2.29 31.40
C GLY J 140 -14.41 -1.29 32.10
N GLY J 141 -14.96 -0.13 32.43
CA GLY J 141 -14.20 0.88 33.14
C GLY J 141 -13.95 0.52 34.58
N GLY J 142 -13.11 1.32 35.24
CA GLY J 142 -12.80 1.05 36.62
C GLY J 142 -13.70 1.77 37.61
N THR J 143 -13.79 3.09 37.53
CA THR J 143 -14.59 3.84 38.50
C THR J 143 -16.07 3.68 38.28
N GLY J 144 -16.50 3.28 37.09
CA GLY J 144 -17.91 2.99 36.86
C GLY J 144 -18.23 1.63 37.42
N SER J 145 -17.55 0.62 36.87
CA SER J 145 -17.86 -0.76 37.22
C SER J 145 -17.51 -1.06 38.67
N GLY J 146 -16.22 -0.92 39.03
CA GLY J 146 -15.77 -1.35 40.34
C GLY J 146 -16.42 -0.61 41.50
N MET J 147 -16.41 0.72 41.45
CA MET J 147 -17.01 1.48 42.54
C MET J 147 -18.52 1.26 42.61
N GLY J 148 -19.19 1.31 41.46
CA GLY J 148 -20.61 1.02 41.44
C GLY J 148 -20.89 -0.38 41.92
N THR J 149 -19.97 -1.31 41.67
CA THR J 149 -20.12 -2.67 42.16
C THR J 149 -20.06 -2.70 43.69
N LEU J 150 -19.04 -2.04 44.26
CA LEU J 150 -18.93 -1.97 45.71
C LEU J 150 -20.11 -1.23 46.32
N LEU J 151 -20.56 -0.17 45.64
CA LEU J 151 -21.75 0.54 46.07
C LEU J 151 -22.95 -0.39 46.15
N ILE J 152 -23.16 -1.20 45.12
CA ILE J 152 -24.26 -2.16 45.12
C ILE J 152 -24.17 -3.08 46.32
N SER J 153 -22.96 -3.54 46.65
CA SER J 153 -22.79 -4.45 47.77
C SER J 153 -23.14 -3.77 49.09
N LYS J 154 -22.68 -2.55 49.31
CA LYS J 154 -23.01 -1.85 50.54
C LYS J 154 -24.52 -1.64 50.67
N ILE J 155 -25.18 -1.37 49.55
CA ILE J 155 -26.62 -1.16 49.54
C ILE J 155 -27.37 -2.45 49.85
N ARG J 156 -26.89 -3.59 49.35
CA ARG J 156 -27.58 -4.86 49.55
C ARG J 156 -27.60 -5.30 51.02
N GLU J 157 -26.52 -5.07 51.76
CA GLU J 157 -26.53 -5.47 53.16
C GLU J 157 -27.29 -4.50 54.06
N GLU J 158 -27.51 -3.26 53.62
CA GLU J 158 -28.34 -2.35 54.41
C GLU J 158 -29.82 -2.48 54.07
N TYR J 159 -30.17 -2.48 52.79
CA TYR J 159 -31.56 -2.60 52.37
C TYR J 159 -31.71 -3.89 51.57
N PRO J 160 -32.06 -5.00 52.22
CA PRO J 160 -32.15 -6.28 51.49
C PRO J 160 -33.49 -6.50 50.82
N ASP J 161 -34.54 -5.88 51.37
CA ASP J 161 -35.92 -6.17 50.96
C ASP J 161 -36.43 -5.18 49.93
N ARG J 162 -35.55 -4.39 49.33
CA ARG J 162 -35.93 -3.40 48.33
C ARG J 162 -35.45 -3.85 46.95
N MET J 163 -36.13 -3.35 45.93
CA MET J 163 -35.77 -3.71 44.57
C MET J 163 -34.43 -3.08 44.17
N MET J 164 -33.90 -3.55 43.05
CA MET J 164 -32.59 -3.10 42.57
C MET J 164 -32.52 -3.30 41.07
N LEU J 165 -32.08 -2.27 40.36
CA LEU J 165 -31.93 -2.34 38.90
C LEU J 165 -30.54 -1.87 38.52
N THR J 166 -29.91 -2.58 37.59
CA THR J 166 -28.59 -2.23 37.08
C THR J 166 -28.61 -2.36 35.57
N PHE J 167 -28.59 -1.23 34.88
CA PHE J 167 -28.38 -1.20 33.43
C PHE J 167 -26.89 -1.14 33.19
N SER J 168 -26.31 -2.28 32.80
CA SER J 168 -24.86 -2.40 32.65
C SER J 168 -24.53 -2.75 31.21
N VAL J 169 -23.61 -1.98 30.63
CA VAL J 169 -23.09 -2.30 29.30
C VAL J 169 -21.96 -3.29 29.46
N VAL J 170 -21.92 -4.28 28.58
CA VAL J 170 -20.89 -5.31 28.57
C VAL J 170 -20.00 -5.11 27.37
N PRO J 171 -18.68 -5.23 27.49
CA PRO J 171 -17.82 -5.05 26.31
C PRO J 171 -17.87 -6.26 25.38
N SER J 172 -17.65 -5.97 24.10
CA SER J 172 -17.55 -6.97 23.04
C SER J 172 -16.17 -6.92 22.39
N PRO J 173 -15.68 -8.05 21.87
CA PRO J 173 -14.42 -8.00 21.11
C PRO J 173 -14.48 -7.12 19.88
N LYS J 174 -15.67 -6.85 19.35
CA LYS J 174 -15.81 -6.00 18.18
C LYS J 174 -15.77 -4.52 18.57
N VAL J 175 -16.34 -4.17 19.71
CA VAL J 175 -16.12 -2.83 20.27
C VAL J 175 -15.17 -2.93 21.45
N SER J 176 -13.88 -2.87 21.18
CA SER J 176 -12.84 -3.12 22.18
C SER J 176 -12.17 -1.80 22.50
N ASP J 177 -12.62 -1.16 23.59
CA ASP J 177 -12.09 0.15 23.92
C ASP J 177 -10.71 0.03 24.56
N THR J 178 -10.65 -0.64 25.71
CA THR J 178 -9.43 -0.73 26.51
C THR J 178 -8.88 -2.14 26.42
N VAL J 179 -7.70 -2.33 26.99
CA VAL J 179 -7.01 -3.60 26.85
C VAL J 179 -7.43 -4.56 27.96
N VAL J 180 -7.81 -4.03 29.12
CA VAL J 180 -8.11 -4.83 30.27
C VAL J 180 -9.62 -5.04 30.45
N GLU J 181 -10.41 -4.87 29.39
CA GLU J 181 -11.84 -5.12 29.46
C GLU J 181 -12.20 -6.47 30.06
N PRO J 182 -11.60 -7.60 29.65
CA PRO J 182 -12.02 -8.88 30.25
C PRO J 182 -11.69 -8.95 31.73
N TYR J 183 -10.56 -8.40 32.16
CA TYR J 183 -10.22 -8.44 33.58
C TYR J 183 -11.24 -7.70 34.42
N ASN J 184 -11.88 -6.68 33.85
CA ASN J 184 -12.88 -5.94 34.59
C ASN J 184 -14.27 -6.58 34.45
N ALA J 185 -14.62 -7.03 33.25
CA ALA J 185 -15.94 -7.63 33.04
C ALA J 185 -16.12 -8.87 33.91
N THR J 186 -15.13 -9.77 33.90
CA THR J 186 -15.25 -11.01 34.66
C THR J 186 -15.41 -10.75 36.15
N LEU J 187 -14.63 -9.83 36.69
CA LEU J 187 -14.72 -9.51 38.11
C LEU J 187 -16.05 -8.85 38.45
N SER J 188 -16.54 -7.99 37.54
CA SER J 188 -17.77 -7.25 37.79
C SER J 188 -18.99 -8.17 37.84
N VAL J 189 -19.07 -9.11 36.89
CA VAL J 189 -20.17 -10.07 36.87
C VAL J 189 -20.08 -11.03 38.05
N HIS J 190 -18.88 -11.25 38.58
CA HIS J 190 -18.75 -12.05 39.81
C HIS J 190 -19.49 -11.45 40.99
N GLN J 191 -19.61 -10.14 41.04
CA GLN J 191 -20.42 -9.50 42.08
C GLN J 191 -21.88 -9.34 41.70
N LEU J 192 -22.19 -9.16 40.41
CA LEU J 192 -23.57 -8.97 40.00
C LEU J 192 -24.41 -10.23 40.21
N VAL J 193 -23.80 -11.41 40.15
CA VAL J 193 -24.56 -12.64 40.25
C VAL J 193 -25.07 -12.90 41.66
N GLU J 194 -24.55 -12.19 42.66
CA GLU J 194 -25.05 -12.30 44.02
C GLU J 194 -25.74 -11.05 44.54
N ASN J 195 -25.39 -9.87 44.04
CA ASN J 195 -25.87 -8.63 44.64
C ASN J 195 -27.16 -8.09 44.01
N ALA J 196 -27.18 -7.91 42.70
CA ALA J 196 -28.31 -7.25 42.06
C ALA J 196 -29.52 -8.17 41.98
N ASP J 197 -30.72 -7.57 42.07
CA ASP J 197 -31.95 -8.34 41.90
C ASP J 197 -32.09 -8.83 40.48
N GLU J 198 -31.95 -7.92 39.52
CA GLU J 198 -31.87 -8.30 38.12
C GLU J 198 -31.11 -7.22 37.36
N CYS J 199 -30.60 -7.60 36.19
CA CYS J 199 -29.83 -6.70 35.36
C CYS J 199 -30.31 -6.79 33.92
N MET J 200 -30.14 -5.68 33.22
CA MET J 200 -30.45 -5.58 31.79
C MET J 200 -29.15 -5.40 31.04
N VAL J 201 -28.70 -6.46 30.38
CA VAL J 201 -27.41 -6.46 29.71
C VAL J 201 -27.49 -5.64 28.44
N LEU J 202 -26.53 -4.73 28.27
CA LEU J 202 -26.41 -3.86 27.11
C LEU J 202 -25.01 -4.00 26.56
N ASP J 203 -24.81 -3.45 25.37
CA ASP J 203 -23.47 -3.40 24.78
C ASP J 203 -23.48 -2.35 23.69
N ASN J 204 -22.29 -1.98 23.23
CA ASN J 204 -22.17 -0.96 22.21
C ASN J 204 -22.22 -1.55 20.81
N GLU J 205 -21.84 -2.81 20.64
CA GLU J 205 -21.89 -3.42 19.31
C GLU J 205 -23.33 -3.49 18.80
N ALA J 206 -24.24 -4.03 19.61
CA ALA J 206 -25.64 -4.12 19.20
C ALA J 206 -26.24 -2.73 19.01
N LEU J 207 -25.86 -1.79 19.87
CA LEU J 207 -26.38 -0.43 19.75
C LEU J 207 -25.93 0.21 18.45
N TYR J 208 -24.66 0.04 18.09
CA TYR J 208 -24.17 0.61 16.84
C TYR J 208 -24.83 -0.07 15.65
N ASP J 209 -25.01 -1.39 15.72
CA ASP J 209 -25.70 -2.11 14.65
C ASP J 209 -27.16 -1.70 14.52
N ILE J 210 -27.82 -1.39 15.64
CA ILE J 210 -29.21 -0.97 15.59
C ILE J 210 -29.34 0.38 14.92
N CYS J 211 -28.45 1.31 15.24
CA CYS J 211 -28.51 2.62 14.61
C CYS J 211 -28.13 2.56 13.14
N PHE J 212 -27.31 1.59 12.74
CA PHE J 212 -27.09 1.34 11.32
C PHE J 212 -28.34 0.79 10.63
N ARG J 213 -28.85 -0.34 11.10
CA ARG J 213 -29.87 -1.05 10.34
C ARG J 213 -31.22 -0.36 10.45
N THR J 214 -31.76 -0.26 11.66
CA THR J 214 -33.12 0.22 11.80
C THR J 214 -33.15 1.74 11.75
N LEU J 215 -32.29 2.40 12.53
CA LEU J 215 -32.32 3.85 12.61
C LEU J 215 -31.64 4.51 11.42
N LYS J 216 -30.71 3.81 10.77
CA LYS J 216 -30.05 4.29 9.56
C LYS J 216 -29.41 5.66 9.74
N LEU J 217 -28.58 5.77 10.77
CA LEU J 217 -27.83 7.00 11.02
C LEU J 217 -26.44 6.86 10.41
N THR J 218 -25.90 8.00 9.98
CA THR J 218 -24.55 8.03 9.43
C THR J 218 -23.50 8.38 10.47
N THR J 219 -23.87 9.16 11.49
CA THR J 219 -22.95 9.64 12.51
C THR J 219 -23.56 9.39 13.87
N PRO J 220 -23.58 8.14 14.32
CA PRO J 220 -24.18 7.83 15.62
C PRO J 220 -23.23 8.11 16.79
N THR J 221 -23.22 9.36 17.27
CA THR J 221 -22.43 9.68 18.44
C THR J 221 -23.07 9.07 19.68
N PHE J 222 -22.40 9.23 20.82
CA PHE J 222 -22.92 8.67 22.07
C PHE J 222 -24.26 9.25 22.46
N GLY J 223 -24.59 10.45 22.00
CA GLY J 223 -25.88 11.03 22.34
C GLY J 223 -27.04 10.16 21.89
N ASP J 224 -26.91 9.54 20.73
CA ASP J 224 -27.98 8.70 20.21
C ASP J 224 -28.09 7.38 20.97
N LEU J 225 -26.96 6.72 21.22
CA LEU J 225 -26.97 5.48 22.00
C LEU J 225 -27.53 5.73 23.40
N ASN J 226 -27.07 6.79 24.06
CA ASN J 226 -27.59 7.12 25.38
C ASN J 226 -29.07 7.49 25.32
N HIS J 227 -29.53 8.05 24.20
CA HIS J 227 -30.95 8.32 24.04
C HIS J 227 -31.75 7.03 23.93
N LEU J 228 -31.18 6.01 23.29
CA LEU J 228 -31.87 4.73 23.15
C LEU J 228 -31.98 4.01 24.48
N ILE J 229 -30.88 3.96 25.23
CA ILE J 229 -30.88 3.32 26.55
C ILE J 229 -31.84 4.05 27.48
N SER J 230 -31.91 5.37 27.37
CA SER J 230 -32.83 6.16 28.18
C SER J 230 -34.29 5.81 27.89
N ALA J 231 -34.65 5.61 26.63
CA ALA J 231 -36.01 5.21 26.30
C ALA J 231 -36.40 3.89 26.96
N VAL J 232 -35.47 2.95 27.03
CA VAL J 232 -35.75 1.68 27.72
C VAL J 232 -36.01 1.93 29.20
N MET J 233 -35.16 2.73 29.84
CA MET J 233 -35.27 2.92 31.27
C MET J 233 -36.57 3.65 31.63
N SER J 234 -36.95 4.64 30.83
CA SER J 234 -38.24 5.28 31.01
C SER J 234 -39.39 4.30 30.81
N GLY J 235 -39.25 3.37 29.88
CA GLY J 235 -40.32 2.42 29.60
C GLY J 235 -40.57 1.40 30.69
N ILE J 236 -39.54 1.01 31.44
CA ILE J 236 -39.72 -0.05 32.43
C ILE J 236 -40.46 0.45 33.66
N THR J 237 -40.43 1.74 33.93
CA THR J 237 -41.04 2.31 35.13
C THR J 237 -42.28 3.14 34.81
N CYS J 238 -42.87 2.95 33.64
CA CYS J 238 -44.07 3.71 33.29
C CYS J 238 -45.26 3.24 34.10
N CYS J 239 -45.30 1.98 34.49
CA CYS J 239 -46.47 1.44 35.17
C CYS J 239 -46.67 2.10 36.53
N LEU J 240 -45.59 2.50 37.19
CA LEU J 240 -45.71 3.19 38.47
C LEU J 240 -46.23 4.61 38.28
N ARG J 241 -45.77 5.29 37.23
CA ARG J 241 -46.03 6.71 37.07
C ARG J 241 -47.35 7.02 36.38
N PHE J 242 -48.04 6.02 35.84
CA PHE J 242 -49.24 6.31 35.08
C PHE J 242 -50.24 5.18 35.24
N PRO J 243 -51.53 5.47 35.20
CA PRO J 243 -52.53 4.41 35.30
C PRO J 243 -52.63 3.60 34.01
N GLY J 244 -52.92 2.31 34.16
CA GLY J 244 -53.03 1.43 33.02
C GLY J 244 -54.14 0.41 33.19
N GLN J 245 -54.49 -0.23 32.07
CA GLN J 245 -55.49 -1.29 32.09
C GLN J 245 -54.96 -2.56 32.72
N LEU J 246 -53.64 -2.71 32.80
CA LEU J 246 -53.02 -3.87 33.43
C LEU J 246 -51.66 -3.43 33.94
N ASN J 247 -51.53 -3.26 35.26
CA ASN J 247 -50.33 -2.67 35.82
C ASN J 247 -49.33 -3.74 36.23
N ALA J 248 -48.05 -3.45 36.02
CA ALA J 248 -46.97 -4.36 36.37
C ALA J 248 -45.80 -3.52 36.87
N ASP J 249 -45.56 -3.53 38.18
CA ASP J 249 -44.46 -2.76 38.74
C ASP J 249 -43.17 -3.55 38.54
N LEU J 250 -42.09 -3.13 39.20
CA LEU J 250 -40.80 -3.79 38.99
C LEU J 250 -40.78 -5.17 39.61
N ARG J 251 -41.35 -5.32 40.81
CA ARG J 251 -41.37 -6.62 41.46
C ARG J 251 -42.21 -7.65 40.71
N LYS J 252 -43.29 -7.20 40.06
CA LYS J 252 -44.17 -8.11 39.34
C LYS J 252 -43.45 -8.74 38.15
N LEU J 253 -42.72 -7.93 37.38
CA LEU J 253 -41.94 -8.43 36.25
C LEU J 253 -40.81 -9.35 36.69
N ALA J 254 -40.17 -9.04 37.81
CA ALA J 254 -39.05 -9.84 38.28
C ALA J 254 -39.46 -11.28 38.56
N VAL J 255 -40.57 -11.47 39.26
CA VAL J 255 -41.00 -12.83 39.57
C VAL J 255 -41.52 -13.56 38.35
N ASN J 256 -41.99 -12.83 37.32
CA ASN J 256 -42.50 -13.49 36.13
C ASN J 256 -41.41 -13.85 35.14
N LEU J 257 -40.19 -13.33 35.30
CA LEU J 257 -39.12 -13.57 34.33
C LEU J 257 -37.98 -14.40 34.89
N ILE J 258 -37.87 -14.49 36.22
CA ILE J 258 -36.72 -15.12 36.86
C ILE J 258 -37.17 -16.46 37.45
N PRO J 259 -36.83 -17.58 36.83
CA PRO J 259 -37.25 -18.86 37.38
C PRO J 259 -36.34 -19.34 38.51
N PHE J 260 -35.08 -18.89 38.50
CA PHE J 260 -34.11 -19.34 39.50
C PHE J 260 -33.31 -18.13 39.95
N PRO J 261 -32.95 -18.05 41.23
CA PRO J 261 -32.43 -16.78 41.78
C PRO J 261 -31.16 -16.23 41.15
N ARG J 262 -30.35 -17.04 40.48
CA ARG J 262 -29.14 -16.50 39.85
C ARG J 262 -29.28 -16.25 38.36
N LEU J 263 -30.43 -16.57 37.77
CA LEU J 263 -30.65 -16.46 36.34
C LEU J 263 -31.36 -15.14 36.03
N HIS J 264 -30.65 -14.04 36.25
CA HIS J 264 -31.27 -12.71 36.18
C HIS J 264 -30.44 -11.75 35.35
N PHE J 265 -30.05 -12.20 34.16
CA PHE J 265 -29.42 -11.34 33.15
C PHE J 265 -30.30 -11.36 31.92
N PHE J 266 -30.82 -10.19 31.56
CA PHE J 266 -31.84 -10.03 30.54
C PHE J 266 -31.29 -9.36 29.29
N MET J 267 -32.03 -9.52 28.20
CA MET J 267 -31.77 -8.79 26.97
C MET J 267 -32.96 -7.90 26.66
N VAL J 268 -32.70 -6.74 26.09
CA VAL J 268 -33.71 -5.70 25.99
C VAL J 268 -33.89 -5.29 24.55
N GLY J 269 -35.11 -4.90 24.19
CA GLY J 269 -35.38 -4.27 22.92
C GLY J 269 -36.48 -3.24 23.08
N PHE J 270 -36.39 -2.19 22.27
CA PHE J 270 -37.38 -1.12 22.30
C PHE J 270 -37.99 -0.94 20.92
N THR J 271 -39.28 -0.61 20.89
CA THR J 271 -40.04 -0.43 19.66
C THR J 271 -41.05 0.68 19.89
N PRO J 272 -41.42 1.44 18.85
CA PRO J 272 -40.98 1.35 17.46
C PRO J 272 -39.73 2.18 17.15
N LEU J 273 -38.90 1.67 16.24
CA LEU J 273 -37.65 2.30 15.85
C LEU J 273 -37.61 2.35 14.33
N THR J 274 -37.81 3.54 13.77
CA THR J 274 -37.75 3.70 12.33
C THR J 274 -36.98 4.97 11.97
N SER J 275 -36.34 4.91 10.81
CA SER J 275 -35.58 6.05 10.33
C SER J 275 -36.51 7.22 10.05
N ARG J 276 -35.95 8.44 10.11
CA ARG J 276 -36.77 9.62 9.89
C ARG J 276 -37.28 9.71 8.46
N GLY J 277 -36.63 9.03 7.52
CA GLY J 277 -37.12 8.98 6.16
C GLY J 277 -38.36 8.14 5.96
N SER J 278 -38.60 7.16 6.83
CA SER J 278 -39.73 6.24 6.70
C SER J 278 -40.73 6.39 7.83
N GLN J 279 -40.65 7.46 8.63
CA GLN J 279 -41.54 7.60 9.77
C GLN J 279 -42.99 7.72 9.35
N GLN J 280 -43.27 8.37 8.22
CA GLN J 280 -44.65 8.56 7.79
C GLN J 280 -45.12 7.49 6.82
N TYR J 281 -44.24 6.61 6.34
CA TYR J 281 -44.64 5.53 5.46
C TYR J 281 -45.09 4.27 6.20
N ARG J 282 -45.03 4.24 7.53
CA ARG J 282 -45.27 2.99 8.24
C ARG J 282 -46.55 3.07 9.06
N ALA J 283 -47.08 1.90 9.41
CA ALA J 283 -48.22 1.77 10.29
C ALA J 283 -47.75 1.48 11.71
N LEU J 284 -48.62 1.78 12.68
CA LEU J 284 -48.35 1.58 14.11
C LEU J 284 -49.51 0.76 14.69
N THR J 285 -49.38 -0.56 14.65
CA THR J 285 -50.35 -1.45 15.26
C THR J 285 -49.63 -2.49 16.10
N VAL J 286 -50.40 -3.16 16.95
CA VAL J 286 -49.81 -4.15 17.86
C VAL J 286 -49.15 -5.30 17.10
N PRO J 287 -49.74 -5.87 16.04
CA PRO J 287 -48.97 -6.82 15.23
C PRO J 287 -47.68 -6.23 14.69
N GLU J 288 -47.70 -4.95 14.31
CA GLU J 288 -46.52 -4.31 13.76
C GLU J 288 -45.46 -4.07 14.83
N LEU J 289 -45.87 -3.77 16.06
CA LEU J 289 -44.92 -3.67 17.15
C LEU J 289 -44.34 -5.02 17.53
N THR J 290 -45.13 -6.09 17.45
CA THR J 290 -44.64 -7.40 17.87
C THR J 290 -43.63 -7.99 16.88
N GLN J 291 -43.81 -7.72 15.58
CA GLN J 291 -42.84 -8.23 14.61
C GLN J 291 -41.46 -7.62 14.84
N GLN J 292 -41.39 -6.33 15.14
CA GLN J 292 -40.13 -5.68 15.43
C GLN J 292 -39.62 -5.98 16.83
N MET J 293 -40.51 -6.35 17.74
CA MET J 293 -40.10 -6.60 19.12
C MET J 293 -39.37 -7.92 19.25
N TRP J 294 -39.90 -8.97 18.62
CA TRP J 294 -39.31 -10.31 18.65
C TRP J 294 -38.21 -10.50 17.62
N ASP J 295 -37.90 -9.46 16.84
CA ASP J 295 -36.84 -9.57 15.83
C ASP J 295 -35.49 -9.75 16.51
N ALA J 296 -34.76 -10.79 16.10
CA ALA J 296 -33.47 -11.06 16.71
C ALA J 296 -32.47 -9.95 16.39
N LYS J 297 -32.66 -9.24 15.29
CA LYS J 297 -31.82 -8.12 14.94
C LYS J 297 -32.15 -6.87 15.75
N ASN J 298 -33.13 -6.95 16.64
CA ASN J 298 -33.59 -5.81 17.43
C ASN J 298 -33.22 -5.90 18.89
N MET J 299 -32.55 -6.96 19.32
CA MET J 299 -32.05 -7.00 20.68
C MET J 299 -30.91 -6.00 20.84
N MET J 300 -30.82 -5.41 22.02
CA MET J 300 -29.73 -4.49 22.34
C MET J 300 -28.59 -5.20 23.04
N CYS J 301 -28.42 -6.48 22.73
CA CYS J 301 -27.28 -7.27 23.18
C CYS J 301 -26.78 -8.08 21.99
N ALA J 302 -25.49 -8.39 21.99
CA ALA J 302 -24.91 -9.18 20.91
C ALA J 302 -25.03 -10.67 21.19
N ALA J 303 -26.25 -11.12 21.50
CA ALA J 303 -26.53 -12.52 21.79
C ALA J 303 -27.74 -12.91 20.96
N ASP J 304 -27.50 -13.58 19.85
CA ASP J 304 -28.53 -14.04 18.93
C ASP J 304 -29.44 -15.04 19.64
N PRO J 305 -30.68 -14.67 19.95
CA PRO J 305 -31.54 -15.57 20.73
C PRO J 305 -31.88 -16.86 20.01
N ARG J 306 -31.82 -16.89 18.68
CA ARG J 306 -32.08 -18.14 17.98
C ARG J 306 -30.95 -19.14 18.11
N HIS J 307 -29.87 -18.79 18.80
CA HIS J 307 -28.84 -19.77 19.16
C HIS J 307 -29.18 -20.53 20.44
N GLY J 308 -30.35 -20.32 21.00
CA GLY J 308 -30.75 -21.02 22.19
C GLY J 308 -32.26 -21.02 22.31
N ARG J 309 -32.74 -21.00 23.55
CA ARG J 309 -34.17 -20.99 23.84
C ARG J 309 -34.50 -19.80 24.74
N TYR J 310 -35.79 -19.47 24.79
CA TYR J 310 -36.31 -18.52 25.77
C TYR J 310 -36.82 -19.23 27.00
N LEU J 311 -36.35 -18.80 28.16
CA LEU J 311 -36.96 -19.24 29.41
C LEU J 311 -38.29 -18.53 29.61
N THR J 312 -38.27 -17.20 29.60
CA THR J 312 -39.47 -16.38 29.73
C THR J 312 -39.28 -15.12 28.91
N ALA J 313 -40.38 -14.38 28.74
CA ALA J 313 -40.36 -13.15 27.96
C ALA J 313 -41.40 -12.19 28.54
N SER J 314 -41.16 -10.90 28.38
CA SER J 314 -42.06 -9.88 28.89
C SER J 314 -42.12 -8.71 27.92
N ALA J 315 -43.31 -8.15 27.76
CA ALA J 315 -43.56 -7.03 26.86
C ALA J 315 -44.35 -5.98 27.60
N LEU J 316 -43.80 -4.78 27.74
CA LEU J 316 -44.47 -3.66 28.39
C LEU J 316 -44.94 -2.71 27.31
N PHE J 317 -46.25 -2.50 27.25
CA PHE J 317 -46.87 -1.68 26.23
C PHE J 317 -47.35 -0.36 26.81
N ARG J 318 -47.29 0.70 25.99
CA ARG J 318 -47.75 2.02 26.38
C ARG J 318 -48.68 2.56 25.29
N GLY J 319 -49.83 3.09 25.70
CA GLY J 319 -50.78 3.63 24.74
C GLY J 319 -52.14 2.98 24.80
N ARG J 320 -53.16 3.67 24.30
CA ARG J 320 -54.52 3.13 24.28
C ARG J 320 -54.63 2.00 23.26
N MET J 321 -54.58 0.76 23.75
CA MET J 321 -54.59 -0.42 22.91
C MET J 321 -55.62 -1.40 23.42
N SER J 322 -56.08 -2.28 22.53
CA SER J 322 -57.04 -3.31 22.89
C SER J 322 -56.30 -4.48 23.49
N THR J 323 -56.62 -4.83 24.73
CA THR J 323 -55.91 -5.90 25.43
C THR J 323 -56.06 -7.24 24.73
N LYS J 324 -57.19 -7.47 24.05
CA LYS J 324 -57.35 -8.73 23.33
C LYS J 324 -56.27 -8.91 22.29
N GLU J 325 -55.99 -7.85 21.52
CA GLU J 325 -54.92 -7.90 20.53
C GLU J 325 -53.59 -8.26 21.17
N VAL J 326 -53.32 -7.74 22.36
CA VAL J 326 -52.07 -8.05 23.04
C VAL J 326 -51.96 -9.54 23.32
N ASP J 327 -52.99 -10.12 23.93
CA ASP J 327 -52.90 -11.51 24.36
C ASP J 327 -52.87 -12.47 23.17
N GLU J 328 -53.71 -12.22 22.15
CA GLU J 328 -53.72 -13.12 20.99
C GLU J 328 -52.43 -13.02 20.18
N GLN J 329 -51.84 -11.84 20.08
CA GLN J 329 -50.56 -11.72 19.38
C GLN J 329 -49.42 -12.44 20.10
N MET J 330 -49.35 -12.31 21.43
CA MET J 330 -48.31 -13.03 22.17
C MET J 330 -48.49 -14.54 22.05
N LEU J 331 -49.74 -15.00 22.04
CA LEU J 331 -50.00 -16.42 21.86
C LEU J 331 -49.51 -16.87 20.49
N ASN J 332 -49.68 -16.02 19.48
CA ASN J 332 -49.26 -16.35 18.13
C ASN J 332 -47.75 -16.50 18.05
N VAL J 333 -47.01 -15.53 18.58
CA VAL J 333 -45.55 -15.58 18.52
C VAL J 333 -45.00 -16.75 19.33
N GLN J 334 -45.78 -17.31 20.23
CA GLN J 334 -45.35 -18.49 20.97
C GLN J 334 -45.71 -19.78 20.25
N ASN J 335 -46.71 -19.75 19.38
CA ASN J 335 -47.15 -20.95 18.69
C ASN J 335 -46.31 -21.16 17.45
N LYS J 336 -45.99 -20.06 16.76
CA LYS J 336 -45.22 -20.11 15.53
C LYS J 336 -43.79 -20.55 15.83
N ASN J 337 -43.06 -19.79 16.65
CA ASN J 337 -41.71 -20.20 17.04
C ASN J 337 -41.79 -21.14 18.25
N SER J 338 -42.27 -22.36 18.02
CA SER J 338 -42.48 -23.22 19.17
C SER J 338 -41.22 -23.95 19.65
N SER J 339 -40.15 -23.95 18.87
CA SER J 339 -38.93 -24.65 19.28
C SER J 339 -38.02 -23.79 20.14
N TYR J 340 -38.20 -22.47 20.11
CA TYR J 340 -37.31 -21.52 20.77
C TYR J 340 -37.68 -21.24 22.22
N PHE J 341 -38.69 -21.92 22.75
CA PHE J 341 -39.12 -21.68 24.11
C PHE J 341 -38.87 -22.93 24.94
N VAL J 342 -38.84 -22.72 26.26
CA VAL J 342 -38.59 -23.82 27.17
C VAL J 342 -39.83 -24.70 27.21
N GLU J 343 -39.62 -25.99 27.48
CA GLU J 343 -40.71 -26.94 27.43
C GLU J 343 -41.48 -27.02 28.74
N TRP J 344 -40.79 -27.05 29.87
CA TRP J 344 -41.49 -27.22 31.12
C TRP J 344 -42.13 -25.94 31.59
N ILE J 345 -42.23 -24.92 30.74
CA ILE J 345 -43.02 -23.74 31.05
C ILE J 345 -43.88 -23.38 29.84
N PRO J 346 -45.17 -23.68 29.85
CA PRO J 346 -46.05 -23.16 28.79
C PRO J 346 -46.45 -21.74 29.10
N ASN J 347 -46.77 -20.98 28.06
CA ASN J 347 -47.18 -19.59 28.20
C ASN J 347 -46.08 -18.80 28.91
N ASN J 348 -44.96 -18.67 28.19
CA ASN J 348 -43.73 -18.07 28.67
C ASN J 348 -43.75 -16.56 28.71
N VAL J 349 -44.85 -15.91 28.30
CA VAL J 349 -44.85 -14.48 28.03
C VAL J 349 -45.72 -13.76 29.05
N LYS J 350 -45.12 -12.76 29.71
CA LYS J 350 -45.82 -11.84 30.60
C LYS J 350 -46.07 -10.51 29.88
N SER J 351 -47.25 -9.93 30.07
CA SER J 351 -47.63 -8.71 29.37
C SER J 351 -48.25 -7.70 30.32
N SER J 352 -48.16 -6.43 29.93
CA SER J 352 -48.74 -5.32 30.70
C SER J 352 -49.03 -4.15 29.78
N VAL J 353 -50.04 -3.35 30.15
CA VAL J 353 -50.50 -2.23 29.33
C VAL J 353 -50.65 -0.99 30.21
N CYS J 354 -50.04 0.11 29.78
CA CYS J 354 -50.24 1.43 30.38
C CYS J 354 -50.80 2.41 29.36
N ASP J 355 -51.62 3.36 29.81
CA ASP J 355 -52.38 4.19 28.87
C ASP J 355 -51.67 5.47 28.43
N ILE J 356 -50.45 5.74 28.88
CA ILE J 356 -49.79 7.00 28.55
C ILE J 356 -48.57 6.69 27.68
N PRO J 357 -48.53 7.14 26.43
CA PRO J 357 -47.38 6.87 25.58
C PRO J 357 -46.26 7.86 25.84
N PRO J 358 -45.04 7.53 25.41
CA PRO J 358 -43.95 8.51 25.48
C PRO J 358 -44.18 9.69 24.54
N LYS J 359 -43.55 10.81 24.87
CA LYS J 359 -43.76 12.05 24.14
C LYS J 359 -43.29 11.90 22.70
N GLY J 360 -44.19 12.18 21.76
CA GLY J 360 -43.88 12.12 20.35
C GLY J 360 -44.40 10.88 19.65
N LEU J 361 -44.97 9.95 20.40
CA LEU J 361 -45.52 8.72 19.81
C LEU J 361 -46.96 8.54 20.25
N LYS J 362 -47.59 7.52 19.67
CA LYS J 362 -48.93 7.09 20.01
C LYS J 362 -48.93 5.78 20.76
N MET J 363 -48.00 4.89 20.44
CA MET J 363 -48.02 3.52 20.93
C MET J 363 -46.59 2.99 20.92
N SER J 364 -46.08 2.60 22.09
CA SER J 364 -44.71 2.14 22.24
C SER J 364 -44.69 0.79 22.93
N ALA J 365 -43.50 0.19 22.99
CA ALA J 365 -43.37 -1.15 23.55
C ALA J 365 -41.95 -1.38 24.02
N THR J 366 -41.80 -2.23 25.03
CA THR J 366 -40.51 -2.56 25.60
C THR J 366 -40.44 -4.06 25.86
N PHE J 367 -39.42 -4.71 25.31
CA PHE J 367 -39.24 -6.15 25.40
C PHE J 367 -38.11 -6.49 26.35
N ILE J 368 -38.35 -7.45 27.24
CA ILE J 368 -37.34 -7.98 28.13
C ILE J 368 -37.39 -9.50 28.02
N GLY J 369 -36.36 -10.08 27.42
CA GLY J 369 -36.33 -11.52 27.23
C GLY J 369 -35.22 -12.19 28.01
N ASN J 370 -35.57 -13.14 28.86
CA ASN J 370 -34.59 -13.95 29.57
C ASN J 370 -34.34 -15.23 28.77
N SER J 371 -33.35 -15.18 27.89
CA SER J 371 -33.03 -16.29 27.01
C SER J 371 -31.76 -16.98 27.48
N THR J 372 -31.52 -18.18 26.95
CA THR J 372 -30.32 -18.94 27.27
C THR J 372 -29.23 -18.76 26.24
N ALA J 373 -29.44 -17.89 25.25
CA ALA J 373 -28.37 -17.58 24.33
C ALA J 373 -27.38 -16.60 24.93
N ILE J 374 -27.69 -16.04 26.10
CA ILE J 374 -26.81 -15.07 26.74
C ILE J 374 -25.54 -15.74 27.23
N GLN J 375 -25.56 -17.06 27.39
CA GLN J 375 -24.37 -17.79 27.79
C GLN J 375 -23.26 -17.70 26.75
N GLU J 376 -23.59 -17.35 25.51
CA GLU J 376 -22.53 -17.15 24.51
C GLU J 376 -21.59 -16.03 24.93
N MET J 377 -22.13 -14.90 25.41
CA MET J 377 -21.24 -13.80 25.79
C MET J 377 -20.37 -14.16 26.98
N PHE J 378 -20.93 -14.85 27.97
CA PHE J 378 -20.13 -15.13 29.15
C PHE J 378 -19.00 -16.07 28.78
N LYS J 379 -19.31 -17.09 27.98
CA LYS J 379 -18.26 -17.94 27.43
C LYS J 379 -17.35 -17.15 26.48
N ARG J 380 -17.94 -16.22 25.71
CA ARG J 380 -17.17 -15.40 24.76
C ARG J 380 -16.13 -14.52 25.45
N VAL J 381 -16.37 -14.14 26.70
CA VAL J 381 -15.37 -13.34 27.42
C VAL J 381 -14.35 -14.23 28.09
N SER J 382 -14.77 -15.40 28.58
CA SER J 382 -13.86 -16.23 29.37
C SER J 382 -12.64 -16.62 28.56
N GLU J 383 -12.81 -16.89 27.26
CA GLU J 383 -11.63 -17.27 26.47
C GLU J 383 -10.64 -16.13 26.35
N GLN J 384 -11.11 -14.88 26.31
CA GLN J 384 -10.17 -13.77 26.37
C GLN J 384 -9.53 -13.68 27.75
N PHE J 385 -10.34 -13.86 28.81
CA PHE J 385 -9.81 -13.83 30.17
C PHE J 385 -8.77 -14.93 30.36
N THR J 386 -9.09 -16.15 29.94
CA THR J 386 -8.14 -17.26 30.07
C THR J 386 -6.90 -17.04 29.20
N ALA J 387 -7.06 -16.32 28.08
CA ALA J 387 -5.92 -16.04 27.24
C ALA J 387 -4.91 -15.16 27.96
N MET J 388 -5.39 -14.09 28.59
CA MET J 388 -4.49 -13.20 29.31
C MET J 388 -3.97 -13.86 30.58
N PHE J 389 -4.88 -14.44 31.37
CA PHE J 389 -4.53 -14.96 32.68
C PHE J 389 -3.64 -16.20 32.63
N ARG J 390 -3.57 -16.88 31.49
CA ARG J 390 -2.69 -18.05 31.38
C ARG J 390 -1.23 -17.65 31.58
N ARG J 391 -0.79 -16.55 30.98
CA ARG J 391 0.61 -16.15 31.07
C ARG J 391 0.76 -14.79 31.75
N LYS J 392 -0.25 -14.40 32.52
CA LYS J 392 -0.16 -13.34 33.53
C LYS J 392 0.12 -11.95 32.94
N ALA J 393 -0.48 -11.65 31.79
CA ALA J 393 -0.30 -10.31 31.25
C ALA J 393 -1.13 -9.30 32.05
N PHE J 394 -0.59 -8.10 32.20
CA PHE J 394 -1.25 -6.97 32.86
C PHE J 394 -1.66 -7.26 34.30
N LEU J 395 -1.09 -8.32 34.91
CA LEU J 395 -1.60 -8.76 36.19
C LEU J 395 -1.08 -7.93 37.36
N HIS J 396 0.08 -7.30 37.22
CA HIS J 396 0.68 -6.68 38.39
C HIS J 396 -0.05 -5.40 38.77
N TRP J 397 -0.62 -4.70 37.78
CA TRP J 397 -1.40 -3.51 38.08
C TRP J 397 -2.65 -3.81 38.90
N TYR J 398 -3.09 -5.07 38.92
CA TYR J 398 -4.14 -5.49 39.84
C TYR J 398 -3.58 -6.13 41.10
N THR J 399 -2.53 -6.94 40.98
CA THR J 399 -2.00 -7.68 42.12
C THR J 399 -1.38 -6.74 43.15
N GLY J 400 -0.49 -5.84 42.72
CA GLY J 400 0.20 -4.95 43.62
C GLY J 400 -0.67 -3.92 44.30
N GLU J 401 -1.98 -3.95 44.07
CA GLU J 401 -2.93 -3.04 44.70
C GLU J 401 -3.70 -3.67 45.86
N GLY J 402 -3.72 -5.00 45.97
CA GLY J 402 -4.40 -5.64 47.07
C GLY J 402 -5.07 -6.95 46.69
N MET J 403 -5.35 -7.13 45.41
CA MET J 403 -5.92 -8.38 44.94
C MET J 403 -4.85 -9.47 44.89
N ASP J 404 -5.29 -10.72 45.03
CA ASP J 404 -4.43 -11.88 45.00
C ASP J 404 -4.84 -12.78 43.84
N GLU J 405 -4.19 -13.93 43.75
CA GLU J 405 -4.40 -14.80 42.59
C GLU J 405 -5.74 -15.51 42.66
N MET J 406 -6.18 -15.89 43.85
CA MET J 406 -7.41 -16.65 44.01
C MET J 406 -8.66 -15.88 43.58
N GLU J 407 -8.60 -14.55 43.59
CA GLU J 407 -9.73 -13.77 43.06
C GLU J 407 -9.98 -14.03 41.58
N PHE J 408 -8.94 -14.07 40.75
CA PHE J 408 -9.19 -14.37 39.35
C PHE J 408 -9.69 -15.80 39.16
N THR J 409 -9.15 -16.75 39.93
CA THR J 409 -9.66 -18.12 39.86
C THR J 409 -11.12 -18.19 40.28
N GLU J 410 -11.49 -17.48 41.34
CA GLU J 410 -12.89 -17.46 41.77
C GLU J 410 -13.77 -16.84 40.70
N ALA J 411 -13.34 -15.72 40.13
CA ALA J 411 -14.12 -15.07 39.09
C ALA J 411 -14.29 -15.98 37.88
N GLU J 412 -13.23 -16.68 37.48
CA GLU J 412 -13.32 -17.62 36.36
C GLU J 412 -14.28 -18.77 36.67
N SER J 413 -14.22 -19.29 37.90
CA SER J 413 -15.09 -20.41 38.29
C SER J 413 -16.56 -20.04 38.17
N ASN J 414 -16.92 -18.83 38.63
CA ASN J 414 -18.31 -18.41 38.57
C ASN J 414 -18.77 -18.19 37.14
N MET J 415 -17.88 -17.68 36.28
CA MET J 415 -18.21 -17.59 34.87
C MET J 415 -18.50 -18.96 34.28
N ASN J 416 -17.72 -19.97 34.68
CA ASN J 416 -17.85 -21.29 34.05
C ASN J 416 -19.12 -21.99 34.52
N ASP J 417 -19.40 -21.97 35.82
CA ASP J 417 -20.61 -22.61 36.31
C ASP J 417 -21.86 -21.84 35.92
N LEU J 418 -21.74 -20.55 35.63
CA LEU J 418 -22.89 -19.78 35.14
C LEU J 418 -23.31 -20.25 33.75
N VAL J 419 -22.37 -20.30 32.81
CA VAL J 419 -22.71 -20.77 31.48
C VAL J 419 -23.16 -22.22 31.51
N SER J 420 -22.76 -22.97 32.54
CA SER J 420 -23.19 -24.34 32.69
C SER J 420 -24.68 -24.43 33.04
N GLU J 421 -25.17 -23.57 33.94
CA GLU J 421 -26.59 -23.66 34.27
C GLU J 421 -27.47 -23.14 33.15
N TYR J 422 -27.02 -22.16 32.36
CA TYR J 422 -27.75 -21.88 31.12
C TYR J 422 -27.72 -23.10 30.22
N GLN J 423 -26.53 -23.69 30.04
CA GLN J 423 -26.41 -24.90 29.23
C GLN J 423 -27.23 -26.03 29.83
N GLN J 424 -27.32 -26.09 31.16
CA GLN J 424 -28.11 -27.11 31.82
C GLN J 424 -29.58 -26.94 31.51
N TYR J 425 -30.11 -25.75 31.75
CA TYR J 425 -31.51 -25.45 31.52
C TYR J 425 -31.84 -25.37 30.03
N GLN J 426 -30.85 -25.19 29.18
CA GLN J 426 -31.06 -25.19 27.73
C GLN J 426 -31.24 -26.62 27.22
N ARG K 2 -5.70 19.77 38.20
CA ARG K 2 -4.78 18.76 37.68
C ARG K 2 -3.68 19.40 36.85
N GLU K 3 -2.43 19.14 37.25
CA GLU K 3 -1.27 19.72 36.58
C GLU K 3 -0.16 18.69 36.49
N VAL K 4 0.71 18.88 35.49
CA VAL K 4 1.86 18.03 35.25
C VAL K 4 3.04 18.91 34.86
N ILE K 5 4.19 18.70 35.50
CA ILE K 5 5.36 19.55 35.32
C ILE K 5 6.38 18.79 34.49
N SER K 6 7.20 19.54 33.77
CA SER K 6 8.10 19.00 32.76
C SER K 6 9.53 19.38 33.08
N ILE K 7 10.44 18.41 33.04
CA ILE K 7 11.85 18.66 33.28
C ILE K 7 12.59 18.46 31.97
N HIS K 8 13.61 19.28 31.73
CA HIS K 8 14.36 19.27 30.48
C HIS K 8 15.83 19.24 30.84
N ILE K 9 16.58 18.27 30.33
CA ILE K 9 17.98 18.12 30.67
C ILE K 9 18.81 18.16 29.39
N GLY K 10 19.88 18.95 29.40
CA GLY K 10 20.85 18.85 28.33
C GLY K 10 20.62 19.76 27.15
N GLN K 11 21.57 19.67 26.22
CA GLN K 11 21.50 20.42 24.97
C GLN K 11 20.28 20.01 24.16
N ALA K 12 20.01 18.71 24.10
CA ALA K 12 18.83 18.24 23.38
C ALA K 12 17.56 18.46 24.16
N GLY K 13 17.61 18.27 25.48
CA GLY K 13 16.41 18.38 26.29
C GLY K 13 15.76 19.75 26.22
N ILE K 14 16.54 20.80 26.50
CA ILE K 14 15.93 22.13 26.58
C ILE K 14 15.69 22.74 25.21
N GLN K 15 16.36 22.27 24.16
CA GLN K 15 15.96 22.72 22.83
C GLN K 15 14.64 22.10 22.42
N VAL K 16 14.41 20.85 22.80
CA VAL K 16 13.09 20.24 22.62
C VAL K 16 12.05 21.03 23.43
N GLY K 17 12.41 21.39 24.66
CA GLY K 17 11.53 22.20 25.48
C GLY K 17 11.30 23.59 24.93
N ASN K 18 12.31 24.17 24.29
CA ASN K 18 12.17 25.51 23.74
C ASN K 18 11.13 25.53 22.63
N ALA K 19 10.92 24.40 21.96
CA ALA K 19 9.86 24.28 20.98
C ALA K 19 8.55 23.84 21.62
N CYS K 20 8.64 23.02 22.66
CA CYS K 20 7.45 22.46 23.29
C CYS K 20 6.66 23.56 24.01
N TRP K 21 7.36 24.38 24.79
CA TRP K 21 6.71 25.49 25.50
C TRP K 21 6.20 26.57 24.56
N GLU K 22 6.88 26.80 23.44
CA GLU K 22 6.35 27.70 22.43
C GLU K 22 4.98 27.24 21.95
N LEU K 23 4.79 25.94 21.79
CA LEU K 23 3.50 25.40 21.37
C LEU K 23 2.45 25.54 22.47
N TYR K 24 2.85 25.35 23.73
CA TYR K 24 1.89 25.44 24.84
C TYR K 24 1.34 26.85 24.99
N CYS K 25 2.21 27.86 24.97
CA CYS K 25 1.73 29.24 25.05
C CYS K 25 0.88 29.60 23.85
N LEU K 26 1.26 29.12 22.67
CA LEU K 26 0.47 29.41 21.47
C LEU K 26 -0.86 28.68 21.47
N GLU K 27 -0.98 27.58 22.21
CA GLU K 27 -2.21 26.81 22.23
C GLU K 27 -3.25 27.45 23.16
N HIS K 28 -2.81 27.91 24.31
CA HIS K 28 -3.69 28.58 25.26
C HIS K 28 -3.78 30.07 25.00
N ASP K 47 -9.28 28.07 32.15
CA ASP K 47 -8.94 27.16 33.25
C ASP K 47 -8.15 25.96 32.74
N ALA K 48 -8.29 25.69 31.43
CA ALA K 48 -7.59 24.57 30.83
C ALA K 48 -6.08 24.75 30.92
N PHE K 49 -5.61 25.99 30.97
CA PHE K 49 -4.19 26.27 31.08
C PHE K 49 -3.59 25.81 32.40
N ASN K 50 -4.43 25.54 33.40
CA ASN K 50 -3.94 25.35 34.76
C ASN K 50 -2.90 24.23 34.85
N THR K 51 -2.97 23.25 33.94
CA THR K 51 -2.07 22.12 34.06
C THR K 51 -0.64 22.45 33.65
N PHE K 52 -0.41 23.58 33.00
CA PHE K 52 0.92 24.02 32.59
C PHE K 52 1.29 25.39 33.12
N PHE K 53 0.33 26.31 33.21
CA PHE K 53 0.58 27.65 33.71
C PHE K 53 -0.19 27.91 35.00
N PRO K 63 5.58 29.13 33.89
CA PRO K 63 5.41 27.70 33.57
C PRO K 63 5.91 26.79 34.67
N ARG K 64 5.35 25.59 34.72
CA ARG K 64 5.79 24.56 35.67
C ARG K 64 6.90 23.74 35.03
N CYS K 65 8.04 24.38 34.83
CA CYS K 65 9.14 23.75 34.12
C CYS K 65 10.44 23.96 34.86
N ILE K 66 11.46 23.22 34.43
CA ILE K 66 12.84 23.46 34.84
C ILE K 66 13.79 23.07 33.72
N PHE K 67 14.58 24.01 33.25
CA PHE K 67 15.67 23.69 32.35
C PHE K 67 16.90 23.49 33.22
N LEU K 68 17.73 22.50 32.86
CA LEU K 68 18.99 22.38 33.57
C LEU K 68 20.03 21.76 32.67
N ASP K 69 21.26 22.26 32.77
CA ASP K 69 22.35 21.84 31.92
C ASP K 69 23.66 22.19 32.61
N LEU K 70 24.74 21.61 32.12
CA LEU K 70 26.06 21.92 32.64
C LEU K 70 26.74 23.02 31.84
N GLU K 71 26.51 23.07 30.55
CA GLU K 71 27.00 24.16 29.71
C GLU K 71 26.01 25.33 29.73
N PRO K 72 26.44 26.55 30.06
CA PRO K 72 25.51 27.67 30.17
C PRO K 72 25.09 28.28 28.84
N THR K 73 25.63 27.80 27.72
CA THR K 73 25.45 28.50 26.45
C THR K 73 24.02 28.42 25.94
N VAL K 74 23.38 27.26 26.05
CA VAL K 74 22.04 27.09 25.51
C VAL K 74 20.95 27.61 26.45
N VAL K 75 21.17 27.52 27.75
CA VAL K 75 20.21 28.06 28.71
C VAL K 75 20.16 29.58 28.65
N ASP K 76 21.32 30.23 28.57
CA ASP K 76 21.43 31.68 28.47
C ASP K 76 21.07 32.21 27.10
N GLU K 77 20.88 31.36 26.10
CA GLU K 77 20.18 31.79 24.90
C GLU K 77 18.71 32.02 25.17
N VAL K 78 18.12 31.20 26.05
CA VAL K 78 16.74 31.45 26.47
C VAL K 78 16.65 32.71 27.33
N ARG K 79 17.65 32.95 28.18
CA ARG K 79 17.59 34.08 29.10
C ARG K 79 17.57 35.41 28.37
N THR K 80 18.14 35.48 27.17
CA THR K 80 18.13 36.70 26.37
C THR K 80 17.17 36.62 25.20
N GLY K 81 16.52 35.49 24.99
CA GLY K 81 15.66 35.32 23.83
C GLY K 81 14.37 36.11 23.88
N THR K 82 13.39 35.71 23.06
CA THR K 82 12.11 36.40 23.06
C THR K 82 11.35 36.11 24.33
N TYR K 83 11.52 34.93 24.90
CA TYR K 83 10.84 34.54 26.13
C TYR K 83 11.71 34.84 27.34
N ARG K 84 12.16 36.09 27.42
CA ARG K 84 12.87 36.56 28.61
C ARG K 84 11.94 36.59 29.80
N GLN K 85 10.83 37.32 29.69
CA GLN K 85 9.99 37.58 30.84
C GLN K 85 9.08 36.40 31.15
N LEU K 86 8.91 35.49 30.19
CA LEU K 86 7.98 34.38 30.37
C LEU K 86 8.44 33.44 31.48
N PHE K 87 9.73 33.15 31.55
CA PHE K 87 10.24 32.20 32.52
C PHE K 87 10.75 32.96 33.73
N HIS K 88 10.41 32.48 34.91
CA HIS K 88 10.94 33.09 36.12
C HIS K 88 12.45 32.89 36.14
N PRO K 89 13.23 33.90 36.54
CA PRO K 89 14.69 33.79 36.40
C PRO K 89 15.32 32.57 37.08
N GLU K 90 14.84 32.19 38.27
CA GLU K 90 15.46 31.06 38.97
C GLU K 90 15.27 29.77 38.19
N GLN K 91 14.10 29.60 37.55
CA GLN K 91 13.78 28.34 36.87
C GLN K 91 14.92 27.83 36.01
N LEU K 92 15.51 28.72 35.20
CA LEU K 92 16.56 28.33 34.27
C LEU K 92 17.84 28.01 35.02
N ILE K 93 18.03 26.75 35.38
CA ILE K 93 19.23 26.30 36.09
C ILE K 93 20.36 26.16 35.08
N SER K 94 21.59 26.48 35.52
CA SER K 94 22.74 26.35 34.65
C SER K 94 24.01 26.17 35.47
N GLY K 95 24.79 25.14 35.13
CA GLY K 95 26.00 24.85 35.85
C GLY K 95 27.14 25.77 35.43
N LYS K 96 28.36 25.32 35.73
CA LYS K 96 29.55 26.10 35.41
C LYS K 96 30.31 25.58 34.20
N GLU K 97 30.41 24.25 34.03
CA GLU K 97 31.17 23.69 32.94
C GLU K 97 30.58 22.33 32.57
N ASP K 98 30.74 21.95 31.31
CA ASP K 98 30.07 20.81 30.70
C ASP K 98 30.68 19.46 31.10
N ALA K 99 29.84 18.42 31.02
CA ALA K 99 30.27 17.06 31.23
C ALA K 99 31.01 16.49 30.03
N ALA K 100 30.82 17.07 28.85
CA ALA K 100 31.62 16.77 27.66
C ALA K 100 31.47 15.30 27.24
N ASN K 101 30.24 14.92 26.90
CA ASN K 101 29.95 13.59 26.35
C ASN K 101 30.59 12.51 27.20
N ASN K 102 30.40 12.64 28.51
CA ASN K 102 31.04 11.76 29.48
C ASN K 102 30.00 11.41 30.53
N PHE K 103 29.48 10.18 30.46
CA PHE K 103 28.45 9.75 31.39
C PHE K 103 28.96 9.77 32.83
N ALA K 104 30.18 9.29 33.04
CA ALA K 104 30.74 9.27 34.39
C ALA K 104 30.92 10.68 34.92
N ARG K 105 31.40 11.60 34.08
CA ARG K 105 31.58 12.98 34.51
C ARG K 105 30.25 13.62 34.89
N GLY K 106 29.22 13.40 34.08
CA GLY K 106 27.91 13.96 34.34
C GLY K 106 27.06 13.20 35.33
N HIS K 107 27.60 12.13 35.91
CA HIS K 107 26.88 11.33 36.87
C HIS K 107 27.57 11.25 38.22
N TYR K 108 28.90 11.38 38.26
CA TYR K 108 29.66 11.24 39.50
C TYR K 108 30.41 12.50 39.89
N THR K 109 31.09 13.14 38.94
CA THR K 109 31.94 14.29 39.28
C THR K 109 31.17 15.61 39.31
N ILE K 110 30.55 16.00 38.19
CA ILE K 110 29.91 17.30 38.11
C ILE K 110 28.43 17.28 38.51
N GLY K 111 27.73 16.16 38.27
CA GLY K 111 26.33 16.08 38.66
C GLY K 111 26.12 16.33 40.14
N LYS K 112 27.04 15.84 40.98
CA LYS K 112 26.87 15.84 42.43
C LYS K 112 26.68 17.24 43.02
N GLU K 113 27.05 18.30 42.30
CA GLU K 113 26.92 19.63 42.86
C GLU K 113 25.71 20.40 42.35
N ILE K 114 25.11 19.99 41.25
CA ILE K 114 23.99 20.71 40.67
C ILE K 114 22.67 19.97 40.86
N VAL K 115 22.69 18.63 40.96
CA VAL K 115 21.45 17.87 41.01
C VAL K 115 20.68 18.19 42.29
N ASP K 116 21.40 18.45 43.38
CA ASP K 116 20.73 18.76 44.64
C ASP K 116 19.96 20.07 44.56
N LEU K 117 20.55 21.08 43.92
CA LEU K 117 19.85 22.35 43.71
C LEU K 117 18.63 22.19 42.81
N ALA K 118 18.72 21.32 41.80
CA ALA K 118 17.60 21.16 40.88
C ALA K 118 16.40 20.52 41.56
N LEU K 119 16.61 19.37 42.21
CA LEU K 119 15.50 18.63 42.80
C LEU K 119 14.97 19.29 44.06
N ASP K 120 15.80 20.06 44.75
CA ASP K 120 15.30 20.87 45.85
C ASP K 120 14.53 22.09 45.38
N ARG K 121 14.49 22.34 44.06
CA ARG K 121 13.51 23.27 43.54
C ARG K 121 12.26 22.53 43.11
N ILE K 122 12.43 21.45 42.35
CA ILE K 122 11.29 20.70 41.82
C ILE K 122 10.34 20.32 42.94
N ARG K 123 10.86 20.10 44.14
CA ARG K 123 10.00 19.80 45.28
C ARG K 123 9.01 20.94 45.50
N LYS K 124 9.50 22.18 45.60
CA LYS K 124 8.58 23.29 45.84
C LYS K 124 7.69 23.57 44.63
N LEU K 125 8.06 23.09 43.44
CA LEU K 125 7.12 23.11 42.33
C LEU K 125 5.97 22.14 42.60
N ALA K 126 6.28 20.97 43.17
CA ALA K 126 5.24 20.01 43.51
C ALA K 126 4.40 20.50 44.68
N ASP K 127 5.00 21.20 45.65
CA ASP K 127 4.21 21.76 46.74
C ASP K 127 3.31 22.88 46.25
N ASN K 128 3.71 23.60 45.21
CA ASN K 128 2.79 24.55 44.58
C ASN K 128 1.58 23.80 44.03
N CYS K 129 1.83 22.62 43.46
CA CYS K 129 0.79 21.76 42.92
C CYS K 129 0.00 21.06 44.03
N THR K 130 -1.17 20.57 43.65
CA THR K 130 -2.07 19.86 44.56
C THR K 130 -2.48 18.49 44.02
N GLY K 131 -2.74 18.39 42.72
CA GLY K 131 -3.23 17.16 42.11
C GLY K 131 -2.26 16.59 41.10
N LEU K 132 -0.98 16.57 41.44
CA LEU K 132 0.08 16.21 40.50
C LEU K 132 -0.15 14.86 39.83
N GLN K 133 -0.37 14.89 38.52
CA GLN K 133 -0.43 13.65 37.75
C GLN K 133 0.93 13.00 37.69
N GLY K 134 1.95 13.77 37.33
CA GLY K 134 3.29 13.24 37.30
C GLY K 134 4.29 14.26 36.81
N PHE K 135 5.49 13.77 36.55
CA PHE K 135 6.57 14.53 35.92
C PHE K 135 6.79 13.96 34.53
N LEU K 136 7.30 14.78 33.62
CA LEU K 136 7.76 14.26 32.34
C LEU K 136 9.13 14.82 32.02
N VAL K 137 10.07 13.93 31.69
CA VAL K 137 11.47 14.27 31.53
C VAL K 137 11.87 14.18 30.07
N PHE K 138 12.68 15.13 29.61
CA PHE K 138 13.19 15.15 28.25
C PHE K 138 14.72 15.08 28.29
N ASN K 139 15.29 14.06 27.67
CA ASN K 139 16.73 13.90 27.68
C ASN K 139 17.15 13.07 26.47
N ALA K 140 18.39 13.28 26.04
CA ALA K 140 19.04 12.44 25.04
C ALA K 140 20.14 11.64 25.72
N VAL K 141 20.14 10.31 25.49
CA VAL K 141 21.06 9.45 26.22
C VAL K 141 22.46 9.40 25.63
N GLY K 142 22.69 9.98 24.45
CA GLY K 142 24.02 9.95 23.87
C GLY K 142 25.01 10.81 24.62
N GLY K 143 24.57 11.98 25.09
CA GLY K 143 25.45 12.92 25.75
C GLY K 143 25.75 12.52 27.18
N GLY K 144 26.48 13.39 27.88
CA GLY K 144 26.79 13.15 29.27
C GLY K 144 25.77 13.75 30.22
N THR K 145 25.33 14.99 29.93
CA THR K 145 24.34 15.64 30.78
C THR K 145 22.97 14.99 30.63
N GLY K 146 22.54 14.77 29.39
CA GLY K 146 21.26 14.13 29.16
C GLY K 146 21.19 12.73 29.72
N SER K 147 22.32 12.04 29.74
CA SER K 147 22.37 10.63 30.16
C SER K 147 22.72 10.53 31.64
N GLY K 148 23.85 11.12 32.03
CA GLY K 148 24.41 10.96 33.36
C GLY K 148 23.52 11.51 34.45
N LEU K 149 23.40 12.84 34.48
CA LEU K 149 22.56 13.50 35.47
C LEU K 149 21.08 13.31 35.19
N GLY K 150 20.71 12.85 34.00
CA GLY K 150 19.37 12.34 33.78
C GLY K 150 19.06 11.20 34.72
N SER K 151 19.87 10.14 34.66
CA SER K 151 19.70 9.01 35.56
C SER K 151 19.83 9.43 37.03
N LEU K 152 20.76 10.33 37.32
CA LEU K 152 20.93 10.79 38.71
C LEU K 152 19.69 11.53 39.20
N LEU K 153 19.10 12.38 38.36
CA LEU K 153 17.88 13.07 38.75
C LEU K 153 16.76 12.08 38.96
N LEU K 154 16.67 11.08 38.08
CA LEU K 154 15.63 10.07 38.16
C LEU K 154 15.74 9.25 39.44
N GLU K 155 16.95 8.96 39.90
CA GLU K 155 17.08 8.10 41.08
C GLU K 155 16.62 8.79 42.35
N ARG K 156 16.87 10.11 42.47
CA ARG K 156 16.38 10.81 43.65
C ARG K 156 14.90 11.16 43.53
N LEU K 157 14.37 11.28 42.32
CA LEU K 157 12.93 11.44 42.16
C LEU K 157 12.18 10.17 42.49
N SER K 158 12.74 9.00 42.16
CA SER K 158 12.05 7.75 42.46
C SER K 158 12.02 7.46 43.97
N VAL K 159 13.09 7.77 44.68
CA VAL K 159 13.08 7.56 46.14
C VAL K 159 12.28 8.64 46.86
N ASP K 160 12.05 9.78 46.24
CA ASP K 160 11.35 10.86 46.94
C ASP K 160 9.83 10.72 46.80
N TYR K 161 9.35 10.32 45.63
CA TYR K 161 7.92 10.22 45.37
C TYR K 161 7.44 8.80 45.11
N GLY K 162 8.16 8.04 44.30
CA GLY K 162 7.83 6.63 44.13
C GLY K 162 6.61 6.41 43.27
N LYS K 163 5.45 6.82 43.79
CA LYS K 163 4.17 6.50 43.17
C LYS K 163 3.87 7.40 41.98
N LYS K 164 4.35 8.64 41.98
CA LYS K 164 3.96 9.57 40.94
C LYS K 164 4.66 9.22 39.64
N SER K 165 3.92 9.31 38.54
CA SER K 165 4.44 8.88 37.25
C SER K 165 5.49 9.87 36.74
N LYS K 166 6.47 9.33 36.02
CA LYS K 166 7.53 10.13 35.41
C LYS K 166 7.68 9.62 33.97
N LEU K 167 7.08 10.33 33.02
CA LEU K 167 7.15 9.92 31.62
C LEU K 167 8.46 10.41 31.02
N GLY K 168 9.30 9.49 30.55
CA GLY K 168 10.56 9.87 29.95
C GLY K 168 10.57 9.70 28.45
N PHE K 169 10.60 10.82 27.71
CA PHE K 169 10.69 10.78 26.26
C PHE K 169 12.14 11.00 25.88
N THR K 170 12.86 9.91 25.62
CA THR K 170 14.29 9.94 25.39
C THR K 170 14.62 9.86 23.91
N VAL K 171 15.85 10.26 23.58
CA VAL K 171 16.34 10.25 22.22
C VAL K 171 17.55 9.31 22.16
N TYR K 172 17.35 8.12 21.62
CA TYR K 172 18.45 7.17 21.49
C TYR K 172 19.22 7.39 20.21
N PRO K 173 20.49 7.01 20.17
CA PRO K 173 21.26 7.21 18.94
C PRO K 173 20.85 6.24 17.86
N SER K 174 20.89 6.74 16.63
CA SER K 174 20.51 5.97 15.46
C SER K 174 21.57 4.91 15.15
N PRO K 175 21.18 3.85 14.44
CA PRO K 175 22.19 2.86 14.01
C PRO K 175 23.24 3.42 13.06
N GLN K 176 22.84 4.00 11.93
CA GLN K 176 23.82 4.46 10.97
C GLN K 176 24.10 5.96 11.00
N VAL K 177 23.13 6.80 11.33
CA VAL K 177 23.39 8.23 11.46
C VAL K 177 23.84 8.51 12.89
N SER K 178 24.97 9.18 13.03
CA SER K 178 25.55 9.36 14.35
C SER K 178 26.41 10.62 14.37
N THR K 179 26.40 11.32 15.51
CA THR K 179 27.24 12.50 15.69
C THR K 179 28.41 12.32 16.63
N ALA K 180 28.32 11.42 17.62
CA ALA K 180 29.42 11.21 18.55
C ALA K 180 30.09 9.87 18.30
N VAL K 181 31.07 9.55 19.14
CA VAL K 181 31.84 8.32 19.02
C VAL K 181 31.64 7.40 20.22
N VAL K 182 31.58 7.97 21.43
CA VAL K 182 31.50 7.16 22.63
C VAL K 182 30.04 6.94 23.04
N GLU K 183 29.11 7.31 22.17
CA GLU K 183 27.70 7.20 22.55
C GLU K 183 27.24 5.77 22.86
N PRO K 184 27.80 4.70 22.29
CA PRO K 184 27.41 3.37 22.77
C PRO K 184 27.67 3.20 24.26
N TYR K 185 28.82 3.67 24.74
CA TYR K 185 29.11 3.59 26.17
C TYR K 185 28.05 4.32 26.97
N ASN K 186 27.64 5.50 26.50
CA ASN K 186 26.65 6.29 27.22
C ASN K 186 25.28 5.62 27.18
N SER K 187 24.87 5.13 25.99
CA SER K 187 23.53 4.60 25.83
C SER K 187 23.29 3.35 26.68
N VAL K 188 24.29 2.47 26.78
CA VAL K 188 24.14 1.30 27.62
C VAL K 188 24.11 1.69 29.09
N LEU K 189 25.04 2.56 29.49
CA LEU K 189 25.15 2.95 30.89
C LEU K 189 23.97 3.78 31.35
N SER K 190 23.29 4.47 30.43
CA SER K 190 22.08 5.20 30.75
C SER K 190 20.86 4.28 30.85
N THR K 191 20.78 3.32 29.92
CA THR K 191 19.62 2.42 29.90
C THR K 191 19.49 1.63 31.19
N HIS K 192 20.63 1.23 31.78
CA HIS K 192 20.59 0.42 32.99
C HIS K 192 19.78 1.08 34.10
N SER K 193 19.66 2.39 34.08
CA SER K 193 18.80 3.08 35.05
C SER K 193 17.46 3.47 34.48
N LEU K 194 17.38 3.67 33.16
CA LEU K 194 16.09 3.96 32.53
C LEU K 194 15.11 2.80 32.64
N LEU K 195 15.59 1.56 32.83
CA LEU K 195 14.67 0.45 33.06
C LEU K 195 13.79 0.67 34.28
N GLU K 196 14.41 0.78 35.46
CA GLU K 196 13.70 0.65 36.72
C GLU K 196 13.41 1.99 37.38
N HIS K 197 13.51 3.09 36.63
CA HIS K 197 13.21 4.41 37.17
C HIS K 197 12.03 5.06 36.47
N THR K 198 12.06 5.14 35.15
CA THR K 198 10.94 5.69 34.41
C THR K 198 9.81 4.67 34.37
N ASP K 199 8.59 5.17 34.15
CA ASP K 199 7.38 4.35 34.09
C ASP K 199 7.00 4.01 32.66
N VAL K 200 7.12 4.98 31.75
CA VAL K 200 6.71 4.87 30.37
C VAL K 200 7.77 5.58 29.55
N ALA K 201 8.45 4.83 28.69
CA ALA K 201 9.62 5.32 27.98
C ALA K 201 9.37 5.22 26.50
N VAL K 202 9.48 6.36 25.81
CA VAL K 202 9.19 6.48 24.39
C VAL K 202 10.53 6.64 23.70
N MET K 203 10.82 5.77 22.75
CA MET K 203 12.05 5.91 22.00
C MET K 203 11.85 6.91 20.87
N LEU K 204 12.91 7.63 20.55
CA LEU K 204 12.90 8.49 19.38
C LEU K 204 14.31 8.57 18.82
N ASP K 205 14.44 8.30 17.54
CA ASP K 205 15.74 8.33 16.88
C ASP K 205 15.84 9.65 16.14
N ASN K 206 16.96 9.85 15.45
CA ASN K 206 17.10 11.00 14.59
C ASN K 206 17.00 10.64 13.13
N GLU K 207 17.51 9.47 12.74
CA GLU K 207 17.38 9.02 11.37
C GLU K 207 15.92 8.79 10.99
N ALA K 208 15.15 8.17 11.89
CA ALA K 208 13.73 7.96 11.61
C ALA K 208 13.00 9.27 11.42
N ILE K 209 13.30 10.27 12.25
CA ILE K 209 12.66 11.56 12.11
C ILE K 209 13.17 12.27 10.87
N TYR K 210 14.47 12.15 10.59
CA TYR K 210 15.01 12.69 9.35
C TYR K 210 14.30 12.07 8.15
N ASP K 211 14.07 10.76 8.19
CA ASP K 211 13.34 10.09 7.11
C ASP K 211 11.90 10.59 7.03
N ILE K 212 11.28 10.86 8.17
CA ILE K 212 9.90 11.36 8.17
C ILE K 212 9.85 12.72 7.48
N CYS K 213 10.78 13.61 7.84
CA CYS K 213 10.78 14.94 7.25
C CYS K 213 11.15 14.87 5.77
N ARG K 214 11.97 13.89 5.38
CA ARG K 214 12.32 13.73 3.98
C ARG K 214 11.18 13.11 3.18
N ARG K 215 10.52 12.10 3.74
CA ARG K 215 9.50 11.37 3.00
C ARG K 215 8.19 12.15 2.95
N SER K 216 7.59 12.40 4.10
CA SER K 216 6.27 13.03 4.15
C SER K 216 6.36 14.55 4.03
N LEU K 217 7.22 15.17 4.84
CA LEU K 217 7.34 16.62 4.81
C LEU K 217 8.18 17.12 3.65
N ASP K 218 8.76 16.19 2.87
CA ASP K 218 9.56 16.50 1.68
C ASP K 218 10.59 17.58 1.93
N ILE K 219 11.08 17.70 3.16
CA ILE K 219 12.16 18.63 3.48
C ILE K 219 13.47 17.87 3.29
N GLU K 220 14.23 18.24 2.26
CA GLU K 220 15.43 17.49 1.93
C GLU K 220 16.62 17.87 2.79
N ARG K 221 16.59 19.06 3.40
CA ARG K 221 17.69 19.56 4.21
C ARG K 221 17.14 20.05 5.54
N PRO K 222 16.83 19.13 6.45
CA PRO K 222 16.29 19.52 7.77
C PRO K 222 17.37 19.75 8.81
N THR K 223 17.00 20.54 9.81
CA THR K 223 17.87 20.83 10.96
C THR K 223 17.16 20.40 12.23
N TYR K 224 17.81 20.65 13.38
CA TYR K 224 17.25 20.22 14.65
C TYR K 224 15.94 20.92 14.98
N THR K 225 15.72 22.13 14.46
CA THR K 225 14.52 22.87 14.83
C THR K 225 13.26 22.17 14.35
N ASN K 226 13.26 21.71 13.10
CA ASN K 226 12.11 21.00 12.56
C ASN K 226 11.81 19.71 13.31
N LEU K 227 12.86 18.99 13.72
CA LEU K 227 12.68 17.79 14.52
C LEU K 227 11.96 18.09 15.83
N ASN K 228 12.41 19.13 16.53
CA ASN K 228 11.84 19.48 17.83
C ASN K 228 10.40 19.97 17.71
N ARG K 229 10.03 20.54 16.58
CA ARG K 229 8.66 21.03 16.43
C ARG K 229 7.65 19.88 16.39
N LEU K 230 7.96 18.82 15.66
CA LEU K 230 7.03 17.69 15.56
C LEU K 230 7.14 16.75 16.76
N ILE K 231 8.23 16.79 17.51
CA ILE K 231 8.29 16.10 18.80
C ILE K 231 7.31 16.71 19.78
N ALA K 232 7.20 18.04 19.78
CA ALA K 232 6.23 18.75 20.60
C ALA K 232 4.79 18.38 20.24
N GLN K 233 4.52 18.16 18.95
CA GLN K 233 3.19 17.71 18.53
C GLN K 233 2.81 16.40 19.23
N VAL K 234 3.75 15.47 19.34
CA VAL K 234 3.42 14.20 19.99
C VAL K 234 3.10 14.43 21.46
N ILE K 235 3.91 15.24 22.14
CA ILE K 235 3.71 15.50 23.56
C ILE K 235 2.35 16.16 23.81
N SER K 236 2.03 17.17 22.99
CA SER K 236 0.75 17.87 23.13
C SER K 236 -0.43 16.95 22.91
N SER K 237 -0.32 16.01 21.97
CA SER K 237 -1.44 15.13 21.68
C SER K 237 -1.73 14.13 22.80
N LEU K 238 -0.76 13.82 23.65
CA LEU K 238 -1.02 12.90 24.76
C LEU K 238 -1.36 13.59 26.07
N THR K 239 -1.20 14.91 26.17
CA THR K 239 -1.67 15.64 27.34
C THR K 239 -2.95 16.43 27.08
N ALA K 240 -3.41 16.50 25.83
CA ALA K 240 -4.61 17.25 25.51
C ALA K 240 -5.85 16.64 26.17
N SER K 241 -5.81 15.37 26.55
CA SER K 241 -6.93 14.76 27.25
C SER K 241 -7.13 15.36 28.63
N LEU K 242 -6.05 15.70 29.31
CA LEU K 242 -6.17 16.40 30.60
C LEU K 242 -6.64 17.83 30.40
N ARG K 243 -6.16 18.49 29.36
CA ARG K 243 -6.40 19.92 29.21
C ARG K 243 -7.80 20.22 28.71
N PHE K 244 -8.31 19.42 27.77
CA PHE K 244 -9.56 19.75 27.10
C PHE K 244 -10.50 18.56 27.16
N ASP K 245 -11.81 18.84 27.15
CA ASP K 245 -12.81 17.79 27.29
C ASP K 245 -13.09 17.10 25.96
N GLY K 246 -12.95 15.78 25.95
CA GLY K 246 -13.21 14.98 24.78
C GLY K 246 -14.31 13.95 25.00
N ALA K 247 -14.60 13.20 23.94
CA ALA K 247 -15.61 12.15 24.00
C ALA K 247 -15.17 10.98 24.87
N LEU K 248 -13.86 10.76 24.97
CA LEU K 248 -13.29 9.64 25.74
C LEU K 248 -11.94 10.09 26.24
N ASN K 249 -11.87 10.54 27.49
CA ASN K 249 -10.64 11.13 27.95
C ASN K 249 -9.72 10.05 28.50
N VAL K 250 -8.42 10.38 28.57
CA VAL K 250 -7.41 9.43 29.01
C VAL K 250 -6.31 10.16 29.76
N ASP K 251 -6.05 9.73 30.99
CA ASP K 251 -5.08 10.39 31.85
C ASP K 251 -3.73 9.73 31.70
N ILE K 252 -2.74 10.21 32.46
CA ILE K 252 -1.42 9.63 32.38
C ILE K 252 -1.40 8.28 33.09
N THR K 253 -2.27 8.11 34.08
CA THR K 253 -2.37 6.82 34.76
C THR K 253 -2.96 5.75 33.85
N GLU K 254 -3.62 6.14 32.76
CA GLU K 254 -4.25 5.18 31.88
C GLU K 254 -3.21 4.44 31.04
N PHE K 255 -2.26 5.19 30.47
CA PHE K 255 -1.13 4.57 29.77
C PHE K 255 -0.38 3.60 30.66
N GLN K 256 -0.38 3.86 31.96
CA GLN K 256 0.35 3.02 32.91
C GLN K 256 -0.18 1.60 32.89
N THR K 257 -1.49 1.42 32.75
CA THR K 257 -2.03 0.08 32.70
C THR K 257 -2.08 -0.48 31.29
N ASN K 258 -2.67 0.27 30.37
CA ASN K 258 -3.13 -0.24 29.09
C ASN K 258 -2.02 -0.57 28.10
N LEU K 259 -0.74 -0.27 28.39
CA LEU K 259 0.30 -0.54 27.41
C LEU K 259 1.52 -1.31 27.89
N VAL K 260 1.68 -1.54 29.19
CA VAL K 260 2.86 -2.20 29.73
C VAL K 260 2.43 -3.50 30.39
N PRO K 261 2.55 -4.63 29.70
CA PRO K 261 2.07 -5.89 30.28
C PRO K 261 3.01 -6.47 31.32
N TYR K 262 4.20 -5.90 31.50
CA TYR K 262 5.16 -6.44 32.45
C TYR K 262 5.93 -5.27 33.05
N PRO K 263 6.33 -5.35 34.32
CA PRO K 263 6.90 -4.17 34.99
C PRO K 263 8.18 -3.65 34.37
N ARG K 264 8.92 -4.47 33.61
CA ARG K 264 10.17 -4.03 33.01
C ARG K 264 10.11 -3.91 31.51
N ILE K 265 8.94 -4.12 30.90
CA ILE K 265 8.77 -3.90 29.48
C ILE K 265 7.93 -2.64 29.29
N HIS K 266 8.60 -1.49 29.21
CA HIS K 266 7.94 -0.22 28.90
C HIS K 266 8.90 0.53 27.98
N PHE K 267 8.77 0.28 26.68
CA PHE K 267 9.53 0.98 25.66
C PHE K 267 8.63 1.06 24.44
N MET K 268 8.26 2.27 24.05
CA MET K 268 7.16 2.49 23.14
C MET K 268 7.62 3.08 21.82
N LEU K 269 7.20 2.45 20.73
CA LEU K 269 7.37 3.05 19.41
C LEU K 269 6.35 4.18 19.30
N SER K 270 6.73 5.25 18.61
CA SER K 270 5.81 6.35 18.45
C SER K 270 5.54 6.58 16.98
N SER K 271 4.42 7.20 16.70
CA SER K 271 4.05 7.55 15.34
C SER K 271 3.04 8.68 15.39
N TYR K 272 2.82 9.31 14.25
CA TYR K 272 1.95 10.46 14.17
C TYR K 272 1.41 10.55 12.76
N ALA K 273 0.18 11.05 12.64
CA ALA K 273 -0.43 11.22 11.35
C ALA K 273 -1.53 12.25 11.48
N PRO K 274 -1.74 13.11 10.47
CA PRO K 274 -0.94 13.11 9.26
C PRO K 274 0.22 14.10 9.31
N ILE K 275 1.46 13.61 9.20
CA ILE K 275 2.59 14.50 9.01
C ILE K 275 2.60 14.88 7.53
N ILE K 276 2.23 16.13 7.23
CA ILE K 276 1.91 16.50 5.86
C ILE K 276 2.19 17.98 5.70
N SER K 277 2.54 18.38 4.48
CA SER K 277 2.93 19.76 4.22
C SER K 277 1.71 20.66 4.15
N ALA K 278 1.89 21.89 3.68
CA ALA K 278 0.78 22.84 3.59
C ALA K 278 -0.05 22.65 2.34
N GLU K 279 0.57 22.28 1.23
CA GLU K 279 -0.17 22.11 -0.02
C GLU K 279 -0.78 20.72 -0.15
N LYS K 280 -0.01 19.68 0.17
CA LYS K 280 -0.50 18.32 0.05
C LYS K 280 -1.72 18.10 0.92
N ALA K 281 -1.78 18.76 2.07
CA ALA K 281 -2.88 18.55 3.02
C ALA K 281 -4.22 18.88 2.37
N TYR K 282 -4.31 20.03 1.69
CA TYR K 282 -5.56 20.39 1.04
C TYR K 282 -5.91 19.41 -0.07
N HIS K 283 -4.91 18.96 -0.84
CA HIS K 283 -5.18 18.05 -1.94
C HIS K 283 -5.72 16.71 -1.44
N GLU K 284 -5.15 16.18 -0.36
CA GLU K 284 -5.57 14.86 0.08
C GLU K 284 -6.83 14.96 0.94
N GLN K 285 -7.50 13.83 1.10
CA GLN K 285 -8.74 13.77 1.87
C GLN K 285 -8.43 13.06 3.17
N LEU K 286 -8.01 13.82 4.17
CA LEU K 286 -7.67 13.21 5.45
C LEU K 286 -8.94 12.72 6.11
N SER K 287 -8.94 11.47 6.58
CA SER K 287 -10.07 10.92 7.29
C SER K 287 -9.55 10.03 8.40
N VAL K 288 -10.46 9.31 9.06
CA VAL K 288 -10.07 8.49 10.20
C VAL K 288 -9.54 7.13 9.76
N ALA K 289 -10.12 6.55 8.71
CA ALA K 289 -9.72 5.21 8.32
C ALA K 289 -8.28 5.16 7.83
N GLU K 290 -7.92 6.05 6.91
CA GLU K 290 -6.59 6.01 6.31
C GLU K 290 -5.49 6.49 7.27
N ILE K 291 -5.79 7.41 8.18
CA ILE K 291 -4.75 7.82 9.11
C ILE K 291 -4.54 6.77 10.18
N THR K 292 -5.57 5.99 10.52
CA THR K 292 -5.32 4.84 11.38
C THR K 292 -4.41 3.83 10.70
N ASN K 293 -4.54 3.71 9.38
CA ASN K 293 -3.62 2.87 8.63
C ASN K 293 -2.23 3.50 8.58
N ALA K 294 -2.16 4.79 8.22
CA ALA K 294 -0.88 5.44 8.04
C ALA K 294 -0.08 5.47 9.33
N ALA K 295 -0.75 5.47 10.47
CA ALA K 295 -0.05 5.42 11.75
C ALA K 295 0.49 4.04 12.09
N PHE K 296 0.28 3.05 11.21
CA PHE K 296 0.75 1.68 11.44
C PHE K 296 1.82 1.21 10.48
N GLU K 297 2.03 1.90 9.36
CA GLU K 297 3.09 1.50 8.46
C GLU K 297 4.45 1.88 9.04
N PRO K 298 5.49 1.05 8.86
CA PRO K 298 6.83 1.41 9.34
C PRO K 298 7.44 2.61 8.63
N ALA K 299 6.81 3.12 7.58
CA ALA K 299 7.25 4.35 6.95
C ALA K 299 6.93 5.60 7.76
N SER K 300 6.33 5.43 8.95
CA SER K 300 5.94 6.57 9.76
C SER K 300 6.24 6.38 11.24
N MET K 301 7.21 5.55 11.58
CA MET K 301 7.55 5.35 12.98
C MET K 301 8.63 6.36 13.36
N MET K 302 8.60 6.76 14.64
CA MET K 302 9.58 7.72 15.13
C MET K 302 10.88 7.06 15.55
N VAL K 303 10.98 5.74 15.42
CA VAL K 303 12.17 4.99 15.83
C VAL K 303 12.56 4.10 14.67
N LYS K 304 13.86 4.09 14.33
CA LYS K 304 14.31 3.29 13.22
C LYS K 304 14.30 1.81 13.58
N CYS K 305 13.15 1.16 13.38
CA CYS K 305 13.01 -0.27 13.55
C CYS K 305 11.81 -0.72 12.73
N ASP K 306 11.84 -1.99 12.32
CA ASP K 306 10.79 -2.55 11.47
C ASP K 306 9.89 -3.42 12.32
N PRO K 307 8.67 -2.98 12.66
CA PRO K 307 7.77 -3.84 13.45
C PRO K 307 7.22 -5.03 12.69
N ARG K 308 7.56 -5.20 11.41
CA ARG K 308 7.22 -6.45 10.74
C ARG K 308 7.97 -7.63 11.34
N HIS K 309 9.18 -7.41 11.85
CA HIS K 309 9.89 -8.48 12.53
C HIS K 309 9.26 -8.82 13.88
N GLY K 310 8.52 -7.89 14.48
CA GLY K 310 7.97 -8.07 15.80
C GLY K 310 6.46 -8.29 15.78
N LYS K 311 5.93 -8.54 16.98
CA LYS K 311 4.51 -8.75 17.18
C LYS K 311 4.00 -7.72 18.18
N TYR K 312 2.91 -7.05 17.82
CA TYR K 312 2.37 -5.99 18.69
C TYR K 312 1.81 -6.57 19.97
N MET K 313 2.28 -6.05 21.10
CA MET K 313 1.72 -6.43 22.39
C MET K 313 0.50 -5.61 22.76
N ALA K 314 0.52 -4.32 22.46
CA ALA K 314 -0.59 -3.42 22.72
C ALA K 314 -0.40 -2.15 21.91
N CYS K 315 -1.51 -1.50 21.60
CA CYS K 315 -1.49 -0.25 20.84
C CYS K 315 -2.36 0.77 21.54
N CYS K 316 -2.00 2.04 21.38
CA CYS K 316 -2.74 3.14 21.98
C CYS K 316 -2.88 4.25 20.96
N LEU K 317 -4.11 4.73 20.77
CA LEU K 317 -4.44 5.65 19.70
C LEU K 317 -5.09 6.89 20.28
N MET K 318 -4.37 8.01 20.25
CA MET K 318 -4.93 9.30 20.64
C MET K 318 -5.47 10.01 19.40
N TYR K 319 -6.77 10.27 19.40
CA TYR K 319 -7.42 10.98 18.31
C TYR K 319 -7.78 12.39 18.78
N ARG K 320 -7.39 13.39 17.99
CA ARG K 320 -7.66 14.78 18.32
C ARG K 320 -8.58 15.40 17.29
N GLY K 321 -9.57 16.14 17.75
CA GLY K 321 -10.35 17.01 16.89
C GLY K 321 -11.72 16.47 16.47
N ASP K 322 -11.87 16.19 15.18
CA ASP K 322 -13.17 15.88 14.58
C ASP K 322 -13.32 14.37 14.45
N VAL K 323 -13.62 13.72 15.58
CA VAL K 323 -13.65 12.27 15.64
C VAL K 323 -14.94 11.84 16.32
N VAL K 324 -15.70 10.99 15.65
CA VAL K 324 -16.84 10.28 16.24
C VAL K 324 -16.35 8.89 16.60
N PRO K 325 -16.86 8.24 17.65
CA PRO K 325 -16.32 6.91 18.02
C PRO K 325 -16.56 5.82 16.98
N LYS K 326 -17.44 6.01 16.01
CA LYS K 326 -17.73 4.92 15.07
C LYS K 326 -16.54 4.61 14.16
N ASP K 327 -15.98 5.63 13.51
CA ASP K 327 -14.97 5.35 12.50
C ASP K 327 -13.64 4.94 13.13
N VAL K 328 -13.33 5.45 14.33
CA VAL K 328 -12.18 4.91 15.05
C VAL K 328 -12.44 3.45 15.41
N ASN K 329 -13.67 3.13 15.80
CA ASN K 329 -14.05 1.75 16.07
C ASN K 329 -13.92 0.88 14.83
N ALA K 330 -14.38 1.39 13.68
CA ALA K 330 -14.29 0.64 12.43
C ALA K 330 -12.85 0.46 11.99
N SER K 331 -12.00 1.45 12.26
CA SER K 331 -10.61 1.42 11.84
C SER K 331 -9.80 0.35 12.57
N VAL K 332 -9.97 0.23 13.88
CA VAL K 332 -9.27 -0.82 14.62
C VAL K 332 -9.72 -2.21 14.17
N ALA K 333 -10.96 -2.33 13.68
CA ALA K 333 -11.41 -3.61 13.14
C ALA K 333 -10.62 -4.01 11.90
N THR K 334 -10.43 -3.07 10.96
CA THR K 334 -9.67 -3.39 9.75
C THR K 334 -8.22 -3.75 10.04
N ILE K 335 -7.60 -3.08 11.01
CA ILE K 335 -6.23 -3.41 11.39
C ILE K 335 -6.15 -4.85 11.90
N LYS K 336 -7.10 -5.24 12.76
CA LYS K 336 -7.08 -6.58 13.33
C LYS K 336 -7.26 -7.65 12.27
N THR K 337 -8.07 -7.38 11.25
CA THR K 337 -8.33 -8.36 10.20
C THR K 337 -7.24 -8.39 9.13
N LYS K 338 -6.33 -7.43 9.09
CA LYS K 338 -5.21 -7.51 8.17
C LYS K 338 -4.20 -8.53 8.66
N ARG K 339 -3.37 -9.02 7.74
CA ARG K 339 -2.37 -10.02 8.08
C ARG K 339 -0.96 -9.55 7.75
N THR K 340 -0.79 -8.32 7.30
CA THR K 340 0.54 -7.76 7.07
C THR K 340 1.26 -7.52 8.40
N ILE K 341 0.50 -7.33 9.47
CA ILE K 341 1.00 -7.15 10.82
C ILE K 341 0.26 -8.09 11.74
N GLN K 342 0.96 -8.57 12.77
CA GLN K 342 0.39 -9.55 13.67
C GLN K 342 0.50 -9.05 15.12
N PHE K 343 -0.34 -9.62 15.96
CA PHE K 343 -0.39 -9.33 17.38
C PHE K 343 0.15 -10.51 18.15
N VAL K 344 0.44 -10.29 19.43
CA VAL K 344 0.77 -11.42 20.28
C VAL K 344 -0.48 -12.30 20.45
N ASP K 345 -0.25 -13.57 20.77
CA ASP K 345 -1.36 -14.49 20.96
C ASP K 345 -2.17 -14.20 22.21
N TRP K 346 -1.74 -13.23 23.02
CA TRP K 346 -2.34 -12.99 24.32
C TRP K 346 -3.48 -11.99 24.29
N CYS K 347 -3.44 -11.03 23.38
CA CYS K 347 -4.40 -9.94 23.42
C CYS K 347 -5.38 -9.92 22.27
N PRO K 348 -6.62 -10.39 22.47
CA PRO K 348 -7.64 -10.16 21.44
C PRO K 348 -8.05 -8.71 21.41
N THR K 349 -8.16 -8.07 22.58
CA THR K 349 -8.45 -6.65 22.68
C THR K 349 -7.13 -5.93 22.92
N GLY K 350 -6.38 -5.76 21.84
CA GLY K 350 -5.03 -5.23 21.93
C GLY K 350 -4.94 -3.74 21.70
N PHE K 351 -6.02 -3.01 21.96
CA PHE K 351 -6.04 -1.58 21.67
C PHE K 351 -6.48 -0.78 22.89
N LYS K 352 -6.13 0.50 22.87
CA LYS K 352 -6.69 1.49 23.79
C LYS K 352 -6.90 2.78 23.00
N CYS K 353 -8.16 3.15 22.80
CA CYS K 353 -8.51 4.35 22.06
C CYS K 353 -8.68 5.54 23.01
N GLY K 354 -8.69 6.72 22.41
CA GLY K 354 -8.91 7.96 23.16
C GLY K 354 -9.23 9.11 22.23
N ILE K 355 -10.28 9.86 22.53
CA ILE K 355 -10.79 10.89 21.63
C ILE K 355 -10.87 12.21 22.38
N ASN K 356 -10.35 13.26 21.77
CA ASN K 356 -10.43 14.61 22.31
C ASN K 356 -10.93 15.55 21.24
N TYR K 357 -11.63 16.61 21.67
CA TYR K 357 -12.38 17.43 20.74
C TYR K 357 -11.55 18.53 20.07
N GLN K 358 -10.61 19.13 20.78
CA GLN K 358 -9.95 20.31 20.21
C GLN K 358 -8.90 19.90 19.18
N PRO K 359 -8.92 20.49 17.98
CA PRO K 359 -7.97 20.10 16.95
C PRO K 359 -6.56 20.58 17.26
N PRO K 360 -5.55 20.03 16.60
CA PRO K 360 -4.17 20.44 16.88
C PRO K 360 -3.88 21.84 16.36
N THR K 361 -3.11 22.60 17.14
CA THR K 361 -2.81 23.96 16.75
C THR K 361 -1.55 23.99 15.88
N VAL K 362 -1.34 25.13 15.23
CA VAL K 362 -0.20 25.32 14.34
C VAL K 362 0.63 26.48 14.83
N VAL K 363 1.91 26.46 14.47
CA VAL K 363 2.86 27.50 14.83
C VAL K 363 3.25 28.24 13.55
N PRO K 364 3.16 29.57 13.52
CA PRO K 364 3.72 30.32 12.39
C PRO K 364 5.20 30.03 12.23
N GLY K 365 5.61 29.76 10.99
CA GLY K 365 6.93 29.25 10.72
C GLY K 365 7.04 27.74 10.76
N GLY K 366 6.05 27.06 11.33
CA GLY K 366 6.00 25.63 11.27
C GLY K 366 5.61 25.13 9.89
N ASP K 367 5.86 23.84 9.67
CA ASP K 367 5.63 23.24 8.36
C ASP K 367 4.36 22.40 8.29
N LEU K 368 3.80 22.01 9.43
CA LEU K 368 2.58 21.20 9.43
C LEU K 368 1.37 22.09 9.18
N ALA K 369 0.55 21.71 8.21
CA ALA K 369 -0.68 22.41 7.89
C ALA K 369 -1.76 22.13 8.94
N LYS K 370 -2.78 22.99 8.96
CA LYS K 370 -3.87 22.80 9.90
C LYS K 370 -4.73 21.63 9.45
N VAL K 371 -5.05 20.74 10.38
CA VAL K 371 -5.85 19.56 10.08
C VAL K 371 -7.03 19.50 11.04
N GLN K 372 -8.15 19.00 10.53
CA GLN K 372 -9.31 18.81 11.40
C GLN K 372 -9.05 17.76 12.46
N ARG K 373 -8.20 16.79 12.17
CA ARG K 373 -8.03 15.66 13.06
C ARG K 373 -6.67 15.03 12.83
N ALA K 374 -6.09 14.51 13.91
CA ALA K 374 -4.77 13.90 13.87
C ALA K 374 -4.76 12.71 14.81
N VAL K 375 -3.77 11.84 14.62
CA VAL K 375 -3.65 10.61 15.40
C VAL K 375 -2.21 10.48 15.87
N CYS K 376 -2.02 10.27 17.16
CA CYS K 376 -0.71 9.94 17.71
C CYS K 376 -0.82 8.55 18.30
N MET K 377 -0.08 7.60 17.72
CA MET K 377 -0.14 6.22 18.15
C MET K 377 1.11 5.90 18.96
N ILE K 378 0.91 5.26 20.10
CA ILE K 378 1.98 4.76 20.95
C ILE K 378 1.75 3.26 21.14
N SER K 379 2.64 2.44 20.60
CA SER K 379 2.51 0.99 20.66
C SER K 379 3.62 0.38 21.50
N ASN K 380 3.54 -0.93 21.67
CA ASN K 380 4.54 -1.72 22.36
C ASN K 380 4.63 -3.06 21.66
N SER K 381 5.84 -3.50 21.35
CA SER K 381 6.02 -4.71 20.55
C SER K 381 7.38 -5.29 20.86
N THR K 382 7.83 -6.22 20.01
CA THR K 382 9.13 -6.84 20.16
C THR K 382 10.14 -6.34 19.14
N ALA K 383 9.73 -5.43 18.25
CA ALA K 383 10.67 -4.83 17.31
C ALA K 383 11.77 -4.08 18.06
N ILE K 384 11.45 -3.49 19.20
CA ILE K 384 12.43 -2.82 20.06
C ILE K 384 13.54 -3.77 20.48
N GLY K 385 13.23 -5.06 20.62
CA GLY K 385 14.28 -6.03 20.89
C GLY K 385 15.37 -6.08 19.84
N GLU K 386 15.11 -5.60 18.63
CA GLU K 386 16.17 -5.52 17.63
C GLU K 386 17.15 -4.37 17.91
N ILE K 387 16.66 -3.20 18.33
CA ILE K 387 17.55 -2.06 18.50
C ILE K 387 18.58 -2.34 19.59
N PHE K 388 18.16 -2.98 20.70
CA PHE K 388 19.12 -3.31 21.74
C PHE K 388 20.16 -4.30 21.22
N SER K 389 19.73 -5.30 20.44
CA SER K 389 20.69 -6.25 19.90
C SER K 389 21.66 -5.56 18.96
N ARG K 390 21.14 -4.63 18.15
CA ARG K 390 22.00 -3.87 17.24
C ARG K 390 22.99 -3.04 18.03
N LEU K 391 22.52 -2.46 19.13
CA LEU K 391 23.38 -1.65 19.99
C LEU K 391 24.50 -2.46 20.61
N ASP K 392 24.21 -3.72 20.94
CA ASP K 392 25.16 -4.54 21.68
C ASP K 392 26.50 -4.70 20.96
N HIS K 393 26.48 -4.96 19.65
CA HIS K 393 27.74 -5.22 18.97
C HIS K 393 28.65 -3.99 19.01
N LYS K 394 28.10 -2.81 18.77
CA LYS K 394 28.94 -1.60 18.72
C LYS K 394 29.58 -1.37 20.08
N PHE K 395 28.81 -1.49 21.15
CA PHE K 395 29.38 -1.38 22.49
C PHE K 395 30.38 -2.51 22.74
N ASP K 396 30.03 -3.73 22.31
CA ASP K 396 30.87 -4.89 22.58
C ASP K 396 32.24 -4.74 21.91
N LEU K 397 32.26 -4.29 20.67
CA LEU K 397 33.51 -4.21 19.92
C LEU K 397 34.47 -3.25 20.61
N MET K 398 33.97 -2.07 20.96
CA MET K 398 34.82 -1.05 21.56
C MET K 398 35.31 -1.49 22.94
N TYR K 399 34.41 -2.08 23.73
CA TYR K 399 34.76 -2.48 25.09
C TYR K 399 35.81 -3.59 25.12
N ALA K 400 35.79 -4.50 24.16
CA ALA K 400 36.73 -5.62 24.18
C ALA K 400 38.18 -5.14 24.14
N LYS K 401 38.46 -4.11 23.35
CA LYS K 401 39.80 -3.55 23.27
C LYS K 401 40.02 -2.45 24.29
N ARG K 402 39.04 -2.19 25.15
CA ARG K 402 39.11 -1.16 26.18
C ARG K 402 39.33 0.23 25.59
N ALA K 403 38.62 0.52 24.49
CA ALA K 403 38.71 1.85 23.92
C ALA K 403 38.01 2.85 24.83
N PHE K 404 38.58 4.06 24.95
CA PHE K 404 37.97 5.18 25.66
C PHE K 404 37.62 4.88 27.11
N VAL K 405 37.92 3.68 27.61
CA VAL K 405 37.52 3.32 28.96
C VAL K 405 38.30 4.15 29.98
N HIS K 406 39.51 4.57 29.65
CA HIS K 406 40.34 5.27 30.61
C HIS K 406 39.75 6.62 30.98
N TRP K 407 38.98 7.23 30.08
CA TRP K 407 38.29 8.48 30.41
C TRP K 407 37.26 8.28 31.50
N TYR K 408 36.44 7.24 31.38
CA TYR K 408 35.36 7.02 32.34
C TYR K 408 35.89 6.53 33.68
N VAL K 409 36.92 5.68 33.67
CA VAL K 409 37.45 5.12 34.91
C VAL K 409 38.12 6.17 35.77
N GLY K 410 38.98 6.99 35.17
CA GLY K 410 39.55 8.11 35.89
C GLY K 410 38.53 9.10 36.40
N GLU K 411 37.37 9.17 35.76
CA GLU K 411 36.26 9.99 36.26
C GLU K 411 35.67 9.45 37.56
N GLY K 412 35.78 8.14 37.81
CA GLY K 412 35.26 7.61 39.06
C GLY K 412 34.62 6.24 38.96
N MET K 413 34.60 5.67 37.76
CA MET K 413 33.98 4.39 37.52
C MET K 413 35.04 3.29 37.55
N GLU K 414 34.63 2.07 37.24
CA GLU K 414 35.49 0.91 37.29
C GLU K 414 35.10 -0.01 36.15
N GLU K 415 35.79 -1.15 36.03
CA GLU K 415 35.40 -2.08 34.99
C GLU K 415 34.14 -2.84 35.36
N GLY K 416 33.76 -2.78 36.63
CA GLY K 416 32.62 -3.55 37.11
C GLY K 416 31.31 -3.13 36.45
N GLU K 417 31.01 -1.83 36.49
CA GLU K 417 29.75 -1.33 35.94
C GLU K 417 29.68 -1.38 34.42
N PHE K 418 30.80 -1.40 33.71
CA PHE K 418 30.73 -1.63 32.27
C PHE K 418 30.23 -3.04 31.98
N SER K 419 30.86 -4.05 32.58
CA SER K 419 30.46 -5.43 32.33
C SER K 419 29.05 -5.71 32.84
N GLU K 420 28.65 -5.10 33.96
CA GLU K 420 27.35 -5.41 34.53
C GLU K 420 26.21 -4.74 33.78
N ALA K 421 26.45 -3.55 33.20
CA ALA K 421 25.47 -2.97 32.30
C ALA K 421 25.34 -3.78 31.03
N ARG K 422 26.44 -4.37 30.57
CA ARG K 422 26.41 -5.24 29.39
C ARG K 422 25.49 -6.42 29.61
N GLU K 423 25.65 -7.12 30.73
CA GLU K 423 24.82 -8.29 31.01
C GLU K 423 23.37 -7.92 31.33
N ASP K 424 23.10 -6.67 31.71
CA ASP K 424 21.72 -6.25 31.90
C ASP K 424 20.98 -6.20 30.56
N LEU K 425 21.60 -5.64 29.53
CA LEU K 425 21.00 -5.67 28.20
C LEU K 425 20.91 -7.08 27.63
N ALA K 426 21.84 -7.96 27.99
CA ALA K 426 21.73 -9.35 27.56
C ALA K 426 20.48 -9.99 28.15
N ALA K 427 20.19 -9.71 29.41
CA ALA K 427 18.98 -10.23 30.04
C ALA K 427 17.73 -9.68 29.37
N LEU K 428 17.74 -8.39 29.03
CA LEU K 428 16.60 -7.77 28.36
C LEU K 428 16.33 -8.40 27.01
N GLU K 429 17.37 -8.79 26.27
CA GLU K 429 17.16 -9.45 24.99
C GLU K 429 16.45 -10.79 25.16
N LYS K 430 16.92 -11.61 26.10
CA LYS K 430 16.25 -12.87 26.39
C LYS K 430 14.83 -12.64 26.88
N ASP K 431 14.62 -11.56 27.63
CA ASP K 431 13.30 -11.25 28.14
C ASP K 431 12.32 -10.99 27.00
N PHE K 432 12.71 -10.16 26.03
CA PHE K 432 11.81 -9.88 24.91
C PHE K 432 11.56 -11.13 24.10
N GLU K 433 12.59 -11.96 23.89
CA GLU K 433 12.41 -13.19 23.13
C GLU K 433 11.48 -14.15 23.87
N GLU K 434 11.54 -14.19 25.20
CA GLU K 434 10.67 -15.06 25.95
C GLU K 434 9.22 -14.58 25.89
N VAL K 435 8.99 -13.29 26.10
CA VAL K 435 7.63 -12.78 26.13
C VAL K 435 7.00 -12.83 24.75
N GLY K 436 7.80 -12.61 23.70
CA GLY K 436 7.28 -12.63 22.35
C GLY K 436 6.81 -13.98 21.87
N ALA K 437 7.22 -15.06 22.54
CA ALA K 437 6.84 -16.40 22.12
C ALA K 437 5.42 -16.75 22.55
N MET L 1 33.09 32.95 31.72
CA MET L 1 32.76 31.69 32.35
C MET L 1 33.92 30.74 32.22
N ARG L 2 33.94 29.96 31.14
CA ARG L 2 35.11 29.18 30.79
C ARG L 2 36.21 30.10 30.29
N GLU L 3 37.45 29.85 30.73
CA GLU L 3 38.55 30.78 30.58
C GLU L 3 39.71 30.13 29.86
N ILE L 4 40.35 30.89 28.96
CA ILE L 4 41.50 30.42 28.21
C ILE L 4 42.65 31.39 28.42
N VAL L 5 43.68 30.95 29.13
CA VAL L 5 44.89 31.74 29.32
C VAL L 5 45.87 31.39 28.21
N HIS L 6 46.45 32.41 27.59
CA HIS L 6 47.33 32.24 26.45
C HIS L 6 48.79 32.41 26.84
N ILE L 7 49.63 31.52 26.34
CA ILE L 7 51.07 31.55 26.61
C ILE L 7 51.81 31.31 25.29
N GLN L 8 52.68 32.23 24.93
CA GLN L 8 53.47 32.16 23.70
C GLN L 8 54.95 32.12 24.05
N GLY L 9 55.68 31.26 23.39
CA GLY L 9 57.09 31.09 23.67
C GLY L 9 57.94 31.10 22.43
N GLY L 10 59.07 31.81 22.51
CA GLY L 10 60.02 31.85 21.42
C GLY L 10 59.61 32.75 20.28
N GLN L 11 60.49 32.83 19.29
CA GLN L 11 60.24 33.64 18.10
C GLN L 11 59.02 33.12 17.35
N CYS L 12 58.97 31.80 17.14
CA CYS L 12 57.82 31.22 16.45
C CYS L 12 56.53 31.47 17.22
N GLY L 13 56.56 31.29 18.54
CA GLY L 13 55.37 31.51 19.33
C GLY L 13 54.90 32.95 19.34
N ASN L 14 55.83 33.90 19.41
CA ASN L 14 55.46 35.31 19.46
C ASN L 14 54.82 35.77 18.15
N GLN L 15 55.41 35.41 17.02
CA GLN L 15 54.88 35.87 15.75
C GLN L 15 53.58 35.16 15.38
N ILE L 16 53.46 33.88 15.74
CA ILE L 16 52.19 33.18 15.53
C ILE L 16 51.10 33.81 16.40
N GLY L 17 51.44 34.09 17.67
CA GLY L 17 50.50 34.71 18.57
C GLY L 17 50.12 36.13 18.19
N ALA L 18 51.04 36.87 17.56
CA ALA L 18 50.73 38.22 17.13
C ALA L 18 49.61 38.20 16.09
N LYS L 19 49.73 37.34 15.08
CA LYS L 19 48.66 37.22 14.09
C LYS L 19 47.39 36.67 14.72
N PHE L 20 47.52 35.85 15.76
CA PHE L 20 46.36 35.27 16.42
C PHE L 20 45.52 36.34 17.09
N TRP L 21 46.15 37.19 17.89
CA TRP L 21 45.44 38.27 18.56
C TRP L 21 44.92 39.32 17.61
N GLU L 22 45.50 39.43 16.42
CA GLU L 22 44.91 40.31 15.41
C GLU L 22 43.54 39.82 14.98
N VAL L 23 43.42 38.52 14.68
CA VAL L 23 42.16 38.02 14.14
C VAL L 23 41.10 37.86 15.23
N VAL L 24 41.50 37.52 16.45
CA VAL L 24 40.54 37.42 17.55
C VAL L 24 40.01 38.79 17.94
N SER L 25 40.87 39.80 18.00
CA SER L 25 40.42 41.14 18.32
C SER L 25 39.44 41.66 17.28
N ASP L 26 39.67 41.35 16.01
CA ASP L 26 38.72 41.74 14.98
C ASP L 26 37.41 40.97 15.11
N GLU L 27 37.47 39.71 15.54
CA GLU L 27 36.26 38.92 15.67
C GLU L 27 35.37 39.47 16.78
N HIS L 28 35.97 39.88 17.89
CA HIS L 28 35.24 40.49 19.00
C HIS L 28 35.06 41.99 18.81
N GLY L 29 35.52 42.55 17.69
CA GLY L 29 35.25 43.94 17.39
C GLY L 29 36.01 44.93 18.25
N ILE L 30 37.17 44.55 18.74
CA ILE L 30 37.99 45.45 19.55
C ILE L 30 39.00 46.16 18.67
N ASP L 31 39.15 47.47 18.90
CA ASP L 31 40.03 48.30 18.09
C ASP L 31 41.47 48.07 18.50
N PRO L 32 42.44 48.54 17.70
CA PRO L 32 43.85 48.46 18.13
C PRO L 32 44.17 49.28 19.37
N THR L 33 43.27 50.19 19.79
CA THR L 33 43.49 50.96 21.00
C THR L 33 42.89 50.31 22.25
N GLY L 34 42.15 49.23 22.10
CA GLY L 34 41.67 48.45 23.23
C GLY L 34 40.21 48.64 23.61
N THR L 35 39.47 49.47 22.88
CA THR L 35 38.08 49.75 23.22
C THR L 35 37.13 49.01 22.30
N TYR L 36 35.97 48.65 22.84
CA TYR L 36 34.98 47.94 22.04
C TYR L 36 34.39 48.88 20.99
N HIS L 37 34.28 48.38 19.76
CA HIS L 37 33.65 49.14 18.69
C HIS L 37 32.83 48.26 17.77
N GLY L 38 32.45 47.07 18.20
CA GLY L 38 31.71 46.17 17.35
C GLY L 38 30.26 46.60 17.16
N ASP L 39 29.55 45.81 16.38
CA ASP L 39 28.17 46.11 16.00
C ASP L 39 27.18 45.15 16.62
N SER L 40 27.41 43.84 16.51
CA SER L 40 26.44 42.88 17.00
C SER L 40 26.54 42.76 18.52
N ASP L 41 25.40 42.44 19.15
CA ASP L 41 25.40 42.17 20.57
C ASP L 41 26.21 40.93 20.91
N LEU L 42 26.20 39.94 20.01
CA LEU L 42 26.82 38.64 20.28
C LEU L 42 28.30 38.76 20.62
N GLN L 43 28.97 39.80 20.14
CA GLN L 43 30.40 39.92 20.34
C GLN L 43 30.79 40.42 21.73
N LEU L 44 29.84 40.84 22.56
CA LEU L 44 30.19 41.32 23.89
C LEU L 44 30.17 40.24 24.97
N GLU L 45 29.18 39.36 24.99
CA GLU L 45 28.94 38.54 26.17
C GLU L 45 29.98 37.45 26.39
N ARG L 46 30.85 37.19 25.43
CA ARG L 46 31.84 36.12 25.54
C ARG L 46 33.22 36.64 25.16
N ILE L 47 33.59 37.80 25.68
CA ILE L 47 34.97 38.27 25.56
C ILE L 47 35.79 38.02 26.80
N ASN L 48 35.16 37.64 27.91
CA ASN L 48 35.92 37.28 29.09
C ASN L 48 36.72 36.00 28.91
N VAL L 49 36.39 35.20 27.90
CA VAL L 49 37.16 33.99 27.65
C VAL L 49 38.56 34.34 27.17
N TYR L 50 38.72 35.52 26.55
CA TYR L 50 40.00 35.94 26.03
C TYR L 50 40.50 37.31 26.54
N PHE L 51 39.67 38.08 27.24
CA PHE L 51 40.04 39.44 27.62
C PHE L 51 39.69 39.72 29.06
N ASN L 52 40.22 40.84 29.57
CA ASN L 52 39.93 41.35 30.90
C ASN L 52 39.58 42.83 30.81
N GLU L 53 38.43 43.21 31.33
CA GLU L 53 38.04 44.61 31.38
C GLU L 53 38.84 45.35 32.44
N ALA L 54 39.63 46.33 32.04
CA ALA L 54 40.57 46.99 32.95
C ALA L 54 39.98 48.25 33.58
N THR L 55 39.75 49.28 32.76
CA THR L 55 39.09 50.51 33.20
C THR L 55 38.80 51.44 32.03
N GLY L 56 37.56 51.93 31.94
CA GLY L 56 37.19 52.73 30.78
C GLY L 56 37.08 51.91 29.50
N GLY L 57 36.60 50.67 29.60
CA GLY L 57 36.38 49.87 28.43
C GLY L 57 37.66 49.38 27.80
N ARG L 58 38.75 49.35 28.57
CA ARG L 58 40.02 48.80 28.11
C ARG L 58 40.00 47.29 28.27
N TYR L 59 39.86 46.57 27.17
CA TYR L 59 39.90 45.11 27.17
C TYR L 59 41.30 44.66 26.77
N VAL L 60 42.05 44.14 27.74
CA VAL L 60 43.41 43.70 27.46
C VAL L 60 43.40 42.19 27.32
N PRO L 61 44.18 41.62 26.41
CA PRO L 61 44.19 40.17 26.25
C PRO L 61 44.78 39.48 27.46
N ARG L 62 44.39 38.23 27.63
CA ARG L 62 44.90 37.37 28.70
C ARG L 62 46.05 36.52 28.18
N ALA L 63 47.13 37.18 27.76
CA ALA L 63 48.22 36.49 27.08
C ALA L 63 49.54 36.76 27.80
N ILE L 64 50.51 35.89 27.52
CA ILE L 64 51.84 35.99 28.10
C ILE L 64 52.86 35.74 27.00
N LEU L 65 53.56 36.78 26.59
CA LEU L 65 54.69 36.62 25.67
C LEU L 65 55.93 36.19 26.43
N MET L 66 56.69 35.27 25.85
CA MET L 66 57.84 34.66 26.54
C MET L 66 58.94 34.33 25.54
N ASP L 67 60.14 34.86 25.76
CA ASP L 67 61.26 34.54 24.89
C ASP L 67 62.56 34.86 25.63
N LEU L 68 63.66 34.89 24.87
CA LEU L 68 64.97 35.22 25.39
C LEU L 68 65.72 36.27 24.57
N GLU L 69 65.14 36.75 23.48
CA GLU L 69 65.77 37.75 22.63
C GLU L 69 64.83 38.94 22.44
N PRO L 70 65.34 40.17 22.56
CA PRO L 70 64.46 41.35 22.46
C PRO L 70 64.00 41.71 21.07
N GLY L 71 64.56 41.13 20.02
CA GLY L 71 64.10 41.46 18.69
C GLY L 71 62.63 41.14 18.48
N THR L 72 62.20 39.99 18.99
CA THR L 72 60.80 39.59 18.84
C THR L 72 59.86 40.48 19.66
N MET L 73 60.26 40.85 20.87
CA MET L 73 59.42 41.74 21.69
C MET L 73 59.26 43.11 21.06
N ASP L 74 60.34 43.67 20.52
CA ASP L 74 60.23 45.00 19.93
C ASP L 74 59.43 44.96 18.63
N SER L 75 59.61 43.92 17.82
CA SER L 75 58.78 43.77 16.63
C SER L 75 57.31 43.58 16.98
N VAL L 76 57.03 42.91 18.11
CA VAL L 76 55.65 42.77 18.55
C VAL L 76 55.08 44.12 18.97
N ARG L 77 55.83 44.86 19.79
CA ARG L 77 55.35 46.14 20.29
C ARG L 77 55.22 47.18 19.19
N SER L 78 55.98 47.02 18.12
CA SER L 78 56.00 48.01 17.04
C SER L 78 54.72 47.98 16.22
N GLY L 79 54.31 46.80 15.76
CA GLY L 79 53.19 46.66 14.86
C GLY L 79 51.84 46.90 15.50
N PRO L 80 50.80 47.00 14.66
CA PRO L 80 49.46 47.20 15.19
C PRO L 80 49.03 46.00 16.03
N TYR L 81 48.03 46.23 16.87
CA TYR L 81 47.65 45.25 17.90
C TYR L 81 48.86 44.85 18.72
N GLY L 82 49.76 45.81 18.92
CA GLY L 82 50.94 45.62 19.73
C GLY L 82 50.82 46.42 21.00
N GLN L 83 50.01 47.47 20.95
CA GLN L 83 49.78 48.32 22.11
C GLN L 83 48.51 47.92 22.86
N ILE L 84 48.09 46.66 22.74
CA ILE L 84 46.94 46.16 23.48
C ILE L 84 47.33 45.24 24.62
N PHE L 85 48.58 44.81 24.68
CA PHE L 85 49.02 43.94 25.76
C PHE L 85 49.44 44.77 26.96
N ARG L 86 49.40 44.13 28.12
CA ARG L 86 49.88 44.76 29.34
C ARG L 86 51.39 44.63 29.38
N PRO L 87 52.14 45.73 29.50
CA PRO L 87 53.61 45.62 29.45
C PRO L 87 54.19 44.77 30.56
N ASP L 88 53.46 44.55 31.66
CA ASP L 88 53.91 43.63 32.69
C ASP L 88 53.91 42.17 32.22
N ASN L 89 53.11 41.83 31.21
CA ASN L 89 53.05 40.46 30.74
C ASN L 89 54.16 40.10 29.76
N PHE L 90 55.04 41.03 29.41
CA PHE L 90 56.15 40.73 28.50
C PHE L 90 57.34 40.19 29.29
N VAL L 91 57.10 39.06 29.95
CA VAL L 91 58.17 38.41 30.71
C VAL L 91 59.26 37.98 29.74
N PHE L 92 60.49 38.29 30.10
CA PHE L 92 61.56 38.38 29.10
C PHE L 92 62.95 38.27 29.71
N GLY L 93 63.68 37.23 29.33
CA GLY L 93 65.07 37.07 29.72
C GLY L 93 65.95 38.00 28.92
N GLN L 94 67.26 37.76 29.00
CA GLN L 94 68.17 38.67 28.30
C GLN L 94 69.30 37.99 27.53
N THR L 95 69.70 36.76 27.87
CA THR L 95 70.90 36.22 27.24
C THR L 95 70.62 35.54 25.90
N GLY L 96 69.61 34.68 25.85
CA GLY L 96 69.35 33.96 24.61
C GLY L 96 69.95 32.57 24.55
N ALA L 97 69.15 31.58 24.14
CA ALA L 97 69.59 30.21 24.04
C ALA L 97 70.24 29.91 22.70
N GLY L 98 69.53 30.20 21.61
CA GLY L 98 70.05 30.01 20.27
C GLY L 98 70.13 28.57 19.83
N ASN L 99 68.97 27.93 19.64
CA ASN L 99 68.87 26.61 19.00
C ASN L 99 69.65 25.58 19.78
N ASN L 100 69.81 25.79 21.07
CA ASN L 100 70.44 24.84 21.98
C ASN L 100 69.35 24.49 22.99
N TRP L 101 68.84 23.26 22.90
CA TRP L 101 67.76 22.81 23.77
C TRP L 101 68.20 22.79 25.23
N ALA L 102 69.47 22.49 25.48
CA ALA L 102 69.97 22.47 26.86
C ALA L 102 69.94 23.85 27.50
N LYS L 103 70.28 24.89 26.73
CA LYS L 103 70.21 26.24 27.28
C LYS L 103 68.78 26.59 27.64
N GLY L 104 67.83 26.28 26.76
CA GLY L 104 66.46 26.63 27.02
C GLY L 104 65.75 25.74 28.01
N HIS L 105 66.41 24.66 28.46
CA HIS L 105 65.77 23.72 29.36
C HIS L 105 66.49 23.53 30.68
N TYR L 106 67.76 23.87 30.78
CA TYR L 106 68.41 23.71 32.07
C TYR L 106 69.10 24.96 32.58
N THR L 107 69.81 25.68 31.70
CA THR L 107 70.60 26.82 32.14
C THR L 107 69.83 28.14 32.13
N GLU L 108 69.33 28.55 30.96
CA GLU L 108 68.68 29.85 30.87
C GLU L 108 67.24 29.82 31.34
N GLY L 109 66.54 28.70 31.16
CA GLY L 109 65.19 28.60 31.69
C GLY L 109 65.14 28.70 33.21
N ALA L 110 66.21 28.30 33.88
CA ALA L 110 66.25 28.26 35.34
C ALA L 110 66.06 29.64 35.97
N GLU L 111 66.32 30.73 35.25
CA GLU L 111 66.13 32.05 35.81
C GLU L 111 64.94 32.80 35.24
N LEU L 112 64.31 32.28 34.18
CA LEU L 112 63.14 32.91 33.59
C LEU L 112 61.85 32.22 34.03
N ILE L 113 61.89 30.90 34.22
CA ILE L 113 60.69 30.12 34.47
C ILE L 113 60.03 30.55 35.77
N ASP L 114 60.79 31.13 36.69
CA ASP L 114 60.22 31.67 37.91
C ASP L 114 59.31 32.87 37.63
N SER L 115 59.76 33.78 36.76
CA SER L 115 58.98 34.98 36.47
C SER L 115 57.73 34.68 35.63
N VAL L 116 57.83 33.76 34.67
CA VAL L 116 56.65 33.40 33.89
C VAL L 116 55.59 32.77 34.78
N LEU L 117 56.01 31.89 35.69
CA LEU L 117 55.07 31.25 36.60
C LEU L 117 54.38 32.27 37.51
N ASP L 118 55.09 33.30 37.93
CA ASP L 118 54.45 34.33 38.73
C ASP L 118 53.34 35.02 37.93
N VAL L 119 53.64 35.39 36.69
CA VAL L 119 52.66 36.09 35.87
C VAL L 119 51.48 35.20 35.52
N VAL L 120 51.75 33.95 35.14
CA VAL L 120 50.66 33.07 34.73
C VAL L 120 49.75 32.70 35.89
N ARG L 121 50.30 32.61 37.11
CA ARG L 121 49.46 32.34 38.26
C ARG L 121 48.52 33.51 38.55
N LYS L 122 49.09 34.72 38.68
CA LYS L 122 48.25 35.89 38.93
C LYS L 122 47.22 36.07 37.82
N GLU L 123 47.60 35.76 36.58
CA GLU L 123 46.68 35.82 35.45
C GLU L 123 45.70 34.67 35.41
N ALA L 124 45.99 33.56 36.09
CA ALA L 124 45.08 32.42 36.09
C ALA L 124 43.96 32.60 37.10
N GLU L 125 44.31 32.91 38.35
CA GLU L 125 43.31 33.11 39.39
C GLU L 125 42.54 34.41 39.25
N SER L 126 42.89 35.26 38.29
CA SER L 126 42.12 36.47 38.05
C SER L 126 40.73 36.13 37.52
N CYS L 127 40.59 35.01 36.83
CA CYS L 127 39.31 34.55 36.31
C CYS L 127 38.80 33.39 37.15
N ASP L 128 37.50 33.10 37.00
CA ASP L 128 36.81 32.22 37.95
C ASP L 128 36.92 30.75 37.55
N CYS L 129 36.38 30.38 36.39
CA CYS L 129 36.29 28.99 35.99
C CYS L 129 37.24 28.78 34.82
N LEU L 130 38.46 28.35 35.13
CA LEU L 130 39.45 28.12 34.09
C LEU L 130 39.05 26.93 33.23
N GLN L 131 39.12 27.10 31.92
CA GLN L 131 38.97 25.98 31.00
C GLN L 131 40.32 25.33 30.68
N GLY L 132 41.34 26.13 30.42
CA GLY L 132 42.65 25.58 30.16
C GLY L 132 43.59 26.64 29.63
N PHE L 133 44.80 26.19 29.32
CA PHE L 133 45.86 27.01 28.77
C PHE L 133 46.08 26.66 27.30
N GLN L 134 46.68 27.60 26.58
CA GLN L 134 46.86 27.46 25.14
C GLN L 134 48.24 27.95 24.78
N VAL L 135 49.11 27.02 24.34
CA VAL L 135 50.52 27.29 24.10
C VAL L 135 50.82 27.16 22.62
N CYS L 136 51.64 28.09 22.11
CA CYS L 136 52.08 28.06 20.72
C CYS L 136 53.61 28.15 20.69
N HIS L 137 54.26 27.11 20.21
CA HIS L 137 55.72 27.06 20.21
C HIS L 137 56.19 26.15 19.08
N SER L 138 57.50 25.90 19.06
CA SER L 138 58.15 25.08 18.04
C SER L 138 58.90 23.94 18.71
N LEU L 139 59.36 22.99 17.90
CA LEU L 139 60.17 21.88 18.38
C LEU L 139 61.55 21.83 17.76
N GLY L 140 61.94 22.84 16.99
CA GLY L 140 63.28 22.89 16.43
C GLY L 140 64.19 23.86 17.17
N GLY L 141 63.61 24.98 17.62
CA GLY L 141 64.36 26.01 18.32
C GLY L 141 64.67 25.64 19.75
N GLY L 142 65.45 26.50 20.41
CA GLY L 142 65.81 26.26 21.78
C GLY L 142 64.95 26.95 22.82
N THR L 143 64.79 28.27 22.72
CA THR L 143 63.99 28.99 23.70
C THR L 143 62.49 28.76 23.53
N GLY L 144 62.06 28.35 22.34
CA GLY L 144 60.67 28.01 22.14
C GLY L 144 60.41 26.62 22.66
N SER L 145 61.18 25.66 22.15
CA SER L 145 60.98 24.26 22.51
C SER L 145 61.34 24.00 23.97
N GLY L 146 62.59 24.28 24.34
CA GLY L 146 63.05 23.87 25.67
C GLY L 146 62.33 24.60 26.80
N MET L 147 62.29 25.93 26.75
CA MET L 147 61.61 26.66 27.81
C MET L 147 60.12 26.40 27.79
N GLY L 148 59.50 26.40 26.62
CA GLY L 148 58.08 26.14 26.53
C GLY L 148 57.73 24.76 27.04
N THR L 149 58.58 23.77 26.74
CA THR L 149 58.35 22.42 27.23
C THR L 149 58.47 22.34 28.74
N LEU L 150 59.49 23.00 29.32
CA LEU L 150 59.64 23.03 30.76
C LEU L 150 58.45 23.72 31.42
N LEU L 151 57.94 24.77 30.78
CA LEU L 151 56.77 25.46 31.32
C LEU L 151 55.55 24.56 31.29
N ILE L 152 55.40 23.75 30.24
CA ILE L 152 54.30 22.79 30.19
C ILE L 152 54.36 21.82 31.36
N SER L 153 55.57 21.31 31.68
CA SER L 153 55.68 20.35 32.76
C SER L 153 55.33 20.97 34.12
N LYS L 154 55.85 22.16 34.39
CA LYS L 154 55.55 22.82 35.66
C LYS L 154 54.08 23.16 35.79
N ILE L 155 53.44 23.54 34.68
CA ILE L 155 52.02 23.90 34.76
C ILE L 155 51.17 22.67 35.04
N ARG L 156 51.45 21.56 34.37
CA ARG L 156 50.73 20.32 34.64
C ARG L 156 50.99 19.79 36.05
N GLU L 157 52.06 20.21 36.72
CA GLU L 157 52.23 19.82 38.11
C GLU L 157 51.31 20.61 39.03
N GLU L 158 51.11 21.88 38.73
CA GLU L 158 50.30 22.73 39.59
C GLU L 158 48.81 22.50 39.32
N TYR L 159 48.41 22.59 38.05
CA TYR L 159 47.00 22.45 37.68
C TYR L 159 46.85 21.14 36.92
N PRO L 160 46.58 20.01 37.60
CA PRO L 160 46.58 18.72 36.91
C PRO L 160 45.25 18.36 36.29
N ASP L 161 44.19 19.09 36.63
CA ASP L 161 42.84 18.80 36.16
C ASP L 161 42.44 19.65 34.97
N ARG L 162 43.08 20.81 34.79
CA ARG L 162 42.71 21.76 33.75
C ARG L 162 43.24 21.30 32.40
N MET L 163 42.56 21.73 31.34
CA MET L 163 42.93 21.31 30.00
C MET L 163 44.21 22.01 29.54
N MET L 164 44.71 21.58 28.38
CA MET L 164 45.98 22.04 27.84
C MET L 164 46.02 21.80 26.34
N LEU L 165 46.10 22.86 25.56
CA LEU L 165 46.31 22.77 24.12
C LEU L 165 47.72 23.21 23.78
N THR L 166 48.34 22.51 22.84
CA THR L 166 49.66 22.87 22.35
C THR L 166 49.67 22.83 20.83
N PHE L 167 49.76 24.00 20.20
CA PHE L 167 50.00 24.09 18.76
C PHE L 167 51.52 24.13 18.58
N SER L 168 52.09 23.00 18.17
CA SER L 168 53.54 22.88 18.01
C SER L 168 53.87 22.54 16.56
N VAL L 169 54.87 23.22 16.02
CA VAL L 169 55.39 22.87 14.69
C VAL L 169 56.56 21.92 14.90
N VAL L 170 56.69 20.94 14.00
CA VAL L 170 57.80 20.00 14.08
C VAL L 170 58.71 20.18 12.88
N PRO L 171 60.00 19.92 13.00
CA PRO L 171 60.88 20.04 11.84
C PRO L 171 60.74 18.83 10.91
N SER L 172 60.97 19.09 9.63
CA SER L 172 61.04 18.07 8.59
C SER L 172 62.33 18.24 7.79
N PRO L 173 62.90 17.15 7.28
CA PRO L 173 64.16 17.27 6.53
C PRO L 173 64.05 18.05 5.22
N LYS L 174 62.87 18.16 4.61
CA LYS L 174 62.79 18.93 3.38
C LYS L 174 62.90 20.43 3.64
N VAL L 175 62.39 20.90 4.77
CA VAL L 175 62.59 22.28 5.21
C VAL L 175 63.36 22.21 6.53
N SER L 176 64.68 22.24 6.45
CA SER L 176 65.54 22.05 7.61
C SER L 176 66.34 23.33 7.78
N ASP L 177 66.00 24.11 8.80
CA ASP L 177 66.66 25.39 9.02
C ASP L 177 67.89 25.23 9.89
N THR L 178 67.77 24.54 11.02
CA THR L 178 68.91 24.36 11.91
C THR L 178 69.51 22.97 11.68
N VAL L 179 70.69 22.76 12.22
CA VAL L 179 71.40 21.50 12.01
C VAL L 179 71.06 20.50 13.09
N VAL L 180 70.67 20.97 14.27
CA VAL L 180 70.42 20.10 15.41
C VAL L 180 68.94 19.84 15.60
N GLU L 181 68.15 19.96 14.52
CA GLU L 181 66.72 19.65 14.58
C GLU L 181 66.39 18.30 15.20
N PRO L 182 67.03 17.18 14.82
CA PRO L 182 66.65 15.91 15.46
C PRO L 182 66.94 15.87 16.94
N TYR L 183 68.08 16.44 17.37
CA TYR L 183 68.41 16.43 18.79
C TYR L 183 67.37 17.17 19.60
N ASN L 184 66.82 18.25 19.06
CA ASN L 184 65.80 19.00 19.79
C ASN L 184 64.45 18.32 19.73
N ALA L 185 63.98 17.97 18.52
CA ALA L 185 62.63 17.44 18.37
C ALA L 185 62.44 16.14 19.13
N THR L 186 63.45 15.28 19.16
CA THR L 186 63.31 14.01 19.86
C THR L 186 63.14 14.21 21.35
N LEU L 187 63.98 15.07 21.95
CA LEU L 187 63.87 15.34 23.39
C LEU L 187 62.57 16.06 23.72
N SER L 188 62.12 16.95 22.83
CA SER L 188 60.88 17.69 23.05
C SER L 188 59.67 16.78 23.06
N VAL L 189 59.61 15.82 22.14
CA VAL L 189 58.51 14.86 22.11
C VAL L 189 58.49 14.00 23.35
N HIS L 190 59.68 13.64 23.86
CA HIS L 190 59.75 12.86 25.09
C HIS L 190 58.98 13.52 26.23
N GLN L 191 58.99 14.83 26.30
CA GLN L 191 58.25 15.54 27.34
C GLN L 191 56.80 15.79 26.95
N LEU L 192 56.50 15.89 25.65
CA LEU L 192 55.14 16.18 25.21
C LEU L 192 54.22 14.98 25.42
N VAL L 193 54.73 13.76 25.30
CA VAL L 193 53.88 12.58 25.41
C VAL L 193 53.35 12.40 26.83
N GLU L 194 54.05 12.95 27.83
CA GLU L 194 53.67 12.78 29.22
C GLU L 194 53.08 14.03 29.86
N ASN L 195 53.23 15.20 29.25
CA ASN L 195 52.79 16.45 29.87
C ASN L 195 51.58 17.08 29.20
N ALA L 196 51.54 17.16 27.87
CA ALA L 196 50.42 17.82 27.22
C ALA L 196 49.16 16.97 27.30
N ASP L 197 48.02 17.63 27.08
CA ASP L 197 46.73 16.95 26.99
C ASP L 197 46.43 16.53 25.56
N GLU L 198 46.67 17.43 24.61
CA GLU L 198 46.64 17.08 23.20
C GLU L 198 47.52 18.06 22.46
N CYS L 199 48.15 17.57 21.39
CA CYS L 199 49.09 18.35 20.59
C CYS L 199 48.64 18.32 19.14
N MET L 200 48.40 19.48 18.58
CA MET L 200 48.02 19.60 17.17
C MET L 200 49.28 19.87 16.36
N VAL L 201 49.74 18.83 15.67
CA VAL L 201 51.04 18.84 15.01
C VAL L 201 50.95 19.70 13.75
N LEU L 202 51.97 20.51 13.53
CA LEU L 202 52.06 21.37 12.36
C LEU L 202 53.40 21.14 11.70
N ASP L 203 53.58 21.71 10.51
CA ASP L 203 54.85 21.64 9.83
C ASP L 203 54.87 22.69 8.73
N ASN L 204 56.08 23.02 8.28
CA ASN L 204 56.20 24.04 7.25
C ASN L 204 56.10 23.49 5.84
N GLU L 205 56.45 22.22 5.61
CA GLU L 205 56.27 21.66 4.28
C GLU L 205 54.82 21.75 3.84
N ALA L 206 53.90 21.23 4.65
CA ALA L 206 52.50 21.28 4.26
C ALA L 206 52.01 22.71 4.15
N LEU L 207 52.50 23.60 5.01
CA LEU L 207 52.05 25.00 4.93
C LEU L 207 52.54 25.66 3.65
N TYR L 208 53.82 25.50 3.33
CA TYR L 208 54.32 26.04 2.07
C TYR L 208 53.64 25.36 0.88
N ASP L 209 53.43 24.05 0.98
CA ASP L 209 52.76 23.31 -0.10
C ASP L 209 51.32 23.76 -0.26
N ILE L 210 50.64 24.09 0.83
CA ILE L 210 49.25 24.51 0.74
C ILE L 210 49.15 25.86 0.05
N CYS L 211 50.02 26.80 0.41
CA CYS L 211 49.99 28.11 -0.21
C CYS L 211 50.42 28.05 -1.68
N PHE L 212 51.25 27.08 -2.05
CA PHE L 212 51.57 26.90 -3.46
C PHE L 212 50.38 26.34 -4.23
N ARG L 213 49.90 25.17 -3.83
CA ARG L 213 48.91 24.45 -4.64
C ARG L 213 47.52 25.06 -4.52
N THR L 214 46.96 25.12 -3.31
CA THR L 214 45.57 25.50 -3.17
C THR L 214 45.41 27.01 -3.17
N LEU L 215 46.18 27.71 -2.34
CA LEU L 215 46.05 29.16 -2.26
C LEU L 215 46.67 29.83 -3.48
N LYS L 216 47.68 29.19 -4.07
CA LYS L 216 48.40 29.73 -5.23
C LYS L 216 48.97 31.11 -4.95
N LEU L 217 49.58 31.27 -3.77
CA LEU L 217 50.28 32.50 -3.47
C LEU L 217 51.62 32.52 -4.20
N THR L 218 52.11 33.73 -4.47
CA THR L 218 53.39 33.88 -5.15
C THR L 218 54.55 33.94 -4.16
N THR L 219 54.44 34.77 -3.12
CA THR L 219 55.48 34.95 -2.12
C THR L 219 54.90 34.68 -0.73
N PRO L 220 54.81 33.43 -0.33
CA PRO L 220 54.25 33.12 0.99
C PRO L 220 55.19 33.40 2.15
N THR L 221 55.20 34.63 2.65
CA THR L 221 56.01 34.99 3.81
C THR L 221 55.44 34.32 5.07
N PHE L 222 56.13 34.52 6.19
CA PHE L 222 55.62 33.96 7.45
C PHE L 222 54.29 34.56 7.85
N GLY L 223 53.93 35.74 7.33
CA GLY L 223 52.66 36.34 7.70
C GLY L 223 51.49 35.49 7.27
N ASP L 224 51.53 34.98 6.04
CA ASP L 224 50.43 34.17 5.54
C ASP L 224 50.37 32.81 6.23
N LEU L 225 51.53 32.19 6.47
CA LEU L 225 51.54 30.92 7.17
C LEU L 225 51.02 31.07 8.60
N ASN L 226 51.44 32.12 9.30
CA ASN L 226 50.91 32.39 10.62
C ASN L 226 49.44 32.76 10.57
N HIS L 227 48.97 33.33 9.46
CA HIS L 227 47.55 33.63 9.33
C HIS L 227 46.74 32.35 9.25
N LEU L 228 47.26 31.34 8.55
CA LEU L 228 46.55 30.07 8.42
C LEU L 228 46.49 29.35 9.76
N ILE L 229 47.60 29.32 10.49
CA ILE L 229 47.63 28.64 11.78
C ILE L 229 46.67 29.31 12.77
N SER L 230 46.60 30.63 12.74
CA SER L 230 45.66 31.35 13.61
C SER L 230 44.21 31.01 13.28
N ALA L 231 43.88 30.90 11.99
CA ALA L 231 42.52 30.52 11.62
C ALA L 231 42.15 29.14 12.16
N VAL L 232 43.12 28.23 12.25
CA VAL L 232 42.85 26.93 12.86
C VAL L 232 42.55 27.09 14.34
N MET L 233 43.34 27.93 15.03
CA MET L 233 43.18 28.06 16.48
C MET L 233 41.89 28.77 16.84
N SER L 234 41.45 29.72 16.02
CA SER L 234 40.14 30.32 16.23
C SER L 234 39.02 29.31 16.02
N GLY L 235 39.16 28.43 15.03
CA GLY L 235 38.15 27.43 14.77
C GLY L 235 37.98 26.41 15.87
N ILE L 236 39.06 26.10 16.59
CA ILE L 236 39.00 25.06 17.60
C ILE L 236 38.34 25.54 18.88
N THR L 237 38.28 26.85 19.11
CA THR L 237 37.65 27.39 20.31
C THR L 237 36.60 28.41 19.92
N CYS L 238 35.86 28.11 18.85
CA CYS L 238 34.67 28.91 18.52
C CYS L 238 33.44 28.46 19.31
N CYS L 239 33.44 27.23 19.83
CA CYS L 239 32.25 26.72 20.51
C CYS L 239 32.01 27.46 21.82
N LEU L 240 33.09 27.80 22.54
CA LEU L 240 32.94 28.52 23.78
C LEU L 240 32.43 29.94 23.54
N ARG L 241 32.89 30.58 22.47
CA ARG L 241 32.64 31.99 22.26
C ARG L 241 31.30 32.30 21.62
N PHE L 242 30.60 31.30 21.07
CA PHE L 242 29.38 31.59 20.32
C PHE L 242 28.37 30.45 20.46
N PRO L 243 27.08 30.77 20.54
CA PRO L 243 26.07 29.71 20.65
C PRO L 243 25.89 28.96 19.33
N GLY L 244 25.58 27.66 19.45
CA GLY L 244 25.42 26.83 18.28
C GLY L 244 24.36 25.78 18.51
N GLN L 245 23.99 25.09 17.42
CA GLN L 245 23.01 24.03 17.53
C GLN L 245 23.56 22.76 18.17
N LEU L 246 24.88 22.60 18.18
CA LEU L 246 25.52 21.51 18.90
C LEU L 246 26.90 21.97 19.32
N ASN L 247 27.14 22.01 20.63
CA ASN L 247 28.37 22.56 21.17
C ASN L 247 29.37 21.46 21.49
N ALA L 248 30.65 21.80 21.38
CA ALA L 248 31.73 20.86 21.64
C ALA L 248 32.91 21.67 22.17
N ASP L 249 33.15 21.58 23.47
CA ASP L 249 34.22 22.32 24.11
C ASP L 249 35.54 21.59 23.90
N LEU L 250 36.58 22.00 24.63
CA LEU L 250 37.89 21.37 24.48
C LEU L 250 37.85 19.94 25.01
N ARG L 251 37.32 19.76 26.22
CA ARG L 251 37.23 18.43 26.82
C ARG L 251 36.36 17.50 25.99
N LYS L 252 35.30 18.03 25.38
CA LYS L 252 34.41 17.19 24.58
C LYS L 252 35.13 16.60 23.37
N LEU L 253 35.94 17.40 22.68
CA LEU L 253 36.72 16.91 21.55
C LEU L 253 37.82 15.94 22.00
N ALA L 254 38.45 16.22 23.14
CA ALA L 254 39.53 15.38 23.62
C ALA L 254 39.08 13.96 23.92
N VAL L 255 37.92 13.80 24.55
CA VAL L 255 37.45 12.46 24.89
C VAL L 255 36.93 11.70 23.69
N ASN L 256 36.52 12.38 22.61
CA ASN L 256 36.02 11.68 21.45
C ASN L 256 37.09 11.34 20.42
N LEU L 257 38.31 11.85 20.56
CA LEU L 257 39.35 11.59 19.58
C LEU L 257 40.56 10.86 20.14
N ILE L 258 40.64 10.70 21.46
CA ILE L 258 41.79 10.05 22.08
C ILE L 258 41.33 8.72 22.65
N PRO L 259 41.55 7.60 21.97
CA PRO L 259 41.08 6.32 22.51
C PRO L 259 42.04 5.69 23.50
N PHE L 260 43.28 6.18 23.56
CA PHE L 260 44.28 5.68 24.49
C PHE L 260 45.14 6.86 24.91
N PRO L 261 45.54 6.92 26.19
CA PRO L 261 46.09 8.17 26.73
C PRO L 261 47.35 8.70 26.06
N ARG L 262 48.18 7.86 25.46
CA ARG L 262 49.38 8.34 24.80
C ARG L 262 49.16 8.67 23.33
N LEU L 263 47.96 8.47 22.82
CA LEU L 263 47.66 8.68 21.40
C LEU L 263 47.00 10.05 21.20
N HIS L 264 47.78 11.10 21.41
CA HIS L 264 47.21 12.46 21.39
C HIS L 264 48.06 13.38 20.52
N PHE L 265 48.34 12.95 19.30
CA PHE L 265 48.98 13.80 18.30
C PHE L 265 48.06 13.84 17.09
N PHE L 266 47.59 15.04 16.75
CA PHE L 266 46.59 15.26 15.74
C PHE L 266 47.17 15.89 14.48
N MET L 267 46.40 15.77 13.41
CA MET L 267 46.62 16.49 12.17
C MET L 267 45.48 17.49 12.00
N VAL L 268 45.78 18.62 11.37
CA VAL L 268 44.82 19.71 11.33
C VAL L 268 44.61 20.13 9.89
N GLY L 269 43.40 20.60 9.61
CA GLY L 269 43.11 21.19 8.31
C GLY L 269 42.05 22.25 8.46
N PHE L 270 42.07 23.22 7.55
CA PHE L 270 41.10 24.31 7.58
C PHE L 270 40.47 24.45 6.21
N THR L 271 39.17 24.73 6.19
CA THR L 271 38.41 24.91 4.96
C THR L 271 37.39 26.01 5.20
N PRO L 272 36.98 26.72 4.14
CA PRO L 272 37.46 26.59 2.77
C PRO L 272 38.69 27.44 2.48
N LEU L 273 39.53 26.94 1.59
CA LEU L 273 40.77 27.63 1.19
C LEU L 273 40.78 27.65 -0.32
N THR L 274 40.60 28.83 -0.91
CA THR L 274 40.52 28.95 -2.34
C THR L 274 41.30 30.17 -2.81
N SER L 275 41.83 30.09 -4.02
CA SER L 275 42.57 31.19 -4.60
C SER L 275 41.67 32.40 -4.77
N ARG L 276 42.28 33.58 -4.83
CA ARG L 276 41.50 34.81 -4.94
C ARG L 276 40.85 34.91 -6.31
N GLY L 277 41.50 34.39 -7.35
CA GLY L 277 40.94 34.39 -8.68
C GLY L 277 39.77 33.46 -8.89
N SER L 278 39.62 32.45 -8.02
CA SER L 278 38.55 31.46 -8.16
C SER L 278 37.55 31.49 -7.03
N GLN L 279 37.56 32.54 -6.21
CA GLN L 279 36.67 32.61 -5.06
C GLN L 279 35.20 32.71 -5.49
N GLN L 280 34.93 33.29 -6.65
CA GLN L 280 33.57 33.47 -7.12
C GLN L 280 33.12 32.38 -8.09
N TYR L 281 33.99 31.42 -8.40
CA TYR L 281 33.63 30.32 -9.29
C TYR L 281 33.15 29.10 -8.53
N ARG L 282 32.78 29.25 -7.26
CA ARG L 282 32.46 28.10 -6.42
C ARG L 282 31.19 28.37 -5.63
N ALA L 283 30.55 27.28 -5.22
CA ALA L 283 29.44 27.33 -4.30
C ALA L 283 29.95 27.39 -2.87
N LEU L 284 29.03 27.45 -1.91
CA LEU L 284 29.38 27.29 -0.50
C LEU L 284 28.34 26.33 0.09
N THR L 285 28.62 25.04 -0.03
CA THR L 285 27.76 23.98 0.50
C THR L 285 28.57 23.08 1.43
N VAL L 286 27.85 22.28 2.22
CA VAL L 286 28.52 21.30 3.08
C VAL L 286 29.28 20.25 2.29
N PRO L 287 28.75 19.66 1.20
CA PRO L 287 29.57 18.71 0.43
C PRO L 287 30.86 19.29 -0.10
N GLU L 288 30.85 20.57 -0.53
CA GLU L 288 32.08 21.18 -1.00
C GLU L 288 33.09 21.31 0.13
N LEU L 289 32.63 21.66 1.32
CA LEU L 289 33.51 21.78 2.47
C LEU L 289 34.10 20.42 2.84
N THR L 290 33.31 19.36 2.67
CA THR L 290 33.77 18.01 3.01
C THR L 290 34.81 17.48 2.02
N GLN L 291 34.61 17.74 0.73
CA GLN L 291 35.62 17.31 -0.25
C GLN L 291 36.98 17.96 0.02
N GLN L 292 36.99 19.22 0.41
CA GLN L 292 38.24 19.88 0.73
C GLN L 292 38.79 19.46 2.08
N MET L 293 37.92 18.98 2.97
CA MET L 293 38.35 18.56 4.29
C MET L 293 39.12 17.24 4.23
N TRP L 294 38.52 16.23 3.63
CA TRP L 294 39.08 14.88 3.61
C TRP L 294 40.15 14.69 2.55
N ASP L 295 40.55 15.76 1.86
CA ASP L 295 41.67 15.63 0.94
C ASP L 295 42.95 15.42 1.75
N ALA L 296 43.72 14.40 1.37
CA ALA L 296 44.97 14.13 2.05
C ALA L 296 46.01 15.21 1.79
N LYS L 297 45.88 15.94 0.68
CA LYS L 297 46.79 17.02 0.34
C LYS L 297 46.41 18.34 1.00
N ASN L 298 45.64 18.28 2.10
CA ASN L 298 45.15 19.47 2.79
C ASN L 298 45.48 19.48 4.26
N MET L 299 46.07 18.42 4.79
CA MET L 299 46.51 18.46 6.17
C MET L 299 47.63 19.47 6.31
N MET L 300 47.76 20.04 7.50
CA MET L 300 48.84 20.99 7.76
C MET L 300 50.00 20.31 8.46
N CYS L 301 50.23 19.05 8.09
CA CYS L 301 51.40 18.31 8.49
C CYS L 301 51.91 17.62 7.24
N ALA L 302 53.19 17.27 7.22
CA ALA L 302 53.74 16.56 6.07
C ALA L 302 53.64 15.05 6.23
N ALA L 303 52.46 14.57 6.58
CA ALA L 303 52.24 13.14 6.79
C ALA L 303 50.93 12.77 6.11
N ASP L 304 51.03 12.04 5.01
CA ASP L 304 49.88 11.63 4.24
C ASP L 304 49.03 10.65 5.03
N PRO L 305 47.79 11.00 5.39
CA PRO L 305 46.97 10.08 6.19
C PRO L 305 46.57 8.81 5.47
N ARG L 306 46.60 8.80 4.14
CA ARG L 306 46.29 7.60 3.38
C ARG L 306 47.44 6.60 3.41
N HIS L 307 48.53 6.92 4.09
CA HIS L 307 49.60 5.98 4.32
C HIS L 307 49.33 5.11 5.54
N GLY L 308 48.22 5.38 6.23
CA GLY L 308 47.78 4.64 7.39
C GLY L 308 46.26 4.67 7.49
N ARG L 309 45.73 4.50 8.69
CA ARG L 309 44.30 4.52 8.93
C ARG L 309 43.96 5.62 9.94
N TYR L 310 42.74 6.15 9.83
CA TYR L 310 42.23 7.03 10.87
C TYR L 310 41.72 6.21 12.04
N LEU L 311 42.14 6.59 13.24
CA LEU L 311 41.51 6.06 14.45
C LEU L 311 40.20 6.77 14.72
N THR L 312 40.25 8.10 14.81
CA THR L 312 39.09 8.96 14.96
C THR L 312 39.27 10.18 14.08
N ALA L 313 38.23 11.01 14.00
CA ALA L 313 38.27 12.24 13.23
C ALA L 313 37.23 13.18 13.79
N SER L 314 37.46 14.48 13.61
CA SER L 314 36.53 15.48 14.13
C SER L 314 36.35 16.60 13.11
N ALA L 315 35.13 17.14 13.07
CA ALA L 315 34.78 18.21 12.14
C ALA L 315 33.97 19.25 12.90
N LEU L 316 34.53 20.44 13.09
CA LEU L 316 33.82 21.56 13.69
C LEU L 316 33.33 22.47 12.59
N PHE L 317 32.02 22.56 12.43
CA PHE L 317 31.42 23.40 11.42
C PHE L 317 30.91 24.71 12.02
N ARG L 318 31.01 25.78 11.22
CA ARG L 318 30.53 27.11 11.60
C ARG L 318 29.63 27.63 10.49
N GLY L 319 28.44 28.10 10.85
CA GLY L 319 27.52 28.64 9.87
C GLY L 319 26.14 28.02 9.98
N ARG L 320 25.19 28.68 9.33
CA ARG L 320 23.81 28.20 9.28
C ARG L 320 23.74 27.03 8.31
N MET L 321 23.66 25.82 8.85
CA MET L 321 23.64 24.62 8.03
C MET L 321 22.71 23.60 8.67
N SER L 322 22.31 22.62 7.87
CA SER L 322 21.43 21.55 8.32
C SER L 322 22.25 20.42 8.90
N THR L 323 21.93 20.02 10.14
CA THR L 323 22.68 18.96 10.79
C THR L 323 22.58 17.65 10.03
N LYS L 324 21.47 17.38 9.35
CA LYS L 324 21.35 16.13 8.59
C LYS L 324 22.44 16.03 7.54
N GLU L 325 22.70 17.11 6.80
CA GLU L 325 23.76 17.10 5.80
C GLU L 325 25.11 16.81 6.43
N VAL L 326 25.31 17.26 7.67
CA VAL L 326 26.58 17.03 8.35
C VAL L 326 26.77 15.54 8.60
N ASP L 327 25.74 14.87 9.14
CA ASP L 327 25.87 13.47 9.50
C ASP L 327 25.89 12.58 8.27
N GLU L 328 25.11 12.93 7.24
CA GLU L 328 25.12 12.13 6.01
C GLU L 328 26.46 12.20 5.31
N GLN L 329 27.09 13.37 5.30
CA GLN L 329 28.42 13.49 4.70
C GLN L 329 29.46 12.70 5.46
N MET L 330 29.41 12.74 6.79
CA MET L 330 30.37 11.96 7.59
C MET L 330 30.15 10.47 7.42
N LEU L 331 28.89 10.04 7.35
CA LEU L 331 28.58 8.62 7.12
C LEU L 331 29.00 8.18 5.72
N ASN L 332 28.85 9.05 4.73
CA ASN L 332 29.20 8.69 3.35
C ASN L 332 30.69 8.40 3.22
N VAL L 333 31.54 9.25 3.79
CA VAL L 333 32.98 9.06 3.71
C VAL L 333 33.41 7.89 4.58
N GLN L 334 32.60 7.52 5.57
CA GLN L 334 32.85 6.38 6.43
C GLN L 334 32.53 5.04 5.78
N ASN L 335 31.70 5.02 4.76
CA ASN L 335 31.33 3.78 4.10
C ASN L 335 32.10 3.52 2.81
N LYS L 336 32.28 4.54 1.98
CA LYS L 336 32.93 4.34 0.68
C LYS L 336 34.42 4.02 0.83
N ASN L 337 35.11 4.76 1.68
CA ASN L 337 36.53 4.53 1.97
C ASN L 337 36.67 3.72 3.25
N SER L 338 36.21 2.47 3.19
CA SER L 338 36.14 1.65 4.40
C SER L 338 37.49 1.15 4.86
N SER L 339 38.45 0.94 3.96
CA SER L 339 39.74 0.40 4.37
C SER L 339 40.58 1.42 5.13
N TYR L 340 40.44 2.71 4.84
CA TYR L 340 41.26 3.69 5.54
C TYR L 340 40.83 3.94 6.97
N PHE L 341 39.76 3.31 7.46
CA PHE L 341 39.31 3.56 8.82
C PHE L 341 39.51 2.30 9.66
N VAL L 342 39.65 2.49 10.96
CA VAL L 342 39.80 1.34 11.85
C VAL L 342 38.47 0.60 11.93
N GLU L 343 38.55 -0.73 12.06
CA GLU L 343 37.35 -1.56 12.01
C GLU L 343 36.68 -1.74 13.36
N TRP L 344 37.43 -1.94 14.44
CA TRP L 344 36.79 -2.21 15.72
C TRP L 344 36.33 -0.94 16.39
N ILE L 345 36.19 0.13 15.62
CA ILE L 345 35.56 1.37 16.06
C ILE L 345 34.61 1.84 14.96
N PRO L 346 33.30 1.71 15.17
CA PRO L 346 32.35 2.38 14.29
C PRO L 346 32.23 3.82 14.72
N ASN L 347 31.75 4.66 13.80
CA ASN L 347 31.60 6.09 14.09
C ASN L 347 32.93 6.75 14.46
N ASN L 348 33.82 6.84 13.48
CA ASN L 348 35.12 7.43 13.77
C ASN L 348 35.12 8.94 13.59
N VAL L 349 33.95 9.55 13.45
CA VAL L 349 33.85 10.97 13.15
C VAL L 349 32.91 11.63 14.16
N LYS L 350 33.44 12.55 14.95
CA LYS L 350 32.61 13.41 15.79
C LYS L 350 32.40 14.73 15.06
N SER L 351 31.19 15.27 15.12
CA SER L 351 30.86 16.49 14.41
C SER L 351 30.21 17.49 15.36
N SER L 352 30.28 18.77 14.98
CA SER L 352 29.72 19.85 15.77
C SER L 352 29.45 21.04 14.87
N VAL L 353 28.46 21.84 15.26
CA VAL L 353 28.00 22.98 14.46
C VAL L 353 27.86 24.21 15.36
N CYS L 354 28.54 25.29 14.99
CA CYS L 354 28.38 26.60 15.61
C CYS L 354 27.68 27.55 14.65
N ASP L 355 26.98 28.54 15.21
CA ASP L 355 26.10 29.38 14.43
C ASP L 355 26.74 30.68 13.95
N ILE L 356 27.98 30.95 14.32
CA ILE L 356 28.63 32.20 13.96
C ILE L 356 29.82 31.90 13.05
N PRO L 357 29.81 32.35 11.80
CA PRO L 357 30.95 32.11 10.91
C PRO L 357 32.09 33.04 11.24
N PRO L 358 33.31 32.73 10.80
CA PRO L 358 34.39 33.70 10.93
C PRO L 358 34.11 34.91 10.05
N LYS L 359 34.73 36.03 10.42
CA LYS L 359 34.41 37.28 9.74
C LYS L 359 34.85 37.20 8.29
N GLY L 360 33.96 37.58 7.38
CA GLY L 360 34.22 37.56 5.97
C GLY L 360 33.75 36.32 5.24
N LEU L 361 33.49 35.23 5.95
CA LEU L 361 33.06 33.99 5.33
C LEU L 361 31.62 33.66 5.69
N LYS L 362 31.06 32.71 4.96
CA LYS L 362 29.69 32.24 5.17
C LYS L 362 29.62 30.94 5.95
N MET L 363 30.61 30.06 5.80
CA MET L 363 30.62 28.72 6.37
C MET L 363 32.04 28.16 6.33
N SER L 364 32.55 27.67 7.46
CA SER L 364 33.91 27.19 7.52
C SER L 364 33.93 25.86 8.25
N ALA L 365 35.11 25.25 8.32
CA ALA L 365 35.23 23.93 8.92
C ALA L 365 36.67 23.70 9.37
N THR L 366 36.83 22.89 10.40
CA THR L 366 38.14 22.54 10.94
C THR L 366 38.17 21.04 11.16
N PHE L 367 39.22 20.39 10.65
CA PHE L 367 39.36 18.96 10.72
C PHE L 367 40.50 18.58 11.65
N ILE L 368 40.24 17.62 12.54
CA ILE L 368 41.26 17.10 13.45
C ILE L 368 41.19 15.58 13.38
N GLY L 369 42.07 14.97 12.59
CA GLY L 369 42.12 13.53 12.44
C GLY L 369 43.26 12.98 13.28
N ASN L 370 42.92 12.02 14.14
CA ASN L 370 43.92 11.28 14.90
C ASN L 370 44.17 9.99 14.12
N SER L 371 45.14 10.05 13.23
CA SER L 371 45.47 8.93 12.36
C SER L 371 46.71 8.20 12.85
N THR L 372 46.95 7.04 12.25
CA THR L 372 48.15 6.26 12.54
C THR L 372 49.21 6.47 11.48
N ALA L 373 49.01 7.42 10.56
CA ALA L 373 50.06 7.78 9.62
C ALA L 373 51.06 8.74 10.23
N ILE L 374 50.79 9.25 11.43
CA ILE L 374 51.70 10.20 12.06
C ILE L 374 53.00 9.54 12.49
N GLN L 375 52.99 8.21 12.63
CA GLN L 375 54.19 7.49 13.02
C GLN L 375 55.30 7.55 11.99
N GLU L 376 55.00 7.85 10.72
CA GLU L 376 56.08 7.98 9.74
C GLU L 376 57.05 9.10 10.13
N MET L 377 56.55 10.25 10.61
CA MET L 377 57.48 11.31 10.98
C MET L 377 58.35 10.91 12.16
N PHE L 378 57.78 10.19 13.12
CA PHE L 378 58.61 9.83 14.25
C PHE L 378 59.72 8.89 13.79
N LYS L 379 59.40 7.99 12.87
CA LYS L 379 60.46 7.21 12.24
C LYS L 379 61.34 8.10 11.37
N ARG L 380 60.72 9.03 10.64
CA ARG L 380 61.45 9.99 9.81
C ARG L 380 62.38 10.86 10.62
N VAL L 381 62.10 11.04 11.91
CA VAL L 381 62.98 11.80 12.78
C VAL L 381 64.00 10.88 13.42
N SER L 382 63.57 9.70 13.87
CA SER L 382 64.45 8.85 14.66
C SER L 382 65.62 8.36 13.82
N GLU L 383 65.42 8.21 12.52
CA GLU L 383 66.50 7.75 11.66
C GLU L 383 67.60 8.81 11.56
N GLN L 384 67.21 10.09 11.55
CA GLN L 384 68.18 11.17 11.60
C GLN L 384 68.86 11.22 12.96
N PHE L 385 68.07 11.09 14.03
CA PHE L 385 68.64 11.16 15.38
C PHE L 385 69.71 10.10 15.56
N THR L 386 69.43 8.86 15.12
CA THR L 386 70.42 7.81 15.25
C THR L 386 71.63 8.08 14.38
N ALA L 387 71.42 8.70 13.21
CA ALA L 387 72.54 9.02 12.33
C ALA L 387 73.55 9.92 13.03
N MET L 388 73.07 10.91 13.78
CA MET L 388 74.00 11.74 14.53
C MET L 388 74.53 11.01 15.75
N PHE L 389 73.64 10.40 16.53
CA PHE L 389 74.00 9.88 17.84
C PHE L 389 74.82 8.60 17.78
N ARG L 390 74.83 7.88 16.65
CA ARG L 390 75.76 6.78 16.51
C ARG L 390 77.22 7.23 16.59
N ARG L 391 77.47 8.53 16.48
CA ARG L 391 78.82 9.02 16.22
C ARG L 391 79.03 10.33 16.96
N LYS L 392 78.13 10.67 17.87
CA LYS L 392 78.27 11.79 18.81
C LYS L 392 78.57 13.12 18.11
N ALA L 393 77.93 13.34 16.96
CA ALA L 393 77.98 14.66 16.36
C ALA L 393 77.28 15.67 17.28
N PHE L 394 77.84 16.88 17.36
CA PHE L 394 77.23 18.00 18.06
C PHE L 394 76.85 17.67 19.50
N LEU L 395 77.28 16.51 20.00
CA LEU L 395 76.76 16.05 21.28
C LEU L 395 77.32 16.86 22.45
N HIS L 396 78.55 17.37 22.31
CA HIS L 396 79.18 18.03 23.44
C HIS L 396 78.53 19.37 23.77
N TRP L 397 77.88 20.00 22.78
CA TRP L 397 77.19 21.25 23.04
C TRP L 397 76.04 21.05 24.03
N TYR L 398 75.50 19.84 24.09
CA TYR L 398 74.50 19.48 25.08
C TYR L 398 75.08 18.76 26.29
N THR L 399 76.13 17.95 26.11
CA THR L 399 76.67 17.20 27.22
C THR L 399 77.29 18.10 28.27
N GLY L 400 78.06 19.11 27.83
CA GLY L 400 78.69 20.01 28.77
C GLY L 400 77.71 20.97 29.41
N GLU L 401 76.42 20.72 29.22
CA GLU L 401 75.36 21.52 29.79
C GLU L 401 74.52 20.76 30.80
N GLY L 402 74.70 19.45 30.92
CA GLY L 402 73.97 18.63 31.86
C GLY L 402 73.42 17.32 31.34
N MET L 403 73.03 17.24 30.07
CA MET L 403 72.52 15.97 29.56
C MET L 403 73.63 14.93 29.48
N ASP L 404 73.29 13.72 29.85
CA ASP L 404 74.18 12.57 29.87
C ASP L 404 73.71 11.67 28.74
N GLU L 405 74.40 10.54 28.57
CA GLU L 405 74.05 9.71 27.41
C GLU L 405 72.71 9.01 27.64
N MET L 406 72.34 8.77 28.89
CA MET L 406 71.08 8.11 29.17
C MET L 406 69.88 8.94 28.73
N GLU L 407 69.98 10.27 28.76
CA GLU L 407 68.88 11.11 28.29
C GLU L 407 68.57 10.91 26.81
N PHE L 408 69.60 10.83 25.97
CA PHE L 408 69.34 10.61 24.55
C PHE L 408 68.82 9.21 24.29
N THR L 409 69.37 8.21 24.98
CA THR L 409 68.86 6.85 24.85
C THR L 409 67.41 6.78 25.29
N GLU L 410 67.08 7.48 26.37
CA GLU L 410 65.69 7.51 26.84
C GLU L 410 64.78 8.14 25.79
N ALA L 411 65.27 9.19 25.12
CA ALA L 411 64.47 9.82 24.08
C ALA L 411 64.27 8.89 22.89
N GLU L 412 65.31 8.15 22.51
CA GLU L 412 65.14 7.14 21.47
C GLU L 412 64.16 6.05 21.91
N SER L 413 64.24 5.65 23.17
CA SER L 413 63.36 4.59 23.67
C SER L 413 61.90 5.02 23.60
N ASN L 414 61.62 6.25 24.04
CA ASN L 414 60.24 6.73 24.04
C ASN L 414 59.74 6.89 22.61
N MET L 415 60.59 7.41 21.72
CA MET L 415 60.20 7.51 20.32
C MET L 415 59.93 6.14 19.71
N ASN L 416 60.77 5.14 20.02
CA ASN L 416 60.59 3.82 19.41
C ASN L 416 59.36 3.10 19.95
N ASP L 417 59.10 3.19 21.25
CA ASP L 417 57.93 2.51 21.78
C ASP L 417 56.64 3.17 21.31
N LEU L 418 56.68 4.48 21.06
CA LEU L 418 55.51 5.19 20.53
C LEU L 418 55.18 4.75 19.12
N VAL L 419 56.18 4.68 18.23
CA VAL L 419 55.90 4.28 16.86
C VAL L 419 55.41 2.84 16.79
N SER L 420 55.76 2.03 17.77
CA SER L 420 55.26 0.65 17.79
C SER L 420 53.79 0.61 18.21
N GLU L 421 53.37 1.51 19.11
CA GLU L 421 51.97 1.51 19.50
C GLU L 421 51.05 2.10 18.44
N TYR L 422 51.53 3.05 17.64
CA TYR L 422 50.76 3.46 16.48
C TYR L 422 50.66 2.31 15.47
N GLN L 423 51.78 1.62 15.22
CA GLN L 423 51.76 0.46 14.34
C GLN L 423 50.88 -0.65 14.90
N GLN L 424 50.82 -0.77 16.22
CA GLN L 424 49.97 -1.78 16.82
C GLN L 424 48.51 -1.53 16.52
N TYR L 425 48.06 -0.30 16.75
CA TYR L 425 46.66 0.06 16.56
C TYR L 425 46.27 0.27 15.11
N GLN L 426 47.18 0.16 14.15
CA GLN L 426 46.76 0.28 12.75
C GLN L 426 46.21 -1.07 12.30
N ARG M 2 72.50 44.49 23.70
CA ARG M 2 73.44 43.66 22.96
C ARG M 2 74.64 44.44 22.47
N GLU M 3 75.83 43.97 22.83
CA GLU M 3 77.06 44.65 22.47
C GLU M 3 78.08 43.61 22.03
N VAL M 4 78.99 44.04 21.15
CA VAL M 4 80.08 43.21 20.70
C VAL M 4 81.30 44.10 20.48
N ILE M 5 82.44 43.69 21.02
CA ILE M 5 83.67 44.45 20.89
C ILE M 5 84.58 43.73 19.92
N SER M 6 85.43 44.50 19.24
CA SER M 6 86.27 44.01 18.16
C SER M 6 87.69 44.48 18.44
N ILE M 7 88.62 43.54 18.46
CA ILE M 7 90.03 43.83 18.62
C ILE M 7 90.73 43.63 17.28
N HIS M 8 91.72 44.47 17.00
CA HIS M 8 92.46 44.43 15.76
C HIS M 8 93.94 44.38 16.10
N ILE M 9 94.61 43.30 15.70
CA ILE M 9 96.01 43.06 15.97
C ILE M 9 96.78 43.07 14.66
N GLY M 10 97.87 43.81 14.60
CA GLY M 10 98.74 43.71 13.45
C GLY M 10 98.37 44.70 12.36
N GLN M 11 99.22 44.76 11.33
CA GLN M 11 98.96 45.69 10.24
C GLN M 11 97.73 45.24 9.46
N ALA M 12 97.53 43.93 9.35
CA ALA M 12 96.36 43.44 8.65
C ALA M 12 95.10 43.79 9.44
N GLY M 13 95.15 43.59 10.74
CA GLY M 13 93.99 43.87 11.58
C GLY M 13 93.58 45.32 11.53
N ILE M 14 94.55 46.22 11.56
CA ILE M 14 94.20 47.64 11.62
C ILE M 14 93.80 48.18 10.25
N GLN M 15 94.39 47.67 9.17
CA GLN M 15 93.88 48.03 7.85
C GLN M 15 92.49 47.44 7.63
N VAL M 16 92.27 46.19 8.07
CA VAL M 16 90.91 45.64 8.03
C VAL M 16 89.98 46.49 8.88
N GLY M 17 90.47 46.95 10.04
CA GLY M 17 89.67 47.83 10.87
C GLY M 17 89.35 49.15 10.21
N ASN M 18 90.27 49.68 9.42
CA ASN M 18 90.00 50.95 8.74
C ASN M 18 88.86 50.80 7.74
N ALA M 19 88.77 49.65 7.08
CA ALA M 19 87.66 49.44 6.16
C ALA M 19 86.39 49.03 6.91
N CYS M 20 86.54 48.29 8.01
CA CYS M 20 85.37 47.84 8.77
C CYS M 20 84.64 49.03 9.38
N TRP M 21 85.35 49.88 10.10
CA TRP M 21 84.72 51.03 10.74
C TRP M 21 84.26 52.08 9.73
N GLU M 22 84.94 52.22 8.61
CA GLU M 22 84.44 53.08 7.55
C GLU M 22 83.05 52.63 7.10
N LEU M 23 82.85 51.31 7.00
CA LEU M 23 81.56 50.79 6.56
C LEU M 23 80.51 50.93 7.66
N TYR M 24 80.92 50.77 8.92
CA TYR M 24 79.97 50.88 10.03
C TYR M 24 79.42 52.30 10.14
N CYS M 25 80.30 53.30 10.18
CA CYS M 25 79.84 54.69 10.27
C CYS M 25 78.97 55.05 9.07
N LEU M 26 79.31 54.55 7.89
CA LEU M 26 78.47 54.79 6.72
C LEU M 26 77.13 54.08 6.83
N GLU M 27 77.05 53.01 7.61
CA GLU M 27 75.80 52.27 7.74
C GLU M 27 74.85 52.96 8.72
N HIS M 28 75.36 53.40 9.86
CA HIS M 28 74.56 54.06 10.88
C HIS M 28 74.49 55.58 10.70
N GLY M 29 75.01 56.11 9.61
CA GLY M 29 74.90 57.54 9.36
C GLY M 29 75.71 58.41 10.29
N ILE M 30 76.91 57.98 10.66
CA ILE M 30 77.77 58.70 11.59
C ILE M 30 78.92 59.32 10.80
N GLN M 31 79.04 60.64 10.87
CA GLN M 31 80.09 61.33 10.15
C GLN M 31 81.44 61.09 10.82
N PRO M 32 82.53 61.17 10.05
CA PRO M 32 83.86 60.91 10.62
C PRO M 32 84.21 61.78 11.82
N ASP M 33 83.55 62.93 11.98
CA ASP M 33 83.79 63.75 13.16
C ASP M 33 83.25 63.09 14.43
N GLY M 34 82.36 62.13 14.30
CA GLY M 34 81.98 61.23 15.37
C GLY M 34 80.51 61.23 15.73
N GLN M 35 79.71 62.19 15.27
CA GLN M 35 78.31 62.25 15.64
C GLN M 35 77.44 62.15 14.39
N MET M 36 76.27 61.55 14.54
CA MET M 36 75.27 61.58 13.49
C MET M 36 74.61 62.96 13.44
N PRO M 37 74.25 63.46 12.25
CA PRO M 37 73.52 64.72 12.14
C PRO M 37 72.09 64.61 12.65
N ASP M 47 69.13 53.65 17.87
CA ASP M 47 69.37 52.58 18.82
C ASP M 47 70.10 51.42 18.16
N ALA M 48 69.94 51.28 16.84
CA ALA M 48 70.59 50.19 16.13
C ALA M 48 72.10 50.26 16.24
N PHE M 49 72.65 51.46 16.44
CA PHE M 49 74.09 51.66 16.58
C PHE M 49 74.63 51.15 17.91
N ASN M 50 73.76 50.85 18.87
CA ASN M 50 74.22 50.60 20.24
C ASN M 50 75.18 49.43 20.35
N THR M 51 75.15 48.49 19.40
CA THR M 51 76.00 47.33 19.51
C THR M 51 77.43 47.62 19.08
N PHE M 52 77.67 48.75 18.42
CA PHE M 52 79.01 49.18 18.01
C PHE M 52 79.45 50.51 18.60
N PHE M 53 78.53 51.42 18.88
CA PHE M 53 78.87 52.75 19.37
C PHE M 53 78.21 53.03 20.71
N SER M 54 79.00 53.59 21.62
CA SER M 54 78.52 54.09 22.90
C SER M 54 78.20 55.57 22.81
N GLU M 55 77.08 55.97 23.41
CA GLU M 55 76.66 57.38 23.38
C GLU M 55 77.41 58.12 24.47
N THR M 56 78.55 58.71 24.11
CA THR M 56 79.28 59.56 25.03
C THR M 56 78.72 60.98 24.95
N GLY M 57 78.68 61.64 26.10
CA GLY M 57 78.35 63.07 26.11
C GLY M 57 77.00 63.33 25.49
N ALA M 58 76.95 64.32 24.60
CA ALA M 58 75.72 64.74 23.94
C ALA M 58 76.03 64.92 22.47
N GLY M 59 75.46 64.06 21.63
CA GLY M 59 75.78 64.07 20.22
C GLY M 59 77.20 63.63 19.94
N LYS M 60 77.51 62.38 20.28
CA LYS M 60 78.84 61.83 20.11
C LYS M 60 78.76 60.31 20.25
N HIS M 61 79.52 59.60 19.42
CA HIS M 61 79.54 58.16 19.44
C HIS M 61 80.98 57.68 19.27
N VAL M 62 81.44 56.84 20.19
CA VAL M 62 82.80 56.32 20.14
C VAL M 62 82.72 54.81 19.93
N PRO M 63 83.62 54.21 19.17
CA PRO M 63 83.48 52.79 18.84
C PRO M 63 83.99 51.90 19.94
N ARG M 64 83.54 50.64 19.90
CA ARG M 64 83.94 49.65 20.89
C ARG M 64 85.07 48.79 20.31
N CYS M 65 86.23 49.41 20.12
CA CYS M 65 87.34 48.69 19.53
C CYS M 65 88.64 49.12 20.20
N ILE M 66 89.66 48.30 20.01
CA ILE M 66 91.03 48.64 20.37
C ILE M 66 91.94 48.21 19.22
N PHE M 67 92.58 49.18 18.58
CA PHE M 67 93.68 48.88 17.68
C PHE M 67 94.93 48.66 18.51
N LEU M 68 95.68 47.61 18.18
CA LEU M 68 96.94 47.40 18.88
C LEU M 68 97.96 46.81 17.94
N ASP M 69 99.20 47.28 18.08
CA ASP M 69 100.31 46.89 17.22
C ASP M 69 101.60 47.34 17.89
N LEU M 70 102.69 46.67 17.54
CA LEU M 70 103.98 47.00 18.12
C LEU M 70 104.70 48.11 17.36
N GLU M 71 104.59 48.13 16.04
CA GLU M 71 105.15 49.23 15.26
C GLU M 71 104.16 50.39 15.21
N PRO M 72 104.58 51.62 15.51
CA PRO M 72 103.64 52.74 15.58
C PRO M 72 103.26 53.33 14.23
N THR M 73 103.82 52.83 13.13
CA THR M 73 103.63 53.48 11.84
C THR M 73 102.18 53.44 11.38
N VAL M 74 101.55 52.26 11.42
CA VAL M 74 100.19 52.14 10.90
C VAL M 74 99.17 52.75 11.85
N VAL M 75 99.38 52.63 13.16
CA VAL M 75 98.43 53.19 14.11
C VAL M 75 98.44 54.71 14.06
N ASP M 76 99.62 55.32 14.06
CA ASP M 76 99.74 56.77 14.02
C ASP M 76 99.36 57.34 12.67
N GLU M 77 99.34 56.53 11.61
CA GLU M 77 98.70 56.96 10.37
C GLU M 77 97.19 57.07 10.56
N VAL M 78 96.61 56.18 11.35
CA VAL M 78 95.19 56.29 11.69
C VAL M 78 94.97 57.49 12.60
N ARG M 79 95.91 57.75 13.50
CA ARG M 79 95.77 58.84 14.47
C ARG M 79 95.62 60.18 13.79
N THR M 80 96.12 60.33 12.57
CA THR M 80 96.14 61.63 11.88
C THR M 80 95.30 61.62 10.61
N GLY M 81 94.56 60.56 10.34
CA GLY M 81 93.77 60.50 9.12
C GLY M 81 92.49 61.31 9.15
N THR M 82 91.45 60.80 8.51
CA THR M 82 90.16 61.49 8.54
C THR M 82 89.36 61.15 9.79
N TYR M 83 89.54 59.96 10.34
CA TYR M 83 88.84 59.54 11.55
C TYR M 83 89.65 59.86 12.80
N ARG M 84 90.03 61.13 12.94
CA ARG M 84 90.74 61.58 14.13
C ARG M 84 89.80 61.73 15.32
N GLN M 85 88.60 62.24 15.09
CA GLN M 85 87.66 62.55 16.16
C GLN M 85 86.78 61.36 16.54
N LEU M 86 86.70 60.33 15.71
CA LEU M 86 85.89 59.16 16.05
C LEU M 86 86.52 58.36 17.17
N PHE M 87 87.72 57.84 16.95
CA PHE M 87 88.34 56.97 17.94
C PHE M 87 88.86 57.78 19.11
N HIS M 88 88.43 57.42 20.32
CA HIS M 88 88.95 58.06 21.51
C HIS M 88 90.45 57.72 21.62
N PRO M 89 91.27 58.65 22.13
CA PRO M 89 92.73 58.42 22.07
C PRO M 89 93.24 57.16 22.76
N GLU M 90 92.66 56.77 23.89
CA GLU M 90 93.19 55.63 24.63
C GLU M 90 93.13 54.33 23.83
N GLN M 91 92.08 54.16 23.02
CA GLN M 91 91.85 52.89 22.33
C GLN M 91 92.99 52.52 21.38
N LEU M 92 93.55 53.48 20.65
CA LEU M 92 94.56 53.17 19.65
C LEU M 92 95.91 52.86 20.31
N ILE M 93 95.99 51.66 20.90
CA ILE M 93 97.21 51.22 21.56
C ILE M 93 98.35 51.18 20.54
N SER M 94 99.53 51.62 20.97
CA SER M 94 100.69 51.61 20.08
C SER M 94 101.95 51.28 20.86
N GLY M 95 102.71 50.30 20.37
CA GLY M 95 103.99 49.94 20.95
C GLY M 95 105.11 50.85 20.48
N LYS M 96 106.34 50.43 20.78
CA LYS M 96 107.52 51.18 20.37
C LYS M 96 108.31 50.56 19.23
N GLU M 97 108.30 49.23 19.09
CA GLU M 97 109.07 48.59 18.04
C GLU M 97 108.44 47.26 17.66
N ASP M 98 108.62 46.87 16.40
CA ASP M 98 107.94 45.72 15.84
C ASP M 98 108.50 44.41 16.38
N ALA M 99 107.72 43.35 16.20
CA ALA M 99 108.22 42.00 16.44
C ALA M 99 109.04 41.48 15.28
N ALA M 100 108.89 42.07 14.09
CA ALA M 100 109.71 41.78 12.92
C ALA M 100 109.55 40.32 12.46
N ASN M 101 108.32 39.97 12.11
CA ASN M 101 107.99 38.65 11.56
C ASN M 101 108.53 37.54 12.44
N ASN M 102 108.59 37.80 13.74
CA ASN M 102 109.16 36.87 14.70
C ASN M 102 108.11 36.54 15.74
N PHE M 103 107.56 35.33 15.65
CA PHE M 103 106.54 34.87 16.59
C PHE M 103 107.04 34.93 18.03
N ALA M 104 108.30 34.54 18.24
CA ALA M 104 108.84 34.52 19.60
C ALA M 104 108.93 35.92 20.19
N ARG M 105 109.40 36.89 19.41
CA ARG M 105 109.44 38.27 19.92
C ARG M 105 108.05 38.77 20.27
N GLY M 106 107.07 38.45 19.44
CA GLY M 106 105.72 38.88 19.72
C GLY M 106 104.99 38.03 20.72
N HIS M 107 105.61 36.96 21.21
CA HIS M 107 104.98 36.08 22.19
C HIS M 107 105.71 36.03 23.52
N TYR M 108 107.01 36.31 23.56
CA TYR M 108 107.73 36.22 24.82
C TYR M 108 108.53 37.47 25.15
N THR M 109 109.18 38.08 24.16
CA THR M 109 110.05 39.21 24.46
C THR M 109 109.32 40.55 24.52
N ILE M 110 108.50 40.86 23.51
CA ILE M 110 107.91 42.19 23.41
C ILE M 110 106.45 42.21 23.83
N GLY M 111 105.73 41.12 23.56
CA GLY M 111 104.33 41.03 23.97
C GLY M 111 104.15 41.22 25.46
N LYS M 112 105.06 40.64 26.25
CA LYS M 112 104.95 40.61 27.71
C LYS M 112 104.97 42.00 28.34
N GLU M 113 105.20 43.07 27.58
CA GLU M 113 105.14 44.41 28.15
C GLU M 113 103.96 45.24 27.67
N ILE M 114 103.27 44.81 26.62
CA ILE M 114 102.19 45.60 26.03
C ILE M 114 100.83 44.93 26.19
N VAL M 115 100.79 43.61 26.33
CA VAL M 115 99.51 42.90 26.39
C VAL M 115 98.75 43.28 27.64
N ASP M 116 99.47 43.58 28.74
CA ASP M 116 98.79 43.98 29.97
C ASP M 116 98.05 45.30 29.77
N LEU M 117 98.69 46.28 29.12
CA LEU M 117 98.00 47.54 28.84
C LEU M 117 96.84 47.35 27.88
N ALA M 118 96.97 46.41 26.95
CA ALA M 118 95.88 46.13 26.03
C ALA M 118 94.68 45.54 26.77
N LEU M 119 94.94 44.66 27.74
CA LEU M 119 93.87 43.89 28.38
C LEU M 119 93.18 44.64 29.52
N ASP M 120 93.84 45.60 30.16
CA ASP M 120 93.12 46.44 31.12
C ASP M 120 92.42 47.63 30.47
N ARG M 121 92.57 47.82 29.16
CA ARG M 121 91.67 48.69 28.42
C ARG M 121 90.44 47.96 27.90
N ILE M 122 90.61 46.73 27.39
CA ILE M 122 89.45 45.98 26.95
C ILE M 122 88.56 45.60 28.12
N ARG M 123 89.13 45.54 29.33
CA ARG M 123 88.32 45.24 30.52
C ARG M 123 87.27 46.32 30.74
N LYS M 124 87.70 47.57 30.87
CA LYS M 124 86.75 48.65 31.14
C LYS M 124 85.92 49.05 29.92
N LEU M 125 86.37 48.68 28.71
CA LEU M 125 85.47 48.75 27.55
C LEU M 125 84.31 47.78 27.71
N ALA M 126 84.62 46.55 28.13
CA ALA M 126 83.60 45.53 28.36
C ALA M 126 82.72 45.88 29.55
N ASP M 127 83.27 46.59 30.53
CA ASP M 127 82.46 47.01 31.68
C ASP M 127 81.43 48.06 31.26
N ASN M 128 81.72 48.84 30.22
CA ASN M 128 80.73 49.78 29.71
C ASN M 128 79.53 49.04 29.13
N CYS M 129 79.76 48.02 28.32
CA CYS M 129 78.68 47.26 27.72
C CYS M 129 77.93 46.45 28.79
N THR M 130 76.71 46.05 28.44
CA THR M 130 75.81 45.38 29.37
C THR M 130 75.46 43.96 28.94
N GLY M 131 75.03 43.76 27.70
CA GLY M 131 74.62 42.46 27.21
C GLY M 131 75.62 41.82 26.28
N LEU M 132 76.89 41.84 26.66
CA LEU M 132 77.99 41.41 25.79
C LEU M 132 77.77 40.02 25.23
N GLN M 133 77.64 39.95 23.90
CA GLN M 133 77.62 38.67 23.22
C GLN M 133 79.02 38.05 23.21
N GLY M 134 79.98 38.75 22.64
CA GLY M 134 81.34 38.27 22.63
C GLY M 134 82.28 39.29 22.03
N PHE M 135 83.50 38.84 21.77
CA PHE M 135 84.52 39.59 21.06
C PHE M 135 84.72 38.97 19.68
N LEU M 136 85.35 39.74 18.80
CA LEU M 136 85.78 39.21 17.50
C LEU M 136 87.16 39.75 17.17
N VAL M 137 88.07 38.85 16.78
CA VAL M 137 89.48 39.15 16.64
C VAL M 137 89.86 39.17 15.16
N PHE M 138 90.73 40.10 14.80
CA PHE M 138 91.30 40.21 13.46
C PHE M 138 92.82 40.10 13.55
N ASN M 139 93.39 39.08 12.93
CA ASN M 139 94.83 38.89 12.98
C ASN M 139 95.30 38.20 11.71
N ALA M 140 96.59 38.32 11.44
CA ALA M 140 97.25 37.61 10.35
C ALA M 140 98.32 36.72 10.94
N VAL M 141 98.23 35.40 10.67
CA VAL M 141 99.18 34.47 11.28
C VAL M 141 100.51 34.39 10.55
N GLY M 142 100.67 35.12 9.44
CA GLY M 142 101.97 35.14 8.78
C GLY M 142 102.97 36.09 9.41
N GLY M 143 102.50 37.14 10.08
CA GLY M 143 103.36 38.14 10.67
C GLY M 143 103.85 37.75 12.05
N GLY M 144 104.51 38.71 12.69
CA GLY M 144 105.00 38.48 14.04
C GLY M 144 104.07 39.01 15.11
N THR M 145 103.62 40.26 14.95
CA THR M 145 102.75 40.85 15.97
C THR M 145 101.36 40.23 15.92
N GLY M 146 100.77 40.16 14.72
CA GLY M 146 99.43 39.61 14.62
C GLY M 146 99.34 38.18 15.11
N SER M 147 100.35 37.37 14.78
CA SER M 147 100.31 35.96 15.16
C SER M 147 100.71 35.78 16.62
N GLY M 148 101.84 36.37 17.00
CA GLY M 148 102.41 36.15 18.32
C GLY M 148 101.55 36.67 19.44
N LEU M 149 101.40 37.99 19.48
CA LEU M 149 100.62 38.62 20.53
C LEU M 149 99.13 38.39 20.36
N GLY M 150 98.70 38.04 19.16
CA GLY M 150 97.34 37.56 18.98
C GLY M 150 97.09 36.31 19.80
N SER M 151 97.96 35.32 19.67
CA SER M 151 97.85 34.12 20.50
C SER M 151 97.93 34.45 21.98
N LEU M 152 98.88 35.31 22.35
CA LEU M 152 99.06 35.69 23.76
C LEU M 152 97.81 36.37 24.31
N LEU M 153 97.25 37.32 23.56
CA LEU M 153 96.05 38.02 24.02
C LEU M 153 94.86 37.09 24.14
N LEU M 154 94.72 36.15 23.19
CA LEU M 154 93.63 35.19 23.24
C LEU M 154 93.73 34.22 24.40
N GLU M 155 94.95 33.84 24.81
CA GLU M 155 95.09 32.94 25.96
C GLU M 155 94.58 33.59 27.25
N ARG M 156 94.99 34.84 27.50
CA ARG M 156 94.55 35.52 28.72
C ARG M 156 93.07 35.89 28.66
N LEU M 157 92.51 36.02 27.46
CA LEU M 157 91.06 36.19 27.33
C LEU M 157 90.31 34.96 27.77
N SER M 158 90.82 33.77 27.44
CA SER M 158 90.13 32.54 27.83
C SER M 158 90.09 32.37 29.34
N VAL M 159 91.19 32.68 30.03
CA VAL M 159 91.21 32.58 31.49
C VAL M 159 90.49 33.72 32.16
N ASP M 160 90.17 34.79 31.42
CA ASP M 160 89.45 35.93 31.97
C ASP M 160 87.94 35.75 31.89
N TYR M 161 87.43 35.27 30.76
CA TYR M 161 86.00 35.14 30.55
C TYR M 161 85.55 33.71 30.29
N GLY M 162 86.19 33.03 29.34
CA GLY M 162 85.87 31.65 29.07
C GLY M 162 84.56 31.50 28.32
N LYS M 163 83.45 31.80 29.00
CA LYS M 163 82.13 31.53 28.44
C LYS M 163 81.76 32.47 27.30
N LYS M 164 82.50 33.56 27.10
CA LYS M 164 82.17 34.52 26.06
C LYS M 164 82.75 34.10 24.72
N SER M 165 82.03 34.41 23.66
CA SER M 165 82.45 34.02 22.32
C SER M 165 83.61 34.88 21.84
N LYS M 166 84.48 34.28 21.02
CA LYS M 166 85.62 34.98 20.44
C LYS M 166 85.70 34.56 18.97
N LEU M 167 85.48 35.50 18.07
CA LEU M 167 85.49 35.23 16.63
C LEU M 167 86.85 35.63 16.05
N GLY M 168 87.61 34.63 15.61
CA GLY M 168 88.89 34.90 15.00
C GLY M 168 88.83 34.84 13.49
N PHE M 169 88.99 35.98 12.83
CA PHE M 169 89.04 36.03 11.37
C PHE M 169 90.50 36.21 10.99
N THR M 170 91.14 35.11 10.62
CA THR M 170 92.58 35.06 10.41
C THR M 170 92.91 35.06 8.93
N VAL M 171 94.16 35.44 8.63
CA VAL M 171 94.69 35.45 7.28
C VAL M 171 95.86 34.47 7.22
N TYR M 172 95.62 33.25 6.78
CA TYR M 172 96.71 32.30 6.66
C TYR M 172 97.52 32.59 5.41
N PRO M 173 98.74 32.08 5.34
CA PRO M 173 99.54 32.25 4.12
C PRO M 173 99.04 31.35 3.00
N SER M 174 99.19 31.85 1.78
CA SER M 174 98.83 31.11 0.59
C SER M 174 99.89 30.05 0.26
N PRO M 175 99.50 29.00 -0.45
CA PRO M 175 100.48 27.96 -0.83
C PRO M 175 101.66 28.50 -1.62
N GLN M 176 101.39 29.12 -2.77
CA GLN M 176 102.46 29.61 -3.63
C GLN M 176 102.69 31.11 -3.53
N VAL M 177 101.64 31.91 -3.36
CA VAL M 177 101.78 33.36 -3.25
C VAL M 177 102.16 33.71 -1.81
N SER M 178 103.32 34.32 -1.65
CA SER M 178 103.84 34.58 -0.31
C SER M 178 104.69 35.84 -0.32
N THR M 179 104.68 36.54 0.81
CA THR M 179 105.47 37.75 0.97
C THR M 179 106.59 37.58 1.99
N ALA M 180 106.52 36.57 2.84
CA ALA M 180 107.52 36.30 3.85
C ALA M 180 108.33 35.06 3.46
N VAL M 181 109.20 34.65 4.37
CA VAL M 181 110.03 33.47 4.19
C VAL M 181 109.82 32.47 5.33
N VAL M 182 109.89 32.95 6.57
CA VAL M 182 109.78 32.09 7.75
C VAL M 182 108.34 31.95 8.21
N GLU M 183 107.39 32.42 7.41
CA GLU M 183 106.00 32.35 7.82
C GLU M 183 105.48 30.93 8.06
N PRO M 184 105.99 29.87 7.43
CA PRO M 184 105.59 28.53 7.88
C PRO M 184 105.82 28.30 9.36
N TYR M 185 106.98 28.69 9.88
CA TYR M 185 107.25 28.55 11.31
C TYR M 185 106.19 29.26 12.14
N ASN M 186 105.85 30.48 11.77
CA ASN M 186 104.86 31.23 12.54
C ASN M 186 103.47 30.62 12.41
N SER M 187 103.14 30.09 11.25
CA SER M 187 101.79 29.56 11.04
C SER M 187 101.50 28.41 11.98
N VAL M 188 102.35 27.37 11.98
CA VAL M 188 102.11 26.23 12.85
C VAL M 188 102.15 26.65 14.32
N LEU M 189 103.08 27.54 14.69
CA LEU M 189 103.21 27.93 16.08
C LEU M 189 102.05 28.79 16.55
N SER M 190 101.30 29.38 15.61
CA SER M 190 100.11 30.10 16.01
C SER M 190 98.91 29.17 16.17
N THR M 191 98.79 28.19 15.29
CA THR M 191 97.63 27.31 15.33
C THR M 191 97.58 26.49 16.61
N HIS M 192 98.75 26.11 17.15
CA HIS M 192 98.75 25.25 18.34
C HIS M 192 98.05 25.92 19.51
N SER M 193 98.03 27.24 19.55
CA SER M 193 97.24 27.94 20.55
C SER M 193 95.95 28.50 19.97
N LEU M 194 95.96 28.93 18.71
CA LEU M 194 94.73 29.34 18.04
C LEU M 194 93.71 28.21 18.02
N LEU M 195 94.18 26.96 18.14
CA LEU M 195 93.27 25.81 18.15
C LEU M 195 92.37 25.84 19.38
N GLU M 196 92.95 25.84 20.57
CA GLU M 196 92.21 25.64 21.79
C GLU M 196 91.84 26.95 22.49
N HIS M 197 91.88 28.06 21.78
CA HIS M 197 91.47 29.32 22.41
C HIS M 197 90.37 30.06 21.66
N THR M 198 90.43 30.11 20.32
CA THR M 198 89.33 30.68 19.57
C THR M 198 88.12 29.74 19.59
N ASP M 199 86.94 30.30 19.39
CA ASP M 199 85.72 29.52 19.31
C ASP M 199 85.29 29.21 17.89
N VAL M 200 85.43 30.17 16.98
CA VAL M 200 84.98 30.05 15.59
C VAL M 200 86.03 30.72 14.71
N ALA M 201 86.76 29.92 13.93
CA ALA M 201 87.89 30.41 13.16
C ALA M 201 87.55 30.35 11.68
N VAL M 202 87.72 31.47 11.00
CA VAL M 202 87.40 31.62 9.58
C VAL M 202 88.72 31.86 8.85
N MET M 203 89.09 30.95 7.94
CA MET M 203 90.29 31.14 7.16
C MET M 203 90.05 32.14 6.06
N LEU M 204 91.08 32.93 5.76
CA LEU M 204 91.07 33.84 4.62
C LEU M 204 92.47 33.89 4.06
N ASP M 205 92.60 33.69 2.76
CA ASP M 205 93.91 33.70 2.12
C ASP M 205 93.97 34.90 1.19
N ASN M 206 95.17 35.17 0.67
CA ASN M 206 95.35 36.32 -0.19
C ASN M 206 95.24 35.95 -1.65
N GLU M 207 95.73 34.76 -2.02
CA GLU M 207 95.65 34.31 -3.41
C GLU M 207 94.20 34.08 -3.82
N ALA M 208 93.38 33.52 -2.93
CA ALA M 208 91.97 33.31 -3.25
C ALA M 208 91.23 34.63 -3.48
N ILE M 209 91.51 35.63 -2.63
CA ILE M 209 90.82 36.91 -2.78
C ILE M 209 91.38 37.67 -3.97
N TYR M 210 92.69 37.55 -4.22
CA TYR M 210 93.25 38.12 -5.42
C TYR M 210 92.55 37.56 -6.66
N ASP M 211 92.31 36.24 -6.68
CA ASP M 211 91.62 35.64 -7.82
C ASP M 211 90.18 36.11 -7.90
N ILE M 212 89.52 36.28 -6.76
CA ILE M 212 88.14 36.76 -6.77
C ILE M 212 88.06 38.16 -7.37
N CYS M 213 88.96 39.04 -6.94
CA CYS M 213 88.95 40.40 -7.48
C CYS M 213 89.35 40.42 -8.94
N ARG M 214 90.19 39.46 -9.35
CA ARG M 214 90.58 39.37 -10.76
C ARG M 214 89.45 38.82 -11.62
N ARG M 215 88.74 37.81 -11.12
CA ARG M 215 87.74 37.12 -11.93
C ARG M 215 86.37 37.80 -11.90
N SER M 216 85.80 37.95 -10.71
CA SER M 216 84.43 38.45 -10.59
C SER M 216 84.38 39.98 -10.59
N LEU M 217 85.25 40.62 -9.83
CA LEU M 217 85.27 42.07 -9.71
C LEU M 217 86.03 42.75 -10.84
N ASP M 218 86.62 41.97 -11.74
CA ASP M 218 87.41 42.39 -12.91
C ASP M 218 88.31 43.58 -12.59
N ILE M 219 88.95 43.54 -11.43
CA ILE M 219 90.00 44.48 -11.10
C ILE M 219 91.29 43.78 -11.49
N GLU M 220 91.93 44.26 -12.57
CA GLU M 220 93.09 43.56 -13.09
C GLU M 220 94.32 43.78 -12.21
N ARG M 221 94.37 44.88 -11.47
CA ARG M 221 95.52 45.22 -10.63
C ARG M 221 95.02 45.74 -9.29
N PRO M 222 94.68 44.83 -8.37
CA PRO M 222 94.23 45.25 -7.04
C PRO M 222 95.35 45.34 -6.00
N THR M 223 95.06 46.11 -4.96
CA THR M 223 95.90 46.25 -3.77
C THR M 223 95.18 45.73 -2.55
N TYR M 224 95.82 45.87 -1.38
CA TYR M 224 95.22 45.41 -0.13
C TYR M 224 93.91 46.11 0.22
N THR M 225 93.68 47.31 -0.31
CA THR M 225 92.47 48.05 0.07
C THR M 225 91.22 47.30 -0.36
N ASN M 226 91.17 46.90 -1.63
CA ASN M 226 90.00 46.18 -2.14
C ASN M 226 89.78 44.88 -1.40
N LEU M 227 90.87 44.16 -1.07
CA LEU M 227 90.76 42.95 -0.27
C LEU M 227 90.06 43.22 1.07
N ASN M 228 90.54 44.24 1.79
CA ASN M 228 89.97 44.56 3.09
C ASN M 228 88.54 45.05 2.98
N ARG M 229 88.16 45.63 1.84
CA ARG M 229 86.80 46.16 1.71
C ARG M 229 85.77 45.03 1.65
N LEU M 230 86.03 44.00 0.84
CA LEU M 230 85.10 42.89 0.74
C LEU M 230 85.16 41.95 1.94
N ILE M 231 86.29 41.93 2.67
CA ILE M 231 86.34 41.20 3.93
C ILE M 231 85.41 41.85 4.95
N ALA M 232 85.42 43.18 5.03
CA ALA M 232 84.48 43.89 5.88
C ALA M 232 83.03 43.59 5.51
N GLN M 233 82.75 43.45 4.21
CA GLN M 233 81.40 43.08 3.80
C GLN M 233 80.98 41.73 4.37
N VAL M 234 81.91 40.79 4.46
CA VAL M 234 81.59 39.49 5.04
C VAL M 234 81.24 39.65 6.52
N ILE M 235 82.08 40.40 7.25
CA ILE M 235 81.88 40.58 8.68
C ILE M 235 80.54 41.26 8.97
N SER M 236 80.25 42.32 8.23
CA SER M 236 79.00 43.05 8.43
C SER M 236 77.78 42.19 8.12
N SER M 237 77.88 41.27 7.17
CA SER M 237 76.72 40.45 6.85
C SER M 237 76.42 39.43 7.94
N LEU M 238 77.42 39.00 8.71
CA LEU M 238 77.15 38.05 9.77
C LEU M 238 76.83 38.71 11.10
N THR M 239 76.94 40.04 11.18
CA THR M 239 76.51 40.78 12.36
C THR M 239 75.25 41.60 12.11
N ALA M 240 74.82 41.71 10.85
CA ALA M 240 73.61 42.46 10.52
C ALA M 240 72.38 41.91 11.24
N SER M 241 72.41 40.65 11.64
CA SER M 241 71.29 40.07 12.38
C SER M 241 71.16 40.72 13.75
N LEU M 242 72.28 40.96 14.43
CA LEU M 242 72.24 41.65 15.71
C LEU M 242 71.82 43.10 15.56
N ARG M 243 72.26 43.77 14.50
CA ARG M 243 72.04 45.20 14.39
C ARG M 243 70.63 45.53 13.93
N PHE M 244 70.04 44.69 13.08
CA PHE M 244 68.73 44.96 12.49
C PHE M 244 67.86 43.72 12.58
N ASP M 245 66.55 43.94 12.66
CA ASP M 245 65.61 42.84 12.76
C ASP M 245 65.40 42.17 11.41
N GLY M 246 65.22 40.85 11.43
CA GLY M 246 65.00 40.09 10.21
C GLY M 246 63.88 39.08 10.38
N ALA M 247 63.56 38.41 9.27
CA ALA M 247 62.57 37.35 9.29
C ALA M 247 63.06 36.14 10.06
N LEU M 248 64.36 35.88 10.03
CA LEU M 248 64.95 34.76 10.75
C LEU M 248 66.39 35.15 11.07
N ASN M 249 66.61 35.60 12.31
CA ASN M 249 67.89 36.12 12.73
C ASN M 249 68.62 35.10 13.60
N VAL M 250 69.95 35.21 13.60
CA VAL M 250 70.79 34.32 14.39
C VAL M 250 71.89 35.14 15.05
N ASP M 251 72.15 34.87 16.31
CA ASP M 251 73.11 35.63 17.08
C ASP M 251 74.50 35.04 16.86
N ILE M 252 75.46 35.46 17.67
CA ILE M 252 76.81 34.91 17.57
C ILE M 252 76.87 33.48 18.05
N THR M 253 76.06 33.12 19.05
CA THR M 253 76.11 31.80 19.65
C THR M 253 75.61 30.70 18.72
N GLU M 254 74.81 31.05 17.72
CA GLU M 254 74.23 30.06 16.84
C GLU M 254 75.25 29.40 15.93
N PHE M 255 76.31 30.13 15.57
CA PHE M 255 77.42 29.56 14.81
C PHE M 255 78.11 28.42 15.55
N GLN M 256 78.43 28.60 16.83
CA GLN M 256 79.10 27.52 17.56
C GLN M 256 78.23 26.28 17.65
N THR M 257 76.92 26.45 17.75
CA THR M 257 76.06 25.30 17.96
C THR M 257 75.84 24.52 16.69
N ASN M 258 75.61 25.20 15.57
CA ASN M 258 75.19 24.56 14.34
C ASN M 258 76.32 24.28 13.36
N LEU M 259 77.56 24.64 13.68
CA LEU M 259 78.66 24.44 12.73
C LEU M 259 79.89 23.75 13.31
N VAL M 260 79.92 23.44 14.60
CA VAL M 260 81.12 22.87 15.20
C VAL M 260 80.81 21.46 15.72
N PRO M 261 80.92 20.43 14.87
CA PRO M 261 80.67 19.07 15.35
C PRO M 261 81.49 18.66 16.56
N TYR M 262 82.77 19.03 16.61
CA TYR M 262 83.65 18.63 17.69
C TYR M 262 84.52 19.79 18.13
N PRO M 263 84.89 19.85 19.41
CA PRO M 263 85.51 21.06 19.95
C PRO M 263 86.86 21.40 19.34
N ARG M 264 87.46 20.51 18.55
CA ARG M 264 88.73 20.78 17.91
C ARG M 264 88.60 20.99 16.40
N ILE M 265 87.39 20.93 15.87
CA ILE M 265 87.16 21.28 14.47
C ILE M 265 86.40 22.59 14.39
N HIS M 266 87.13 23.71 14.33
CA HIS M 266 86.53 25.02 14.08
C HIS M 266 87.47 25.73 13.12
N PHE M 267 87.25 25.50 11.84
CA PHE M 267 87.98 26.15 10.75
C PHE M 267 87.02 26.18 9.59
N MET M 268 86.54 27.38 9.28
CA MET M 268 85.39 27.55 8.41
C MET M 268 85.80 28.11 7.06
N LEU M 269 85.33 27.47 5.99
CA LEU M 269 85.44 28.06 4.68
C LEU M 269 84.44 29.19 4.55
N SER M 270 84.81 30.23 3.82
CA SER M 270 83.91 31.35 3.61
C SER M 270 83.70 31.60 2.12
N SER M 271 82.55 32.21 1.82
CA SER M 271 82.20 32.56 0.45
C SER M 271 81.13 33.64 0.51
N TYR M 272 81.04 34.39 -0.58
CA TYR M 272 80.15 35.53 -0.64
C TYR M 272 79.56 35.64 -2.03
N ALA M 273 78.32 36.08 -2.10
CA ALA M 273 77.67 36.28 -3.39
C ALA M 273 76.59 37.32 -3.20
N PRO M 274 76.39 38.21 -4.17
CA PRO M 274 77.20 38.17 -5.39
C PRO M 274 78.38 39.12 -5.39
N ILE M 275 79.59 38.58 -5.57
CA ILE M 275 80.76 39.50 -5.72
C ILE M 275 80.68 39.98 -7.16
N ILE M 276 80.00 41.10 -7.39
CA ILE M 276 79.77 41.54 -8.80
C ILE M 276 80.14 43.02 -8.97
N SER M 277 80.70 43.36 -10.12
CA SER M 277 81.06 44.77 -10.41
C SER M 277 79.78 45.53 -10.79
N ALA M 278 79.84 46.85 -10.86
CA ALA M 278 78.63 47.64 -11.15
C ALA M 278 78.09 47.30 -12.54
N GLU M 279 78.96 47.12 -13.53
CA GLU M 279 78.51 46.87 -14.92
C GLU M 279 77.80 45.51 -14.99
N LYS M 280 78.46 44.44 -14.55
CA LYS M 280 77.89 43.10 -14.62
C LYS M 280 76.55 43.03 -13.91
N ALA M 281 76.42 43.73 -12.78
CA ALA M 281 75.20 43.67 -11.99
C ALA M 281 74.00 44.20 -12.78
N TYR M 282 74.22 45.26 -13.55
CA TYR M 282 73.14 45.87 -14.31
C TYR M 282 72.51 44.89 -15.29
N HIS M 283 73.32 44.04 -15.93
CA HIS M 283 72.80 43.12 -16.94
C HIS M 283 72.43 41.74 -16.40
N GLU M 284 72.62 41.48 -15.10
CA GLU M 284 72.40 40.16 -14.55
C GLU M 284 71.26 40.17 -13.54
N GLN M 285 70.32 39.24 -13.69
CA GLN M 285 69.21 39.10 -12.77
C GLN M 285 69.71 38.35 -11.54
N LEU M 286 69.76 39.04 -10.40
CA LEU M 286 70.22 38.45 -9.15
C LEU M 286 69.03 37.95 -8.36
N SER M 287 68.95 36.65 -8.14
CA SER M 287 67.92 36.03 -7.33
C SER M 287 68.59 35.06 -6.36
N VAL M 288 67.78 34.44 -5.50
CA VAL M 288 68.35 33.62 -4.44
C VAL M 288 68.92 32.33 -4.99
N ALA M 289 68.31 31.77 -6.03
CA ALA M 289 68.72 30.45 -6.51
C ALA M 289 70.13 30.50 -7.08
N GLU M 290 70.41 31.46 -7.96
CA GLU M 290 71.72 31.51 -8.60
C GLU M 290 72.80 31.96 -7.62
N ILE M 291 72.47 32.82 -6.66
CA ILE M 291 73.48 33.21 -5.68
C ILE M 291 73.70 32.10 -4.66
N THR M 292 72.67 31.32 -4.34
CA THR M 292 72.89 30.16 -3.49
C THR M 292 73.77 29.13 -4.20
N ASN M 293 73.64 29.03 -5.52
CA ASN M 293 74.55 28.19 -6.29
C ASN M 293 75.95 28.80 -6.32
N ALA M 294 76.04 30.11 -6.56
CA ALA M 294 77.33 30.76 -6.70
C ALA M 294 78.13 30.75 -5.40
N ALA M 295 77.46 30.61 -4.26
CA ALA M 295 78.16 30.49 -2.99
C ALA M 295 78.70 29.09 -2.74
N PHE M 296 78.72 28.24 -3.76
CA PHE M 296 79.19 26.86 -3.63
C PHE M 296 80.26 26.47 -4.63
N GLU M 297 80.51 27.26 -5.67
CA GLU M 297 81.59 26.92 -6.58
C GLU M 297 82.94 27.18 -5.90
N PRO M 298 83.95 26.36 -6.15
CA PRO M 298 85.28 26.64 -5.61
C PRO M 298 85.91 27.89 -6.21
N ALA M 299 85.38 28.39 -7.32
CA ALA M 299 85.84 29.63 -7.93
C ALA M 299 85.30 30.86 -7.20
N SER M 300 84.60 30.67 -6.08
CA SER M 300 84.04 31.79 -5.33
C SER M 300 84.25 31.60 -3.83
N MET M 301 85.31 30.92 -3.45
CA MET M 301 85.63 30.68 -2.06
C MET M 301 86.71 31.65 -1.62
N MET M 302 86.76 31.92 -0.32
CA MET M 302 87.75 32.83 0.22
C MET M 302 89.05 32.14 0.63
N VAL M 303 89.07 30.81 0.61
CA VAL M 303 90.24 30.03 0.97
C VAL M 303 90.61 29.14 -0.20
N LYS M 304 91.87 29.17 -0.61
CA LYS M 304 92.26 28.34 -1.74
C LYS M 304 92.30 26.88 -1.35
N CYS M 305 91.20 26.18 -1.60
CA CYS M 305 91.10 24.75 -1.38
C CYS M 305 89.94 24.26 -2.22
N ASP M 306 89.97 22.97 -2.54
CA ASP M 306 88.94 22.39 -3.37
C ASP M 306 87.95 21.66 -2.48
N PRO M 307 86.75 22.19 -2.25
CA PRO M 307 85.79 21.46 -1.41
C PRO M 307 85.23 20.21 -2.05
N ARG M 308 85.46 19.99 -3.36
CA ARG M 308 85.11 18.71 -3.94
C ARG M 308 85.97 17.61 -3.35
N HIS M 309 87.21 17.92 -3.01
CA HIS M 309 88.08 16.91 -2.43
C HIS M 309 87.57 16.46 -1.07
N GLY M 310 86.69 17.26 -0.45
CA GLY M 310 86.15 16.96 0.85
C GLY M 310 84.64 16.78 0.85
N LYS M 311 84.13 16.46 2.04
CA LYS M 311 82.71 16.34 2.30
C LYS M 311 82.30 17.41 3.31
N TYR M 312 81.11 18.00 3.10
CA TYR M 312 80.63 19.13 3.89
C TYR M 312 79.95 18.64 5.16
N MET M 313 80.56 18.91 6.32
CA MET M 313 79.93 18.50 7.58
C MET M 313 78.68 19.32 7.87
N ALA M 314 78.74 20.64 7.67
CA ALA M 314 77.63 21.51 8.03
C ALA M 314 77.84 22.87 7.40
N CYS M 315 76.77 23.44 6.86
CA CYS M 315 76.82 24.70 6.11
C CYS M 315 75.89 25.72 6.77
N CYS M 316 76.22 27.00 6.60
CA CYS M 316 75.45 28.09 7.20
C CYS M 316 75.27 29.19 6.17
N LEU M 317 74.02 29.61 5.99
CA LEU M 317 73.66 30.58 4.94
C LEU M 317 73.04 31.81 5.58
N MET M 318 73.75 32.92 5.54
CA MET M 318 73.21 34.21 5.97
C MET M 318 72.65 34.95 4.76
N TYR M 319 71.38 35.32 4.82
CA TYR M 319 70.72 36.02 3.73
C TYR M 319 70.40 37.44 4.16
N ARG M 320 70.64 38.40 3.25
CA ARG M 320 70.35 39.81 3.49
C ARG M 320 69.54 40.36 2.34
N GLY M 321 68.45 41.05 2.65
CA GLY M 321 67.75 41.80 1.62
C GLY M 321 66.37 41.28 1.31
N ASP M 322 65.97 41.39 0.05
CA ASP M 322 64.63 40.96 -0.36
C ASP M 322 64.69 39.46 -0.53
N VAL M 323 64.48 38.74 0.57
CA VAL M 323 64.51 37.28 0.58
C VAL M 323 63.33 36.79 1.41
N VAL M 324 62.58 35.84 0.86
CA VAL M 324 61.47 35.22 1.55
C VAL M 324 61.91 33.84 1.98
N PRO M 325 61.38 33.30 3.08
CA PRO M 325 61.79 31.95 3.49
C PRO M 325 61.45 30.89 2.45
N LYS M 326 60.49 31.15 1.56
CA LYS M 326 60.07 30.17 0.58
C LYS M 326 61.20 29.80 -0.38
N ASP M 327 61.75 30.80 -1.08
CA ASP M 327 62.71 30.55 -2.14
C ASP M 327 64.07 30.09 -1.60
N VAL M 328 64.47 30.57 -0.41
CA VAL M 328 65.70 30.07 0.19
C VAL M 328 65.55 28.59 0.52
N ASN M 329 64.34 28.17 0.84
CA ASN M 329 64.08 26.75 1.08
C ASN M 329 64.09 25.94 -0.21
N ALA M 330 63.67 26.53 -1.32
CA ALA M 330 63.74 25.85 -2.61
C ALA M 330 65.17 25.63 -3.07
N SER M 331 66.04 26.62 -2.86
CA SER M 331 67.43 26.53 -3.28
C SER M 331 68.21 25.47 -2.52
N VAL M 332 68.01 25.38 -1.20
CA VAL M 332 68.72 24.36 -0.42
C VAL M 332 68.29 22.95 -0.82
N ALA M 333 67.05 22.77 -1.27
CA ALA M 333 66.64 21.46 -1.78
C ALA M 333 67.41 21.10 -3.05
N THR M 334 67.48 22.02 -4.02
CA THR M 334 68.19 21.75 -5.26
C THR M 334 69.67 21.47 -5.02
N ILE M 335 70.28 22.16 -4.06
CA ILE M 335 71.68 21.93 -3.73
C ILE M 335 71.87 20.52 -3.18
N LYS M 336 70.97 20.09 -2.28
CA LYS M 336 71.10 18.77 -1.69
C LYS M 336 70.98 17.66 -2.73
N THR M 337 70.25 17.90 -3.82
CA THR M 337 70.06 16.86 -4.83
C THR M 337 71.17 16.83 -5.86
N LYS M 338 72.03 17.85 -5.90
CA LYS M 338 73.16 17.81 -6.81
C LYS M 338 74.20 16.82 -6.27
N ARG M 339 74.92 16.18 -7.18
CA ARG M 339 75.84 15.12 -6.78
C ARG M 339 77.30 15.54 -6.91
N THR M 340 77.56 16.75 -7.41
CA THR M 340 78.95 17.23 -7.45
C THR M 340 79.49 17.48 -6.05
N ILE M 341 78.66 17.98 -5.14
CA ILE M 341 79.03 18.18 -3.75
C ILE M 341 78.23 17.25 -2.85
N GLN M 342 78.93 16.42 -2.10
CA GLN M 342 78.31 15.41 -1.24
C GLN M 342 78.45 15.82 0.23
N PHE M 343 77.45 15.49 1.03
CA PHE M 343 77.51 15.71 2.46
C PHE M 343 77.99 14.44 3.15
N VAL M 344 78.21 14.53 4.46
CA VAL M 344 78.67 13.37 5.22
C VAL M 344 77.44 12.56 5.62
N ASP M 345 77.53 11.25 5.46
CA ASP M 345 76.35 10.40 5.64
C ASP M 345 75.75 10.52 7.04
N TRP M 346 76.57 10.80 8.04
CA TRP M 346 76.09 10.89 9.41
C TRP M 346 75.58 12.27 9.79
N CYS M 347 75.42 13.20 8.84
CA CYS M 347 74.83 14.51 9.11
C CYS M 347 73.78 14.84 8.05
N PRO M 348 72.56 14.34 8.20
CA PRO M 348 71.54 14.56 7.15
C PRO M 348 71.12 16.01 6.95
N THR M 349 70.83 16.77 8.01
CA THR M 349 70.31 18.12 7.81
C THR M 349 71.35 19.04 7.17
N GLY M 350 72.54 19.11 7.73
CA GLY M 350 73.64 19.82 7.08
C GLY M 350 73.45 21.28 6.76
N PHE M 351 72.48 21.97 7.36
CA PHE M 351 72.28 23.36 6.94
C PHE M 351 71.76 24.24 8.07
N LYS M 352 72.27 25.48 8.12
CA LYS M 352 71.79 26.51 9.03
C LYS M 352 71.45 27.74 8.21
N CYS M 353 70.25 28.27 8.36
CA CYS M 353 69.78 29.39 7.55
C CYS M 353 69.49 30.62 8.38
N GLY M 354 69.61 31.79 7.75
CA GLY M 354 69.39 33.07 8.40
C GLY M 354 68.96 34.16 7.44
N ILE M 355 67.92 34.91 7.78
CA ILE M 355 67.29 35.87 6.88
C ILE M 355 67.20 37.22 7.56
N ASN M 356 67.73 38.26 6.91
CA ASN M 356 67.71 39.62 7.42
C ASN M 356 67.13 40.58 6.38
N TYR M 357 66.47 41.63 6.87
CA TYR M 357 65.69 42.47 5.96
C TYR M 357 66.52 43.53 5.26
N GLN M 358 67.46 44.15 5.96
CA GLN M 358 68.13 45.32 5.38
C GLN M 358 69.17 44.89 4.36
N PRO M 359 69.16 45.46 3.16
CA PRO M 359 70.14 45.06 2.14
C PRO M 359 71.51 45.61 2.46
N PRO M 360 72.57 45.02 1.89
CA PRO M 360 73.93 45.51 2.18
C PRO M 360 74.14 46.91 1.65
N THR M 361 75.03 47.64 2.31
CA THR M 361 75.26 49.04 1.97
C THR M 361 76.49 49.15 1.06
N VAL M 362 76.59 50.29 0.41
CA VAL M 362 77.70 50.59 -0.48
C VAL M 362 78.69 51.50 0.25
N VAL M 363 79.91 51.58 -0.28
CA VAL M 363 80.92 52.50 0.19
C VAL M 363 81.37 53.33 -1.01
N PRO M 364 81.35 54.66 -0.94
CA PRO M 364 81.81 55.47 -2.06
C PRO M 364 83.29 55.23 -2.33
N GLY M 365 83.61 54.93 -3.60
CA GLY M 365 84.91 54.47 -3.98
C GLY M 365 85.08 52.97 -3.95
N GLY M 366 84.13 52.25 -3.37
CA GLY M 366 84.17 50.80 -3.43
C GLY M 366 83.79 50.28 -4.80
N ASP M 367 84.30 49.09 -5.13
CA ASP M 367 84.10 48.52 -6.45
C ASP M 367 82.87 47.63 -6.55
N LEU M 368 82.23 47.31 -5.43
CA LEU M 368 81.00 46.55 -5.45
C LEU M 368 79.81 47.48 -5.63
N ALA M 369 78.80 47.00 -6.35
CA ALA M 369 77.57 47.76 -6.51
C ALA M 369 76.54 47.32 -5.48
N LYS M 370 75.54 48.18 -5.25
CA LYS M 370 74.48 47.83 -4.32
C LYS M 370 73.54 46.83 -4.96
N VAL M 371 73.14 45.83 -4.18
CA VAL M 371 72.30 44.74 -4.67
C VAL M 371 71.07 44.64 -3.79
N GLN M 372 70.01 44.07 -4.35
CA GLN M 372 68.81 43.80 -3.58
C GLN M 372 69.06 42.78 -2.48
N ARG M 373 69.94 41.80 -2.75
CA ARG M 373 70.10 40.68 -1.83
C ARG M 373 71.46 40.06 -2.02
N ALA M 374 72.00 39.51 -0.93
CA ALA M 374 73.33 38.90 -0.95
C ALA M 374 73.35 37.75 0.04
N VAL M 375 74.30 36.83 -0.17
CA VAL M 375 74.43 35.63 0.65
C VAL M 375 75.88 35.47 1.05
N CYS M 376 76.12 35.29 2.34
CA CYS M 376 77.44 34.97 2.88
C CYS M 376 77.39 33.56 3.44
N MET M 377 78.07 32.62 2.78
CA MET M 377 78.10 31.24 3.20
C MET M 377 79.34 30.97 4.04
N ILE M 378 79.14 30.29 5.17
CA ILE M 378 80.22 29.82 6.03
C ILE M 378 79.97 28.35 6.32
N SER M 379 80.81 27.48 5.78
CA SER M 379 80.62 26.04 5.91
C SER M 379 81.85 25.39 6.54
N ASN M 380 81.70 24.09 6.82
CA ASN M 380 82.77 23.26 7.37
C ASN M 380 82.90 22.01 6.52
N SER M 381 84.11 21.67 6.12
CA SER M 381 84.35 20.56 5.20
C SER M 381 85.46 19.67 5.73
N THR M 382 86.04 18.86 4.85
CA THR M 382 87.31 18.21 5.12
C THR M 382 88.42 18.66 4.18
N ALA M 383 88.13 19.61 3.27
CA ALA M 383 89.17 20.20 2.45
C ALA M 383 90.22 20.89 3.31
N ILE M 384 89.83 21.35 4.50
CA ILE M 384 90.75 21.92 5.48
C ILE M 384 91.84 20.92 5.86
N GLY M 385 91.50 19.63 5.89
CA GLY M 385 92.51 18.62 6.13
C GLY M 385 93.61 18.59 5.09
N GLU M 386 93.32 19.05 3.87
CA GLU M 386 94.37 19.19 2.87
C GLU M 386 95.24 20.42 3.11
N ILE M 387 94.66 21.53 3.58
CA ILE M 387 95.44 22.75 3.75
C ILE M 387 96.51 22.56 4.83
N PHE M 388 96.12 22.02 5.98
CA PHE M 388 97.06 21.86 7.08
C PHE M 388 98.21 20.92 6.72
N SER M 389 97.91 19.86 5.97
CA SER M 389 98.97 18.95 5.52
C SER M 389 99.91 19.64 4.55
N ARG M 390 99.38 20.51 3.69
CA ARG M 390 100.22 21.24 2.75
C ARG M 390 101.17 22.20 3.46
N LEU M 391 100.71 22.83 4.55
CA LEU M 391 101.60 23.64 5.36
C LEU M 391 102.63 22.79 6.09
N ASP M 392 102.21 21.65 6.61
CA ASP M 392 103.12 20.81 7.40
C ASP M 392 104.30 20.31 6.57
N HIS M 393 104.08 20.02 5.29
CA HIS M 393 105.16 19.47 4.47
C HIS M 393 106.26 20.51 4.27
N LYS M 394 105.90 21.72 3.85
CA LYS M 394 106.93 22.74 3.65
C LYS M 394 107.48 23.28 4.96
N PHE M 395 106.79 23.07 6.09
CA PHE M 395 107.35 23.47 7.38
C PHE M 395 108.46 22.56 7.88
N ASP M 396 108.27 21.23 7.82
CA ASP M 396 109.36 20.37 8.27
C ASP M 396 110.52 20.42 7.29
N LEU M 397 110.25 20.78 6.05
CA LEU M 397 111.25 20.85 4.98
C LEU M 397 112.42 21.69 5.49
N MET M 398 112.16 22.97 5.74
CA MET M 398 113.23 23.84 6.22
C MET M 398 113.65 23.44 7.62
N TYR M 399 112.69 23.03 8.45
CA TYR M 399 112.96 22.75 9.86
C TYR M 399 113.98 21.62 10.05
N ALA M 400 113.97 20.61 9.17
CA ALA M 400 114.85 19.47 9.36
C ALA M 400 116.31 19.89 9.35
N LYS M 401 116.67 20.84 8.49
CA LYS M 401 118.03 21.36 8.43
C LYS M 401 118.26 22.47 9.43
N ARG M 402 117.26 22.75 10.28
CA ARG M 402 117.35 23.74 11.34
C ARG M 402 117.71 25.12 10.81
N ALA M 403 116.98 25.56 9.79
CA ALA M 403 117.17 26.89 9.24
C ALA M 403 116.31 27.88 10.01
N PHE M 404 116.82 29.09 10.18
CA PHE M 404 116.14 30.20 10.84
C PHE M 404 115.77 29.89 12.29
N VAL M 405 116.25 28.78 12.84
CA VAL M 405 115.90 28.44 14.21
C VAL M 405 116.70 29.28 15.21
N HIS M 406 117.92 29.68 14.85
CA HIS M 406 118.75 30.40 15.80
C HIS M 406 118.14 31.74 16.18
N TRP M 407 117.37 32.33 15.28
CA TRP M 407 116.65 33.56 15.61
C TRP M 407 115.63 33.31 16.70
N TYR M 408 114.86 32.24 16.57
CA TYR M 408 113.77 31.97 17.50
C TYR M 408 114.30 31.55 18.87
N VAL M 409 115.28 30.64 18.90
CA VAL M 409 115.84 30.16 20.15
C VAL M 409 116.61 31.23 20.89
N GLY M 410 117.26 32.14 20.16
CA GLY M 410 117.88 33.28 20.80
C GLY M 410 116.88 34.19 21.48
N GLU M 411 115.66 34.27 20.96
CA GLU M 411 114.60 35.00 21.62
C GLU M 411 114.19 34.35 22.93
N GLY M 412 114.30 33.03 23.03
CA GLY M 412 113.97 32.37 24.29
C GLY M 412 113.20 31.08 24.16
N MET M 413 112.99 30.61 22.94
CA MET M 413 112.30 29.35 22.74
C MET M 413 113.33 28.21 22.69
N GLU M 414 112.85 27.01 22.42
CA GLU M 414 113.67 25.81 22.46
C GLU M 414 113.19 24.89 21.35
N GLU M 415 113.68 23.65 21.34
CA GLU M 415 113.23 22.70 20.34
C GLU M 415 111.88 22.09 20.70
N GLY M 416 111.42 22.28 21.93
CA GLY M 416 110.19 21.67 22.41
C GLY M 416 108.94 22.06 21.66
N GLU M 417 108.68 23.38 21.56
CA GLU M 417 107.46 23.82 20.90
C GLU M 417 107.50 23.59 19.40
N PHE M 418 108.68 23.54 18.78
CA PHE M 418 108.73 23.14 17.37
C PHE M 418 108.22 21.72 17.18
N SER M 419 108.82 20.76 17.89
CA SER M 419 108.42 19.38 17.69
C SER M 419 107.01 19.13 18.20
N GLU M 420 106.60 19.80 19.29
CA GLU M 420 105.27 19.55 19.84
C GLU M 420 104.18 20.22 19.02
N ALA M 421 104.47 21.36 18.37
CA ALA M 421 103.50 21.94 17.47
C ALA M 421 103.42 21.17 16.16
N ARG M 422 104.54 20.62 15.69
CA ARG M 422 104.52 19.78 14.50
C ARG M 422 103.63 18.56 14.70
N GLU M 423 103.83 17.83 15.80
CA GLU M 423 103.03 16.65 16.06
C GLU M 423 101.59 16.97 16.40
N ASP M 424 101.31 18.18 16.91
CA ASP M 424 99.92 18.56 17.14
C ASP M 424 99.16 18.72 15.82
N LEU M 425 99.80 19.34 14.83
CA LEU M 425 99.20 19.42 13.50
C LEU M 425 99.12 18.04 12.84
N ALA M 426 100.07 17.16 13.12
CA ALA M 426 99.99 15.79 12.60
C ALA M 426 98.76 15.08 13.13
N ALA M 427 98.48 15.22 14.43
CA ALA M 427 97.29 14.62 15.01
C ALA M 427 96.02 15.20 14.40
N LEU M 428 96.04 16.51 14.12
CA LEU M 428 94.91 17.15 13.48
C LEU M 428 94.64 16.57 12.09
N GLU M 429 95.70 16.20 11.35
CA GLU M 429 95.48 15.56 10.06
C GLU M 429 94.73 14.25 10.24
N LYS M 430 95.15 13.44 11.21
CA LYS M 430 94.48 12.17 11.48
C LYS M 430 93.04 12.37 11.91
N ASP M 431 92.75 13.46 12.63
CA ASP M 431 91.37 13.69 13.06
C ASP M 431 90.47 14.00 11.87
N PHE M 432 90.95 14.82 10.93
CA PHE M 432 90.15 15.11 9.75
C PHE M 432 89.99 13.87 8.89
N GLU M 433 91.05 13.07 8.75
CA GLU M 433 90.97 11.82 8.00
C GLU M 433 90.04 10.82 8.65
N GLU M 434 89.96 10.78 9.98
CA GLU M 434 89.08 9.81 10.63
C GLU M 434 87.62 10.21 10.52
N VAL M 435 87.31 11.51 10.56
CA VAL M 435 85.91 11.91 10.48
C VAL M 435 85.40 11.79 9.05
N GLY M 436 86.27 11.96 8.06
CA GLY M 436 85.90 11.78 6.66
C GLY M 436 85.44 10.39 6.30
N ALA M 437 85.58 9.41 7.19
CA ALA M 437 85.13 8.05 6.93
C ALA M 437 83.63 7.89 7.11
N MET N 1 110.98 58.12 17.33
CA MET N 1 110.73 56.77 17.77
C MET N 1 111.96 55.90 17.53
N ARG N 2 111.93 55.07 16.49
CA ARG N 2 113.10 54.29 16.15
C ARG N 2 114.15 55.20 15.54
N GLU N 3 115.40 55.03 15.97
CA GLU N 3 116.46 55.99 15.70
C GLU N 3 117.65 55.30 15.04
N ILE N 4 118.25 55.96 14.06
CA ILE N 4 119.44 55.46 13.39
C ILE N 4 120.51 56.54 13.47
N VAL N 5 121.61 56.24 14.14
CA VAL N 5 122.75 57.13 14.23
C VAL N 5 123.80 56.65 13.24
N HIS N 6 124.59 57.59 12.74
CA HIS N 6 125.46 57.35 11.60
C HIS N 6 126.92 57.39 12.02
N ILE N 7 127.73 56.58 11.34
CA ILE N 7 129.16 56.45 11.59
C ILE N 7 129.86 56.54 10.25
N GLN N 8 130.93 57.32 10.18
CA GLN N 8 131.68 57.50 8.95
C GLN N 8 133.14 57.18 9.25
N GLY N 9 133.75 56.31 8.45
CA GLY N 9 135.14 55.99 8.70
C GLY N 9 136.03 56.15 7.48
N GLY N 10 137.17 56.80 7.64
CA GLY N 10 138.13 56.89 6.57
C GLY N 10 137.74 57.84 5.47
N GLN N 11 138.64 57.96 4.49
CA GLN N 11 138.42 58.89 3.38
C GLN N 11 137.21 58.48 2.56
N CYS N 12 137.16 57.21 2.14
CA CYS N 12 136.02 56.73 1.36
C CYS N 12 134.73 56.85 2.15
N GLY N 13 134.78 56.51 3.44
CA GLY N 13 133.58 56.61 4.27
C GLY N 13 133.09 58.04 4.38
N ASN N 14 134.01 58.99 4.47
CA ASN N 14 133.60 60.39 4.57
C ASN N 14 132.95 60.86 3.28
N GLN N 15 133.58 60.59 2.14
CA GLN N 15 133.03 61.03 0.86
C GLN N 15 131.70 60.33 0.57
N ILE N 16 131.60 59.04 0.90
CA ILE N 16 130.34 58.33 0.72
C ILE N 16 129.26 58.93 1.60
N GLY N 17 129.59 59.18 2.87
CA GLY N 17 128.64 59.78 3.78
C GLY N 17 128.23 61.19 3.40
N ALA N 18 129.15 61.96 2.81
CA ALA N 18 128.81 63.31 2.37
C ALA N 18 127.70 63.26 1.32
N LYS N 19 127.86 62.43 0.31
CA LYS N 19 126.82 62.28 -0.70
C LYS N 19 125.53 61.73 -0.06
N PHE N 20 125.69 60.88 0.95
CA PHE N 20 124.53 60.30 1.63
C PHE N 20 123.69 61.37 2.34
N TRP N 21 124.34 62.26 3.08
CA TRP N 21 123.61 63.30 3.79
C TRP N 21 123.04 64.37 2.88
N GLU N 22 123.58 64.53 1.67
CA GLU N 22 122.95 65.43 0.72
C GLU N 22 121.58 64.90 0.29
N VAL N 23 121.51 63.62 -0.09
CA VAL N 23 120.25 63.09 -0.60
C VAL N 23 119.21 62.93 0.52
N VAL N 24 119.64 62.59 1.74
CA VAL N 24 118.68 62.47 2.83
C VAL N 24 118.14 63.84 3.22
N SER N 25 119.02 64.85 3.31
CA SER N 25 118.56 66.20 3.59
C SER N 25 117.59 66.69 2.52
N ASP N 26 117.89 66.42 1.25
CA ASP N 26 116.98 66.81 0.18
C ASP N 26 115.69 66.01 0.23
N GLU N 27 115.72 64.79 0.75
CA GLU N 27 114.50 63.99 0.83
C GLU N 27 113.56 64.55 1.87
N HIS N 28 114.10 65.02 2.99
CA HIS N 28 113.28 65.61 4.06
C HIS N 28 113.06 67.09 3.86
N GLY N 29 113.63 67.68 2.81
CA GLY N 29 113.32 69.04 2.44
C GLY N 29 114.00 70.13 3.23
N ILE N 30 115.14 69.85 3.87
CA ILE N 30 115.87 70.86 4.61
C ILE N 30 116.96 71.44 3.72
N ASP N 31 117.14 72.74 3.81
CA ASP N 31 118.11 73.44 2.98
C ASP N 31 119.52 73.23 3.52
N PRO N 32 120.56 73.51 2.72
CA PRO N 32 121.94 73.35 3.20
C PRO N 32 122.34 74.34 4.27
N THR N 33 121.45 75.24 4.69
CA THR N 33 121.70 76.10 5.84
C THR N 33 121.07 75.56 7.11
N GLY N 34 120.22 74.53 7.00
CA GLY N 34 119.69 73.84 8.16
C GLY N 34 118.22 74.10 8.47
N THR N 35 117.49 74.79 7.60
CA THR N 35 116.10 75.14 7.87
C THR N 35 115.17 74.37 6.94
N TYR N 36 114.00 74.01 7.47
CA TYR N 36 113.01 73.28 6.69
C TYR N 36 112.35 74.19 5.66
N HIS N 37 112.21 73.69 4.44
CA HIS N 37 111.47 74.41 3.41
C HIS N 37 110.62 73.49 2.55
N GLY N 38 110.34 72.28 3.00
CA GLY N 38 109.65 71.31 2.16
C GLY N 38 108.18 71.61 1.94
N ASP N 39 107.43 70.62 1.47
CA ASP N 39 106.02 70.78 1.16
C ASP N 39 105.13 70.02 2.13
N SER N 40 105.24 68.69 2.15
CA SER N 40 104.35 67.84 2.93
C SER N 40 104.86 67.68 4.35
N ASP N 41 103.94 67.75 5.31
CA ASP N 41 104.32 67.53 6.70
C ASP N 41 104.57 66.07 7.03
N LEU N 42 104.28 65.16 6.10
CA LEU N 42 104.78 63.80 6.20
C LEU N 42 106.30 63.74 6.31
N GLN N 43 106.99 64.78 5.83
CA GLN N 43 108.43 64.84 6.01
C GLN N 43 108.83 65.11 7.45
N LEU N 44 108.02 65.90 8.18
CA LEU N 44 108.41 66.29 9.53
C LEU N 44 108.29 65.13 10.50
N GLU N 45 107.27 64.29 10.32
CA GLU N 45 106.92 63.31 11.34
C GLU N 45 108.01 62.28 11.57
N ARG N 46 108.96 62.13 10.66
CA ARG N 46 109.98 61.10 10.79
C ARG N 46 111.36 61.65 10.43
N ILE N 47 111.65 62.89 10.81
CA ILE N 47 113.01 63.40 10.69
C ILE N 47 113.84 63.13 11.94
N ASN N 48 113.20 62.77 13.05
CA ASN N 48 113.95 62.46 14.26
C ASN N 48 114.82 61.22 14.09
N VAL N 49 114.49 60.35 13.13
CA VAL N 49 115.29 59.15 12.90
C VAL N 49 116.70 59.53 12.43
N TYR N 50 116.85 60.69 11.79
CA TYR N 50 118.13 61.13 11.27
C TYR N 50 118.56 62.52 11.73
N PHE N 51 117.75 63.22 12.51
CA PHE N 51 118.05 64.62 12.83
C PHE N 51 117.60 64.93 14.25
N ASN N 52 118.25 65.94 14.83
CA ASN N 52 117.89 66.48 16.12
C ASN N 52 117.70 67.98 16.00
N GLU N 53 116.67 68.50 16.65
CA GLU N 53 116.34 69.91 16.56
C GLU N 53 117.14 70.70 17.59
N ALA N 54 117.88 71.71 17.13
CA ALA N 54 118.75 72.45 18.03
C ALA N 54 118.08 73.72 18.55
N THR N 55 117.80 74.68 17.66
CA THR N 55 117.26 75.98 18.03
C THR N 55 116.47 76.52 16.85
N GLY N 56 115.15 76.57 16.97
CA GLY N 56 114.32 77.13 15.93
C GLY N 56 114.41 76.37 14.61
N GLY N 57 114.12 75.06 14.66
CA GLY N 57 114.09 74.28 13.45
C GLY N 57 115.45 74.04 12.84
N ARG N 58 116.50 74.06 13.66
CA ARG N 58 117.86 73.75 13.19
C ARG N 58 118.06 72.25 13.35
N TYR N 59 117.82 71.50 12.28
CA TYR N 59 117.96 70.05 12.31
C TYR N 59 119.37 69.67 11.89
N VAL N 60 120.12 69.04 12.80
CA VAL N 60 121.48 68.63 12.50
C VAL N 60 121.52 67.13 12.33
N PRO N 61 122.37 66.61 11.45
CA PRO N 61 122.43 65.14 11.26
C PRO N 61 123.06 64.47 12.47
N ARG N 62 122.49 63.32 12.82
CA ARG N 62 122.97 62.52 13.94
C ARG N 62 124.12 61.61 13.49
N ALA N 63 125.21 62.26 13.06
CA ALA N 63 126.32 61.57 12.42
C ALA N 63 127.62 61.86 13.15
N ILE N 64 128.58 60.95 12.99
CA ILE N 64 129.92 61.09 13.56
C ILE N 64 130.95 60.78 12.48
N LEU N 65 131.66 61.81 12.01
CA LEU N 65 132.63 61.67 10.94
C LEU N 65 134.02 61.55 11.57
N MET N 66 134.56 60.32 11.58
CA MET N 66 135.89 60.07 12.21
C MET N 66 136.94 59.70 11.16
N ASP N 67 138.12 60.31 11.24
CA ASP N 67 139.21 60.04 10.25
C ASP N 67 140.56 60.38 10.91
N LEU N 68 141.66 59.86 10.35
CA LEU N 68 143.01 60.15 10.92
C LEU N 68 143.74 61.21 10.09
N GLU N 69 143.15 61.69 8.99
CA GLU N 69 143.89 62.63 8.09
C GLU N 69 143.04 63.89 7.84
N PRO N 70 143.61 65.10 7.91
CA PRO N 70 142.85 66.35 7.72
C PRO N 70 142.18 66.55 6.35
N GLY N 71 142.81 66.09 5.27
CA GLY N 71 142.28 66.35 3.91
C GLY N 71 140.88 65.81 3.71
N THR N 72 140.55 64.67 4.31
CA THR N 72 139.17 64.15 4.20
C THR N 72 138.20 65.14 4.85
N MET N 73 138.57 65.78 5.96
CA MET N 73 137.62 66.66 6.69
C MET N 73 137.42 68.02 6.02
N ASP N 74 138.48 68.79 5.78
CA ASP N 74 138.30 70.15 5.26
C ASP N 74 137.44 70.14 4.01
N SER N 75 137.67 69.19 3.10
CA SER N 75 136.89 69.14 1.87
C SER N 75 135.41 68.95 2.17
N VAL N 76 135.10 68.23 3.25
CA VAL N 76 133.72 68.04 3.66
C VAL N 76 133.04 69.39 3.89
N ARG N 77 133.69 70.28 4.67
CA ARG N 77 133.10 71.58 4.95
C ARG N 77 133.12 72.51 3.76
N SER N 78 133.88 72.17 2.71
CA SER N 78 133.97 73.03 1.54
C SER N 78 132.66 73.03 0.75
N GLY N 79 132.22 71.83 0.34
CA GLY N 79 131.07 71.70 -0.51
C GLY N 79 129.77 72.01 0.21
N PRO N 80 128.69 72.18 -0.55
CA PRO N 80 127.39 72.44 0.07
C PRO N 80 126.95 71.25 0.92
N TYR N 81 125.97 71.51 1.78
CA TYR N 81 125.54 70.55 2.81
C TYR N 81 126.72 70.14 3.69
N GLY N 82 127.66 71.07 3.88
CA GLY N 82 128.79 70.85 4.76
C GLY N 82 128.71 71.73 5.98
N GLN N 83 127.84 72.74 5.92
CA GLN N 83 127.63 73.64 7.04
C GLN N 83 126.49 73.21 7.94
N ILE N 84 125.99 71.98 7.79
CA ILE N 84 124.90 71.49 8.61
C ILE N 84 125.36 70.51 9.69
N PHE N 85 126.63 70.12 9.69
CA PHE N 85 127.14 69.24 10.72
C PHE N 85 127.61 70.04 11.92
N ARG N 86 127.42 69.48 13.10
CA ARG N 86 127.93 70.11 14.31
C ARG N 86 129.43 69.88 14.40
N PRO N 87 130.25 70.93 14.47
CA PRO N 87 131.71 70.73 14.43
C PRO N 87 132.25 69.86 15.55
N ASP N 88 131.48 69.62 16.62
CA ASP N 88 131.91 68.68 17.64
C ASP N 88 131.95 67.25 17.10
N ASN N 89 131.07 66.91 16.16
CA ASN N 89 131.01 65.55 15.63
C ASN N 89 132.16 65.24 14.69
N PHE N 90 132.97 66.23 14.32
CA PHE N 90 134.12 66.01 13.47
C PHE N 90 135.32 65.48 14.26
N VAL N 91 135.09 64.40 15.03
CA VAL N 91 136.17 63.83 15.83
C VAL N 91 137.27 63.36 14.89
N PHE N 92 138.51 63.64 15.26
CA PHE N 92 139.58 63.73 14.26
C PHE N 92 140.96 63.65 14.87
N GLY N 93 141.75 62.71 14.37
CA GLY N 93 143.14 62.54 14.75
C GLY N 93 144.03 63.52 14.02
N GLN N 94 145.34 63.28 14.08
CA GLN N 94 146.27 64.16 13.37
C GLN N 94 147.39 63.46 12.60
N THR N 95 147.76 62.23 12.93
CA THR N 95 148.95 61.66 12.29
C THR N 95 148.66 60.97 10.96
N GLY N 96 147.65 60.10 10.89
CA GLY N 96 147.37 59.41 9.65
C GLY N 96 147.85 57.97 9.61
N ALA N 97 147.02 57.06 9.09
CA ALA N 97 147.40 55.66 9.00
C ALA N 97 148.24 55.39 7.75
N GLY N 98 147.72 55.76 6.59
CA GLY N 98 148.42 55.57 5.33
C GLY N 98 148.33 54.16 4.79
N ASN N 99 147.10 53.68 4.60
CA ASN N 99 146.81 52.40 3.95
C ASN N 99 147.52 51.26 4.65
N ASN N 100 147.58 51.32 5.98
CA ASN N 100 148.16 50.25 6.77
C ASN N 100 147.14 49.85 7.84
N TRP N 101 146.65 48.62 7.74
CA TRP N 101 145.65 48.14 8.69
C TRP N 101 146.24 48.05 10.10
N ALA N 102 147.53 47.77 10.21
CA ALA N 102 148.18 47.66 11.52
C ALA N 102 148.19 48.98 12.28
N LYS N 103 148.51 50.08 11.61
CA LYS N 103 148.43 51.39 12.27
C LYS N 103 147.00 51.73 12.65
N GLY N 104 146.04 51.35 11.80
CA GLY N 104 144.65 51.62 12.05
C GLY N 104 143.98 50.70 13.04
N HIS N 105 144.67 49.69 13.54
CA HIS N 105 144.04 48.74 14.44
C HIS N 105 144.75 48.58 15.77
N TYR N 106 146.01 48.95 15.90
CA TYR N 106 146.66 48.86 17.21
C TYR N 106 147.33 50.15 17.63
N THR N 107 148.01 50.85 16.72
CA THR N 107 148.77 52.04 17.11
C THR N 107 147.90 53.30 17.19
N GLU N 108 147.32 53.71 16.07
CA GLU N 108 146.60 54.99 16.02
C GLU N 108 145.23 54.93 16.67
N GLY N 109 144.58 53.77 16.67
CA GLY N 109 143.28 53.67 17.32
C GLY N 109 143.30 53.93 18.81
N ALA N 110 144.42 53.62 19.46
CA ALA N 110 144.53 53.72 20.92
C ALA N 110 144.33 55.14 21.46
N GLU N 111 144.50 56.19 20.65
CA GLU N 111 144.33 57.55 21.16
C GLU N 111 143.20 58.36 20.53
N LEU N 112 142.51 57.85 19.50
CA LEU N 112 141.37 58.56 18.94
C LEU N 112 140.03 57.91 19.22
N ILE N 113 140.02 56.59 19.45
CA ILE N 113 138.78 55.84 19.49
C ILE N 113 138.03 56.01 20.81
N ASP N 114 138.75 56.18 21.92
CA ASP N 114 138.03 56.49 23.16
C ASP N 114 137.27 57.80 23.02
N SER N 115 137.79 58.73 22.22
CA SER N 115 137.09 59.98 21.97
C SER N 115 135.86 59.75 21.09
N VAL N 116 136.01 58.99 20.00
CA VAL N 116 134.87 58.71 19.14
C VAL N 116 133.82 57.89 19.88
N LEU N 117 134.26 57.05 20.82
CA LEU N 117 133.31 56.28 21.63
C LEU N 117 132.53 57.17 22.57
N ASP N 118 133.17 58.20 23.12
CA ASP N 118 132.44 59.21 23.90
C ASP N 118 131.36 59.86 23.05
N VAL N 119 131.71 60.31 21.84
CA VAL N 119 130.76 61.03 21.00
C VAL N 119 129.59 60.13 20.62
N VAL N 120 129.88 58.91 20.18
CA VAL N 120 128.80 58.02 19.75
C VAL N 120 127.92 57.63 20.94
N ARG N 121 128.51 57.49 22.13
CA ARG N 121 127.70 57.20 23.32
C ARG N 121 126.73 58.33 23.60
N LYS N 122 127.24 59.57 23.71
CA LYS N 122 126.39 60.72 23.91
C LYS N 122 125.32 60.81 22.83
N GLU N 123 125.68 60.47 21.59
CA GLU N 123 124.72 60.45 20.50
C GLU N 123 123.74 59.29 20.59
N ALA N 124 124.06 58.24 21.34
CA ALA N 124 123.18 57.09 21.42
C ALA N 124 122.07 57.31 22.45
N GLU N 125 122.43 57.65 23.69
CA GLU N 125 121.42 57.92 24.71
C GLU N 125 120.75 59.28 24.52
N SER N 126 121.12 60.05 23.50
CA SER N 126 120.41 61.30 23.23
C SER N 126 118.99 61.03 22.73
N CYS N 127 118.79 59.90 22.07
CA CYS N 127 117.49 59.50 21.57
C CYS N 127 116.89 58.43 22.46
N ASP N 128 115.59 58.18 22.26
CA ASP N 128 114.83 57.35 23.19
C ASP N 128 114.91 55.87 22.83
N CYS N 129 114.43 55.50 21.64
CA CYS N 129 114.34 54.10 21.25
C CYS N 129 115.32 53.90 20.08
N LEU N 130 116.55 53.54 20.42
CA LEU N 130 117.57 53.30 19.40
C LEU N 130 117.21 52.10 18.55
N GLN N 131 117.28 52.25 17.24
CA GLN N 131 117.12 51.11 16.34
C GLN N 131 118.46 50.46 16.02
N GLY N 132 119.48 51.26 15.73
CA GLY N 132 120.79 50.71 15.45
C GLY N 132 121.74 51.78 14.96
N PHE N 133 122.91 51.33 14.52
CA PHE N 133 123.96 52.18 13.99
C PHE N 133 124.18 51.82 12.53
N GLN N 134 124.77 52.76 11.79
CA GLN N 134 125.01 52.59 10.36
C GLN N 134 126.43 53.00 10.05
N VAL N 135 127.21 52.09 9.50
CA VAL N 135 128.64 52.29 9.25
C VAL N 135 128.89 52.21 7.76
N CYS N 136 129.72 53.13 7.26
CA CYS N 136 130.12 53.14 5.86
C CYS N 136 131.63 53.28 5.78
N HIS N 137 132.28 52.25 5.26
CA HIS N 137 133.74 52.21 5.23
C HIS N 137 134.20 51.28 4.11
N SER N 138 135.48 50.96 4.12
CA SER N 138 136.13 50.10 3.12
C SER N 138 136.85 48.96 3.84
N LEU N 139 137.42 48.06 3.05
CA LEU N 139 138.26 46.99 3.57
C LEU N 139 139.66 47.00 2.99
N GLY N 140 139.96 47.90 2.06
CA GLY N 140 141.29 47.98 1.49
C GLY N 140 142.15 49.04 2.14
N GLY N 141 141.55 50.18 2.47
CA GLY N 141 142.30 51.25 3.10
C GLY N 141 142.63 50.96 4.54
N GLY N 142 143.44 51.84 5.14
CA GLY N 142 143.84 51.64 6.52
C GLY N 142 143.01 52.33 7.57
N THR N 143 142.87 53.66 7.49
CA THR N 143 142.22 54.40 8.57
C THR N 143 140.72 54.17 8.62
N GLY N 144 140.09 53.79 7.52
CA GLY N 144 138.67 53.50 7.54
C GLY N 144 138.43 52.07 7.99
N SER N 145 139.10 51.15 7.31
CA SER N 145 138.89 49.73 7.55
C SER N 145 139.31 49.33 8.97
N GLY N 146 140.60 49.49 9.27
CA GLY N 146 141.12 48.99 10.53
C GLY N 146 140.51 49.67 11.74
N MET N 147 140.48 51.00 11.75
CA MET N 147 139.91 51.72 12.89
C MET N 147 138.43 51.40 13.05
N GLY N 148 137.69 51.46 11.94
CA GLY N 148 136.27 51.12 11.97
C GLY N 148 136.02 49.69 12.40
N THR N 149 136.89 48.76 11.98
CA THR N 149 136.71 47.36 12.34
C THR N 149 136.77 47.14 13.86
N LEU N 150 137.82 47.62 14.51
CA LEU N 150 137.91 47.45 15.96
C LEU N 150 136.79 48.21 16.67
N LEU N 151 136.40 49.36 16.13
CA LEU N 151 135.29 50.12 16.69
C LEU N 151 134.01 49.31 16.69
N ILE N 152 133.79 48.55 15.62
CA ILE N 152 132.61 47.69 15.55
C ILE N 152 132.62 46.70 16.70
N SER N 153 133.79 46.12 17.01
CA SER N 153 133.83 45.15 18.11
C SER N 153 133.46 45.78 19.45
N LYS N 154 134.07 46.92 19.79
CA LYS N 154 133.70 47.57 21.05
C LYS N 154 132.24 48.03 21.08
N ILE N 155 131.76 48.62 19.98
CA ILE N 155 130.39 49.12 19.99
C ILE N 155 129.42 47.97 20.15
N ARG N 156 129.64 46.87 19.42
CA ARG N 156 128.80 45.69 19.59
C ARG N 156 128.92 45.12 20.99
N GLU N 157 130.03 45.37 21.67
CA GLU N 157 130.19 44.95 23.06
C GLU N 157 129.41 45.84 24.01
N GLU N 158 129.17 47.09 23.63
CA GLU N 158 128.45 48.03 24.48
C GLU N 158 126.94 47.89 24.28
N TYR N 159 126.49 47.81 23.03
CA TYR N 159 125.06 47.73 22.70
C TYR N 159 124.84 46.41 21.98
N PRO N 160 124.60 45.32 22.70
CA PRO N 160 124.42 44.01 22.04
C PRO N 160 123.03 43.77 21.50
N ASP N 161 122.04 44.57 21.88
CA ASP N 161 120.65 44.34 21.53
C ASP N 161 120.16 45.26 20.44
N ARG N 162 121.03 46.12 19.93
CA ARG N 162 120.74 47.10 18.89
C ARG N 162 121.28 46.59 17.56
N MET N 163 120.68 47.06 16.47
CA MET N 163 121.08 46.56 15.17
C MET N 163 122.40 47.21 14.75
N MET N 164 122.93 46.74 13.63
CA MET N 164 124.23 47.20 13.16
C MET N 164 124.32 46.92 11.68
N LEU N 165 124.48 47.96 10.88
CA LEU N 165 124.74 47.82 9.46
C LEU N 165 126.20 48.18 9.18
N THR N 166 126.83 47.43 8.28
CA THR N 166 128.17 47.74 7.81
C THR N 166 128.17 47.64 6.29
N PHE N 167 128.31 48.79 5.62
CA PHE N 167 128.50 48.85 4.18
C PHE N 167 130.00 48.97 3.91
N SER N 168 130.61 47.88 3.46
CA SER N 168 132.04 47.82 3.26
C SER N 168 132.35 47.54 1.79
N VAL N 169 133.25 48.34 1.22
CA VAL N 169 133.73 48.16 -0.13
C VAL N 169 134.94 47.24 -0.09
N VAL N 170 134.95 46.22 -0.95
CA VAL N 170 136.08 45.29 -1.00
C VAL N 170 136.86 45.52 -2.27
N PRO N 171 138.15 45.15 -2.33
CA PRO N 171 138.93 45.36 -3.55
C PRO N 171 138.84 44.19 -4.50
N SER N 172 139.48 44.29 -5.66
CA SER N 172 139.55 43.18 -6.60
C SER N 172 140.95 43.12 -7.20
N PRO N 173 141.35 41.96 -7.72
CA PRO N 173 142.67 41.86 -8.37
C PRO N 173 142.83 42.68 -9.64
N LYS N 174 141.80 42.77 -10.49
CA LYS N 174 141.95 43.50 -11.74
C LYS N 174 142.24 44.98 -11.51
N VAL N 175 141.47 45.63 -10.65
CA VAL N 175 141.82 46.99 -10.24
C VAL N 175 142.35 46.96 -8.82
N SER N 176 143.67 46.83 -8.69
CA SER N 176 144.35 46.75 -7.40
C SER N 176 145.13 48.06 -7.21
N ASP N 177 144.55 48.98 -6.43
CA ASP N 177 145.11 50.32 -6.32
C ASP N 177 146.32 50.36 -5.40
N THR N 178 146.27 49.62 -4.30
CA THR N 178 147.41 49.49 -3.40
C THR N 178 147.86 48.04 -3.36
N VAL N 179 148.91 47.78 -2.59
CA VAL N 179 149.62 46.50 -2.69
C VAL N 179 149.16 45.54 -1.60
N VAL N 180 148.72 46.08 -0.47
CA VAL N 180 148.42 45.24 0.69
C VAL N 180 146.93 44.96 0.81
N GLU N 181 146.17 45.12 -0.29
CA GLU N 181 144.74 44.82 -0.30
C GLU N 181 144.38 43.49 0.34
N PRO N 182 145.00 42.35 -0.01
CA PRO N 182 144.58 41.10 0.63
C PRO N 182 144.92 41.04 2.11
N TYR N 183 146.04 41.62 2.52
CA TYR N 183 146.40 41.64 3.93
C TYR N 183 145.31 42.32 4.77
N ASN N 184 144.68 43.35 4.23
CA ASN N 184 143.65 44.04 4.98
C ASN N 184 142.31 43.32 4.90
N ALA N 185 141.93 42.86 3.71
CA ALA N 185 140.60 42.25 3.54
C ALA N 185 140.45 40.99 4.38
N THR N 186 141.48 40.14 4.42
CA THR N 186 141.38 38.90 5.18
C THR N 186 141.16 39.18 6.66
N LEU N 187 141.99 40.04 7.25
CA LEU N 187 141.84 40.38 8.66
C LEU N 187 140.52 41.09 8.92
N SER N 188 140.08 41.92 7.98
CA SER N 188 138.85 42.68 8.15
C SER N 188 137.63 41.78 8.29
N VAL N 189 137.45 40.86 7.34
CA VAL N 189 136.32 39.94 7.39
C VAL N 189 136.41 39.01 8.59
N HIS N 190 137.62 38.71 9.06
CA HIS N 190 137.75 37.86 10.24
C HIS N 190 137.13 38.52 11.47
N GLN N 191 137.08 39.84 11.52
CA GLN N 191 136.35 40.53 12.58
C GLN N 191 134.89 40.73 12.23
N LEU N 192 134.56 40.91 10.94
CA LEU N 192 133.19 41.17 10.55
C LEU N 192 132.28 39.98 10.81
N VAL N 193 132.80 38.76 10.67
CA VAL N 193 131.96 37.57 10.79
C VAL N 193 131.41 37.38 12.21
N GLU N 194 132.10 37.90 13.23
CA GLU N 194 131.61 37.79 14.59
C GLU N 194 131.05 39.08 15.17
N ASN N 195 131.25 40.22 14.51
CA ASN N 195 130.83 41.49 15.08
C ASN N 195 129.59 42.07 14.43
N ALA N 196 129.58 42.23 13.11
CA ALA N 196 128.46 42.91 12.47
C ALA N 196 127.23 42.00 12.45
N ASP N 197 126.05 42.62 12.50
CA ASP N 197 124.83 41.85 12.39
C ASP N 197 124.62 41.40 10.95
N GLU N 198 124.86 42.31 10.00
CA GLU N 198 124.92 41.95 8.59
C GLU N 198 125.79 42.98 7.89
N CYS N 199 126.38 42.54 6.78
CA CYS N 199 127.30 43.36 6.00
C CYS N 199 126.84 43.32 4.55
N MET N 200 126.75 44.48 3.93
CA MET N 200 126.36 44.59 2.53
C MET N 200 127.62 44.82 1.71
N VAL N 201 128.08 43.77 1.03
CA VAL N 201 129.35 43.82 0.34
C VAL N 201 129.25 44.66 -0.91
N LEU N 202 130.23 45.53 -1.11
CA LEU N 202 130.33 46.39 -2.29
C LEU N 202 131.72 46.22 -2.88
N ASP N 203 131.93 46.87 -4.03
CA ASP N 203 133.23 46.94 -4.68
C ASP N 203 133.13 47.96 -5.79
N ASN N 204 134.29 48.32 -6.35
CA ASN N 204 134.32 49.34 -7.39
C ASN N 204 134.17 48.76 -8.79
N GLU N 205 134.57 47.51 -8.99
CA GLU N 205 134.49 46.92 -10.32
C GLU N 205 133.05 46.89 -10.82
N ALA N 206 132.13 46.39 -9.99
CA ALA N 206 130.72 46.39 -10.36
C ALA N 206 130.20 47.80 -10.58
N LEU N 207 130.66 48.76 -9.78
CA LEU N 207 130.21 50.14 -9.95
C LEU N 207 130.68 50.70 -11.29
N TYR N 208 131.96 50.52 -11.61
CA TYR N 208 132.44 50.95 -12.91
C TYR N 208 131.69 50.24 -14.03
N ASP N 209 131.52 48.93 -13.90
CA ASP N 209 130.79 48.18 -14.92
C ASP N 209 129.33 48.62 -15.01
N ILE N 210 128.72 48.97 -13.88
CA ILE N 210 127.34 49.41 -13.92
C ILE N 210 127.23 50.77 -14.58
N CYS N 211 128.12 51.69 -14.24
CA CYS N 211 128.09 53.00 -14.89
C CYS N 211 128.53 52.93 -16.34
N PHE N 212 129.42 52.00 -16.69
CA PHE N 212 129.72 51.73 -18.10
C PHE N 212 128.47 51.29 -18.84
N ARG N 213 127.89 50.15 -18.46
CA ARG N 213 126.91 49.48 -19.31
C ARG N 213 125.52 50.08 -19.11
N THR N 214 125.04 50.11 -17.86
CA THR N 214 123.67 50.51 -17.63
C THR N 214 123.51 52.02 -17.72
N LEU N 215 124.46 52.76 -17.14
CA LEU N 215 124.36 54.21 -17.07
C LEU N 215 124.90 54.88 -18.33
N LYS N 216 125.89 54.26 -18.97
CA LYS N 216 126.52 54.80 -20.18
C LYS N 216 127.10 56.19 -19.95
N LEU N 217 127.75 56.39 -18.81
CA LEU N 217 128.40 57.66 -18.53
C LEU N 217 129.84 57.65 -19.06
N THR N 218 130.32 58.82 -19.44
CA THR N 218 131.63 58.93 -20.07
C THR N 218 132.75 58.81 -19.05
N THR N 219 132.80 59.74 -18.09
CA THR N 219 133.89 59.82 -17.12
C THR N 219 133.28 59.64 -15.74
N PRO N 220 133.29 58.42 -15.22
CA PRO N 220 132.72 58.19 -13.88
C PRO N 220 133.67 58.58 -12.75
N THR N 221 133.63 59.85 -12.35
CA THR N 221 134.38 60.28 -11.18
C THR N 221 133.81 59.58 -9.94
N PHE N 222 134.51 59.71 -8.81
CA PHE N 222 134.02 59.08 -7.60
C PHE N 222 132.65 59.60 -7.16
N GLY N 223 132.27 60.82 -7.57
CA GLY N 223 131.01 61.39 -7.11
C GLY N 223 129.77 60.60 -7.49
N ASP N 224 129.68 60.15 -8.74
CA ASP N 224 128.49 59.40 -9.14
C ASP N 224 128.44 58.04 -8.46
N LEU N 225 129.59 57.39 -8.33
CA LEU N 225 129.64 56.12 -7.61
C LEU N 225 129.13 56.28 -6.18
N ASN N 226 129.62 57.30 -5.47
CA ASN N 226 129.09 57.57 -4.15
C ASN N 226 127.60 57.90 -4.21
N HIS N 227 127.14 58.48 -5.32
CA HIS N 227 125.72 58.74 -5.48
C HIS N 227 124.92 57.45 -5.60
N LEU N 228 125.49 56.45 -6.26
CA LEU N 228 124.81 55.15 -6.38
C LEU N 228 124.72 54.45 -5.03
N ILE N 229 125.85 54.34 -4.33
CA ILE N 229 125.85 53.72 -3.01
C ILE N 229 124.90 54.45 -2.07
N SER N 230 124.84 55.78 -2.16
CA SER N 230 123.93 56.55 -1.32
C SER N 230 122.47 56.25 -1.62
N ALA N 231 122.11 56.14 -2.91
CA ALA N 231 120.74 55.79 -3.26
C ALA N 231 120.32 54.45 -2.68
N VAL N 232 121.25 53.49 -2.65
CA VAL N 232 120.95 52.20 -2.01
C VAL N 232 120.69 52.38 -0.53
N MET N 233 121.53 53.18 0.14
CA MET N 233 121.44 53.32 1.59
C MET N 233 120.18 54.06 2.00
N SER N 234 119.77 55.06 1.21
CA SER N 234 118.49 55.72 1.45
C SER N 234 117.32 54.78 1.20
N GLY N 235 117.43 53.90 0.21
CA GLY N 235 116.33 53.00 -0.10
C GLY N 235 116.06 51.97 0.97
N ILE N 236 117.12 51.45 1.60
CA ILE N 236 116.94 50.38 2.58
C ILE N 236 116.28 50.85 3.87
N THR N 237 116.33 52.15 4.18
CA THR N 237 115.73 52.66 5.40
C THR N 237 114.47 53.47 5.12
N CYS N 238 113.92 53.35 3.91
CA CYS N 238 112.74 54.13 3.56
C CYS N 238 111.52 53.68 4.34
N CYS N 239 111.50 52.43 4.80
CA CYS N 239 110.35 51.89 5.49
C CYS N 239 110.12 52.59 6.82
N LEU N 240 111.21 52.92 7.52
CA LEU N 240 111.09 53.58 8.82
C LEU N 240 110.59 55.01 8.69
N ARG N 241 110.98 55.70 7.63
CA ARG N 241 110.72 57.12 7.50
C ARG N 241 109.38 57.46 6.88
N PHE N 242 108.64 56.48 6.36
CA PHE N 242 107.38 56.80 5.70
C PHE N 242 106.40 55.66 5.87
N PRO N 243 105.10 55.96 5.93
CA PRO N 243 104.10 54.90 6.02
C PRO N 243 103.94 54.16 4.70
N GLY N 244 103.45 52.94 4.79
CA GLY N 244 103.28 52.12 3.60
C GLY N 244 102.20 51.08 3.82
N GLN N 245 102.01 50.24 2.80
CA GLN N 245 101.03 49.18 2.90
C GLN N 245 101.59 47.95 3.59
N LEU N 246 102.90 47.75 3.51
CA LEU N 246 103.57 46.67 4.24
C LEU N 246 104.96 47.17 4.59
N ASN N 247 105.18 47.50 5.86
CA ASN N 247 106.44 48.08 6.29
C ASN N 247 107.38 47.00 6.79
N ALA N 248 108.64 47.05 6.34
CA ALA N 248 109.66 46.09 6.74
C ALA N 248 110.86 46.86 7.28
N ASP N 249 111.02 46.86 8.60
CA ASP N 249 112.13 47.58 9.20
C ASP N 249 113.44 46.80 8.98
N LEU N 250 114.52 47.32 9.58
CA LEU N 250 115.82 46.69 9.43
C LEU N 250 115.83 45.30 10.06
N ARG N 251 115.37 45.20 11.30
CA ARG N 251 115.33 43.91 11.98
C ARG N 251 114.47 42.90 11.23
N LYS N 252 113.42 43.37 10.56
CA LYS N 252 112.54 42.46 9.83
C LYS N 252 113.26 41.84 8.63
N LEU N 253 114.04 42.64 7.90
CA LEU N 253 114.81 42.13 6.77
C LEU N 253 115.95 41.21 7.20
N ALA N 254 116.58 41.50 8.34
CA ALA N 254 117.68 40.67 8.81
C ALA N 254 117.23 39.25 9.12
N VAL N 255 116.09 39.09 9.78
CA VAL N 255 115.64 37.75 10.10
C VAL N 255 115.16 36.99 8.87
N ASN N 256 114.76 37.70 7.82
CA ASN N 256 114.32 37.02 6.60
C ASN N 256 115.46 36.66 5.64
N LEU N 257 116.62 37.30 5.76
CA LEU N 257 117.71 37.08 4.82
C LEU N 257 118.86 36.29 5.40
N ILE N 258 118.89 36.05 6.71
CA ILE N 258 120.00 35.39 7.37
C ILE N 258 119.49 34.07 7.90
N PRO N 259 119.74 32.96 7.21
CA PRO N 259 119.26 31.67 7.72
C PRO N 259 120.22 31.03 8.70
N PHE N 260 121.48 31.48 8.67
CA PHE N 260 122.51 30.95 9.56
C PHE N 260 123.37 32.09 10.07
N PRO N 261 123.85 31.99 11.32
CA PRO N 261 124.47 33.16 11.96
C PRO N 261 125.73 33.65 11.26
N ARG N 262 126.46 32.79 10.56
CA ARG N 262 127.66 33.22 9.86
C ARG N 262 127.41 33.61 8.42
N LEU N 263 126.19 33.43 7.92
CA LEU N 263 125.86 33.79 6.54
C LEU N 263 125.16 35.14 6.55
N HIS N 264 125.93 36.21 6.71
CA HIS N 264 125.34 37.55 6.78
C HIS N 264 126.17 38.53 5.96
N PHE N 265 126.53 38.12 4.74
CA PHE N 265 127.12 39.01 3.76
C PHE N 265 126.20 39.03 2.55
N PHE N 266 125.80 40.23 2.14
CA PHE N 266 124.82 40.37 1.07
C PHE N 266 125.44 41.02 -0.14
N MET N 267 124.80 40.77 -1.28
CA MET N 267 125.07 41.46 -2.52
C MET N 267 123.84 42.28 -2.89
N VAL N 268 124.07 43.41 -3.55
CA VAL N 268 123.02 44.44 -3.66
C VAL N 268 122.84 44.91 -5.10
N GLY N 269 121.61 45.26 -5.41
CA GLY N 269 121.29 45.91 -6.68
C GLY N 269 120.21 46.94 -6.46
N PHE N 270 120.23 47.98 -7.29
CA PHE N 270 119.28 49.07 -7.18
C PHE N 270 118.67 49.35 -8.55
N THR N 271 117.37 49.63 -8.57
CA THR N 271 116.63 49.89 -9.78
C THR N 271 115.66 51.03 -9.53
N PRO N 272 115.34 51.83 -10.57
CA PRO N 272 115.87 51.74 -11.94
C PRO N 272 117.09 52.62 -12.19
N LEU N 273 118.03 52.09 -12.98
CA LEU N 273 119.26 52.77 -13.35
C LEU N 273 119.30 52.85 -14.87
N THR N 274 118.97 54.02 -15.42
CA THR N 274 118.91 54.17 -16.87
C THR N 274 119.72 55.37 -17.32
N SER N 275 120.25 55.25 -18.53
CA SER N 275 121.00 56.34 -19.15
C SER N 275 120.08 57.53 -19.39
N ARG N 276 120.68 58.70 -19.54
CA ARG N 276 119.88 59.92 -19.69
C ARG N 276 119.15 59.93 -21.02
N GLY N 277 119.81 59.47 -22.09
CA GLY N 277 119.15 59.43 -23.38
C GLY N 277 118.02 58.42 -23.45
N SER N 278 118.14 57.32 -22.71
CA SER N 278 117.12 56.27 -22.67
C SER N 278 116.19 56.39 -21.48
N GLN N 279 116.28 57.46 -20.69
CA GLN N 279 115.39 57.60 -19.54
C GLN N 279 113.98 57.91 -19.98
N GLN N 280 113.82 58.56 -21.13
CA GLN N 280 112.51 58.95 -21.62
C GLN N 280 111.76 57.78 -22.25
N TYR N 281 112.51 56.83 -22.82
CA TYR N 281 111.94 55.78 -23.65
C TYR N 281 111.45 54.56 -22.89
N ARG N 282 111.52 54.55 -21.55
CA ARG N 282 111.22 53.34 -20.80
C ARG N 282 109.94 53.53 -20.00
N ALA N 283 109.20 52.43 -19.82
CA ALA N 283 108.07 52.40 -18.91
C ALA N 283 108.49 52.01 -17.50
N LEU N 284 107.61 52.31 -16.54
CA LEU N 284 107.88 52.11 -15.11
C LEU N 284 106.76 51.26 -14.51
N THR N 285 106.93 49.95 -14.56
CA THR N 285 105.96 49.02 -13.98
C THR N 285 106.71 48.06 -13.07
N VAL N 286 105.96 47.26 -12.33
CA VAL N 286 106.59 46.28 -11.43
C VAL N 286 107.35 45.22 -12.23
N PRO N 287 106.80 44.65 -13.31
CA PRO N 287 107.62 43.73 -14.11
C PRO N 287 108.86 44.35 -14.71
N GLU N 288 108.80 45.61 -15.15
CA GLU N 288 109.98 46.26 -15.70
C GLU N 288 111.09 46.39 -14.65
N LEU N 289 110.73 46.73 -13.41
CA LEU N 289 111.73 46.79 -12.34
C LEU N 289 112.25 45.40 -11.96
N THR N 290 111.41 44.37 -12.03
CA THR N 290 111.85 43.05 -11.62
C THR N 290 112.85 42.46 -12.61
N GLN N 291 112.64 42.69 -13.90
CA GLN N 291 113.58 42.18 -14.89
C GLN N 291 114.97 42.78 -14.70
N GLN N 292 115.05 44.00 -14.17
CA GLN N 292 116.33 44.63 -13.93
C GLN N 292 116.91 44.27 -12.57
N MET N 293 116.07 43.93 -11.60
CA MET N 293 116.57 43.52 -10.29
C MET N 293 117.36 42.23 -10.39
N TRP N 294 116.77 41.21 -11.00
CA TRP N 294 117.36 39.87 -11.05
C TRP N 294 118.41 39.74 -12.14
N ASP N 295 118.69 40.81 -12.88
CA ASP N 295 119.80 40.79 -13.83
C ASP N 295 121.11 40.68 -13.07
N ALA N 296 121.93 39.69 -13.45
CA ALA N 296 123.21 39.51 -12.78
C ALA N 296 124.23 40.57 -13.14
N LYS N 297 124.01 41.30 -14.22
CA LYS N 297 124.89 42.41 -14.58
C LYS N 297 124.49 43.72 -13.89
N ASN N 298 123.61 43.66 -12.90
CA ASN N 298 123.15 44.83 -12.17
C ASN N 298 123.48 44.75 -10.70
N MET N 299 124.14 43.66 -10.29
CA MET N 299 124.60 43.52 -8.93
C MET N 299 125.80 44.43 -8.69
N MET N 300 126.01 44.79 -7.43
CA MET N 300 127.14 45.64 -7.05
C MET N 300 128.29 44.86 -6.43
N CYS N 301 128.54 43.65 -6.90
CA CYS N 301 129.68 42.86 -6.45
C CYS N 301 130.25 42.11 -7.64
N ALA N 302 131.52 41.73 -7.54
CA ALA N 302 132.14 40.91 -8.58
C ALA N 302 131.93 39.43 -8.31
N ALA N 303 130.68 39.05 -8.06
CA ALA N 303 130.28 37.66 -7.81
C ALA N 303 128.97 37.44 -8.57
N ASP N 304 129.09 36.99 -9.81
CA ASP N 304 127.95 36.70 -10.68
C ASP N 304 127.08 35.60 -10.07
N PRO N 305 125.88 35.95 -9.60
CA PRO N 305 125.14 35.02 -8.71
C PRO N 305 124.61 33.78 -9.40
N ARG N 306 124.57 33.74 -10.72
CA ARG N 306 124.11 32.54 -11.42
C ARG N 306 125.18 31.46 -11.50
N HIS N 307 126.37 31.69 -10.95
CA HIS N 307 127.33 30.62 -10.71
C HIS N 307 127.07 29.87 -9.42
N GLY N 308 126.02 30.23 -8.68
CA GLY N 308 125.66 29.55 -7.45
C GLY N 308 124.16 29.56 -7.28
N ARG N 309 123.71 29.46 -6.03
CA ARG N 309 122.30 29.43 -5.71
C ARG N 309 121.94 30.55 -4.76
N TYR N 310 120.76 31.14 -4.95
CA TYR N 310 120.21 32.07 -3.97
C TYR N 310 119.72 31.31 -2.75
N LEU N 311 120.26 31.66 -1.58
CA LEU N 311 119.71 31.14 -0.34
C LEU N 311 118.38 31.81 -0.03
N THR N 312 118.38 33.13 0.10
CA THR N 312 117.19 33.94 0.32
C THR N 312 117.33 35.23 -0.48
N ALA N 313 116.23 35.95 -0.61
CA ALA N 313 116.24 37.21 -1.35
C ALA N 313 115.19 38.15 -0.77
N SER N 314 115.37 39.45 -1.04
CA SER N 314 114.45 40.45 -0.54
C SER N 314 114.35 41.60 -1.53
N ALA N 315 113.13 42.10 -1.71
CA ALA N 315 112.84 43.23 -2.59
C ALA N 315 112.14 44.32 -1.79
N LEU N 316 112.69 45.53 -1.84
CA LEU N 316 112.12 46.69 -1.15
C LEU N 316 111.61 47.66 -2.21
N PHE N 317 110.29 47.79 -2.31
CA PHE N 317 109.68 48.62 -3.32
C PHE N 317 109.20 49.94 -2.71
N ARG N 318 109.31 51.01 -3.50
CA ARG N 318 108.86 52.33 -3.09
C ARG N 318 107.93 52.93 -4.14
N GLY N 319 106.76 53.35 -3.71
CA GLY N 319 105.79 53.94 -4.62
C GLY N 319 104.43 53.31 -4.47
N ARG N 320 103.37 54.01 -4.85
CA ARG N 320 102.04 53.42 -4.78
C ARG N 320 101.98 52.28 -5.78
N MET N 321 101.71 51.07 -5.27
CA MET N 321 101.84 49.89 -6.12
C MET N 321 100.83 48.84 -5.68
N SER N 322 100.53 47.94 -6.61
CA SER N 322 99.63 46.82 -6.36
C SER N 322 100.39 45.67 -5.70
N THR N 323 99.96 45.27 -4.51
CA THR N 323 100.60 44.14 -3.85
C THR N 323 100.44 42.86 -4.66
N LYS N 324 99.33 42.72 -5.40
CA LYS N 324 99.16 41.54 -6.26
C LYS N 324 100.28 41.45 -7.29
N GLU N 325 100.52 42.54 -8.03
CA GLU N 325 101.58 42.53 -9.03
C GLU N 325 102.93 42.20 -8.42
N VAL N 326 103.23 42.75 -7.25
CA VAL N 326 104.48 42.45 -6.56
C VAL N 326 104.63 40.96 -6.33
N ASP N 327 103.57 40.32 -5.81
CA ASP N 327 103.68 38.93 -5.39
C ASP N 327 103.76 37.97 -6.57
N GLU N 328 102.95 38.19 -7.61
CA GLU N 328 103.00 37.31 -8.78
C GLU N 328 104.31 37.44 -9.53
N GLN N 329 104.95 38.61 -9.51
CA GLN N 329 106.28 38.72 -10.09
C GLN N 329 107.29 37.89 -9.32
N MET N 330 107.21 37.92 -7.99
CA MET N 330 108.13 37.10 -7.20
C MET N 330 107.87 35.62 -7.45
N LEU N 331 106.60 35.25 -7.62
CA LEU N 331 106.24 33.87 -7.91
C LEU N 331 106.76 33.44 -9.28
N ASN N 332 106.71 34.33 -10.26
CA ASN N 332 107.16 34.00 -11.61
C ASN N 332 108.67 33.77 -11.63
N VAL N 333 109.43 34.68 -11.02
CA VAL N 333 110.88 34.54 -11.01
C VAL N 333 111.32 33.32 -10.22
N GLN N 334 110.49 32.84 -9.30
CA GLN N 334 110.81 31.63 -8.55
C GLN N 334 110.35 30.35 -9.24
N ASN N 335 109.36 30.42 -10.12
CA ASN N 335 108.87 29.21 -10.76
C ASN N 335 109.62 28.90 -12.05
N LYS N 336 110.02 29.92 -12.79
CA LYS N 336 110.69 29.69 -14.06
C LYS N 336 112.14 29.24 -13.85
N ASN N 337 112.95 30.08 -13.23
CA ASN N 337 114.36 29.76 -12.98
C ASN N 337 114.49 29.00 -11.66
N SER N 338 113.93 27.78 -11.67
CA SER N 338 113.86 27.02 -10.43
C SER N 338 115.18 26.38 -10.02
N SER N 339 116.12 26.21 -10.96
CA SER N 339 117.41 25.65 -10.60
C SER N 339 118.32 26.66 -9.90
N TYR N 340 118.10 27.95 -10.09
CA TYR N 340 118.91 28.98 -9.47
C TYR N 340 118.64 29.15 -7.98
N PHE N 341 117.56 28.58 -7.45
CA PHE N 341 117.23 28.76 -6.05
C PHE N 341 117.48 27.49 -5.27
N VAL N 342 117.57 27.67 -3.94
CA VAL N 342 117.74 26.54 -3.05
C VAL N 342 116.43 25.77 -2.96
N GLU N 343 116.52 24.47 -2.68
CA GLU N 343 115.34 23.63 -2.75
C GLU N 343 114.61 23.52 -1.43
N TRP N 344 115.33 23.46 -0.31
CA TRP N 344 114.71 23.18 0.97
C TRP N 344 114.17 24.43 1.65
N ILE N 345 114.04 25.54 0.93
CA ILE N 345 113.31 26.71 1.42
C ILE N 345 112.35 27.18 0.35
N PRO N 346 111.04 26.97 0.51
CA PRO N 346 110.09 27.55 -0.44
C PRO N 346 109.83 29.02 -0.14
N ASN N 347 109.48 29.75 -1.20
CA ASN N 347 109.15 31.18 -1.11
C ASN N 347 110.34 31.97 -0.54
N ASN N 348 111.41 31.97 -1.33
CA ASN N 348 112.70 32.55 -0.94
C ASN N 348 112.75 34.06 -1.02
N VAL N 349 111.64 34.76 -1.18
CA VAL N 349 111.66 36.20 -1.46
C VAL N 349 110.75 36.92 -0.45
N LYS N 350 111.34 37.85 0.29
CA LYS N 350 110.60 38.72 1.19
C LYS N 350 110.42 40.08 0.54
N SER N 351 109.18 40.55 0.43
CA SER N 351 108.87 41.79 -0.26
C SER N 351 108.28 42.82 0.70
N SER N 352 108.44 44.10 0.34
CA SER N 352 107.89 45.21 1.11
C SER N 352 107.58 46.38 0.19
N VAL N 353 106.58 47.17 0.57
CA VAL N 353 106.13 48.31 -0.20
C VAL N 353 106.05 49.54 0.70
N CYS N 354 106.63 50.66 0.24
CA CYS N 354 106.46 51.95 0.87
C CYS N 354 105.84 52.93 -0.11
N ASP N 355 105.04 53.86 0.41
CA ASP N 355 104.22 54.71 -0.44
C ASP N 355 104.93 55.94 -0.98
N ILE N 356 106.09 56.30 -0.44
CA ILE N 356 106.75 57.55 -0.82
C ILE N 356 107.94 57.20 -1.71
N PRO N 357 107.97 57.66 -2.95
CA PRO N 357 109.11 57.39 -3.82
C PRO N 357 110.25 58.34 -3.51
N PRO N 358 111.47 58.02 -3.95
CA PRO N 358 112.56 59.00 -3.86
C PRO N 358 112.24 60.22 -4.70
N LYS N 359 112.79 61.36 -4.29
CA LYS N 359 112.44 62.63 -4.91
C LYS N 359 112.83 62.61 -6.38
N GLY N 360 111.88 62.96 -7.24
CA GLY N 360 112.11 63.04 -8.66
C GLY N 360 111.80 61.78 -9.43
N LEU N 361 111.39 60.71 -8.75
CA LEU N 361 111.09 59.43 -9.39
C LEU N 361 109.67 59.02 -9.10
N LYS N 362 109.11 58.21 -9.99
CA LYS N 362 107.77 57.66 -9.82
C LYS N 362 107.77 56.37 -9.00
N MET N 363 108.76 55.49 -9.21
CA MET N 363 108.67 54.14 -8.67
C MET N 363 110.07 53.53 -8.65
N SER N 364 110.53 53.12 -7.49
CA SER N 364 111.89 52.61 -7.33
C SER N 364 111.87 51.29 -6.57
N ALA N 365 113.01 50.61 -6.54
CA ALA N 365 113.12 49.29 -5.95
C ALA N 365 114.55 49.05 -5.50
N THR N 366 114.71 48.41 -4.34
CA THR N 366 116.01 48.02 -3.82
C THR N 366 116.02 46.52 -3.59
N PHE N 367 116.97 45.82 -4.18
CA PHE N 367 117.06 44.38 -4.07
C PHE N 367 118.26 44.00 -3.20
N ILE N 368 118.05 43.04 -2.30
CA ILE N 368 119.09 42.52 -1.41
C ILE N 368 119.06 41.00 -1.53
N GLY N 369 120.09 40.41 -2.11
CA GLY N 369 120.13 38.98 -2.31
C GLY N 369 121.23 38.29 -1.52
N ASN N 370 120.86 37.35 -0.66
CA ASN N 370 121.82 36.52 0.06
C ASN N 370 122.05 35.24 -0.74
N SER N 371 123.05 35.27 -1.62
CA SER N 371 123.38 34.15 -2.47
C SER N 371 124.73 33.56 -2.07
N THR N 372 124.94 32.31 -2.46
CA THR N 372 126.19 31.63 -2.16
C THR N 372 127.26 31.83 -3.22
N ALA N 373 126.97 32.62 -4.26
CA ALA N 373 127.98 32.91 -5.26
C ALA N 373 129.07 33.84 -4.71
N ILE N 374 128.80 34.53 -3.59
CA ILE N 374 129.78 35.41 -3.00
C ILE N 374 131.01 34.67 -2.50
N GLN N 375 130.91 33.37 -2.27
CA GLN N 375 132.06 32.61 -1.81
C GLN N 375 133.18 32.55 -2.84
N GLU N 376 132.85 32.69 -4.13
CA GLU N 376 133.91 32.75 -5.12
C GLU N 376 134.80 33.97 -4.91
N MET N 377 134.20 35.11 -4.52
CA MET N 377 134.99 36.30 -4.27
C MET N 377 135.92 36.09 -3.09
N PHE N 378 135.44 35.46 -2.01
CA PHE N 378 136.30 35.33 -0.84
C PHE N 378 137.49 34.43 -1.14
N LYS N 379 137.25 33.32 -1.86
CA LYS N 379 138.36 32.50 -2.31
C LYS N 379 139.26 33.28 -3.25
N ARG N 380 138.68 34.11 -4.12
CA ARG N 380 139.45 34.93 -5.04
C ARG N 380 140.40 35.88 -4.33
N VAL N 381 140.10 36.23 -3.08
CA VAL N 381 141.02 37.04 -2.28
C VAL N 381 142.00 36.17 -1.52
N SER N 382 141.50 35.10 -0.89
CA SER N 382 142.34 34.32 0.03
C SER N 382 143.50 33.67 -0.70
N GLU N 383 143.28 33.23 -1.95
CA GLU N 383 144.35 32.61 -2.71
C GLU N 383 145.49 33.59 -2.97
N GLN N 384 145.15 34.86 -3.21
CA GLN N 384 146.20 35.88 -3.31
C GLN N 384 146.87 36.08 -1.96
N PHE N 385 146.08 36.05 -0.88
CA PHE N 385 146.64 36.25 0.45
C PHE N 385 147.62 35.13 0.80
N THR N 386 147.26 33.88 0.48
CA THR N 386 148.17 32.77 0.74
C THR N 386 149.41 32.88 -0.13
N ALA N 387 149.25 33.34 -1.37
CA ALA N 387 150.40 33.50 -2.26
C ALA N 387 151.44 34.45 -1.67
N MET N 388 150.99 35.50 -1.00
CA MET N 388 151.93 36.41 -0.36
C MET N 388 152.41 35.88 0.99
N PHE N 389 151.51 35.29 1.79
CA PHE N 389 151.91 34.85 3.11
C PHE N 389 152.84 33.65 3.05
N ARG N 390 152.73 32.81 2.01
CA ARG N 390 153.65 31.70 1.86
C ARG N 390 155.09 32.17 1.69
N ARG N 391 155.27 33.34 1.08
CA ARG N 391 156.58 33.87 0.77
C ARG N 391 156.98 34.96 1.76
N LYS N 392 156.08 35.30 2.69
CA LYS N 392 156.28 36.30 3.74
C LYS N 392 156.61 37.69 3.21
N ALA N 393 156.12 38.03 2.01
CA ALA N 393 156.35 39.36 1.50
C ALA N 393 155.47 40.37 2.24
N PHE N 394 156.00 41.58 2.45
CA PHE N 394 155.31 42.64 3.18
C PHE N 394 154.88 42.22 4.58
N LEU N 395 155.53 41.20 5.14
CA LEU N 395 155.13 40.71 6.46
C LEU N 395 155.82 41.41 7.63
N HIS N 396 157.02 41.96 7.45
CA HIS N 396 157.66 42.59 8.60
C HIS N 396 156.95 43.86 9.03
N TRP N 397 156.32 44.60 8.11
CA TRP N 397 155.55 45.76 8.55
C TRP N 397 154.41 45.38 9.48
N TYR N 398 153.93 44.14 9.40
CA TYR N 398 152.86 43.70 10.30
C TYR N 398 153.44 42.97 11.51
N THR N 399 154.38 42.06 11.31
CA THR N 399 154.94 41.33 12.43
C THR N 399 155.86 42.21 13.29
N GLY N 400 156.41 43.27 12.70
CA GLY N 400 157.20 44.24 13.43
C GLY N 400 156.40 45.28 14.17
N GLU N 401 155.09 45.08 14.26
CA GLU N 401 154.19 46.00 14.98
C GLU N 401 153.42 45.33 16.11
N GLY N 402 153.33 44.00 16.13
CA GLY N 402 152.65 43.29 17.20
C GLY N 402 151.88 42.05 16.75
N MET N 403 151.52 41.98 15.48
CA MET N 403 150.90 40.78 14.93
C MET N 403 151.93 39.67 14.78
N ASP N 404 151.46 38.44 14.92
CA ASP N 404 152.29 37.25 14.74
C ASP N 404 151.69 36.45 13.59
N GLU N 405 152.23 35.25 13.38
CA GLU N 405 151.81 34.51 12.20
C GLU N 405 150.43 33.91 12.39
N MET N 406 150.10 33.51 13.62
CA MET N 406 148.84 32.80 13.86
C MET N 406 147.63 33.71 13.63
N GLU N 407 147.81 35.03 13.78
CA GLU N 407 146.74 35.97 13.45
C GLU N 407 146.39 35.90 11.97
N PHE N 408 147.40 35.86 11.11
CA PHE N 408 147.15 35.74 9.68
C PHE N 408 146.50 34.39 9.35
N THR N 409 146.97 33.32 9.99
CA THR N 409 146.41 32.01 9.75
C THR N 409 144.95 31.96 10.17
N GLU N 410 144.62 32.58 11.31
CA GLU N 410 143.24 32.57 11.75
C GLU N 410 142.36 33.42 10.84
N ALA N 411 142.91 34.48 10.26
CA ALA N 411 142.15 35.21 9.25
C ALA N 411 141.93 34.30 8.04
N GLU N 412 142.99 33.60 7.62
CA GLU N 412 142.87 32.60 6.56
C GLU N 412 141.88 31.52 6.95
N SER N 413 141.96 31.05 8.20
CA SER N 413 141.10 29.97 8.66
C SER N 413 139.63 30.38 8.61
N ASN N 414 139.30 31.56 9.12
CA ASN N 414 137.89 31.98 9.09
C ASN N 414 137.42 32.16 7.65
N MET N 415 138.29 32.68 6.78
CA MET N 415 137.97 32.72 5.37
C MET N 415 137.75 31.32 4.82
N ASN N 416 138.60 30.38 5.18
CA ASN N 416 138.55 29.04 4.59
C ASN N 416 137.34 28.26 5.08
N ASP N 417 137.03 28.34 6.37
CA ASP N 417 135.88 27.59 6.87
C ASP N 417 134.56 28.21 6.44
N LEU N 418 134.53 29.53 6.23
CA LEU N 418 133.33 30.19 5.73
C LEU N 418 133.04 29.80 4.28
N VAL N 419 134.05 29.86 3.42
CA VAL N 419 133.83 29.48 2.03
C VAL N 419 133.55 28.00 1.87
N SER N 420 133.98 27.17 2.82
CA SER N 420 133.67 25.75 2.72
C SER N 420 132.20 25.48 3.03
N GLU N 421 131.64 26.17 4.03
CA GLU N 421 130.23 25.97 4.34
C GLU N 421 129.33 26.65 3.32
N TYR N 422 129.79 27.73 2.69
CA TYR N 422 129.05 28.29 1.57
C TYR N 422 129.01 27.30 0.42
N GLN N 423 130.17 26.75 0.05
CA GLN N 423 130.22 25.73 -0.99
C GLN N 423 129.37 24.53 -0.61
N GLN N 424 129.29 24.22 0.69
CA GLN N 424 128.46 23.12 1.14
C GLN N 424 126.99 23.41 0.86
N TYR N 425 126.52 24.59 1.26
CA TYR N 425 125.13 24.96 1.06
C TYR N 425 124.81 25.25 -0.40
N GLN N 426 125.82 25.31 -1.27
CA GLN N 426 125.58 25.54 -2.68
C GLN N 426 125.07 24.29 -3.38
N LYS O 271 24.54 -64.94 -7.12
CA LYS O 271 23.42 -64.08 -7.49
C LYS O 271 22.10 -64.80 -7.30
N ALA O 272 22.11 -66.12 -7.44
CA ALA O 272 20.89 -66.92 -7.34
C ALA O 272 20.83 -67.75 -6.08
N TYR O 273 21.83 -67.62 -5.19
CA TYR O 273 21.99 -68.53 -4.06
C TYR O 273 21.19 -68.07 -2.86
N LEU O 274 20.92 -66.77 -2.76
CA LEU O 274 19.90 -66.26 -1.85
C LEU O 274 18.53 -66.84 -2.19
N ARG O 275 18.16 -66.79 -3.47
CA ARG O 275 16.89 -67.39 -3.88
C ARG O 275 16.87 -68.89 -3.62
N TRP O 276 18.00 -69.57 -3.77
CA TRP O 276 17.99 -71.00 -3.56
C TRP O 276 17.91 -71.38 -2.08
N ARG O 277 18.57 -70.62 -1.19
CA ARG O 277 18.38 -70.93 0.23
C ARG O 277 16.98 -70.55 0.70
N GLY O 278 16.40 -69.46 0.15
CA GLY O 278 15.02 -69.14 0.49
C GLY O 278 14.08 -70.24 0.05
N LEU O 279 14.25 -70.73 -1.18
CA LEU O 279 13.42 -71.83 -1.67
C LEU O 279 13.68 -73.10 -0.90
N ASP O 280 14.90 -73.32 -0.42
CA ASP O 280 15.16 -74.49 0.41
C ASP O 280 14.40 -74.44 1.72
N VAL O 281 14.40 -73.27 2.38
CA VAL O 281 13.64 -73.14 3.62
C VAL O 281 12.13 -73.32 3.36
N GLN O 282 11.64 -72.71 2.29
CA GLN O 282 10.22 -72.87 1.95
C GLN O 282 9.89 -74.33 1.64
N ILE O 283 10.78 -75.01 0.92
CA ILE O 283 10.53 -76.39 0.53
C ILE O 283 10.57 -77.32 1.72
N THR O 284 11.52 -77.13 2.65
CA THR O 284 11.54 -77.99 3.82
C THR O 284 10.31 -77.76 4.70
N ASP O 285 9.91 -76.51 4.92
CA ASP O 285 8.73 -76.26 5.74
C ASP O 285 7.47 -76.84 5.08
N ALA O 286 7.32 -76.60 3.77
CA ALA O 286 6.18 -77.14 3.04
C ALA O 286 6.17 -78.65 3.05
N ALA O 287 7.34 -79.28 2.87
CA ALA O 287 7.42 -80.73 2.87
C ALA O 287 7.03 -81.31 4.23
N ASN O 288 7.52 -80.70 5.31
CA ASN O 288 7.21 -81.24 6.63
C ASN O 288 5.71 -81.13 6.92
N GLU O 289 5.14 -79.95 6.65
CA GLU O 289 3.71 -79.79 6.89
C GLU O 289 2.89 -80.65 5.95
N SER O 290 3.36 -80.88 4.73
CA SER O 290 2.68 -81.77 3.79
C SER O 290 2.69 -83.21 4.28
N LYS O 291 3.81 -83.67 4.83
CA LYS O 291 3.85 -85.05 5.32
C LYS O 291 2.88 -85.23 6.47
N ASP O 292 2.90 -84.30 7.43
CA ASP O 292 1.98 -84.41 8.57
C ASP O 292 0.53 -84.35 8.10
N ASN O 293 0.22 -83.38 7.24
CA ASN O 293 -1.15 -83.21 6.77
C ASN O 293 -1.64 -84.42 5.99
N VAL O 294 -0.79 -84.97 5.12
CA VAL O 294 -1.18 -86.10 4.29
C VAL O 294 -1.40 -87.34 5.13
N LYS O 295 -0.48 -87.52 6.13
CA LYS O 295 -0.54 -88.74 6.97
C LYS O 295 -1.79 -88.70 7.87
N TYR O 296 -2.18 -87.53 8.34
CA TYR O 296 -3.37 -87.40 9.18
C TYR O 296 -4.65 -87.44 8.34
N LEU O 297 -4.67 -86.80 7.17
CA LEU O 297 -5.81 -86.92 6.27
C LEU O 297 -5.95 -88.30 5.68
N ALA O 298 -4.88 -89.09 5.63
CA ALA O 298 -4.96 -90.47 5.20
C ALA O 298 -5.55 -91.37 6.27
N THR O 299 -5.32 -91.05 7.55
CA THR O 299 -5.96 -91.83 8.61
C THR O 299 -7.47 -91.75 8.52
N LEU O 300 -8.01 -90.63 8.03
CA LEU O 300 -9.45 -90.45 7.92
C LEU O 300 -10.08 -91.37 6.87
N GLU O 301 -9.29 -91.90 5.94
CA GLU O 301 -9.84 -92.41 4.68
C GLU O 301 -10.64 -93.69 4.88
N LYS O 302 -10.20 -94.57 5.80
CA LYS O 302 -10.83 -95.88 5.91
C LYS O 302 -12.24 -95.82 6.49
N SER O 303 -12.64 -94.71 7.10
CA SER O 303 -14.02 -94.54 7.53
C SER O 303 -14.80 -93.53 6.71
N MET O 304 -14.12 -92.69 5.92
CA MET O 304 -14.79 -91.88 4.92
C MET O 304 -15.09 -92.64 3.62
N GLU O 305 -14.47 -93.80 3.41
CA GLU O 305 -14.65 -94.53 2.15
C GLU O 305 -16.07 -95.04 1.90
N PRO O 306 -16.87 -95.43 2.91
CA PRO O 306 -18.19 -96.00 2.60
C PRO O 306 -19.14 -95.03 1.92
N MET O 307 -19.01 -93.73 2.15
CA MET O 307 -20.02 -92.76 1.77
C MET O 307 -19.95 -92.31 0.31
N TYR O 308 -19.00 -92.82 -0.47
CA TYR O 308 -18.94 -92.40 -1.87
C TYR O 308 -19.96 -93.12 -2.74
N GLN O 309 -20.32 -94.37 -2.41
CA GLN O 309 -21.17 -95.16 -3.28
C GLN O 309 -22.24 -95.97 -2.56
N GLY O 310 -22.30 -95.96 -1.23
CA GLY O 310 -23.20 -96.82 -0.49
C GLY O 310 -24.58 -96.21 -0.31
N ARG O 311 -25.30 -96.75 0.66
CA ARG O 311 -26.70 -96.38 0.85
C ARG O 311 -26.84 -95.21 1.82
N VAL O 312 -27.98 -94.52 1.71
CA VAL O 312 -28.18 -93.26 2.41
C VAL O 312 -28.31 -93.46 3.92
N THR O 313 -28.86 -94.60 4.36
CA THR O 313 -29.01 -94.84 5.78
C THR O 313 -27.70 -95.26 6.45
N ASP O 314 -26.76 -95.80 5.68
CA ASP O 314 -25.50 -96.26 6.25
C ASP O 314 -24.72 -95.10 6.87
N ILE O 315 -24.85 -93.92 6.28
CA ILE O 315 -24.07 -92.76 6.72
C ILE O 315 -24.42 -92.39 8.15
N THR O 316 -25.66 -92.64 8.57
CA THR O 316 -26.04 -92.37 9.95
C THR O 316 -25.16 -93.14 10.93
N GLU O 317 -24.94 -94.42 10.67
CA GLU O 317 -24.08 -95.21 11.54
C GLU O 317 -22.60 -94.93 11.31
N SER O 318 -22.22 -94.53 10.09
CA SER O 318 -20.80 -94.26 9.83
C SER O 318 -20.33 -92.97 10.48
N LEU O 319 -21.20 -91.97 10.60
CA LEU O 319 -20.77 -90.64 11.04
C LEU O 319 -20.12 -90.59 12.43
N PRO O 320 -20.57 -91.34 13.45
CA PRO O 320 -19.85 -91.30 14.73
C PRO O 320 -18.37 -91.68 14.62
N ALA O 321 -18.05 -92.66 13.79
CA ALA O 321 -16.64 -92.96 13.57
C ALA O 321 -15.92 -91.78 12.94
N LEU O 322 -16.59 -91.09 12.01
CA LEU O 322 -15.97 -89.95 11.35
C LEU O 322 -15.66 -88.82 12.32
N MET O 323 -16.60 -88.52 13.24
CA MET O 323 -16.27 -87.48 14.21
C MET O 323 -15.31 -87.93 15.30
N THR O 324 -15.28 -89.23 15.65
CA THR O 324 -14.22 -89.67 16.55
C THR O 324 -12.85 -89.46 15.90
N ASN O 325 -12.73 -89.81 14.62
CA ASN O 325 -11.49 -89.61 13.89
C ASN O 325 -11.13 -88.13 13.84
N VAL O 326 -12.08 -87.29 13.43
CA VAL O 326 -11.81 -85.87 13.25
C VAL O 326 -11.45 -85.24 14.59
N ARG O 327 -12.10 -85.68 15.67
CA ARG O 327 -11.82 -85.11 16.98
C ARG O 327 -10.44 -85.49 17.49
N MET O 328 -10.04 -86.76 17.30
CA MET O 328 -8.68 -87.12 17.68
C MET O 328 -7.62 -86.43 16.82
N MET O 329 -7.90 -86.20 15.54
CA MET O 329 -6.87 -85.57 14.69
C MET O 329 -6.83 -84.05 14.76
N TYR O 330 -7.93 -83.38 15.11
CA TYR O 330 -7.85 -81.94 15.35
C TYR O 330 -7.42 -81.59 16.77
N THR O 331 -7.12 -82.58 17.61
CA THR O 331 -6.37 -82.32 18.84
C THR O 331 -4.88 -82.14 18.59
N ILE O 332 -4.43 -82.14 17.34
CA ILE O 332 -3.01 -82.06 17.03
C ILE O 332 -2.72 -80.86 16.14
N ALA O 333 -3.30 -80.86 14.94
CA ALA O 333 -2.98 -79.85 13.94
C ALA O 333 -4.22 -79.14 13.45
N THR O 338 -5.39 -74.99 10.96
CA THR O 338 -6.55 -75.51 11.66
C THR O 338 -7.85 -75.07 10.98
N ALA O 339 -7.95 -73.76 10.69
CA ALA O 339 -9.17 -73.24 10.09
C ALA O 339 -9.39 -73.82 8.70
N GLU O 340 -8.30 -73.99 7.94
CA GLU O 340 -8.41 -74.59 6.61
C GLU O 340 -8.88 -76.03 6.71
N HIS O 341 -8.42 -76.77 7.72
CA HIS O 341 -8.84 -78.16 7.85
C HIS O 341 -10.34 -78.23 8.12
N MET O 342 -10.81 -77.46 9.12
CA MET O 342 -12.23 -77.44 9.44
C MET O 342 -13.05 -77.07 8.21
N THR O 343 -12.73 -75.93 7.59
CA THR O 343 -13.56 -75.42 6.52
C THR O 343 -13.58 -76.39 5.33
N ARG O 344 -12.41 -76.78 4.84
CA ARG O 344 -12.36 -77.59 3.63
C ARG O 344 -12.93 -78.99 3.89
N LEU O 345 -12.52 -79.64 4.98
CA LEU O 345 -13.01 -80.97 5.28
C LEU O 345 -14.53 -80.95 5.41
N PHE O 346 -15.06 -80.00 6.18
CA PHE O 346 -16.48 -80.02 6.47
C PHE O 346 -17.28 -79.65 5.23
N THR O 347 -16.77 -78.70 4.43
CA THR O 347 -17.47 -78.33 3.21
C THR O 347 -17.56 -79.50 2.25
N LYS O 348 -16.47 -80.26 2.07
CA LYS O 348 -16.59 -81.40 1.15
C LYS O 348 -17.36 -82.57 1.74
N ILE O 349 -17.29 -82.81 3.05
CA ILE O 349 -18.06 -83.93 3.58
C ILE O 349 -19.55 -83.62 3.50
N THR O 350 -19.93 -82.35 3.73
CA THR O 350 -21.33 -81.99 3.57
C THR O 350 -21.75 -81.94 2.12
N ASN O 351 -20.83 -81.57 1.21
CA ASN O 351 -21.08 -81.71 -0.22
C ASN O 351 -21.37 -83.16 -0.57
N GLN O 352 -20.61 -84.10 0.00
CA GLN O 352 -20.82 -85.51 -0.30
C GLN O 352 -22.13 -86.00 0.30
N LEU O 353 -22.51 -85.48 1.46
CA LEU O 353 -23.81 -85.84 2.02
C LEU O 353 -24.94 -85.37 1.11
N VAL O 354 -24.84 -84.15 0.60
CA VAL O 354 -25.84 -83.65 -0.34
C VAL O 354 -25.85 -84.49 -1.61
N ARG O 355 -24.66 -84.85 -2.11
CA ARG O 355 -24.57 -85.68 -3.31
C ARG O 355 -25.29 -87.01 -3.10
N ARG O 356 -25.02 -87.66 -1.98
CA ARG O 356 -25.61 -88.98 -1.73
C ARG O 356 -27.12 -88.87 -1.55
N CYS O 357 -27.58 -87.87 -0.81
CA CYS O 357 -29.02 -87.70 -0.62
C CYS O 357 -29.71 -87.43 -1.95
N LYS O 358 -29.14 -86.53 -2.76
CA LYS O 358 -29.75 -86.17 -4.03
C LYS O 358 -29.77 -87.38 -4.96
N GLU O 359 -28.74 -88.22 -4.92
CA GLU O 359 -28.74 -89.42 -5.74
C GLU O 359 -29.80 -90.41 -5.25
N GLN O 360 -29.86 -90.62 -3.93
CA GLN O 360 -30.78 -91.61 -3.37
C GLN O 360 -32.24 -91.20 -3.46
N ILE O 361 -32.53 -89.91 -3.66
CA ILE O 361 -33.90 -89.53 -3.99
C ILE O 361 -34.20 -89.76 -5.46
N MET O 362 -33.22 -89.50 -6.32
CA MET O 362 -33.41 -89.58 -7.77
C MET O 362 -33.27 -91.03 -8.23
N GLU O 363 -34.39 -91.66 -8.56
CA GLU O 363 -34.40 -92.95 -9.23
C GLU O 363 -35.46 -92.97 -10.33
N ASP O 371 -44.75 -94.08 -6.35
CA ASP O 371 -43.86 -92.95 -6.14
C ASP O 371 -43.89 -92.50 -4.69
N LYS O 372 -45.09 -92.42 -4.12
CA LYS O 372 -45.32 -91.56 -2.95
C LYS O 372 -44.51 -92.03 -1.75
N VAL O 373 -44.62 -93.32 -1.41
CA VAL O 373 -43.95 -93.82 -0.22
C VAL O 373 -42.44 -93.80 -0.40
N THR O 374 -41.96 -94.09 -1.61
CA THR O 374 -40.53 -94.00 -1.88
C THR O 374 -40.02 -92.57 -1.70
N LEU O 375 -40.75 -91.60 -2.25
CA LEU O 375 -40.32 -90.21 -2.15
C LEU O 375 -40.33 -89.73 -0.70
N ILE O 376 -41.39 -90.06 0.04
CA ILE O 376 -41.49 -89.63 1.43
C ILE O 376 -40.43 -90.32 2.29
N GLY O 377 -40.16 -91.59 2.02
CA GLY O 377 -39.10 -92.28 2.72
C GLY O 377 -37.73 -91.70 2.47
N ASN O 378 -37.42 -91.39 1.20
CA ASN O 378 -36.11 -90.87 0.87
C ASN O 378 -35.91 -89.48 1.46
N MET O 379 -36.95 -88.64 1.42
CA MET O 379 -36.85 -87.32 2.05
C MET O 379 -36.74 -87.43 3.55
N LYS O 380 -37.49 -88.34 4.19
CA LYS O 380 -37.34 -88.54 5.63
C LYS O 380 -35.93 -88.98 5.99
N VAL O 381 -35.37 -89.92 5.23
CA VAL O 381 -34.03 -90.42 5.53
C VAL O 381 -33.01 -89.30 5.39
N SER O 382 -33.10 -88.52 4.31
CA SER O 382 -32.11 -87.47 4.09
C SER O 382 -32.22 -86.37 5.15
N VAL O 383 -33.44 -85.98 5.51
CA VAL O 383 -33.62 -84.99 6.58
C VAL O 383 -33.11 -85.53 7.91
N GLU O 384 -33.35 -86.82 8.19
CA GLU O 384 -32.83 -87.41 9.42
C GLU O 384 -31.31 -87.45 9.42
N LEU O 385 -30.71 -87.67 8.25
CA LEU O 385 -29.25 -87.66 8.14
C LEU O 385 -28.70 -86.29 8.46
N ALA O 386 -29.29 -85.24 7.85
CA ALA O 386 -28.86 -83.88 8.14
C ALA O 386 -29.04 -83.54 9.61
N ASN O 387 -30.17 -83.98 10.20
CA ASN O 387 -30.45 -83.70 11.60
C ASN O 387 -29.43 -84.35 12.51
N VAL O 388 -29.08 -85.62 12.26
CA VAL O 388 -28.14 -86.28 13.15
C VAL O 388 -26.73 -85.74 12.92
N TYR O 389 -26.44 -85.30 11.70
CA TYR O 389 -25.14 -84.68 11.43
C TYR O 389 -24.98 -83.39 12.22
N ARG O 390 -25.97 -82.50 12.12
CA ARG O 390 -25.89 -81.24 12.85
C ARG O 390 -25.92 -81.47 14.36
N GLN O 391 -26.74 -82.40 14.84
CA GLN O 391 -26.80 -82.67 16.28
C GLN O 391 -25.47 -83.18 16.81
N GLN O 392 -24.84 -84.12 16.09
CA GLN O 392 -23.62 -84.68 16.64
C GLN O 392 -22.43 -83.74 16.43
N TYR O 393 -22.47 -82.89 15.41
CA TYR O 393 -21.44 -81.85 15.30
C TYR O 393 -21.60 -80.79 16.38
N ARG O 394 -22.83 -80.48 16.78
CA ARG O 394 -23.01 -79.51 17.84
C ARG O 394 -22.59 -80.09 19.18
N LEU O 395 -22.85 -81.38 19.40
CA LEU O 395 -22.30 -82.08 20.56
C LEU O 395 -20.77 -82.09 20.51
N ALA O 396 -20.20 -82.27 19.32
CA ALA O 396 -18.75 -82.27 19.18
C ALA O 396 -18.16 -80.92 19.53
N LYS O 397 -18.78 -79.83 19.06
CA LYS O 397 -18.30 -78.51 19.43
C LYS O 397 -18.47 -78.25 20.92
N GLU O 398 -19.56 -78.75 21.51
CA GLU O 398 -19.73 -78.62 22.96
C GLU O 398 -18.62 -79.33 23.71
N THR O 399 -18.25 -80.53 23.27
CA THR O 399 -17.16 -81.24 23.94
C THR O 399 -15.83 -80.51 23.74
N LEU O 400 -15.57 -80.08 22.49
CA LEU O 400 -14.32 -79.36 22.19
C LEU O 400 -14.20 -78.10 23.02
N ALA O 401 -15.32 -77.49 23.37
CA ALA O 401 -15.33 -76.42 24.37
C ALA O 401 -15.10 -76.99 25.76
N ALA O 402 -15.57 -78.22 25.99
CA ALA O 402 -15.60 -78.79 27.33
C ALA O 402 -14.19 -79.05 27.87
N GLN O 403 -13.31 -79.70 27.08
CA GLN O 403 -12.09 -80.21 27.71
C GLN O 403 -11.15 -79.06 28.09
N PRO O 404 -10.73 -78.16 27.18
CA PRO O 404 -9.75 -77.21 27.71
C PRO O 404 -10.41 -76.02 28.39
N GLU O 413 -20.43 -72.14 11.44
CA GLU O 413 -20.45 -73.22 10.46
C GLU O 413 -21.17 -72.78 9.19
N GLN O 414 -20.50 -71.92 8.40
CA GLN O 414 -21.21 -71.16 7.38
C GLN O 414 -21.71 -72.07 6.25
N ALA O 415 -20.86 -72.99 5.78
CA ALA O 415 -21.27 -73.87 4.70
C ALA O 415 -22.40 -74.79 5.14
N ILE O 416 -22.30 -75.34 6.35
CA ILE O 416 -23.36 -76.18 6.88
C ILE O 416 -24.66 -75.40 6.92
N PHE O 417 -24.65 -74.22 7.54
CA PHE O 417 -25.81 -73.33 7.53
C PHE O 417 -26.40 -73.22 6.13
N LEU O 418 -25.65 -72.66 5.18
CA LEU O 418 -26.26 -72.30 3.91
C LEU O 418 -26.77 -73.54 3.18
N LYS O 419 -25.92 -74.55 3.04
CA LYS O 419 -26.25 -75.66 2.17
C LYS O 419 -27.31 -76.57 2.80
N PHE O 420 -27.10 -77.01 4.05
CA PHE O 420 -28.14 -77.84 4.65
C PHE O 420 -29.40 -77.06 4.99
N ASP O 421 -29.34 -75.73 5.14
CA ASP O 421 -30.57 -74.98 5.36
C ASP O 421 -31.40 -74.92 4.07
N LEU O 422 -30.73 -74.68 2.93
CA LEU O 422 -31.47 -74.69 1.68
C LEU O 422 -31.99 -76.09 1.36
N SER O 423 -31.19 -77.12 1.67
CA SER O 423 -31.63 -78.49 1.45
C SER O 423 -32.82 -78.84 2.34
N SER O 424 -32.76 -78.45 3.62
CA SER O 424 -33.83 -78.82 4.53
C SER O 424 -35.10 -78.04 4.27
N LYS O 425 -35.00 -76.80 3.77
CA LYS O 425 -36.24 -76.09 3.43
C LYS O 425 -36.84 -76.63 2.13
N ALA O 426 -36.01 -76.89 1.11
CA ALA O 426 -36.53 -77.46 -0.13
C ALA O 426 -36.92 -78.93 0.03
N LEU O 427 -36.59 -79.56 1.15
CA LEU O 427 -37.13 -80.87 1.46
C LEU O 427 -38.38 -80.79 2.32
N HIS O 428 -38.42 -79.87 3.28
CA HIS O 428 -39.62 -79.70 4.11
C HIS O 428 -40.82 -79.27 3.26
N LYS O 429 -40.62 -78.33 2.33
CA LYS O 429 -41.75 -77.89 1.51
C LYS O 429 -42.32 -79.05 0.71
N LEU O 430 -41.46 -79.86 0.10
CA LEU O 430 -41.94 -80.93 -0.75
C LEU O 430 -42.48 -82.09 0.07
N ILE O 431 -41.92 -82.33 1.25
CA ILE O 431 -42.44 -83.42 2.08
C ILE O 431 -43.81 -83.07 2.64
N ASP O 432 -44.03 -81.80 3.00
CA ASP O 432 -45.36 -81.44 3.47
C ASP O 432 -46.35 -81.39 2.32
N MET O 433 -45.91 -80.95 1.14
CA MET O 433 -46.80 -80.95 -0.01
C MET O 433 -47.23 -82.36 -0.39
N PHE O 434 -46.27 -83.29 -0.45
CA PHE O 434 -46.60 -84.66 -0.81
C PHE O 434 -47.37 -85.38 0.30
N THR O 435 -47.11 -85.07 1.57
CA THR O 435 -47.92 -85.67 2.63
C THR O 435 -49.38 -85.21 2.53
N THR O 436 -49.60 -83.92 2.26
CA THR O 436 -50.97 -83.44 2.09
C THR O 436 -51.61 -84.07 0.86
N ILE O 437 -50.86 -84.19 -0.23
CA ILE O 437 -51.41 -84.76 -1.46
C ILE O 437 -51.78 -86.23 -1.23
N HIS O 438 -50.91 -86.99 -0.57
CA HIS O 438 -51.19 -88.39 -0.35
C HIS O 438 -52.30 -88.59 0.68
N GLN O 439 -52.44 -87.68 1.65
CA GLN O 439 -53.57 -87.73 2.56
C GLN O 439 -54.88 -87.44 1.84
N PHE O 440 -54.86 -86.58 0.82
CA PHE O 440 -56.04 -86.36 0.00
C PHE O 440 -56.17 -87.36 -1.15
N SER O 441 -55.21 -88.26 -1.29
CA SER O 441 -55.17 -89.20 -2.40
C SER O 441 -55.99 -90.47 -2.18
N SER O 442 -56.56 -90.67 -1.00
CA SER O 442 -57.44 -91.83 -0.82
C SER O 442 -58.80 -91.65 -1.48
N LEU O 443 -59.14 -90.42 -1.88
CA LEU O 443 -60.36 -90.13 -2.61
C LEU O 443 -60.30 -90.58 -4.07
N GLU O 444 -59.12 -90.92 -4.57
CA GLU O 444 -58.83 -90.85 -6.01
C GLU O 444 -59.43 -91.99 -6.82
N GLN O 445 -60.07 -92.98 -6.19
CA GLN O 445 -60.62 -94.11 -6.92
C GLN O 445 -62.11 -94.31 -6.72
N HIS O 446 -62.74 -93.57 -5.81
CA HIS O 446 -64.18 -93.66 -5.60
C HIS O 446 -64.90 -92.77 -6.62
N THR O 447 -64.89 -93.24 -7.85
CA THR O 447 -65.38 -92.49 -9.01
C THR O 447 -66.85 -92.73 -9.29
N HIS O 448 -67.51 -93.59 -8.52
CA HIS O 448 -68.91 -93.94 -8.77
C HIS O 448 -69.89 -93.06 -8.00
N ILE O 449 -69.43 -92.35 -6.97
CA ILE O 449 -70.28 -91.39 -6.29
C ILE O 449 -70.58 -90.25 -7.25
N GLU O 450 -71.84 -89.83 -7.29
CA GLU O 450 -72.31 -88.91 -8.34
C GLU O 450 -71.89 -87.47 -8.11
N GLY O 451 -70.93 -87.21 -7.23
CA GLY O 451 -70.43 -85.86 -7.06
C GLY O 451 -68.93 -85.77 -6.87
N LEU O 452 -68.19 -86.73 -7.41
CA LEU O 452 -66.73 -86.75 -7.28
C LEU O 452 -66.09 -87.09 -8.63
N ASP O 453 -66.59 -86.48 -9.70
CA ASP O 453 -66.12 -86.82 -11.05
C ASP O 453 -65.10 -85.82 -11.60
N THR O 454 -65.51 -84.55 -11.76
CA THR O 454 -64.60 -83.55 -12.29
C THR O 454 -63.83 -82.81 -11.20
N MET O 455 -64.20 -82.97 -9.93
CA MET O 455 -63.43 -82.37 -8.85
C MET O 455 -62.02 -82.98 -8.80
N LEU O 456 -61.93 -84.29 -9.00
CA LEU O 456 -60.61 -84.92 -8.99
C LEU O 456 -59.80 -84.52 -10.19
N LYS O 457 -60.46 -84.09 -11.28
CA LYS O 457 -59.72 -83.55 -12.41
C LYS O 457 -59.22 -82.15 -12.10
N SER O 458 -59.97 -81.38 -11.30
CA SER O 458 -59.45 -80.14 -10.75
C SER O 458 -58.21 -80.38 -9.91
N LEU O 459 -58.26 -81.36 -9.00
CA LEU O 459 -57.08 -81.69 -8.21
C LEU O 459 -55.92 -82.17 -9.08
N ASN O 460 -56.22 -82.87 -10.17
CA ASN O 460 -55.17 -83.34 -11.06
C ASN O 460 -54.54 -82.16 -11.80
N ASN O 461 -55.35 -81.19 -12.22
CA ASN O 461 -54.80 -79.99 -12.84
C ASN O 461 -53.97 -79.20 -11.85
N ILE O 462 -54.43 -79.09 -10.61
CA ILE O 462 -53.68 -78.39 -9.57
C ILE O 462 -52.32 -79.04 -9.37
N ILE O 463 -52.27 -80.38 -9.36
CA ILE O 463 -51.00 -81.06 -9.27
C ILE O 463 -50.15 -80.79 -10.51
N ASP O 464 -50.78 -80.86 -11.69
CA ASP O 464 -50.03 -80.92 -12.94
C ASP O 464 -49.41 -79.56 -13.28
N ASP O 465 -50.15 -78.48 -13.00
CA ASP O 465 -49.64 -77.16 -13.35
C ASP O 465 -48.39 -76.84 -12.52
N VAL O 466 -48.36 -77.30 -11.28
CA VAL O 466 -47.14 -77.18 -10.48
C VAL O 466 -46.06 -78.11 -11.03
N LYS O 467 -46.44 -79.34 -11.41
CA LYS O 467 -45.48 -80.33 -11.87
C LYS O 467 -45.27 -80.26 -13.39
N ARG O 468 -45.45 -79.08 -13.99
CA ARG O 468 -45.02 -78.84 -15.37
C ARG O 468 -44.13 -77.62 -15.48
N LYS O 469 -43.71 -77.07 -14.36
CA LYS O 469 -42.97 -75.82 -14.31
C LYS O 469 -41.49 -76.06 -14.59
N PRO O 470 -40.80 -75.09 -15.20
CA PRO O 470 -39.46 -75.37 -15.73
C PRO O 470 -38.43 -75.71 -14.67
N TYR O 471 -38.52 -75.11 -13.48
CA TYR O 471 -37.49 -75.30 -12.47
C TYR O 471 -37.45 -76.74 -12.00
N ASP O 472 -36.26 -77.18 -11.61
CA ASP O 472 -36.10 -78.46 -10.94
C ASP O 472 -36.56 -78.35 -9.49
N LEU O 473 -37.34 -79.32 -9.03
CA LEU O 473 -37.93 -79.23 -7.70
C LEU O 473 -36.89 -79.51 -6.62
N LEU O 474 -35.97 -80.42 -6.90
CA LEU O 474 -34.96 -80.82 -5.91
C LEU O 474 -33.88 -79.77 -5.73
N ASP O 475 -33.70 -78.87 -6.69
CA ASP O 475 -32.66 -77.86 -6.61
C ASP O 475 -33.10 -76.68 -5.75
N TYR O 476 -32.25 -76.29 -4.81
CA TYR O 476 -32.42 -75.03 -4.10
C TYR O 476 -31.67 -73.89 -4.81
N SER O 477 -31.23 -74.11 -6.05
CA SER O 477 -30.53 -73.08 -6.80
C SER O 477 -31.49 -72.08 -7.44
N ARG O 478 -32.78 -72.38 -7.45
CA ARG O 478 -33.80 -71.50 -8.03
C ARG O 478 -34.51 -70.71 -6.94
N ASN O 479 -35.11 -71.41 -5.97
CA ASN O 479 -35.79 -70.79 -4.83
C ASN O 479 -36.90 -69.83 -5.27
N ALA O 480 -37.50 -70.07 -6.44
CA ALA O 480 -38.67 -69.32 -6.87
C ALA O 480 -39.97 -70.12 -6.78
N PHE O 481 -39.89 -71.43 -6.55
CA PHE O 481 -41.08 -72.24 -6.33
C PHE O 481 -41.77 -71.93 -5.01
N ASP O 482 -41.16 -71.13 -4.15
CA ASP O 482 -41.77 -70.77 -2.87
C ASP O 482 -42.98 -69.85 -3.03
N THR O 483 -43.25 -69.33 -4.23
CA THR O 483 -44.53 -68.70 -4.49
C THR O 483 -45.53 -69.66 -5.11
N ASP O 484 -45.03 -70.64 -5.85
CA ASP O 484 -45.88 -71.69 -6.39
C ASP O 484 -46.48 -72.54 -5.28
N PHE O 485 -45.69 -72.83 -4.25
CA PHE O 485 -46.20 -73.63 -3.14
C PHE O 485 -47.29 -72.90 -2.38
N LEU O 486 -47.14 -71.59 -2.17
CA LEU O 486 -48.18 -70.82 -1.49
C LEU O 486 -49.33 -70.43 -2.39
N GLU O 487 -49.24 -70.68 -3.70
CA GLU O 487 -50.45 -70.71 -4.51
C GLU O 487 -51.13 -72.07 -4.51
N PHE O 488 -50.35 -73.15 -4.47
CA PHE O 488 -50.91 -74.49 -4.33
C PHE O 488 -51.67 -74.64 -3.01
N ASN O 489 -51.11 -74.08 -1.93
CA ASN O 489 -51.67 -74.21 -0.59
C ASN O 489 -53.01 -73.52 -0.42
N VAL O 490 -53.40 -72.63 -1.34
CA VAL O 490 -54.70 -71.98 -1.22
C VAL O 490 -55.76 -72.77 -1.95
N GLN O 491 -55.44 -73.36 -3.10
CA GLN O 491 -56.41 -74.20 -3.78
C GLN O 491 -56.52 -75.59 -3.17
N ILE O 492 -55.56 -75.98 -2.32
CA ILE O 492 -55.77 -77.19 -1.52
C ILE O 492 -56.86 -76.95 -0.48
N ASN O 493 -56.79 -75.80 0.22
CA ASN O 493 -57.86 -75.45 1.15
C ASN O 493 -59.17 -75.18 0.41
N ASP O 494 -59.08 -74.65 -0.81
CA ASP O 494 -60.28 -74.51 -1.63
C ASP O 494 -60.92 -75.86 -1.92
N LEU O 495 -60.10 -76.87 -2.25
CA LEU O 495 -60.63 -78.22 -2.44
C LEU O 495 -61.23 -78.76 -1.15
N GLU O 496 -60.57 -78.51 -0.02
CA GLU O 496 -61.11 -78.89 1.27
C GLU O 496 -62.51 -78.31 1.48
N LEU O 497 -62.66 -77.00 1.29
CA LEU O 497 -63.94 -76.37 1.59
C LEU O 497 -64.99 -76.71 0.53
N GLN O 498 -64.57 -76.97 -0.70
CA GLN O 498 -65.51 -77.46 -1.71
C GLN O 498 -66.05 -78.83 -1.34
N LEU O 499 -65.18 -79.73 -0.86
CA LEU O 499 -65.66 -81.04 -0.44
C LEU O 499 -66.50 -80.96 0.82
N GLN O 500 -66.16 -80.03 1.72
CA GLN O 500 -66.99 -79.82 2.91
C GLN O 500 -68.38 -79.33 2.53
N GLY O 501 -68.47 -78.39 1.59
CA GLY O 501 -69.77 -77.97 1.10
C GLY O 501 -70.52 -79.08 0.38
N PHE O 502 -69.79 -79.95 -0.32
CA PHE O 502 -70.44 -81.09 -0.97
C PHE O 502 -71.05 -82.03 0.05
N VAL O 503 -70.31 -82.32 1.12
CA VAL O 503 -70.85 -83.14 2.20
C VAL O 503 -72.05 -82.46 2.83
N ASN O 504 -71.94 -81.16 3.11
CA ASN O 504 -73.03 -80.41 3.69
C ASN O 504 -74.23 -80.31 2.75
N ALA O 505 -74.05 -80.59 1.47
CA ALA O 505 -75.03 -80.28 0.45
C ALA O 505 -75.82 -81.51 -0.01
N SER O 506 -75.35 -82.71 0.30
CA SER O 506 -76.00 -83.94 -0.09
C SER O 506 -76.78 -84.57 1.07
N PHE O 507 -77.08 -83.79 2.10
CA PHE O 507 -77.80 -84.27 3.28
C PHE O 507 -79.02 -83.40 3.54
N SER P 223 150.31 31.69 -27.08
CA SER P 223 150.09 30.97 -25.84
C SER P 223 148.97 31.61 -25.02
N GLN P 224 148.95 32.95 -25.04
CA GLN P 224 147.87 33.67 -24.36
C GLN P 224 146.53 33.43 -25.04
N GLN P 225 146.54 33.34 -26.37
CA GLN P 225 145.33 33.00 -27.11
C GLN P 225 144.78 31.65 -26.69
N LEU P 226 145.66 30.66 -26.46
CA LEU P 226 145.20 29.37 -25.99
C LEU P 226 144.45 29.51 -24.67
N LYS P 227 145.02 30.28 -23.72
CA LYS P 227 144.35 30.55 -22.46
C LYS P 227 142.98 31.18 -22.70
N LYS P 228 142.92 32.17 -23.58
CA LYS P 228 141.67 32.87 -23.86
C LYS P 228 140.61 31.91 -24.37
N ASP P 229 140.94 31.15 -25.42
CA ASP P 229 139.95 30.25 -26.00
C ASP P 229 139.54 29.17 -25.00
N SER P 230 140.48 28.74 -24.15
CA SER P 230 140.14 27.76 -23.12
C SER P 230 139.18 28.34 -22.10
N ALA P 231 139.36 29.62 -21.75
CA ALA P 231 138.43 30.28 -20.84
C ALA P 231 137.04 30.37 -21.46
N ASP P 232 136.98 30.70 -22.75
CA ASP P 232 135.69 30.74 -23.44
C ASP P 232 135.05 29.35 -23.46
N ASP P 233 135.87 28.32 -23.69
CA ASP P 233 135.37 26.96 -23.71
C ASP P 233 134.79 26.60 -22.34
N LEU P 234 135.48 27.01 -21.28
CA LEU P 234 135.00 26.75 -19.93
C LEU P 234 133.66 27.43 -19.71
N TYR P 235 133.54 28.69 -20.14
CA TYR P 235 132.30 29.42 -19.91
C TYR P 235 131.13 28.77 -20.65
N THR P 236 131.36 28.39 -21.91
CA THR P 236 130.30 27.72 -22.66
C THR P 236 129.94 26.37 -22.03
N LEU P 237 130.96 25.61 -21.62
CA LEU P 237 130.68 24.29 -21.08
C LEU P 237 129.90 24.41 -19.77
N THR P 238 130.27 25.37 -18.92
CA THR P 238 129.57 25.49 -17.65
C THR P 238 128.13 25.93 -17.88
N ALA P 239 127.92 26.84 -18.84
CA ALA P 239 126.55 27.21 -19.21
C ALA P 239 125.75 25.98 -19.63
N HIS P 240 126.37 25.10 -20.42
CA HIS P 240 125.71 23.86 -20.81
C HIS P 240 125.39 22.99 -19.60
N PHE P 241 126.32 22.95 -18.64
CA PHE P 241 126.09 22.14 -17.45
C PHE P 241 124.94 22.68 -16.62
N ASN P 242 124.85 24.01 -16.48
CA ASN P 242 123.73 24.59 -15.75
C ASN P 242 122.38 24.37 -16.46
N GLU P 243 122.33 24.52 -17.78
CA GLU P 243 121.07 24.27 -18.49
C GLU P 243 120.64 22.81 -18.35
N MET P 244 121.58 21.88 -18.49
CA MET P 244 121.26 20.47 -18.31
C MET P 244 120.88 20.15 -16.87
N ARG P 245 121.49 20.83 -15.91
CA ARG P 245 121.11 20.66 -14.51
C ARG P 245 119.66 21.06 -14.28
N ALA P 246 119.26 22.22 -14.82
CA ALA P 246 117.87 22.64 -14.71
C ALA P 246 116.94 21.63 -15.38
N ALA P 247 117.34 21.13 -16.55
CA ALA P 247 116.52 20.15 -17.26
C ALA P 247 116.32 18.88 -16.42
N LYS P 248 117.40 18.36 -15.84
CA LYS P 248 117.28 17.12 -15.08
C LYS P 248 116.53 17.34 -13.77
N GLU P 249 116.65 18.52 -13.17
CA GLU P 249 115.86 18.83 -11.97
C GLU P 249 114.38 18.84 -12.31
N GLN P 250 114.04 19.44 -13.45
CA GLN P 250 112.65 19.41 -13.90
C GLN P 250 112.20 17.98 -14.09
N ALA P 251 113.10 17.11 -14.56
CA ALA P 251 112.74 15.71 -14.71
C ALA P 251 112.41 15.06 -13.36
N GLU P 252 113.29 15.23 -12.35
CA GLU P 252 112.99 14.55 -11.09
C GLU P 252 111.82 15.18 -10.32
N ARG P 253 111.40 16.40 -10.64
CA ARG P 253 110.28 16.94 -9.88
C ARG P 253 108.96 16.22 -10.17
N GLU P 254 108.66 15.92 -11.42
CA GLU P 254 107.35 15.31 -11.72
C GLU P 254 107.24 13.86 -11.26
N LEU P 255 108.35 13.23 -10.91
CA LEU P 255 108.29 11.85 -10.41
C LEU P 255 107.44 11.76 -9.15
N ALA P 256 107.67 12.66 -8.19
CA ALA P 256 106.89 12.61 -6.96
C ALA P 256 105.41 12.85 -7.20
N ARG P 257 105.07 13.78 -8.11
CA ARG P 257 103.67 14.01 -8.43
C ARG P 257 103.03 12.74 -9.00
N MET P 258 103.74 12.07 -9.93
CA MET P 258 103.20 10.83 -10.49
C MET P 258 103.04 9.75 -9.42
N LYS P 259 104.00 9.65 -8.49
CA LYS P 259 103.87 8.69 -7.41
C LYS P 259 102.65 8.96 -6.57
N ARG P 260 102.44 10.23 -6.20
CA ARG P 260 101.28 10.59 -5.38
C ARG P 260 99.98 10.30 -6.11
N MET P 261 99.89 10.69 -7.38
CA MET P 261 98.65 10.46 -8.12
C MET P 261 98.35 8.98 -8.26
N LEU P 262 99.37 8.15 -8.52
CA LEU P 262 99.17 6.72 -8.57
C LEU P 262 98.70 6.18 -7.22
N GLU P 263 99.33 6.60 -6.14
CA GLU P 263 98.97 6.07 -4.82
C GLU P 263 97.56 6.48 -4.43
N GLU P 264 97.18 7.73 -4.71
CA GLU P 264 95.84 8.17 -4.34
C GLU P 264 94.77 7.51 -5.19
N THR P 265 95.06 7.27 -6.47
CA THR P 265 94.11 6.51 -7.27
C THR P 265 93.96 5.08 -6.77
N ARG P 266 95.06 4.48 -6.31
CA ARG P 266 94.97 3.13 -5.77
C ARG P 266 94.18 3.08 -4.47
N VAL P 267 94.38 4.05 -3.58
CA VAL P 267 93.60 4.10 -2.35
C VAL P 267 92.12 4.33 -2.66
N ASP P 268 91.84 5.25 -3.58
CA ASP P 268 90.45 5.53 -3.95
C ASP P 268 89.76 4.28 -4.46
N TRP P 269 90.40 3.56 -5.38
CA TRP P 269 89.74 2.40 -5.94
C TRP P 269 89.69 1.24 -4.96
N GLN P 270 90.66 1.13 -4.05
CA GLN P 270 90.55 0.11 -3.01
C GLN P 270 89.36 0.39 -2.09
N LYS P 271 89.16 1.64 -1.70
CA LYS P 271 88.00 1.96 -0.87
C LYS P 271 86.70 1.74 -1.64
N LYS P 272 86.70 2.05 -2.93
CA LYS P 272 85.49 1.84 -3.74
C LYS P 272 85.18 0.35 -3.85
N LEU P 273 86.22 -0.47 -4.04
CA LEU P 273 86.01 -1.92 -4.07
C LEU P 273 85.60 -2.45 -2.71
N ARG P 274 86.05 -1.83 -1.61
CA ARG P 274 85.60 -2.27 -0.31
C ARG P 274 84.11 -2.00 -0.10
N GLU P 275 83.66 -0.81 -0.49
CA GLU P 275 82.23 -0.54 -0.35
C GLU P 275 81.41 -1.31 -1.37
N ARG P 276 82.02 -1.73 -2.49
CA ARG P 276 81.34 -2.62 -3.42
C ARG P 276 81.23 -4.04 -2.86
N ARG P 277 82.29 -4.52 -2.20
CA ARG P 277 82.27 -5.87 -1.66
C ARG P 277 81.28 -5.99 -0.50
N ARG P 278 81.37 -5.09 0.47
CA ARG P 278 80.48 -5.10 1.62
C ARG P 278 79.04 -4.75 1.26
N VAL P 280 80.04 -7.92 -2.61
CA VAL P 280 79.42 -9.23 -2.77
C VAL P 280 78.64 -9.61 -1.52
N ARG P 281 78.63 -8.72 -0.53
CA ARG P 281 77.90 -9.01 0.70
C ARG P 281 76.41 -9.16 0.46
N GLU P 282 75.84 -8.30 -0.40
CA GLU P 282 74.42 -8.40 -0.72
C GLU P 282 74.12 -9.72 -1.42
N LEU P 283 74.97 -10.12 -2.37
CA LEU P 283 74.78 -11.39 -3.05
C LEU P 283 74.89 -12.55 -2.06
N LYS P 284 75.85 -12.47 -1.14
CA LYS P 284 76.01 -13.52 -0.14
C LYS P 284 74.78 -13.61 0.74
N LYS P 285 74.22 -12.47 1.15
CA LYS P 285 73.02 -12.47 1.96
C LYS P 285 71.84 -13.07 1.21
N ARG P 286 71.70 -12.73 -0.08
CA ARG P 286 70.63 -13.31 -0.88
C ARG P 286 70.81 -14.81 -1.00
N GLN P 287 72.06 -15.26 -1.22
CA GLN P 287 72.33 -16.69 -1.31
C GLN P 287 72.00 -17.38 0.00
N GLN P 288 72.33 -16.76 1.13
CA GLN P 288 72.02 -17.33 2.43
C GLN P 288 70.51 -17.46 2.61
N LYS P 289 69.77 -16.44 2.19
CA LYS P 289 68.31 -16.50 2.27
C LYS P 289 67.77 -17.63 1.41
N GLN P 290 68.31 -17.77 0.20
CA GLN P 290 67.88 -18.86 -0.68
C GLN P 290 68.19 -20.21 -0.08
N LEU P 291 69.38 -20.35 0.51
CA LEU P 291 69.77 -21.62 1.15
C LEU P 291 68.84 -21.95 2.31
N GLU P 292 68.50 -20.94 3.12
CA GLU P 292 67.58 -21.16 4.23
C GLU P 292 66.22 -21.58 3.71
N ARG P 293 65.76 -20.95 2.63
CA ARG P 293 64.49 -21.32 2.03
C ARG P 293 64.55 -22.76 1.52
N GLU P 294 65.68 -23.14 0.91
CA GLU P 294 65.83 -24.51 0.42
C GLU P 294 65.80 -25.51 1.57
N ARG P 295 66.46 -25.17 2.69
CA ARG P 295 66.43 -26.05 3.84
C ARG P 295 65.01 -26.20 4.38
N LYS P 296 64.28 -25.08 4.44
CA LYS P 296 62.89 -25.13 4.87
C LYS P 296 62.05 -25.98 3.93
N MET P 297 62.30 -25.84 2.62
CA MET P 297 61.58 -26.64 1.63
C MET P 297 61.90 -28.12 1.81
N ARG P 298 63.16 -28.45 2.08
CA ARG P 298 63.52 -29.84 2.32
C ARG P 298 62.81 -30.38 3.55
N GLU P 299 62.73 -29.56 4.61
CA GLU P 299 62.01 -29.98 5.81
C GLU P 299 60.53 -30.20 5.49
N LYS P 300 59.95 -29.31 4.68
CA LYS P 300 58.55 -29.46 4.29
C LYS P 300 58.35 -30.73 3.48
N GLN P 301 59.28 -31.02 2.57
CA GLN P 301 59.20 -32.25 1.78
C GLN P 301 59.28 -33.47 2.67
N LEU P 302 60.16 -33.42 3.68
CA LEU P 302 60.26 -34.53 4.63
C LEU P 302 58.96 -34.69 5.39
N GLU P 303 58.35 -33.57 5.79
CA GLU P 303 57.06 -33.63 6.47
C GLU P 303 55.99 -34.24 5.58
N ARG P 304 56.00 -33.87 4.29
CA ARG P 304 55.05 -34.44 3.34
C ARG P 304 55.26 -35.94 3.20
N GLU P 305 56.53 -36.37 3.14
CA GLU P 305 56.83 -37.79 3.06
C GLU P 305 56.35 -38.52 4.31
N ARG P 306 56.54 -37.89 5.48
CA ARG P 306 56.06 -38.48 6.73
C ARG P 306 54.55 -38.60 6.72
N GLN P 307 53.86 -37.58 6.20
CA GLN P 307 52.41 -37.62 6.10
C GLN P 307 51.97 -38.75 5.18
N GLU P 308 52.67 -38.93 4.06
CA GLU P 308 52.35 -40.02 3.15
C GLU P 308 52.55 -41.36 3.83
N ARG P 309 53.63 -41.50 4.60
CA ARG P 309 53.89 -42.72 5.35
C ARG P 309 52.78 -42.97 6.36
N GLU P 310 52.33 -41.91 7.04
CA GLU P 310 51.24 -42.04 7.99
C GLU P 310 49.96 -42.50 7.30
N LEU P 311 49.68 -41.96 6.12
CA LEU P 311 48.51 -42.38 5.37
C LEU P 311 48.62 -43.85 4.98
N GLN P 312 49.82 -44.27 4.57
CA GLN P 312 50.04 -45.67 4.22
C GLN P 312 49.84 -46.55 5.44
N ALA P 313 50.32 -46.10 6.60
CA ALA P 313 50.12 -46.85 7.84
C ALA P 313 48.64 -46.97 8.18
N LYS P 314 47.89 -45.89 8.00
CA LYS P 314 46.45 -45.94 8.25
C LYS P 314 45.80 -46.94 7.32
N LEU P 315 46.21 -46.94 6.05
CA LEU P 315 45.71 -47.94 5.09
C LEU P 315 46.00 -49.34 5.62
N LYS P 316 47.27 -49.61 5.92
CA LYS P 316 47.67 -50.89 6.50
C LYS P 316 46.77 -51.29 7.66
N MET P 317 46.43 -50.35 8.54
CA MET P 317 45.53 -50.65 9.65
C MET P 317 44.14 -51.01 9.14
N GLU P 318 43.64 -50.27 8.14
CA GLU P 318 42.31 -50.49 7.59
C GLU P 318 42.30 -51.70 6.67
N GLN P 319 43.44 -52.37 6.56
CA GLN P 319 43.64 -53.59 5.79
C GLN P 319 43.76 -54.77 6.74
N ASP P 320 44.55 -54.61 7.81
CA ASP P 320 44.64 -55.62 8.84
C ASP P 320 43.27 -55.87 9.45
N SER P 321 42.54 -54.79 9.75
CA SER P 321 41.18 -54.95 10.27
C SER P 321 40.32 -55.73 9.28
N TYR P 322 40.41 -55.37 8.00
CA TYR P 322 39.68 -56.10 6.96
C TYR P 322 40.04 -57.57 6.99
N GLU P 323 41.33 -57.86 7.17
CA GLU P 323 41.82 -59.24 7.15
C GLU P 323 41.21 -60.02 8.30
N MET P 324 41.30 -59.47 9.51
CA MET P 324 40.74 -60.15 10.68
C MET P 324 39.25 -60.37 10.49
N ARG P 325 38.54 -59.38 9.95
CA ARG P 325 37.12 -59.54 9.67
C ARG P 325 36.88 -60.66 8.67
N VAL P 326 37.73 -60.73 7.64
CA VAL P 326 37.61 -61.80 6.64
C VAL P 326 37.82 -63.16 7.29
N ALA P 327 38.78 -63.27 8.19
CA ALA P 327 38.99 -64.54 8.88
C ALA P 327 37.77 -64.88 9.74
N ALA P 328 37.21 -63.88 10.43
CA ALA P 328 35.96 -64.07 11.16
C ALA P 328 34.79 -64.41 10.24
N LEU P 329 34.94 -64.16 8.93
CA LEU P 329 33.88 -64.48 7.99
C LEU P 329 33.61 -65.98 7.96
N ALA P 330 34.66 -66.81 8.07
CA ALA P 330 34.43 -68.25 8.08
C ALA P 330 33.58 -68.66 9.27
N PRO P 331 33.85 -68.08 10.44
CA PRO P 331 33.04 -68.37 11.62
C PRO P 331 31.61 -67.88 11.41
N LYS P 332 31.46 -66.70 10.81
CA LYS P 332 30.13 -66.17 10.52
C LYS P 332 29.37 -67.09 9.58
N VAL P 333 30.05 -67.60 8.55
CA VAL P 333 29.41 -68.50 7.61
C VAL P 333 28.99 -69.79 8.29
N GLU P 334 29.84 -70.33 9.16
CA GLU P 334 29.48 -71.55 9.88
C GLU P 334 28.28 -71.31 10.78
N ALA P 335 28.26 -70.18 11.49
CA ALA P 335 27.13 -69.85 12.36
C ALA P 335 25.85 -69.68 11.55
N MET P 336 25.94 -69.00 10.40
CA MET P 336 24.77 -68.80 9.55
C MET P 336 24.25 -70.13 9.04
N GLU P 337 25.15 -71.04 8.63
CA GLU P 337 24.72 -72.35 8.15
C GLU P 337 24.04 -73.13 9.26
N HIS P 338 24.60 -73.09 10.46
CA HIS P 338 23.98 -73.79 11.59
C HIS P 338 22.61 -73.21 11.90
N SER P 339 22.50 -71.88 11.91
CA SER P 339 21.21 -71.25 12.20
C SER P 339 20.18 -71.60 11.13
N TRP P 340 20.58 -71.58 9.85
CA TRP P 340 19.66 -71.92 8.78
C TRP P 340 19.19 -73.36 8.88
N ASN P 341 20.12 -74.28 9.18
CA ASN P 341 19.76 -75.68 9.33
C ASN P 341 18.80 -75.86 10.51
N ARG P 342 19.08 -75.20 11.64
CA ARG P 342 18.20 -75.31 12.80
C ARG P 342 16.81 -74.76 12.49
N ILE P 343 16.74 -73.60 11.81
CA ILE P 343 15.44 -73.04 11.47
C ILE P 343 14.68 -73.96 10.53
N ARG P 344 15.36 -74.52 9.53
CA ARG P 344 14.70 -75.42 8.59
C ARG P 344 14.20 -76.67 9.30
N THR P 345 15.02 -77.23 10.20
CA THR P 345 14.61 -78.42 10.94
C THR P 345 13.39 -78.15 11.80
N ILE P 346 13.33 -76.99 12.44
CA ILE P 346 12.21 -76.65 13.30
C ILE P 346 10.97 -76.31 12.48
N ALA P 349 12.67 -66.08 19.02
CA ALA P 349 11.94 -66.49 17.82
C ALA P 349 12.16 -67.97 17.52
N ASP P 350 13.36 -68.30 17.05
CA ASP P 350 13.68 -69.71 16.76
C ASP P 350 13.65 -70.56 18.02
N THR P 351 14.22 -70.05 19.12
CA THR P 351 14.20 -70.79 20.37
C THR P 351 12.78 -70.98 20.88
N PRO P 352 11.95 -69.93 20.78
CA PRO P 352 10.56 -70.04 21.21
C PRO P 352 9.82 -71.07 20.35
N GLU P 353 10.05 -71.05 19.04
CA GLU P 353 9.41 -72.01 18.16
C GLU P 353 9.83 -73.44 18.50
N GLU P 354 11.12 -73.65 18.76
CA GLU P 354 11.58 -74.98 19.12
C GLU P 354 10.97 -75.45 20.43
N VAL P 355 10.90 -74.56 21.43
CA VAL P 355 10.29 -74.92 22.70
C VAL P 355 8.81 -75.24 22.53
N LEU P 356 8.11 -74.45 21.73
CA LEU P 356 6.69 -74.72 21.47
C LEU P 356 6.51 -76.06 20.77
N ALA P 357 7.37 -76.35 19.79
CA ALA P 357 7.27 -77.63 19.09
C ALA P 357 7.51 -78.79 20.04
N TYR P 358 8.51 -78.67 20.92
CA TYR P 358 8.78 -79.75 21.88
C TYR P 358 7.61 -79.95 22.83
N TRP P 359 7.05 -78.84 23.34
CA TRP P 359 5.92 -78.95 24.25
C TRP P 359 4.71 -79.56 23.56
N GLU P 360 4.46 -79.14 22.31
CA GLU P 360 3.34 -79.69 21.55
C GLU P 360 3.53 -81.19 21.31
N GLY P 361 4.75 -81.60 20.97
CA GLY P 361 5.03 -83.01 20.76
C GLY P 361 4.80 -83.81 22.04
N LEU P 362 5.27 -83.30 23.18
CA LEU P 362 5.06 -84.00 24.44
C LEU P 362 3.57 -84.12 24.76
N LYS P 363 2.82 -83.02 24.59
CA LYS P 363 1.39 -83.06 24.86
C LYS P 363 0.69 -84.04 23.93
N ALA P 364 1.09 -84.04 22.65
CA ALA P 364 0.49 -84.96 21.69
C ALA P 364 0.77 -86.41 22.07
N LYS P 365 2.00 -86.70 22.51
CA LYS P 365 2.33 -88.06 22.93
C LYS P 365 1.49 -88.48 24.13
N GLU P 366 1.33 -87.57 25.10
CA GLU P 366 0.51 -87.88 26.27
C GLU P 366 -0.94 -88.16 25.87
N GLU P 367 -1.54 -87.22 25.13
CA GLU P 367 -2.90 -87.40 24.62
C GLU P 367 -3.03 -88.69 23.83
N GLN P 368 -2.02 -89.02 23.02
CA GLN P 368 -2.04 -90.26 22.25
C GLN P 368 -2.08 -91.48 23.16
N MET P 369 -1.26 -91.49 24.20
CA MET P 369 -1.28 -92.63 25.12
C MET P 369 -2.63 -92.76 25.80
N ARG P 370 -3.19 -91.62 26.23
CA ARG P 370 -4.50 -91.65 26.89
C ARG P 370 -5.57 -92.15 25.93
N SER P 371 -5.53 -91.68 24.69
CA SER P 371 -6.51 -92.09 23.69
C SER P 371 -6.40 -93.58 23.40
N LEU P 372 -5.18 -94.05 23.14
CA LEU P 372 -4.95 -95.47 22.94
C LEU P 372 -5.51 -96.29 24.10
N VAL P 373 -5.31 -95.83 25.34
CA VAL P 373 -5.88 -96.53 26.48
C VAL P 373 -7.40 -96.55 26.43
N SER P 374 -8.00 -95.41 26.07
CA SER P 374 -9.45 -95.32 25.96
C SER P 374 -9.97 -96.30 24.91
N LEU P 375 -9.33 -96.31 23.73
CA LEU P 375 -9.73 -97.20 22.65
C LEU P 375 -9.60 -98.66 23.07
N ALA P 376 -8.51 -99.00 23.77
CA ALA P 376 -8.34 -100.37 24.23
C ALA P 376 -9.46 -100.74 25.20
N GLU P 377 -9.81 -99.83 26.11
CA GLU P 377 -10.89 -100.12 27.04
C GLU P 377 -12.21 -100.30 26.30
N GLN P 378 -12.48 -99.46 25.30
CA GLN P 378 -13.71 -99.59 24.53
C GLN P 378 -13.75 -100.91 23.77
N ARG P 379 -12.62 -101.32 23.20
CA ARG P 379 -12.55 -102.58 22.48
C ARG P 379 -12.79 -103.76 23.42
N GLU P 380 -12.21 -103.71 24.63
CA GLU P 380 -12.43 -104.77 25.60
C GLU P 380 -13.90 -104.87 25.98
N SER P 381 -14.54 -103.72 26.20
CA SER P 381 -15.95 -103.71 26.58
C SER P 381 -16.82 -104.32 25.48
N SER P 382 -16.55 -103.96 24.23
CA SER P 382 -17.31 -104.48 23.10
C SER P 382 -17.13 -105.99 22.96
N SER Q 175 155.69 29.97 -19.40
CA SER Q 175 155.76 28.70 -18.70
C SER Q 175 154.59 28.55 -17.71
N ASN Q 176 154.28 29.66 -17.03
CA ASN Q 176 153.13 29.69 -16.14
C ASN Q 176 151.84 29.39 -16.90
N LEU Q 177 151.69 29.98 -18.09
CA LEU Q 177 150.50 29.77 -18.90
C LEU Q 177 150.30 28.28 -19.17
N GLU Q 178 151.40 27.54 -19.32
CA GLU Q 178 151.28 26.10 -19.47
C GLU Q 178 150.61 25.51 -18.24
N ARG Q 179 151.00 25.96 -17.05
CA ARG Q 179 150.41 25.46 -15.82
C ARG Q 179 148.90 25.73 -15.77
N GLU Q 180 148.47 26.98 -16.05
CA GLU Q 180 147.03 27.23 -15.99
C GLU Q 180 146.28 26.45 -17.07
N LEU Q 181 146.86 26.32 -18.27
CA LEU Q 181 146.16 25.57 -19.30
C LEU Q 181 146.04 24.11 -18.94
N ALA Q 182 147.05 23.54 -18.27
CA ALA Q 182 146.95 22.16 -17.80
C ALA Q 182 145.83 22.01 -16.78
N LYS Q 183 145.77 22.91 -15.79
CA LYS Q 183 144.69 22.81 -14.82
C LYS Q 183 143.34 22.96 -15.50
N LEU Q 184 143.25 23.83 -16.49
CA LEU Q 184 141.98 24.05 -17.17
C LEU Q 184 141.54 22.81 -17.93
N LYS Q 185 142.45 22.13 -18.63
CA LYS Q 185 142.03 20.91 -19.32
C LYS Q 185 141.65 19.79 -18.35
N ARG Q 186 142.31 19.69 -17.19
CA ARG Q 186 141.81 18.75 -16.19
C ARG Q 186 140.40 19.10 -15.74
N ASP Q 187 140.12 20.38 -15.48
CA ASP Q 187 138.76 20.75 -15.10
C ASP Q 187 137.77 20.47 -16.22
N MET Q 188 138.17 20.68 -17.48
CA MET Q 188 137.32 20.34 -18.62
C MET Q 188 136.96 18.86 -18.63
N ALA Q 189 137.96 17.99 -18.45
CA ALA Q 189 137.67 16.57 -18.43
C ALA Q 189 136.78 16.20 -17.26
N ASP Q 190 137.03 16.79 -16.09
CA ASP Q 190 136.22 16.46 -14.92
C ASP Q 190 134.77 16.90 -15.10
N MET Q 191 134.54 18.12 -15.60
CA MET Q 191 133.17 18.57 -15.83
C MET Q 191 132.49 17.72 -16.89
N ILE Q 192 133.23 17.32 -17.92
CA ILE Q 192 132.68 16.37 -18.89
C ILE Q 192 132.19 15.12 -18.17
N GLN Q 193 133.01 14.59 -17.27
CA GLN Q 193 132.61 13.39 -16.52
C GLN Q 193 131.34 13.64 -15.71
N GLN Q 194 131.25 14.80 -15.03
CA GLN Q 194 130.03 15.04 -14.25
C GLN Q 194 128.81 15.17 -15.15
N ALA Q 195 128.96 15.85 -16.29
CA ALA Q 195 127.85 15.96 -17.22
C ALA Q 195 127.40 14.60 -17.72
N ASN Q 196 128.35 13.71 -18.01
CA ASN Q 196 127.99 12.35 -18.44
C ASN Q 196 127.26 11.60 -17.34
N GLY Q 197 127.72 11.76 -16.09
CA GLY Q 197 127.03 11.13 -14.98
C GLY Q 197 125.62 11.65 -14.82
N ALA Q 198 125.44 12.96 -14.99
CA ALA Q 198 124.12 13.57 -14.95
C ALA Q 198 123.23 13.00 -16.05
N PHE Q 199 123.79 12.83 -17.26
CA PHE Q 199 123.01 12.26 -18.35
C PHE Q 199 122.54 10.86 -17.99
N GLU Q 200 123.43 10.06 -17.38
CA GLU Q 200 123.05 8.71 -17.02
C GLU Q 200 121.98 8.71 -15.93
N ALA Q 201 122.12 9.59 -14.93
CA ALA Q 201 121.10 9.70 -13.90
C ALA Q 201 119.75 10.13 -14.46
N ARG Q 202 119.75 11.10 -15.38
CA ARG Q 202 118.49 11.57 -15.93
C ARG Q 202 117.81 10.49 -16.76
N GLU Q 203 118.57 9.79 -17.61
CA GLU Q 203 117.94 8.73 -18.41
C GLU Q 203 117.47 7.59 -17.53
N LYS Q 204 118.21 7.28 -16.46
CA LYS Q 204 117.75 6.29 -15.48
C LYS Q 204 116.41 6.71 -14.88
N ALA Q 205 116.32 7.97 -14.43
CA ALA Q 205 115.08 8.44 -13.83
C ALA Q 205 113.94 8.37 -14.83
N ILE Q 206 114.20 8.69 -16.10
CA ILE Q 206 113.15 8.63 -17.12
C ILE Q 206 112.70 7.19 -17.34
N GLY Q 207 113.64 6.24 -17.33
CA GLY Q 207 113.27 4.84 -17.40
C GLY Q 207 112.38 4.43 -16.24
N GLU Q 208 112.72 4.92 -15.04
CA GLU Q 208 111.89 4.64 -13.88
C GLU Q 208 110.49 5.19 -14.07
N MET Q 209 110.40 6.40 -14.66
CA MET Q 209 109.09 6.98 -14.96
C MET Q 209 108.28 6.06 -15.86
N ASN Q 210 108.90 5.57 -16.93
CA ASN Q 210 108.20 4.72 -17.88
C ASN Q 210 107.74 3.43 -17.20
N ALA Q 211 108.62 2.80 -16.42
CA ALA Q 211 108.25 1.54 -15.76
C ALA Q 211 107.10 1.76 -14.79
N LEU Q 212 107.17 2.82 -13.99
CA LEU Q 212 106.08 3.13 -13.07
C LEU Q 212 104.78 3.37 -13.82
N LYS Q 213 104.84 4.09 -14.94
CA LYS Q 213 103.64 4.34 -15.74
C LYS Q 213 103.04 3.03 -16.22
N ALA Q 214 103.87 2.13 -16.73
CA ALA Q 214 103.38 0.86 -17.23
C ALA Q 214 102.70 0.07 -16.13
N GLN Q 215 103.36 -0.02 -14.96
CA GLN Q 215 102.75 -0.70 -13.83
C GLN Q 215 101.42 -0.07 -13.43
N ALA Q 216 101.36 1.26 -13.49
CA ALA Q 216 100.12 1.97 -13.18
C ALA Q 216 99.00 1.57 -14.13
N ASP Q 217 99.30 1.57 -15.44
CA ASP Q 217 98.29 1.19 -16.41
C ASP Q 217 97.80 -0.24 -16.18
N LYS Q 218 98.73 -1.16 -15.92
CA LYS Q 218 98.33 -2.55 -15.70
C LYS Q 218 97.44 -2.67 -14.46
N GLU Q 219 97.83 -2.02 -13.37
CA GLU Q 219 97.06 -2.11 -12.13
C GLU Q 219 95.68 -1.48 -12.28
N GLN Q 220 95.59 -0.31 -12.92
CA GLN Q 220 94.29 0.33 -13.10
C GLN Q 220 93.39 -0.52 -13.98
N GLN Q 221 93.94 -1.11 -15.04
CA GLN Q 221 93.13 -1.98 -15.88
C GLN Q 221 92.59 -3.16 -15.08
N GLY Q 222 93.46 -3.79 -14.28
CA GLY Q 222 93.01 -4.91 -13.47
C GLY Q 222 91.92 -4.54 -12.50
N PHE Q 223 92.07 -3.40 -11.80
CA PHE Q 223 91.09 -3.06 -10.78
C PHE Q 223 89.76 -2.61 -11.40
N GLU Q 224 89.80 -1.88 -12.52
CA GLU Q 224 88.52 -1.55 -13.15
C GLU Q 224 87.84 -2.78 -13.74
N GLU Q 225 88.60 -3.74 -14.25
CA GLU Q 225 87.99 -4.98 -14.72
C GLU Q 225 87.34 -5.76 -13.58
N GLU Q 226 88.03 -5.85 -12.44
CA GLU Q 226 87.45 -6.57 -11.31
C GLU Q 226 86.22 -5.85 -10.75
N TRP Q 227 86.26 -4.52 -10.69
CA TRP Q 227 85.08 -3.78 -10.26
C TRP Q 227 83.90 -3.98 -11.19
N ARG Q 228 84.16 -3.96 -12.50
CA ARG Q 228 83.08 -4.18 -13.46
C ARG Q 228 82.52 -5.59 -13.34
N GLN Q 229 83.38 -6.57 -13.08
CA GLN Q 229 82.91 -7.94 -12.90
C GLN Q 229 82.03 -8.06 -11.66
N LEU Q 230 82.44 -7.45 -10.56
CA LEU Q 230 81.63 -7.52 -9.35
C LEU Q 230 80.30 -6.80 -9.52
N THR Q 231 80.31 -5.63 -10.18
CA THR Q 231 79.06 -4.89 -10.33
C THR Q 231 78.10 -5.59 -11.28
N THR Q 232 78.61 -6.20 -12.36
CA THR Q 232 77.69 -6.93 -13.22
C THR Q 232 77.16 -8.18 -12.50
N ILE Q 233 77.97 -8.81 -11.66
CA ILE Q 233 77.49 -9.97 -10.93
C ILE Q 233 76.34 -9.58 -10.00
N ILE Q 234 76.55 -8.53 -9.19
CA ILE Q 234 75.50 -8.14 -8.26
C ILE Q 234 74.25 -7.65 -8.98
N GLU Q 235 74.42 -6.90 -10.08
CA GLU Q 235 73.23 -6.43 -10.81
C GLU Q 235 72.44 -7.59 -11.38
N GLU Q 236 73.12 -8.61 -11.93
CA GLU Q 236 72.41 -9.80 -12.38
C GLU Q 236 71.67 -10.45 -11.21
N ASP Q 237 72.36 -10.61 -10.08
CA ASP Q 237 71.71 -11.19 -8.91
C ASP Q 237 70.42 -10.47 -8.56
N LYS Q 238 70.44 -9.14 -8.57
CA LYS Q 238 69.21 -8.38 -8.34
C LYS Q 238 68.16 -8.65 -9.43
N LYS Q 239 68.60 -8.78 -10.68
CA LYS Q 239 67.63 -8.99 -11.76
C LYS Q 239 66.95 -10.34 -11.62
N GLU Q 240 67.72 -11.39 -11.33
CA GLU Q 240 67.14 -12.71 -11.14
C GLU Q 240 66.28 -12.78 -9.88
N ARG Q 241 66.67 -12.06 -8.82
CA ARG Q 241 65.81 -11.99 -7.64
C ARG Q 241 64.47 -11.33 -7.98
N GLU Q 242 64.52 -10.29 -8.80
CA GLU Q 242 63.30 -9.59 -9.21
C GLU Q 242 62.43 -10.48 -10.09
N ARG Q 243 63.05 -11.30 -10.94
CA ARG Q 243 62.29 -12.28 -11.72
C ARG Q 243 61.68 -13.38 -10.86
N ALA Q 244 62.42 -13.83 -9.84
CA ALA Q 244 61.87 -14.84 -8.93
C ALA Q 244 60.71 -14.30 -8.11
N ARG Q 245 60.78 -13.03 -7.69
CA ARG Q 245 59.66 -12.43 -6.97
C ARG Q 245 58.51 -12.00 -7.88
N ALA Q 246 58.78 -11.72 -9.15
CA ALA Q 246 57.71 -11.35 -10.06
C ALA Q 246 56.79 -12.51 -10.36
N GLN Q 247 57.34 -13.65 -10.79
CA GLN Q 247 56.52 -14.83 -11.02
C GLN Q 247 56.34 -15.61 -9.72
N SER Q 267 27.97 -58.14 10.12
CA SER Q 267 28.68 -59.42 10.29
C SER Q 267 28.73 -59.82 11.75
N ALA Q 268 29.30 -58.93 12.58
CA ALA Q 268 29.42 -59.22 14.02
C ALA Q 268 28.06 -59.38 14.67
N GLU Q 269 27.10 -58.52 14.31
CA GLU Q 269 25.76 -58.64 14.90
C GLU Q 269 25.11 -59.96 14.53
N LYS Q 270 25.26 -60.40 13.28
CA LYS Q 270 24.68 -61.69 12.89
C LYS Q 270 25.33 -62.83 13.67
N LYS Q 271 26.65 -62.75 13.86
CA LYS Q 271 27.36 -63.76 14.62
C LYS Q 271 26.87 -63.81 16.06
N LYS Q 272 26.67 -62.63 16.66
CA LYS Q 272 26.17 -62.58 18.04
C LYS Q 272 24.77 -63.16 18.12
N ARG Q 273 23.91 -62.85 17.15
CA ARG Q 273 22.55 -63.39 17.16
C ARG Q 273 22.57 -64.90 17.04
N ILE Q 274 23.40 -65.43 16.13
CA ILE Q 274 23.50 -66.88 15.95
C ILE Q 274 24.03 -67.54 17.21
N THR Q 275 25.05 -66.94 17.83
CA THR Q 275 25.60 -67.50 19.06
C THR Q 275 24.56 -67.51 20.17
N LYS Q 276 23.79 -66.43 20.28
CA LYS Q 276 22.76 -66.37 21.32
C LYS Q 276 21.70 -67.45 21.09
N GLY Q 277 21.28 -67.61 19.83
CA GLY Q 277 20.29 -68.63 19.51
C GLY Q 277 20.82 -70.03 19.83
N SER Q 278 22.07 -70.30 19.47
CA SER Q 278 22.65 -71.60 19.77
C SER Q 278 22.75 -71.81 21.28
N TRP Q 279 23.12 -70.76 22.02
CA TRP Q 279 23.24 -70.87 23.46
C TRP Q 279 21.90 -71.20 24.10
N ASN Q 280 20.82 -70.55 23.63
CA ASN Q 280 19.51 -70.82 24.20
C ASN Q 280 19.10 -72.27 23.95
N VAL Q 281 19.40 -72.80 22.77
CA VAL Q 281 19.04 -74.16 22.43
C VAL Q 281 19.95 -75.15 23.14
N GLY Q 282 19.56 -76.42 23.10
CA GLY Q 282 20.34 -77.49 23.69
C GLY Q 282 21.42 -77.93 22.70
N TYR Q 283 22.12 -79.01 23.03
CA TYR Q 283 23.19 -79.52 22.18
C TYR Q 283 22.66 -79.78 20.78
N ASN Q 284 23.42 -79.35 19.76
CA ASN Q 284 22.95 -79.45 18.39
C ASN Q 284 22.67 -80.89 18.00
N LYS Q 285 23.56 -81.82 18.39
CA LYS Q 285 23.33 -83.22 18.07
C LYS Q 285 22.06 -83.73 18.74
N ALA Q 286 21.91 -83.40 20.04
CA ALA Q 286 20.73 -83.82 20.77
C ALA Q 286 19.47 -83.16 20.23
N MET Q 287 19.53 -81.85 19.95
CA MET Q 287 18.34 -81.16 19.45
C MET Q 287 17.92 -81.72 18.10
N ALA Q 288 18.90 -81.95 17.22
CA ALA Q 288 18.61 -82.45 15.88
C ALA Q 288 17.98 -83.83 15.97
N GLN Q 289 18.55 -84.71 16.81
CA GLN Q 289 18.00 -86.05 16.95
C GLN Q 289 16.60 -85.98 17.54
N ASN Q 290 16.40 -85.14 18.56
CA ASN Q 290 15.10 -85.06 19.20
C ASN Q 290 14.05 -84.59 18.20
N VAL Q 291 14.38 -83.57 17.42
CA VAL Q 291 13.43 -83.04 16.44
C VAL Q 291 13.10 -84.10 15.39
N ALA Q 292 14.12 -84.81 14.91
CA ALA Q 292 13.88 -85.84 13.91
C ALA Q 292 12.99 -86.95 14.47
N ALA Q 293 13.29 -87.37 15.71
CA ALA Q 293 12.54 -88.45 16.34
C ALA Q 293 11.09 -88.04 16.57
N GLU Q 294 10.87 -86.80 17.02
CA GLU Q 294 9.54 -86.30 17.35
C GLU Q 294 8.51 -86.53 16.24
N LYS Q 295 8.97 -86.90 15.05
CA LYS Q 295 8.05 -87.19 13.96
C LYS Q 295 7.64 -88.65 13.99
N VAL Q 296 8.60 -89.56 14.14
CA VAL Q 296 8.28 -90.98 14.26
C VAL Q 296 7.52 -91.25 15.56
N GLU Q 297 7.99 -90.68 16.66
CA GLU Q 297 7.36 -90.84 17.97
C GLU Q 297 5.90 -90.43 17.97
N MET Q 298 5.43 -89.74 16.93
CA MET Q 298 4.06 -89.32 16.77
C MET Q 298 3.35 -90.11 15.69
N TYR Q 299 4.02 -90.36 14.56
CA TYR Q 299 3.42 -91.13 13.48
C TYR Q 299 3.09 -92.54 13.95
N GLY Q 300 3.99 -93.15 14.72
CA GLY Q 300 3.73 -94.48 15.25
C GLY Q 300 2.45 -94.48 16.07
N GLN Q 301 2.41 -93.68 17.15
CA GLN Q 301 1.23 -93.48 17.98
C GLN Q 301 -0.03 -93.28 17.15
N ALA Q 302 0.06 -92.45 16.11
CA ALA Q 302 -1.11 -92.19 15.26
C ALA Q 302 -1.55 -93.43 14.53
N PHE Q 303 -0.61 -94.19 13.98
CA PHE Q 303 -0.96 -95.43 13.29
C PHE Q 303 -1.60 -96.41 14.24
N LYS Q 304 -1.05 -96.52 15.45
CA LYS Q 304 -1.61 -97.42 16.45
C LYS Q 304 -3.02 -97.01 16.81
N ARG Q 305 -3.26 -95.71 17.00
CA ARG Q 305 -4.59 -95.24 17.35
C ARG Q 305 -5.57 -95.54 16.21
N ILE Q 306 -5.16 -95.29 14.96
CA ILE Q 306 -6.04 -95.56 13.83
C ILE Q 306 -6.35 -97.05 13.74
N GLN Q 307 -5.35 -97.89 13.97
CA GLN Q 307 -5.57 -99.34 13.96
C GLN Q 307 -6.58 -99.73 15.03
N ASP Q 308 -6.29 -99.36 16.28
CA ASP Q 308 -7.22 -99.68 17.38
C ASP Q 308 -8.63 -99.22 17.06
N ALA Q 309 -8.76 -98.01 16.49
CA ALA Q 309 -10.06 -97.47 16.10
C ALA Q 309 -10.76 -98.42 15.13
N THR Q 310 -10.07 -98.78 14.04
CA THR Q 310 -10.68 -99.64 13.04
C THR Q 310 -11.06 -101.00 13.63
N GLY Q 311 -10.17 -101.55 14.46
CA GLY Q 311 -10.45 -102.84 15.08
C GLY Q 311 -11.68 -102.77 15.96
N ILE Q 312 -11.81 -101.71 16.76
CA ILE Q 312 -12.97 -101.54 17.61
C ILE Q 312 -14.24 -101.41 16.78
N GLU Q 313 -14.16 -100.64 15.69
CA GLU Q 313 -15.32 -100.48 14.81
C GLU Q 313 -15.74 -101.81 14.20
N ASP Q 314 -14.76 -102.61 13.75
CA ASP Q 314 -15.02 -103.91 13.16
C ASP Q 314 -15.68 -104.85 14.16
N GLU R 119 69.10 5.52 -5.67
CA GLU R 119 68.01 6.13 -6.41
C GLU R 119 67.04 5.07 -6.91
N ALA R 120 67.58 3.89 -7.22
CA ALA R 120 66.76 2.79 -7.71
C ALA R 120 65.71 2.37 -6.68
N GLN R 121 66.14 2.12 -5.45
CA GLN R 121 65.22 1.74 -4.39
C GLN R 121 64.15 2.80 -4.14
N GLN R 122 64.47 4.08 -4.37
CA GLN R 122 63.46 5.12 -4.25
C GLN R 122 62.34 4.94 -5.27
N ASN R 123 62.68 4.59 -6.50
CA ASN R 123 61.66 4.33 -7.51
C ASN R 123 60.81 3.13 -7.12
N ASP R 124 61.44 2.09 -6.56
CA ASP R 124 60.70 0.94 -6.08
C ASP R 124 59.69 1.34 -5.01
N ILE R 125 60.07 2.26 -4.12
CA ILE R 125 59.17 2.71 -3.08
C ILE R 125 57.96 3.44 -3.68
N LYS R 126 58.22 4.37 -4.60
CA LYS R 126 57.14 5.16 -5.17
C LYS R 126 56.30 4.37 -6.16
N ALA R 127 56.76 3.21 -6.62
CA ALA R 127 55.90 2.34 -7.42
C ALA R 127 55.06 1.41 -6.57
N LEU R 128 55.65 0.82 -5.52
CA LEU R 128 54.89 -0.11 -4.69
C LEU R 128 53.75 0.59 -3.97
N ARG R 129 53.98 1.81 -3.47
CA ARG R 129 52.90 2.54 -2.81
C ARG R 129 51.76 2.86 -3.77
N ARG R 130 52.08 3.26 -5.00
CA ARG R 130 51.01 3.56 -5.94
C ARG R 130 50.20 2.31 -6.24
N GLU R 131 50.87 1.17 -6.43
CA GLU R 131 50.14 -0.08 -6.64
C GLU R 131 49.31 -0.41 -5.41
N LEU R 132 49.92 -0.29 -4.24
CA LEU R 132 49.21 -0.52 -2.99
C LEU R 132 47.99 0.39 -2.89
N GLU R 133 48.12 1.64 -3.33
CA GLU R 133 47.01 2.58 -3.26
C GLU R 133 45.88 2.16 -4.19
N LEU R 134 46.20 1.78 -5.42
CA LEU R 134 45.18 1.32 -6.36
C LEU R 134 44.45 0.09 -5.82
N LYS R 135 45.19 -0.85 -5.24
CA LYS R 135 44.58 -2.05 -4.69
C LYS R 135 43.66 -1.72 -3.51
N LYS R 136 44.05 -0.77 -2.67
CA LYS R 136 43.19 -0.38 -1.55
C LYS R 136 41.89 0.24 -2.05
N ALA R 137 41.97 1.05 -3.11
CA ALA R 137 40.76 1.66 -3.67
C ALA R 137 39.82 0.61 -4.24
N LYS R 138 40.36 -0.38 -4.96
CA LYS R 138 39.53 -1.47 -5.46
C LYS R 138 38.87 -2.23 -4.31
N LEU R 139 39.60 -2.47 -3.24
CA LEU R 139 39.04 -3.18 -2.09
C LEU R 139 37.86 -2.42 -1.50
N ASN R 140 37.97 -1.10 -1.36
CA ASN R 140 36.85 -0.31 -0.87
C ASN R 140 35.62 -0.47 -1.74
N GLU R 141 35.80 -0.45 -3.06
CA GLU R 141 34.68 -0.63 -3.97
C GLU R 141 33.98 -1.96 -3.71
N LEU R 142 34.74 -3.05 -3.57
CA LEU R 142 34.15 -4.35 -3.32
C LEU R 142 33.38 -4.35 -2.01
N HIS R 143 33.93 -3.72 -0.98
CA HIS R 143 33.27 -3.68 0.32
C HIS R 143 31.96 -2.91 0.22
N GLU R 144 31.97 -1.80 -0.52
CA GLU R 144 30.75 -1.01 -0.72
C GLU R 144 29.67 -1.82 -1.41
N ASP R 145 30.04 -2.59 -2.43
CA ASP R 145 29.05 -3.41 -3.14
C ASP R 145 28.42 -4.45 -2.23
N VAL R 146 29.22 -5.09 -1.38
CA VAL R 146 28.68 -6.08 -0.45
C VAL R 146 27.64 -5.44 0.46
N ARG R 147 27.94 -4.24 0.97
CA ARG R 147 27.01 -3.56 1.87
C ARG R 147 25.69 -3.24 1.17
N ARG R 148 25.77 -2.70 -0.05
CA ARG R 148 24.54 -2.40 -0.78
C ARG R 148 23.74 -3.67 -1.09
N LYS R 149 24.44 -4.72 -1.56
CA LYS R 149 23.77 -5.96 -1.93
C LYS R 149 23.15 -6.68 -0.74
N GLU R 150 23.79 -6.62 0.44
CA GLU R 150 23.18 -7.24 1.61
C GLU R 150 21.89 -6.53 1.99
N ASN R 151 21.84 -5.21 1.86
CA ASN R 151 20.63 -4.46 2.16
C ASN R 151 19.48 -4.88 1.26
N VAL R 152 19.73 -5.01 -0.06
CA VAL R 152 18.68 -5.38 -0.98
C VAL R 152 18.20 -6.81 -0.74
N LEU R 153 19.10 -7.70 -0.34
CA LEU R 153 18.68 -9.07 -0.01
C LEU R 153 17.73 -9.08 1.19
N ASN R 154 18.02 -8.29 2.21
CA ASN R 154 17.14 -8.22 3.37
C ASN R 154 15.77 -7.64 2.99
N LYS R 155 15.77 -6.63 2.13
CA LYS R 155 14.50 -6.06 1.66
C LYS R 155 13.66 -7.11 0.94
N GLN R 156 14.29 -7.87 0.03
CA GLN R 156 13.57 -8.90 -0.69
C GLN R 156 13.05 -9.99 0.24
N ARG R 157 13.86 -10.38 1.23
CA ARG R 157 13.46 -11.43 2.16
C ARG R 157 12.24 -11.04 2.98
N ASP R 158 12.20 -9.81 3.47
CA ASP R 158 11.02 -9.34 4.19
C ASP R 158 9.77 -9.44 3.32
N ASP R 159 9.88 -9.05 2.05
CA ASP R 159 8.71 -9.10 1.17
C ASP R 159 8.22 -10.53 0.97
N THR R 160 9.14 -11.49 0.84
CA THR R 160 8.73 -12.89 0.74
C THR R 160 7.99 -13.32 1.99
N THR R 161 8.50 -12.94 3.17
CA THR R 161 7.85 -13.34 4.41
C THR R 161 6.47 -12.72 4.51
N ASP R 162 6.32 -11.48 4.03
CA ASP R 162 5.01 -10.85 3.99
C ASP R 162 4.09 -11.59 3.05
N ALA R 163 4.57 -11.90 1.85
CA ALA R 163 3.76 -12.63 0.87
C ALA R 163 3.32 -13.99 1.41
N SER R 164 4.22 -14.70 2.11
CA SER R 164 3.83 -15.98 2.69
C SER R 164 2.79 -15.83 3.79
N ARG R 165 2.87 -14.75 4.57
CA ARG R 165 1.86 -14.49 5.58
C ARG R 165 0.48 -14.26 4.98
N LEU R 166 0.43 -13.63 3.80
CA LEU R 166 -0.85 -13.18 3.26
C LEU R 166 -1.65 -14.32 2.65
N THR R 167 -0.97 -15.34 2.11
CA THR R 167 -1.57 -16.48 1.41
C THR R 167 -2.80 -16.97 2.16
N PRO R 168 -3.95 -17.10 1.50
CA PRO R 168 -5.14 -17.55 2.23
C PRO R 168 -4.95 -18.94 2.80
N GLY R 169 -5.38 -19.11 4.04
CA GLY R 169 -5.24 -20.37 4.75
C GLY R 169 -6.61 -20.90 5.12
N GLU R 170 -6.78 -22.22 5.06
CA GLU R 170 -8.09 -22.81 5.31
C GLU R 170 -8.52 -22.52 6.74
N LEU R 171 -9.79 -22.14 6.91
CA LEU R 171 -10.35 -21.79 8.22
C LEU R 171 -11.07 -23.02 8.76
N SER R 172 -10.39 -23.78 9.61
CA SER R 172 -10.97 -25.01 10.14
C SER R 172 -12.17 -24.71 11.03
N GLU R 173 -12.04 -23.72 11.91
CA GLU R 173 -13.10 -23.43 12.87
C GLU R 173 -14.39 -22.95 12.20
N GLU R 174 -14.36 -22.66 10.91
CA GLU R 174 -15.51 -22.10 10.19
C GLU R 174 -16.07 -23.07 9.16
N GLN R 175 -15.21 -23.83 8.49
CA GLN R 175 -15.68 -24.82 7.52
C GLN R 175 -16.51 -25.90 8.22
N ALA R 176 -16.07 -26.35 9.40
CA ALA R 176 -16.84 -27.34 10.13
C ALA R 176 -18.21 -26.80 10.54
N TYR R 177 -18.27 -25.53 10.94
CA TYR R 177 -19.57 -24.89 11.19
C TYR R 177 -20.47 -25.00 9.96
N ILE R 178 -19.96 -24.68 8.77
CA ILE R 178 -20.78 -24.78 7.56
C ILE R 178 -21.26 -26.21 7.38
N GLN R 179 -20.39 -27.18 7.61
CA GLN R 179 -20.76 -28.58 7.41
C GLN R 179 -21.86 -28.97 8.39
N GLN R 180 -21.71 -28.58 9.65
CA GLN R 180 -22.71 -28.89 10.67
C GLN R 180 -24.05 -28.21 10.38
N LEU R 181 -24.01 -26.98 9.88
CA LEU R 181 -25.23 -26.27 9.51
C LEU R 181 -26.00 -27.01 8.41
N GLN R 182 -25.31 -27.50 7.39
CA GLN R 182 -25.99 -28.22 6.32
C GLN R 182 -26.63 -29.50 6.83
N ASP R 183 -25.97 -30.21 7.75
CA ASP R 183 -26.56 -31.43 8.30
C ASP R 183 -27.87 -31.15 9.01
N GLU R 184 -27.89 -30.13 9.88
CA GLU R 184 -29.14 -29.78 10.55
C GLU R 184 -30.20 -29.35 9.54
N MET R 185 -29.80 -28.67 8.47
CA MET R 185 -30.75 -28.27 7.44
C MET R 185 -31.39 -29.50 6.80
N LYS R 186 -30.56 -30.48 6.43
CA LYS R 186 -31.07 -31.68 5.77
C LYS R 186 -31.93 -32.49 6.71
N GLN R 187 -31.56 -32.55 7.99
CA GLN R 187 -32.38 -33.21 8.99
C GLN R 187 -33.78 -32.61 9.06
N ILE R 188 -33.87 -31.27 9.01
CA ILE R 188 -35.18 -30.64 9.11
C ILE R 188 -36.02 -30.89 7.87
N ASP R 189 -35.41 -31.03 6.70
CA ASP R 189 -36.18 -31.34 5.51
C ASP R 189 -36.88 -32.69 5.64
N GLU R 190 -36.14 -33.72 6.08
CA GLU R 190 -36.75 -35.04 6.24
C GLU R 190 -37.76 -34.99 7.38
N GLU R 191 -37.47 -34.23 8.43
CA GLU R 191 -38.42 -34.06 9.52
C GLU R 191 -39.72 -33.42 9.00
N LEU R 192 -39.59 -32.47 8.08
CA LEU R 192 -40.74 -31.78 7.51
C LEU R 192 -41.63 -32.70 6.69
N VAL R 193 -41.05 -33.58 5.86
CA VAL R 193 -41.86 -34.46 5.01
C VAL R 193 -42.69 -35.44 5.83
N GLU R 194 -42.15 -35.96 6.93
CA GLU R 194 -42.98 -36.84 7.75
C GLU R 194 -44.17 -36.09 8.33
N ALA R 195 -43.95 -34.85 8.79
CA ALA R 195 -45.04 -34.05 9.36
C ALA R 195 -46.11 -33.73 8.33
N GLU R 196 -45.71 -33.44 7.08
CA GLU R 196 -46.70 -33.18 6.04
C GLU R 196 -47.52 -34.43 5.76
N ALA R 197 -46.87 -35.60 5.73
CA ALA R 197 -47.57 -36.87 5.59
C ALA R 197 -48.62 -37.02 6.68
N LYS R 198 -48.24 -36.72 7.93
CA LYS R 198 -49.18 -36.81 9.04
C LYS R 198 -50.41 -35.94 8.83
N ASN R 199 -50.22 -34.73 8.29
CA ASN R 199 -51.36 -33.85 8.12
C ASN R 199 -52.35 -34.39 7.11
N ARG R 200 -51.86 -34.91 5.98
CA ARG R 200 -52.79 -35.50 5.02
C ARG R 200 -53.51 -36.71 5.60
N LEU R 201 -52.78 -37.57 6.32
CA LEU R 201 -53.41 -38.74 6.95
C LEU R 201 -54.45 -38.33 7.96
N TYR R 202 -54.10 -37.36 8.83
CA TYR R 202 -55.03 -36.89 9.85
C TYR R 202 -56.25 -36.20 9.25
N TYR R 203 -56.04 -35.44 8.17
CA TYR R 203 -57.18 -34.80 7.50
C TYR R 203 -58.19 -35.82 7.01
N LEU R 204 -57.73 -37.01 6.62
CA LEU R 204 -58.68 -38.09 6.19
C LEU R 204 -59.20 -38.95 7.36
N LEU R 205 -58.43 -39.08 8.44
CA LEU R 205 -58.91 -39.83 9.64
C LEU R 205 -60.13 -39.06 10.11
N GLY R 206 -60.03 -37.72 10.05
CA GLY R 206 -61.13 -36.88 10.54
C GLY R 206 -62.38 -37.15 9.74
N GLU R 207 -62.26 -37.23 8.42
CA GLU R 207 -63.44 -37.54 7.57
C GLU R 207 -64.01 -38.91 7.92
N ARG R 208 -63.17 -39.94 8.09
CA ARG R 208 -63.81 -41.24 8.45
C ARG R 208 -64.54 -41.14 9.81
N THR R 209 -63.94 -40.47 10.80
CA THR R 209 -64.59 -40.36 12.15
C THR R 209 -65.90 -39.56 12.04
N ARG R 210 -65.92 -38.51 11.21
CA ARG R 210 -67.14 -37.68 11.03
C ARG R 210 -68.22 -38.58 10.42
N ARG R 211 -67.82 -39.41 9.45
CA ARG R 211 -68.81 -40.30 8.81
C ARG R 211 -69.37 -41.21 9.89
N GLU R 212 -68.48 -41.75 10.74
CA GLU R 212 -68.98 -42.72 11.75
C GLU R 212 -69.96 -42.00 12.69
N HIS R 213 -69.64 -40.78 13.12
CA HIS R 213 -70.51 -40.03 14.07
C HIS R 213 -71.86 -39.70 13.43
N LEU R 214 -71.89 -39.33 12.14
CA LEU R 214 -73.18 -39.08 11.45
C LEU R 214 -73.99 -40.39 11.32
N ALA R 215 -73.32 -41.51 11.04
CA ALA R 215 -74.02 -42.81 10.91
C ALA R 215 -74.71 -43.14 12.23
N MET R 216 -74.19 -42.60 13.33
CA MET R 216 -74.78 -42.86 14.68
C MET R 216 -75.93 -41.87 14.85
N ASP R 217 -75.75 -40.62 14.42
CA ASP R 217 -76.79 -39.57 14.60
C ASP R 217 -78.06 -39.95 13.84
N MET R 218 -77.92 -40.44 12.60
CA MET R 218 -79.15 -40.73 11.83
C MET R 218 -79.77 -41.95 12.50
N LYS R 219 -78.93 -42.77 13.13
CA LYS R 219 -79.46 -43.90 13.90
C LYS R 219 -80.21 -43.40 15.14
N VAL R 220 -79.64 -42.42 15.85
CA VAL R 220 -80.31 -41.89 17.04
C VAL R 220 -81.66 -41.30 16.67
N ARG R 221 -81.73 -40.59 15.55
CA ARG R 221 -83.00 -39.99 15.11
C ARG R 221 -84.04 -41.07 14.83
N ALA R 222 -83.64 -42.14 14.14
CA ALA R 222 -84.55 -43.25 13.86
C ALA R 222 -85.02 -43.92 15.15
N SER R 223 -84.16 -43.99 16.17
CA SER R 223 -84.53 -44.58 17.44
C SER R 223 -85.63 -43.79 18.13
N GLN R 224 -85.60 -42.46 18.01
CA GLN R 224 -86.68 -41.65 18.59
C GLN R 224 -88.01 -41.93 17.91
N GLN R 225 -88.01 -42.11 16.59
CA GLN R 225 -89.24 -42.48 15.91
C GLN R 225 -89.80 -43.79 16.45
N LEU R 226 -88.95 -44.79 16.66
CA LEU R 226 -89.41 -46.04 17.25
C LEU R 226 -89.99 -45.82 18.65
N LYS R 227 -89.30 -45.04 19.48
CA LYS R 227 -89.82 -44.73 20.82
C LYS R 227 -91.20 -44.09 20.76
N LYS R 228 -91.36 -43.06 19.92
CA LYS R 228 -92.62 -42.33 19.87
C LYS R 228 -93.80 -43.18 19.41
N ASP R 229 -93.68 -43.82 18.24
CA ASP R 229 -94.82 -44.57 17.70
C ASP R 229 -95.20 -45.74 18.58
N SER R 230 -94.23 -46.36 19.25
CA SER R 230 -94.54 -47.46 20.14
C SER R 230 -95.37 -46.98 21.33
N ALA R 231 -95.11 -45.76 21.80
CA ALA R 231 -95.94 -45.19 22.86
C ALA R 231 -97.37 -45.00 22.38
N ASP R 232 -97.53 -44.56 21.13
CA ASP R 232 -98.87 -44.41 20.54
C ASP R 232 -99.58 -45.77 20.48
N ASP R 233 -98.84 -46.81 20.12
CA ASP R 233 -99.44 -48.14 20.04
C ASP R 233 -99.98 -48.59 21.39
N LEU R 234 -99.28 -48.27 22.48
CA LEU R 234 -99.80 -48.61 23.80
C LEU R 234 -101.13 -47.93 24.09
N TYR R 235 -101.28 -46.66 23.72
CA TYR R 235 -102.54 -45.98 23.99
C TYR R 235 -103.70 -46.60 23.22
N THR R 236 -103.52 -46.82 21.91
CA THR R 236 -104.60 -47.43 21.13
C THR R 236 -104.89 -48.87 21.59
N LEU R 237 -103.86 -49.65 21.88
CA LEU R 237 -104.05 -51.05 22.26
C LEU R 237 -104.67 -51.20 23.65
N THR R 238 -104.32 -50.33 24.60
CA THR R 238 -104.96 -50.43 25.91
C THR R 238 -106.42 -50.02 25.83
N ALA R 239 -106.76 -49.12 24.92
CA ALA R 239 -108.16 -48.84 24.64
C ALA R 239 -108.87 -50.10 24.16
N HIS R 240 -108.19 -50.89 23.30
CA HIS R 240 -108.77 -52.16 22.87
C HIS R 240 -108.99 -53.09 24.05
N PHE R 241 -108.05 -53.10 25.00
CA PHE R 241 -108.20 -53.96 26.17
C PHE R 241 -109.37 -53.52 27.04
N ASN R 242 -109.56 -52.21 27.18
CA ASN R 242 -110.71 -51.71 27.93
C ASN R 242 -112.03 -52.07 27.25
N GLU R 243 -112.07 -51.99 25.92
CA GLU R 243 -113.29 -52.38 25.22
C GLU R 243 -113.62 -53.85 25.46
N MET R 244 -112.62 -54.73 25.38
CA MET R 244 -112.89 -56.13 25.67
C MET R 244 -113.25 -56.33 27.14
N ARG R 245 -112.63 -55.53 28.02
CA ARG R 245 -112.97 -55.55 29.43
C ARG R 245 -114.42 -55.13 29.64
N ALA R 246 -114.84 -54.05 28.98
CA ALA R 246 -116.23 -53.62 29.04
C ALA R 246 -117.17 -54.69 28.51
N ALA R 247 -116.77 -55.37 27.43
CA ALA R 247 -117.61 -56.42 26.87
C ALA R 247 -117.86 -57.52 27.90
N LYS R 248 -116.81 -57.98 28.59
CA LYS R 248 -117.05 -59.04 29.57
C LYS R 248 -117.78 -58.57 30.82
N GLU R 249 -117.62 -57.32 31.26
CA GLU R 249 -118.41 -56.90 32.42
C GLU R 249 -119.90 -56.97 32.08
N GLN R 250 -120.27 -56.44 30.92
CA GLN R 250 -121.64 -56.58 30.46
C GLN R 250 -122.00 -58.04 30.24
N ALA R 251 -121.04 -58.83 29.76
CA ALA R 251 -121.29 -60.25 29.50
C ALA R 251 -121.62 -61.05 30.75
N GLU R 252 -120.78 -61.01 31.78
CA GLU R 252 -121.13 -61.85 32.94
C GLU R 252 -122.32 -61.28 33.70
N ARG R 253 -122.65 -60.01 33.46
CA ARG R 253 -123.79 -59.41 34.12
C ARG R 253 -125.09 -60.01 33.61
N GLU R 254 -125.22 -60.16 32.30
CA GLU R 254 -126.46 -60.71 31.76
C GLU R 254 -126.57 -62.22 31.96
N LEU R 255 -125.45 -62.92 32.16
CA LEU R 255 -125.50 -64.35 32.45
C LEU R 255 -126.20 -64.61 33.77
N ALA R 256 -125.79 -63.89 34.82
CA ALA R 256 -126.40 -64.06 36.14
C ALA R 256 -127.88 -63.73 36.09
N ARG R 257 -128.25 -62.70 35.30
CA ARG R 257 -129.66 -62.36 35.15
C ARG R 257 -130.42 -63.56 34.61
N MET R 258 -129.89 -64.21 33.57
CA MET R 258 -130.55 -65.39 33.01
C MET R 258 -130.60 -66.53 34.01
N LYS R 259 -129.54 -66.73 34.79
CA LYS R 259 -129.53 -67.80 35.79
C LYS R 259 -130.65 -67.63 36.82
N ARG R 260 -130.79 -66.42 37.38
CA ARG R 260 -131.85 -66.19 38.36
C ARG R 260 -133.23 -66.33 37.73
N PRO S 67 69.41 2.19 2.57
CA PRO S 67 69.55 1.77 3.97
C PRO S 67 68.25 1.23 4.53
N PHE S 68 67.42 2.13 5.05
CA PHE S 68 66.13 1.76 5.63
C PHE S 68 65.07 1.52 4.56
N ALA S 69 65.27 2.04 3.34
CA ALA S 69 64.34 1.74 2.27
C ALA S 69 64.33 0.26 1.93
N GLN S 70 65.41 -0.46 2.23
CA GLN S 70 65.45 -1.90 1.94
C GLN S 70 64.42 -2.64 2.79
N ALA S 71 64.21 -2.18 4.02
CA ALA S 71 63.17 -2.75 4.86
C ALA S 71 61.79 -2.25 4.45
N LEU S 72 61.71 -1.01 3.96
CA LEU S 72 60.43 -0.47 3.53
C LEU S 72 59.86 -1.26 2.35
N ILE S 73 60.73 -1.69 1.44
CA ILE S 73 60.27 -2.47 0.30
C ILE S 73 59.74 -3.83 0.75
N ASN S 74 60.34 -4.42 1.77
CA ASN S 74 59.79 -5.67 2.30
C ASN S 74 58.41 -5.46 2.90
N ARG S 75 58.25 -4.42 3.74
CA ARG S 75 56.94 -4.15 4.32
C ARG S 75 55.89 -3.89 3.26
N LEU S 76 56.23 -3.08 2.25
CA LEU S 76 55.27 -2.75 1.21
C LEU S 76 54.95 -3.94 0.32
N GLN S 77 55.94 -4.77 0.02
CA GLN S 77 55.69 -5.96 -0.79
C GLN S 77 54.78 -6.95 -0.06
N ASP S 78 55.08 -7.27 1.19
CA ASP S 78 54.25 -8.23 1.91
C ASP S 78 52.83 -7.70 2.10
N GLU S 79 52.68 -6.41 2.39
CA GLU S 79 51.35 -5.85 2.56
C GLU S 79 50.56 -5.89 1.27
N GLY S 80 51.20 -5.55 0.15
CA GLY S 80 50.50 -5.63 -1.13
C GLY S 80 50.03 -7.03 -1.45
N ASP S 81 50.85 -8.04 -1.18
CA ASP S 81 50.44 -9.41 -1.43
C ASP S 81 49.26 -9.83 -0.56
N MET S 82 49.29 -9.46 0.73
CA MET S 82 48.17 -9.80 1.61
C MET S 82 46.88 -9.11 1.17
N LEU S 83 47.00 -7.86 0.70
CA LEU S 83 45.81 -7.15 0.21
C LEU S 83 45.21 -7.86 -1.00
N ALA S 84 46.05 -8.44 -1.86
CA ALA S 84 45.52 -9.22 -2.97
C ALA S 84 44.70 -10.40 -2.47
N ARG S 85 45.17 -11.08 -1.42
CA ARG S 85 44.40 -12.17 -0.86
C ARG S 85 43.05 -11.71 -0.34
N LYS S 86 42.99 -10.55 0.32
CA LYS S 86 41.70 -10.04 0.77
C LYS S 86 40.81 -9.69 -0.40
N ILE S 87 41.38 -9.07 -1.43
CA ILE S 87 40.60 -8.73 -2.62
C ILE S 87 40.02 -9.99 -3.27
N VAL S 88 40.82 -11.06 -3.35
CA VAL S 88 40.34 -12.31 -3.93
C VAL S 88 39.15 -12.86 -3.18
N LEU S 89 39.24 -12.94 -1.85
CA LEU S 89 38.14 -13.52 -1.07
C LEU S 89 36.87 -12.69 -1.21
N GLU S 90 37.02 -11.37 -1.27
CA GLU S 90 35.85 -10.50 -1.41
C GLU S 90 35.15 -10.70 -2.74
N MET S 91 35.90 -10.93 -3.81
CA MET S 91 35.27 -11.20 -5.11
C MET S 91 34.39 -12.45 -5.05
N ARG S 92 34.85 -13.50 -4.38
CA ARG S 92 34.00 -14.67 -4.20
C ARG S 92 32.76 -14.35 -3.38
N LYS S 93 32.89 -13.48 -2.37
CA LYS S 93 31.74 -13.12 -1.55
C LYS S 93 30.65 -12.43 -2.36
N THR S 94 31.02 -11.43 -3.17
CA THR S 94 30.01 -10.75 -3.96
C THR S 94 29.45 -11.68 -5.04
N LYS S 95 30.28 -12.55 -5.60
CA LYS S 95 29.82 -13.53 -6.56
C LYS S 95 28.94 -14.59 -5.92
N MET S 96 29.09 -14.82 -4.62
CA MET S 96 28.21 -15.75 -3.91
C MET S 96 26.87 -15.11 -3.61
N LEU S 97 26.85 -13.84 -3.25
CA LEU S 97 25.57 -13.20 -2.95
C LEU S 97 24.76 -12.98 -4.23
N ASP S 98 25.43 -12.81 -5.37
CA ASP S 98 24.73 -12.57 -6.62
C ASP S 98 23.92 -13.77 -7.09
N GLN S 99 24.28 -14.98 -6.69
CA GLN S 99 23.42 -16.11 -6.99
C GLN S 99 22.20 -16.10 -6.07
N GLN S 100 22.42 -15.78 -4.78
CA GLN S 100 21.32 -15.79 -3.83
C GLN S 100 20.28 -14.74 -4.17
N LEU S 101 20.71 -13.61 -4.74
CA LEU S 101 19.75 -12.59 -5.17
C LEU S 101 18.82 -13.15 -6.24
N SER S 102 19.37 -13.85 -7.23
CA SER S 102 18.53 -14.36 -8.31
C SER S 102 17.61 -15.47 -7.84
N GLU S 103 18.12 -16.40 -7.02
CA GLU S 103 17.26 -17.48 -6.54
C GLU S 103 16.17 -16.94 -5.62
N MET S 104 16.51 -15.97 -4.79
CA MET S 104 15.53 -15.38 -3.89
C MET S 104 14.48 -14.60 -4.67
N GLY S 105 14.90 -13.92 -5.75
CA GLY S 105 13.95 -13.25 -6.62
C GLY S 105 12.97 -14.22 -7.26
N SER S 106 13.47 -15.39 -7.69
CA SER S 106 12.61 -16.38 -8.31
C SER S 106 11.59 -16.91 -7.30
N THR S 107 12.05 -17.22 -6.08
CA THR S 107 11.14 -17.67 -5.03
C THR S 107 10.11 -16.59 -4.72
N LEU S 108 10.51 -15.33 -4.75
CA LEU S 108 9.57 -14.24 -4.55
C LEU S 108 8.49 -14.23 -5.62
N THR S 109 8.88 -14.41 -6.89
CA THR S 109 7.89 -14.37 -7.96
C THR S 109 6.92 -15.54 -7.89
N THR S 110 7.42 -16.75 -7.59
CA THR S 110 6.52 -17.89 -7.53
C THR S 110 5.59 -17.82 -6.31
N THR S 111 6.09 -17.33 -5.18
CA THR S 111 5.22 -17.13 -4.02
C THR S 111 4.21 -16.03 -4.29
N ARG S 112 4.63 -14.99 -5.02
CA ARG S 112 3.72 -13.92 -5.39
C ARG S 112 2.58 -14.43 -6.27
N ASN S 113 2.89 -15.35 -7.19
CA ASN S 113 1.85 -15.94 -8.01
C ASN S 113 0.98 -16.91 -7.21
N ASN S 114 1.54 -17.53 -6.18
CA ASN S 114 0.80 -18.52 -5.39
C ASN S 114 -0.22 -17.90 -4.47
N MET S 115 -0.03 -16.65 -4.02
CA MET S 115 -0.99 -16.04 -3.13
C MET S 115 -2.30 -15.71 -3.85
N GLY S 116 -2.29 -15.71 -5.18
CA GLY S 116 -3.50 -15.47 -5.92
C GLY S 116 -4.00 -14.05 -5.82
N GLY S 117 -3.11 -13.11 -5.53
CA GLY S 117 -3.45 -11.70 -5.43
C GLY S 117 -3.39 -11.20 -4.00
N ILE S 118 -3.42 -9.87 -3.89
CA ILE S 118 -3.36 -9.24 -2.58
C ILE S 118 -4.71 -9.31 -1.89
N PHE S 119 -5.78 -8.96 -2.60
CA PHE S 119 -7.11 -8.86 -2.02
C PHE S 119 -7.78 -10.21 -1.86
N SER S 120 -7.10 -11.29 -2.24
CA SER S 120 -7.72 -12.62 -2.27
C SER S 120 -8.12 -13.11 -0.88
N ALA S 121 -7.27 -12.90 0.12
CA ALA S 121 -7.54 -13.46 1.45
C ALA S 121 -8.79 -12.86 2.07
N LYS S 122 -8.95 -11.54 1.98
CA LYS S 122 -10.13 -10.92 2.57
C LYS S 122 -11.42 -11.35 1.89
N GLU S 123 -11.41 -11.47 0.55
CA GLU S 123 -12.61 -11.90 -0.15
C GLU S 123 -13.03 -13.31 0.26
N GLN S 124 -12.07 -14.25 0.30
CA GLN S 124 -12.44 -15.60 0.70
C GLN S 124 -12.93 -15.63 2.14
N SER S 125 -12.30 -14.83 3.01
CA SER S 125 -12.72 -14.78 4.41
C SER S 125 -14.11 -14.18 4.54
N THR S 126 -14.37 -13.06 3.87
CA THR S 126 -15.68 -12.42 3.95
C THR S 126 -16.76 -13.25 3.27
N ALA S 127 -16.41 -14.00 2.22
CA ALA S 127 -17.41 -14.83 1.56
C ALA S 127 -17.89 -15.97 2.46
N VAL S 128 -16.97 -16.66 3.14
CA VAL S 128 -17.39 -17.74 4.02
C VAL S 128 -18.17 -17.21 5.21
N GLN S 129 -17.82 -16.02 5.71
CA GLN S 129 -18.59 -15.43 6.79
C GLN S 129 -20.02 -15.13 6.37
N LYS S 130 -20.19 -14.52 5.19
CA LYS S 130 -21.53 -14.24 4.68
C LYS S 130 -22.30 -15.54 4.47
N ARG S 131 -21.61 -16.58 4.01
CA ARG S 131 -22.23 -17.89 3.84
C ARG S 131 -22.76 -18.40 5.18
N ILE S 132 -22.03 -18.17 6.27
CA ILE S 132 -22.51 -18.56 7.59
C ILE S 132 -23.85 -17.91 7.86
N LYS S 133 -23.96 -16.61 7.59
CA LYS S 133 -25.18 -15.86 7.83
C LYS S 133 -26.35 -16.39 7.01
N LEU S 134 -26.11 -16.73 5.75
CA LEU S 134 -27.18 -17.22 4.88
C LEU S 134 -27.76 -18.53 5.38
N LEU S 135 -26.92 -19.48 5.78
CA LEU S 135 -27.43 -20.75 6.30
C LEU S 135 -28.22 -20.52 7.58
N GLU S 136 -27.77 -19.61 8.43
CA GLU S 136 -28.50 -19.29 9.65
C GLU S 136 -29.89 -18.74 9.33
N ASN S 137 -29.97 -17.82 8.37
CA ASN S 137 -31.26 -17.26 7.96
C ASN S 137 -32.17 -18.35 7.42
N ARG S 138 -31.63 -19.20 6.54
CA ARG S 138 -32.43 -20.27 5.93
C ARG S 138 -32.94 -21.26 6.97
N LEU S 139 -32.08 -21.59 7.93
CA LEU S 139 -32.46 -22.53 8.99
C LEU S 139 -33.63 -22.00 9.81
N GLU S 140 -33.66 -20.70 10.06
CA GLU S 140 -34.79 -20.12 10.80
C GLU S 140 -36.11 -20.28 10.06
N LYS S 141 -36.13 -19.99 8.76
CA LYS S 141 -37.37 -20.12 8.01
C LYS S 141 -37.84 -21.58 7.96
N ALA S 142 -36.92 -22.53 7.80
CA ALA S 142 -37.30 -23.94 7.80
C ALA S 142 -37.87 -24.36 9.16
N TYR S 143 -37.25 -23.91 10.26
CA TYR S 143 -37.79 -24.18 11.58
C TYR S 143 -39.21 -23.64 11.72
N VAL S 144 -39.44 -22.43 11.23
CA VAL S 144 -40.76 -21.81 11.36
C VAL S 144 -41.81 -22.66 10.67
N LYS S 145 -41.53 -23.09 9.43
CA LYS S 145 -42.47 -23.95 8.72
C LYS S 145 -42.76 -25.22 9.50
N TYR S 146 -41.73 -25.87 10.03
CA TYR S 146 -41.96 -27.12 10.76
C TYR S 146 -42.82 -26.88 11.99
N ASN S 147 -42.54 -25.84 12.75
CA ASN S 147 -43.31 -25.57 13.96
C ASN S 147 -44.73 -25.14 13.64
N GLN S 148 -44.92 -24.42 12.53
CA GLN S 148 -46.25 -24.08 12.07
C GLN S 148 -47.02 -25.34 11.69
N SER S 149 -46.38 -26.25 10.96
CA SER S 149 -46.97 -27.55 10.66
C SER S 149 -47.40 -28.27 11.93
N ILE S 150 -46.58 -28.20 12.98
CA ILE S 150 -46.87 -28.91 14.22
C ILE S 150 -48.17 -28.40 14.84
N THR S 151 -48.35 -27.08 14.88
CA THR S 151 -49.57 -26.56 15.50
C THR S 151 -50.80 -26.89 14.70
N HIS S 152 -50.69 -26.93 13.36
CA HIS S 152 -51.83 -27.37 12.55
C HIS S 152 -52.20 -28.82 12.84
N ASN S 153 -51.19 -29.68 13.00
CA ASN S 153 -51.46 -31.07 13.37
C ASN S 153 -52.20 -31.11 14.71
N LYS S 154 -51.76 -30.30 15.67
CA LYS S 154 -52.41 -30.27 16.97
C LYS S 154 -53.87 -29.81 16.84
N GLN S 155 -54.11 -28.81 15.98
CA GLN S 155 -55.47 -28.36 15.74
C GLN S 155 -56.34 -29.48 15.18
N LEU S 156 -55.83 -30.19 14.18
CA LEU S 156 -56.55 -31.32 13.61
C LEU S 156 -56.81 -32.39 14.65
N ARG S 157 -55.82 -32.66 15.51
CA ARG S 157 -55.98 -33.66 16.57
C ARG S 157 -57.16 -33.33 17.48
N GLU S 158 -57.27 -32.07 17.90
CA GLU S 158 -58.35 -31.69 18.80
C GLU S 158 -59.72 -31.85 18.15
N SER S 159 -59.84 -31.51 16.87
CA SER S 159 -61.13 -31.67 16.19
C SER S 159 -61.56 -33.12 16.19
N ILE S 160 -60.64 -34.03 15.86
CA ILE S 160 -60.95 -35.46 15.90
C ILE S 160 -61.36 -35.85 17.31
N ASN S 161 -60.59 -35.46 18.33
CA ASN S 161 -60.92 -35.93 19.70
C ASN S 161 -62.37 -35.50 19.99
N ASN S 162 -62.75 -34.33 19.51
CA ASN S 162 -64.12 -33.81 19.80
C ASN S 162 -65.17 -34.75 19.22
N LEU S 163 -65.00 -35.20 17.99
CA LEU S 163 -66.04 -36.05 17.36
C LEU S 163 -66.15 -37.36 18.14
N ARG S 164 -65.02 -37.92 18.56
CA ARG S 164 -65.04 -39.18 19.35
C ARG S 164 -65.77 -38.96 20.67
N ARG S 165 -65.52 -37.84 21.35
CA ARG S 165 -66.22 -37.54 22.64
C ARG S 165 -67.71 -37.37 22.37
N GLU S 166 -68.08 -36.72 21.27
CA GLU S 166 -69.51 -36.49 20.91
C GLU S 166 -70.17 -37.85 20.70
N ARG S 167 -69.44 -38.78 20.09
CA ARG S 167 -69.97 -40.16 19.92
C ARG S 167 -70.33 -40.76 21.28
N ILE S 168 -69.54 -40.55 22.33
CA ILE S 168 -69.84 -41.25 23.62
C ILE S 168 -71.29 -40.98 24.02
N MET S 169 -71.67 -39.72 24.20
CA MET S 169 -73.04 -39.46 24.66
C MET S 169 -74.10 -40.01 23.72
N PHE S 170 -73.90 -39.89 22.40
CA PHE S 170 -74.89 -40.48 21.48
C PHE S 170 -75.02 -41.98 21.70
N GLU S 171 -73.92 -42.70 21.78
CA GLU S 171 -74.04 -44.14 21.96
C GLU S 171 -74.62 -44.47 23.34
N SER S 172 -74.33 -43.63 24.33
CA SER S 172 -74.91 -43.81 25.65
C SER S 172 -76.44 -43.68 25.62
N ILE S 173 -76.94 -42.61 25.01
CA ILE S 173 -78.39 -42.42 24.95
C ILE S 173 -79.03 -43.49 24.09
N GLN S 174 -78.31 -44.02 23.11
CA GLN S 174 -78.85 -45.11 22.32
C GLN S 174 -79.06 -46.35 23.15
N SER S 175 -78.14 -46.64 24.07
CA SER S 175 -78.30 -47.82 24.91
C SER S 175 -79.51 -47.66 25.83
N ASN S 176 -79.71 -46.46 26.37
CA ASN S 176 -80.88 -46.20 27.17
C ASN S 176 -82.16 -46.40 26.37
N LEU S 177 -82.19 -45.88 25.13
CA LEU S 177 -83.36 -46.05 24.29
C LEU S 177 -83.66 -47.51 23.97
N GLU S 178 -82.63 -48.35 23.73
CA GLU S 178 -82.93 -49.76 23.53
C GLU S 178 -83.56 -50.36 24.77
N ARG S 179 -83.03 -50.03 25.95
CA ARG S 179 -83.60 -50.54 27.18
C ARG S 179 -85.06 -50.12 27.32
N GLU S 180 -85.35 -48.84 27.08
CA GLU S 180 -86.72 -48.37 27.20
C GLU S 180 -87.64 -49.02 26.17
N LEU S 181 -87.16 -49.18 24.94
CA LEU S 181 -87.98 -49.84 23.93
C LEU S 181 -88.18 -51.30 24.27
N ALA S 182 -87.17 -51.95 24.85
CA ALA S 182 -87.32 -53.33 25.30
C ALA S 182 -88.38 -53.43 26.39
N LYS S 183 -88.36 -52.52 27.36
CA LYS S 183 -89.37 -52.53 28.41
C LYS S 183 -90.75 -52.32 27.82
N LEU S 184 -90.87 -51.43 26.84
CA LEU S 184 -92.17 -51.15 26.23
C LEU S 184 -92.69 -52.34 25.44
N LYS S 185 -91.83 -52.97 24.64
CA LYS S 185 -92.24 -54.13 23.83
C LYS S 185 -92.50 -55.37 24.67
N ARG S 186 -91.78 -55.57 25.78
CA ARG S 186 -92.13 -56.69 26.65
C ARG S 186 -93.53 -56.49 27.21
N ASP S 187 -93.86 -55.26 27.60
CA ASP S 187 -95.21 -54.93 28.06
C ASP S 187 -96.21 -55.14 26.94
N MET S 188 -95.80 -54.88 25.70
CA MET S 188 -96.68 -55.15 24.56
C MET S 188 -97.12 -56.61 24.53
N ALA S 189 -96.16 -57.53 24.67
CA ALA S 189 -96.50 -58.95 24.67
C ALA S 189 -97.39 -59.34 25.85
N ASP S 190 -97.08 -58.82 27.04
CA ASP S 190 -97.86 -59.15 28.23
C ASP S 190 -99.29 -58.67 28.14
N MET S 191 -99.48 -57.43 27.70
CA MET S 191 -100.83 -56.90 27.53
C MET S 191 -101.63 -57.61 26.45
N ILE S 192 -100.98 -57.98 25.33
CA ILE S 192 -101.67 -58.78 24.32
C ILE S 192 -102.20 -60.07 24.91
N GLN S 193 -101.38 -60.79 25.67
CA GLN S 193 -101.83 -62.04 26.28
C GLN S 193 -103.02 -61.80 27.21
N GLN S 194 -102.99 -60.72 27.99
CA GLN S 194 -104.10 -60.47 28.91
C GLN S 194 -105.38 -60.18 28.14
N ALA S 195 -105.30 -59.39 27.07
CA ALA S 195 -106.46 -59.12 26.24
C ALA S 195 -106.98 -60.40 25.58
N ASN S 196 -106.06 -61.25 25.13
CA ASN S 196 -106.44 -62.52 24.51
C ASN S 196 -107.15 -63.43 25.50
N GLY S 197 -106.70 -63.45 26.75
CA GLY S 197 -107.37 -64.26 27.76
C GLY S 197 -108.81 -63.81 27.99
N ALA S 198 -109.04 -62.49 28.03
CA ALA S 198 -110.41 -62.01 28.17
C ALA S 198 -111.27 -62.47 27.00
N PHE S 199 -110.75 -62.38 25.78
CA PHE S 199 -111.51 -62.83 24.62
C PHE S 199 -111.81 -64.32 24.69
N GLU S 200 -110.82 -65.11 25.12
CA GLU S 200 -111.02 -66.56 25.21
C GLU S 200 -112.08 -66.88 26.26
N ALA S 201 -112.03 -66.16 27.38
CA ALA S 201 -113.05 -66.30 28.41
C ALA S 201 -114.43 -65.92 27.87
N ARG S 202 -114.50 -64.89 27.03
CA ARG S 202 -115.77 -64.40 26.50
C ARG S 202 -116.49 -65.46 25.67
N GLU S 203 -115.79 -66.15 24.78
CA GLU S 203 -116.46 -67.16 23.96
C GLU S 203 -116.95 -68.33 24.82
N LYS S 204 -116.18 -68.67 25.87
CA LYS S 204 -116.62 -69.70 26.81
C LYS S 204 -117.94 -69.32 27.49
N ALA S 205 -118.01 -68.11 28.04
CA ALA S 205 -119.22 -67.68 28.74
C ALA S 205 -120.43 -67.63 27.80
N ILE S 206 -120.23 -67.16 26.58
CA ILE S 206 -121.35 -67.08 25.63
C ILE S 206 -121.82 -68.47 25.24
N GLY S 207 -120.87 -69.39 25.02
CA GLY S 207 -121.25 -70.77 24.71
C GLY S 207 -122.03 -71.47 25.80
N GLU S 208 -121.59 -71.34 27.05
CA GLU S 208 -122.33 -71.97 28.14
C GLU S 208 -123.73 -71.37 28.29
N MET S 209 -123.85 -70.04 28.15
CA MET S 209 -125.17 -69.42 28.25
C MET S 209 -126.11 -69.98 27.18
N ASN S 210 -125.63 -70.03 25.93
CA ASN S 210 -126.47 -70.56 24.86
C ASN S 210 -126.82 -72.02 25.11
N ALA S 211 -125.83 -72.82 25.50
CA ALA S 211 -126.04 -74.26 25.72
C ALA S 211 -127.05 -74.49 26.84
N LEU S 212 -126.94 -73.74 27.93
CA LEU S 212 -127.87 -73.89 29.05
C LEU S 212 -129.32 -73.67 28.61
N LYS S 213 -129.56 -72.64 27.80
CA LYS S 213 -130.90 -72.35 27.31
C LYS S 213 -131.46 -73.52 26.50
N ALA T 4 -59.77 -64.15 -4.45
CA ALA T 4 -58.74 -63.79 -3.49
C ALA T 4 -59.24 -63.89 -2.06
N ALA T 5 -60.55 -64.07 -1.93
CA ALA T 5 -61.18 -64.18 -0.62
C ALA T 5 -60.72 -65.41 0.16
N ALA T 6 -60.54 -66.54 -0.52
CA ALA T 6 -60.15 -67.78 0.18
C ALA T 6 -58.85 -67.65 0.96
N ARG T 7 -57.86 -66.95 0.43
CA ARG T 7 -56.63 -66.80 1.20
C ARG T 7 -56.92 -66.10 2.53
N GLU T 8 -57.69 -65.01 2.44
CA GLU T 8 -57.99 -64.18 3.64
C GLU T 8 -58.84 -64.98 4.63
N ARG T 9 -59.90 -65.63 4.16
CA ARG T 9 -60.79 -66.33 5.12
C ARG T 9 -60.01 -67.42 5.82
N TYR T 10 -59.23 -68.20 5.06
CA TYR T 10 -58.46 -69.32 5.64
C TYR T 10 -57.43 -68.76 6.64
N ALA T 11 -56.81 -67.64 6.27
CA ALA T 11 -55.78 -67.04 7.15
C ALA T 11 -56.43 -66.62 8.46
N ARG T 12 -57.60 -66.01 8.39
CA ARG T 12 -58.30 -65.53 9.61
C ARG T 12 -58.67 -66.76 10.46
N LYS T 13 -59.11 -67.83 9.80
CA LYS T 13 -59.53 -69.05 10.53
C LYS T 13 -58.39 -69.57 11.42
N ASN T 14 -57.15 -69.44 10.97
CA ASN T 14 -56.03 -69.97 11.75
C ASN T 14 -55.42 -68.94 12.69
N GLU T 15 -55.24 -67.70 12.23
CA GLU T 15 -54.60 -66.68 13.04
C GLU T 15 -55.43 -66.26 14.26
N GLN T 16 -56.74 -66.52 14.30
CA GLN T 16 -57.51 -66.11 15.48
C GLN T 16 -56.95 -66.67 16.79
N ASN T 17 -56.62 -67.97 16.82
CA ASN T 17 -56.07 -68.54 18.05
C ASN T 17 -54.70 -67.97 18.35
N GLU T 18 -53.89 -67.73 17.32
CA GLU T 18 -52.58 -67.12 17.55
C GLU T 18 -52.75 -65.72 18.12
N LEU T 19 -53.74 -64.99 17.61
CA LEU T 19 -53.97 -63.61 18.01
C LEU T 19 -54.32 -63.52 19.48
N GLU T 20 -55.14 -64.46 19.98
CA GLU T 20 -55.58 -64.35 21.37
C GLU T 20 -54.38 -64.46 22.32
N ARG T 21 -53.49 -65.42 22.05
CA ARG T 21 -52.28 -65.54 22.86
C ARG T 21 -51.35 -64.35 22.61
N ALA T 22 -51.27 -63.85 21.38
CA ALA T 22 -50.45 -62.67 21.11
C ALA T 22 -50.88 -61.53 22.00
N PHE T 23 -52.19 -61.36 22.16
CA PHE T 23 -52.72 -60.32 23.03
C PHE T 23 -52.27 -60.56 24.46
N ASN T 24 -52.57 -61.74 25.00
CA ASN T 24 -52.21 -61.99 26.39
C ASN T 24 -50.71 -61.77 26.62
N THR T 25 -49.88 -62.24 25.68
CA THR T 25 -48.43 -62.10 25.81
C THR T 25 -47.98 -60.64 25.80
N ILE T 26 -48.62 -59.80 24.98
CA ILE T 26 -48.28 -58.38 25.00
C ILE T 26 -48.62 -57.76 26.35
N ASP T 27 -49.77 -58.12 26.91
CA ASP T 27 -50.09 -57.72 28.27
C ASP T 27 -49.09 -58.29 29.26
N SER T 28 -48.69 -57.47 30.24
CA SER T 28 -47.67 -57.82 31.22
C SER T 28 -48.20 -57.77 32.64
N LYS T 29 -49.44 -57.33 32.81
CA LYS T 29 -50.10 -57.15 34.09
C LYS T 29 -51.18 -58.19 34.30
N GLY T 30 -51.37 -59.08 33.33
CA GLY T 30 -52.30 -60.19 33.43
C GLY T 30 -53.73 -59.72 33.44
N ASP T 31 -54.02 -58.68 32.65
CA ASP T 31 -55.33 -58.07 32.55
C ASP T 31 -55.70 -58.03 31.06
N LYS T 32 -56.77 -57.32 30.72
CA LYS T 32 -57.22 -57.24 29.34
C LYS T 32 -56.81 -55.94 28.67
N LYS T 33 -56.29 -54.98 29.44
CA LYS T 33 -55.99 -53.64 28.98
C LYS T 33 -54.52 -53.57 28.60
N ILE T 34 -54.21 -52.92 27.47
CA ILE T 34 -52.84 -52.75 27.02
C ILE T 34 -52.44 -51.29 27.20
N ASP T 35 -51.62 -51.04 28.22
CA ASP T 35 -51.13 -49.70 28.53
C ASP T 35 -49.95 -49.32 27.66
N ALA T 36 -49.80 -48.01 27.44
CA ALA T 36 -48.59 -47.50 26.78
C ALA T 36 -47.32 -48.04 27.41
N GLU T 37 -47.35 -48.35 28.71
CA GLU T 37 -46.16 -48.89 29.37
C GLU T 37 -45.75 -50.22 28.75
N GLU T 38 -46.72 -51.07 28.47
CA GLU T 38 -46.45 -52.40 27.92
C GLU T 38 -45.78 -52.30 26.56
N LEU T 39 -46.18 -51.31 25.75
CA LEU T 39 -45.70 -51.24 24.37
C LEU T 39 -44.18 -51.10 24.34
N THR T 40 -43.62 -50.27 25.22
CA THR T 40 -42.16 -50.12 25.25
C THR T 40 -41.50 -51.44 25.60
N GLU T 41 -42.08 -52.19 26.55
CA GLU T 41 -41.54 -53.48 26.93
C GLU T 41 -41.55 -54.43 25.74
N LEU T 42 -42.62 -54.37 24.95
CA LEU T 42 -42.70 -55.21 23.77
C LEU T 42 -41.61 -54.82 22.78
N PHE T 43 -41.42 -53.51 22.57
CA PHE T 43 -40.42 -53.10 21.60
C PHE T 43 -39.04 -53.56 22.05
N LEU T 44 -38.79 -53.52 23.37
CA LEU T 44 -37.52 -53.96 23.90
C LEU T 44 -37.33 -55.45 23.62
N ARG T 45 -38.42 -56.21 23.72
CA ARG T 45 -38.35 -57.63 23.35
C ARG T 45 -38.02 -57.80 21.87
N LEU T 46 -38.64 -56.98 21.02
CA LEU T 46 -38.28 -56.97 19.60
C LEU T 46 -36.88 -56.44 19.37
N GLY T 47 -36.49 -55.40 20.09
CA GLY T 47 -35.12 -54.94 20.06
C GLY T 47 -35.10 -53.62 19.32
N HIS T 48 -36.21 -52.89 19.44
CA HIS T 48 -36.38 -51.59 18.79
C HIS T 48 -36.74 -50.55 19.85
N LYS T 49 -36.40 -49.30 19.56
CA LYS T 49 -36.62 -48.23 20.51
C LYS T 49 -37.62 -47.19 20.01
N PRO T 50 -38.56 -46.77 20.85
CA PRO T 50 -39.54 -45.77 20.44
C PRO T 50 -38.97 -44.36 20.54
N LYS T 51 -39.65 -43.43 19.87
CA LYS T 51 -39.24 -42.05 19.99
C LYS T 51 -40.07 -41.35 21.08
N ARG T 52 -39.79 -40.06 21.29
CA ARG T 52 -40.32 -39.36 22.45
C ARG T 52 -41.84 -39.47 22.50
N GLY T 53 -42.49 -39.23 21.37
CA GLY T 53 -43.94 -39.22 21.28
C GLY T 53 -44.55 -40.38 20.52
N GLU T 54 -43.77 -41.39 20.14
CA GLU T 54 -44.33 -42.44 19.29
C GLU T 54 -45.45 -43.17 20.01
N VAL T 55 -45.23 -43.51 21.29
CA VAL T 55 -46.18 -44.38 21.97
C VAL T 55 -47.52 -43.66 22.10
N GLU T 56 -47.49 -42.36 22.39
CA GLU T 56 -48.72 -41.59 22.53
C GLU T 56 -49.53 -41.59 21.24
N ASP T 57 -48.85 -41.45 20.10
CA ASP T 57 -49.55 -41.54 18.82
C ASP T 57 -50.09 -42.95 18.58
N MET T 58 -49.30 -43.95 18.97
CA MET T 58 -49.70 -45.34 18.81
C MET T 58 -50.98 -45.63 19.59
N ILE T 59 -51.05 -45.14 20.83
CA ILE T 59 -52.24 -45.33 21.63
C ILE T 59 -53.37 -44.44 21.14
N TRP T 60 -53.06 -43.25 20.61
CA TRP T 60 -54.12 -42.32 20.22
C TRP T 60 -54.89 -42.85 19.02
N GLU T 61 -54.17 -43.25 17.98
CA GLU T 61 -54.82 -43.51 16.70
C GLU T 61 -55.72 -44.75 16.76
N VAL T 62 -55.27 -45.82 17.43
CA VAL T 62 -56.03 -47.07 17.45
C VAL T 62 -57.39 -46.91 18.13
N ASP T 63 -57.46 -46.22 19.26
CA ASP T 63 -58.66 -46.25 20.08
C ASP T 63 -59.60 -45.17 19.56
N GLU T 64 -60.87 -45.53 19.34
CA GLU T 64 -61.81 -44.56 18.81
C GLU T 64 -63.22 -44.72 19.35
N ASP T 65 -63.43 -45.56 20.38
CA ASP T 65 -64.73 -45.67 21.01
C ASP T 65 -64.68 -45.18 22.45
N CYS T 66 -63.49 -44.97 22.99
CA CYS T 66 -63.24 -44.37 24.29
C CYS T 66 -61.84 -43.78 24.24
N ASP T 67 -61.45 -43.09 25.31
CA ASP T 67 -60.16 -42.43 25.38
C ASP T 67 -59.32 -43.07 26.49
N GLY T 68 -58.01 -43.12 26.25
CA GLY T 68 -57.09 -43.72 27.20
C GLY T 68 -56.60 -45.09 26.76
N CYS T 69 -56.34 -45.98 27.72
CA CYS T 69 -55.89 -47.35 27.48
C CYS T 69 -56.74 -48.08 26.46
N ILE T 70 -56.23 -49.18 25.90
CA ILE T 70 -56.93 -49.93 24.87
C ILE T 70 -57.49 -51.21 25.49
N SER T 71 -58.43 -51.83 24.78
CA SER T 71 -59.16 -52.98 25.27
C SER T 71 -59.20 -54.00 24.15
N LEU T 72 -59.39 -55.27 24.53
CA LEU T 72 -59.42 -56.34 23.53
C LEU T 72 -60.46 -56.09 22.44
N LEU T 73 -61.57 -55.43 22.77
CA LEU T 73 -62.62 -55.17 21.78
C LEU T 73 -62.11 -54.19 20.73
N GLU T 74 -61.42 -53.15 21.20
CA GLU T 74 -60.84 -52.20 20.28
C GLU T 74 -59.84 -52.93 19.39
N PHE T 75 -59.12 -53.87 19.99
CA PHE T 75 -58.06 -54.56 19.29
C PHE T 75 -58.61 -55.39 18.11
N GLN T 76 -59.70 -56.17 18.32
CA GLN T 76 -60.25 -56.83 17.12
C GLN T 76 -60.79 -55.82 16.13
N THR T 77 -61.42 -54.74 16.60
CA THR T 77 -61.95 -53.77 15.64
C THR T 77 -60.81 -53.22 14.77
N LEU T 78 -59.70 -52.87 15.42
CA LEU T 78 -58.52 -52.40 14.70
C LEU T 78 -58.06 -53.45 13.71
N TYR T 79 -57.88 -54.68 14.19
CA TYR T 79 -57.37 -55.76 13.35
C TYR T 79 -58.20 -55.86 12.07
N THR T 80 -59.51 -56.02 12.21
CA THR T 80 -60.35 -56.23 11.05
C THR T 80 -60.33 -55.01 10.12
N ARG T 81 -60.44 -53.81 10.68
CA ARG T 81 -60.52 -52.62 9.83
C ARG T 81 -59.23 -52.48 9.05
N CYS T 82 -58.09 -52.67 9.71
CA CYS T 82 -56.80 -52.51 9.07
C CYS T 82 -56.63 -53.60 8.01
N ARG T 83 -57.06 -54.82 8.31
CA ARG T 83 -56.87 -55.93 7.39
C ARG T 83 -57.63 -55.68 6.10
N ASP T 84 -58.84 -55.12 6.19
CA ASP T 84 -59.66 -54.91 5.00
C ASP T 84 -59.54 -53.46 4.55
N ASP T 85 -58.60 -52.76 5.18
CA ASP T 85 -58.31 -51.35 5.02
C ASP T 85 -57.87 -50.99 3.61
N LYS T 86 -57.07 -51.87 2.99
CA LYS T 86 -56.34 -51.70 1.73
C LYS T 86 -56.65 -50.35 1.07
N THR T 87 -57.72 -50.15 0.32
CA THR T 87 -57.81 -48.78 -0.17
C THR T 87 -58.56 -47.89 0.83
N GLY T 88 -58.06 -47.83 2.06
CA GLY T 88 -58.66 -46.92 3.01
C GLY T 88 -57.87 -45.71 3.45
N TYR T 89 -56.57 -45.72 3.12
CA TYR T 89 -55.65 -44.64 3.51
C TYR T 89 -55.73 -44.44 5.03
N GLU T 90 -55.90 -45.54 5.77
CA GLU T 90 -56.13 -45.47 7.21
C GLU T 90 -54.86 -45.72 8.03
N PRO T 91 -54.86 -45.29 9.30
CA PRO T 91 -53.72 -45.55 10.19
C PRO T 91 -53.42 -47.04 10.38
N ARG T 92 -52.15 -47.34 10.64
CA ARG T 92 -51.64 -48.70 10.82
C ARG T 92 -50.43 -48.71 11.75
N GLY T 93 -50.38 -47.78 12.70
CA GLY T 93 -49.28 -47.74 13.64
C GLY T 93 -49.17 -48.94 14.57
N LEU T 94 -50.29 -49.38 15.16
CA LEU T 94 -50.18 -50.49 16.10
C LEU T 94 -50.55 -51.82 15.47
N PHE T 95 -51.05 -51.81 14.24
CA PHE T 95 -51.31 -53.05 13.54
C PHE T 95 -50.00 -53.78 13.30
N ASN T 96 -48.96 -53.03 12.91
CA ASN T 96 -47.71 -53.62 12.48
C ASN T 96 -47.04 -54.39 13.62
N VAL T 97 -46.96 -53.78 14.81
CA VAL T 97 -46.31 -54.46 15.93
C VAL T 97 -47.00 -55.77 16.30
N VAL T 98 -48.33 -55.77 16.34
CA VAL T 98 -49.05 -57.02 16.61
C VAL T 98 -48.88 -58.02 15.47
N GLU T 99 -48.99 -57.58 14.21
CA GLU T 99 -48.82 -58.56 13.14
C GLU T 99 -47.43 -59.16 13.19
N PHE T 100 -46.44 -58.37 13.63
CA PHE T 100 -45.09 -58.90 13.72
C PHE T 100 -45.03 -59.97 14.79
N VAL T 101 -45.65 -59.69 15.95
CA VAL T 101 -45.60 -60.63 17.06
C VAL T 101 -46.31 -61.92 16.71
N MET T 102 -47.49 -61.82 16.09
CA MET T 102 -48.22 -63.02 15.67
C MET T 102 -47.44 -63.79 14.61
N ASN T 103 -46.78 -63.09 13.69
CA ASN T 103 -46.07 -63.76 12.61
C ASN T 103 -44.69 -64.21 13.05
N ASP T 104 -44.41 -64.03 14.33
CA ASP T 104 -43.17 -64.44 14.97
C ASP T 104 -43.38 -65.78 15.68
N LYS T 105 -42.39 -66.65 15.58
CA LYS T 105 -42.44 -67.96 16.24
C LYS T 105 -41.01 -68.39 16.52
N ASN T 106 -40.07 -67.51 16.17
CA ASN T 106 -38.65 -67.75 16.29
C ASN T 106 -38.03 -66.92 17.40
N ASN T 107 -38.71 -65.84 17.79
CA ASN T 107 -38.31 -64.92 18.85
C ASN T 107 -37.03 -64.20 18.46
N GLN T 108 -36.96 -63.76 17.21
CA GLN T 108 -35.96 -62.82 16.71
C GLN T 108 -36.51 -62.09 15.50
N GLY T 109 -37.58 -62.64 14.92
CA GLY T 109 -38.23 -62.12 13.74
C GLY T 109 -38.56 -63.29 12.83
N PHE T 110 -38.88 -62.98 11.57
CA PHE T 110 -39.20 -64.00 10.60
C PHE T 110 -38.56 -63.66 9.26
N ILE T 111 -38.31 -64.68 8.45
CA ILE T 111 -37.56 -64.49 7.22
C ILE T 111 -38.48 -64.64 6.02
N THR T 112 -38.63 -65.88 5.52
CA THR T 112 -39.45 -66.14 4.34
C THR T 112 -40.93 -65.86 4.57
N LEU T 113 -41.38 -65.82 5.83
CA LEU T 113 -42.79 -65.63 6.09
C LEU T 113 -43.32 -64.29 5.60
N GLU T 114 -42.45 -63.33 5.28
CA GLU T 114 -42.92 -62.09 4.67
C GLU T 114 -43.71 -62.39 3.42
N GLU T 115 -43.27 -63.38 2.64
CA GLU T 115 -43.95 -63.69 1.40
C GLU T 115 -45.35 -64.17 1.69
N ALA T 116 -45.50 -65.02 2.71
CA ALA T 116 -46.83 -65.44 3.12
C ALA T 116 -47.66 -64.23 3.53
N MET T 117 -47.07 -63.29 4.28
CA MET T 117 -47.77 -62.06 4.57
C MET T 117 -48.17 -61.35 3.29
N GLN T 118 -47.20 -61.20 2.38
CA GLN T 118 -47.40 -60.47 1.11
C GLN T 118 -48.50 -61.13 0.29
N ILE T 119 -48.41 -62.44 0.04
CA ILE T 119 -49.39 -63.10 -0.86
C ILE T 119 -50.79 -62.91 -0.26
N MET T 120 -50.90 -63.03 1.07
CA MET T 120 -52.23 -62.89 1.72
C MET T 120 -52.75 -61.48 1.42
N TYR T 121 -51.90 -60.46 1.57
CA TYR T 121 -52.34 -59.08 1.25
C TYR T 121 -52.62 -58.97 -0.26
N LEU T 122 -51.70 -59.44 -1.11
CA LEU T 122 -51.93 -59.47 -2.58
C LEU T 122 -50.89 -60.38 -3.22
N ARG T 123 -51.16 -60.91 -4.42
CA ARG T 123 -50.13 -61.72 -5.12
C ARG T 123 -48.94 -60.79 -5.38
N TYR T 124 -49.21 -59.55 -5.77
CA TYR T 124 -48.14 -58.53 -5.96
C TYR T 124 -47.08 -59.01 -6.97
N GLY T 125 -45.81 -58.78 -6.65
CA GLY T 125 -44.73 -59.14 -7.58
C GLY T 125 -43.42 -59.32 -6.86
N ARG T 126 -42.45 -59.99 -7.49
CA ARG T 126 -41.10 -60.13 -6.88
C ARG T 126 -40.49 -58.73 -6.76
N ALA T 127 -40.70 -57.87 -7.76
CA ALA T 127 -40.21 -56.48 -7.71
C ALA T 127 -40.88 -55.72 -6.57
N GLU T 128 -42.18 -55.94 -6.35
CA GLU T 128 -42.92 -55.29 -5.24
C GLU T 128 -42.29 -55.73 -3.92
N LEU T 129 -41.88 -57.01 -3.82
CA LEU T 129 -41.19 -57.48 -2.61
C LEU T 129 -39.90 -56.69 -2.43
N ASP T 130 -39.19 -56.42 -3.54
CA ASP T 130 -37.91 -55.65 -3.47
C ASP T 130 -38.20 -54.22 -3.01
N MET T 131 -39.47 -53.85 -2.88
CA MET T 131 -39.86 -52.55 -2.34
C MET T 131 -39.91 -52.54 -0.81
N GLN T 132 -40.75 -53.39 -0.19
CA GLN T 132 -40.83 -53.32 1.28
C GLN T 132 -39.48 -53.59 1.92
N LEU T 133 -38.80 -54.66 1.50
CA LEU T 133 -37.43 -54.86 1.93
C LEU T 133 -36.51 -55.25 0.77
N GLU T 134 -35.30 -55.71 1.10
CA GLU T 134 -34.32 -56.17 0.11
C GLU T 134 -34.13 -57.68 0.09
N GLN T 135 -35.04 -58.45 0.71
CA GLN T 135 -34.93 -59.90 0.67
C GLN T 135 -34.91 -60.44 -0.76
N VAL T 136 -34.07 -61.44 -0.99
CA VAL T 136 -33.96 -62.10 -2.29
C VAL T 136 -34.37 -63.57 -2.13
N PHE T 137 -35.00 -64.10 -3.17
CA PHE T 137 -35.49 -65.48 -3.21
C PHE T 137 -34.52 -66.55 -2.70
N GLY T 138 -33.24 -66.49 -3.07
CA GLY T 138 -32.35 -67.57 -2.67
C GLY T 138 -31.77 -67.38 -1.28
N THR T 139 -31.44 -66.14 -0.96
CA THR T 139 -30.79 -65.79 0.29
C THR T 139 -31.84 -65.62 1.38
N ALA T 140 -31.40 -65.66 2.64
CA ALA T 140 -32.38 -65.72 3.70
C ALA T 140 -32.34 -64.36 4.39
N ASP T 141 -31.33 -64.16 5.25
CA ASP T 141 -31.10 -63.00 6.12
C ASP T 141 -31.30 -63.31 7.60
N LEU T 142 -30.90 -62.37 8.44
CA LEU T 142 -31.38 -62.24 9.80
C LEU T 142 -32.28 -61.01 9.84
N ASN T 143 -33.33 -61.05 10.65
CA ASN T 143 -34.22 -59.91 10.73
C ASN T 143 -34.58 -59.67 12.19
N SER T 144 -35.09 -58.47 12.48
CA SER T 144 -35.56 -58.14 13.82
C SER T 144 -36.77 -57.20 13.73
N GLY T 145 -37.22 -56.75 14.90
CA GLY T 145 -38.29 -55.77 14.96
C GLY T 145 -37.93 -54.46 14.30
N LYS T 146 -36.67 -54.04 14.45
CA LYS T 146 -36.21 -52.76 13.91
C LYS T 146 -36.43 -52.65 12.41
N ILE T 147 -36.14 -53.70 11.65
CA ILE T 147 -36.15 -53.55 10.20
C ILE T 147 -37.52 -53.77 9.58
N LEU T 148 -38.51 -54.26 10.35
CA LEU T 148 -39.83 -54.42 9.73
C LEU T 148 -40.72 -53.20 9.92
N THR T 149 -40.79 -52.68 11.15
CA THR T 149 -41.68 -51.57 11.43
C THR T 149 -41.26 -50.33 10.65
N LEU T 150 -39.97 -50.02 10.67
CA LEU T 150 -39.46 -48.84 9.97
C LEU T 150 -39.79 -48.90 8.49
N THR T 151 -39.51 -50.04 7.84
CA THR T 151 -39.79 -50.14 6.40
C THR T 151 -41.29 -50.06 6.10
N GLU T 152 -42.14 -50.74 6.88
CA GLU T 152 -43.58 -50.62 6.64
C GLU T 152 -44.04 -49.17 6.81
N PHE T 153 -43.57 -48.52 7.86
CA PHE T 153 -44.00 -47.16 8.14
C PHE T 153 -43.56 -46.23 7.02
N LEU T 154 -42.32 -46.38 6.56
CA LEU T 154 -41.84 -45.58 5.45
C LEU T 154 -42.63 -45.83 4.17
N HIS T 155 -42.94 -47.11 3.86
CA HIS T 155 -43.71 -47.40 2.64
C HIS T 155 -45.06 -46.70 2.69
N CYS T 156 -45.75 -46.79 3.83
CA CYS T 156 -47.04 -46.12 3.93
C CYS T 156 -46.87 -44.61 3.73
N LEU T 157 -45.81 -44.01 4.31
CA LEU T 157 -45.58 -42.60 4.00
C LEU T 157 -45.27 -42.37 2.54
N HIS T 158 -44.78 -43.39 1.81
CA HIS T 158 -44.31 -43.08 0.47
C HIS T 158 -45.51 -43.10 -0.45
N THR T 159 -46.37 -44.11 -0.27
CA THR T 159 -47.62 -44.15 -1.02
C THR T 159 -48.46 -42.92 -0.72
N ASN T 160 -48.56 -42.51 0.55
CA ASN T 160 -49.47 -41.43 0.90
C ASN T 160 -49.12 -40.14 0.15
N GLN T 161 -47.82 -39.87 0.00
CA GLN T 161 -47.37 -38.62 -0.61
C GLN T 161 -47.87 -38.46 -2.04
N VAL T 162 -47.73 -39.51 -2.85
CA VAL T 162 -48.03 -39.39 -4.27
C VAL T 162 -49.51 -39.16 -4.48
N LYS T 163 -49.82 -38.09 -5.22
CA LYS T 163 -51.16 -37.68 -5.59
C LYS T 163 -51.05 -36.91 -6.89
N GLN T 164 -52.20 -36.59 -7.49
CA GLN T 164 -52.21 -36.10 -8.87
C GLN T 164 -52.61 -34.63 -8.94
N LEU T 165 -51.67 -33.78 -9.35
CA LEU T 165 -51.86 -32.34 -9.41
C LEU T 165 -51.57 -31.97 -10.86
N LEU T 166 -50.27 -31.95 -11.19
CA LEU T 166 -49.79 -31.77 -12.55
C LEU T 166 -48.93 -32.97 -12.94
N ASN T 167 -49.08 -34.05 -12.18
CA ASN T 167 -48.45 -35.34 -12.40
C ASN T 167 -49.33 -36.23 -13.27
N ARG T 168 -50.57 -35.79 -13.49
CA ARG T 168 -51.50 -36.47 -14.36
C ARG T 168 -50.97 -36.54 -15.78
N VAL T 169 -51.34 -37.61 -16.48
CA VAL T 169 -50.86 -37.89 -17.82
C VAL T 169 -52.04 -38.37 -18.63
N THR T 170 -52.33 -37.67 -19.73
CA THR T 170 -53.45 -37.97 -20.60
C THR T 170 -52.95 -38.60 -21.90
N ALA T 171 -53.79 -39.44 -22.50
CA ALA T 171 -53.44 -40.04 -23.78
C ALA T 171 -53.10 -38.93 -24.78
N LYS T 172 -52.14 -39.22 -25.64
CA LYS T 172 -51.64 -38.23 -26.58
C LYS T 172 -52.64 -38.00 -27.71
N THR T 173 -52.52 -36.85 -28.35
CA THR T 173 -53.52 -36.37 -29.29
C THR T 173 -53.69 -37.32 -30.47
#